data_8WK4
#
_entry.id   8WK4
#
_cell.length_a   1.00
_cell.length_b   1.00
_cell.length_c   1.00
_cell.angle_alpha   90.00
_cell.angle_beta   90.00
_cell.angle_gamma   90.00
#
_symmetry.space_group_name_H-M   'P 1'
#
loop_
_entity.id
_entity.type
_entity.pdbx_description
1 polymer 'Flagellar hook-basal body complex protein FliE'
2 polymer 'Flagellar basal body rod protein FlgB'
3 polymer 'Flagellar M-ring protein'
#
loop_
_entity_poly.entity_id
_entity_poly.type
_entity_poly.pdbx_seq_one_letter_code
_entity_poly.pdbx_strand_id
1 'polypeptide(L)'
;MAAIQGIEGVISQLQATAMAARGQDTHSQSTVSFAGQLHAALDRISDRQAAARVQAEKFTLGEPGIALNDVMADMQKASV
SMQMGIQVRNKLVAAYQEVMSMQV
;
i,j,k,l,m,n
2 'polypeptide(L)'
;MLDRLDAALRFQQEALNLRAQRQEILAANIANADTPGYQARDIDFASELKKVMVRGREETGGVALTLTSSHHIPAQAVSS
PAVDLLYRVPDQPSLDGNTVDMDRERTQFADNSLKYQMGLTVLGSQLKGMMNVLQGGN
;
o,p,q,r,s
3 'polypeptide(L)'
;MSATASTATQPKPLEWLNRLRANPRIPLIVAGSAAVAIVVAMVLWAKTPDYRTLFSNLSDQDGGAIVAQLTQMNIPYRFA
NGSGAIEVPADKVHELRLRLAQQGLPKGGAVGFELLDQEKFGISQFSEQVNYQRALEGELARTIETLGPVKSARVHLAMP
KPSLFVREQKSPSASVTVTLEPGRALDEGQISAVVHLVSSAVAGLPPGNVTLVDQSGHLLTQSNTSGRDLNDAQLKFAND
VESRIQRRIEAILSPIVGNGNVHAQVTAQLDFANKEQTEEHYSPNGDASKATLRSRQLNISEQVGAGYPGGVPGALSNQP
APPNEAPIATPPTNQQNAQNTPQTSTSTNSNSAGPRSTQRNETSNYEVDRTIRHTKMNVGDIERLSVAVVVNYKTLADGK
PLPLTADQMKQIEDLTREAMGFSDKRGDTLNVVNSPFSAVDNTGGELPFWQQQSFIDQLLAAGRWLLVLVVAWILWRKAV
RPQLTRRVEEAKAAQEQAQVRQETEEAVEVRLSKDEQLQQRRANQRLGAEVMSQRIREMSDNDPRVVALVIRQWMSNDHE
;
A,B,C,D,E,F,G,H,I,J,K,L,M,N,O,P,Q,R,S,T,U,V,W,X,Y,Z,a,b,c,d,e,f,g,h
#
# COMPACT_ATOMS: atom_id res chain seq x y z
N ALA A 3 -52.44 -3.49 -9.47
CA ALA A 3 -52.61 -4.05 -10.84
C ALA A 3 -53.59 -5.22 -10.80
N ILE A 4 -54.19 -5.58 -11.94
CA ILE A 4 -55.06 -6.78 -11.98
C ILE A 4 -54.16 -7.98 -11.69
N GLN A 5 -53.01 -8.02 -12.33
CA GLN A 5 -52.03 -9.12 -12.10
C GLN A 5 -51.50 -9.02 -10.67
N GLY A 6 -51.39 -7.80 -10.13
CA GLY A 6 -50.97 -7.64 -8.72
C GLY A 6 -51.96 -8.27 -7.76
N ILE A 7 -53.27 -8.07 -8.01
CA ILE A 7 -54.32 -8.69 -7.16
C ILE A 7 -54.29 -10.20 -7.38
N GLU A 8 -53.98 -10.63 -8.60
CA GLU A 8 -53.84 -12.09 -8.84
C GLU A 8 -52.73 -12.61 -7.92
N GLY A 9 -51.61 -11.89 -7.86
CA GLY A 9 -50.48 -12.29 -7.00
C GLY A 9 -50.86 -12.28 -5.53
N VAL A 10 -51.66 -11.29 -5.11
CA VAL A 10 -52.15 -11.23 -3.69
C VAL A 10 -52.97 -12.50 -3.41
N ILE A 11 -53.89 -12.86 -4.30
CA ILE A 11 -54.75 -14.04 -4.00
C ILE A 11 -53.86 -15.28 -4.02
N SER A 12 -52.83 -15.29 -4.86
CA SER A 12 -51.89 -16.44 -4.93
C SER A 12 -51.16 -16.58 -3.59
N GLN A 13 -50.70 -15.46 -3.02
CA GLN A 13 -49.99 -15.50 -1.72
C GLN A 13 -50.98 -15.90 -0.62
N LEU A 14 -52.25 -15.51 -0.74
CA LEU A 14 -53.26 -15.97 0.26
C LEU A 14 -53.40 -17.49 0.16
N GLN A 15 -53.43 -18.02 -1.06
CA GLN A 15 -53.51 -19.49 -1.24
C GLN A 15 -52.26 -20.12 -0.64
N ALA A 16 -51.11 -19.46 -0.79
CA ALA A 16 -49.85 -19.98 -0.24
C ALA A 16 -49.97 -20.05 1.29
N THR A 17 -50.50 -19.00 1.91
CA THR A 17 -50.69 -18.99 3.39
C THR A 17 -51.62 -20.16 3.76
N ALA A 18 -52.71 -20.32 3.02
CA ALA A 18 -53.65 -21.44 3.30
C ALA A 18 -52.87 -22.76 3.30
N MET A 19 -52.10 -23.02 2.25
CA MET A 19 -51.37 -24.31 2.14
C MET A 19 -50.41 -24.44 3.32
N ALA A 20 -49.66 -23.38 3.62
CA ALA A 20 -48.66 -23.43 4.72
C ALA A 20 -49.34 -23.81 6.03
N ALA A 21 -50.50 -23.21 6.31
CA ALA A 21 -51.25 -23.58 7.53
C ALA A 21 -51.68 -25.04 7.44
N ALA B 3 -35.76 -30.36 24.99
CA ALA B 3 -36.43 -31.52 24.34
C ALA B 3 -36.39 -32.72 25.29
N ILE B 4 -37.27 -33.70 25.08
CA ILE B 4 -37.21 -34.95 25.91
C ILE B 4 -35.87 -35.61 25.57
N GLN B 5 -35.57 -35.69 24.27
CA GLN B 5 -34.27 -36.29 23.84
C GLN B 5 -33.12 -35.40 24.30
N GLY B 6 -33.34 -34.09 24.39
CA GLY B 6 -32.30 -33.18 24.91
C GLY B 6 -31.98 -33.48 26.37
N ILE B 7 -33.01 -33.74 27.19
CA ILE B 7 -32.81 -34.09 28.61
C ILE B 7 -32.14 -35.47 28.67
N GLU B 8 -32.51 -36.36 27.73
CA GLU B 8 -31.82 -37.68 27.69
C GLU B 8 -30.33 -37.41 27.48
N GLY B 9 -29.99 -36.52 26.55
CA GLY B 9 -28.57 -36.19 26.27
C GLY B 9 -27.90 -35.57 27.49
N VAL B 10 -28.61 -34.71 28.22
CA VAL B 10 -28.06 -34.11 29.46
C VAL B 10 -27.73 -35.23 30.46
N ILE B 11 -28.65 -36.18 30.66
CA ILE B 11 -28.38 -37.24 31.68
C ILE B 11 -27.22 -38.09 31.16
N SER B 12 -27.12 -38.25 29.84
CA SER B 12 -26.02 -39.05 29.24
C SER B 12 -24.68 -38.37 29.53
N GLN B 13 -24.62 -37.05 29.39
CA GLN B 13 -23.38 -36.27 29.66
C GLN B 13 -23.08 -36.32 31.16
N LEU B 14 -24.12 -36.36 32.01
CA LEU B 14 -23.87 -36.50 33.47
C LEU B 14 -23.24 -37.86 33.73
N GLN B 15 -23.73 -38.91 33.06
CA GLN B 15 -23.15 -40.27 33.23
C GLN B 15 -21.70 -40.22 32.74
N ALA B 16 -21.46 -39.46 31.66
CA ALA B 16 -20.09 -39.35 31.10
C ALA B 16 -19.19 -38.72 32.16
N THR B 17 -19.65 -37.65 32.81
CA THR B 17 -18.86 -36.98 33.88
C THR B 17 -18.58 -38.00 34.98
N ALA B 18 -19.62 -38.75 35.39
CA ALA B 18 -19.44 -39.77 36.44
C ALA B 18 -18.30 -40.71 36.04
N MET B 19 -18.36 -41.27 34.83
CA MET B 19 -17.32 -42.25 34.38
C MET B 19 -15.96 -41.57 34.39
N ALA B 20 -15.86 -40.36 33.85
CA ALA B 20 -14.55 -39.64 33.77
C ALA B 20 -13.96 -39.50 35.18
N ALA B 21 -14.78 -39.12 36.16
CA ALA B 21 -14.28 -39.02 37.56
C ALA B 21 -13.85 -40.42 38.03
N ALA C 3 17.65 -28.25 42.37
CA ALA C 3 17.63 -29.53 43.12
C ALA C 3 19.03 -30.13 43.14
N ILE C 4 19.14 -31.46 43.28
CA ILE C 4 20.48 -32.12 43.22
C ILE C 4 21.03 -31.86 41.82
N GLN C 5 20.18 -31.98 40.81
CA GLN C 5 20.61 -31.71 39.41
C GLN C 5 21.15 -30.28 39.35
N GLY C 6 20.40 -29.33 39.90
CA GLY C 6 20.83 -27.91 39.85
C GLY C 6 22.16 -27.69 40.54
N ILE C 7 22.40 -28.26 41.72
CA ILE C 7 23.72 -27.92 42.29
C ILE C 7 24.81 -28.67 41.51
N GLU C 8 24.55 -29.89 41.01
CA GLU C 8 25.59 -30.49 40.14
C GLU C 8 25.92 -29.50 39.03
N GLY C 9 24.89 -28.95 38.38
CA GLY C 9 25.11 -27.99 37.29
C GLY C 9 25.93 -26.80 37.77
N VAL C 10 25.64 -26.29 38.97
CA VAL C 10 26.36 -25.09 39.49
C VAL C 10 27.81 -25.43 39.85
N ILE C 11 28.06 -26.63 40.40
CA ILE C 11 29.47 -27.00 40.67
C ILE C 11 30.18 -27.09 39.31
N SER C 12 29.48 -27.60 38.30
CA SER C 12 30.08 -27.70 36.94
C SER C 12 30.43 -26.28 36.46
N GLN C 13 29.52 -25.34 36.68
CA GLN C 13 29.75 -23.93 36.27
C GLN C 13 31.01 -23.41 36.98
N LEU C 14 31.09 -23.60 38.29
CA LEU C 14 32.27 -23.04 39.00
C LEU C 14 33.53 -23.69 38.43
N GLN C 15 33.48 -25.01 38.23
CA GLN C 15 34.71 -25.73 37.80
C GLN C 15 35.07 -25.37 36.36
N ALA C 16 34.15 -24.78 35.61
CA ALA C 16 34.56 -24.30 34.26
C ALA C 16 35.10 -22.88 34.44
N THR C 17 34.49 -22.10 35.32
CA THR C 17 34.99 -20.74 35.64
C THR C 17 36.46 -20.83 36.05
N ALA C 18 36.77 -21.77 36.95
CA ALA C 18 38.17 -21.97 37.40
C ALA C 18 39.03 -22.25 36.18
N MET C 19 38.56 -23.14 35.28
CA MET C 19 39.35 -23.50 34.08
C MET C 19 39.64 -22.25 33.25
N ALA C 20 38.61 -21.44 32.99
CA ALA C 20 38.78 -20.23 32.15
C ALA C 20 39.74 -19.25 32.82
N ALA C 21 39.66 -19.11 34.14
CA ALA C 21 40.53 -18.14 34.86
C ALA C 21 41.98 -18.64 34.83
N ALA D 3 50.51 9.11 14.72
CA ALA D 3 51.29 7.87 14.42
C ALA D 3 52.55 8.23 13.62
N ILE D 4 53.55 7.35 13.62
CA ILE D 4 54.75 7.60 12.76
C ILE D 4 54.25 7.54 11.32
N GLN D 5 53.44 6.53 11.00
CA GLN D 5 52.88 6.39 9.64
C GLN D 5 51.93 7.56 9.39
N GLY D 6 51.24 8.04 10.42
CA GLY D 6 50.36 9.22 10.26
C GLY D 6 51.15 10.45 9.84
N ILE D 7 52.32 10.68 10.46
CA ILE D 7 53.19 11.83 10.09
C ILE D 7 53.73 11.58 8.69
N GLU D 8 54.00 10.31 8.35
CA GLU D 8 54.44 10.02 6.96
C GLU D 8 53.34 10.49 6.02
N GLY D 9 52.08 10.16 6.33
CA GLY D 9 50.94 10.57 5.49
C GLY D 9 50.81 12.08 5.43
N VAL D 10 51.04 12.78 6.55
CA VAL D 10 51.00 14.27 6.56
C VAL D 10 52.05 14.81 5.58
N ILE D 11 53.28 14.27 5.65
CA ILE D 11 54.35 14.83 4.76
C ILE D 11 53.97 14.49 3.32
N SER D 12 53.33 13.34 3.11
CA SER D 12 52.91 12.93 1.75
C SER D 12 51.88 13.92 1.21
N GLN D 13 50.92 14.32 2.05
CA GLN D 13 49.89 15.30 1.62
C GLN D 13 50.54 16.67 1.40
N LEU D 14 51.58 17.00 2.17
CA LEU D 14 52.31 18.26 1.92
C LEU D 14 52.98 18.20 0.55
N GLN D 15 53.56 17.05 0.20
CA GLN D 15 54.20 16.89 -1.12
C GLN D 15 53.10 17.00 -2.19
N ALA D 16 51.91 16.48 -1.89
CA ALA D 16 50.79 16.55 -2.85
C ALA D 16 50.44 18.02 -3.08
N THR D 17 50.35 18.80 -2.01
CA THR D 17 50.05 20.26 -2.14
C THR D 17 51.13 20.91 -3.00
N ALA D 18 52.40 20.59 -2.72
CA ALA D 18 53.52 21.15 -3.51
C ALA D 18 53.26 20.86 -4.99
N MET D 19 53.01 19.60 -5.35
CA MET D 19 52.83 19.22 -6.77
C MET D 19 51.64 19.99 -7.35
N ALA D 20 50.52 20.04 -6.63
CA ALA D 20 49.30 20.71 -7.12
C ALA D 20 49.62 22.18 -7.44
N ALA D 21 50.35 22.86 -6.56
CA ALA D 21 50.75 24.25 -6.84
C ALA D 21 51.65 24.29 -8.07
N ALA E 3 26.44 39.29 -26.04
CA ALA E 3 27.47 38.55 -26.83
C ALA E 3 27.35 38.94 -28.30
N ILE E 4 28.42 38.73 -29.08
CA ILE E 4 28.33 38.99 -30.56
C ILE E 4 27.30 38.01 -31.10
N GLN E 5 27.40 36.73 -30.69
CA GLN E 5 26.44 35.70 -31.13
C GLN E 5 25.06 36.03 -30.55
N GLY E 6 25.02 36.63 -29.36
CA GLY E 6 23.72 37.04 -28.78
C GLY E 6 23.04 38.09 -29.64
N ILE E 7 23.80 39.08 -30.14
CA ILE E 7 23.24 40.13 -31.03
C ILE E 7 22.84 39.46 -32.35
N GLU E 8 23.62 38.47 -32.79
CA GLU E 8 23.22 37.72 -34.02
C GLU E 8 21.85 37.12 -33.77
N GLY E 9 21.65 36.50 -32.61
CA GLY E 9 20.34 35.89 -32.26
C GLY E 9 19.24 36.93 -32.19
N VAL E 10 19.53 38.11 -31.65
CA VAL E 10 18.53 39.22 -31.60
C VAL E 10 18.13 39.57 -33.03
N ILE E 11 19.09 39.74 -33.94
CA ILE E 11 18.72 40.17 -35.32
C ILE E 11 17.93 39.02 -35.96
N SER E 12 18.27 37.78 -35.61
CA SER E 12 17.56 36.60 -36.16
C SER E 12 16.10 36.63 -35.71
N GLN E 13 15.86 36.93 -34.44
CA GLN E 13 14.48 37.00 -33.90
C GLN E 13 13.75 38.20 -34.55
N LEU E 14 14.47 39.28 -34.84
CA LEU E 14 13.83 40.42 -35.55
C LEU E 14 13.39 39.96 -36.95
N GLN E 15 14.24 39.18 -37.62
CA GLN E 15 13.88 38.66 -38.97
C GLN E 15 12.67 37.74 -38.80
N ALA E 16 12.63 36.98 -37.70
CA ALA E 16 11.50 36.06 -37.45
C ALA E 16 10.22 36.89 -37.32
N THR E 17 10.26 37.98 -36.56
CA THR E 17 9.09 38.87 -36.40
C THR E 17 8.67 39.40 -37.78
N ALA E 18 9.65 39.84 -38.58
CA ALA E 18 9.35 40.34 -39.93
C ALA E 18 8.56 39.27 -40.70
N MET E 19 9.08 38.04 -40.74
CA MET E 19 8.43 36.95 -41.52
C MET E 19 7.01 36.72 -40.97
N ALA E 20 6.87 36.64 -39.65
CA ALA E 20 5.56 36.37 -39.02
C ALA E 20 4.55 37.44 -39.46
N ALA E 21 4.95 38.71 -39.45
CA ALA E 21 4.05 39.77 -39.92
C ALA E 21 3.75 39.56 -41.41
N ALA F 3 -27.56 27.99 -35.69
CA ALA F 3 -27.24 27.79 -37.13
C ALA F 3 -28.53 27.64 -37.93
N ILE F 4 -28.49 27.86 -39.24
CA ILE F 4 -29.68 27.62 -40.09
C ILE F 4 -29.96 26.12 -40.01
N GLN F 5 -28.90 25.31 -40.17
CA GLN F 5 -29.06 23.83 -40.08
C GLN F 5 -29.45 23.46 -38.66
N GLY F 6 -28.98 24.22 -37.65
CA GLY F 6 -29.39 23.95 -36.25
C GLY F 6 -30.89 24.15 -36.06
N ILE F 7 -31.45 25.21 -36.66
CA ILE F 7 -32.92 25.46 -36.58
C ILE F 7 -33.62 24.36 -37.37
N GLU F 8 -33.01 23.91 -38.48
CA GLU F 8 -33.62 22.79 -39.23
C GLU F 8 -33.72 21.60 -38.27
N GLY F 9 -32.65 21.32 -37.53
CA GLY F 9 -32.64 20.19 -36.57
C GLY F 9 -33.68 20.39 -35.48
N VAL F 10 -33.84 21.62 -34.99
CA VAL F 10 -34.88 21.92 -33.95
C VAL F 10 -36.26 21.57 -34.53
N ILE F 11 -36.55 22.01 -35.76
CA ILE F 11 -37.92 21.76 -36.31
C ILE F 11 -38.05 20.25 -36.52
N SER F 12 -36.96 19.57 -36.85
CA SER F 12 -36.99 18.10 -37.06
C SER F 12 -37.33 17.41 -35.74
N GLN F 13 -36.73 17.86 -34.64
CA GLN F 13 -37.02 17.26 -33.30
C GLN F 13 -38.46 17.60 -32.90
N LEU F 14 -38.97 18.77 -33.30
CA LEU F 14 -40.38 19.09 -33.01
C LEU F 14 -41.29 18.11 -33.78
N GLN F 15 -40.94 17.81 -35.03
CA GLN F 15 -41.73 16.83 -35.82
C GLN F 15 -41.62 15.48 -35.13
N ALA F 16 -40.46 15.16 -34.58
CA ALA F 16 -40.26 13.87 -33.88
C ALA F 16 -41.21 13.81 -32.68
N THR F 17 -41.28 14.90 -31.91
CA THR F 17 -42.21 14.95 -30.74
C THR F 17 -43.63 14.76 -31.23
N ALA F 18 -44.01 15.43 -32.32
CA ALA F 18 -45.36 15.29 -32.87
C ALA F 18 -45.63 13.80 -33.14
N MET F 19 -44.73 13.13 -33.86
CA MET F 19 -44.94 11.71 -34.23
C MET F 19 -45.05 10.87 -32.96
N ALA F 20 -44.16 11.09 -31.99
CA ALA F 20 -44.15 10.30 -30.74
C ALA F 20 -45.52 10.42 -30.04
N ALA F 21 -46.05 11.64 -29.96
CA ALA F 21 -47.39 11.83 -29.36
C ALA F 21 -48.43 11.09 -30.20
N GLY G 61 -48.25 16.34 8.62
CA GLY G 61 -48.73 16.73 7.28
C GLY G 61 -47.63 16.66 6.24
N GLY G 62 -47.32 17.80 5.61
CA GLY G 62 -46.25 17.85 4.60
C GLY G 62 -46.80 17.78 3.18
N VAL G 63 -48.13 17.73 3.05
CA VAL G 63 -48.76 17.72 1.70
C VAL G 63 -48.12 18.83 0.88
N ALA G 64 -47.65 18.52 -0.34
CA ALA G 64 -46.94 19.53 -1.15
C ALA G 64 -47.54 19.62 -2.54
N LEU G 65 -47.42 20.78 -3.20
CA LEU G 65 -47.92 20.93 -4.60
C LEU G 65 -47.14 19.97 -5.50
N THR G 66 -47.83 19.29 -6.42
CA THR G 66 -47.16 18.36 -7.36
C THR G 66 -46.50 19.18 -8.47
N LEU G 67 -45.35 18.72 -8.98
CA LEU G 67 -44.61 19.47 -10.03
C LEU G 67 -44.37 18.55 -11.23
N THR G 68 -45.40 18.37 -12.07
CA THR G 68 -45.26 17.53 -13.28
C THR G 68 -44.32 18.22 -14.29
N SER G 69 -44.52 19.52 -14.54
CA SER G 69 -43.69 20.24 -15.54
C SER G 69 -42.40 20.76 -14.90
N SER G 70 -41.52 21.34 -15.71
CA SER G 70 -40.22 21.85 -15.20
C SER G 70 -40.33 23.34 -14.88
N HIS G 71 -41.54 23.90 -15.01
CA HIS G 71 -41.73 25.37 -14.76
C HIS G 71 -42.72 25.56 -13.62
N HIS G 72 -43.29 24.46 -13.12
CA HIS G 72 -44.24 24.56 -11.96
C HIS G 72 -43.48 25.17 -10.77
N ILE G 73 -44.15 26.04 -10.00
CA ILE G 73 -43.50 26.71 -8.84
C ILE G 73 -43.60 25.79 -7.62
N PRO G 74 -42.48 25.29 -7.07
CA PRO G 74 -42.51 24.36 -5.94
C PRO G 74 -42.94 25.01 -4.62
N ALA G 75 -43.83 24.36 -3.88
CA ALA G 75 -44.28 24.90 -2.57
C ALA G 75 -44.73 23.74 -1.65
N GLN G 76 -44.42 23.83 -0.36
CA GLN G 76 -44.81 22.77 0.60
C GLN G 76 -45.53 23.41 1.79
N ALA G 77 -46.59 22.78 2.30
CA ALA G 77 -47.38 23.37 3.41
C ALA G 77 -46.70 23.05 4.75
N VAL H 63 -27.47 -12.26 42.88
CA VAL H 63 -28.31 -13.33 42.26
C VAL H 63 -29.29 -12.69 41.27
N ALA H 64 -29.34 -13.21 40.04
CA ALA H 64 -30.26 -12.66 39.01
C ALA H 64 -31.34 -13.69 38.71
N LEU H 65 -32.59 -13.24 38.54
CA LEU H 65 -33.72 -14.17 38.23
C LEU H 65 -33.39 -14.93 36.94
N THR H 66 -33.64 -16.24 36.92
CA THR H 66 -33.30 -17.06 35.73
C THR H 66 -34.42 -16.92 34.68
N LEU H 67 -34.04 -16.69 33.41
CA LEU H 67 -35.05 -16.55 32.32
C LEU H 67 -34.96 -17.78 31.41
N THR H 68 -35.94 -18.69 31.50
CA THR H 68 -35.94 -19.92 30.67
C THR H 68 -36.60 -19.61 29.32
N SER H 69 -37.23 -18.43 29.19
CA SER H 69 -37.89 -18.03 27.92
C SER H 69 -37.79 -16.52 27.76
N SER H 70 -38.02 -16.03 26.53
CA SER H 70 -37.98 -14.56 26.26
C SER H 70 -39.07 -13.87 27.07
N HIS H 71 -40.24 -14.52 27.21
CA HIS H 71 -41.39 -13.91 27.93
C HIS H 71 -40.97 -13.61 29.38
N HIS H 72 -40.13 -14.45 29.96
CA HIS H 72 -39.71 -14.27 31.39
C HIS H 72 -39.19 -12.84 31.58
N ILE H 73 -39.55 -12.21 32.70
CA ILE H 73 -39.10 -10.82 32.99
C ILE H 73 -37.74 -10.89 33.69
N PRO H 74 -36.71 -10.15 33.21
CA PRO H 74 -35.36 -10.24 33.79
C PRO H 74 -35.31 -9.81 35.27
N ALA H 75 -35.90 -8.65 35.59
CA ALA H 75 -35.87 -8.13 36.98
C ALA H 75 -34.85 -8.91 37.81
N GLY I 62 16.81 0.63 46.84
CA GLY I 62 17.52 0.06 48.01
C GLY I 62 17.82 -1.41 47.81
N VAL I 63 18.02 -2.16 48.90
CA VAL I 63 18.32 -3.62 48.81
C VAL I 63 17.02 -4.39 49.10
N ALA I 64 16.30 -4.78 48.06
CA ALA I 64 15.02 -5.52 48.22
C ALA I 64 15.31 -6.95 48.68
N LEU I 65 14.40 -7.57 49.43
CA LEU I 65 14.73 -8.92 49.94
C LEU I 65 14.78 -9.89 48.76
N THR I 66 15.52 -11.00 48.90
CA THR I 66 15.62 -12.00 47.81
C THR I 66 14.42 -12.93 47.87
N LEU I 67 13.51 -12.79 46.90
CA LEU I 67 12.35 -13.71 46.80
C LEU I 67 12.79 -14.96 46.06
N THR I 68 13.67 -15.77 46.64
CA THR I 68 14.04 -17.05 45.99
C THR I 68 12.80 -17.95 45.93
N SER I 69 11.95 -17.90 46.95
CA SER I 69 10.70 -18.71 46.97
C SER I 69 9.66 -18.09 46.04
N SER I 70 8.60 -18.85 45.70
CA SER I 70 7.51 -18.25 44.90
C SER I 70 6.30 -17.96 45.79
N HIS I 71 6.51 -17.91 47.11
CA HIS I 71 5.36 -17.70 48.03
C HIS I 71 5.80 -16.91 49.26
N HIS I 72 6.44 -15.75 49.07
CA HIS I 72 6.75 -14.93 50.28
C HIS I 72 6.66 -13.43 49.96
N ILE I 73 6.37 -12.64 51.00
CA ILE I 73 6.15 -11.17 50.80
C ILE I 73 7.37 -10.58 50.08
N PRO I 74 7.17 -9.72 49.06
CA PRO I 74 8.29 -9.06 48.39
C PRO I 74 8.93 -8.02 49.33
N ALA I 75 8.21 -7.58 50.36
CA ALA I 75 8.80 -6.67 51.37
C ALA I 75 9.15 -5.33 50.73
N GLN I 76 10.13 -4.60 51.29
CA GLN I 76 10.48 -3.25 50.77
C GLN I 76 11.98 -2.98 51.02
N ALA I 77 12.60 -2.14 50.18
CA ALA I 77 14.03 -1.81 50.34
C ALA I 77 14.17 -0.38 50.85
N VAL I 78 13.13 0.45 50.69
CA VAL I 78 13.17 1.87 51.11
C VAL I 78 14.40 2.54 50.47
N GLY J 62 33.55 36.98 17.04
CA GLY J 62 33.44 37.03 15.56
C GLY J 62 34.26 35.94 14.90
N VAL J 63 35.50 36.25 14.52
CA VAL J 63 36.39 35.22 13.91
C VAL J 63 36.49 34.03 14.88
N ALA J 64 36.19 32.82 14.41
CA ALA J 64 36.32 31.62 15.27
C ALA J 64 37.70 31.00 15.06
N LEU J 65 38.41 30.79 16.18
CA LEU J 65 39.81 30.30 16.12
C LEU J 65 39.87 28.89 15.54
N THR J 66 41.05 28.48 15.07
CA THR J 66 41.21 27.15 14.44
C THR J 66 41.40 26.08 15.52
N LEU J 67 40.50 25.10 15.59
CA LEU J 67 40.70 23.98 16.55
C LEU J 67 41.55 22.92 15.86
N THR J 68 42.87 23.01 15.99
CA THR J 68 43.78 22.08 15.29
C THR J 68 43.44 20.63 15.68
N SER J 69 43.51 20.31 16.97
CA SER J 69 43.26 18.91 17.42
C SER J 69 41.98 18.84 18.26
N SER J 70 41.42 17.64 18.43
CA SER J 70 40.15 17.48 19.18
C SER J 70 40.34 17.97 20.62
N HIS J 71 41.59 18.00 21.10
CA HIS J 71 41.85 18.41 22.51
C HIS J 71 42.15 19.91 22.53
N HIS J 72 42.10 20.55 21.37
CA HIS J 72 42.23 22.03 21.39
C HIS J 72 41.01 22.59 22.08
N ILE J 73 41.19 23.79 22.64
CA ILE J 73 39.97 24.41 23.23
C ILE J 73 39.39 25.42 22.25
N PRO J 74 38.08 25.37 21.96
CA PRO J 74 37.42 26.34 21.08
C PRO J 74 37.29 27.72 21.74
N ALA J 75 36.95 28.74 20.94
CA ALA J 75 36.76 30.10 21.51
C ALA J 75 35.68 30.06 22.58
N GLN J 76 35.85 30.83 23.66
CA GLN J 76 34.88 30.81 24.79
C GLN J 76 34.14 32.14 24.86
N ALA J 77 32.81 32.13 24.76
CA ALA J 77 32.00 33.35 24.88
C ALA J 77 32.61 34.47 24.02
N VAL J 78 32.83 35.65 24.62
CA VAL J 78 33.40 36.80 23.87
C VAL J 78 34.93 36.74 23.99
N GLY K 62 -0.30 51.18 -10.42
CA GLY K 62 -1.21 50.76 -11.51
C GLY K 62 -0.43 50.19 -12.69
N VAL K 63 0.39 51.03 -13.34
CA VAL K 63 1.21 50.57 -14.50
C VAL K 63 2.64 50.35 -14.02
N ALA K 64 3.05 49.09 -13.81
CA ALA K 64 4.40 48.84 -13.27
C ALA K 64 5.39 49.13 -14.39
N LEU K 65 6.38 50.01 -14.15
CA LEU K 65 7.25 50.34 -15.33
C LEU K 65 7.88 49.05 -15.87
N THR K 66 8.22 49.07 -17.16
CA THR K 66 8.73 47.89 -17.89
C THR K 66 10.20 47.65 -17.53
N LEU K 67 10.56 46.39 -17.27
CA LEU K 67 11.97 46.03 -16.97
C LEU K 67 12.54 45.25 -18.15
N THR K 68 13.42 45.87 -18.93
CA THR K 68 13.94 45.19 -20.15
C THR K 68 14.96 44.11 -19.79
N SER K 69 15.77 44.31 -18.74
CA SER K 69 16.83 43.32 -18.41
C SER K 69 16.85 43.02 -16.91
N SER K 70 18.03 42.68 -16.39
CA SER K 70 18.19 42.38 -14.94
C SER K 70 18.55 43.66 -14.18
N HIS K 71 19.47 44.46 -14.73
CA HIS K 71 19.92 45.69 -14.04
C HIS K 71 18.77 46.69 -13.95
N HIS K 72 17.87 46.70 -14.93
CA HIS K 72 16.79 47.72 -14.92
C HIS K 72 16.09 47.66 -13.56
N ILE K 73 15.84 48.83 -12.96
CA ILE K 73 15.17 48.89 -11.63
C ILE K 73 13.66 48.88 -11.86
N PRO K 74 12.89 48.07 -11.10
CA PRO K 74 11.43 48.02 -11.21
C PRO K 74 10.78 49.32 -10.69
N ALA K 75 9.53 49.58 -11.08
CA ALA K 75 8.82 50.82 -10.66
C ALA K 75 8.73 50.86 -9.13
N GLN K 76 8.93 52.04 -8.54
CA GLN K 76 8.84 52.20 -7.06
C GLN K 76 7.51 52.82 -6.69
N ALA K 77 6.73 52.15 -5.83
CA ALA K 77 5.39 52.65 -5.43
C ALA K 77 5.54 53.78 -4.42
N VAL K 78 4.48 54.57 -4.22
CA VAL K 78 4.51 55.69 -3.23
C VAL K 78 3.08 55.98 -2.77
N ASP L 229 -19.44 25.77 -68.14
CA ASP L 229 -19.96 24.52 -67.58
C ASP L 229 -21.38 24.70 -67.05
N LEU L 230 -21.50 25.06 -65.77
CA LEU L 230 -22.82 25.30 -65.19
C LEU L 230 -23.46 26.54 -65.80
N ASN L 231 -22.64 27.53 -66.17
CA ASN L 231 -23.17 28.75 -66.76
C ASN L 231 -23.88 28.47 -68.07
N ASP L 232 -23.34 27.56 -68.88
CA ASP L 232 -23.98 27.20 -70.14
C ASP L 232 -25.32 26.51 -69.89
N ALA L 233 -25.38 25.65 -68.87
CA ALA L 233 -26.64 25.00 -68.53
C ALA L 233 -27.68 26.03 -68.09
N GLN L 234 -27.26 27.01 -67.28
CA GLN L 234 -28.19 28.07 -66.88
C GLN L 234 -28.67 28.87 -68.08
N LEU L 235 -27.76 29.17 -69.01
CA LEU L 235 -28.13 29.94 -70.20
C LEU L 235 -29.10 29.18 -71.08
N LYS L 236 -28.88 27.87 -71.25
CA LYS L 236 -29.82 27.06 -72.02
C LYS L 236 -31.18 26.98 -71.32
N PHE L 237 -31.18 26.91 -69.99
CA PHE L 237 -32.43 26.95 -69.23
C PHE L 237 -33.19 28.25 -69.51
N ALA L 238 -32.48 29.38 -69.47
CA ALA L 238 -33.10 30.66 -69.79
C ALA L 238 -33.63 30.71 -71.21
N ASN L 239 -32.86 30.18 -72.16
CA ASN L 239 -33.30 30.16 -73.56
C ASN L 239 -34.56 29.34 -73.75
N ASP L 240 -34.63 28.17 -73.11
CA ASP L 240 -35.84 27.36 -73.22
C ASP L 240 -37.05 28.05 -72.60
N VAL L 241 -36.88 28.68 -71.43
CA VAL L 241 -37.99 29.39 -70.82
C VAL L 241 -38.47 30.52 -71.73
N GLU L 242 -37.54 31.30 -72.27
CA GLU L 242 -37.91 32.41 -73.15
C GLU L 242 -38.62 31.90 -74.40
N SER L 243 -38.12 30.80 -74.98
CA SER L 243 -38.73 30.27 -76.20
C SER L 243 -40.15 29.78 -75.92
N ARG L 244 -40.37 29.13 -74.78
CA ARG L 244 -41.71 28.65 -74.47
C ARG L 244 -42.68 29.79 -74.18
N ILE L 245 -42.22 30.85 -73.51
CA ILE L 245 -43.09 32.01 -73.34
C ILE L 245 -43.42 32.64 -74.69
N GLN L 246 -42.42 32.73 -75.58
CA GLN L 246 -42.65 33.25 -76.92
C GLN L 246 -43.69 32.42 -77.67
N ARG L 247 -43.57 31.09 -77.60
CA ARG L 247 -44.50 30.23 -78.31
C ARG L 247 -45.91 30.35 -77.72
N ARG L 248 -46.02 30.47 -76.40
CA ARG L 248 -47.34 30.63 -75.79
C ARG L 248 -48.00 31.92 -76.24
N ILE L 249 -47.22 33.01 -76.33
CA ILE L 249 -47.79 34.27 -76.84
C ILE L 249 -48.22 34.12 -78.29
N GLU L 250 -47.37 33.53 -79.11
CA GLU L 250 -47.65 33.37 -80.54
C GLU L 250 -48.90 32.52 -80.77
N ALA L 251 -49.11 31.52 -79.91
CA ALA L 251 -50.23 30.60 -80.06
C ALA L 251 -51.56 31.32 -80.00
N ILE L 252 -51.72 32.26 -79.07
CA ILE L 252 -52.98 32.98 -78.96
C ILE L 252 -53.02 34.15 -79.92
N LEU L 253 -51.85 34.71 -80.27
CA LEU L 253 -51.85 35.87 -81.14
C LEU L 253 -52.02 35.48 -82.61
N SER L 254 -51.87 34.19 -82.92
CA SER L 254 -51.98 33.71 -84.29
C SER L 254 -53.42 33.70 -84.83
N PRO L 255 -54.41 33.10 -84.11
CA PRO L 255 -55.74 32.95 -84.71
C PRO L 255 -56.41 34.25 -85.13
N ILE L 256 -56.22 35.32 -84.36
CA ILE L 256 -56.86 36.59 -84.67
C ILE L 256 -55.96 37.42 -85.59
N VAL L 257 -54.69 37.60 -85.32
CA VAL L 257 -53.84 38.52 -86.17
C VAL L 257 -53.45 37.79 -87.44
N GLY L 258 -53.23 36.49 -87.36
CA GLY L 258 -52.89 35.68 -88.54
C GLY L 258 -51.50 35.11 -88.46
N ASN L 259 -51.23 34.00 -89.13
CA ASN L 259 -49.86 33.45 -89.17
C ASN L 259 -48.87 34.46 -89.79
N GLY L 260 -47.73 34.69 -89.12
CA GLY L 260 -46.68 35.60 -89.59
C GLY L 260 -47.00 37.06 -89.37
N ASN L 261 -48.20 37.38 -88.93
CA ASN L 261 -48.57 38.80 -88.80
C ASN L 261 -48.29 39.18 -87.36
N VAL L 262 -47.57 38.30 -86.66
CA VAL L 262 -47.18 38.62 -85.30
C VAL L 262 -45.82 38.01 -85.00
N HIS L 263 -44.95 38.80 -84.38
CA HIS L 263 -43.63 38.36 -83.94
C HIS L 263 -43.41 38.84 -82.51
N ALA L 264 -42.91 37.95 -81.66
CA ALA L 264 -42.63 38.29 -80.27
C ALA L 264 -41.32 37.64 -79.83
N GLN L 265 -40.60 38.34 -78.96
CA GLN L 265 -39.37 37.82 -78.36
C GLN L 265 -39.37 38.11 -76.88
N VAL L 266 -38.85 37.17 -76.09
CA VAL L 266 -38.91 37.22 -74.63
C VAL L 266 -37.49 37.16 -74.09
N THR L 267 -37.21 37.99 -73.09
CA THR L 267 -35.99 37.90 -72.30
C THR L 267 -36.37 37.71 -70.84
N ALA L 268 -35.61 36.90 -70.12
CA ALA L 268 -35.94 36.50 -68.76
C ALA L 268 -34.74 36.75 -67.84
N GLN L 269 -34.97 37.49 -66.76
CA GLN L 269 -33.98 37.62 -65.69
C GLN L 269 -34.28 36.57 -64.64
N LEU L 270 -33.38 35.60 -64.49
CA LEU L 270 -33.62 34.41 -63.70
C LEU L 270 -32.88 34.48 -62.37
N ASP L 271 -33.15 33.49 -61.52
CA ASP L 271 -32.61 33.42 -60.17
C ASP L 271 -31.84 32.11 -60.01
N PHE L 272 -30.51 32.20 -60.05
CA PHE L 272 -29.64 31.05 -59.90
C PHE L 272 -28.83 31.12 -58.61
N ALA L 273 -29.38 31.77 -57.59
CA ALA L 273 -28.73 31.95 -56.30
C ALA L 273 -29.41 31.04 -55.28
N ASN L 274 -28.63 30.13 -54.69
CA ASN L 274 -29.14 29.23 -53.68
C ASN L 274 -29.42 29.97 -52.37
N LYS L 275 -30.67 29.99 -51.94
CA LYS L 275 -31.06 30.64 -50.70
C LYS L 275 -31.74 29.66 -49.76
N GLU L 276 -31.40 29.75 -48.48
CA GLU L 276 -31.99 28.93 -47.43
C GLU L 276 -32.44 29.85 -46.31
N GLN L 277 -33.66 29.64 -45.82
CA GLN L 277 -34.24 30.57 -44.85
C GLN L 277 -35.01 29.79 -43.79
N THR L 278 -34.82 30.20 -42.54
CA THR L 278 -35.55 29.64 -41.40
C THR L 278 -36.26 30.79 -40.69
N GLU L 279 -37.57 30.67 -40.52
CA GLU L 279 -38.40 31.73 -39.95
C GLU L 279 -39.02 31.25 -38.65
N GLU L 280 -38.92 32.07 -37.61
CA GLU L 280 -39.53 31.80 -36.32
C GLU L 280 -40.49 32.91 -35.96
N HIS L 281 -41.71 32.55 -35.56
CA HIS L 281 -42.75 33.52 -35.24
C HIS L 281 -43.34 33.18 -33.88
N TYR L 282 -43.46 34.19 -33.02
CA TYR L 282 -44.07 34.06 -31.72
C TYR L 282 -45.37 34.87 -31.68
N SER L 283 -46.45 34.22 -31.26
CA SER L 283 -47.71 34.94 -31.10
C SER L 283 -47.63 35.84 -29.86
N PRO L 284 -48.05 37.10 -29.97
CA PRO L 284 -47.98 37.99 -28.81
C PRO L 284 -48.90 37.54 -27.70
N ASN L 285 -48.44 37.73 -26.46
CA ASN L 285 -49.20 37.33 -25.28
C ASN L 285 -49.34 38.48 -24.27
N GLY L 286 -49.23 39.72 -24.72
CA GLY L 286 -49.34 40.87 -23.83
C GLY L 286 -50.73 41.09 -23.28
N ASP L 287 -51.76 40.58 -23.97
CA ASP L 287 -53.14 40.71 -23.49
C ASP L 287 -53.45 39.51 -22.60
N ALA L 288 -54.05 39.78 -21.44
CA ALA L 288 -54.36 38.71 -20.49
C ALA L 288 -55.39 37.73 -21.01
N SER L 289 -56.17 38.10 -22.02
CA SER L 289 -57.19 37.20 -22.56
C SER L 289 -56.60 36.08 -23.42
N LYS L 290 -55.55 36.35 -24.18
CA LYS L 290 -54.92 35.33 -25.02
C LYS L 290 -53.64 34.77 -24.41
N ALA L 291 -53.32 35.10 -23.16
CA ALA L 291 -52.08 34.68 -22.54
C ALA L 291 -52.27 33.29 -21.94
N THR L 292 -51.37 32.37 -22.29
CA THR L 292 -51.38 31.03 -21.74
C THR L 292 -50.38 30.90 -20.61
N LEU L 293 -50.82 30.36 -19.48
CA LEU L 293 -50.03 30.34 -18.27
C LEU L 293 -49.80 28.91 -17.79
N ARG L 294 -48.62 28.68 -17.22
CA ARG L 294 -48.30 27.43 -16.53
C ARG L 294 -48.27 27.56 -15.03
N SER L 295 -47.69 28.64 -14.49
CA SER L 295 -47.64 28.84 -13.06
C SER L 295 -47.75 30.33 -12.78
N ARG L 296 -48.44 30.66 -11.70
CA ARG L 296 -48.71 32.06 -11.36
C ARG L 296 -48.74 32.20 -9.84
N GLN L 297 -47.93 33.11 -9.32
CA GLN L 297 -47.89 33.41 -7.90
C GLN L 297 -48.26 34.87 -7.70
N LEU L 298 -49.33 35.11 -6.94
CA LEU L 298 -49.87 36.45 -6.72
C LEU L 298 -49.97 36.69 -5.21
N ASN L 299 -48.99 37.38 -4.65
CA ASN L 299 -49.00 37.75 -3.25
C ASN L 299 -49.55 39.16 -3.11
N ILE L 300 -50.63 39.32 -2.37
CA ILE L 300 -51.30 40.60 -2.19
C ILE L 300 -51.38 40.93 -0.71
N SER L 301 -50.98 42.15 -0.35
CA SER L 301 -51.00 42.57 1.04
C SER L 301 -51.53 44.00 1.11
N GLU L 302 -52.44 44.25 2.06
CA GLU L 302 -53.02 45.58 2.26
C GLU L 302 -53.15 45.80 3.76
N GLN L 303 -52.23 46.59 4.33
CA GLN L 303 -52.23 46.90 5.76
C GLN L 303 -52.73 48.33 5.92
N VAL L 304 -54.05 48.48 6.05
CA VAL L 304 -54.66 49.79 6.23
C VAL L 304 -54.58 50.16 7.71
N GLY L 305 -54.10 51.37 8.00
CA GLY L 305 -53.97 51.83 9.36
C GLY L 305 -55.05 52.82 9.77
N ALA L 353 -55.35 59.24 3.00
CA ALA L 353 -55.35 57.79 2.87
C ALA L 353 -54.82 57.13 4.14
N GLY L 354 -54.25 57.94 5.03
CA GLY L 354 -53.69 57.43 6.26
C GLY L 354 -52.43 56.63 6.03
N PRO L 355 -52.09 55.76 6.98
CA PRO L 355 -50.88 54.94 6.83
C PRO L 355 -51.15 53.65 6.06
N ARG L 356 -51.67 53.78 4.84
CA ARG L 356 -51.94 52.62 4.01
C ARG L 356 -50.64 52.00 3.51
N SER L 357 -50.69 50.69 3.24
CA SER L 357 -49.53 49.97 2.74
C SER L 357 -49.94 48.84 1.82
N THR L 358 -49.93 49.09 0.52
CA THR L 358 -50.29 48.08 -0.46
C THR L 358 -49.04 47.45 -1.07
N GLN L 359 -49.08 46.14 -1.26
CA GLN L 359 -47.94 45.41 -1.80
C GLN L 359 -48.46 44.25 -2.62
N ARG L 360 -48.07 44.19 -3.90
CA ARG L 360 -48.49 43.13 -4.81
C ARG L 360 -47.26 42.58 -5.52
N ASN L 361 -46.94 41.32 -5.25
CA ASN L 361 -45.83 40.62 -5.89
C ASN L 361 -46.43 39.56 -6.82
N GLU L 362 -46.26 39.77 -8.12
CA GLU L 362 -46.85 38.90 -9.14
C GLU L 362 -45.75 38.27 -9.98
N THR L 363 -45.76 36.94 -10.09
CA THR L 363 -44.83 36.19 -10.92
C THR L 363 -45.63 35.27 -11.83
N SER L 364 -45.37 35.34 -13.13
CA SER L 364 -46.14 34.60 -14.13
C SER L 364 -45.18 33.92 -15.10
N ASN L 365 -45.42 32.64 -15.36
CA ASN L 365 -44.69 31.89 -16.37
C ASN L 365 -45.65 31.55 -17.51
N TYR L 366 -45.26 31.90 -18.73
CA TYR L 366 -46.14 31.76 -19.88
C TYR L 366 -45.65 30.68 -20.83
N GLU L 367 -46.59 30.14 -21.61
CA GLU L 367 -46.31 29.27 -22.75
C GLU L 367 -46.82 29.95 -24.01
N VAL L 368 -45.99 30.02 -25.03
CA VAL L 368 -46.27 30.84 -26.20
C VAL L 368 -46.38 29.94 -27.44
N ASP L 369 -47.20 30.39 -28.38
CA ASP L 369 -47.30 29.73 -29.67
C ASP L 369 -46.01 29.94 -30.47
N ARG L 370 -45.63 28.90 -31.22
CA ARG L 370 -44.36 28.93 -31.92
C ARG L 370 -44.54 28.28 -33.29
N THR L 371 -43.98 28.92 -34.31
CA THR L 371 -44.09 28.43 -35.69
C THR L 371 -42.72 28.57 -36.35
N ILE L 372 -42.09 27.43 -36.64
CA ILE L 372 -40.81 27.41 -37.36
C ILE L 372 -41.08 27.00 -38.80
N ARG L 373 -40.67 27.85 -39.74
CA ARG L 373 -40.77 27.55 -41.16
C ARG L 373 -39.39 27.52 -41.78
N HIS L 374 -39.08 26.41 -42.44
CA HIS L 374 -37.81 26.23 -43.14
C HIS L 374 -38.07 26.19 -44.64
N THR L 375 -37.44 27.08 -45.38
CA THR L 375 -37.72 27.25 -46.80
C THR L 375 -36.43 27.19 -47.59
N LYS L 376 -36.41 26.39 -48.65
CA LYS L 376 -35.31 26.32 -49.60
C LYS L 376 -35.83 26.76 -50.96
N MET L 377 -35.51 27.99 -51.35
CA MET L 377 -36.01 28.52 -52.62
C MET L 377 -35.45 27.73 -53.80
N ASN L 378 -36.29 27.57 -54.82
CA ASN L 378 -35.90 26.86 -56.03
C ASN L 378 -34.88 27.67 -56.82
N VAL L 379 -33.93 26.96 -57.42
CA VAL L 379 -32.90 27.55 -58.27
C VAL L 379 -33.42 27.56 -59.70
N GLY L 380 -33.42 28.73 -60.32
CA GLY L 380 -33.95 28.91 -61.65
C GLY L 380 -35.29 29.63 -61.74
N ASP L 381 -35.73 30.28 -60.67
CA ASP L 381 -36.99 31.01 -60.71
C ASP L 381 -36.83 32.30 -61.50
N ILE L 382 -37.97 32.86 -61.92
CA ILE L 382 -37.99 34.07 -62.74
C ILE L 382 -38.09 35.27 -61.82
N GLU L 383 -37.22 36.25 -62.04
CA GLU L 383 -37.22 37.50 -61.27
C GLU L 383 -37.98 38.61 -61.97
N ARG L 384 -37.71 38.85 -63.26
CA ARG L 384 -38.31 39.96 -63.99
C ARG L 384 -38.38 39.56 -65.45
N LEU L 385 -39.58 39.62 -66.03
CA LEU L 385 -39.79 39.24 -67.42
C LEU L 385 -40.24 40.46 -68.22
N SER L 386 -39.53 40.75 -69.29
CA SER L 386 -39.90 41.82 -70.21
C SER L 386 -40.04 41.22 -71.61
N VAL L 387 -41.13 41.60 -72.29
CA VAL L 387 -41.51 40.96 -73.55
C VAL L 387 -41.77 42.05 -74.58
N ALA L 388 -41.22 41.86 -75.79
CA ALA L 388 -41.43 42.79 -76.90
C ALA L 388 -42.22 42.06 -77.98
N VAL L 389 -43.37 42.61 -78.35
CA VAL L 389 -44.25 42.05 -79.36
C VAL L 389 -44.49 43.09 -80.44
N VAL L 390 -44.42 42.66 -81.70
CA VAL L 390 -44.69 43.53 -82.84
C VAL L 390 -45.74 42.85 -83.72
N VAL L 391 -46.73 43.61 -84.14
CA VAL L 391 -47.78 43.09 -85.01
C VAL L 391 -47.72 43.78 -86.36
N ASN L 392 -48.35 43.17 -87.37
CA ASN L 392 -48.36 43.71 -88.72
C ASN L 392 -49.60 44.59 -88.92
N TYR L 393 -49.65 45.21 -90.10
CA TYR L 393 -50.83 45.97 -90.50
C TYR L 393 -51.83 45.05 -91.16
N LYS L 394 -52.97 45.58 -91.59
CA LYS L 394 -54.01 44.79 -92.24
C LYS L 394 -54.13 45.21 -93.69
N THR L 395 -53.75 44.31 -94.60
CA THR L 395 -53.85 44.54 -96.03
C THR L 395 -55.15 43.92 -96.52
N LEU L 396 -56.09 44.77 -96.95
CA LEU L 396 -57.37 44.29 -97.44
C LEU L 396 -57.23 43.67 -98.83
N ALA L 397 -58.36 43.33 -99.42
CA ALA L 397 -58.37 42.77 -100.77
C ALA L 397 -57.73 43.71 -101.78
N ASP L 398 -57.92 45.02 -101.58
CA ASP L 398 -57.24 46.00 -102.44
C ASP L 398 -55.73 45.94 -102.24
N GLY L 399 -55.28 45.77 -101.00
CA GLY L 399 -53.87 45.72 -100.67
C GLY L 399 -53.38 46.87 -99.82
N LYS L 400 -54.25 47.77 -99.40
CA LYS L 400 -53.83 48.91 -98.59
C LYS L 400 -53.52 48.46 -97.18
N PRO L 401 -52.33 48.75 -96.64
CA PRO L 401 -52.00 48.33 -95.28
C PRO L 401 -52.72 49.15 -94.22
N LEU L 402 -53.96 48.80 -93.92
CA LEU L 402 -54.74 49.54 -92.94
C LEU L 402 -54.27 49.20 -91.53
N PRO L 403 -53.91 50.19 -90.72
CA PRO L 403 -53.50 49.90 -89.34
C PRO L 403 -54.66 49.39 -88.50
N LEU L 404 -54.32 48.77 -87.37
CA LEU L 404 -55.31 48.23 -86.45
C LEU L 404 -55.98 49.34 -85.65
N THR L 405 -56.90 48.98 -84.77
CA THR L 405 -57.65 49.94 -83.97
C THR L 405 -57.18 49.89 -82.52
N ALA L 406 -57.64 50.85 -81.72
CA ALA L 406 -57.25 50.93 -80.33
C ALA L 406 -57.80 49.74 -79.53
N ASP L 407 -59.05 49.35 -79.80
CA ASP L 407 -59.65 48.23 -79.09
C ASP L 407 -58.89 46.93 -79.37
N GLN L 408 -58.53 46.70 -80.64
CA GLN L 408 -57.77 45.51 -80.98
C GLN L 408 -56.39 45.52 -80.33
N MET L 409 -55.75 46.70 -80.29
CA MET L 409 -54.46 46.81 -79.62
C MET L 409 -54.57 46.50 -78.13
N LYS L 410 -55.62 47.00 -77.49
CA LYS L 410 -55.84 46.69 -76.08
C LYS L 410 -56.07 45.20 -75.87
N GLN L 411 -56.82 44.57 -76.78
CA GLN L 411 -57.04 43.13 -76.68
C GLN L 411 -55.73 42.36 -76.81
N ILE L 412 -54.87 42.77 -77.76
CA ILE L 412 -53.56 42.13 -77.91
C ILE L 412 -52.73 42.31 -76.66
N GLU L 413 -52.74 43.51 -76.08
CA GLU L 413 -51.99 43.76 -74.86
C GLU L 413 -52.47 42.86 -73.72
N ASP L 414 -53.79 42.74 -73.57
CA ASP L 414 -54.33 41.89 -72.50
C ASP L 414 -53.97 40.43 -72.72
N LEU L 415 -54.08 39.95 -73.97
CA LEU L 415 -53.73 38.57 -74.27
C LEU L 415 -52.27 38.30 -74.00
N THR L 416 -51.39 39.23 -74.38
CA THR L 416 -49.96 39.05 -74.14
C THR L 416 -49.65 39.07 -72.65
N ARG L 417 -50.34 39.93 -71.89
CA ARG L 417 -50.15 39.97 -70.46
C ARG L 417 -50.56 38.64 -69.82
N GLU L 418 -51.68 38.07 -70.30
CA GLU L 418 -52.12 36.78 -69.79
C GLU L 418 -51.13 35.66 -70.13
N ALA L 419 -50.64 35.66 -71.38
CA ALA L 419 -49.74 34.61 -71.81
C ALA L 419 -48.39 34.68 -71.08
N MET L 420 -47.86 35.88 -70.91
CA MET L 420 -46.54 36.04 -70.29
C MET L 420 -46.59 35.86 -68.78
N GLY L 421 -47.77 35.71 -68.19
CA GLY L 421 -47.87 35.69 -66.74
C GLY L 421 -47.51 37.01 -66.11
N PHE L 422 -48.03 38.11 -66.67
CA PHE L 422 -47.64 39.44 -66.22
C PHE L 422 -47.97 39.64 -64.74
N SER L 423 -47.00 40.17 -64.00
CA SER L 423 -47.17 40.47 -62.59
C SER L 423 -46.46 41.79 -62.28
N ASP L 424 -46.96 42.48 -61.26
CA ASP L 424 -46.38 43.74 -60.83
C ASP L 424 -45.35 43.60 -59.72
N LYS L 425 -45.45 42.54 -58.91
CA LYS L 425 -44.42 42.29 -57.89
C LYS L 425 -43.08 42.00 -58.54
N ARG L 426 -43.07 41.21 -59.61
CA ARG L 426 -41.83 40.91 -60.32
C ARG L 426 -41.25 42.17 -60.95
N GLY L 427 -42.10 43.02 -61.51
CA GLY L 427 -41.65 44.20 -62.22
C GLY L 427 -41.66 44.00 -63.71
N ASP L 428 -42.62 43.22 -64.20
CA ASP L 428 -42.71 42.87 -65.61
C ASP L 428 -43.07 44.09 -66.44
N THR L 429 -42.47 44.20 -67.63
CA THR L 429 -42.77 45.27 -68.57
C THR L 429 -43.15 44.64 -69.90
N LEU L 430 -44.19 45.18 -70.54
CA LEU L 430 -44.68 44.69 -71.82
C LEU L 430 -44.84 45.88 -72.77
N ASN L 431 -44.41 45.69 -74.02
CA ASN L 431 -44.54 46.72 -75.05
C ASN L 431 -44.99 46.05 -76.35
N VAL L 432 -46.18 46.41 -76.81
CA VAL L 432 -46.72 45.94 -78.09
C VAL L 432 -46.95 47.14 -78.97
N VAL L 433 -46.32 47.15 -80.15
CA VAL L 433 -46.43 48.25 -81.10
C VAL L 433 -46.95 47.69 -82.42
N ASN L 434 -47.59 48.55 -83.21
CA ASN L 434 -48.14 48.17 -84.50
C ASN L 434 -47.36 48.88 -85.60
N SER L 435 -46.87 48.11 -86.57
CA SER L 435 -46.12 48.65 -87.68
C SER L 435 -46.16 47.69 -88.87
N PRO L 436 -46.14 48.20 -90.11
CA PRO L 436 -46.18 47.30 -91.27
C PRO L 436 -44.87 46.54 -91.42
N PHE L 437 -44.98 45.24 -91.68
CA PHE L 437 -43.81 44.41 -91.86
C PHE L 437 -43.14 44.69 -93.20
N SER L 438 -41.82 44.54 -93.22
CA SER L 438 -41.07 44.73 -94.45
C SER L 438 -41.16 43.49 -95.33
N ALA L 439 -40.88 43.68 -96.62
CA ALA L 439 -40.93 42.59 -97.58
C ALA L 439 -39.77 41.62 -97.39
N ASP M 229 -6.99 30.36 -68.67
CA ASP M 229 -7.70 29.17 -68.24
C ASP M 229 -9.15 29.50 -67.90
N LEU M 230 -9.40 29.83 -66.63
CA LEU M 230 -10.74 30.22 -66.20
C LEU M 230 -11.16 31.55 -66.82
N ASN M 231 -10.19 32.44 -67.03
CA ASN M 231 -10.48 33.74 -67.62
C ASN M 231 -11.04 33.60 -69.02
N ASP M 232 -10.50 32.66 -69.80
CA ASP M 232 -11.01 32.42 -71.15
C ASP M 232 -12.44 31.89 -71.11
N ALA M 233 -12.73 31.01 -70.16
CA ALA M 233 -14.11 30.52 -70.01
C ALA M 233 -15.05 31.65 -69.66
N GLN M 234 -14.64 32.54 -68.75
CA GLN M 234 -15.48 33.69 -68.42
C GLN M 234 -15.70 34.59 -69.63
N LEU M 235 -14.65 34.81 -70.42
CA LEU M 235 -14.75 35.66 -71.60
C LEU M 235 -15.69 35.05 -72.63
N LYS M 236 -15.60 33.74 -72.84
CA LYS M 236 -16.52 33.07 -73.77
C LYS M 236 -17.96 33.15 -73.26
N PHE M 237 -18.14 33.02 -71.94
CA PHE M 237 -19.47 33.20 -71.36
C PHE M 237 -20.02 34.58 -71.66
N ALA M 238 -19.20 35.62 -71.47
CA ALA M 238 -19.62 36.98 -71.80
C ALA M 238 -19.94 37.14 -73.28
N ASN M 239 -19.11 36.55 -74.15
CA ASN M 239 -19.36 36.64 -75.58
C ASN M 239 -20.68 35.99 -75.97
N ASP M 240 -20.98 34.82 -75.41
CA ASP M 240 -22.25 34.16 -75.71
C ASP M 240 -23.43 34.98 -75.22
N VAL M 241 -23.34 35.54 -74.01
CA VAL M 241 -24.44 36.36 -73.51
C VAL M 241 -24.66 37.57 -74.41
N GLU M 242 -23.58 38.25 -74.80
CA GLU M 242 -23.70 39.41 -75.65
C GLU M 242 -24.28 39.05 -77.00
N SER M 243 -23.84 37.93 -77.58
CA SER M 243 -24.35 37.52 -78.89
C SER M 243 -25.84 37.19 -78.83
N ARG M 244 -26.28 36.53 -77.75
CA ARG M 244 -27.70 36.22 -77.64
C ARG M 244 -28.56 37.46 -77.42
N ILE M 245 -28.06 38.42 -76.64
CA ILE M 245 -28.81 39.69 -76.53
C ILE M 245 -28.88 40.39 -77.88
N GLN M 246 -27.76 40.39 -78.62
CA GLN M 246 -27.75 40.98 -79.96
C GLN M 246 -28.77 40.31 -80.87
N ARG M 247 -28.82 38.98 -80.86
CA ARG M 247 -29.75 38.26 -81.71
C ARG M 247 -31.19 38.55 -81.32
N ARG M 248 -31.47 38.62 -80.02
CA ARG M 248 -32.83 38.93 -79.57
C ARG M 248 -33.26 40.31 -80.04
N ILE M 249 -32.35 41.29 -79.97
CA ILE M 249 -32.69 42.62 -80.47
C ILE M 249 -32.95 42.59 -81.98
N GLU M 250 -32.07 41.92 -82.72
CA GLU M 250 -32.19 41.85 -84.17
C GLU M 250 -33.48 41.17 -84.60
N ALA M 251 -33.91 40.17 -83.83
CA ALA M 251 -35.10 39.40 -84.17
C ALA M 251 -36.34 40.28 -84.25
N ILE M 252 -36.50 41.20 -83.29
CA ILE M 252 -37.68 42.07 -83.31
C ILE M 252 -37.45 43.27 -84.21
N LEU M 253 -36.18 43.69 -84.37
CA LEU M 253 -35.93 44.88 -85.17
C LEU M 253 -35.95 44.56 -86.68
N SER M 254 -35.90 43.27 -87.03
CA SER M 254 -35.89 42.86 -88.42
C SER M 254 -37.24 43.03 -89.14
N PRO M 255 -38.37 42.55 -88.59
CA PRO M 255 -39.63 42.59 -89.36
C PRO M 255 -40.08 43.97 -89.80
N ILE M 256 -39.87 44.98 -88.96
CA ILE M 256 -40.30 46.34 -89.28
C ILE M 256 -39.20 47.08 -90.03
N VAL M 257 -37.96 47.09 -89.59
CA VAL M 257 -36.90 47.93 -90.28
C VAL M 257 -36.45 47.19 -91.52
N GLY M 258 -36.39 45.87 -91.48
CA GLY M 258 -35.99 45.07 -92.65
C GLY M 258 -34.70 44.33 -92.42
N ASN M 259 -34.48 43.23 -93.11
CA ASN M 259 -33.18 42.51 -93.00
C ASN M 259 -32.01 43.41 -93.43
N GLY M 260 -30.95 43.46 -92.62
CA GLY M 260 -29.74 44.26 -92.90
C GLY M 260 -29.92 45.74 -92.64
N ASN M 261 -31.11 46.19 -92.35
CA ASN M 261 -31.34 47.64 -92.19
C ASN M 261 -31.21 47.93 -90.71
N VAL M 262 -30.70 46.95 -89.98
CA VAL M 262 -30.46 47.17 -88.55
C VAL M 262 -29.22 46.38 -88.12
N HIS M 263 -28.36 47.04 -87.36
CA HIS M 263 -27.17 46.42 -86.77
C HIS M 263 -27.09 46.81 -85.30
N ALA M 264 -26.82 45.84 -84.44
CA ALA M 264 -26.69 46.08 -83.01
C ALA M 264 -25.53 45.27 -82.45
N GLN M 265 -24.85 45.83 -81.45
CA GLN M 265 -23.79 45.15 -80.73
C GLN M 265 -23.97 45.39 -79.24
N VAL M 266 -23.66 44.36 -78.44
CA VAL M 266 -23.90 44.37 -77.00
C VAL M 266 -22.59 44.12 -76.29
N THR M 267 -22.34 44.88 -75.22
CA THR M 267 -21.26 44.60 -74.28
C THR M 267 -21.85 44.40 -72.89
N ALA M 268 -21.29 43.48 -72.13
CA ALA M 268 -21.85 43.09 -70.84
C ALA M 268 -20.76 43.15 -69.77
N GLN M 269 -21.05 43.87 -68.69
CA GLN M 269 -20.21 43.84 -67.50
C GLN M 269 -20.77 42.80 -66.55
N LEU M 270 -20.01 41.72 -66.34
CA LEU M 270 -20.50 40.54 -65.64
C LEU M 270 -19.94 40.48 -64.22
N ASP M 271 -20.43 39.50 -63.47
CA ASP M 271 -20.09 39.31 -62.06
C ASP M 271 -19.51 37.92 -61.87
N PHE M 272 -18.18 37.84 -61.74
CA PHE M 272 -17.47 36.58 -61.54
C PHE M 272 -16.85 36.51 -60.16
N ALA M 273 -17.46 37.18 -59.19
CA ALA M 273 -16.95 37.23 -57.82
C ALA M 273 -17.87 36.38 -56.94
N ASN M 274 -17.29 35.37 -56.29
CA ASN M 274 -18.05 34.50 -55.41
C ASN M 274 -18.40 35.21 -54.11
N LYS M 275 -19.69 35.38 -53.84
CA LYS M 275 -20.16 36.03 -52.63
C LYS M 275 -21.08 35.11 -51.84
N GLU M 276 -20.89 35.11 -50.52
CA GLU M 276 -21.71 34.34 -49.60
C GLU M 276 -22.19 35.27 -48.50
N GLN M 277 -23.49 35.20 -48.18
CA GLN M 277 -24.07 36.15 -47.26
C GLN M 277 -25.06 35.43 -46.34
N THR M 278 -25.00 35.77 -45.05
CA THR M 278 -25.94 35.27 -44.05
C THR M 278 -26.59 36.48 -43.38
N GLU M 279 -27.92 36.51 -43.38
CA GLU M 279 -28.69 37.65 -42.87
C GLU M 279 -29.52 37.20 -41.69
N GLU M 280 -29.47 37.97 -40.60
CA GLU M 280 -30.28 37.72 -39.41
C GLU M 280 -31.13 38.94 -39.13
N HIS M 281 -32.43 38.72 -38.91
CA HIS M 281 -33.38 39.80 -38.67
C HIS M 281 -34.18 39.49 -37.42
N TYR M 282 -34.29 40.48 -36.53
CA TYR M 282 -35.09 40.37 -35.32
C TYR M 282 -36.27 41.33 -35.41
N SER M 283 -37.47 40.82 -35.17
CA SER M 283 -38.64 41.67 -35.13
C SER M 283 -38.62 42.52 -33.86
N PRO M 284 -38.88 43.83 -33.95
CA PRO M 284 -38.86 44.66 -32.75
C PRO M 284 -39.97 44.28 -31.79
N ASN M 285 -39.66 44.37 -30.49
CA ASN M 285 -40.60 44.03 -29.43
C ASN M 285 -40.74 45.14 -28.40
N GLY M 286 -40.42 46.39 -28.77
CA GLY M 286 -40.52 47.50 -27.84
C GLY M 286 -41.93 47.87 -27.47
N ASP M 287 -42.92 47.52 -28.30
CA ASP M 287 -44.31 47.81 -28.00
C ASP M 287 -44.88 46.63 -27.22
N ALA M 288 -45.59 46.92 -26.12
CA ALA M 288 -46.15 45.87 -25.28
C ALA M 288 -47.22 45.05 -25.98
N SER M 289 -47.80 45.54 -27.07
CA SER M 289 -48.84 44.80 -27.78
C SER M 289 -48.29 43.65 -28.61
N LYS M 290 -47.11 43.81 -29.21
CA LYS M 290 -46.51 42.75 -30.01
C LYS M 290 -45.39 42.01 -29.28
N ALA M 291 -45.21 42.26 -27.99
CA ALA M 291 -44.12 41.66 -27.23
C ALA M 291 -44.54 40.28 -26.72
N THR M 292 -43.71 39.28 -27.01
CA THR M 292 -43.97 37.93 -26.54
C THR M 292 -43.14 37.65 -25.29
N LEU M 293 -43.80 37.12 -24.26
CA LEU M 293 -43.18 36.95 -22.96
C LEU M 293 -43.19 35.49 -22.53
N ARG M 294 -42.14 35.10 -21.82
CA ARG M 294 -42.05 33.80 -21.17
C ARG M 294 -42.21 33.87 -19.66
N SER M 295 -41.60 34.84 -19.00
CA SER M 295 -41.70 34.99 -17.56
C SER M 295 -41.67 36.47 -17.22
N ARG M 296 -42.46 36.84 -16.22
CA ARG M 296 -42.60 38.25 -15.86
C ARG M 296 -42.82 38.35 -14.36
N GLN M 297 -41.98 39.13 -13.69
CA GLN M 297 -42.10 39.38 -12.25
C GLN M 297 -42.32 40.85 -12.03
N LEU M 298 -43.44 41.20 -11.40
CA LEU M 298 -43.84 42.59 -11.18
C LEU M 298 -44.12 42.78 -9.69
N ASN M 299 -43.14 43.34 -8.98
CA ASN M 299 -43.29 43.65 -7.56
C ASN M 299 -43.68 45.11 -7.43
N ILE M 300 -44.84 45.38 -6.82
CA ILE M 300 -45.37 46.72 -6.68
C ILE M 300 -45.60 46.99 -5.19
N SER M 301 -45.11 48.15 -4.73
CA SER M 301 -45.27 48.53 -3.33
C SER M 301 -45.63 50.01 -3.26
N GLU M 302 -46.62 50.33 -2.43
CA GLU M 302 -47.06 51.72 -2.23
C GLU M 302 -47.36 51.90 -0.75
N GLN M 303 -46.44 52.55 -0.03
CA GLN M 303 -46.59 52.80 1.41
C GLN M 303 -46.94 54.28 1.59
N VAL M 304 -48.23 54.59 1.54
CA VAL M 304 -48.71 55.96 1.71
C VAL M 304 -48.77 56.27 3.21
N GLY M 305 -48.19 57.40 3.61
CA GLY M 305 -48.20 57.79 5.00
C GLY M 305 -49.19 58.89 5.31
N ALA M 353 -47.83 65.53 -1.09
CA ALA M 353 -47.99 64.09 -1.30
C ALA M 353 -47.70 63.32 -0.01
N GLY M 354 -47.17 64.03 0.99
CA GLY M 354 -46.84 63.42 2.26
C GLY M 354 -45.66 62.47 2.15
N PRO M 355 -45.56 61.53 3.09
CA PRO M 355 -44.45 60.57 3.05
C PRO M 355 -44.76 59.36 2.19
N ARG M 356 -45.10 59.60 0.92
CA ARG M 356 -45.39 58.50 0.00
C ARG M 356 -44.13 57.74 -0.36
N SER M 357 -44.29 56.46 -0.69
CA SER M 357 -43.16 55.63 -1.07
C SER M 357 -43.58 54.59 -2.10
N THR M 358 -43.37 54.89 -3.38
CA THR M 358 -43.72 53.95 -4.44
C THR M 358 -42.47 53.20 -4.92
N GLN M 359 -42.64 51.91 -5.18
CA GLN M 359 -41.53 51.06 -5.60
C GLN M 359 -42.08 50.00 -6.55
N ARG M 360 -41.53 49.94 -7.76
CA ARG M 360 -41.95 48.99 -8.78
C ARG M 360 -40.71 48.31 -9.35
N ASN M 361 -40.58 47.00 -9.11
CA ASN M 361 -39.49 46.19 -9.63
C ASN M 361 -40.07 45.25 -10.69
N GLU M 362 -39.71 45.47 -11.95
CA GLU M 362 -40.26 44.71 -13.06
C GLU M 362 -39.14 44.00 -13.79
N THR M 363 -39.30 42.68 -13.97
CA THR M 363 -38.36 41.86 -14.71
C THR M 363 -39.13 41.08 -15.76
N SER M 364 -38.70 41.16 -17.01
CA SER M 364 -39.40 40.55 -18.14
C SER M 364 -38.42 39.79 -19.01
N ASN M 365 -38.76 38.56 -19.37
CA ASN M 365 -38.00 37.77 -20.32
C ASN M 365 -38.83 37.58 -21.58
N TYR M 366 -38.26 37.92 -22.73
CA TYR M 366 -38.98 37.94 -23.99
C TYR M 366 -38.50 36.83 -24.92
N GLU M 367 -39.38 36.45 -25.84
CA GLU M 367 -39.05 35.59 -26.97
C GLU M 367 -39.31 36.37 -28.25
N VAL M 368 -38.34 36.37 -29.15
CA VAL M 368 -38.37 37.26 -30.31
C VAL M 368 -38.42 36.44 -31.59
N ASP M 369 -39.05 37.01 -32.61
CA ASP M 369 -39.05 36.41 -33.93
C ASP M 369 -37.66 36.49 -34.55
N ARG M 370 -37.29 35.44 -35.29
CA ARG M 370 -35.95 35.33 -35.83
C ARG M 370 -36.02 34.76 -37.23
N THR M 371 -35.26 35.35 -38.14
CA THR M 371 -35.24 34.94 -39.55
C THR M 371 -33.79 34.92 -40.02
N ILE M 372 -33.26 33.73 -40.28
CA ILE M 372 -31.92 33.58 -40.83
C ILE M 372 -32.04 33.25 -42.32
N ARG M 373 -31.40 34.07 -43.15
CA ARG M 373 -31.36 33.83 -44.59
C ARG M 373 -29.92 33.66 -45.03
N HIS M 374 -29.65 32.55 -45.70
CA HIS M 374 -28.33 32.23 -46.24
C HIS M 374 -28.40 32.27 -47.75
N THR M 375 -27.57 33.11 -48.37
CA THR M 375 -27.63 33.36 -49.80
C THR M 375 -26.26 33.18 -50.42
N LYS M 376 -26.21 32.41 -51.50
CA LYS M 376 -24.99 32.25 -52.30
C LYS M 376 -25.28 32.79 -53.70
N MET M 377 -24.76 33.97 -53.98
CA MET M 377 -25.02 34.61 -55.27
C MET M 377 -24.41 33.81 -56.41
N ASN M 378 -25.12 33.79 -57.53
CA ASN M 378 -24.66 33.08 -58.71
C ASN M 378 -23.44 33.78 -59.34
N VAL M 379 -22.52 32.97 -59.84
CA VAL M 379 -21.33 33.46 -60.52
C VAL M 379 -21.65 33.59 -62.01
N GLY M 380 -21.43 34.78 -62.56
CA GLY M 380 -21.75 35.05 -63.93
C GLY M 380 -22.96 35.94 -64.16
N ASP M 381 -23.47 36.61 -63.13
CA ASP M 381 -24.61 37.49 -63.29
C ASP M 381 -24.19 38.77 -63.99
N ILE M 382 -25.19 39.49 -64.52
CA ILE M 382 -24.96 40.71 -65.27
C ILE M 382 -25.04 41.89 -64.31
N GLU M 383 -24.03 42.76 -64.35
CA GLU M 383 -24.00 43.97 -63.55
C GLU M 383 -24.51 45.20 -64.28
N ARG M 384 -24.05 45.43 -65.50
CA ARG M 384 -24.41 46.64 -66.24
C ARG M 384 -24.33 46.31 -67.73
N LEU M 385 -25.42 46.54 -68.45
CA LEU M 385 -25.50 46.23 -69.87
C LEU M 385 -25.69 47.53 -70.66
N SER M 386 -24.81 47.77 -71.62
CA SER M 386 -24.93 48.90 -72.53
C SER M 386 -24.95 48.38 -73.96
N VAL M 387 -25.88 48.91 -74.75
CA VAL M 387 -26.16 48.37 -76.07
C VAL M 387 -26.16 49.52 -77.08
N ALA M 388 -25.47 49.31 -78.21
CA ALA M 388 -25.42 50.28 -79.28
C ALA M 388 -26.14 49.70 -80.50
N VAL M 389 -27.16 50.41 -80.99
CA VAL M 389 -27.95 49.98 -82.12
C VAL M 389 -27.92 51.09 -83.18
N VAL M 390 -27.73 50.71 -84.44
CA VAL M 390 -27.74 51.64 -85.56
C VAL M 390 -28.73 51.12 -86.59
N VAL M 391 -29.57 52.02 -87.11
CA VAL M 391 -30.56 51.66 -88.12
C VAL M 391 -30.23 52.38 -89.42
N ASN M 392 -30.78 51.90 -90.53
CA ASN M 392 -30.55 52.47 -91.83
C ASN M 392 -31.64 53.51 -92.15
N TYR M 393 -31.46 54.17 -93.29
CA TYR M 393 -32.47 55.10 -93.81
C TYR M 393 -33.48 54.32 -94.63
N LYS M 394 -34.49 55.01 -95.18
CA LYS M 394 -35.52 54.37 -95.99
C LYS M 394 -35.38 54.86 -97.43
N THR M 395 -35.00 53.94 -98.32
CA THR M 395 -34.88 54.25 -99.74
C THR M 395 -36.18 53.81 -100.43
N LEU M 396 -36.93 54.78 -100.93
CA LEU M 396 -38.19 54.48 -101.60
C LEU M 396 -37.93 53.90 -102.99
N ALA M 397 -39.02 53.73 -103.75
CA ALA M 397 -38.90 53.21 -105.10
C ALA M 397 -38.03 54.10 -105.97
N ASP M 398 -38.08 55.42 -105.74
CA ASP M 398 -37.19 56.33 -106.45
C ASP M 398 -35.73 56.08 -106.06
N GLY M 399 -35.48 55.82 -104.78
CA GLY M 399 -34.14 55.57 -104.28
C GLY M 399 -33.63 56.63 -103.31
N LYS M 400 -34.44 57.62 -102.97
CA LYS M 400 -34.00 58.67 -102.05
C LYS M 400 -33.93 58.13 -100.63
N PRO M 401 -32.79 58.25 -99.93
CA PRO M 401 -32.71 57.74 -98.56
C PRO M 401 -33.46 58.61 -97.57
N LEU M 402 -34.76 58.41 -97.44
CA LEU M 402 -35.57 59.21 -96.53
C LEU M 402 -35.34 58.76 -95.10
N PRO M 403 -34.97 59.66 -94.19
CA PRO M 403 -34.79 59.28 -92.79
C PRO M 403 -36.11 58.89 -92.14
N LEU M 404 -35.99 58.18 -91.01
CA LEU M 404 -37.16 57.75 -90.25
C LEU M 404 -37.78 58.91 -89.49
N THR M 405 -38.86 58.64 -88.76
CA THR M 405 -39.58 59.65 -88.00
C THR M 405 -39.33 59.48 -86.51
N ALA M 406 -39.77 60.47 -85.74
CA ALA M 406 -39.56 60.44 -84.29
C ALA M 406 -40.35 59.32 -83.64
N ASP M 407 -41.59 59.09 -84.09
CA ASP M 407 -42.40 58.03 -83.52
C ASP M 407 -41.77 56.66 -83.77
N GLN M 408 -41.28 56.43 -84.98
CA GLN M 408 -40.63 55.16 -85.29
C GLN M 408 -39.36 54.98 -84.46
N MET M 409 -38.60 56.07 -84.29
CA MET M 409 -37.40 56.00 -83.46
C MET M 409 -37.73 55.65 -82.01
N LYS M 410 -38.81 56.25 -81.48
CA LYS M 410 -39.25 55.92 -80.13
C LYS M 410 -39.67 54.47 -80.02
N GLN M 411 -40.37 53.96 -81.04
CA GLN M 411 -40.77 52.56 -81.05
C GLN M 411 -39.55 51.64 -81.06
N ILE M 412 -38.53 51.98 -81.85
CA ILE M 412 -37.30 51.18 -81.88
C ILE M 412 -36.62 51.20 -80.52
N GLU M 413 -36.58 52.39 -79.90
CA GLU M 413 -35.97 52.50 -78.57
C GLU M 413 -36.70 51.63 -77.55
N ASP M 414 -38.03 51.66 -77.57
CA ASP M 414 -38.81 50.85 -76.63
C ASP M 414 -38.60 49.36 -76.88
N LEU M 415 -38.60 48.95 -78.15
CA LEU M 415 -38.38 47.55 -78.48
C LEU M 415 -37.00 47.08 -78.03
N THR M 416 -35.98 47.91 -78.26
CA THR M 416 -34.63 47.55 -77.84
C THR M 416 -34.52 47.48 -76.33
N ARG M 417 -35.19 48.38 -75.62
CA ARG M 417 -35.20 48.35 -74.17
C ARG M 417 -35.85 47.06 -73.66
N GLU M 418 -36.94 46.66 -74.31
CA GLU M 418 -37.60 45.41 -73.93
C GLU M 418 -36.72 44.20 -74.20
N ALA M 419 -36.07 44.18 -75.37
CA ALA M 419 -35.24 43.03 -75.73
C ALA M 419 -34.01 42.91 -74.83
N MET M 420 -33.37 44.03 -74.53
CA MET M 420 -32.14 44.00 -73.75
C MET M 420 -32.40 43.78 -72.27
N GLY M 421 -33.66 43.76 -71.84
CA GLY M 421 -33.96 43.69 -70.42
C GLY M 421 -33.54 44.94 -69.68
N PHE M 422 -33.83 46.11 -70.23
CA PHE M 422 -33.34 47.36 -69.67
C PHE M 422 -33.84 47.55 -68.24
N SER M 423 -32.93 47.93 -67.36
CA SER M 423 -33.25 48.20 -65.97
C SER M 423 -32.44 49.40 -65.50
N ASP M 424 -32.99 50.12 -64.52
CA ASP M 424 -32.32 51.28 -63.96
C ASP M 424 -31.48 50.97 -62.73
N LYS M 425 -31.81 49.90 -61.99
CA LYS M 425 -30.96 49.50 -60.87
C LYS M 425 -29.59 49.06 -61.35
N ARG M 426 -29.54 48.32 -62.46
CA ARG M 426 -28.25 47.90 -63.02
C ARG M 426 -27.45 49.09 -63.50
N GLY M 427 -28.11 50.06 -64.12
CA GLY M 427 -27.43 51.20 -64.70
C GLY M 427 -27.25 51.06 -66.19
N ASP M 428 -28.24 50.42 -66.84
CA ASP M 428 -28.17 50.13 -68.26
C ASP M 428 -28.27 51.41 -69.08
N THR M 429 -27.51 51.49 -70.16
CA THR M 429 -27.56 52.61 -71.09
C THR M 429 -27.83 52.09 -72.48
N LEU M 430 -28.70 52.78 -73.22
CA LEU M 430 -29.07 52.41 -74.57
C LEU M 430 -28.96 53.63 -75.48
N ASN M 431 -28.40 53.44 -76.67
CA ASN M 431 -28.26 54.51 -77.66
C ASN M 431 -28.61 53.94 -79.03
N VAL M 432 -29.68 54.46 -79.62
CA VAL M 432 -30.09 54.11 -80.98
C VAL M 432 -30.05 55.37 -81.82
N VAL M 433 -29.29 55.33 -82.91
CA VAL M 433 -29.13 56.47 -83.81
C VAL M 433 -29.54 56.03 -85.21
N ASN M 434 -29.95 56.99 -86.03
CA ASN M 434 -30.37 56.73 -87.40
C ASN M 434 -29.36 57.36 -88.35
N SER M 435 -28.85 56.58 -89.29
CA SER M 435 -27.90 57.07 -90.27
C SER M 435 -27.90 56.16 -91.50
N PRO M 436 -27.65 56.70 -92.70
CA PRO M 436 -27.65 55.85 -93.89
C PRO M 436 -26.43 54.94 -93.92
N PHE M 437 -26.66 53.68 -94.25
CA PHE M 437 -25.57 52.71 -94.32
C PHE M 437 -24.70 52.96 -95.55
N SER M 438 -23.42 52.65 -95.41
CA SER M 438 -22.49 52.78 -96.53
C SER M 438 -22.62 51.60 -97.47
N ALA M 439 -22.14 51.79 -98.70
CA ALA M 439 -22.20 50.76 -99.72
C ALA M 439 -21.20 49.64 -99.42
N ASP N 229 5.89 33.39 -67.36
CA ASP N 229 4.99 32.29 -67.09
C ASP N 229 3.55 32.78 -66.92
N LEU N 230 3.19 33.10 -65.67
CA LEU N 230 1.85 33.62 -65.41
C LEU N 230 1.68 35.02 -66.00
N ASN N 231 2.78 35.79 -66.04
CA ASN N 231 2.72 37.14 -66.59
C ASN N 231 2.33 37.11 -68.07
N ASP N 232 2.86 36.14 -68.82
CA ASP N 232 2.52 36.03 -70.23
C ASP N 232 1.05 35.67 -70.40
N ALA N 233 0.51 34.79 -69.53
CA ALA N 233 -0.91 34.47 -69.60
C ALA N 233 -1.76 35.71 -69.31
N GLN N 234 -1.37 36.51 -68.31
CA GLN N 234 -2.10 37.74 -68.03
C GLN N 234 -2.05 38.70 -69.21
N LEU N 235 -0.88 38.81 -69.85
CA LEU N 235 -0.73 39.71 -70.98
C LEU N 235 -1.58 39.26 -72.16
N LYS N 236 -1.63 37.95 -72.42
CA LYS N 236 -2.48 37.43 -73.49
C LYS N 236 -3.95 37.67 -73.16
N PHE N 237 -4.33 37.53 -71.89
CA PHE N 237 -5.68 37.85 -71.47
C PHE N 237 -6.03 39.30 -71.77
N ALA N 238 -5.12 40.22 -71.43
CA ALA N 238 -5.33 41.64 -71.74
C ALA N 238 -5.43 41.89 -73.23
N ASN N 239 -4.57 41.22 -74.02
CA ASN N 239 -4.61 41.40 -75.47
C ASN N 239 -5.94 40.92 -76.06
N ASP N 240 -6.45 39.78 -75.60
CA ASP N 240 -7.73 39.31 -76.10
C ASP N 240 -8.87 40.24 -75.71
N VAL N 241 -8.87 40.75 -74.48
CA VAL N 241 -9.92 41.68 -74.08
C VAL N 241 -9.87 42.94 -74.94
N GLU N 242 -8.68 43.49 -75.15
CA GLU N 242 -8.54 44.70 -75.95
C GLU N 242 -8.98 44.45 -77.39
N SER N 243 -8.60 43.30 -77.96
CA SER N 243 -8.97 43.00 -79.34
C SER N 243 -10.49 42.87 -79.48
N ARG N 244 -11.14 42.24 -78.51
CA ARG N 244 -12.60 42.09 -78.60
C ARG N 244 -13.32 43.42 -78.42
N ILE N 245 -12.82 44.29 -77.54
CA ILE N 245 -13.42 45.63 -77.46
C ILE N 245 -13.23 46.38 -78.78
N GLN N 246 -12.03 46.28 -79.37
CA GLN N 246 -11.77 46.90 -80.66
C GLN N 246 -12.73 46.40 -81.73
N ARG N 247 -12.94 45.08 -81.78
CA ARG N 247 -13.83 44.51 -82.79
C ARG N 247 -15.26 44.95 -82.56
N ARG N 248 -15.70 45.03 -81.30
CA ARG N 248 -17.05 45.48 -81.02
C ARG N 248 -17.26 46.92 -81.47
N ILE N 249 -16.26 47.78 -81.24
CA ILE N 249 -16.36 49.17 -81.72
C ILE N 249 -16.43 49.21 -83.24
N GLU N 250 -15.53 48.46 -83.89
CA GLU N 250 -15.46 48.46 -85.35
C GLU N 250 -16.76 47.96 -85.98
N ALA N 251 -17.41 47.00 -85.32
CA ALA N 251 -18.63 46.40 -85.86
C ALA N 251 -19.74 47.43 -86.04
N ILE N 252 -19.91 48.32 -85.07
CA ILE N 252 -20.96 49.33 -85.19
C ILE N 252 -20.47 50.53 -85.99
N LEU N 253 -19.15 50.79 -85.97
CA LEU N 253 -18.65 51.97 -86.68
C LEU N 253 -18.51 51.70 -88.17
N SER N 254 -18.58 50.44 -88.58
CA SER N 254 -18.43 50.07 -89.99
C SER N 254 -19.63 50.44 -90.86
N PRO N 255 -20.88 50.08 -90.49
CA PRO N 255 -22.01 50.29 -91.41
C PRO N 255 -22.23 51.75 -91.82
N ILE N 256 -22.01 52.69 -90.91
CA ILE N 256 -22.23 54.10 -91.22
C ILE N 256 -20.97 54.72 -91.79
N VAL N 257 -19.79 54.57 -91.20
CA VAL N 257 -18.57 55.29 -91.70
C VAL N 257 -18.04 54.55 -92.91
N GLY N 258 -18.14 53.23 -92.93
CA GLY N 258 -17.69 52.43 -94.07
C GLY N 258 -16.54 51.54 -93.72
N ASN N 259 -16.37 50.42 -94.42
CA ASN N 259 -15.18 49.56 -94.19
C ASN N 259 -13.88 50.31 -94.42
N GLY N 260 -12.94 50.20 -93.48
CA GLY N 260 -11.61 50.85 -93.56
C GLY N 260 -11.65 52.34 -93.26
N ASN N 261 -12.80 52.93 -93.10
CA ASN N 261 -12.87 54.37 -92.89
C ASN N 261 -12.90 54.61 -91.39
N VAL N 262 -12.61 53.54 -90.65
CA VAL N 262 -12.55 53.67 -89.20
C VAL N 262 -11.49 52.73 -88.66
N HIS N 263 -10.66 53.24 -87.75
CA HIS N 263 -9.65 52.45 -87.05
C HIS N 263 -9.71 52.79 -85.57
N ALA N 264 -9.68 51.76 -84.73
CA ALA N 264 -9.71 51.94 -83.28
C ALA N 264 -8.74 50.97 -82.62
N GLN N 265 -8.14 51.41 -81.52
CA GLN N 265 -7.27 50.57 -80.69
C GLN N 265 -7.61 50.77 -79.23
N VAL N 266 -7.54 49.69 -78.46
CA VAL N 266 -7.97 49.67 -77.06
C VAL N 266 -6.81 49.25 -76.20
N THR N 267 -6.62 49.92 -75.07
CA THR N 267 -5.71 49.48 -74.02
C THR N 267 -6.50 49.32 -72.73
N ALA N 268 -6.17 48.30 -71.95
CA ALA N 268 -6.93 47.94 -70.76
C ALA N 268 -6.00 47.83 -69.56
N GLN N 269 -6.33 48.54 -68.49
CA GLN N 269 -5.67 48.36 -67.21
C GLN N 269 -6.47 47.36 -66.39
N LEU N 270 -5.88 46.19 -66.14
CA LEU N 270 -6.60 45.06 -65.57
C LEU N 270 -6.24 44.88 -64.10
N ASP N 271 -6.94 43.94 -63.47
CA ASP N 271 -6.82 43.66 -62.03
C ASP N 271 -6.43 42.20 -61.85
N PHE N 272 -5.16 41.95 -61.55
CA PHE N 272 -4.64 40.61 -61.32
C PHE N 272 -4.21 40.41 -59.88
N ALA N 273 -4.87 41.11 -58.96
CA ALA N 273 -4.55 41.06 -57.53
C ALA N 273 -5.67 40.30 -56.83
N ASN N 274 -5.30 39.20 -56.17
CA ASN N 274 -6.27 38.40 -55.43
C ASN N 274 -6.70 39.11 -54.15
N LYS N 275 -7.99 39.43 -54.04
CA LYS N 275 -8.53 40.09 -52.86
C LYS N 275 -9.65 39.26 -52.25
N GLU N 276 -9.65 39.20 -50.92
CA GLU N 276 -10.66 38.50 -50.15
C GLU N 276 -11.18 39.43 -49.08
N GLN N 277 -12.50 39.52 -48.94
CA GLN N 277 -13.09 40.50 -48.04
C GLN N 277 -14.27 39.88 -47.30
N THR N 278 -14.34 40.17 -46.00
CA THR N 278 -15.46 39.75 -45.15
C THR N 278 -16.05 41.00 -44.51
N GLU N 279 -17.35 41.20 -44.67
CA GLU N 279 -18.03 42.41 -44.21
C GLU N 279 -19.07 42.03 -43.18
N GLU N 280 -19.07 42.74 -42.06
CA GLU N 280 -20.05 42.57 -40.99
C GLU N 280 -20.79 43.87 -40.76
N HIS N 281 -22.12 43.80 -40.72
CA HIS N 281 -22.96 44.98 -40.55
C HIS N 281 -23.95 44.72 -39.42
N TYR N 282 -24.06 45.69 -38.52
CA TYR N 282 -25.02 45.64 -37.42
C TYR N 282 -26.05 46.75 -37.61
N SER N 283 -27.33 46.37 -37.55
CA SER N 283 -28.39 47.37 -37.61
C SER N 283 -28.43 48.16 -36.31
N PRO N 284 -28.52 49.48 -36.37
CA PRO N 284 -28.56 50.27 -35.13
C PRO N 284 -29.82 50.01 -34.34
N ASN N 285 -29.68 50.01 -33.01
CA ASN N 285 -30.80 49.75 -32.11
C ASN N 285 -30.93 50.83 -31.04
N GLY N 286 -30.43 52.04 -31.30
CA GLY N 286 -30.51 53.12 -30.34
C GLY N 286 -31.91 53.66 -30.13
N ASP N 287 -32.81 53.46 -31.10
CA ASP N 287 -34.19 53.91 -30.97
C ASP N 287 -34.99 52.78 -30.33
N ALA N 288 -35.80 53.12 -29.33
CA ALA N 288 -36.59 52.12 -28.60
C ALA N 288 -37.64 51.45 -29.49
N SER N 289 -38.01 52.06 -30.61
CA SER N 289 -39.03 51.48 -31.49
C SER N 289 -38.51 50.30 -32.30
N LYS N 290 -37.25 50.33 -32.73
CA LYS N 290 -36.68 49.23 -33.50
C LYS N 290 -35.76 48.34 -32.67
N ALA N 291 -35.72 48.52 -31.35
CA ALA N 291 -34.83 47.76 -30.49
C ALA N 291 -35.48 46.43 -30.12
N THR N 292 -34.75 45.34 -30.35
CA THR N 292 -35.22 44.01 -29.98
C THR N 292 -34.60 43.58 -28.66
N LEU N 293 -35.46 43.11 -27.75
CA LEU N 293 -35.03 42.82 -26.39
C LEU N 293 -35.28 41.36 -26.04
N ARG N 294 -34.37 40.82 -25.22
CA ARG N 294 -34.54 39.49 -24.63
C ARG N 294 -34.89 39.53 -23.15
N SER N 295 -34.25 40.40 -22.37
CA SER N 295 -34.54 40.50 -20.95
C SER N 295 -34.38 41.96 -20.54
N ARG N 296 -35.24 42.40 -19.63
CA ARG N 296 -35.26 43.78 -19.21
C ARG N 296 -35.66 43.86 -17.75
N GLN N 297 -34.83 44.51 -16.94
CA GLN N 297 -35.11 44.72 -15.52
C GLN N 297 -35.19 46.21 -15.25
N LEU N 298 -36.33 46.66 -14.75
CA LEU N 298 -36.59 48.08 -14.52
C LEU N 298 -37.04 48.25 -13.07
N ASN N 299 -36.10 48.66 -12.20
CA ASN N 299 -36.41 48.93 -10.81
C ASN N 299 -36.63 50.44 -10.65
N ILE N 300 -37.82 50.82 -10.19
CA ILE N 300 -38.20 52.21 -10.04
C ILE N 300 -38.60 52.47 -8.59
N SER N 301 -38.04 53.52 -8.01
CA SER N 301 -38.33 53.88 -6.62
C SER N 301 -38.52 55.38 -6.52
N GLU N 302 -39.57 55.80 -5.81
CA GLU N 302 -39.86 57.23 -5.60
C GLU N 302 -40.33 57.39 -4.16
N GLN N 303 -39.45 57.89 -3.30
CA GLN N 303 -39.76 58.11 -1.89
C GLN N 303 -39.94 59.61 -1.68
N VAL N 304 -41.18 60.09 -1.87
CA VAL N 304 -41.51 61.49 -1.68
C VAL N 304 -41.74 61.75 -0.21
N GLY N 305 -41.10 62.79 0.32
CA GLY N 305 -41.23 63.13 1.72
C GLY N 305 -42.12 64.33 1.97
N ALA N 353 -39.13 70.97 -3.86
CA ALA N 353 -39.43 69.57 -4.15
C ALA N 353 -39.41 68.73 -2.89
N GLY N 354 -38.94 69.33 -1.79
CA GLY N 354 -38.86 68.64 -0.53
C GLY N 354 -37.80 67.56 -0.54
N PRO N 355 -37.93 66.58 0.36
CA PRO N 355 -36.95 65.50 0.42
C PRO N 355 -37.29 64.36 -0.54
N ARG N 356 -37.42 64.67 -1.82
CA ARG N 356 -37.71 63.66 -2.82
C ARG N 356 -36.51 62.76 -3.05
N SER N 357 -36.78 61.53 -3.48
CA SER N 357 -35.72 60.57 -3.76
C SER N 357 -36.12 59.63 -4.88
N THR N 358 -35.70 59.94 -6.11
CA THR N 358 -36.01 59.09 -7.25
C THR N 358 -34.81 58.21 -7.60
N GLN N 359 -35.11 56.96 -7.95
CA GLN N 359 -34.06 55.99 -8.26
C GLN N 359 -34.59 55.05 -9.32
N ARG N 360 -33.90 54.97 -10.46
CA ARG N 360 -34.29 54.11 -11.57
C ARG N 360 -33.07 53.30 -12.01
N ASN N 361 -33.13 51.98 -11.82
CA ASN N 361 -32.08 51.05 -12.24
C ASN N 361 -32.63 50.23 -13.40
N GLU N 362 -32.09 50.46 -14.60
CA GLU N 362 -32.56 49.82 -15.81
C GLU N 362 -31.44 48.98 -16.43
N THR N 363 -31.73 47.71 -16.69
CA THR N 363 -30.81 46.79 -17.35
C THR N 363 -31.53 46.16 -18.53
N SER N 364 -30.92 46.23 -19.71
CA SER N 364 -31.54 45.75 -20.95
C SER N 364 -30.53 44.91 -21.72
N ASN N 365 -30.98 43.74 -22.19
CA ASN N 365 -30.20 42.89 -23.07
C ASN N 365 -30.86 42.86 -24.43
N TYR N 366 -30.10 43.16 -25.48
CA TYR N 366 -30.64 43.32 -26.81
C TYR N 366 -30.18 42.19 -27.73
N GLU N 367 -30.97 41.96 -28.78
CA GLU N 367 -30.60 41.10 -29.90
C GLU N 367 -30.59 41.95 -31.16
N VAL N 368 -29.52 41.87 -31.93
CA VAL N 368 -29.28 42.79 -33.03
C VAL N 368 -29.26 42.02 -34.35
N ASP N 369 -29.67 42.70 -35.41
CA ASP N 369 -29.58 42.16 -36.75
C ASP N 369 -28.11 42.08 -37.18
N ARG N 370 -27.78 41.03 -37.93
CA ARG N 370 -26.40 40.77 -38.29
C ARG N 370 -26.35 40.26 -39.72
N THR N 371 -25.40 40.78 -40.49
CA THR N 371 -25.25 40.42 -41.91
C THR N 371 -23.76 40.24 -42.19
N ILE N 372 -23.35 39.00 -42.44
CA ILE N 372 -21.97 38.70 -42.82
C ILE N 372 -21.92 38.45 -44.31
N ARG N 373 -21.10 39.22 -45.02
CA ARG N 373 -20.89 39.02 -46.45
C ARG N 373 -19.43 38.68 -46.71
N HIS N 374 -19.21 37.57 -47.40
CA HIS N 374 -17.88 37.11 -47.78
C HIS N 374 -17.74 37.21 -49.29
N THR N 375 -16.74 37.96 -49.73
CA THR N 375 -16.58 38.26 -51.16
C THR N 375 -15.17 37.94 -51.61
N LYS N 376 -15.06 37.21 -52.72
CA LYS N 376 -13.79 36.92 -53.37
C LYS N 376 -13.81 37.55 -54.74
N MET N 377 -13.12 38.67 -54.91
CA MET N 377 -13.13 39.38 -56.19
C MET N 377 -12.47 38.54 -57.27
N ASN N 378 -13.03 38.66 -58.48
CA ASN N 378 -12.49 37.93 -59.63
C ASN N 378 -11.14 38.49 -60.04
N VAL N 379 -10.25 37.60 -60.47
CA VAL N 379 -8.94 37.97 -60.97
C VAL N 379 -9.04 38.18 -62.47
N GLY N 380 -8.60 39.34 -62.93
CA GLY N 380 -8.70 39.71 -64.32
C GLY N 380 -9.76 40.75 -64.65
N ASP N 381 -10.32 41.44 -63.66
CA ASP N 381 -11.32 42.46 -63.92
C ASP N 381 -10.66 43.71 -64.50
N ILE N 382 -11.48 44.55 -65.11
CA ILE N 382 -11.02 45.77 -65.76
C ILE N 382 -11.08 46.92 -64.76
N GLU N 383 -9.97 47.66 -64.63
CA GLU N 383 -9.91 48.83 -63.77
C GLU N 383 -10.17 50.13 -64.49
N ARG N 384 -9.53 50.34 -65.64
CA ARG N 384 -9.64 51.61 -66.36
C ARG N 384 -9.39 51.33 -67.83
N LEU N 385 -10.36 51.72 -68.68
CA LEU N 385 -10.28 51.48 -70.11
C LEU N 385 -10.21 52.81 -70.85
N SER N 386 -9.18 52.97 -71.67
CA SER N 386 -9.05 54.13 -72.53
C SER N 386 -8.94 53.68 -73.98
N VAL N 387 -9.68 54.35 -74.85
CA VAL N 387 -9.84 53.89 -76.23
C VAL N 387 -9.57 55.07 -77.16
N ALA N 388 -8.77 54.81 -78.20
CA ALA N 388 -8.46 55.81 -79.22
C ALA N 388 -9.08 55.37 -80.54
N VAL N 389 -9.92 56.21 -81.12
CA VAL N 389 -10.61 55.93 -82.38
C VAL N 389 -10.31 57.06 -83.34
N VAL N 390 -9.99 56.70 -84.59
CA VAL N 390 -9.75 57.65 -85.65
C VAL N 390 -10.65 57.31 -86.84
N VAL N 391 -11.30 58.32 -87.40
CA VAL N 391 -12.17 58.13 -88.55
C VAL N 391 -11.59 58.85 -89.76
N ASN N 392 -12.04 58.48 -90.95
CA ASN N 392 -11.58 59.07 -92.19
C ASN N 392 -12.47 60.24 -92.59
N TYR N 393 -12.07 60.92 -93.67
CA TYR N 393 -12.89 61.97 -94.25
C TYR N 393 -13.87 61.36 -95.24
N LYS N 394 -14.69 62.18 -95.88
CA LYS N 394 -15.68 61.71 -96.84
C LYS N 394 -15.30 62.22 -98.22
N THR N 395 -14.91 61.30 -99.11
CA THR N 395 -14.56 61.64 -100.49
C THR N 395 -15.80 61.39 -101.35
N LEU N 396 -16.37 62.46 -101.90
CA LEU N 396 -17.55 62.34 -102.73
C LEU N 396 -17.18 61.79 -104.11
N ALA N 397 -18.17 61.77 -105.00
CA ALA N 397 -17.93 61.30 -106.37
C ALA N 397 -16.85 62.11 -107.07
N ASP N 398 -16.78 63.41 -106.78
CA ASP N 398 -15.70 64.22 -107.32
C ASP N 398 -14.35 63.78 -106.76
N GLY N 399 -14.30 63.44 -105.47
CA GLY N 399 -13.07 63.02 -104.82
C GLY N 399 -12.58 63.97 -103.75
N LYS N 400 -13.30 65.04 -103.45
CA LYS N 400 -12.87 65.98 -102.43
C LYS N 400 -13.06 65.39 -101.04
N PRO N 401 -12.02 65.35 -100.21
CA PRO N 401 -12.17 64.79 -98.86
C PRO N 401 -12.94 65.72 -97.93
N LEU N 402 -14.26 65.67 -97.99
CA LEU N 402 -15.08 66.53 -97.15
C LEU N 402 -15.10 66.01 -95.71
N PRO N 403 -14.75 66.82 -94.73
CA PRO N 403 -14.81 66.37 -93.33
C PRO N 403 -16.24 66.13 -92.87
N LEU N 404 -16.36 65.37 -91.78
CA LEU N 404 -17.66 65.06 -91.21
C LEU N 404 -18.24 66.26 -90.46
N THR N 405 -19.42 66.10 -89.89
CA THR N 405 -20.12 67.17 -89.19
C THR N 405 -20.09 66.91 -87.68
N ALA N 406 -20.51 67.93 -86.92
CA ALA N 406 -20.50 67.82 -85.47
C ALA N 406 -21.50 66.78 -84.98
N ASP N 407 -22.67 66.72 -85.60
CA ASP N 407 -23.68 65.75 -85.19
C ASP N 407 -23.19 64.32 -85.42
N GLN N 408 -22.57 64.08 -86.58
CA GLN N 408 -22.05 62.75 -86.86
C GLN N 408 -20.92 62.39 -85.89
N MET N 409 -20.07 63.36 -85.56
CA MET N 409 -19.01 63.11 -84.58
C MET N 409 -19.58 62.76 -83.22
N LYS N 410 -20.64 63.46 -82.80
CA LYS N 410 -21.29 63.16 -81.53
C LYS N 410 -21.89 61.75 -81.56
N GLN N 411 -22.49 61.38 -82.68
CA GLN N 411 -23.05 60.04 -82.82
C GLN N 411 -21.97 58.98 -82.71
N ILE N 412 -20.82 59.21 -83.36
CA ILE N 412 -19.70 58.27 -83.27
C ILE N 412 -19.21 58.17 -81.83
N GLU N 413 -19.11 59.31 -81.13
CA GLU N 413 -18.67 59.30 -79.75
C GLU N 413 -19.63 58.49 -78.88
N ASP N 414 -20.93 58.69 -79.06
CA ASP N 414 -21.92 57.95 -78.27
C ASP N 414 -21.85 56.45 -78.57
N LEU N 415 -21.74 56.09 -79.85
CA LEU N 415 -21.64 54.68 -80.21
C LEU N 415 -20.40 54.03 -79.63
N THR N 416 -19.27 54.73 -79.67
CA THR N 416 -18.04 54.19 -79.10
C THR N 416 -18.14 54.05 -77.59
N ARG N 417 -18.79 55.02 -76.94
CA ARG N 417 -19.00 54.93 -75.49
C ARG N 417 -19.85 53.72 -75.14
N GLU N 418 -20.90 53.47 -75.95
CA GLU N 418 -21.74 52.31 -75.72
C GLU N 418 -20.98 51.00 -75.93
N ALA N 419 -20.19 50.94 -77.02
CA ALA N 419 -19.46 49.72 -77.32
C ALA N 419 -18.39 49.41 -76.29
N MET N 420 -17.66 50.43 -75.85
CA MET N 420 -16.56 50.22 -74.92
C MET N 420 -17.03 49.98 -73.49
N GLY N 421 -18.34 50.10 -73.23
CA GLY N 421 -18.83 50.03 -71.87
C GLY N 421 -18.36 51.18 -71.01
N PHE N 422 -18.43 52.40 -71.54
CA PHE N 422 -17.89 53.57 -70.86
C PHE N 422 -18.54 53.76 -69.50
N SER N 423 -17.72 53.99 -68.48
CA SER N 423 -18.19 54.25 -67.13
C SER N 423 -17.31 55.33 -66.51
N ASP N 424 -17.89 56.08 -65.57
CA ASP N 424 -17.17 57.12 -64.87
C ASP N 424 -16.55 56.67 -63.56
N LYS N 425 -17.10 55.63 -62.92
CA LYS N 425 -16.47 55.08 -61.73
C LYS N 425 -15.09 54.48 -62.05
N ARG N 426 -14.99 53.78 -63.18
CA ARG N 426 -13.70 53.23 -63.59
C ARG N 426 -12.70 54.33 -63.90
N GLY N 427 -13.16 55.39 -64.55
CA GLY N 427 -12.27 56.46 -64.98
C GLY N 427 -11.93 56.34 -66.45
N ASP N 428 -12.87 55.86 -67.24
CA ASP N 428 -12.65 55.61 -68.66
C ASP N 428 -12.50 56.93 -69.41
N THR N 429 -11.60 56.95 -70.38
CA THR N 429 -11.38 58.10 -71.24
C THR N 429 -11.53 57.66 -72.69
N LEU N 430 -12.21 58.48 -73.50
CA LEU N 430 -12.42 58.20 -74.91
C LEU N 430 -12.05 59.44 -75.72
N ASN N 431 -11.36 59.22 -76.85
CA ASN N 431 -10.97 60.29 -77.75
C ASN N 431 -11.20 59.83 -79.19
N VAL N 432 -12.11 60.49 -79.88
CA VAL N 432 -12.38 60.25 -81.29
C VAL N 432 -12.08 61.52 -82.06
N VAL N 433 -11.18 61.43 -83.04
CA VAL N 433 -10.77 62.57 -83.85
C VAL N 433 -11.03 62.23 -85.32
N ASN N 434 -11.23 63.27 -86.13
CA ASN N 434 -11.48 63.10 -87.56
C ASN N 434 -10.28 63.64 -88.34
N SER N 435 -9.76 62.84 -89.25
CA SER N 435 -8.63 63.23 -90.06
C SER N 435 -8.57 62.38 -91.33
N PRO N 436 -8.10 62.92 -92.45
CA PRO N 436 -8.04 62.13 -93.68
C PRO N 436 -6.94 61.08 -93.60
N PHE N 437 -7.28 59.86 -94.03
CA PHE N 437 -6.32 58.77 -94.00
C PHE N 437 -5.27 58.95 -95.09
N SER N 438 -4.05 58.47 -94.81
CA SER N 438 -2.98 58.53 -95.78
C SER N 438 -3.12 57.40 -96.80
N ALA N 439 -2.47 57.59 -97.95
CA ALA N 439 -2.50 56.60 -99.01
C ALA N 439 -1.69 55.35 -98.65
N ASP O 229 18.76 34.75 -64.26
CA ASP O 229 17.70 33.75 -64.16
C ASP O 229 16.32 34.42 -64.15
N LEU O 230 15.82 34.73 -62.94
CA LEU O 230 14.54 35.41 -62.83
C LEU O 230 14.63 36.83 -63.37
N ASN O 231 15.79 37.46 -63.23
CA ASN O 231 15.97 38.83 -63.71
C ASN O 231 15.79 38.90 -65.22
N ASP O 232 16.30 37.91 -65.94
CA ASP O 232 16.12 37.88 -67.40
C ASP O 232 14.65 37.71 -67.77
N ALA O 233 13.92 36.88 -67.02
CA ALA O 233 12.49 36.75 -67.28
C ALA O 233 11.76 38.07 -67.05
N GLN O 234 12.10 38.77 -65.97
CA GLN O 234 11.50 40.08 -65.72
C GLN O 234 11.82 41.06 -66.83
N LEU O 235 13.06 41.05 -67.30
CA LEU O 235 13.48 41.96 -68.37
C LEU O 235 12.74 41.66 -69.67
N LYS O 236 12.57 40.38 -70.00
CA LYS O 236 11.80 40.02 -71.19
C LYS O 236 10.35 40.42 -71.06
N PHE O 237 9.79 40.29 -69.84
CA PHE O 237 8.43 40.75 -69.58
C PHE O 237 8.31 42.25 -69.85
N ALA O 238 9.27 43.03 -69.36
CA ALA O 238 9.27 44.47 -69.61
C ALA O 238 9.40 44.78 -71.09
N ASN O 239 10.27 44.06 -71.79
CA ASN O 239 10.45 44.28 -73.23
C ASN O 239 9.17 43.99 -74.00
N ASP O 240 8.47 42.90 -73.67
CA ASP O 240 7.21 42.61 -74.35
C ASP O 240 6.16 43.67 -74.07
N VAL O 241 6.05 44.12 -72.82
CA VAL O 241 5.07 45.17 -72.51
C VAL O 241 5.39 46.44 -73.30
N GLU O 242 6.66 46.84 -73.32
CA GLU O 242 7.04 48.05 -74.03
C GLU O 242 6.77 47.92 -75.53
N SER O 243 7.09 46.75 -76.11
CA SER O 243 6.87 46.54 -77.53
C SER O 243 5.38 46.60 -77.88
N ARG O 244 4.52 46.03 -77.03
CA ARG O 244 3.09 46.06 -77.30
C ARG O 244 2.51 47.47 -77.17
N ILE O 245 2.99 48.24 -76.19
CA ILE O 245 2.55 49.64 -76.10
C ILE O 245 3.00 50.40 -77.35
N GLN O 246 4.25 50.17 -77.78
CA GLN O 246 4.75 50.81 -78.99
C GLN O 246 3.89 50.47 -80.20
N ARG O 247 3.54 49.19 -80.35
CA ARG O 247 2.73 48.77 -81.49
C ARG O 247 1.34 49.37 -81.44
N ARG O 248 0.75 49.46 -80.24
CA ARG O 248 -0.57 50.07 -80.12
C ARG O 248 -0.54 51.54 -80.51
N ILE O 249 0.51 52.26 -80.11
CA ILE O 249 0.64 53.66 -80.52
C ILE O 249 0.79 53.76 -82.03
N GLU O 250 1.66 52.94 -82.61
CA GLU O 250 1.92 52.98 -84.04
C GLU O 250 0.68 52.67 -84.85
N ALA O 251 -0.16 51.77 -84.34
CA ALA O 251 -1.36 51.35 -85.05
C ALA O 251 -2.30 52.51 -85.33
N ILE O 252 -2.50 53.39 -84.34
CA ILE O 252 -3.40 54.52 -84.54
C ILE O 252 -2.66 55.67 -85.22
N LEU O 253 -1.34 55.76 -85.01
CA LEU O 253 -0.62 56.90 -85.58
C LEU O 253 -0.30 56.67 -87.06
N SER O 254 -0.47 55.44 -87.54
CA SER O 254 -0.18 55.10 -88.93
C SER O 254 -1.20 55.66 -89.93
N PRO O 255 -2.53 55.44 -89.75
CA PRO O 255 -3.48 55.82 -90.79
C PRO O 255 -3.47 57.31 -91.15
N ILE O 256 -3.27 58.19 -90.18
CA ILE O 256 -3.28 59.62 -90.44
C ILE O 256 -1.88 60.10 -90.80
N VAL O 257 -0.83 59.77 -90.07
CA VAL O 257 0.53 60.36 -90.37
C VAL O 257 1.13 59.60 -91.55
N GLY O 258 0.87 58.31 -91.65
CA GLY O 258 1.37 57.50 -92.76
C GLY O 258 2.36 56.45 -92.31
N ASN O 259 2.48 55.35 -93.04
CA ASN O 259 3.51 54.34 -92.71
C ASN O 259 4.92 54.93 -92.73
N GLY O 260 5.71 54.68 -91.68
CA GLY O 260 7.10 55.15 -91.55
C GLY O 260 7.21 56.63 -91.18
N ASN O 261 6.11 57.34 -91.15
CA ASN O 261 6.19 58.79 -90.88
C ASN O 261 5.98 58.96 -89.38
N VAL O 262 6.04 57.84 -88.66
CA VAL O 262 5.92 57.92 -87.22
C VAL O 262 6.79 56.83 -86.59
N HIS O 263 7.54 57.20 -85.56
CA HIS O 263 8.36 56.27 -84.77
C HIS O 263 8.14 56.56 -83.29
N ALA O 264 7.93 55.51 -82.51
CA ALA O 264 7.72 55.63 -81.07
C ALA O 264 8.48 54.53 -80.34
N GLN O 265 8.97 54.86 -79.15
CA GLN O 265 9.62 53.89 -78.27
C GLN O 265 9.11 54.08 -76.85
N VAL O 266 8.95 52.97 -76.13
CA VAL O 266 8.34 52.96 -74.81
C VAL O 266 9.32 52.35 -73.83
N THR O 267 9.43 52.96 -72.65
CA THR O 267 10.13 52.38 -71.51
C THR O 267 9.16 52.27 -70.34
N ALA O 268 9.27 51.19 -69.58
CA ALA O 268 8.32 50.88 -68.52
C ALA O 268 9.06 50.61 -67.22
N GLN O 269 8.67 51.33 -66.16
CA GLN O 269 9.13 51.03 -64.82
C GLN O 269 8.12 50.10 -64.16
N LEU O 270 8.52 48.86 -63.90
CA LEU O 270 7.61 47.81 -63.48
C LEU O 270 7.74 47.53 -61.99
N ASP O 271 6.86 46.66 -61.50
CA ASP O 271 6.75 46.32 -60.09
C ASP O 271 6.94 44.82 -59.92
N PHE O 272 8.11 44.40 -59.48
CA PHE O 272 8.44 43.00 -59.26
C PHE O 272 8.64 42.70 -57.78
N ALA O 273 7.96 43.45 -56.92
CA ALA O 273 8.08 43.31 -55.47
C ALA O 273 6.79 42.66 -54.95
N ASN O 274 6.93 41.51 -54.30
CA ASN O 274 5.79 40.81 -53.74
C ASN O 274 5.28 41.52 -52.50
N LYS O 275 4.04 42.00 -52.54
CA LYS O 275 3.42 42.68 -51.41
C LYS O 275 2.14 41.97 -50.99
N GLU O 276 1.95 41.86 -49.67
CA GLU O 276 0.78 41.26 -49.07
C GLU O 276 0.23 42.22 -48.03
N GLN O 277 -1.08 42.46 -48.06
CA GLN O 277 -1.66 43.47 -47.19
C GLN O 277 -2.99 42.99 -46.63
N THR O 278 -3.20 43.23 -45.34
CA THR O 278 -4.46 42.93 -44.67
C THR O 278 -4.98 44.22 -44.04
N GLU O 279 -6.22 44.59 -44.38
CA GLU O 279 -6.81 45.85 -43.94
C GLU O 279 -8.01 45.57 -43.06
N GLU O 280 -8.08 46.23 -41.91
CA GLU O 280 -9.20 46.14 -41.00
C GLU O 280 -9.81 47.52 -40.78
N HIS O 281 -11.13 47.61 -40.92
CA HIS O 281 -11.84 48.88 -40.81
C HIS O 281 -12.99 48.72 -39.83
N TYR O 282 -13.11 49.65 -38.89
CA TYR O 282 -14.21 49.69 -37.94
C TYR O 282 -15.07 50.92 -38.20
N SER O 283 -16.37 50.71 -38.33
CA SER O 283 -17.29 51.83 -38.48
C SER O 283 -17.41 52.57 -37.15
N PRO O 284 -17.33 53.90 -37.15
CA PRO O 284 -17.44 54.64 -35.89
C PRO O 284 -18.82 54.50 -35.28
N ASN O 285 -18.86 54.45 -33.95
CA ASN O 285 -20.11 54.30 -33.20
C ASN O 285 -20.26 55.35 -32.11
N GLY O 286 -19.58 56.49 -32.24
CA GLY O 286 -19.67 57.54 -31.25
C GLY O 286 -21.00 58.24 -31.19
N ASP O 287 -21.79 58.19 -32.27
CA ASP O 287 -23.11 58.80 -32.30
C ASP O 287 -24.12 57.76 -31.83
N ALA O 288 -25.01 58.16 -30.91
CA ALA O 288 -25.99 57.24 -30.37
C ALA O 288 -26.99 56.74 -31.39
N SER O 289 -27.13 57.43 -32.53
CA SER O 289 -28.08 57.01 -33.55
C SER O 289 -27.60 55.81 -34.36
N LYS O 290 -26.31 55.69 -34.62
CA LYS O 290 -25.77 54.57 -35.36
C LYS O 290 -25.09 53.54 -34.47
N ALA O 291 -25.21 53.67 -33.15
CA ALA O 291 -24.53 52.77 -32.22
C ALA O 291 -25.37 51.52 -32.01
N THR O 292 -24.76 50.36 -32.20
CA THR O 292 -25.43 49.09 -31.97
C THR O 292 -25.05 48.54 -30.59
N LEU O 293 -26.05 48.13 -29.83
CA LEU O 293 -25.87 47.75 -28.44
C LEU O 293 -26.33 46.32 -28.20
N ARG O 294 -25.61 45.63 -27.30
CA ARG O 294 -26.00 44.32 -26.80
C ARG O 294 -26.55 44.36 -25.39
N SER O 295 -25.92 45.11 -24.48
CA SER O 295 -26.38 45.21 -23.11
C SER O 295 -26.10 46.60 -22.60
N ARG O 296 -27.02 47.12 -21.80
CA ARG O 296 -26.93 48.49 -21.31
C ARG O 296 -27.51 48.55 -19.91
N GLN O 297 -26.73 49.07 -18.96
CA GLN O 297 -27.16 49.26 -17.59
C GLN O 297 -27.09 50.74 -17.26
N LEU O 298 -28.24 51.31 -16.88
CA LEU O 298 -28.35 52.75 -16.62
C LEU O 298 -28.97 52.92 -15.23
N ASN O 299 -28.11 53.17 -14.23
CA ASN O 299 -28.57 53.44 -12.87
C ASN O 299 -28.63 54.94 -12.67
N ILE O 300 -29.82 55.45 -12.34
CA ILE O 300 -30.04 56.88 -12.17
C ILE O 300 -30.60 57.13 -10.77
N SER O 301 -30.00 58.10 -10.07
CA SER O 301 -30.43 58.43 -8.72
C SER O 301 -30.46 59.94 -8.57
N GLU O 302 -31.53 60.46 -7.98
CA GLU O 302 -31.68 61.90 -7.73
C GLU O 302 -32.33 62.07 -6.35
N GLN O 303 -31.50 62.43 -5.37
CA GLN O 303 -31.98 62.65 -3.99
C GLN O 303 -32.00 64.15 -3.73
N VAL O 304 -33.13 64.77 -4.06
CA VAL O 304 -33.32 66.20 -3.85
C VAL O 304 -33.71 66.44 -2.39
N GLY O 305 -33.01 67.37 -1.74
CA GLY O 305 -33.30 67.68 -0.34
C GLY O 305 -34.07 68.97 -0.16
N ALA O 353 -29.56 75.38 -5.21
CA ALA O 353 -29.98 74.04 -5.62
C ALA O 353 -30.24 73.17 -4.40
N GLY O 354 -29.84 73.65 -3.22
CA GLY O 354 -30.02 72.92 -1.99
C GLY O 354 -29.09 71.72 -1.92
N PRO O 355 -29.46 70.73 -1.10
CA PRO O 355 -28.64 69.53 -0.97
C PRO O 355 -28.98 68.48 -2.02
N ARG O 356 -28.90 68.86 -3.29
CA ARG O 356 -29.17 67.92 -4.38
C ARG O 356 -28.06 66.89 -4.50
N SER O 357 -28.42 65.72 -5.02
CA SER O 357 -27.46 64.63 -5.20
C SER O 357 -27.81 63.79 -6.42
N THR O 358 -27.20 64.10 -7.56
CA THR O 358 -27.45 63.33 -8.77
C THR O 358 -26.33 62.33 -9.01
N GLN O 359 -26.72 61.13 -9.46
CA GLN O 359 -25.76 60.06 -9.68
C GLN O 359 -26.25 59.22 -10.86
N ARG O 360 -25.43 59.09 -11.89
CA ARG O 360 -25.77 58.32 -13.09
C ARG O 360 -24.61 57.39 -13.41
N ASN O 361 -24.85 56.08 -13.30
CA ASN O 361 -23.87 55.06 -13.63
C ASN O 361 -24.35 54.34 -14.89
N GLU O 362 -23.63 54.54 -15.99
CA GLU O 362 -24.01 54.01 -17.29
C GLU O 362 -22.92 53.06 -17.80
N THR O 363 -23.33 51.85 -18.16
CA THR O 363 -22.44 50.85 -18.74
C THR O 363 -23.06 50.35 -20.03
N SER O 364 -22.30 50.38 -21.12
CA SER O 364 -22.81 50.03 -22.44
C SER O 364 -21.82 49.10 -23.13
N ASN O 365 -22.33 48.02 -23.71
CA ASN O 365 -21.54 47.10 -24.52
C ASN O 365 -22.02 47.20 -25.96
N TYR O 366 -21.09 47.45 -26.88
CA TYR O 366 -21.43 47.71 -28.28
C TYR O 366 -20.99 46.56 -29.18
N GLU O 367 -21.65 46.47 -30.33
CA GLU O 367 -21.23 45.61 -31.44
C GLU O 367 -20.96 46.51 -32.64
N VAL O 368 -19.81 46.31 -33.27
CA VAL O 368 -19.33 47.23 -34.29
C VAL O 368 -19.22 46.52 -35.63
N ASP O 369 -19.39 47.29 -36.70
CA ASP O 369 -19.18 46.78 -38.04
C ASP O 369 -17.70 46.53 -38.28
N ARG O 370 -17.40 45.47 -39.02
CA ARG O 370 -16.03 45.06 -39.22
C ARG O 370 -15.84 44.59 -40.66
N THR O 371 -14.74 45.02 -41.28
CA THR O 371 -14.45 44.69 -42.68
C THR O 371 -12.97 44.35 -42.78
N ILE O 372 -12.68 43.07 -43.04
CA ILE O 372 -11.31 42.61 -43.25
C ILE O 372 -11.09 42.41 -44.74
N ARG O 373 -10.09 43.09 -45.29
CA ARG O 373 -9.72 42.93 -46.69
C ARG O 373 -8.29 42.42 -46.78
N HIS O 374 -8.11 41.30 -47.49
CA HIS O 374 -6.81 40.70 -47.72
C HIS O 374 -6.46 40.84 -49.20
N THR O 375 -5.32 41.47 -49.47
CA THR O 375 -4.95 41.81 -50.84
C THR O 375 -3.54 41.32 -51.11
N LYS O 376 -3.37 40.62 -52.24
CA LYS O 376 -2.06 40.20 -52.73
C LYS O 376 -1.83 40.87 -54.08
N MET O 377 -0.99 41.91 -54.08
CA MET O 377 -0.74 42.66 -55.31
C MET O 377 -0.06 41.78 -56.35
N ASN O 378 -0.42 42.01 -57.62
CA ASN O 378 0.16 41.27 -58.72
C ASN O 378 1.62 41.67 -58.93
N VAL O 379 2.44 40.68 -59.29
CA VAL O 379 3.85 40.91 -59.59
C VAL O 379 3.98 41.18 -61.08
N GLY O 380 4.60 42.30 -61.43
CA GLY O 380 4.73 42.72 -62.79
C GLY O 380 3.86 43.90 -63.20
N ASP O 381 3.26 44.61 -62.26
CA ASP O 381 2.44 45.76 -62.59
C ASP O 381 3.31 46.94 -63.02
N ILE O 382 2.68 47.89 -63.68
CA ILE O 382 3.37 49.07 -64.21
C ILE O 382 3.31 50.18 -63.17
N GLU O 383 4.46 50.77 -62.86
CA GLU O 383 4.56 51.88 -61.93
C GLU O 383 4.54 53.24 -62.63
N ARG O 384 5.37 53.42 -63.66
CA ARG O 384 5.50 54.71 -64.32
C ARG O 384 5.90 54.46 -65.76
N LEU O 385 5.12 54.98 -66.70
CA LEU O 385 5.35 54.79 -68.12
C LEU O 385 5.69 56.12 -68.78
N SER O 386 6.82 56.19 -69.46
CA SER O 386 7.21 57.36 -70.22
C SER O 386 7.45 56.94 -71.67
N VAL O 387 6.92 57.73 -72.60
CA VAL O 387 6.89 57.34 -74.00
C VAL O 387 7.42 58.51 -74.84
N ALA O 388 8.31 58.19 -75.78
CA ALA O 388 8.88 59.18 -76.69
C ALA O 388 8.39 58.86 -78.10
N VAL O 389 7.73 59.83 -78.74
CA VAL O 389 7.20 59.68 -80.09
C VAL O 389 7.75 60.79 -80.95
N VAL O 390 8.19 60.44 -82.16
CA VAL O 390 8.69 61.40 -83.14
C VAL O 390 7.92 61.20 -84.43
N VAL O 391 7.47 62.31 -85.04
CA VAL O 391 6.74 62.27 -86.29
C VAL O 391 7.56 62.95 -87.37
N ASN O 392 7.23 62.68 -88.63
CA ASN O 392 7.92 63.25 -89.77
C ASN O 392 7.24 64.54 -90.23
N TYR O 393 7.85 65.19 -91.20
CA TYR O 393 7.25 66.36 -91.84
C TYR O 393 6.36 65.91 -92.97
N LYS O 394 5.72 66.86 -93.66
CA LYS O 394 4.83 66.55 -94.77
C LYS O 394 5.44 67.05 -96.06
N THR O 395 5.83 66.12 -96.94
CA THR O 395 6.40 66.46 -98.24
C THR O 395 5.28 66.40 -99.27
N LEU O 396 4.91 67.55 -99.82
CA LEU O 396 3.85 67.61 -100.81
C LEU O 396 4.33 67.06 -102.15
N ALA O 397 3.47 67.21 -103.17
CA ALA O 397 3.83 66.75 -104.51
C ALA O 397 5.09 67.45 -105.03
N ASP O 398 5.27 68.72 -104.66
CA ASP O 398 6.50 69.41 -105.02
C ASP O 398 7.71 68.78 -104.31
N GLY O 399 7.54 68.39 -103.05
CA GLY O 399 8.60 67.80 -102.27
C GLY O 399 9.07 68.64 -101.10
N LYS O 400 8.44 69.78 -100.84
CA LYS O 400 8.84 70.63 -99.73
C LYS O 400 8.41 70.03 -98.41
N PRO O 401 9.31 69.82 -97.45
CA PRO O 401 8.91 69.23 -96.16
C PRO O 401 8.14 70.21 -95.28
N LEU O 402 6.84 70.33 -95.52
CA LEU O 402 6.02 71.26 -94.76
C LEU O 402 5.75 70.69 -93.36
N PRO O 403 6.05 71.43 -92.29
CA PRO O 403 5.77 70.94 -90.95
C PRO O 403 4.27 70.86 -90.68
N LEU O 404 3.91 70.09 -89.65
CA LEU O 404 2.52 69.91 -89.27
C LEU O 404 1.99 71.15 -88.55
N THR O 405 0.73 71.11 -88.14
CA THR O 405 0.08 72.25 -87.48
C THR O 405 -0.11 71.93 -85.99
N ALA O 406 -0.51 72.96 -85.25
CA ALA O 406 -0.71 72.81 -83.81
C ALA O 406 -1.88 71.88 -83.51
N ASP O 407 -2.97 71.99 -84.28
CA ASP O 407 -4.13 71.14 -84.05
C ASP O 407 -3.79 69.68 -84.29
N GLN O 408 -3.05 69.39 -85.36
CA GLN O 408 -2.65 68.02 -85.65
C GLN O 408 -1.71 67.49 -84.57
N MET O 409 -0.81 68.33 -84.08
CA MET O 409 0.08 67.92 -82.99
C MET O 409 -0.70 67.60 -81.72
N LYS O 410 -1.71 68.41 -81.42
CA LYS O 410 -2.57 68.14 -80.25
C LYS O 410 -3.32 66.83 -80.43
N GLN O 411 -3.81 66.57 -81.65
CA GLN O 411 -4.50 65.32 -81.92
C GLN O 411 -3.57 64.13 -81.72
N ILE O 412 -2.33 64.24 -82.20
CA ILE O 412 -1.36 63.16 -82.02
C ILE O 412 -1.07 62.94 -80.53
N GLU O 413 -0.93 64.04 -79.78
CA GLU O 413 -0.68 63.92 -78.35
C GLU O 413 -1.84 63.20 -77.65
N ASP O 414 -3.08 63.58 -77.99
CA ASP O 414 -4.24 62.93 -77.38
C ASP O 414 -4.31 61.46 -77.74
N LEU O 415 -4.06 61.13 -79.01
CA LEU O 415 -4.10 59.74 -79.43
C LEU O 415 -3.03 58.91 -78.72
N THR O 416 -1.82 59.47 -78.58
CA THR O 416 -0.76 58.76 -77.89
C THR O 416 -1.08 58.59 -76.41
N ARG O 417 -1.69 59.60 -75.80
CA ARG O 417 -2.09 59.49 -74.40
C ARG O 417 -3.12 58.37 -74.22
N GLU O 418 -4.07 58.29 -75.16
CA GLU O 418 -5.08 57.23 -75.10
C GLU O 418 -4.45 55.86 -75.29
N ALA O 419 -3.53 55.74 -76.26
CA ALA O 419 -2.93 54.44 -76.54
C ALA O 419 -2.05 53.97 -75.39
N MET O 420 -1.27 54.87 -74.81
CA MET O 420 -0.33 54.49 -73.75
C MET O 420 -1.02 54.26 -72.42
N GLY O 421 -2.32 54.54 -72.32
CA GLY O 421 -2.99 54.48 -71.04
C GLY O 421 -2.51 55.54 -70.07
N PHE O 422 -2.37 56.77 -70.54
CA PHE O 422 -1.78 57.84 -69.74
C PHE O 422 -2.60 58.07 -68.47
N SER O 423 -1.88 58.15 -67.35
CA SER O 423 -2.49 58.42 -66.05
C SER O 423 -1.59 59.36 -65.27
N ASP O 424 -2.21 60.13 -64.37
CA ASP O 424 -1.46 61.07 -63.53
C ASP O 424 -1.07 60.48 -62.18
N LYS O 425 -1.82 59.50 -61.67
CA LYS O 425 -1.42 58.84 -60.44
C LYS O 425 -0.11 58.09 -60.61
N ARG O 426 0.07 57.42 -61.75
CA ARG O 426 1.32 56.71 -62.01
C ARG O 426 2.48 57.70 -62.14
N GLY O 427 2.25 58.83 -62.79
CA GLY O 427 3.30 59.79 -63.05
C GLY O 427 3.83 59.68 -64.46
N ASP O 428 2.94 59.36 -65.40
CA ASP O 428 3.32 59.14 -66.79
C ASP O 428 3.72 60.45 -67.44
N THR O 429 4.75 60.39 -68.29
CA THR O 429 5.21 61.53 -69.06
C THR O 429 5.20 61.17 -70.53
N LEU O 430 4.74 62.09 -71.36
CA LEU O 430 4.69 61.89 -72.81
C LEU O 430 5.30 63.10 -73.51
N ASN O 431 6.10 62.84 -74.54
CA ASN O 431 6.74 63.88 -75.33
C ASN O 431 6.66 63.51 -76.81
N VAL O 432 5.93 64.30 -77.58
CA VAL O 432 5.82 64.14 -79.02
C VAL O 432 6.37 65.39 -79.69
N VAL O 433 7.37 65.23 -80.54
CA VAL O 433 8.02 66.33 -81.24
C VAL O 433 7.92 66.08 -82.74
N ASN O 434 7.96 67.15 -83.52
CA ASN O 434 7.88 67.08 -84.97
C ASN O 434 9.22 67.49 -85.56
N SER O 435 9.77 66.66 -86.44
CA SER O 435 11.04 66.94 -87.08
C SER O 435 11.16 66.13 -88.37
N PRO O 436 11.84 66.65 -89.38
CA PRO O 436 11.97 65.90 -90.65
C PRO O 436 12.91 64.72 -90.47
N PHE O 437 12.50 63.56 -91.00
CA PHE O 437 13.31 62.37 -90.91
C PHE O 437 14.51 62.45 -91.84
N SER O 438 15.60 61.82 -91.43
CA SER O 438 16.80 61.78 -92.26
C SER O 438 16.67 60.71 -93.34
N ALA O 439 17.49 60.85 -94.38
CA ALA O 439 17.47 59.91 -95.49
C ALA O 439 18.07 58.57 -95.10
N ASP P 229 31.15 34.38 -59.46
CA ASP P 229 29.98 33.52 -59.56
C ASP P 229 28.70 34.35 -59.68
N LEU P 230 28.10 34.68 -58.54
CA LEU P 230 26.90 35.51 -58.55
C LEU P 230 27.22 36.93 -59.00
N ASN P 231 28.42 37.41 -58.68
CA ASN P 231 28.82 38.75 -59.07
C ASN P 231 28.86 38.90 -60.59
N ASP P 232 29.34 37.87 -61.28
CA ASP P 232 29.35 37.91 -62.75
C ASP P 232 27.94 37.95 -63.31
N ALA P 233 27.01 37.19 -62.72
CA ALA P 233 25.63 37.24 -63.17
C ALA P 233 25.03 38.63 -62.96
N GLN P 234 25.32 39.26 -61.81
CA GLN P 234 24.84 40.61 -61.57
C GLN P 234 25.42 41.60 -62.58
N LEU P 235 26.72 41.44 -62.89
CA LEU P 235 27.36 42.33 -63.84
C LEU P 235 26.78 42.18 -65.24
N LYS P 236 26.51 40.94 -65.65
CA LYS P 236 25.87 40.71 -66.95
C LYS P 236 24.46 41.29 -66.97
N PHE P 237 23.74 41.18 -65.87
CA PHE P 237 22.42 41.80 -65.76
C PHE P 237 22.51 43.31 -65.95
N ALA P 238 23.49 43.95 -65.30
CA ALA P 238 23.69 45.39 -65.48
C ALA P 238 24.05 45.73 -66.91
N ASN P 239 24.92 44.93 -67.54
CA ASN P 239 25.31 45.18 -68.92
C ASN P 239 24.12 45.09 -69.87
N ASP P 240 23.26 44.07 -69.69
CA ASP P 240 22.08 43.97 -70.54
C ASP P 240 21.13 45.13 -70.34
N VAL P 241 20.90 45.56 -69.10
CA VAL P 241 20.04 46.71 -68.86
C VAL P 241 20.60 47.96 -69.54
N GLU P 242 21.90 48.19 -69.38
CA GLU P 242 22.52 49.37 -69.98
C GLU P 242 22.43 49.33 -71.49
N SER P 243 22.67 48.15 -72.08
CA SER P 243 22.63 48.02 -73.53
C SER P 243 21.23 48.28 -74.06
N ARG P 244 20.20 47.78 -73.37
CA ARG P 244 18.83 48.01 -73.82
C ARG P 244 18.41 49.47 -73.68
N ILE P 245 18.83 50.14 -72.60
CA ILE P 245 18.56 51.58 -72.52
C ILE P 245 19.27 52.33 -73.65
N GLN P 246 20.52 51.95 -73.93
CA GLN P 246 21.25 52.57 -75.04
C GLN P 246 20.53 52.37 -76.36
N ARG P 247 20.05 51.16 -76.62
CA ARG P 247 19.36 50.89 -77.88
C ARG P 247 18.04 51.66 -77.96
N ARG P 248 17.33 51.77 -76.85
CA ARG P 248 16.08 52.53 -76.86
C ARG P 248 16.33 54.01 -77.17
N ILE P 249 17.40 54.57 -76.61
CA ILE P 249 17.75 55.95 -76.92
C ILE P 249 18.11 56.09 -78.40
N GLU P 250 18.95 55.19 -78.90
CA GLU P 250 19.41 55.25 -80.29
C GLU P 250 18.24 55.13 -81.26
N ALA P 251 17.24 54.32 -80.91
CA ALA P 251 16.11 54.07 -81.79
C ALA P 251 15.35 55.35 -82.12
N ILE P 252 15.13 56.21 -81.12
CA ILE P 252 14.41 57.45 -81.38
C ILE P 252 15.36 58.54 -81.90
N LEU P 253 16.64 58.45 -81.51
CA LEU P 253 17.57 59.50 -81.94
C LEU P 253 18.05 59.30 -83.38
N SER P 254 17.81 58.11 -83.93
CA SER P 254 18.24 57.80 -85.29
C SER P 254 17.43 58.50 -86.38
N PRO P 255 16.08 58.44 -86.37
CA PRO P 255 15.32 58.98 -87.51
C PRO P 255 15.55 60.46 -87.80
N ILE P 256 15.72 61.27 -86.76
CA ILE P 256 15.91 62.71 -86.95
C ILE P 256 17.40 63.02 -87.11
N VAL P 257 18.30 62.55 -86.26
CA VAL P 257 19.74 62.97 -86.35
C VAL P 257 20.41 62.18 -87.48
N GLY P 258 20.01 60.93 -87.68
CA GLY P 258 20.56 60.10 -88.76
C GLY P 258 21.34 58.93 -88.24
N ASN P 259 21.43 57.85 -89.01
CA ASN P 259 22.28 56.70 -88.59
C ASN P 259 23.74 57.11 -88.40
N GLY P 260 24.34 56.73 -87.27
CA GLY P 260 25.75 57.02 -86.95
C GLY P 260 25.98 58.46 -86.49
N ASN P 261 24.99 59.30 -86.56
CA ASN P 261 25.19 60.71 -86.21
C ASN P 261 24.82 60.86 -84.75
N VAL P 262 24.64 59.72 -84.09
CA VAL P 262 24.34 59.76 -82.66
C VAL P 262 24.97 58.55 -81.98
N HIS P 263 25.64 58.79 -80.85
CA HIS P 263 26.22 57.74 -80.02
C HIS P 263 25.84 58.00 -78.56
N ALA P 264 25.41 56.95 -77.86
CA ALA P 264 25.03 57.06 -76.46
C ALA P 264 25.55 55.84 -75.70
N GLN P 265 25.90 56.06 -74.44
CA GLN P 265 26.31 54.99 -73.54
C GLN P 265 25.64 55.18 -72.19
N VAL P 266 25.26 54.09 -71.55
CA VAL P 266 24.48 54.10 -70.32
C VAL P 266 25.25 53.35 -69.25
N THR P 267 25.27 53.90 -68.04
CA THR P 267 25.74 53.19 -66.85
C THR P 267 24.60 53.16 -65.83
N ALA P 268 24.49 52.05 -65.11
CA ALA P 268 23.37 51.82 -64.20
C ALA P 268 23.90 51.42 -62.83
N GLN P 269 23.46 52.14 -61.80
CA GLN P 269 23.70 51.74 -60.42
C GLN P 269 22.50 50.92 -59.95
N LEU P 270 22.72 49.64 -59.70
CA LEU P 270 21.63 48.69 -59.46
C LEU P 270 21.53 48.35 -57.97
N ASP P 271 20.49 47.58 -57.65
CA ASP P 271 20.17 47.20 -56.28
C ASP P 271 20.14 45.69 -56.17
N PHE P 272 21.20 45.11 -55.60
CA PHE P 272 21.32 43.67 -55.42
C PHE P 272 21.28 43.30 -53.94
N ALA P 273 20.59 44.09 -53.13
CA ALA P 273 20.49 43.88 -51.69
C ALA P 273 19.08 43.39 -51.38
N ASN P 274 18.99 42.21 -50.77
CA ASN P 274 17.71 41.63 -50.40
C ASN P 274 17.13 42.36 -49.20
N LYS P 275 15.96 42.98 -49.37
CA LYS P 275 15.30 43.69 -48.29
C LYS P 275 13.90 43.14 -48.08
N GLU P 276 13.52 43.01 -46.81
CA GLU P 276 12.21 42.54 -46.39
C GLU P 276 11.65 43.52 -45.39
N GLN P 277 10.39 43.92 -45.56
CA GLN P 277 9.83 44.98 -44.74
C GLN P 277 8.39 44.64 -44.38
N THR P 278 8.03 44.86 -43.11
CA THR P 278 6.66 44.70 -42.62
C THR P 278 6.23 46.02 -42.00
N GLU P 279 5.10 46.55 -42.46
CA GLU P 279 4.61 47.86 -42.05
C GLU P 279 3.27 47.70 -41.35
N GLU P 280 3.13 48.32 -40.18
CA GLU P 280 1.90 48.34 -39.42
C GLU P 280 1.44 49.78 -39.23
N HIS P 281 0.16 50.04 -39.53
CA HIS P 281 -0.40 51.37 -39.44
C HIS P 281 -1.69 51.33 -38.62
N TYR P 282 -1.81 52.24 -37.66
CA TYR P 282 -3.02 52.38 -36.85
C TYR P 282 -3.68 53.71 -37.16
N SER P 283 -4.98 53.66 -37.47
CA SER P 283 -5.72 54.90 -37.67
C SER P 283 -5.93 55.60 -36.33
N PRO P 284 -5.69 56.91 -36.26
CA PRO P 284 -5.89 57.62 -34.99
C PRO P 284 -7.34 57.63 -34.57
N ASN P 285 -7.56 57.53 -33.26
CA ASN P 285 -8.91 57.52 -32.69
C ASN P 285 -9.08 58.54 -31.57
N GLY P 286 -8.25 59.59 -31.56
CA GLY P 286 -8.35 60.60 -30.52
C GLY P 286 -9.59 61.46 -30.61
N ASP P 287 -10.21 61.55 -31.78
CA ASP P 287 -11.44 62.32 -31.95
C ASP P 287 -12.62 61.40 -31.66
N ALA P 288 -13.57 61.87 -30.85
CA ALA P 288 -14.73 61.08 -30.48
C ALA P 288 -15.64 60.73 -31.65
N SER P 289 -15.54 61.47 -32.76
CA SER P 289 -16.38 61.21 -33.92
C SER P 289 -15.95 59.99 -34.71
N LYS P 290 -14.66 59.72 -34.81
CA LYS P 290 -14.16 58.56 -35.54
C LYS P 290 -13.74 57.42 -34.62
N ALA P 291 -14.01 57.51 -33.32
CA ALA P 291 -13.57 56.51 -32.36
C ALA P 291 -14.58 55.37 -32.33
N THR P 292 -14.09 54.14 -32.49
CA THR P 292 -14.92 52.96 -32.41
C THR P 292 -14.80 52.33 -31.04
N LEU P 293 -15.95 52.03 -30.42
CA LEU P 293 -15.99 51.57 -29.04
C LEU P 293 -16.64 50.20 -28.93
N ARG P 294 -16.14 49.40 -28.00
CA ARG P 294 -16.75 48.13 -27.62
C ARG P 294 -17.47 48.18 -26.28
N SER P 295 -16.88 48.82 -25.28
CA SER P 295 -17.50 48.91 -23.96
C SER P 295 -17.12 50.25 -23.35
N ARG P 296 -18.09 50.85 -22.64
CA ARG P 296 -17.90 52.18 -22.09
C ARG P 296 -18.65 52.27 -20.76
N GLN P 297 -17.95 52.66 -19.71
CA GLN P 297 -18.53 52.84 -18.39
C GLN P 297 -18.33 54.29 -17.97
N LEU P 298 -19.44 54.99 -17.72
CA LEU P 298 -19.42 56.42 -17.39
C LEU P 298 -20.18 56.62 -16.09
N ASN P 299 -19.46 56.73 -14.98
CA ASN P 299 -20.05 56.99 -13.68
C ASN P 299 -19.96 58.50 -13.41
N ILE P 300 -21.11 59.14 -13.21
CA ILE P 300 -21.19 60.58 -13.00
C ILE P 300 -21.89 60.84 -11.68
N SER P 301 -21.28 61.70 -10.85
CA SER P 301 -21.85 62.03 -9.55
C SER P 301 -21.70 63.53 -9.32
N GLU P 302 -22.78 64.17 -8.84
CA GLU P 302 -22.79 65.59 -8.56
C GLU P 302 -23.58 65.80 -7.26
N GLN P 303 -22.87 66.02 -6.16
CA GLN P 303 -23.49 66.24 -4.85
C GLN P 303 -23.38 67.72 -4.53
N VAL P 304 -24.37 68.49 -4.96
CA VAL P 304 -24.41 69.93 -4.69
C VAL P 304 -24.95 70.16 -3.30
N GLY P 305 -24.26 70.97 -2.51
CA GLY P 305 -24.68 71.26 -1.16
C GLY P 305 -25.31 72.64 -1.00
N ALA P 353 -19.44 78.61 -5.10
CA ALA P 353 -19.96 77.36 -5.62
C ALA P 353 -20.48 76.47 -4.49
N GLY P 354 -20.19 76.87 -3.25
CA GLY P 354 -20.60 76.11 -2.10
C GLY P 354 -19.86 74.81 -1.96
N PRO P 355 -20.45 73.85 -1.25
CA PRO P 355 -19.79 72.55 -1.08
C PRO P 355 -20.11 71.58 -2.22
N ARG P 356 -19.81 71.99 -3.46
CA ARG P 356 -20.06 71.14 -4.61
C ARG P 356 -19.07 69.98 -4.63
N SER P 357 -19.50 68.88 -5.25
CA SER P 357 -18.64 67.70 -5.36
C SER P 357 -18.93 66.95 -6.66
N THR P 358 -18.14 67.21 -7.69
CA THR P 358 -18.32 66.53 -8.98
C THR P 358 -17.30 65.40 -9.11
N GLN P 359 -17.77 64.28 -9.67
CA GLN P 359 -16.92 63.11 -9.83
C GLN P 359 -17.35 62.37 -11.09
N ARG P 360 -16.42 62.18 -12.02
CA ARG P 360 -16.68 61.50 -13.28
C ARG P 360 -15.61 60.44 -13.51
N ASN P 361 -16.02 59.18 -13.49
CA ASN P 361 -15.13 58.05 -13.75
C ASN P 361 -15.52 57.44 -15.10
N GLU P 362 -14.64 57.59 -16.08
CA GLU P 362 -14.90 57.15 -17.45
C GLU P 362 -13.88 56.10 -17.86
N THR P 363 -14.38 54.96 -18.33
CA THR P 363 -13.55 53.87 -18.84
C THR P 363 -14.05 53.50 -20.23
N SER P 364 -13.14 53.48 -21.21
CA SER P 364 -13.50 53.24 -22.60
C SER P 364 -12.55 52.22 -23.20
N ASN P 365 -13.10 51.22 -23.89
CA ASN P 365 -12.33 50.25 -24.64
C ASN P 365 -12.60 50.45 -26.13
N TYR P 366 -11.53 50.62 -26.91
CA TYR P 366 -11.65 50.98 -28.32
C TYR P 366 -11.23 49.82 -29.22
N GLU P 367 -11.74 49.84 -30.44
CA GLU P 367 -11.28 48.98 -31.52
C GLU P 367 -10.74 49.87 -32.63
N VAL P 368 -9.55 49.55 -33.12
CA VAL P 368 -8.83 50.45 -34.03
C VAL P 368 -8.63 49.78 -35.38
N ASP P 369 -8.57 50.60 -36.41
CA ASP P 369 -8.25 50.11 -37.75
C ASP P 369 -6.77 49.69 -37.80
N ARG P 370 -6.52 48.63 -38.57
CA ARG P 370 -5.18 48.06 -38.60
C ARG P 370 -4.86 47.62 -40.03
N THR P 371 -3.65 47.93 -40.48
CA THR P 371 -3.22 47.62 -41.83
C THR P 371 -1.79 47.08 -41.77
N ILE P 372 -1.62 45.80 -42.04
CA ILE P 372 -0.29 45.18 -42.10
C ILE P 372 0.10 45.01 -43.56
N ARG P 373 1.23 45.57 -43.95
CA ARG P 373 1.77 45.42 -45.30
C ARG P 373 3.12 44.74 -45.23
N HIS P 374 3.26 43.64 -45.96
CA HIS P 374 4.50 42.88 -46.05
C HIS P 374 5.06 43.03 -47.47
N THR P 375 6.29 43.53 -47.57
CA THR P 375 6.88 43.86 -48.85
C THR P 375 8.25 43.20 -48.97
N LYS P 376 8.48 42.54 -50.10
CA LYS P 376 9.78 41.97 -50.44
C LYS P 376 10.27 42.66 -51.70
N MET P 377 11.22 43.58 -51.56
CA MET P 377 11.71 44.34 -52.70
C MET P 377 12.42 43.42 -53.69
N ASN P 378 12.26 43.73 -54.97
CA ASN P 378 12.89 42.96 -56.03
C ASN P 378 14.41 43.19 -56.03
N VAL P 379 15.14 42.13 -56.33
CA VAL P 379 16.60 42.17 -56.44
C VAL P 379 16.96 42.48 -57.88
N GLY P 380 17.75 43.53 -58.08
CA GLY P 380 18.11 43.98 -59.41
C GLY P 380 17.44 45.27 -59.86
N ASP P 381 16.82 46.02 -58.96
CA ASP P 381 16.19 47.27 -59.34
C ASP P 381 17.24 48.35 -59.59
N ILE P 382 16.82 49.40 -60.28
CA ILE P 382 17.71 50.49 -60.65
C ILE P 382 17.64 51.56 -59.58
N GLU P 383 18.81 51.99 -59.09
CA GLU P 383 18.91 53.06 -58.11
C GLU P 383 19.15 54.43 -58.71
N ARG P 384 20.11 54.53 -59.63
CA ARG P 384 20.49 55.83 -60.21
C ARG P 384 21.05 55.58 -61.59
N LEU P 385 20.47 56.23 -62.60
CA LEU P 385 20.86 56.05 -63.98
C LEU P 385 21.43 57.36 -64.52
N SER P 386 22.65 57.30 -65.05
CA SER P 386 23.28 58.45 -65.70
C SER P 386 23.66 58.05 -67.11
N VAL P 387 23.35 58.93 -68.06
CA VAL P 387 23.46 58.60 -69.48
C VAL P 387 24.23 59.72 -70.18
N ALA P 388 25.20 59.33 -71.01
CA ALA P 388 26.00 60.27 -71.79
C ALA P 388 25.67 60.07 -73.27
N VAL P 389 25.22 61.13 -73.93
CA VAL P 389 24.85 61.09 -75.35
C VAL P 389 25.65 62.16 -76.08
N VAL P 390 26.20 61.80 -77.23
CA VAL P 390 26.93 62.72 -78.09
C VAL P 390 26.33 62.67 -79.48
N VAL P 391 26.10 63.85 -80.07
CA VAL P 391 25.54 63.94 -81.42
C VAL P 391 26.58 64.55 -82.36
N ASN P 392 26.38 64.36 -83.66
CA ASN P 392 27.28 64.89 -84.66
C ASN P 392 26.83 66.26 -85.14
N TYR P 393 27.64 66.88 -85.99
CA TYR P 393 27.28 68.13 -86.63
C TYR P 393 26.48 67.83 -87.91
N LYS P 394 26.07 68.88 -88.62
CA LYS P 394 25.29 68.71 -89.85
C LYS P 394 26.14 69.19 -91.02
N THR P 395 26.53 68.25 -91.88
CA THR P 395 27.30 68.56 -93.08
C THR P 395 26.32 68.67 -94.25
N LEU P 396 26.17 69.88 -94.79
CA LEU P 396 25.27 70.11 -95.90
C LEU P 396 25.86 69.56 -97.20
N ALA P 397 25.17 69.83 -98.30
CA ALA P 397 25.65 69.39 -99.61
C ALA P 397 27.03 69.94 -99.93
N ASP P 398 27.31 71.16 -99.48
CA ASP P 398 28.66 71.71 -99.63
C ASP P 398 29.67 70.91 -98.82
N GLY P 399 29.29 70.50 -97.61
CA GLY P 399 30.17 69.76 -96.73
C GLY P 399 30.56 70.49 -95.46
N LYS P 400 30.05 71.68 -95.23
CA LYS P 400 30.40 72.45 -94.03
C LYS P 400 29.71 71.84 -92.81
N PRO P 401 30.45 71.49 -91.75
CA PRO P 401 29.82 70.92 -90.56
C PRO P 401 29.06 71.95 -89.74
N LEU P 402 27.83 72.24 -90.13
CA LEU P 402 27.03 73.24 -89.43
C LEU P 402 26.51 72.67 -88.12
N PRO P 403 26.75 73.32 -86.99
CA PRO P 403 26.23 72.82 -85.71
C PRO P 403 24.72 72.92 -85.65
N LEU P 404 24.14 72.17 -84.72
CA LEU P 404 22.69 72.15 -84.52
C LEU P 404 22.22 73.41 -83.81
N THR P 405 20.92 73.52 -83.56
CA THR P 405 20.34 74.70 -82.94
C THR P 405 19.91 74.37 -81.51
N ALA P 406 19.53 75.41 -80.77
CA ALA P 406 19.13 75.23 -79.37
C ALA P 406 17.83 74.44 -79.27
N ASP P 407 16.88 74.72 -80.16
CA ASP P 407 15.60 74.00 -80.14
C ASP P 407 15.80 72.52 -80.41
N GLN P 408 16.63 72.19 -81.40
CA GLN P 408 16.90 70.79 -81.69
C GLN P 408 17.61 70.11 -80.52
N MET P 409 18.54 70.81 -79.88
CA MET P 409 19.22 70.25 -78.71
C MET P 409 18.23 69.99 -77.58
N LYS P 410 17.30 70.91 -77.36
CA LYS P 410 16.28 70.70 -76.32
C LYS P 410 15.40 69.50 -76.67
N GLN P 411 15.05 69.35 -77.95
CA GLN P 411 14.26 68.20 -78.37
C GLN P 411 15.00 66.90 -78.12
N ILE P 412 16.31 66.87 -78.43
CA ILE P 412 17.11 65.68 -78.18
C ILE P 412 17.17 65.38 -76.68
N GLU P 413 17.33 66.42 -75.87
CA GLU P 413 17.37 66.22 -74.42
C GLU P 413 16.06 65.63 -73.91
N ASP P 414 14.93 66.17 -74.39
CA ASP P 414 13.63 65.66 -73.96
C ASP P 414 13.43 64.21 -74.41
N LEU P 415 13.80 63.90 -75.64
CA LEU P 415 13.66 62.54 -76.14
C LEU P 415 14.52 61.56 -75.34
N THR P 416 15.75 61.96 -75.02
CA THR P 416 16.63 61.09 -74.24
C THR P 416 16.09 60.91 -72.82
N ARG P 417 15.53 61.97 -72.25
CA ARG P 417 14.93 61.86 -70.92
C ARG P 417 13.77 60.89 -70.93
N GLU P 418 12.94 60.94 -71.99
CA GLU P 418 11.82 60.02 -72.11
C GLU P 418 12.30 58.59 -72.28
N ALA P 419 13.32 58.38 -73.14
CA ALA P 419 13.80 57.03 -73.40
C ALA P 419 14.46 56.41 -72.17
N MET P 420 15.25 57.20 -71.45
CA MET P 420 15.99 56.67 -70.30
C MET P 420 15.10 56.48 -69.09
N GLY P 421 13.85 56.90 -69.14
CA GLY P 421 13.01 56.89 -67.96
C GLY P 421 13.48 57.84 -66.89
N PHE P 422 13.82 59.06 -67.27
CA PHE P 422 14.41 60.02 -66.34
C PHE P 422 13.48 60.30 -65.17
N SER P 423 14.04 60.27 -63.96
CA SER P 423 13.30 60.57 -62.75
C SER P 423 14.19 61.35 -61.81
N ASP P 424 13.57 62.17 -60.96
CA ASP P 424 14.29 62.96 -59.99
C ASP P 424 14.43 62.30 -58.63
N LYS P 425 13.51 61.39 -58.27
CA LYS P 425 13.66 60.64 -57.03
C LYS P 425 14.88 59.74 -57.07
N ARG P 426 15.13 59.10 -58.21
CA ARG P 426 16.31 58.25 -58.36
C ARG P 426 17.59 59.09 -58.28
N GLY P 427 17.58 60.27 -58.90
CA GLY P 427 18.76 61.10 -58.97
C GLY P 427 19.45 60.98 -60.30
N ASP P 428 18.67 60.79 -61.36
CA ASP P 428 19.19 60.57 -62.69
C ASP P 428 19.84 61.84 -63.23
N THR P 429 20.96 61.68 -63.94
CA THR P 429 21.65 62.80 -64.58
C THR P 429 21.80 62.49 -66.07
N LEU P 430 21.57 63.49 -66.90
CA LEU P 430 21.67 63.35 -68.35
C LEU P 430 22.52 64.49 -68.90
N ASN P 431 23.41 64.17 -69.83
CA ASN P 431 24.27 65.15 -70.48
C ASN P 431 24.34 64.84 -71.97
N VAL P 432 23.82 65.75 -72.79
CA VAL P 432 23.90 65.65 -74.24
C VAL P 432 24.67 66.85 -74.77
N VAL P 433 25.75 66.58 -75.49
CA VAL P 433 26.61 67.63 -76.04
C VAL P 433 26.68 67.45 -77.55
N ASN P 434 26.95 68.53 -78.27
CA ASN P 434 27.06 68.52 -79.72
C ASN P 434 28.51 68.79 -80.11
N SER P 435 29.07 67.92 -80.94
CA SER P 435 30.44 68.05 -81.41
C SER P 435 30.64 67.29 -82.71
N PRO P 436 31.49 67.75 -83.61
CA PRO P 436 31.70 67.04 -84.87
C PRO P 436 32.46 65.74 -84.64
N PHE P 437 31.99 64.67 -85.28
CA PHE P 437 32.63 63.38 -85.15
C PHE P 437 33.95 63.35 -85.92
N SER P 438 34.89 62.57 -85.40
CA SER P 438 36.17 62.41 -86.07
C SER P 438 36.06 61.40 -87.22
N ALA P 439 37.03 61.48 -88.12
CA ALA P 439 37.05 60.59 -89.29
C ALA P 439 37.43 59.17 -88.88
N ASP Q 229 42.67 32.30 -53.14
CA ASP Q 229 41.43 31.60 -53.43
C ASP Q 229 40.29 32.58 -53.68
N LEU Q 230 39.57 32.94 -52.61
CA LEU Q 230 38.50 33.92 -52.74
C LEU Q 230 39.04 35.31 -53.06
N ASN Q 231 40.24 35.62 -52.57
CA ASN Q 231 40.84 36.92 -52.84
C ASN Q 231 41.10 37.11 -54.32
N ASP Q 232 41.54 36.06 -55.00
CA ASP Q 232 41.76 36.15 -56.45
C ASP Q 232 40.44 36.38 -57.19
N ALA Q 233 39.37 35.72 -56.75
CA ALA Q 233 38.07 35.96 -57.37
C ALA Q 233 37.62 37.41 -57.18
N GLN Q 234 37.82 37.94 -55.97
CA GLN Q 234 37.48 39.35 -55.72
C GLN Q 234 38.30 40.28 -56.59
N LEU Q 235 39.60 39.98 -56.75
CA LEU Q 235 40.47 40.81 -57.57
C LEU Q 235 40.06 40.78 -59.03
N LYS Q 236 39.70 39.60 -59.54
CA LYS Q 236 39.22 39.50 -60.92
C LYS Q 236 37.90 40.25 -61.10
N PHE Q 237 37.03 40.20 -60.09
CA PHE Q 237 35.80 40.97 -60.12
C PHE Q 237 36.10 42.46 -60.22
N ALA Q 238 37.04 42.96 -59.42
CA ALA Q 238 37.44 44.36 -59.50
C ALA Q 238 38.03 44.71 -60.86
N ASN Q 239 38.87 43.83 -61.40
CA ASN Q 239 39.46 44.07 -62.72
C ASN Q 239 38.41 44.16 -63.81
N ASP Q 240 37.42 43.26 -63.79
CA ASP Q 240 36.35 43.33 -64.79
C ASP Q 240 35.53 44.60 -64.66
N VAL Q 241 35.20 45.00 -63.43
CA VAL Q 241 34.44 46.24 -63.25
C VAL Q 241 35.23 47.43 -63.78
N GLU Q 242 36.52 47.50 -63.44
CA GLU Q 242 37.35 48.62 -63.89
C GLU Q 242 37.47 48.63 -65.41
N SER Q 243 37.64 47.46 -66.02
CA SER Q 243 37.78 47.38 -67.47
C SER Q 243 36.50 47.83 -68.17
N ARG Q 244 35.34 47.45 -67.63
CA ARG Q 244 34.08 47.86 -68.24
C ARG Q 244 33.83 49.35 -68.08
N ILE Q 245 34.18 49.93 -66.93
CA ILE Q 245 34.06 51.39 -66.81
C ILE Q 245 34.99 52.08 -67.80
N GLN Q 246 36.22 51.56 -67.94
CA GLN Q 246 37.16 52.12 -68.91
C GLN Q 246 36.60 52.07 -70.32
N ARG Q 247 36.02 50.93 -70.70
CA ARG Q 247 35.48 50.79 -72.05
C ARG Q 247 34.30 51.72 -72.27
N ARG Q 248 33.44 51.88 -71.25
CA ARG Q 248 32.31 52.79 -71.38
C ARG Q 248 32.79 54.23 -71.59
N ILE Q 249 33.82 54.64 -70.85
CA ILE Q 249 34.37 55.99 -71.06
C ILE Q 249 34.94 56.12 -72.46
N GLU Q 250 35.73 55.13 -72.89
CA GLU Q 250 36.36 55.18 -74.20
C GLU Q 250 35.34 55.24 -75.33
N ALA Q 251 34.21 54.56 -75.15
CA ALA Q 251 33.18 54.49 -76.18
C ALA Q 251 32.64 55.86 -76.53
N ILE Q 252 32.39 56.70 -75.54
CA ILE Q 252 31.86 58.04 -75.82
C ILE Q 252 33.00 59.00 -76.15
N LEU Q 253 34.19 58.75 -75.62
CA LEU Q 253 35.29 59.70 -75.86
C LEU Q 253 35.93 59.47 -77.23
N SER Q 254 35.62 58.35 -77.87
CA SER Q 254 36.19 58.03 -79.19
C SER Q 254 35.62 58.87 -80.34
N PRO Q 255 34.28 58.99 -80.50
CA PRO Q 255 33.75 59.65 -81.70
C PRO Q 255 34.20 61.10 -81.88
N ILE Q 256 34.33 61.85 -80.78
CA ILE Q 256 34.71 63.25 -80.87
C ILE Q 256 36.23 63.38 -80.82
N VAL Q 257 36.95 62.77 -79.90
CA VAL Q 257 38.43 63.01 -79.78
C VAL Q 257 39.13 62.18 -80.86
N GLY Q 258 38.62 61.01 -81.17
CA GLY Q 258 39.21 60.15 -82.20
C GLY Q 258 39.77 58.87 -81.66
N ASN Q 259 39.83 57.82 -82.46
CA ASN Q 259 40.47 56.56 -81.99
C ASN Q 259 41.94 56.79 -81.59
N GLY Q 260 42.34 56.28 -80.42
CA GLY Q 260 43.71 56.40 -79.90
C GLY Q 260 44.05 57.77 -79.34
N ASN Q 261 43.17 58.73 -79.49
CA ASN Q 261 43.50 60.09 -79.05
C ASN Q 261 42.95 60.24 -77.64
N VAL Q 262 42.57 59.11 -77.07
CA VAL Q 262 42.08 59.13 -75.69
C VAL Q 262 42.48 57.83 -75.01
N HIS Q 263 43.00 57.94 -73.78
CA HIS Q 263 43.33 56.81 -72.93
C HIS Q 263 42.79 57.07 -71.54
N ALA Q 264 42.15 56.05 -70.95
CA ALA Q 264 41.60 56.15 -69.61
C ALA Q 264 41.86 54.85 -68.85
N GLN Q 265 42.08 54.98 -67.54
CA GLN Q 265 42.23 53.83 -66.65
C GLN Q 265 41.42 54.07 -65.39
N VAL Q 266 40.82 53.00 -64.86
CA VAL Q 266 39.89 53.08 -63.75
C VAL Q 266 40.41 52.19 -62.63
N THR Q 267 40.34 52.69 -61.40
CA THR Q 267 40.56 51.90 -60.20
C THR Q 267 39.31 51.97 -59.33
N ALA Q 268 38.96 50.85 -58.69
CA ALA Q 268 37.71 50.74 -57.94
C ALA Q 268 38.00 50.23 -56.54
N GLN Q 269 37.52 50.96 -55.54
CA GLN Q 269 37.52 50.48 -54.16
C GLN Q 269 36.18 49.80 -53.89
N LEU Q 270 36.20 48.49 -53.67
CA LEU Q 270 35.01 47.67 -53.63
C LEU Q 270 34.67 47.30 -52.19
N ASP Q 271 33.51 46.66 -52.04
CA ASP Q 271 32.95 46.28 -50.74
C ASP Q 271 32.74 44.77 -50.72
N PHE Q 272 33.63 44.05 -50.04
CA PHE Q 272 33.55 42.60 -49.92
C PHE Q 272 33.27 42.18 -48.48
N ALA Q 273 32.58 43.03 -47.73
CA ALA Q 273 32.27 42.78 -46.33
C ALA Q 273 30.78 42.46 -46.22
N ASN Q 274 30.48 41.28 -45.70
CA ASN Q 274 29.09 40.85 -45.52
C ASN Q 274 28.45 41.60 -44.37
N LYS Q 275 27.40 42.38 -44.66
CA LYS Q 275 26.68 43.12 -43.64
C LYS Q 275 25.21 42.74 -43.63
N GLU Q 276 24.65 42.61 -42.43
CA GLU Q 276 23.25 42.30 -42.22
C GLU Q 276 22.69 43.30 -41.23
N GLN Q 277 21.52 43.87 -41.55
CA GLN Q 277 20.98 44.95 -40.74
C GLN Q 277 19.48 44.78 -40.60
N THR Q 278 18.98 45.00 -39.38
CA THR Q 278 17.55 44.99 -39.07
C THR Q 278 17.20 46.33 -38.46
N GLU Q 279 16.21 47.01 -39.02
CA GLU Q 279 15.83 48.36 -38.61
C GLU Q 279 14.39 48.35 -38.09
N GLU Q 280 14.18 48.94 -36.93
CA GLU Q 280 12.86 49.08 -36.33
C GLU Q 280 12.56 50.55 -36.12
N HIS Q 281 11.38 50.99 -36.57
CA HIS Q 281 10.97 52.38 -36.49
C HIS Q 281 9.59 52.46 -35.85
N TYR Q 282 9.45 53.34 -34.87
CA TYR Q 282 8.17 53.61 -34.21
C TYR Q 282 7.72 55.02 -34.54
N SER Q 283 6.48 55.15 -35.01
CA SER Q 283 5.91 56.47 -35.24
C SER Q 283 5.61 57.15 -33.91
N PRO Q 284 5.99 58.42 -33.74
CA PRO Q 284 5.72 59.09 -32.47
C PRO Q 284 4.24 59.28 -32.24
N ASN Q 285 3.82 59.16 -30.97
CA ASN Q 285 2.43 59.29 -30.58
C ASN Q 285 2.23 60.28 -29.44
N GLY Q 286 3.17 61.22 -29.26
CA GLY Q 286 3.06 62.21 -28.20
C GLY Q 286 1.95 63.22 -28.40
N ASP Q 287 1.50 63.42 -29.64
CA ASP Q 287 0.40 64.34 -29.92
C ASP Q 287 -0.90 63.57 -29.85
N ALA Q 288 -1.89 64.13 -29.13
CA ALA Q 288 -3.17 63.46 -28.95
C ALA Q 288 -3.95 63.28 -30.25
N SER Q 289 -3.62 64.04 -31.29
CA SER Q 289 -4.32 63.93 -32.57
C SER Q 289 -3.94 62.68 -33.36
N LYS Q 290 -2.68 62.27 -33.31
CA LYS Q 290 -2.24 61.08 -34.02
C LYS Q 290 -2.07 59.86 -33.12
N ALA Q 291 -2.51 59.95 -31.86
CA ALA Q 291 -2.32 58.86 -30.91
C ALA Q 291 -3.46 57.85 -31.05
N THR Q 292 -3.10 56.58 -31.22
CA THR Q 292 -4.07 55.51 -31.31
C THR Q 292 -4.21 54.82 -29.96
N LEU Q 293 -5.45 54.64 -29.52
CA LEU Q 293 -5.73 54.15 -28.18
C LEU Q 293 -6.56 52.87 -28.23
N ARG Q 294 -6.28 51.98 -27.27
CA ARG Q 294 -7.08 50.79 -27.04
C ARG Q 294 -7.97 50.88 -25.81
N SER Q 295 -7.44 51.39 -24.70
CA SER Q 295 -8.22 51.52 -23.48
C SER Q 295 -7.78 52.78 -22.76
N ARG Q 296 -8.73 53.47 -22.14
CA ARG Q 296 -8.47 54.74 -21.50
C ARG Q 296 -9.37 54.88 -20.28
N GLN Q 297 -8.77 55.14 -19.13
CA GLN Q 297 -9.51 55.35 -17.88
C GLN Q 297 -9.19 56.75 -17.38
N LEU Q 298 -10.23 57.57 -17.23
CA LEU Q 298 -10.09 58.97 -16.83
C LEU Q 298 -10.99 59.22 -15.62
N ASN Q 299 -10.41 59.20 -14.44
CA ASN Q 299 -11.13 59.50 -13.21
C ASN Q 299 -10.90 60.96 -12.85
N ILE Q 300 -11.99 61.74 -12.77
CA ILE Q 300 -11.92 63.16 -12.49
C ILE Q 300 -12.75 63.46 -11.25
N SER Q 301 -12.17 64.20 -10.32
CA SER Q 301 -12.85 64.57 -9.09
C SER Q 301 -12.57 66.03 -8.77
N GLU Q 302 -13.62 66.77 -8.40
CA GLU Q 302 -13.50 68.19 -8.04
C GLU Q 302 -14.42 68.44 -6.86
N GLN Q 303 -13.84 68.53 -5.66
CA GLN Q 303 -14.60 68.78 -4.43
C GLN Q 303 -14.36 70.22 -4.01
N VAL Q 304 -15.18 71.13 -4.53
CA VAL Q 304 -15.09 72.55 -4.20
C VAL Q 304 -15.78 72.80 -2.88
N GLY Q 305 -15.10 73.48 -1.97
CA GLY Q 305 -15.67 73.78 -0.66
C GLY Q 305 -16.14 75.21 -0.52
N ALA Q 353 -9.12 80.55 -3.52
CA ALA Q 353 -9.70 79.39 -4.17
C ALA Q 353 -10.46 78.53 -3.16
N GLY Q 354 -10.30 78.85 -1.88
CA GLY Q 354 -10.96 78.12 -0.83
C GLY Q 354 -10.39 76.72 -0.67
N PRO Q 355 -11.19 75.82 -0.08
CA PRO Q 355 -10.72 74.44 0.10
C PRO Q 355 -10.99 73.56 -1.11
N ARG Q 356 -10.49 73.98 -2.28
CA ARG Q 356 -10.67 73.20 -3.49
C ARG Q 356 -9.84 71.93 -3.45
N SER Q 357 -10.30 70.91 -4.17
CA SER Q 357 -9.59 69.64 -4.25
C SER Q 357 -9.79 68.98 -5.61
N THR Q 358 -8.84 69.18 -6.51
CA THR Q 358 -8.94 68.57 -7.83
C THR Q 358 -8.04 67.33 -7.90
N GLN Q 359 -8.57 66.30 -8.57
CA GLN Q 359 -7.84 65.02 -8.68
C GLN Q 359 -8.19 64.40 -10.03
N ARG Q 360 -7.16 64.12 -10.84
CA ARG Q 360 -7.34 63.53 -12.16
C ARG Q 360 -6.38 62.36 -12.28
N ASN Q 361 -6.93 61.15 -12.39
CA ASN Q 361 -6.16 59.92 -12.59
C ASN Q 361 -6.44 59.42 -14.01
N GLU Q 362 -5.42 59.49 -14.86
CA GLU Q 362 -5.55 59.14 -16.27
C GLU Q 362 -4.62 57.98 -16.60
N THR Q 363 -5.17 56.93 -17.19
CA THR Q 363 -4.42 55.77 -17.64
C THR Q 363 -4.77 55.52 -19.10
N SER Q 364 -3.75 55.41 -19.96
CA SER Q 364 -3.95 55.26 -21.39
C SER Q 364 -3.05 54.16 -21.92
N ASN Q 365 -3.63 53.26 -22.73
CA ASN Q 365 -2.87 52.23 -23.42
C ASN Q 365 -2.91 52.52 -24.92
N TYR Q 366 -1.75 52.58 -25.54
CA TYR Q 366 -1.63 52.99 -26.94
C TYR Q 366 -1.23 51.82 -27.83
N GLU Q 367 -1.57 51.95 -29.10
CA GLU Q 367 -1.08 51.08 -30.16
C GLU Q 367 -0.30 51.94 -31.15
N VAL Q 368 0.91 51.49 -31.50
CA VAL Q 368 1.85 52.32 -32.25
C VAL Q 368 2.14 51.67 -33.60
N ASP Q 369 2.43 52.52 -34.58
CA ASP Q 369 2.88 52.04 -35.88
C ASP Q 369 4.27 51.45 -35.78
N ARG Q 370 4.51 50.39 -36.54
CA ARG Q 370 5.76 49.65 -36.44
C ARG Q 370 6.20 49.24 -37.84
N THR Q 371 7.49 49.41 -38.11
CA THR Q 371 8.07 49.09 -39.42
C THR Q 371 9.40 48.38 -39.18
N ILE Q 372 9.45 47.10 -39.51
CA ILE Q 372 10.70 46.32 -39.44
C ILE Q 372 11.24 46.15 -40.83
N ARG Q 373 12.49 46.58 -41.04
CA ARG Q 373 13.17 46.41 -42.31
C ARG Q 373 14.42 45.56 -42.11
N HIS Q 374 14.52 44.48 -42.88
CA HIS Q 374 15.67 43.58 -42.85
C HIS Q 374 16.42 43.71 -44.16
N THR Q 375 17.70 44.05 -44.08
CA THR Q 375 18.50 44.35 -45.26
C THR Q 375 19.78 43.54 -45.24
N LYS Q 376 20.08 42.89 -46.36
CA LYS Q 376 21.33 42.18 -46.56
C LYS Q 376 22.08 42.84 -47.72
N MET Q 377 23.09 43.64 -47.39
CA MET Q 377 23.83 44.36 -48.43
C MET Q 377 24.54 43.40 -49.37
N ASN Q 378 24.59 43.77 -50.65
CA ASN Q 378 25.26 42.96 -51.64
C ASN Q 378 26.78 43.00 -51.44
N VAL Q 379 27.41 41.87 -51.70
CA VAL Q 379 28.87 41.74 -51.62
C VAL Q 379 29.46 42.06 -52.99
N GLY Q 380 30.38 42.99 -53.03
CA GLY Q 380 30.97 43.45 -54.26
C GLY Q 380 30.52 44.83 -54.74
N ASP Q 381 29.87 45.61 -53.90
CA ASP Q 381 29.46 46.94 -54.28
C ASP Q 381 30.65 47.89 -54.35
N ILE Q 382 30.46 49.02 -55.02
CA ILE Q 382 31.51 50.00 -55.23
C ILE Q 382 31.43 51.03 -54.11
N GLU Q 383 32.56 51.29 -53.46
CA GLU Q 383 32.66 52.30 -52.41
C GLU Q 383 33.15 53.66 -52.92
N ARG Q 384 34.22 53.66 -53.69
CA ARG Q 384 34.82 54.92 -54.14
C ARG Q 384 35.53 54.65 -55.47
N LEU Q 385 35.17 55.42 -56.50
CA LEU Q 385 35.73 55.24 -57.84
C LEU Q 385 36.50 56.48 -58.23
N SER Q 386 37.78 56.29 -58.60
CA SER Q 386 38.61 57.37 -59.10
C SER Q 386 39.13 56.98 -60.47
N VAL Q 387 39.05 57.92 -61.42
CA VAL Q 387 39.32 57.64 -62.82
C VAL Q 387 40.30 58.67 -63.35
N ALA Q 388 41.31 58.19 -64.08
CA ALA Q 388 42.32 59.05 -64.70
C ALA Q 388 42.17 58.94 -66.21
N VAL Q 389 41.94 60.08 -66.87
CA VAL Q 389 41.77 60.14 -68.31
C VAL Q 389 42.77 61.12 -68.88
N VAL Q 390 43.42 60.74 -69.98
CA VAL Q 390 44.37 61.59 -70.69
C VAL Q 390 43.95 61.66 -72.15
N VAL Q 391 43.95 62.88 -72.71
CA VAL Q 391 43.59 63.08 -74.10
C VAL Q 391 44.80 63.60 -74.86
N ASN Q 392 44.77 63.48 -76.18
CA ASN Q 392 45.85 63.92 -77.05
C ASN Q 392 45.62 65.36 -77.50
N TYR Q 393 46.61 65.90 -78.21
CA TYR Q 393 46.48 67.21 -78.83
C TYR Q 393 45.85 67.05 -80.20
N LYS Q 394 45.65 68.16 -80.91
CA LYS Q 394 45.04 68.14 -82.23
C LYS Q 394 46.08 68.55 -83.26
N THR Q 395 46.47 67.60 -84.11
CA THR Q 395 47.42 67.86 -85.19
C THR Q 395 46.63 68.12 -86.46
N LEU Q 396 46.70 69.36 -86.96
CA LEU Q 396 45.99 69.74 -88.16
C LEU Q 396 46.68 69.16 -89.40
N ALA Q 397 46.17 69.57 -90.56
CA ALA Q 397 46.76 69.11 -91.82
C ALA Q 397 48.23 69.50 -91.93
N ASP Q 398 48.60 70.66 -91.38
CA ASP Q 398 50.01 71.04 -91.34
C ASP Q 398 50.80 70.09 -90.45
N GLY Q 399 50.22 69.69 -89.31
CA GLY Q 399 50.87 68.81 -88.37
C GLY Q 399 51.18 69.44 -87.03
N LYS Q 400 50.78 70.69 -86.80
CA LYS Q 400 51.06 71.35 -85.53
C LYS Q 400 50.16 70.80 -84.44
N PRO Q 401 50.70 70.33 -83.32
CA PRO Q 401 49.85 69.80 -82.24
C PRO Q 401 49.12 70.88 -81.48
N LEU Q 402 47.99 71.34 -82.01
CA LEU Q 402 47.22 72.40 -81.37
C LEU Q 402 46.47 71.85 -80.16
N PRO Q 403 46.64 72.43 -78.97
CA PRO Q 403 45.89 71.95 -77.80
C PRO Q 403 44.41 72.24 -77.93
N LEU Q 404 43.63 71.52 -77.12
CA LEU Q 404 42.17 71.68 -77.11
C LEU Q 404 41.77 72.98 -76.41
N THR Q 405 40.47 73.25 -76.33
CA THR Q 405 39.95 74.45 -75.73
C THR Q 405 39.29 74.13 -74.38
N ALA Q 406 38.95 75.18 -73.64
CA ALA Q 406 38.35 75.01 -72.32
C ALA Q 406 36.96 74.38 -72.42
N ASP Q 407 36.18 74.81 -73.42
CA ASP Q 407 34.83 74.26 -73.59
C ASP Q 407 34.89 72.76 -73.91
N GLN Q 408 35.80 72.37 -74.80
CA GLN Q 408 35.94 70.96 -75.12
C GLN Q 408 36.40 70.16 -73.91
N MET Q 409 37.31 70.72 -73.12
CA MET Q 409 37.76 70.04 -71.90
C MET Q 409 36.61 69.86 -70.92
N LYS Q 410 35.76 70.88 -70.78
CA LYS Q 410 34.60 70.76 -69.89
C LYS Q 410 33.63 69.70 -70.41
N GLN Q 411 33.45 69.63 -71.73
CA GLN Q 411 32.58 68.61 -72.31
C GLN Q 411 33.13 67.22 -72.02
N ILE Q 412 34.45 67.04 -72.18
CA ILE Q 412 35.07 65.75 -71.88
C ILE Q 412 34.88 65.38 -70.41
N GLU Q 413 35.06 66.37 -69.53
CA GLU Q 413 34.88 66.12 -68.09
C GLU Q 413 33.45 65.69 -67.79
N ASP Q 414 32.48 66.36 -68.38
CA ASP Q 414 31.08 66.01 -68.15
C ASP Q 414 30.77 64.61 -68.69
N LEU Q 415 31.26 64.31 -69.89
CA LEU Q 415 31.03 62.98 -70.47
C LEU Q 415 31.65 61.89 -69.62
N THR Q 416 32.87 62.12 -69.12
CA THR Q 416 33.52 61.12 -68.27
C THR Q 416 32.78 60.96 -66.95
N ARG Q 417 32.28 62.06 -66.39
CA ARG Q 417 31.50 61.98 -65.16
C ARG Q 417 30.23 61.15 -65.38
N GLU Q 418 29.59 61.35 -66.52
CA GLU Q 418 28.38 60.58 -66.84
C GLU Q 418 28.70 59.10 -67.02
N ALA Q 419 29.79 58.80 -67.74
CA ALA Q 419 30.15 57.41 -68.02
C ALA Q 419 30.55 56.68 -66.75
N MET Q 420 31.33 57.32 -65.89
CA MET Q 420 31.84 56.67 -64.68
C MET Q 420 30.78 56.55 -63.60
N GLY Q 421 29.61 57.14 -63.80
CA GLY Q 421 28.62 57.18 -62.73
C GLY Q 421 29.06 58.03 -61.56
N PHE Q 422 29.60 59.22 -61.83
CA PHE Q 422 30.16 60.05 -60.80
C PHE Q 422 29.12 60.41 -59.74
N SER Q 423 29.50 60.26 -58.48
CA SER Q 423 28.65 60.61 -57.36
C SER Q 423 29.50 61.24 -56.26
N ASP Q 424 28.87 62.10 -55.46
CA ASP Q 424 29.54 62.77 -54.37
C ASP Q 424 29.41 62.04 -53.04
N LYS Q 425 28.36 61.24 -52.85
CA LYS Q 425 28.25 60.44 -51.63
C LYS Q 425 29.35 59.40 -51.56
N ARG Q 426 29.67 58.77 -52.70
CA ARG Q 426 30.76 57.79 -52.73
C ARG Q 426 32.10 58.45 -52.45
N GLY Q 427 32.31 59.64 -53.01
CA GLY Q 427 33.58 60.32 -52.87
C GLY Q 427 34.43 60.16 -54.11
N ASP Q 428 33.77 60.12 -55.27
CA ASP Q 428 34.45 59.87 -56.54
C ASP Q 428 35.30 61.08 -56.92
N THR Q 429 36.48 60.81 -57.50
CA THR Q 429 37.38 61.84 -57.98
C THR Q 429 37.69 61.57 -59.44
N LEU Q 430 37.68 62.62 -60.26
CA LEU Q 430 37.97 62.52 -61.68
C LEU Q 430 39.01 63.56 -62.06
N ASN Q 431 39.97 63.17 -62.88
CA ASN Q 431 41.02 64.07 -63.36
C ASN Q 431 41.25 63.79 -64.85
N VAL Q 432 40.96 64.79 -65.68
CA VAL Q 432 41.22 64.73 -67.11
C VAL Q 432 42.19 65.85 -67.46
N VAL Q 433 43.32 65.47 -68.06
CA VAL Q 433 44.35 66.43 -68.44
C VAL Q 433 44.61 66.29 -69.95
N ASN Q 434 45.10 67.36 -70.56
CA ASN Q 434 45.39 67.38 -71.99
C ASN Q 434 46.91 67.47 -72.17
N SER Q 435 47.47 66.57 -72.98
CA SER Q 435 48.89 66.55 -73.25
C SER Q 435 49.17 65.81 -74.55
N PRO Q 436 50.19 66.21 -75.31
CA PRO Q 436 50.48 65.51 -76.57
C PRO Q 436 51.04 64.13 -76.31
N PHE Q 437 50.53 63.14 -77.06
CA PHE Q 437 50.99 61.77 -76.92
C PHE Q 437 52.39 61.60 -77.50
N SER Q 438 53.16 60.70 -76.91
CA SER Q 438 54.50 60.40 -77.42
C SER Q 438 54.42 59.47 -78.62
N ALA Q 439 55.49 59.44 -79.39
CA ALA Q 439 55.57 58.61 -80.59
C ALA Q 439 55.72 57.14 -80.21
N ASP R 229 52.90 28.59 -45.52
CA ASP R 229 51.64 28.05 -46.00
C ASP R 229 50.66 29.19 -46.34
N LEU R 230 49.87 29.60 -45.34
CA LEU R 230 48.94 30.70 -45.56
C LEU R 230 49.68 32.02 -45.75
N ASN R 231 50.84 32.15 -45.09
CA ASN R 231 51.62 33.38 -45.21
C ASN R 231 52.09 33.60 -46.64
N ASP R 232 52.49 32.52 -47.32
CA ASP R 232 52.91 32.63 -48.72
C ASP R 232 51.74 33.05 -49.60
N ALA R 233 50.55 32.51 -49.34
CA ALA R 233 49.38 32.94 -50.11
C ALA R 233 49.09 34.42 -49.89
N GLN R 234 49.18 34.89 -48.65
CA GLN R 234 48.98 36.31 -48.38
C GLN R 234 50.02 37.16 -49.09
N LEU R 235 51.28 36.71 -49.09
CA LEU R 235 52.35 37.46 -49.74
C LEU R 235 52.14 37.53 -51.24
N LYS R 236 51.70 36.41 -51.86
CA LYS R 236 51.41 36.43 -53.28
C LYS R 236 50.22 37.34 -53.60
N PHE R 237 49.23 37.36 -52.72
CA PHE R 237 48.11 38.28 -52.86
C PHE R 237 48.59 39.73 -52.86
N ALA R 238 49.47 40.07 -51.91
CA ALA R 238 50.04 41.42 -51.86
C ALA R 238 50.84 41.73 -53.12
N ASN R 239 51.64 40.77 -53.60
CA ASN R 239 52.43 41.00 -54.80
C ASN R 239 51.55 41.25 -56.01
N ASP R 240 50.47 40.48 -56.17
CA ASP R 240 49.56 40.71 -57.29
C ASP R 240 48.89 42.07 -57.20
N VAL R 241 48.44 42.48 -56.00
CA VAL R 241 47.82 43.78 -55.87
C VAL R 241 48.81 44.89 -56.22
N GLU R 242 50.04 44.79 -55.72
CA GLU R 242 51.05 45.81 -56.01
C GLU R 242 51.37 45.85 -57.49
N SER R 243 51.48 44.69 -58.14
CA SER R 243 51.80 44.66 -59.57
C SER R 243 50.69 45.29 -60.40
N ARG R 244 49.43 45.02 -60.03
CA ARG R 244 48.32 45.61 -60.78
C ARG R 244 48.22 47.12 -60.58
N ILE R 245 48.48 47.61 -59.37
CA ILE R 245 48.53 49.06 -59.18
C ILE R 245 49.66 49.67 -60.00
N GLN R 246 50.82 49.01 -60.01
CA GLN R 246 51.95 49.48 -60.82
C GLN R 246 51.58 49.55 -62.30
N ARG R 247 50.92 48.50 -62.81
CA ARG R 247 50.55 48.47 -64.22
C ARG R 247 49.52 49.55 -64.54
N ARG R 248 48.57 49.79 -63.63
CA ARG R 248 47.59 50.83 -63.86
C ARG R 248 48.24 52.21 -63.92
N ILE R 249 49.22 52.46 -63.05
CA ILE R 249 49.94 53.73 -63.11
C ILE R 249 50.71 53.85 -64.43
N GLU R 250 51.43 52.79 -64.80
CA GLU R 250 52.24 52.81 -66.01
C GLU R 250 51.38 53.03 -67.26
N ALA R 251 50.17 52.49 -67.25
CA ALA R 251 49.29 52.57 -68.41
C ALA R 251 48.96 54.02 -68.77
N ILE R 252 48.68 54.86 -67.77
CA ILE R 252 48.36 56.25 -68.05
C ILE R 252 49.63 57.07 -68.18
N LEU R 253 50.71 56.67 -67.51
CA LEU R 253 51.93 57.47 -67.57
C LEU R 253 52.72 57.23 -68.85
N SER R 254 52.37 56.17 -69.58
CA SER R 254 53.07 55.83 -70.82
C SER R 254 52.76 56.77 -71.99
N PRO R 255 51.47 57.05 -72.32
CA PRO R 255 51.20 57.82 -73.55
C PRO R 255 51.84 59.20 -73.59
N ILE R 256 51.90 59.89 -72.45
CA ILE R 256 52.45 61.25 -72.41
C ILE R 256 53.95 61.18 -72.16
N VAL R 257 54.47 60.45 -71.18
CA VAL R 257 55.94 60.50 -70.87
C VAL R 257 56.68 59.64 -71.88
N GLY R 258 56.08 58.54 -72.32
CA GLY R 258 56.69 57.66 -73.32
C GLY R 258 57.02 56.30 -72.77
N ASN R 259 57.06 55.27 -73.60
CA ASN R 259 57.48 53.93 -73.13
C ASN R 259 58.89 53.95 -72.54
N GLY R 260 59.07 53.37 -71.35
CA GLY R 260 60.37 53.29 -70.65
C GLY R 260 60.78 54.60 -69.99
N ASN R 261 60.06 55.66 -70.20
CA ASN R 261 60.49 56.96 -69.65
C ASN R 261 59.78 57.12 -68.32
N VAL R 262 59.18 56.02 -67.86
CA VAL R 262 58.53 56.05 -66.55
C VAL R 262 58.66 54.69 -65.89
N HIS R 263 59.04 54.70 -64.61
CA HIS R 263 59.12 53.50 -63.79
C HIS R 263 58.42 53.77 -62.46
N ALA R 264 57.60 52.83 -62.01
CA ALA R 264 56.89 52.95 -60.74
C ALA R 264 56.89 51.60 -60.02
N GLN R 265 56.95 51.65 -58.69
CA GLN R 265 56.84 50.47 -57.85
C GLN R 265 55.90 50.76 -56.70
N VAL R 266 55.11 49.75 -56.30
CA VAL R 266 54.05 49.91 -55.32
C VAL R 266 54.32 48.92 -54.18
N THR R 267 54.14 49.39 -52.95
CA THR R 267 54.10 48.52 -51.77
C THR R 267 52.77 48.73 -51.06
N ALA R 268 52.20 47.64 -50.54
CA ALA R 268 50.86 47.65 -49.97
C ALA R 268 50.90 47.06 -48.56
N GLN R 269 50.38 47.81 -47.59
CA GLN R 269 50.13 47.29 -46.26
C GLN R 269 48.71 46.77 -46.19
N LEU R 270 48.55 45.46 -46.05
CA LEU R 270 47.26 44.81 -46.19
C LEU R 270 46.69 44.42 -44.84
N ASP R 271 45.46 43.92 -44.87
CA ASP R 271 44.69 43.57 -43.67
C ASP R 271 44.29 42.10 -43.75
N PHE R 272 45.00 41.25 -43.02
CA PHE R 272 44.73 39.82 -42.97
C PHE R 272 44.22 39.39 -41.60
N ALA R 273 43.53 40.29 -40.90
CA ALA R 273 43.02 40.04 -39.56
C ALA R 273 41.50 39.89 -39.67
N ASN R 274 40.99 38.74 -39.25
CA ASN R 274 39.55 38.49 -39.27
C ASN R 274 38.85 39.28 -38.17
N LYS R 275 37.95 40.18 -38.55
CA LYS R 275 37.19 40.97 -37.60
C LYS R 275 35.70 40.77 -37.80
N GLU R 276 34.98 40.68 -36.69
CA GLU R 276 33.53 40.53 -36.68
C GLU R 276 32.96 41.57 -35.72
N GLN R 277 31.93 42.28 -36.15
CA GLN R 277 31.41 43.39 -35.37
C GLN R 277 29.89 43.41 -35.42
N THR R 278 29.28 43.65 -34.27
CA THR R 278 27.83 43.80 -34.15
C THR R 278 27.55 45.16 -33.52
N GLU R 279 26.74 45.98 -34.18
CA GLU R 279 26.47 47.34 -33.74
C GLU R 279 24.99 47.49 -33.41
N GLU R 280 24.69 48.07 -32.25
CA GLU R 280 23.33 48.34 -31.82
C GLU R 280 23.18 49.84 -31.59
N HIS R 281 22.12 50.43 -32.16
CA HIS R 281 21.88 51.86 -32.06
C HIS R 281 20.45 52.09 -31.59
N TYR R 282 20.28 52.95 -30.59
CA TYR R 282 18.97 53.35 -30.10
C TYR R 282 18.73 54.81 -30.41
N SER R 283 17.60 55.12 -31.02
CA SER R 283 17.23 56.50 -31.26
C SER R 283 16.83 57.17 -29.94
N PRO R 284 17.34 58.36 -29.66
CA PRO R 284 16.97 59.03 -28.40
C PRO R 284 15.50 59.38 -28.36
N ASN R 285 14.92 59.28 -27.16
CA ASN R 285 13.51 59.57 -26.95
C ASN R 285 13.28 60.53 -25.79
N GLY R 286 14.29 61.34 -25.45
CA GLY R 286 14.16 62.30 -24.37
C GLY R 286 13.21 63.45 -24.65
N ASP R 287 12.96 63.74 -25.92
CA ASP R 287 12.03 64.81 -26.30
C ASP R 287 10.64 64.19 -26.42
N ALA R 288 9.64 64.85 -25.83
CA ALA R 288 8.28 64.34 -25.84
C ALA R 288 7.67 64.31 -27.23
N SER R 289 8.21 65.05 -28.19
CA SER R 289 7.68 65.08 -29.55
C SER R 289 8.02 63.82 -30.34
N LYS R 290 9.20 63.25 -30.15
CA LYS R 290 9.59 62.03 -30.86
C LYS R 290 9.48 60.79 -30.01
N ALA R 291 8.91 60.88 -28.82
CA ALA R 291 8.83 59.74 -27.90
C ALA R 291 7.62 58.89 -28.25
N THR R 292 7.85 57.59 -28.42
CA THR R 292 6.76 56.65 -28.70
C THR R 292 6.36 55.94 -27.42
N LEU R 293 5.06 55.90 -27.14
CA LEU R 293 4.55 55.40 -25.87
C LEU R 293 3.59 54.23 -26.10
N ARG R 294 3.63 53.28 -25.16
CA ARG R 294 2.67 52.19 -25.09
C ARG R 294 1.65 52.34 -23.98
N SER R 295 2.07 52.76 -22.79
CA SER R 295 1.17 52.94 -21.67
C SER R 295 1.66 54.11 -20.84
N ARG R 296 0.71 54.89 -20.32
CA ARG R 296 1.03 56.10 -19.58
C ARG R 296 0.00 56.30 -18.49
N GLN R 297 0.46 56.44 -17.25
CA GLN R 297 -0.40 56.70 -16.11
C GLN R 297 0.01 58.04 -15.49
N LEU R 298 -0.93 58.97 -15.44
CA LEU R 298 -0.67 60.32 -14.95
C LEU R 298 -1.70 60.64 -13.86
N ASN R 299 -1.28 60.51 -12.60
CA ASN R 299 -2.13 60.85 -11.47
C ASN R 299 -1.78 62.26 -11.01
N ILE R 300 -2.76 63.16 -11.02
CA ILE R 300 -2.56 64.56 -10.68
C ILE R 300 -3.51 64.91 -9.54
N SER R 301 -2.97 65.55 -8.50
CA SER R 301 -3.76 65.95 -7.35
C SER R 301 -3.35 67.35 -6.92
N GLU R 302 -4.35 68.20 -6.65
CA GLU R 302 -4.11 69.58 -6.21
C GLU R 302 -5.15 69.91 -5.14
N GLN R 303 -4.72 69.88 -3.88
CA GLN R 303 -5.61 70.18 -2.75
C GLN R 303 -5.25 71.57 -2.22
N VAL R 304 -5.89 72.58 -2.80
CA VAL R 304 -5.66 73.97 -2.40
C VAL R 304 -6.51 74.25 -1.15
N GLY R 305 -5.87 74.82 -0.13
CA GLY R 305 -6.57 75.14 1.11
C GLY R 305 -6.89 76.61 1.26
N ALA R 353 1.07 81.14 -0.53
CA ALA R 353 0.44 80.08 -1.31
C ALA R 353 -0.55 79.29 -0.46
N GLY R 354 -0.52 79.55 0.85
CA GLY R 354 -1.40 78.86 1.76
C GLY R 354 -1.03 77.40 1.93
N PRO R 355 -1.99 76.58 2.35
CA PRO R 355 -1.72 75.14 2.52
C PRO R 355 -1.93 74.36 1.25
N ARG R 356 -1.23 74.74 0.18
CA ARG R 356 -1.34 74.04 -1.08
C ARG R 356 -0.68 72.67 -1.01
N SER R 357 -1.16 71.75 -1.84
CA SER R 357 -0.60 70.40 -1.87
C SER R 357 -0.69 69.82 -3.28
N THR R 358 0.38 69.93 -4.06
CA THR R 358 0.40 69.38 -5.39
C THR R 358 1.13 68.04 -5.42
N GLN R 359 0.58 67.11 -6.19
CA GLN R 359 1.16 65.76 -6.28
C GLN R 359 0.93 65.23 -7.68
N ARG R 360 2.01 64.86 -8.37
CA ARG R 360 1.94 64.34 -9.73
C ARG R 360 2.77 63.06 -9.80
N ASN R 361 2.09 61.94 -10.04
CA ASN R 361 2.73 60.64 -10.19
C ASN R 361 2.59 60.22 -11.66
N GLU R 362 3.71 60.19 -12.38
CA GLU R 362 3.73 59.91 -13.80
C GLU R 362 4.56 58.66 -14.06
N THR R 363 3.96 57.70 -14.78
CA THR R 363 4.63 56.47 -15.20
C THR R 363 4.45 56.32 -16.69
N SER R 364 5.55 56.11 -17.41
CA SER R 364 5.53 56.05 -18.87
C SER R 364 6.35 54.85 -19.34
N ASN R 365 5.79 54.06 -20.25
CA ASN R 365 6.50 52.97 -20.90
C ASN R 365 6.69 53.32 -22.37
N TYR R 366 7.93 53.25 -22.83
CA TYR R 366 8.28 53.69 -24.17
C TYR R 366 8.65 52.53 -25.08
N GLU R 367 8.51 52.74 -26.37
CA GLU R 367 9.03 51.85 -27.41
C GLU R 367 10.03 52.63 -28.23
N VAL R 368 11.21 52.05 -28.45
CA VAL R 368 12.33 52.78 -29.03
C VAL R 368 12.73 52.16 -30.37
N ASP R 369 13.24 52.99 -31.25
CA ASP R 369 13.79 52.51 -32.51
C ASP R 369 15.09 51.74 -32.25
N ARG R 370 15.29 50.69 -33.04
CA ARG R 370 16.42 49.80 -32.82
C ARG R 370 17.01 49.38 -34.16
N THR R 371 18.33 49.40 -34.26
CA THR R 371 19.03 49.05 -35.49
C THR R 371 20.23 48.19 -35.14
N ILE R 372 20.17 46.91 -35.52
CA ILE R 372 21.28 45.99 -35.32
C ILE R 372 21.99 45.80 -36.65
N ARG R 373 23.30 46.08 -36.67
CA ARG R 373 24.12 45.87 -37.85
C ARG R 373 25.22 44.87 -37.53
N HIS R 374 25.28 43.81 -38.33
CA HIS R 374 26.31 42.78 -38.20
C HIS R 374 27.24 42.85 -39.40
N THR R 375 28.53 43.03 -39.14
CA THR R 375 29.50 43.27 -40.20
C THR R 375 30.67 42.30 -40.05
N LYS R 376 31.04 41.66 -41.15
CA LYS R 376 32.22 40.80 -41.23
C LYS R 376 33.17 41.41 -42.24
N MET R 377 34.22 42.06 -41.76
CA MET R 377 35.16 42.72 -42.65
C MET R 377 35.89 41.71 -43.53
N ASN R 378 36.15 42.12 -44.77
CA ASN R 378 36.86 41.27 -45.71
C ASN R 378 38.32 41.11 -45.32
N VAL R 379 38.85 39.92 -45.55
CA VAL R 379 40.25 39.61 -45.30
C VAL R 379 41.04 39.90 -46.56
N GLY R 380 42.08 40.71 -46.43
CA GLY R 380 42.87 41.14 -47.56
C GLY R 380 42.66 42.57 -48.01
N ASP R 381 42.01 43.40 -47.22
CA ASP R 381 41.80 44.79 -47.59
C ASP R 381 43.09 45.58 -47.44
N ILE R 382 43.13 46.74 -48.10
CA ILE R 382 44.31 47.59 -48.11
C ILE R 382 44.21 48.59 -46.96
N GLU R 383 45.26 48.69 -46.16
CA GLU R 383 45.33 49.64 -45.05
C GLU R 383 46.04 50.93 -45.42
N ARG R 384 47.21 50.85 -46.06
CA ARG R 384 48.00 52.03 -46.37
C ARG R 384 48.85 51.72 -47.60
N LEU R 385 48.72 52.56 -48.62
CA LEU R 385 49.43 52.35 -49.88
C LEU R 385 50.40 53.50 -50.10
N SER R 386 51.67 53.18 -50.31
CA SER R 386 52.68 54.16 -50.66
C SER R 386 53.34 53.75 -51.97
N VAL R 387 53.50 54.73 -52.86
CA VAL R 387 53.91 54.47 -54.23
C VAL R 387 55.08 55.38 -54.58
N ALA R 388 56.11 54.82 -55.20
CA ALA R 388 57.28 55.56 -55.64
C ALA R 388 57.32 55.52 -57.16
N VAL R 389 57.32 56.70 -57.78
CA VAL R 389 57.35 56.83 -59.24
C VAL R 389 58.53 57.71 -59.62
N VAL R 390 59.27 57.28 -60.64
CA VAL R 390 60.40 58.03 -61.18
C VAL R 390 60.19 58.21 -62.68
N VAL R 391 60.41 59.43 -63.17
CA VAL R 391 60.26 59.73 -64.58
C VAL R 391 61.62 60.12 -65.15
N ASN R 392 61.75 60.05 -66.48
CA ASN R 392 62.98 60.39 -67.15
C ASN R 392 62.99 61.86 -67.57
N TYR R 393 64.13 62.28 -68.12
CA TYR R 393 64.24 63.63 -68.68
C TYR R 393 63.77 63.61 -70.13
N LYS R 394 63.81 64.76 -70.80
CA LYS R 394 63.38 64.85 -72.20
C LYS R 394 64.60 65.17 -73.06
N THR R 395 64.98 64.21 -73.90
CA THR R 395 66.09 64.37 -74.83
C THR R 395 65.50 64.79 -76.18
N LEU R 396 65.79 66.02 -76.59
CA LEU R 396 65.29 66.53 -77.86
C LEU R 396 66.07 65.91 -79.02
N ALA R 397 65.78 66.42 -80.22
CA ALA R 397 66.48 65.94 -81.41
C ALA R 397 67.97 66.14 -81.32
N ASP R 398 68.41 67.23 -80.67
CA ASP R 398 69.83 67.42 -80.43
C ASP R 398 70.37 66.36 -79.49
N GLY R 399 69.60 65.99 -78.46
CA GLY R 399 70.02 65.01 -77.48
C GLY R 399 70.22 65.55 -76.09
N LYS R 400 69.94 66.82 -75.85
CA LYS R 400 70.12 67.41 -74.52
C LYS R 400 69.02 66.93 -73.59
N PRO R 401 69.35 66.35 -72.43
CA PRO R 401 68.31 65.89 -71.51
C PRO R 401 67.62 67.05 -70.78
N LEU R 402 66.63 67.65 -71.43
CA LEU R 402 65.92 68.78 -70.83
C LEU R 402 64.96 68.28 -69.77
N PRO R 403 65.03 68.79 -68.54
CA PRO R 403 64.08 68.37 -67.50
C PRO R 403 62.67 68.84 -67.81
N LEU R 404 61.71 68.21 -67.14
CA LEU R 404 60.30 68.54 -67.31
C LEU R 404 59.96 69.85 -66.59
N THR R 405 58.70 70.27 -66.67
CA THR R 405 58.24 71.52 -66.07
C THR R 405 57.39 71.23 -64.85
N ALA R 406 57.08 72.29 -64.10
CA ALA R 406 56.29 72.15 -62.87
C ALA R 406 54.86 71.70 -63.20
N ASP R 407 54.27 72.26 -64.25
CA ASP R 407 52.91 71.89 -64.62
C ASP R 407 52.83 70.42 -65.01
N GLN R 408 53.80 69.94 -65.79
CA GLN R 408 53.81 68.53 -66.18
C GLN R 408 54.01 67.63 -64.96
N MET R 409 54.87 68.05 -64.02
CA MET R 409 55.07 67.28 -62.80
C MET R 409 53.78 67.20 -61.98
N LYS R 410 53.05 68.32 -61.89
CA LYS R 410 51.77 68.32 -61.18
C LYS R 410 50.77 67.40 -61.87
N GLN R 411 50.75 67.41 -63.20
CA GLN R 411 49.86 66.52 -63.94
C GLN R 411 50.19 65.06 -63.66
N ILE R 412 51.49 64.72 -63.65
CA ILE R 412 51.90 63.35 -63.34
C ILE R 412 51.49 62.97 -61.92
N GLU R 413 51.66 63.89 -60.97
CA GLU R 413 51.26 63.62 -59.59
C GLU R 413 49.76 63.35 -59.49
N ASP R 414 48.96 64.17 -60.17
CA ASP R 414 47.51 63.98 -60.14
C ASP R 414 47.11 62.65 -60.79
N LEU R 415 47.72 62.33 -61.92
CA LEU R 415 47.41 61.07 -62.60
C LEU R 415 47.78 59.87 -61.73
N THR R 416 48.94 59.93 -61.07
CA THR R 416 49.35 58.84 -60.21
C THR R 416 48.43 58.72 -58.99
N ARG R 417 47.99 59.85 -58.45
CA ARG R 417 47.05 59.82 -57.34
C ARG R 417 45.74 59.18 -57.75
N GLU R 418 45.27 59.49 -58.96
CA GLU R 418 44.04 58.89 -59.47
C GLU R 418 44.20 57.39 -59.68
N ALA R 419 45.34 56.99 -60.27
CA ALA R 419 45.56 55.57 -60.57
C ALA R 419 45.70 54.75 -59.30
N MET R 420 46.44 55.26 -58.31
CA MET R 420 46.69 54.51 -57.09
C MET R 420 45.48 54.48 -56.16
N GLY R 421 44.43 55.21 -56.48
CA GLY R 421 43.32 55.34 -55.54
C GLY R 421 43.69 56.09 -54.28
N PHE R 422 44.40 57.21 -54.43
CA PHE R 422 44.93 57.94 -53.28
C PHE R 422 43.80 58.38 -52.36
N SER R 423 43.99 58.14 -51.06
CA SER R 423 43.03 58.55 -50.04
C SER R 423 43.80 59.03 -48.82
N ASP R 424 43.18 59.93 -48.06
CA ASP R 424 43.78 60.47 -46.85
C ASP R 424 43.39 59.72 -45.59
N LYS R 425 42.23 59.06 -45.58
CA LYS R 425 41.86 58.23 -44.43
C LYS R 425 42.82 57.05 -44.28
N ARG R 426 43.20 56.43 -45.38
CA ARG R 426 44.16 55.33 -45.33
C ARG R 426 45.52 55.81 -44.85
N GLY R 427 45.94 56.98 -45.30
CA GLY R 427 47.26 57.50 -44.98
C GLY R 427 48.24 57.27 -46.11
N ASP R 428 47.75 57.35 -47.35
CA ASP R 428 48.55 57.07 -48.53
C ASP R 428 49.58 58.17 -48.73
N THR R 429 50.78 57.78 -49.16
CA THR R 429 51.86 58.71 -49.47
C THR R 429 52.32 58.45 -50.90
N LEU R 430 52.55 59.52 -51.65
CA LEU R 430 53.01 59.44 -53.03
C LEU R 430 54.21 60.36 -53.22
N ASN R 431 55.22 59.87 -53.93
CA ASN R 431 56.43 60.65 -54.22
C ASN R 431 56.82 60.41 -55.68
N VAL R 432 56.75 61.46 -56.49
CA VAL R 432 57.19 61.42 -57.89
C VAL R 432 58.33 62.42 -58.05
N VAL R 433 59.48 61.93 -58.51
CA VAL R 433 60.67 62.74 -58.71
C VAL R 433 61.09 62.63 -60.17
N ASN R 434 61.79 63.65 -60.66
CA ASN R 434 62.28 63.69 -62.03
C ASN R 434 63.80 63.61 -62.02
N SER R 435 64.34 62.66 -62.79
CA SER R 435 65.78 62.49 -62.88
C SER R 435 66.14 61.77 -64.17
N PRO R 436 67.29 62.05 -64.77
CA PRO R 436 67.66 61.37 -66.02
C PRO R 436 68.02 59.92 -65.77
N PHE R 437 67.50 59.03 -66.62
CA PHE R 437 67.77 57.61 -66.48
C PHE R 437 69.20 57.29 -66.90
N SER R 438 69.77 56.28 -66.27
CA SER R 438 71.12 55.84 -66.60
C SER R 438 71.09 54.96 -67.86
N ALA R 439 72.25 54.84 -68.49
CA ALA R 439 72.38 54.03 -69.69
C ALA R 439 72.31 52.54 -69.38
N ASP S 229 61.52 23.37 -36.84
CA ASP S 229 60.28 23.01 -37.50
C ASP S 229 59.50 24.27 -37.91
N LEU S 230 58.63 24.74 -37.02
CA LEU S 230 57.88 25.96 -37.28
C LEU S 230 58.79 27.18 -37.31
N ASN S 231 59.85 27.15 -36.50
CA ASN S 231 60.78 28.27 -36.45
C ASN S 231 61.47 28.47 -37.80
N ASP S 232 61.82 27.37 -38.47
CA ASP S 232 62.43 27.48 -39.79
C ASP S 232 61.46 28.08 -40.81
N ALA S 233 60.18 27.69 -40.73
CA ALA S 233 59.18 28.28 -41.61
C ALA S 233 59.04 29.78 -41.37
N GLN S 234 59.02 30.19 -40.10
CA GLN S 234 58.96 31.61 -39.78
C GLN S 234 60.18 32.35 -40.31
N LEU S 235 61.37 31.75 -40.17
CA LEU S 235 62.59 32.38 -40.65
C LEU S 235 62.59 32.52 -42.16
N LYS S 236 62.12 31.50 -42.87
CA LYS S 236 62.02 31.60 -44.32
C LYS S 236 61.00 32.66 -44.73
N PHE S 237 59.91 32.77 -43.99
CA PHE S 237 58.94 33.83 -44.23
C PHE S 237 59.58 35.21 -44.09
N ALA S 238 60.36 35.40 -43.03
CA ALA S 238 61.07 36.66 -42.84
C ALA S 238 62.07 36.92 -43.96
N ASN S 239 62.81 35.89 -44.38
CA ASN S 239 63.76 36.05 -45.47
C ASN S 239 63.09 36.46 -46.77
N ASP S 240 61.96 35.84 -47.10
CA ASP S 240 61.25 36.22 -48.31
C ASP S 240 60.73 37.64 -48.24
N VAL S 241 60.17 38.06 -47.09
CA VAL S 241 59.71 39.43 -46.97
C VAL S 241 60.86 40.42 -47.14
N GLU S 242 61.99 40.14 -46.49
CA GLU S 242 63.14 41.04 -46.59
C GLU S 242 63.66 41.10 -48.02
N SER S 243 63.73 39.95 -48.71
CA SER S 243 64.21 39.93 -50.07
C SER S 243 63.31 40.72 -51.01
N ARG S 244 61.99 40.61 -50.82
CA ARG S 244 61.06 41.35 -51.67
C ARG S 244 61.13 42.86 -51.42
N ILE S 245 61.28 43.26 -50.15
CA ILE S 245 61.47 44.68 -49.88
C ILE S 245 62.77 45.18 -50.52
N GLN S 246 63.83 44.38 -50.42
CA GLN S 246 65.11 44.73 -51.05
C GLN S 246 64.95 44.90 -52.56
N ARG S 247 64.24 43.96 -53.20
CA ARG S 247 64.06 44.03 -54.65
C ARG S 247 63.23 45.24 -55.04
N ARG S 248 62.20 45.56 -54.25
CA ARG S 248 61.38 46.73 -54.55
C ARG S 248 62.20 48.01 -54.46
N ILE S 249 63.08 48.11 -53.47
CA ILE S 249 63.95 49.28 -53.36
C ILE S 249 64.89 49.35 -54.55
N GLU S 250 65.51 48.22 -54.90
CA GLU S 250 66.48 48.18 -55.99
C GLU S 250 65.83 48.55 -57.31
N ALA S 251 64.57 48.17 -57.50
CA ALA S 251 63.87 48.41 -58.76
C ALA S 251 63.76 49.89 -59.08
N ILE S 252 63.46 50.72 -58.07
CA ILE S 252 63.35 52.15 -58.32
C ILE S 252 64.71 52.82 -58.25
N LEU S 253 65.63 52.24 -57.47
CA LEU S 253 66.93 52.89 -57.32
C LEU S 253 67.84 52.60 -58.50
N SER S 254 67.49 51.62 -59.33
CA SER S 254 68.29 51.24 -60.49
C SER S 254 68.26 52.25 -61.63
N PRO S 255 67.07 52.70 -62.12
CA PRO S 255 67.05 53.55 -63.32
C PRO S 255 67.85 54.85 -63.21
N ILE S 256 67.84 55.48 -62.04
CA ILE S 256 68.55 56.74 -61.87
C ILE S 256 69.99 56.49 -61.44
N VAL S 257 70.28 55.67 -60.43
CA VAL S 257 71.69 55.52 -59.93
C VAL S 257 72.44 54.61 -60.89
N GLY S 258 71.78 53.61 -61.45
CA GLY S 258 72.41 52.70 -62.41
C GLY S 258 72.50 51.29 -61.89
N ASN S 259 72.53 50.30 -62.76
CA ASN S 259 72.72 48.90 -62.31
C ASN S 259 74.03 48.72 -61.54
N GLY S 260 73.98 48.08 -60.36
CA GLY S 260 75.15 47.82 -59.52
C GLY S 260 75.63 49.02 -58.75
N ASN S 261 75.08 50.18 -58.99
CA ASN S 261 75.57 51.39 -58.32
C ASN S 261 74.71 51.60 -57.08
N VAL S 262 73.94 50.57 -56.76
CA VAL S 262 73.13 50.64 -55.56
C VAL S 262 73.01 49.24 -54.94
N HIS S 263 73.19 49.16 -53.62
CA HIS S 263 73.02 47.93 -52.86
C HIS S 263 72.20 48.24 -51.62
N ALA S 264 71.22 47.39 -51.33
CA ALA S 264 70.37 47.55 -50.16
C ALA S 264 70.11 46.20 -49.52
N GLN S 265 69.99 46.20 -48.19
CA GLN S 265 69.64 45.00 -47.44
C GLN S 265 68.59 45.37 -46.39
N VAL S 266 67.65 44.46 -46.15
CA VAL S 266 66.50 44.71 -45.31
C VAL S 266 66.48 43.66 -44.20
N THR S 267 66.20 44.09 -42.98
CA THR S 267 65.90 43.20 -41.86
C THR S 267 64.51 43.54 -41.32
N ALA S 268 63.76 42.52 -40.93
CA ALA S 268 62.37 42.68 -40.53
C ALA S 268 62.14 42.03 -39.17
N GLN S 269 61.59 42.81 -38.24
CA GLN S 269 61.12 42.27 -36.97
C GLN S 269 59.64 41.94 -37.12
N LEU S 270 59.31 40.66 -37.06
CA LEU S 270 57.99 40.18 -37.41
C LEU S 270 57.20 39.82 -36.15
N ASP S 271 55.92 39.47 -36.37
CA ASP S 271 54.97 39.18 -35.30
C ASP S 271 54.41 37.78 -35.50
N PHE S 272 54.91 36.82 -34.73
CA PHE S 272 54.47 35.43 -34.79
C PHE S 272 53.74 35.02 -33.52
N ALA S 273 53.08 35.97 -32.87
CA ALA S 273 52.36 35.74 -31.63
C ALA S 273 50.86 35.79 -31.93
N ASN S 274 50.16 34.69 -31.64
CA ASN S 274 48.72 34.62 -31.86
C ASN S 274 47.98 35.45 -30.82
N LYS S 275 47.25 36.47 -31.27
CA LYS S 275 46.48 37.33 -30.38
C LYS S 275 45.01 37.32 -30.78
N GLU S 276 44.14 37.27 -29.78
CA GLU S 276 42.69 37.31 -29.95
C GLU S 276 42.13 38.37 -29.02
N GLN S 277 41.27 39.22 -29.56
CA GLN S 277 40.78 40.36 -28.79
C GLN S 277 39.29 40.57 -29.04
N THR S 278 38.56 40.84 -27.96
CA THR S 278 37.14 41.17 -28.02
C THR S 278 36.95 42.53 -27.35
N GLU S 279 36.33 43.46 -28.07
CA GLU S 279 36.17 44.83 -27.61
C GLU S 279 34.68 45.15 -27.46
N GLU S 280 34.31 45.72 -26.33
CA GLU S 280 32.94 46.16 -26.06
C GLU S 280 32.94 47.65 -25.77
N HIS S 281 32.05 48.38 -26.44
CA HIS S 281 31.97 49.83 -26.29
C HIS S 281 30.52 50.22 -26.01
N TYR S 282 30.32 51.05 -25.00
CA TYR S 282 29.01 51.60 -24.66
C TYR S 282 29.00 53.09 -24.92
N SER S 283 28.00 53.55 -25.66
CA SER S 283 27.83 54.98 -25.86
C SER S 283 27.34 55.65 -24.57
N PRO S 284 27.94 56.76 -24.17
CA PRO S 284 27.50 57.42 -22.93
C PRO S 284 26.09 57.95 -23.07
N ASN S 285 25.34 57.87 -21.95
CA ASN S 285 23.96 58.33 -21.91
C ASN S 285 23.70 59.29 -20.75
N GLY S 286 24.74 59.95 -20.25
CA GLY S 286 24.57 60.87 -19.13
C GLY S 286 23.82 62.13 -19.48
N ASP S 287 23.78 62.51 -20.75
CA ASP S 287 23.04 63.69 -21.20
C ASP S 287 21.61 63.26 -21.53
N ALA S 288 20.63 64.02 -21.02
CA ALA S 288 19.23 63.68 -21.24
C ALA S 288 18.81 63.77 -22.70
N SER S 289 19.57 64.47 -23.54
CA SER S 289 19.23 64.61 -24.95
C SER S 289 19.51 63.36 -25.76
N LYS S 290 20.59 62.63 -25.45
CA LYS S 290 20.92 61.41 -26.17
C LYS S 290 20.56 60.14 -25.39
N ALA S 291 19.83 60.27 -24.28
CA ALA S 291 19.50 59.13 -23.45
C ALA S 291 18.25 58.44 -24.00
N THR S 292 18.35 57.13 -24.21
CA THR S 292 17.21 56.35 -24.66
C THR S 292 16.56 55.64 -23.48
N LEU S 293 15.24 55.75 -23.38
CA LEU S 293 14.50 55.28 -22.22
C LEU S 293 13.46 54.25 -22.62
N ARG S 294 13.26 53.27 -21.73
CA ARG S 294 12.17 52.31 -21.84
C ARG S 294 11.04 52.54 -20.87
N SER S 295 11.34 52.86 -19.61
CA SER S 295 10.33 53.12 -18.61
C SER S 295 10.83 54.18 -17.66
N ARG S 296 9.93 55.06 -17.23
CA ARG S 296 10.30 56.20 -16.39
C ARG S 296 9.16 56.48 -15.43
N GLN S 297 9.46 56.52 -14.14
CA GLN S 297 8.49 56.85 -13.10
C GLN S 297 8.96 58.09 -12.37
N LEU S 298 8.15 59.14 -12.39
CA LEU S 298 8.49 60.43 -11.81
C LEU S 298 7.38 60.84 -10.85
N ASN S 299 7.60 60.60 -9.55
CA ASN S 299 6.66 61.01 -8.52
C ASN S 299 7.11 62.35 -7.95
N ILE S 300 6.25 63.36 -8.04
CA ILE S 300 6.57 64.71 -7.60
C ILE S 300 5.53 65.14 -6.58
N SER S 301 5.99 65.67 -5.45
CA SER S 301 5.10 66.12 -4.40
C SER S 301 5.62 67.44 -3.84
N GLU S 302 4.70 68.41 -3.66
CA GLU S 302 5.04 69.72 -3.11
C GLU S 302 3.92 70.14 -2.17
N GLN S 303 4.16 70.02 -0.87
CA GLN S 303 3.19 70.39 0.15
C GLN S 303 3.63 71.69 0.79
N VAL S 304 3.20 72.81 0.18
CA VAL S 304 3.53 74.14 0.68
C VAL S 304 2.57 74.48 1.82
N GLY S 305 3.12 74.93 2.95
CA GLY S 305 2.31 75.29 4.09
C GLY S 305 2.15 76.79 4.28
N ALA S 353 10.76 80.35 3.75
CA ALA S 353 10.11 79.39 2.85
C ALA S 353 8.93 78.71 3.53
N GLY S 354 8.82 78.91 4.84
CA GLY S 354 7.76 78.30 5.60
C GLY S 354 7.92 76.80 5.73
N PRO S 355 6.82 76.10 5.99
CA PRO S 355 6.90 74.64 6.12
C PRO S 355 6.76 73.93 4.79
N ARG S 356 7.64 74.27 3.85
CA ARG S 356 7.61 73.62 2.53
C ARG S 356 8.10 72.18 2.63
N SER S 357 7.62 71.36 1.70
CA SER S 357 8.02 69.95 1.67
C SER S 357 8.05 69.44 0.23
N THR S 358 9.22 69.44 -0.39
CA THR S 358 9.35 68.94 -1.75
C THR S 358 9.92 67.52 -1.75
N GLN S 359 9.37 66.68 -2.63
CA GLN S 359 9.79 65.29 -2.71
C GLN S 359 9.69 64.84 -4.16
N ARG S 360 10.79 64.37 -4.72
CA ARG S 360 10.85 63.91 -6.10
C ARG S 360 11.52 62.53 -6.13
N ASN S 361 10.75 61.51 -6.50
CA ASN S 361 11.25 60.14 -6.64
C ASN S 361 11.26 59.81 -8.14
N GLU S 362 12.45 59.66 -8.71
CA GLU S 362 12.62 59.42 -10.13
C GLU S 362 13.32 58.09 -10.36
N THR S 363 12.72 57.24 -11.18
CA THR S 363 13.29 55.96 -11.57
C THR S 363 13.29 55.88 -13.09
N SER S 364 14.45 55.56 -13.67
CA SER S 364 14.62 55.55 -15.12
C SER S 364 15.34 54.28 -15.53
N ASN S 365 14.82 53.61 -16.55
CA ASN S 365 15.47 52.46 -17.15
C ASN S 365 15.90 52.83 -18.58
N TYR S 366 17.17 52.62 -18.88
CA TYR S 366 17.75 53.07 -20.14
C TYR S 366 18.09 51.89 -21.04
N GLU S 367 18.15 52.16 -22.34
CA GLU S 367 18.70 51.26 -23.34
C GLU S 367 19.89 51.94 -24.00
N VAL S 368 21.00 51.22 -24.08
CA VAL S 368 22.27 51.83 -24.48
C VAL S 368 22.76 51.20 -25.78
N ASP S 369 23.49 51.99 -26.55
CA ASP S 369 24.15 51.49 -27.75
C ASP S 369 25.28 50.56 -27.36
N ARG S 370 25.48 49.52 -28.17
CA ARG S 370 26.45 48.49 -27.85
C ARG S 370 27.15 48.05 -29.13
N THR S 371 28.47 47.91 -29.05
CA THR S 371 29.29 47.53 -30.21
C THR S 371 30.31 46.50 -29.75
N ILE S 372 30.15 45.26 -30.19
CA ILE S 372 31.11 44.19 -29.90
C ILE S 372 31.97 43.96 -31.14
N ARG S 373 33.29 44.09 -30.98
CA ARG S 373 34.23 43.82 -32.05
C ARG S 373 35.15 42.67 -31.65
N HIS S 374 35.20 41.64 -32.49
CA HIS S 374 36.06 40.49 -32.28
C HIS S 374 37.14 40.48 -33.34
N THR S 375 38.40 40.49 -32.91
CA THR S 375 39.53 40.65 -33.81
C THR S 375 40.54 39.54 -33.57
N LYS S 376 40.97 38.89 -34.65
CA LYS S 376 42.04 37.90 -34.62
C LYS S 376 43.19 38.42 -35.47
N MET S 377 44.24 38.91 -34.82
CA MET S 377 45.37 39.49 -35.55
C MET S 377 46.07 38.42 -36.38
N ASN S 378 46.55 38.84 -37.55
CA ASN S 378 47.27 37.94 -38.45
C ASN S 378 48.63 37.60 -37.87
N VAL S 379 49.04 36.35 -38.09
CA VAL S 379 50.35 35.86 -37.68
C VAL S 379 51.33 36.09 -38.81
N GLY S 380 52.43 36.78 -38.52
CA GLY S 380 53.41 37.13 -39.51
C GLY S 380 53.44 38.59 -39.92
N ASP S 381 52.78 39.48 -39.16
CA ASP S 381 52.79 40.89 -39.49
C ASP S 381 54.14 41.51 -39.14
N ILE S 382 54.41 42.67 -39.72
CA ILE S 382 55.68 43.37 -39.53
C ILE S 382 55.53 44.33 -38.36
N GLU S 383 56.48 44.27 -37.42
CA GLU S 383 56.51 45.16 -36.27
C GLU S 383 57.41 46.37 -36.49
N ARG S 384 58.64 46.16 -36.96
CA ARG S 384 59.59 47.25 -37.10
C ARG S 384 60.55 46.88 -38.23
N LEU S 385 60.67 47.76 -39.23
CA LEU S 385 61.50 47.52 -40.39
C LEU S 385 62.63 48.55 -40.43
N SER S 386 63.86 48.06 -40.49
CA SER S 386 65.02 48.93 -40.65
C SER S 386 65.80 48.49 -41.89
N VAL S 387 66.19 49.47 -42.70
CA VAL S 387 66.75 49.20 -44.02
C VAL S 387 68.05 49.98 -44.17
N ALA S 388 69.08 49.30 -44.67
CA ALA S 388 70.37 49.92 -44.92
C ALA S 388 70.62 49.93 -46.43
N VAL S 389 70.84 51.12 -46.99
CA VAL S 389 71.08 51.30 -48.41
C VAL S 389 72.40 52.03 -48.60
N VAL S 390 73.22 51.56 -49.53
CA VAL S 390 74.48 52.18 -49.89
C VAL S 390 74.50 52.43 -51.38
N VAL S 391 74.92 53.63 -51.78
CA VAL S 391 75.01 54.00 -53.19
C VAL S 391 76.47 54.23 -53.56
N ASN S 392 76.75 54.20 -54.85
CA ASN S 392 78.10 54.39 -55.36
C ASN S 392 78.34 55.87 -55.68
N TYR S 393 79.57 56.18 -56.06
CA TYR S 393 79.93 57.51 -56.54
C TYR S 393 79.65 57.60 -58.04
N LYS S 394 79.92 58.75 -58.64
CA LYS S 394 79.69 58.96 -60.07
C LYS S 394 81.04 59.15 -60.75
N THR S 395 81.42 58.17 -61.58
CA THR S 395 82.65 58.24 -62.36
C THR S 395 82.32 58.77 -63.74
N LEU S 396 82.79 59.97 -64.06
CA LEU S 396 82.53 60.58 -65.34
C LEU S 396 83.38 59.92 -66.43
N ALA S 397 83.31 60.50 -67.63
CA ALA S 397 84.09 59.97 -68.75
C ALA S 397 85.59 59.99 -68.45
N ASP S 398 86.05 60.98 -67.70
CA ASP S 398 87.44 61.00 -67.26
C ASP S 398 87.73 59.84 -66.31
N GLY S 399 86.79 59.53 -65.42
CA GLY S 399 86.95 58.47 -64.45
C GLY S 399 87.03 58.93 -63.01
N LYS S 400 86.87 60.22 -62.74
CA LYS S 400 86.94 60.73 -61.37
C LYS S 400 85.68 60.37 -60.61
N PRO S 401 85.78 59.71 -59.46
CA PRO S 401 84.58 59.35 -58.69
C PRO S 401 83.94 60.55 -58.01
N LEU S 402 83.12 61.30 -58.75
CA LEU S 402 82.48 62.48 -58.20
C LEU S 402 81.32 62.08 -57.29
N PRO S 403 81.31 62.52 -56.03
CA PRO S 403 80.18 62.19 -55.15
C PRO S 403 78.89 62.85 -55.60
N LEU S 404 77.77 62.32 -55.10
CA LEU S 404 76.45 62.83 -55.43
C LEU S 404 76.18 64.14 -54.70
N THR S 405 75.00 64.71 -54.91
CA THR S 405 74.62 65.99 -54.31
C THR S 405 73.58 65.76 -53.23
N ALA S 406 73.30 66.83 -52.47
CA ALA S 406 72.34 66.74 -51.37
C ALA S 406 70.93 66.50 -51.89
N ASP S 407 70.56 67.15 -52.99
CA ASP S 407 69.22 66.97 -53.55
C ASP S 407 69.01 65.53 -54.02
N GLN S 408 70.01 64.97 -54.69
CA GLN S 408 69.91 63.58 -55.15
C GLN S 408 69.84 62.63 -53.96
N MET S 409 70.61 62.91 -52.90
CA MET S 409 70.55 62.07 -51.70
C MET S 409 69.17 62.13 -51.06
N LYS S 410 68.57 63.33 -51.01
CA LYS S 410 67.21 63.45 -50.47
C LYS S 410 66.21 62.69 -51.32
N GLN S 411 66.38 62.75 -52.64
CA GLN S 411 65.49 62.00 -53.53
C GLN S 411 65.61 60.50 -53.29
N ILE S 412 66.83 60.01 -53.12
CA ILE S 412 67.05 58.58 -52.84
C ILE S 412 66.40 58.21 -51.51
N GLU S 413 66.55 59.07 -50.50
CA GLU S 413 65.95 58.79 -49.20
C GLU S 413 64.42 58.71 -49.31
N ASP S 414 63.82 59.65 -50.04
CA ASP S 414 62.37 59.64 -50.21
C ASP S 414 61.90 58.40 -50.96
N LEU S 415 62.61 58.04 -52.03
CA LEU S 415 62.25 56.86 -52.80
C LEU S 415 62.36 55.59 -51.96
N THR S 416 63.42 55.49 -51.15
CA THR S 416 63.58 54.32 -50.29
C THR S 416 62.50 54.27 -49.22
N ARG S 417 62.12 55.43 -48.69
CA ARG S 417 61.04 55.48 -47.70
C ARG S 417 59.73 55.01 -48.31
N GLU S 418 59.48 55.43 -49.55
CA GLU S 418 58.26 55.00 -50.24
C GLU S 418 58.27 53.50 -50.52
N ALA S 419 59.41 52.99 -50.97
CA ALA S 419 59.50 51.56 -51.31
C ALA S 419 59.37 50.68 -50.08
N MET S 420 60.02 51.07 -48.97
CA MET S 420 60.03 50.24 -47.78
C MET S 420 58.72 50.33 -47.00
N GLY S 421 57.80 51.20 -47.42
CA GLY S 421 56.60 51.43 -46.63
C GLY S 421 56.89 52.08 -45.29
N PHE S 422 57.74 53.11 -45.29
CA PHE S 422 58.19 53.73 -44.04
C PHE S 422 57.01 54.27 -43.25
N SER S 423 57.00 53.97 -41.96
CA SER S 423 55.97 54.45 -41.05
C SER S 423 56.62 54.80 -39.71
N ASP S 424 56.01 55.75 -39.00
CA ASP S 424 56.50 56.16 -37.70
C ASP S 424 55.86 55.42 -36.54
N LYS S 425 54.64 54.91 -36.71
CA LYS S 425 54.03 54.09 -35.67
C LYS S 425 54.81 52.81 -35.45
N ARG S 426 55.26 52.17 -36.53
CA ARG S 426 56.06 50.96 -36.41
C ARG S 426 57.40 51.25 -35.73
N GLY S 427 58.02 52.38 -36.07
CA GLY S 427 59.33 52.72 -35.55
C GLY S 427 60.42 52.41 -36.56
N ASP S 428 60.11 52.59 -37.84
CA ASP S 428 61.01 52.26 -38.92
C ASP S 428 62.20 53.23 -38.94
N THR S 429 63.39 52.70 -39.23
CA THR S 429 64.59 53.50 -39.36
C THR S 429 65.21 53.23 -40.71
N LEU S 430 65.67 54.30 -41.38
CA LEU S 430 66.29 54.21 -42.69
C LEU S 430 67.60 54.97 -42.68
N ASN S 431 68.65 54.39 -43.27
CA ASN S 431 69.96 55.02 -43.38
C ASN S 431 70.50 54.79 -44.78
N VAL S 432 70.68 55.86 -45.53
CA VAL S 432 71.29 55.82 -46.86
C VAL S 432 72.55 56.67 -46.83
N VAL S 433 73.69 56.06 -47.16
CA VAL S 433 74.98 56.74 -47.17
C VAL S 433 75.58 56.62 -48.56
N ASN S 434 76.44 57.56 -48.91
CA ASN S 434 77.11 57.58 -50.20
C ASN S 434 78.60 57.31 -50.00
N SER S 435 79.13 56.34 -50.75
CA SER S 435 80.53 55.99 -50.65
C SER S 435 80.97 55.27 -51.93
N PRO S 436 82.22 55.44 -52.36
CA PRO S 436 82.68 54.76 -53.58
C PRO S 436 82.82 53.25 -53.36
N PHE S 437 82.32 52.48 -54.31
CA PHE S 437 82.40 51.03 -54.22
C PHE S 437 83.82 50.55 -54.46
N SER S 438 84.18 49.45 -53.81
CA SER S 438 85.49 48.86 -54.01
C SER S 438 85.53 48.03 -55.28
N ALA S 439 86.74 47.79 -55.77
CA ALA S 439 86.94 47.02 -56.99
C ALA S 439 86.64 45.54 -56.77
N ASP T 229 68.22 16.81 -27.40
CA ASP T 229 67.05 16.63 -28.25
C ASP T 229 66.48 17.99 -28.69
N LEU T 230 65.56 18.53 -27.88
CA LEU T 230 65.00 19.84 -28.19
C LEU T 230 66.05 20.94 -28.03
N ASN T 231 66.98 20.75 -27.09
CA ASN T 231 68.03 21.74 -26.87
C ASN T 231 68.90 21.91 -28.10
N ASP T 232 69.21 20.80 -28.79
CA ASP T 232 70.00 20.89 -30.01
C ASP T 232 69.24 21.63 -31.11
N ALA T 233 67.93 21.40 -31.22
CA ALA T 233 67.14 22.14 -32.19
C ALA T 233 67.15 23.63 -31.89
N GLN T 234 67.01 23.99 -30.61
CA GLN T 234 67.07 25.41 -30.23
C GLN T 234 68.44 26.01 -30.56
N LEU T 235 69.51 25.26 -30.30
CA LEU T 235 70.86 25.75 -30.58
C LEU T 235 71.07 25.94 -32.07
N LYS T 236 70.59 25.01 -32.89
CA LYS T 236 70.69 25.17 -34.35
C LYS T 236 69.87 26.37 -34.82
N PHE T 237 68.70 26.58 -34.22
CA PHE T 237 67.90 27.77 -34.53
C PHE T 237 68.69 29.04 -34.23
N ALA T 238 69.34 29.10 -33.07
CA ALA T 238 70.17 30.26 -32.73
C ALA T 238 71.32 30.44 -33.70
N ASN T 239 71.97 29.33 -34.08
CA ASN T 239 73.09 29.40 -35.01
C ASN T 239 72.65 29.94 -36.37
N ASP T 240 71.51 29.48 -36.88
CA ASP T 240 71.00 29.99 -38.15
C ASP T 240 70.65 31.47 -38.08
N VAL T 241 70.01 31.91 -36.99
CA VAL T 241 69.69 33.32 -36.85
C VAL T 241 70.97 34.16 -36.82
N GLU T 242 71.97 33.73 -36.04
CA GLU T 242 73.21 34.46 -35.96
C GLU T 242 73.92 34.52 -37.31
N SER T 243 73.94 33.40 -38.03
CA SER T 243 74.61 33.36 -39.33
C SER T 243 73.93 34.29 -40.32
N ARG T 244 72.60 34.33 -40.31
CA ARG T 244 71.89 35.22 -41.24
C ARG T 244 72.09 36.70 -40.90
N ILE T 245 72.12 37.04 -39.61
CA ILE T 245 72.44 38.41 -39.24
C ILE T 245 73.87 38.76 -39.69
N GLN T 246 74.81 37.83 -39.49
CA GLN T 246 76.18 38.05 -39.94
C GLN T 246 76.25 38.29 -41.44
N ARG T 247 75.53 37.47 -42.21
CA ARG T 247 75.56 37.61 -43.67
C ARG T 247 74.93 38.93 -44.09
N ARG T 248 73.85 39.35 -43.43
CA ARG T 248 73.22 40.62 -43.77
C ARG T 248 74.17 41.78 -43.52
N ILE T 249 74.90 41.73 -42.40
CA ILE T 249 75.89 42.78 -42.13
C ILE T 249 76.98 42.78 -43.19
N GLU T 250 77.51 41.60 -43.51
CA GLU T 250 78.60 41.47 -44.47
C GLU T 250 78.18 41.96 -45.85
N ALA T 251 76.92 41.74 -46.21
CA ALA T 251 76.42 42.11 -47.53
C ALA T 251 76.55 43.60 -47.79
N ILE T 252 76.21 44.43 -46.79
CA ILE T 252 76.30 45.88 -46.98
C ILE T 252 77.72 46.37 -46.70
N LEU T 253 78.45 45.66 -45.83
CA LEU T 253 79.79 46.13 -45.49
C LEU T 253 80.81 45.77 -46.56
N SER T 254 80.44 44.88 -47.48
CA SER T 254 81.35 44.44 -48.54
C SER T 254 81.59 45.48 -49.63
N PRO T 255 80.54 46.09 -50.23
CA PRO T 255 80.79 46.98 -51.39
C PRO T 255 81.70 48.16 -51.11
N ILE T 256 81.62 48.75 -49.92
CA ILE T 256 82.44 49.91 -49.59
C ILE T 256 83.76 49.46 -48.99
N VAL T 257 83.82 48.58 -48.00
CA VAL T 257 85.12 48.25 -47.33
C VAL T 257 85.88 47.27 -48.23
N GLY T 258 85.19 46.39 -48.92
CA GLY T 258 85.83 45.44 -49.83
C GLY T 258 85.68 44.02 -49.38
N ASN T 259 85.71 43.05 -50.29
CA ASN T 259 85.68 41.62 -49.89
C ASN T 259 86.84 41.26 -48.97
N GLY T 260 86.55 40.59 -47.85
CA GLY T 260 87.56 40.15 -46.88
C GLY T 260 88.07 41.27 -45.98
N ASN T 261 87.70 42.49 -46.24
CA ASN T 261 88.24 43.61 -45.45
C ASN T 261 87.25 43.87 -44.32
N VAL T 262 86.33 42.94 -44.16
CA VAL T 262 85.38 43.07 -43.06
C VAL T 262 85.02 41.67 -42.55
N HIS T 263 85.01 41.53 -41.22
CA HIS T 263 84.59 40.30 -40.54
C HIS T 263 83.66 40.66 -39.41
N ALA T 264 82.55 39.94 -39.30
CA ALA T 264 81.58 40.16 -38.24
C ALA T 264 81.07 38.83 -37.70
N GLN T 265 80.78 38.79 -36.40
CA GLN T 265 80.19 37.62 -35.76
C GLN T 265 79.06 38.08 -34.84
N VAL T 266 78.00 37.29 -34.78
CA VAL T 266 76.78 37.65 -34.07
C VAL T 266 76.49 36.57 -33.02
N THR T 267 76.10 36.99 -31.82
CA THR T 267 75.55 36.11 -30.81
C THR T 267 74.16 36.61 -30.44
N ALA T 268 73.24 35.67 -30.19
CA ALA T 268 71.84 35.99 -29.97
C ALA T 268 71.36 35.33 -28.68
N GLN T 269 70.79 36.13 -27.79
CA GLN T 269 70.09 35.62 -26.63
C GLN T 269 68.61 35.48 -26.98
N LEU T 270 68.13 34.24 -27.03
CA LEU T 270 66.82 33.94 -27.56
C LEU T 270 65.83 33.63 -26.44
N ASP T 271 64.57 33.46 -26.83
CA ASP T 271 63.45 33.25 -25.92
C ASP T 271 62.77 31.93 -26.26
N PHE T 272 63.03 30.90 -25.48
CA PHE T 272 62.45 29.58 -25.66
C PHE T 272 61.50 29.21 -24.53
N ALA T 273 60.88 30.22 -23.92
CA ALA T 273 59.97 30.03 -22.79
C ALA T 273 58.55 30.28 -23.29
N ASN T 274 57.70 29.27 -23.13
CA ASN T 274 56.29 29.39 -23.54
C ASN T 274 55.52 30.27 -22.57
N LYS T 275 55.00 31.38 -23.05
CA LYS T 275 54.22 32.29 -22.23
C LYS T 275 52.83 32.49 -22.81
N GLU T 276 51.83 32.51 -21.93
CA GLU T 276 50.44 32.74 -22.28
C GLU T 276 49.88 33.82 -21.38
N GLN T 277 49.20 34.80 -21.98
CA GLN T 277 48.75 35.97 -21.23
C GLN T 277 47.36 36.36 -21.65
N THR T 278 46.52 36.69 -20.66
CA THR T 278 45.16 37.18 -20.89
C THR T 278 45.05 38.53 -20.19
N GLU T 279 44.65 39.57 -20.92
CA GLU T 279 44.59 40.93 -20.42
C GLU T 279 43.15 41.42 -20.45
N GLU T 280 42.70 42.00 -19.35
CA GLU T 280 41.37 42.58 -19.23
C GLU T 280 41.50 44.06 -18.87
N HIS T 281 40.81 44.92 -19.61
CA HIS T 281 40.87 46.36 -19.40
C HIS T 281 39.47 46.91 -19.29
N TYR T 282 39.23 47.73 -18.26
CA TYR T 282 37.96 48.42 -18.06
C TYR T 282 38.15 49.92 -18.25
N SER T 283 37.33 50.51 -19.09
CA SER T 283 37.36 51.97 -19.24
C SER T 283 36.79 52.63 -17.99
N PRO T 284 37.46 53.66 -17.45
CA PRO T 284 36.94 54.32 -16.26
C PRO T 284 35.63 55.03 -16.54
N ASN T 285 34.74 55.01 -15.54
CA ASN T 285 33.43 55.63 -15.65
C ASN T 285 33.13 56.57 -14.49
N GLY T 286 34.17 57.08 -13.82
CA GLY T 286 33.96 57.98 -12.69
C GLY T 286 33.42 59.33 -13.07
N ASP T 287 33.58 59.76 -14.31
CA ASP T 287 33.06 61.03 -14.78
C ASP T 287 31.65 60.80 -15.31
N ALA T 288 30.71 61.65 -14.90
CA ALA T 288 29.32 61.50 -15.32
C ALA T 288 29.12 61.69 -16.82
N SER T 289 30.05 62.32 -17.51
CA SER T 289 29.92 62.55 -18.95
C SER T 289 30.16 61.31 -19.78
N LYS T 290 31.09 60.44 -19.36
CA LYS T 290 31.38 59.21 -20.10
C LYS T 290 30.76 57.98 -19.45
N ALA T 291 29.91 58.15 -18.44
CA ALA T 291 29.33 57.03 -17.70
C ALA T 291 28.10 56.53 -18.43
N THR T 292 28.07 55.22 -18.71
CA THR T 292 26.92 54.60 -19.35
C THR T 292 26.04 53.94 -18.29
N LEU T 293 24.73 54.21 -18.35
CA LEU T 293 23.79 53.79 -17.32
C LEU T 293 22.70 52.91 -17.90
N ARG T 294 22.26 51.94 -17.10
CA ARG T 294 21.10 51.11 -17.40
C ARG T 294 19.88 51.46 -16.57
N SER T 295 20.06 51.69 -15.27
CA SER T 295 18.95 52.04 -14.40
C SER T 295 19.45 53.01 -13.33
N ARG T 296 18.60 53.97 -12.98
CA ARG T 296 18.98 55.01 -12.05
C ARG T 296 17.77 55.41 -11.22
N GLN T 297 17.91 55.36 -9.91
CA GLN T 297 16.85 55.77 -8.99
C GLN T 297 17.37 56.92 -8.14
N LEU T 298 16.69 58.06 -8.21
CA LEU T 298 17.10 59.28 -7.52
C LEU T 298 15.93 59.79 -6.69
N ASN T 299 15.95 59.49 -5.39
CA ASN T 299 14.93 59.97 -4.47
C ASN T 299 15.46 61.22 -3.77
N ILE T 300 14.75 62.33 -3.93
CA ILE T 300 15.16 63.62 -3.38
C ILE T 300 14.05 64.14 -2.48
N SER T 301 14.42 64.56 -1.28
CA SER T 301 13.46 65.10 -0.31
C SER T 301 14.05 66.32 0.36
N GLU T 302 13.24 67.38 0.47
CA GLU T 302 13.66 68.62 1.12
C GLU T 302 12.48 69.14 1.93
N GLN T 303 12.52 68.94 3.25
CA GLN T 303 11.47 69.39 4.15
C GLN T 303 11.98 70.62 4.90
N VAL T 304 11.77 71.79 4.30
CA VAL T 304 12.18 73.06 4.92
C VAL T 304 11.13 73.47 5.94
N GLY T 305 11.57 73.80 7.15
CA GLY T 305 10.66 74.23 8.19
C GLY T 305 10.67 75.73 8.44
N ALA T 353 19.62 78.20 9.20
CA ALA T 353 18.99 77.38 8.17
C ALA T 353 17.67 76.81 8.66
N GLY T 354 17.40 76.98 9.96
CA GLY T 354 16.18 76.49 10.55
C GLY T 354 16.14 74.97 10.62
N PRO T 355 14.95 74.41 10.70
CA PRO T 355 14.83 72.95 10.77
C PRO T 355 14.80 72.31 9.39
N ARG T 356 15.82 72.56 8.58
CA ARG T 356 15.90 71.97 7.24
C ARG T 356 16.19 70.48 7.33
N SER T 357 15.75 69.75 6.31
CA SER T 357 15.97 68.31 6.25
C SER T 357 16.13 67.84 4.81
N THR T 358 17.37 67.72 4.34
CA THR T 358 17.62 67.26 2.99
C THR T 358 18.00 65.79 2.99
N GLN T 359 17.49 65.05 2.00
CA GLN T 359 17.74 63.62 1.91
C GLN T 359 17.78 63.24 0.43
N ARG T 360 18.89 62.65 0.00
CA ARG T 360 19.08 62.24 -1.39
C ARG T 360 19.57 60.79 -1.40
N ASN T 361 18.75 59.89 -1.92
CA ASN T 361 19.09 58.47 -2.08
C ASN T 361 19.26 58.19 -3.56
N GLU T 362 20.49 57.92 -3.98
CA GLU T 362 20.83 57.72 -5.38
C GLU T 362 21.39 56.31 -5.58
N THR T 363 20.80 55.58 -6.52
CA THR T 363 21.26 54.25 -6.89
C THR T 363 21.46 54.22 -8.40
N SER T 364 22.63 53.78 -8.85
CA SER T 364 23.00 53.80 -10.26
C SER T 364 23.62 52.46 -10.64
N ASN T 365 23.15 51.90 -11.75
CA ASN T 365 23.74 50.69 -12.33
C ASN T 365 24.39 51.06 -13.65
N TYR T 366 25.66 50.71 -13.81
CA TYR T 366 26.45 51.12 -14.96
C TYR T 366 26.77 49.93 -15.87
N GLU T 367 27.04 50.26 -17.13
CA GLU T 367 27.59 49.32 -18.10
C GLU T 367 28.94 49.86 -18.56
N VAL T 368 29.96 49.03 -18.54
CA VAL T 368 31.33 49.48 -18.74
C VAL T 368 31.92 48.84 -19.99
N ASP T 369 32.83 49.57 -20.63
CA ASP T 369 33.57 49.04 -21.76
C ASP T 369 34.54 47.95 -21.28
N ARG T 370 34.70 46.93 -22.11
CA ARG T 370 35.50 45.77 -21.72
C ARG T 370 36.30 45.29 -22.92
N THR T 371 37.58 44.99 -22.68
CA THR T 371 38.49 44.54 -23.74
C THR T 371 39.31 43.39 -23.20
N ILE T 372 39.07 42.19 -23.73
CA ILE T 372 39.85 41.00 -23.37
C ILE T 372 40.83 40.71 -24.49
N ARG T 373 42.12 40.66 -24.17
CA ARG T 373 43.16 40.31 -25.12
C ARG T 373 43.87 39.05 -24.66
N HIS T 374 43.91 38.06 -25.53
CA HIS T 374 44.59 36.80 -25.28
C HIS T 374 45.80 36.69 -26.20
N THR T 375 46.98 36.53 -25.60
CA THR T 375 48.23 36.58 -26.35
C THR T 375 49.06 35.34 -26.03
N LYS T 376 49.55 34.68 -27.08
CA LYS T 376 50.48 33.57 -26.96
C LYS T 376 51.79 33.97 -27.63
N MET T 377 52.80 34.31 -26.84
CA MET T 377 54.07 34.75 -27.38
C MET T 377 54.75 33.65 -28.17
N ASN T 378 55.42 34.04 -29.24
CA ASN T 378 56.14 33.10 -30.09
C ASN T 378 57.37 32.55 -29.36
N VAL T 379 57.65 31.28 -29.59
CA VAL T 379 58.82 30.62 -29.03
C VAL T 379 59.97 30.76 -30.02
N GLY T 380 61.09 31.29 -29.55
CA GLY T 380 62.23 31.56 -30.39
C GLY T 380 62.48 33.02 -30.71
N ASP T 381 61.84 33.95 -30.01
CA ASP T 381 62.07 35.36 -30.26
C ASP T 381 63.42 35.79 -29.71
N ILE T 382 63.90 36.94 -30.19
CA ILE T 382 65.20 37.47 -29.81
C ILE T 382 65.02 38.39 -28.61
N GLU T 383 65.82 38.18 -27.56
CA GLU T 383 65.81 39.02 -26.38
C GLU T 383 66.86 40.13 -26.41
N ARG T 384 68.10 39.78 -26.74
CA ARG T 384 69.20 40.74 -26.70
C ARG T 384 70.25 40.29 -27.71
N LEU T 385 70.59 41.18 -28.63
CA LEU T 385 71.54 40.88 -29.70
C LEU T 385 72.78 41.77 -29.54
N SER T 386 73.95 41.14 -29.46
CA SER T 386 75.22 41.85 -29.43
C SER T 386 76.09 41.36 -30.58
N VAL T 387 76.70 42.32 -31.28
CA VAL T 387 77.39 42.03 -32.53
C VAL T 387 78.79 42.65 -32.47
N ALA T 388 79.79 41.87 -32.87
CA ALA T 388 81.17 42.32 -32.93
C ALA T 388 81.61 42.36 -34.38
N VAL T 389 82.04 43.52 -34.84
CA VAL T 389 82.48 43.72 -36.22
C VAL T 389 83.90 44.29 -36.19
N VAL T 390 84.77 43.75 -37.04
CA VAL T 390 86.13 44.23 -37.19
C VAL T 390 86.39 44.52 -38.67
N VAL T 391 86.99 45.67 -38.94
CA VAL T 391 87.31 46.08 -40.31
C VAL T 391 88.82 46.14 -40.47
N ASN T 392 89.28 46.12 -41.72
CA ASN T 392 90.69 46.17 -42.04
C ASN T 392 91.14 47.61 -42.26
N TYR T 393 92.45 47.77 -42.45
CA TYR T 393 93.01 49.07 -42.81
C TYR T 393 92.96 49.24 -44.32
N LYS T 394 93.44 50.38 -44.83
CA LYS T 394 93.43 50.66 -46.25
C LYS T 394 94.86 50.70 -46.76
N THR T 395 95.23 49.72 -47.58
CA THR T 395 96.56 49.65 -48.19
C THR T 395 96.48 50.27 -49.58
N LEU T 396 97.13 51.41 -49.76
CA LEU T 396 97.12 52.09 -51.05
C LEU T 396 98.02 51.37 -52.05
N ALA T 397 98.18 52.00 -53.22
CA ALA T 397 99.03 51.42 -54.25
C ALA T 397 100.47 51.23 -53.76
N ASP T 398 100.95 52.14 -52.91
CA ASP T 398 102.25 51.96 -52.29
C ASP T 398 102.28 50.74 -51.38
N GLY T 399 101.19 50.53 -50.62
CA GLY T 399 101.10 49.42 -49.69
C GLY T 399 101.03 49.82 -48.24
N LYS T 400 101.00 51.11 -47.93
CA LYS T 400 100.95 51.56 -46.54
C LYS T 400 99.56 51.33 -45.96
N PRO T 401 99.43 50.63 -44.83
CA PRO T 401 98.10 50.39 -44.26
C PRO T 401 97.53 51.63 -43.60
N LEU T 402 96.91 52.50 -44.40
CA LEU T 402 96.34 53.74 -43.87
C LEU T 402 95.04 53.44 -43.15
N PRO T 403 94.90 53.85 -41.88
CA PRO T 403 93.64 53.63 -41.17
C PRO T 403 92.50 54.46 -41.75
N LEU T 404 91.28 54.05 -41.42
CA LEU T 404 90.08 54.74 -41.90
C LEU T 404 89.87 56.05 -41.13
N THR T 405 88.80 56.77 -41.47
CA THR T 405 88.50 58.06 -40.86
C THR T 405 87.30 57.93 -39.92
N ALA T 406 87.06 58.99 -39.16
CA ALA T 406 85.96 58.99 -38.20
C ALA T 406 84.61 58.94 -38.91
N ASP T 407 84.47 59.67 -40.01
CA ASP T 407 83.20 59.67 -40.75
C ASP T 407 82.89 58.30 -41.31
N GLN T 408 83.90 57.63 -41.87
CA GLN T 408 83.70 56.29 -42.40
C GLN T 408 83.36 55.30 -41.29
N MET T 409 84.00 55.44 -40.13
CA MET T 409 83.68 54.58 -38.99
C MET T 409 82.24 54.79 -38.53
N LYS T 410 81.79 56.05 -38.49
CA LYS T 410 80.41 56.33 -38.12
C LYS T 410 79.44 55.73 -39.14
N GLN T 411 79.79 55.81 -40.42
CA GLN T 411 78.94 55.21 -41.45
C GLN T 411 78.85 53.70 -41.28
N ILE T 412 79.98 53.06 -40.98
CA ILE T 412 79.97 51.61 -40.75
C ILE T 412 79.12 51.27 -39.53
N GLU T 413 79.23 52.07 -38.47
CA GLU T 413 78.43 51.82 -37.27
C GLU T 413 76.94 51.93 -37.58
N ASP T 414 76.56 52.97 -38.34
CA ASP T 414 75.15 53.14 -38.69
C ASP T 414 74.65 51.99 -39.56
N LEU T 415 75.44 51.59 -40.55
CA LEU T 415 75.04 50.49 -41.41
C LEU T 415 74.90 49.20 -40.63
N THR T 416 75.81 48.93 -39.70
CA THR T 416 75.72 47.72 -38.89
C THR T 416 74.50 47.77 -37.97
N ARG T 417 74.20 48.94 -37.43
CA ARG T 417 73.02 49.09 -36.58
C ARG T 417 71.76 48.82 -37.38
N GLU T 418 71.72 49.30 -38.63
CA GLU T 418 70.56 49.06 -39.49
C GLU T 418 70.43 47.58 -39.83
N ALA T 419 71.55 46.93 -40.16
CA ALA T 419 71.52 45.53 -40.56
C ALA T 419 71.12 44.62 -39.40
N MET T 420 71.66 44.89 -38.21
CA MET T 420 71.41 44.03 -37.06
C MET T 420 70.02 44.25 -36.46
N GLY T 421 69.28 45.25 -36.94
CA GLY T 421 68.03 45.60 -36.30
C GLY T 421 68.21 46.16 -34.91
N PHE T 422 69.17 47.07 -34.74
CA PHE T 422 69.51 47.58 -33.42
C PHE T 422 68.31 48.25 -32.76
N SER T 423 68.09 47.90 -31.49
CA SER T 423 67.02 48.47 -30.70
C SER T 423 67.52 48.69 -29.28
N ASP T 424 66.93 49.68 -28.60
CA ASP T 424 67.30 49.99 -27.23
C ASP T 424 66.42 49.29 -26.19
N LYS T 425 65.18 48.94 -26.55
CA LYS T 425 64.35 48.17 -25.63
C LYS T 425 64.93 46.79 -25.39
N ARG T 426 65.44 46.14 -26.43
CA ARG T 426 66.07 44.83 -26.27
C ARG T 426 67.33 44.93 -25.42
N GLY T 427 68.11 45.99 -25.61
CA GLY T 427 69.38 46.14 -24.92
C GLY T 427 70.55 45.74 -25.79
N ASP T 428 70.43 46.00 -27.09
CA ASP T 428 71.44 45.59 -28.06
C ASP T 428 72.71 46.41 -27.87
N THR T 429 73.86 45.74 -28.03
CA THR T 429 75.16 46.39 -27.97
C THR T 429 75.92 46.11 -29.26
N LEU T 430 76.58 47.12 -29.79
CA LEU T 430 77.36 47.00 -31.02
C LEU T 430 78.75 47.60 -30.80
N ASN T 431 79.78 46.91 -31.29
CA ASN T 431 81.16 47.37 -31.18
C ASN T 431 81.85 47.12 -32.51
N VAL T 432 82.25 48.20 -33.18
CA VAL T 432 83.02 48.13 -34.42
C VAL T 432 84.36 48.81 -34.19
N VAL T 433 85.45 48.08 -34.41
CA VAL T 433 86.80 48.59 -34.21
C VAL T 433 87.57 48.44 -35.52
N ASN T 434 88.58 49.29 -35.70
CA ASN T 434 89.41 49.27 -36.90
C ASN T 434 90.81 48.81 -36.52
N SER T 435 91.32 47.80 -37.23
CA SER T 435 92.65 47.27 -36.99
C SER T 435 93.16 46.55 -38.22
N PRO T 436 94.47 46.58 -38.48
CA PRO T 436 95.00 45.88 -39.67
C PRO T 436 94.93 44.38 -39.51
N PHE T 437 94.47 43.70 -40.56
CA PHE T 437 94.36 42.26 -40.53
C PHE T 437 95.75 41.61 -40.62
N SER T 438 95.88 40.45 -39.98
CA SER T 438 97.13 39.71 -40.03
C SER T 438 97.23 38.93 -41.34
N ALA T 439 98.46 38.55 -41.67
CA ALA T 439 98.72 37.81 -42.90
C ALA T 439 98.23 36.37 -42.79
N ASP U 229 72.77 9.14 -17.55
CA ASP U 229 71.70 9.14 -18.54
C ASP U 229 71.37 10.57 -18.97
N LEU U 230 70.43 11.19 -18.26
CA LEU U 230 70.07 12.57 -18.57
C LEU U 230 71.21 13.53 -18.23
N ASN U 231 71.97 13.19 -17.19
CA ASN U 231 73.10 14.04 -16.78
C ASN U 231 74.14 14.14 -17.88
N ASP U 232 74.41 13.03 -18.58
CA ASP U 232 75.36 13.05 -19.69
C ASP U 232 74.85 13.92 -20.83
N ALA U 233 73.54 13.87 -21.11
CA ALA U 233 72.99 14.73 -22.15
C ALA U 233 73.12 16.20 -21.76
N GLN U 234 72.86 16.53 -20.50
CA GLN U 234 73.04 17.91 -20.05
C GLN U 234 74.50 18.35 -20.16
N LEU U 235 75.42 17.46 -19.82
CA LEU U 235 76.85 17.79 -19.89
C LEU U 235 77.28 18.01 -21.33
N LYS U 236 76.80 17.18 -22.25
CA LYS U 236 77.12 17.37 -23.67
C LYS U 236 76.53 18.67 -24.19
N PHE U 237 75.31 19.02 -23.73
CA PHE U 237 74.72 20.29 -24.08
C PHE U 237 75.60 21.46 -23.62
N ALA U 238 76.09 21.40 -22.38
CA ALA U 238 76.99 22.42 -21.87
C ALA U 238 78.28 22.48 -22.69
N ASN U 239 78.85 21.32 -23.03
CA ASN U 239 80.07 21.30 -23.81
C ASN U 239 79.89 21.93 -25.18
N ASP U 240 78.77 21.63 -25.86
CA ASP U 240 78.51 22.25 -27.16
C ASP U 240 78.34 23.75 -27.04
N VAL U 241 77.61 24.22 -26.02
CA VAL U 241 77.45 25.66 -25.86
C VAL U 241 78.79 26.34 -25.63
N GLU U 242 79.62 25.75 -24.76
CA GLU U 242 80.93 26.33 -24.47
C GLU U 242 81.81 26.34 -25.71
N SER U 243 81.79 25.26 -26.49
CA SER U 243 82.61 25.18 -27.69
C SER U 243 82.19 26.22 -28.71
N ARG U 244 80.89 26.42 -28.87
CA ARG U 244 80.41 27.43 -29.84
C ARG U 244 80.75 28.85 -29.39
N ILE U 245 80.64 29.14 -28.09
CA ILE U 245 81.07 30.45 -27.62
C ILE U 245 82.58 30.64 -27.86
N GLN U 246 83.36 29.60 -27.59
CA GLN U 246 84.80 29.65 -27.85
C GLN U 246 85.09 29.93 -29.31
N ARG U 247 84.40 29.23 -30.22
CA ARG U 247 84.63 29.43 -31.65
C ARG U 247 84.23 30.82 -32.08
N ARG U 248 83.12 31.35 -31.54
CA ARG U 248 82.71 32.70 -31.90
C ARG U 248 83.74 33.73 -31.46
N ILE U 249 84.32 33.55 -30.27
CA ILE U 249 85.37 34.46 -29.82
C ILE U 249 86.59 34.36 -30.73
N GLU U 250 87.01 33.12 -31.03
CA GLU U 250 88.19 32.90 -31.85
C GLU U 250 88.03 33.49 -33.25
N ALA U 251 86.81 33.44 -33.78
CA ALA U 251 86.53 33.92 -35.13
C ALA U 251 86.87 35.40 -35.29
N ILE U 252 86.50 36.21 -34.31
CA ILE U 252 86.79 37.65 -34.41
C ILE U 252 88.20 37.95 -33.92
N LEU U 253 88.73 37.13 -33.01
CA LEU U 253 90.05 37.41 -32.47
C LEU U 253 91.16 36.97 -33.42
N SER U 254 90.82 36.15 -34.43
CA SER U 254 91.80 35.64 -35.38
C SER U 254 92.30 36.70 -36.38
N PRO U 255 91.42 37.45 -37.07
CA PRO U 255 91.92 38.34 -38.14
C PRO U 255 92.93 39.38 -37.69
N ILE U 256 92.75 39.94 -36.49
CA ILE U 256 93.66 40.98 -36.00
C ILE U 256 94.82 40.34 -35.25
N VAL U 257 94.64 39.43 -34.33
CA VAL U 257 95.79 38.90 -33.51
C VAL U 257 96.55 37.88 -34.35
N GLY U 258 95.85 37.11 -35.16
CA GLY U 258 96.49 36.13 -36.03
C GLY U 258 96.11 34.72 -35.68
N ASN U 259 96.16 33.79 -36.63
CA ASN U 259 95.90 32.36 -36.31
C ASN U 259 96.88 31.83 -35.27
N GLY U 260 96.36 31.16 -34.22
CA GLY U 260 97.17 30.56 -33.15
C GLY U 260 97.69 31.58 -32.14
N ASN U 261 97.50 32.84 -32.38
CA ASN U 261 98.07 33.85 -31.47
C ASN U 261 96.98 34.20 -30.48
N VAL U 262 95.93 33.39 -30.47
CA VAL U 262 94.86 33.59 -29.50
C VAL U 262 94.27 32.24 -29.12
N HIS U 263 94.08 32.04 -27.81
CA HIS U 263 93.43 30.86 -27.26
C HIS U 263 92.39 31.30 -26.23
N ALA U 264 91.21 30.70 -26.29
CA ALA U 264 90.14 31.02 -25.36
C ALA U 264 89.42 29.74 -24.96
N GLN U 265 88.94 29.70 -23.72
CA GLN U 265 88.14 28.58 -23.21
C GLN U 265 86.97 29.15 -22.43
N VAL U 266 85.81 28.49 -22.54
CA VAL U 266 84.56 28.98 -21.98
C VAL U 266 84.01 27.91 -21.04
N THR U 267 83.52 28.33 -19.88
CA THR U 267 82.73 27.49 -18.99
C THR U 267 81.38 28.13 -18.77
N ALA U 268 80.33 27.31 -18.69
CA ALA U 268 78.96 27.80 -18.64
C ALA U 268 78.24 27.15 -17.45
N GLN U 269 77.65 28.00 -16.61
CA GLN U 269 76.74 27.52 -15.57
C GLN U 269 75.32 27.58 -16.11
N LEU U 270 74.71 26.42 -16.29
CA LEU U 270 73.44 26.30 -17.01
C LEU U 270 72.29 26.09 -16.04
N ASP U 271 71.07 26.08 -16.60
CA ASP U 271 69.83 25.98 -15.83
C ASP U 271 69.05 24.78 -16.33
N PHE U 272 69.09 23.69 -15.57
CA PHE U 272 68.38 22.46 -15.90
C PHE U 272 67.26 22.18 -14.91
N ALA U 273 66.68 23.23 -14.34
CA ALA U 273 65.62 23.12 -13.35
C ALA U 273 64.31 23.56 -14.00
N ASN U 274 63.33 22.65 -14.03
CA ASN U 274 62.02 22.96 -14.60
C ASN U 274 61.24 23.90 -13.69
N LYS U 275 60.91 25.08 -14.18
CA LYS U 275 60.14 26.06 -13.42
C LYS U 275 58.87 26.44 -14.16
N GLU U 276 57.78 26.55 -13.41
CA GLU U 276 56.48 26.97 -13.94
C GLU U 276 55.95 28.09 -13.06
N GLN U 277 55.47 29.16 -13.69
CA GLN U 277 55.07 30.34 -12.94
C GLN U 277 53.80 30.93 -13.52
N THR U 278 52.89 31.32 -12.63
CA THR U 278 51.64 32.00 -13.00
C THR U 278 51.59 33.31 -12.25
N GLU U 279 51.42 34.41 -12.98
CA GLU U 279 51.45 35.76 -12.41
C GLU U 279 50.10 36.43 -12.61
N GLU U 280 49.57 37.01 -11.54
CA GLU U 280 48.32 37.75 -11.58
C GLU U 280 48.59 39.18 -11.11
N HIS U 281 48.10 40.15 -11.89
CA HIS U 281 48.31 41.57 -11.60
C HIS U 281 46.97 42.28 -11.64
N TYR U 282 46.70 43.10 -10.62
CA TYR U 282 45.51 43.92 -10.55
C TYR U 282 45.91 45.39 -10.64
N SER U 283 45.27 46.12 -11.54
CA SER U 283 45.50 47.57 -11.61
C SER U 283 44.84 48.25 -10.42
N PRO U 284 45.55 49.16 -9.75
CA PRO U 284 44.97 49.84 -8.59
C PRO U 284 43.80 50.72 -9.00
N ASN U 285 42.78 50.77 -8.13
CA ASN U 285 41.58 51.56 -8.37
C ASN U 285 41.24 52.48 -7.20
N GLY U 286 42.23 52.83 -6.39
CA GLY U 286 42.00 53.71 -5.25
C GLY U 286 41.67 55.14 -5.63
N ASP U 287 42.06 55.58 -6.82
CA ASP U 287 41.75 56.93 -7.28
C ASP U 287 40.40 56.89 -8.00
N ALA U 288 39.53 57.83 -7.67
CA ALA U 288 38.19 57.87 -8.28
C ALA U 288 38.21 58.14 -9.77
N SER U 289 39.31 58.68 -10.31
CA SER U 289 39.39 58.97 -11.73
C SER U 289 39.59 57.73 -12.59
N LYS U 290 40.36 56.74 -12.11
CA LYS U 290 40.58 55.52 -12.86
C LYS U 290 39.74 54.36 -12.36
N ALA U 291 38.79 54.59 -11.45
CA ALA U 291 38.00 53.53 -10.86
C ALA U 291 36.82 53.20 -11.78
N THR U 292 36.67 51.92 -12.10
CA THR U 292 35.54 51.48 -12.92
C THR U 292 34.46 50.88 -12.02
N LEU U 293 33.22 51.32 -12.23
CA LEU U 293 32.12 50.99 -11.35
C LEU U 293 31.01 50.27 -12.11
N ARG U 294 30.36 49.33 -11.43
CA ARG U 294 29.15 48.67 -11.92
C ARG U 294 27.88 49.15 -11.23
N SER U 295 27.91 49.30 -9.91
CA SER U 295 26.75 49.76 -9.17
C SER U 295 27.21 50.61 -8.00
N ARG U 296 26.44 51.65 -7.72
CA ARG U 296 26.82 52.61 -6.69
C ARG U 296 25.56 53.13 -6.01
N GLN U 297 25.51 53.02 -4.69
CA GLN U 297 24.40 53.52 -3.90
C GLN U 297 24.93 54.56 -2.92
N LEU U 298 24.41 55.78 -3.03
CA LEU U 298 24.87 56.93 -2.23
C LEU U 298 23.66 57.54 -1.53
N ASN U 299 23.48 57.19 -0.25
CA ASN U 299 22.41 57.77 0.55
C ASN U 299 22.99 58.92 1.37
N ILE U 300 22.44 60.11 1.19
CA ILE U 300 22.92 61.32 1.85
C ILE U 300 21.78 61.94 2.62
N SER U 301 22.02 62.27 3.89
CA SER U 301 21.02 62.88 4.74
C SER U 301 21.65 64.00 5.55
N GLU U 302 20.97 65.15 5.61
CA GLU U 302 21.44 66.30 6.37
C GLU U 302 20.23 66.94 7.05
N GLN U 303 20.07 66.69 8.34
CA GLN U 303 18.97 67.24 9.13
C GLN U 303 19.51 68.37 10.01
N VAL U 304 19.53 69.58 9.44
CA VAL U 304 20.00 70.75 10.16
C VAL U 304 18.89 71.26 11.06
N GLY U 305 19.20 71.51 12.33
CA GLY U 305 18.21 71.99 13.28
C GLY U 305 18.36 73.47 13.60
N ALA U 353 27.36 74.78 15.62
CA ALA U 353 26.79 74.07 14.49
C ALA U 353 25.35 73.66 14.77
N GLY U 354 24.93 73.83 16.02
CA GLY U 354 23.60 73.46 16.43
C GLY U 354 23.37 71.97 16.42
N PRO U 355 22.11 71.55 16.32
CA PRO U 355 21.82 70.11 16.30
C PRO U 355 21.88 69.52 14.89
N ARG U 356 23.04 69.68 14.24
CA ARG U 356 23.22 69.14 12.90
C ARG U 356 23.32 67.62 12.94
N SER U 357 22.93 66.99 11.83
CA SER U 357 22.99 65.53 11.73
C SER U 357 23.28 65.10 10.30
N THR U 358 24.55 64.84 9.99
CA THR U 358 24.92 64.40 8.65
C THR U 358 25.13 62.89 8.64
N GLN U 359 24.67 62.27 7.55
CA GLN U 359 24.75 60.81 7.41
C GLN U 359 24.94 60.49 5.94
N ARG U 360 26.02 59.77 5.62
CA ARG U 360 26.34 59.39 4.25
C ARG U 360 26.66 57.89 4.22
N ASN U 361 25.81 57.12 3.56
CA ASN U 361 26.00 55.68 3.38
C ASN U 361 26.34 55.44 1.91
N GLU U 362 27.58 55.02 1.65
CA GLU U 362 28.06 54.83 0.29
C GLU U 362 28.47 53.37 0.10
N THR U 363 27.93 52.75 -0.95
CA THR U 363 28.28 51.39 -1.33
C THR U 363 28.67 51.38 -2.80
N SER U 364 29.83 50.82 -3.11
CA SER U 364 30.38 50.85 -4.46
C SER U 364 30.88 49.46 -4.83
N ASN U 365 30.51 49.00 -6.02
CA ASN U 365 31.02 47.74 -6.57
C ASN U 365 31.88 48.08 -7.79
N TYR U 366 33.12 47.58 -7.80
CA TYR U 366 34.09 47.92 -8.82
C TYR U 366 34.39 46.74 -9.73
N GLU U 367 34.85 47.07 -10.94
CA GLU U 367 35.43 46.11 -11.87
C GLU U 367 36.87 46.51 -12.12
N VAL U 368 37.78 45.54 -12.02
CA VAL U 368 39.21 45.82 -12.02
C VAL U 368 39.87 45.17 -13.22
N ASP U 369 40.94 45.79 -13.69
CA ASP U 369 41.75 45.21 -14.74
C ASP U 369 42.52 44.00 -14.20
N ARG U 370 42.67 42.99 -15.06
CA ARG U 370 43.26 41.73 -14.63
C ARG U 370 44.15 41.20 -15.73
N THR U 371 45.34 40.73 -15.35
CA THR U 371 46.32 40.22 -16.31
C THR U 371 46.93 38.94 -15.72
N ILE U 372 46.62 37.80 -16.34
CA ILE U 372 47.19 36.52 -15.95
C ILE U 372 48.28 36.15 -16.95
N ARG U 373 49.50 35.93 -16.46
CA ARG U 373 50.60 35.49 -17.29
C ARG U 373 51.09 34.13 -16.81
N HIS U 374 51.13 33.17 -17.72
CA HIS U 374 51.62 31.82 -17.45
C HIS U 374 52.92 31.61 -18.20
N THR U 375 53.98 31.28 -17.47
CA THR U 375 55.32 31.20 -18.05
C THR U 375 55.94 29.86 -17.70
N LYS U 376 56.48 29.18 -18.70
CA LYS U 376 57.25 27.95 -18.52
C LYS U 376 58.68 28.21 -19.00
N MET U 377 59.60 28.39 -18.05
CA MET U 377 60.98 28.70 -18.42
C MET U 377 61.62 27.54 -19.16
N ASN U 378 62.47 27.89 -20.12
CA ASN U 378 63.17 26.89 -20.91
C ASN U 378 64.22 26.18 -20.06
N VAL U 379 64.38 24.88 -20.31
CA VAL U 379 65.39 24.06 -19.65
C VAL U 379 66.66 24.09 -20.47
N GLY U 380 67.76 24.47 -19.84
CA GLY U 380 69.03 24.62 -20.50
C GLY U 380 69.50 26.05 -20.72
N ASP U 381 68.88 27.03 -20.06
CA ASP U 381 69.31 28.40 -20.21
C ASP U 381 70.62 28.64 -19.46
N ILE U 382 71.29 29.74 -19.82
CA ILE U 382 72.57 30.09 -19.25
C ILE U 382 72.36 30.99 -18.04
N GLU U 383 72.98 30.64 -16.92
CA GLU U 383 72.90 31.44 -15.70
C GLU U 383 74.07 32.39 -15.54
N ARG U 384 75.30 31.90 -15.72
CA ARG U 384 76.49 32.72 -15.49
C ARG U 384 77.59 32.19 -16.39
N LEU U 385 78.17 33.06 -17.21
CA LEU U 385 79.21 32.68 -18.15
C LEU U 385 80.51 33.39 -17.79
N SER U 386 81.58 32.63 -17.60
CA SER U 386 82.90 33.18 -17.37
C SER U 386 83.85 32.63 -18.42
N VAL U 387 84.66 33.52 -18.99
CA VAL U 387 85.48 33.19 -20.15
C VAL U 387 86.90 33.63 -19.88
N ALA U 388 87.86 32.74 -20.19
CA ALA U 388 89.28 33.02 -20.04
C ALA U 388 89.91 33.05 -21.43
N VAL U 389 90.55 34.18 -21.77
CA VAL U 389 91.18 34.36 -23.07
C VAL U 389 92.64 34.75 -22.83
N VAL U 390 93.54 34.13 -23.59
CA VAL U 390 94.97 34.44 -23.54
C VAL U 390 95.44 34.75 -24.95
N VAL U 391 96.21 35.83 -25.08
CA VAL U 391 96.75 36.24 -26.37
C VAL U 391 98.27 36.12 -26.35
N ASN U 392 98.88 36.09 -27.52
CA ASN U 392 100.33 35.97 -27.65
C ASN U 392 100.98 37.35 -27.73
N TYR U 393 102.30 37.36 -27.76
CA TYR U 393 103.06 38.58 -27.98
C TYR U 393 103.22 38.81 -29.47
N LYS U 394 103.89 39.90 -29.85
CA LYS U 394 104.11 40.23 -31.26
C LYS U 394 105.60 40.10 -31.56
N THR U 395 105.95 39.12 -32.38
CA THR U 395 107.33 38.92 -32.81
C THR U 395 107.51 39.59 -34.17
N LEU U 396 108.32 40.64 -34.21
CA LEU U 396 108.55 41.37 -35.45
C LEU U 396 109.48 40.57 -36.36
N ALA U 397 109.88 41.20 -37.47
CA ALA U 397 110.79 40.57 -38.41
C ALA U 397 112.11 40.19 -37.75
N ASP U 398 112.57 41.00 -36.79
CA ASP U 398 113.76 40.64 -36.03
C ASP U 398 113.52 39.40 -35.18
N GLY U 399 112.32 39.30 -34.59
CA GLY U 399 111.97 38.17 -33.74
C GLY U 399 111.76 38.52 -32.28
N LYS U 400 111.84 39.79 -31.91
CA LYS U 400 111.66 40.19 -30.53
C LYS U 400 110.19 40.12 -30.14
N PRO U 401 109.82 39.40 -29.08
CA PRO U 401 108.40 39.32 -28.69
C PRO U 401 107.90 40.60 -28.05
N LEU U 402 107.51 41.56 -28.87
CA LEU U 402 107.03 42.84 -28.36
C LEU U 402 105.61 42.69 -27.82
N PRO U 403 105.36 43.06 -26.56
CA PRO U 403 103.99 42.97 -26.03
C PRO U 403 103.05 43.96 -26.72
N LEU U 404 101.75 43.69 -26.56
CA LEU U 404 100.72 44.54 -27.14
C LEU U 404 100.57 45.83 -26.36
N THR U 405 99.66 46.70 -26.79
CA THR U 405 99.43 47.99 -26.16
C THR U 405 98.11 47.98 -25.39
N ALA U 406 97.89 49.03 -24.61
CA ALA U 406 96.68 49.14 -23.80
C ALA U 406 95.44 49.27 -24.68
N ASP U 407 95.53 50.07 -25.75
CA ASP U 407 94.39 50.25 -26.64
C ASP U 407 93.99 48.93 -27.31
N GLN U 408 94.99 48.17 -27.77
CA GLN U 408 94.69 46.88 -28.39
C GLN U 408 94.08 45.92 -27.38
N MET U 409 94.59 45.93 -26.15
CA MET U 409 94.02 45.08 -25.10
C MET U 409 92.56 45.45 -24.82
N LYS U 410 92.26 46.75 -24.78
CA LYS U 410 90.89 47.19 -24.57
C LYS U 410 90.00 46.74 -25.73
N GLN U 411 90.52 46.84 -26.96
CA GLN U 411 89.76 46.38 -28.12
C GLN U 411 89.47 44.89 -28.04
N ILE U 412 90.46 44.10 -27.64
CA ILE U 412 90.25 42.65 -27.47
C ILE U 412 89.20 42.38 -26.39
N GLU U 413 89.28 43.11 -25.28
CA GLU U 413 88.29 42.94 -24.21
C GLU U 413 86.88 43.25 -24.70
N ASP U 414 86.73 44.35 -25.45
CA ASP U 414 85.41 44.71 -25.97
C ASP U 414 84.89 43.66 -26.95
N LEU U 415 85.77 43.19 -27.85
CA LEU U 415 85.36 42.18 -28.81
C LEU U 415 84.95 40.89 -28.12
N THR U 416 85.70 40.47 -27.10
CA THR U 416 85.35 39.25 -26.38
C THR U 416 84.05 39.43 -25.62
N ARG U 417 83.81 40.62 -25.05
CA ARG U 417 82.55 40.88 -24.37
C ARG U 417 81.38 40.80 -25.34
N GLU U 418 81.56 41.33 -26.55
CA GLU U 418 80.51 41.25 -27.56
C GLU U 418 80.26 39.81 -27.99
N ALA U 419 81.34 39.05 -28.21
CA ALA U 419 81.18 37.67 -28.68
C ALA U 419 80.53 36.78 -27.63
N MET U 420 80.94 36.94 -26.36
CA MET U 420 80.43 36.08 -25.30
C MET U 420 79.01 36.45 -24.87
N GLY U 421 78.46 37.55 -25.39
CA GLY U 421 77.19 38.02 -24.90
C GLY U 421 77.25 38.51 -23.48
N PHE U 422 78.27 39.29 -23.14
CA PHE U 422 78.50 39.71 -21.77
C PHE U 422 77.32 40.49 -21.23
N SER U 423 76.88 40.13 -20.02
CA SER U 423 75.79 40.81 -19.34
C SER U 423 76.13 40.91 -17.86
N ASP U 424 75.57 41.94 -17.21
CA ASP U 424 75.78 42.15 -15.79
C ASP U 424 74.70 41.53 -14.92
N LYS U 425 73.48 41.35 -15.44
CA LYS U 425 72.45 40.66 -14.68
C LYS U 425 72.82 39.21 -14.43
N ARG U 426 73.39 38.54 -15.43
CA ARG U 426 73.84 37.16 -15.26
C ARG U 426 74.97 37.07 -14.25
N GLY U 427 75.90 38.02 -14.29
CA GLY U 427 77.06 37.99 -13.43
C GLY U 427 78.29 37.48 -14.16
N ASP U 428 78.37 37.79 -15.45
CA ASP U 428 79.45 37.31 -16.31
C ASP U 428 80.77 37.95 -15.91
N THR U 429 81.84 37.16 -15.96
CA THR U 429 83.19 37.63 -15.69
C THR U 429 84.07 37.30 -16.88
N LEU U 430 84.92 38.24 -17.28
CA LEU U 430 85.84 38.06 -18.40
C LEU U 430 87.24 38.48 -17.98
N ASN U 431 88.23 37.69 -18.36
CA ASN U 431 89.63 37.97 -18.06
C ASN U 431 90.47 37.68 -19.30
N VAL U 432 91.08 38.73 -19.87
CA VAL U 432 91.99 38.60 -20.99
C VAL U 432 93.36 39.10 -20.55
N VAL U 433 94.37 38.25 -20.66
CA VAL U 433 95.74 38.58 -20.28
C VAL U 433 96.64 38.39 -21.47
N ASN U 434 97.77 39.10 -21.48
CA ASN U 434 98.74 39.03 -22.56
C ASN U 434 100.01 38.37 -22.04
N SER U 435 100.49 37.34 -22.74
CA SER U 435 101.71 36.65 -22.34
C SER U 435 102.29 35.91 -23.54
N PRO U 436 103.62 35.78 -23.63
CA PRO U 436 104.21 35.08 -24.78
C PRO U 436 103.94 33.58 -24.70
N PHE U 437 103.55 33.01 -25.83
CA PHE U 437 103.27 31.58 -25.89
C PHE U 437 104.56 30.77 -25.82
N SER U 438 104.47 29.58 -25.25
CA SER U 438 105.61 28.69 -25.17
C SER U 438 105.80 27.95 -26.49
N ALA U 439 107.01 27.44 -26.69
CA ALA U 439 107.35 26.71 -27.90
C ALA U 439 106.68 25.34 -27.93
N ASP V 229 75.03 0.62 -7.59
CA ASP V 229 74.11 0.80 -8.70
C ASP V 229 74.01 2.27 -9.10
N LEU V 230 73.06 2.98 -8.50
CA LEU V 230 72.91 4.40 -8.77
C LEU V 230 74.10 5.20 -8.24
N ASN V 231 74.68 4.73 -7.12
CA ASN V 231 75.83 5.41 -6.54
C ASN V 231 77.02 5.43 -7.49
N ASP V 232 77.24 4.32 -8.20
CA ASP V 232 78.32 4.25 -9.18
C ASP V 232 78.08 5.22 -10.33
N ALA V 233 76.82 5.34 -10.78
CA ALA V 233 76.51 6.30 -11.83
C ALA V 233 76.78 7.73 -11.36
N GLN V 234 76.39 8.04 -10.12
CA GLN V 234 76.67 9.37 -9.58
C GLN V 234 78.17 9.63 -9.49
N LEU V 235 78.93 8.63 -9.06
CA LEU V 235 80.37 8.78 -8.94
C LEU V 235 81.03 8.99 -10.30
N LYS V 236 80.57 8.25 -11.32
CA LYS V 236 81.10 8.46 -12.66
C LYS V 236 80.73 9.84 -13.19
N PHE V 237 79.53 10.31 -12.87
CA PHE V 237 79.14 11.67 -13.23
C PHE V 237 80.08 12.70 -12.62
N ALA V 238 80.39 12.54 -11.32
CA ALA V 238 81.33 13.43 -10.65
C ALA V 238 82.72 13.35 -11.28
N ASN V 239 83.18 12.14 -11.61
CA ASN V 239 84.49 11.99 -12.23
C ASN V 239 84.56 12.69 -13.59
N ASP V 240 83.52 12.56 -14.41
CA ASP V 240 83.51 13.24 -15.70
C ASP V 240 83.51 14.75 -15.54
N VAL V 241 82.70 15.27 -14.60
CA VAL V 241 82.69 16.72 -14.38
C VAL V 241 84.07 17.21 -13.95
N GLU V 242 84.70 16.50 -13.00
CA GLU V 242 86.01 16.90 -12.52
C GLU V 242 87.05 16.85 -13.63
N SER V 243 87.00 15.79 -14.46
CA SER V 243 87.96 15.65 -15.54
C SER V 243 87.81 16.78 -16.55
N ARG V 244 86.57 17.16 -16.88
CA ARG V 244 86.37 18.23 -17.84
C ARG V 244 86.79 19.59 -17.29
N ILE V 245 86.55 19.84 -16.00
CA ILE V 245 87.07 21.08 -15.41
C ILE V 245 88.60 21.09 -15.44
N GLN V 246 89.22 19.94 -15.13
CA GLN V 246 90.67 19.83 -15.20
C GLN V 246 91.19 20.12 -16.60
N ARG V 247 90.54 19.55 -17.62
CA ARG V 247 90.99 19.77 -18.99
C ARG V 247 90.82 21.22 -19.41
N ARG V 248 89.72 21.85 -18.99
CA ARG V 248 89.51 23.25 -19.32
C ARG V 248 90.59 24.13 -18.71
N ILE V 249 90.98 23.84 -17.46
CA ILE V 249 92.07 24.60 -16.83
C ILE V 249 93.37 24.38 -17.58
N GLU V 250 93.68 23.11 -17.89
CA GLU V 250 94.93 22.77 -18.57
C GLU V 250 95.02 23.42 -19.93
N ALA V 251 93.89 23.54 -20.62
CA ALA V 251 93.86 24.09 -21.97
C ALA V 251 94.38 25.53 -22.01
N ILE V 252 93.99 26.35 -21.04
CA ILE V 252 94.45 27.74 -21.03
C ILE V 252 95.81 27.85 -20.35
N LEU V 253 96.10 26.93 -19.43
CA LEU V 253 97.38 27.03 -18.71
C LEU V 253 98.54 26.48 -19.53
N SER V 254 98.24 25.76 -20.60
CA SER V 254 99.27 25.16 -21.45
C SER V 254 100.03 26.17 -22.32
N PRO V 255 99.35 27.07 -23.09
CA PRO V 255 100.08 27.92 -24.04
C PRO V 255 101.14 28.81 -23.40
N ILE V 256 100.87 29.34 -22.21
CA ILE V 256 101.81 30.24 -21.56
C ILE V 256 102.79 29.44 -20.70
N VAL V 257 102.38 28.52 -19.85
CA VAL V 257 103.34 27.83 -18.92
C VAL V 257 104.08 26.76 -19.71
N GLY V 258 103.41 26.10 -20.64
CA GLY V 258 104.04 25.09 -21.48
C GLY V 258 103.45 23.72 -21.24
N ASN V 259 103.51 22.83 -22.23
CA ASN V 259 103.04 21.44 -22.01
C ASN V 259 103.80 20.74 -20.88
N GLY V 260 103.08 20.10 -19.95
CA GLY V 260 103.66 19.38 -18.82
C GLY V 260 104.16 20.29 -17.70
N ASN V 261 104.16 21.57 -17.90
CA ASN V 261 104.71 22.47 -16.87
C ASN V 261 103.54 22.92 -16.01
N VAL V 262 102.42 22.24 -16.18
CA VAL V 262 101.26 22.54 -15.35
C VAL V 262 100.47 21.26 -15.10
N HIS V 263 100.07 21.05 -13.84
CA HIS V 263 99.23 19.93 -13.45
C HIS V 263 98.13 20.46 -12.54
N ALA V 264 96.89 20.03 -12.79
CA ALA V 264 95.75 20.42 -11.98
C ALA V 264 94.84 19.24 -11.74
N GLN V 265 94.20 19.20 -10.58
CA GLN V 265 93.21 18.20 -10.23
C GLN V 265 92.01 18.87 -9.58
N VAL V 266 90.83 18.36 -9.87
CA VAL V 266 89.57 18.98 -9.45
C VAL V 266 88.78 17.96 -8.65
N THR V 267 88.20 18.40 -7.54
CA THR V 267 87.20 17.63 -6.79
C THR V 267 85.91 18.44 -6.73
N ALA V 268 84.78 17.74 -6.83
CA ALA V 268 83.47 18.40 -6.92
C ALA V 268 82.53 17.80 -5.87
N GLN V 269 81.94 18.68 -5.06
CA GLN V 269 80.85 18.29 -4.17
C GLN V 269 79.53 18.55 -4.90
N LEU V 270 78.81 17.48 -5.21
CA LEU V 270 77.66 17.54 -6.08
C LEU V 270 76.35 17.44 -5.29
N ASP V 271 75.24 17.61 -5.99
CA ASP V 271 73.91 17.63 -5.40
C ASP V 271 73.05 16.55 -6.07
N PHE V 272 72.86 15.44 -5.36
CA PHE V 272 72.06 14.33 -5.85
C PHE V 272 70.79 14.15 -5.02
N ALA V 273 70.28 15.25 -4.48
CA ALA V 273 69.08 15.23 -3.63
C ALA V 273 67.94 15.85 -4.43
N ASN V 274 66.88 15.08 -4.62
CA ASN V 274 65.70 15.56 -5.33
C ASN V 274 64.92 16.56 -4.48
N LYS V 275 64.80 17.80 -4.95
CA LYS V 275 64.06 18.83 -4.25
C LYS V 275 62.95 19.39 -5.14
N GLU V 276 61.79 19.61 -4.53
CA GLU V 276 60.64 20.20 -5.19
C GLU V 276 60.13 21.35 -4.33
N GLN V 277 59.87 22.50 -4.96
CA GLN V 277 59.52 23.69 -4.21
C GLN V 277 58.41 24.45 -4.92
N THR V 278 57.43 24.92 -4.14
CA THR V 278 56.34 25.75 -4.62
C THR V 278 56.35 27.04 -3.82
N GLU V 279 56.41 28.18 -4.51
CA GLU V 279 56.53 29.49 -3.87
C GLU V 279 55.30 30.33 -4.20
N GLU V 280 54.71 30.94 -3.18
CA GLU V 280 53.57 31.84 -3.34
C GLU V 280 53.94 33.20 -2.78
N HIS V 281 53.68 34.25 -3.56
CA HIS V 281 54.02 35.62 -3.17
C HIS V 281 52.79 36.50 -3.35
N TYR V 282 52.49 37.29 -2.34
CA TYR V 282 51.40 38.26 -2.37
C TYR V 282 51.97 39.67 -2.33
N SER V 283 51.56 40.51 -3.27
CA SER V 283 51.97 41.91 -3.24
C SER V 283 51.24 42.63 -2.10
N PRO V 284 51.95 43.42 -1.30
CA PRO V 284 51.31 44.13 -0.20
C PRO V 284 50.32 45.16 -0.71
N ASN V 285 49.20 45.31 0.02
CA ASN V 285 48.15 46.24 -0.33
C ASN V 285 47.77 47.16 0.83
N GLY V 286 48.68 47.36 1.79
CA GLY V 286 48.39 48.22 2.92
C GLY V 286 48.30 49.69 2.59
N ASP V 287 48.89 50.12 1.47
CA ASP V 287 48.81 51.51 1.05
C ASP V 287 47.57 51.66 0.16
N ALA V 288 46.78 52.70 0.42
CA ALA V 288 45.56 52.93 -0.34
C ALA V 288 45.80 53.24 -1.81
N SER V 289 47.02 53.66 -2.17
CA SER V 289 47.33 53.99 -3.55
C SER V 289 47.49 52.76 -4.45
N LYS V 290 48.06 51.68 -3.92
CA LYS V 290 48.23 50.45 -4.70
C LYS V 290 47.21 49.38 -4.37
N ALA V 291 46.18 49.71 -3.58
CA ALA V 291 45.19 48.72 -3.15
C ALA V 291 44.11 48.59 -4.22
N THR V 292 43.86 47.36 -4.64
CA THR V 292 42.81 47.08 -5.61
C THR V 292 41.55 46.60 -4.89
N LEU V 293 40.41 47.19 -5.24
CA LEU V 293 39.17 46.96 -4.52
C LEU V 293 38.09 46.42 -5.46
N ARG V 294 37.25 45.55 -4.91
CA ARG V 294 36.05 45.06 -5.58
C ARG V 294 34.77 45.66 -5.04
N SER V 295 34.64 45.76 -3.72
CA SER V 295 33.45 46.33 -3.11
C SER V 295 33.85 47.08 -1.85
N ARG V 296 33.18 48.20 -1.61
CA ARG V 296 33.53 49.07 -0.49
C ARG V 296 32.26 49.72 0.04
N GLN V 297 32.02 49.57 1.33
CA GLN V 297 30.88 50.17 2.01
C GLN V 297 31.40 51.11 3.09
N LEU V 298 31.05 52.39 2.99
CA LEU V 298 31.52 53.43 3.89
C LEU V 298 30.32 54.16 4.46
N ASN V 299 29.92 53.79 5.67
CA ASN V 299 28.84 54.48 6.37
C ASN V 299 29.43 55.51 7.31
N ILE V 300 29.06 56.77 7.12
CA ILE V 300 29.59 57.89 7.89
C ILE V 300 28.42 58.62 8.55
N SER V 301 28.54 58.87 9.86
CA SER V 301 27.51 59.57 10.60
C SER V 301 28.16 60.58 11.54
N GLU V 302 27.62 61.80 11.57
CA GLU V 302 28.11 62.86 12.45
C GLU V 302 26.91 63.62 12.99
N GLN V 303 26.56 63.34 14.25
CA GLN V 303 25.43 64.00 14.91
C GLN V 303 25.98 65.01 15.90
N VAL V 304 26.21 66.24 15.41
CA VAL V 304 26.72 67.32 16.25
C VAL V 304 25.57 67.93 17.02
N GLY V 305 25.73 68.08 18.33
CA GLY V 305 24.70 68.66 19.17
C GLY V 305 24.98 70.09 19.58
N ALA V 353 33.72 70.20 22.80
CA ALA V 353 33.22 69.62 21.56
C ALA V 353 31.71 69.38 21.64
N GLY V 354 31.15 69.54 22.84
CA GLY V 354 29.74 69.34 23.06
C GLY V 354 29.35 67.88 22.94
N PRO V 355 28.07 67.62 22.65
CA PRO V 355 27.61 66.24 22.51
C PRO V 355 27.80 65.69 21.10
N ARG V 356 29.03 65.73 20.61
CA ARG V 356 29.33 65.22 19.28
C ARG V 356 29.25 63.70 19.26
N SER V 357 28.94 63.16 18.09
CA SER V 357 28.83 61.71 17.92
C SER V 357 29.26 61.30 16.51
N THR V 358 30.52 60.89 16.36
CA THR V 358 31.02 60.46 15.06
C THR V 358 31.04 58.93 14.99
N GLN V 359 30.65 58.41 13.82
CA GLN V 359 30.59 56.96 13.62
C GLN V 359 30.93 56.67 12.17
N ARG V 360 31.95 55.84 11.96
CA ARG V 360 32.41 55.46 10.62
C ARG V 360 32.55 53.95 10.57
N ASN V 361 31.71 53.30 9.75
CA ASN V 361 31.75 51.86 9.53
C ASN V 361 32.24 51.63 8.10
N GLU V 362 33.44 51.07 7.98
CA GLU V 362 34.08 50.87 6.69
C GLU V 362 34.33 49.39 6.47
N THR V 363 33.88 48.87 5.33
CA THR V 363 34.10 47.49 4.93
C THR V 363 34.68 47.49 3.52
N SER V 364 35.80 46.79 3.33
CA SER V 364 36.53 46.80 2.07
C SER V 364 36.90 45.38 1.70
N ASN V 365 36.64 44.99 0.45
CA ASN V 365 37.07 43.71 -0.09
C ASN V 365 38.12 43.98 -1.18
N TYR V 366 39.27 43.33 -1.05
CA TYR V 366 40.40 43.60 -1.92
C TYR V 366 40.68 42.42 -2.84
N GLU V 367 41.34 42.72 -3.97
CA GLU V 367 41.91 41.73 -4.86
C GLU V 367 43.41 41.95 -4.91
N VAL V 368 44.18 40.88 -4.74
CA VAL V 368 45.61 40.99 -4.54
C VAL V 368 46.35 40.29 -5.67
N ASP V 369 47.55 40.80 -5.97
CA ASP V 369 48.42 40.16 -6.94
C ASP V 369 48.95 38.84 -6.37
N ARG V 370 49.09 37.85 -7.24
CA ARG V 370 49.47 36.51 -6.81
C ARG V 370 50.43 35.91 -7.82
N THR V 371 51.50 35.29 -7.31
CA THR V 371 52.53 34.69 -8.15
C THR V 371 52.89 33.33 -7.57
N ILE V 372 52.54 32.26 -8.28
CA ILE V 372 52.90 30.90 -7.88
C ILE V 372 54.05 30.43 -8.76
N ARG V 373 55.15 30.06 -8.12
CA ARG V 373 56.30 29.51 -8.83
C ARG V 373 56.56 28.08 -8.36
N HIS V 374 56.61 27.15 -9.31
CA HIS V 374 56.89 25.75 -9.04
C HIS V 374 58.24 25.40 -9.63
N THR V 375 59.15 24.92 -8.79
CA THR V 375 60.54 24.68 -9.19
C THR V 375 60.95 23.27 -8.83
N LYS V 376 61.54 22.56 -9.80
CA LYS V 376 62.12 21.25 -9.58
C LYS V 376 63.62 21.34 -9.85
N MET V 377 64.42 21.37 -8.80
CA MET V 377 65.86 21.52 -8.95
C MET V 377 66.46 20.31 -9.67
N ASN V 378 67.46 20.59 -10.50
CA ASN V 378 68.15 19.53 -11.24
C ASN V 378 68.98 18.68 -10.30
N VAL V 379 69.01 17.37 -10.60
CA VAL V 379 69.81 16.41 -9.85
C VAL V 379 71.18 16.32 -10.51
N GLY V 380 72.22 16.53 -9.71
CA GLY V 380 73.58 16.54 -10.21
C GLY V 380 74.24 17.90 -10.29
N ASP V 381 73.67 18.93 -9.66
CA ASP V 381 74.26 20.26 -9.68
C ASP V 381 75.48 20.30 -8.77
N ILE V 382 76.31 21.31 -8.98
CA ILE V 382 77.55 21.48 -8.23
C ILE V 382 77.28 22.36 -7.01
N GLU V 383 77.69 21.90 -5.84
CA GLU V 383 77.56 22.66 -4.60
C GLU V 383 78.80 23.45 -4.24
N ARG V 384 79.98 22.82 -4.29
CA ARG V 384 81.21 23.48 -3.87
C ARG V 384 82.36 22.84 -4.64
N LEU V 385 83.14 23.66 -5.34
CA LEU V 385 84.25 23.19 -6.16
C LEU V 385 85.55 23.72 -5.60
N SER V 386 86.48 22.82 -5.31
CA SER V 386 87.82 23.19 -4.89
C SER V 386 88.83 22.56 -5.83
N VAL V 387 89.81 23.37 -6.24
CA VAL V 387 90.73 22.98 -7.31
C VAL V 387 92.16 23.23 -6.83
N ALA V 388 93.03 22.24 -7.06
CA ALA V 388 94.44 22.34 -6.72
C ALA V 388 95.25 22.34 -8.00
N VAL V 389 96.05 23.39 -8.22
CA VAL V 389 96.88 23.54 -9.41
C VAL V 389 98.32 23.73 -8.96
N VAL V 390 99.24 23.04 -9.63
CA VAL V 390 100.67 23.16 -9.39
C VAL V 390 101.37 23.46 -10.70
N VAL V 391 102.27 24.44 -10.68
CA VAL V 391 103.02 24.82 -11.87
C VAL V 391 104.50 24.51 -11.66
N ASN V 392 105.25 24.44 -12.74
CA ASN V 392 106.67 24.15 -12.69
C ASN V 392 107.48 25.45 -12.63
N TYR V 393 108.80 25.28 -12.47
CA TYR V 393 109.71 26.42 -12.53
C TYR V 393 110.10 26.67 -13.97
N LYS V 394 110.94 27.69 -14.21
CA LYS V 394 111.39 28.03 -15.55
C LYS V 394 112.87 27.74 -15.68
N THR V 395 113.22 26.75 -16.50
CA THR V 395 114.61 26.38 -16.75
C THR V 395 115.04 27.08 -18.05
N LEU V 396 115.96 28.03 -17.93
CA LEU V 396 116.44 28.76 -19.08
C LEU V 396 117.39 27.88 -19.91
N ALA V 397 118.00 28.51 -20.93
CA ALA V 397 118.95 27.79 -21.77
C ALA V 397 120.12 27.23 -20.97
N ASP V 398 120.54 27.94 -19.92
CA ASP V 398 121.57 27.41 -19.03
C ASP V 398 121.05 26.18 -18.28
N GLY V 399 119.79 26.20 -17.86
CA GLY V 399 119.20 25.11 -17.11
C GLY V 399 118.84 25.43 -15.68
N LYS V 400 119.03 26.66 -15.24
CA LYS V 400 118.71 27.03 -13.87
C LYS V 400 117.20 27.13 -13.68
N PRO V 401 116.61 26.42 -12.71
CA PRO V 401 115.16 26.50 -12.51
C PRO V 401 114.73 27.81 -11.88
N LEU V 402 114.56 28.84 -12.69
CA LEU V 402 114.17 30.16 -12.18
C LEU V 402 112.69 30.16 -11.84
N PRO V 403 112.32 30.52 -10.61
CA PRO V 403 110.89 30.59 -10.26
C PRO V 403 110.18 31.71 -11.00
N LEU V 404 108.85 31.59 -11.03
CA LEU V 404 108.01 32.58 -11.70
C LEU V 404 107.91 33.86 -10.88
N THR V 405 107.17 34.85 -11.36
CA THR V 405 107.01 36.13 -10.71
C THR V 405 105.62 36.26 -10.12
N ALA V 406 105.42 37.31 -9.32
CA ALA V 406 104.13 37.53 -8.68
C ALA V 406 103.04 37.85 -9.69
N ASP V 407 103.37 38.66 -10.70
CA ASP V 407 102.39 39.02 -11.72
C ASP V 407 101.93 37.79 -12.50
N GLN V 408 102.88 36.92 -12.88
CA GLN V 408 102.52 35.71 -13.58
C GLN V 408 101.68 34.79 -12.71
N MET V 409 102.01 34.69 -11.42
CA MET V 409 101.21 33.89 -10.51
C MET V 409 99.79 34.42 -10.40
N LYS V 410 99.64 35.75 -10.33
CA LYS V 410 98.31 36.35 -10.28
C LYS V 410 97.53 36.06 -11.56
N GLN V 411 98.22 36.12 -12.71
CA GLN V 411 97.57 35.81 -13.97
C GLN V 411 97.10 34.37 -14.01
N ILE V 412 97.92 33.43 -13.52
CA ILE V 412 97.53 32.03 -13.46
C ILE V 412 96.32 31.85 -12.55
N GLU V 413 96.33 32.53 -11.40
CA GLU V 413 95.20 32.44 -10.48
C GLU V 413 93.92 32.94 -11.12
N ASP V 414 93.99 34.07 -11.83
CA ASP V 414 92.81 34.62 -12.49
C ASP V 414 92.31 33.68 -13.59
N LEU V 415 93.23 33.13 -14.38
CA LEU V 415 92.84 32.21 -15.45
C LEU V 415 92.19 30.96 -14.88
N THR V 416 92.74 30.42 -13.79
CA THR V 416 92.16 29.23 -13.18
C THR V 416 90.78 29.54 -12.58
N ARG V 417 90.63 30.72 -12.00
CA ARG V 417 89.34 31.12 -11.47
C ARG V 417 88.30 31.21 -12.58
N GLU V 418 88.70 31.76 -13.73
CA GLU V 418 87.80 31.85 -14.87
C GLU V 418 87.43 30.47 -15.41
N ALA V 419 88.43 29.59 -15.52
CA ALA V 419 88.18 28.26 -16.07
C ALA V 419 87.29 27.42 -15.16
N MET V 420 87.54 27.48 -13.85
CA MET V 420 86.80 26.65 -12.91
C MET V 420 85.39 27.18 -12.65
N GLY V 421 85.04 28.35 -13.18
CA GLY V 421 83.78 28.98 -12.83
C GLY V 421 83.72 29.40 -11.38
N PHE V 422 84.77 30.04 -10.88
CA PHE V 422 84.86 30.37 -9.46
C PHE V 422 83.70 31.27 -9.04
N SER V 423 83.08 30.93 -7.92
CA SER V 423 81.99 31.71 -7.36
C SER V 423 82.14 31.72 -5.84
N ASP V 424 81.63 32.79 -5.22
CA ASP V 424 81.67 32.92 -3.77
C ASP V 424 80.42 32.41 -3.08
N LYS V 425 79.27 32.40 -3.76
CA LYS V 425 78.07 31.82 -3.17
C LYS V 425 78.24 30.32 -2.95
N ARG V 426 78.85 29.63 -3.91
CA ARG V 426 79.10 28.20 -3.76
C ARG V 426 80.06 27.93 -2.61
N GLY V 427 81.10 28.76 -2.48
CA GLY V 427 82.13 28.55 -1.48
C GLY V 427 83.37 27.92 -2.08
N ASP V 428 83.66 28.27 -3.33
CA ASP V 428 84.77 27.68 -4.06
C ASP V 428 86.10 28.14 -3.47
N THR V 429 87.07 27.23 -3.43
CA THR V 429 88.41 27.52 -2.96
C THR V 429 89.40 27.11 -4.04
N LEU V 430 90.40 27.96 -4.28
CA LEU V 430 91.43 27.71 -5.27
C LEU V 430 92.80 27.94 -4.66
N ASN V 431 93.73 27.04 -4.95
CA ASN V 431 95.11 27.14 -4.47
C ASN V 431 96.06 26.79 -5.59
N VAL V 432 96.86 27.76 -6.02
CA VAL V 432 97.90 27.56 -7.02
C VAL V 432 99.24 27.89 -6.39
N VAL V 433 100.16 26.91 -6.42
CA VAL V 433 101.48 27.06 -5.84
C VAL V 433 102.52 26.79 -6.92
N ASN V 434 103.70 27.36 -6.75
CA ASN V 434 104.80 27.20 -7.70
C ASN V 434 105.90 26.39 -7.05
N SER V 435 106.34 25.33 -7.72
CA SER V 435 107.40 24.47 -7.22
C SER V 435 108.04 23.70 -8.37
N PRO V 436 109.35 23.42 -8.30
CA PRO V 436 110.00 22.69 -9.38
C PRO V 436 109.55 21.23 -9.42
N PHE V 437 109.25 20.75 -10.63
CA PHE V 437 108.81 19.37 -10.79
C PHE V 437 109.97 18.41 -10.61
N SER V 438 109.67 17.22 -10.11
CA SER V 438 110.69 16.19 -9.93
C SER V 438 110.95 15.47 -11.25
N ALA V 439 112.11 14.82 -11.31
CA ALA V 439 112.51 14.10 -12.51
C ALA V 439 111.69 12.84 -12.70
N ASP W 229 74.91 -8.45 2.13
CA ASP W 229 74.17 -8.13 0.91
C ASP W 229 74.30 -6.64 0.59
N LEU W 230 73.37 -5.84 1.11
CA LEU W 230 73.43 -4.39 0.87
C LEU W 230 74.63 -3.78 1.60
N ASN W 231 74.98 -4.35 2.75
CA ASN W 231 76.12 -3.84 3.52
C ASN W 231 77.42 -3.94 2.72
N ASP W 232 77.60 -5.05 2.00
CA ASP W 232 78.78 -5.20 1.16
C ASP W 232 78.82 -4.17 0.04
N ALA W 233 77.66 -3.88 -0.56
CA ALA W 233 77.60 -2.85 -1.59
C ALA W 233 77.97 -1.49 -1.01
N GLN W 234 77.46 -1.17 0.17
CA GLN W 234 77.82 0.10 0.82
C GLN W 234 79.32 0.16 1.11
N LEU W 235 79.90 -0.95 1.58
CA LEU W 235 81.32 -0.99 1.89
C LEU W 235 82.16 -0.81 0.64
N LYS W 236 81.77 -1.44 -0.47
CA LYS W 236 82.49 -1.26 -1.73
C LYS W 236 82.36 0.18 -2.22
N PHE W 237 81.19 0.79 -2.04
CA PHE W 237 81.02 2.20 -2.37
C PHE W 237 81.98 3.07 -1.58
N ALA W 238 82.09 2.82 -0.27
CA ALA W 238 83.04 3.56 0.55
C ALA W 238 84.47 3.34 0.10
N ASN W 239 84.83 2.10 -0.22
CA ASN W 239 86.19 1.80 -0.67
C ASN W 239 86.52 2.54 -1.97
N ASP W 240 85.59 2.57 -2.92
CA ASP W 240 85.84 3.29 -4.17
C ASP W 240 85.99 4.78 -3.93
N VAL W 241 85.14 5.37 -3.08
CA VAL W 241 85.27 6.79 -2.79
C VAL W 241 86.62 7.09 -2.16
N GLU W 242 87.03 6.27 -1.18
CA GLU W 242 88.30 6.50 -0.52
C GLU W 242 89.47 6.35 -1.49
N SER W 243 89.41 5.34 -2.36
CA SER W 243 90.48 5.13 -3.32
C SER W 243 90.60 6.30 -4.30
N ARG W 244 89.46 6.83 -4.75
CA ARG W 244 89.52 7.96 -5.68
C ARG W 244 90.03 9.23 -5.00
N ILE W 245 89.65 9.48 -3.74
CA ILE W 245 90.23 10.61 -3.03
C ILE W 245 91.74 10.42 -2.87
N GLN W 246 92.17 9.20 -2.54
CA GLN W 246 93.60 8.91 -2.42
C GLN W 246 94.32 9.19 -3.73
N ARG W 247 93.76 8.74 -4.85
CA ARG W 247 94.40 8.94 -6.14
C ARG W 247 94.46 10.42 -6.50
N ARG W 248 93.40 11.16 -6.19
CA ARG W 248 93.42 12.60 -6.48
C ARG W 248 94.49 13.31 -5.68
N ILE W 249 94.67 12.93 -4.42
CA ILE W 249 95.75 13.52 -3.61
C ILE W 249 97.11 13.17 -4.20
N GLU W 250 97.31 11.89 -4.54
CA GLU W 250 98.59 11.42 -5.05
C GLU W 250 98.94 12.11 -6.37
N ALA W 251 97.93 12.39 -7.19
CA ALA W 251 98.14 12.99 -8.50
C ALA W 251 98.83 14.34 -8.40
N ILE W 252 98.42 15.18 -7.45
CA ILE W 252 99.03 16.50 -7.30
C ILE W 252 100.29 16.41 -6.46
N LEU W 253 100.35 15.43 -5.55
CA LEU W 253 101.51 15.34 -4.67
C LEU W 253 102.70 14.69 -5.36
N SER W 254 102.47 14.04 -6.50
CA SER W 254 103.52 13.35 -7.24
C SER W 254 104.50 14.30 -7.95
N PRO W 255 104.03 15.28 -8.75
CA PRO W 255 104.99 16.07 -9.55
C PRO W 255 106.05 16.81 -8.75
N ILE W 256 105.70 17.32 -7.57
CA ILE W 256 106.65 18.08 -6.76
C ILE W 256 107.40 17.13 -5.83
N VAL W 257 106.76 16.24 -5.08
CA VAL W 257 107.51 15.41 -4.07
C VAL W 257 108.21 14.27 -4.81
N GLY W 258 107.60 13.75 -5.86
CA GLY W 258 108.21 12.68 -6.66
C GLY W 258 107.43 11.38 -6.57
N ASN W 259 107.52 10.54 -7.58
CA ASN W 259 106.86 9.21 -7.51
C ASN W 259 107.39 8.38 -6.32
N GLY W 260 106.47 7.82 -5.53
CA GLY W 260 106.80 6.98 -4.36
C GLY W 260 107.25 7.77 -3.15
N ASN W 261 107.43 9.06 -3.28
CA ASN W 261 107.94 9.85 -2.15
C ASN W 261 106.73 10.40 -1.42
N VAL W 262 105.56 9.88 -1.77
CA VAL W 262 104.35 10.30 -1.08
C VAL W 262 103.39 9.12 -1.00
N HIS W 263 102.82 8.91 0.18
CA HIS W 263 101.80 7.88 0.41
C HIS W 263 100.65 8.51 1.20
N ALA W 264 99.41 8.25 0.78
CA ALA W 264 98.23 8.77 1.44
C ALA W 264 97.16 7.69 1.50
N GLN W 265 96.37 7.69 2.57
CA GLN W 265 95.24 6.80 2.73
C GLN W 265 94.06 7.60 3.27
N VAL W 266 92.86 7.26 2.81
CA VAL W 266 91.64 8.00 3.09
C VAL W 266 90.64 7.06 3.73
N THR W 267 89.96 7.54 4.78
CA THR W 267 88.80 6.87 5.34
C THR W 267 87.61 7.83 5.29
N ALA W 268 86.43 7.28 5.01
CA ALA W 268 85.24 8.10 4.78
C ALA W 268 84.10 7.60 5.67
N GLN W 269 83.51 8.50 6.44
CA GLN W 269 82.27 8.22 7.16
C GLN W 269 81.10 8.66 6.29
N LEU W 270 80.31 7.70 5.84
CA LEU W 270 79.30 7.95 4.81
C LEU W 270 77.91 7.97 5.44
N ASP W 271 76.92 8.30 4.61
CA ASP W 271 75.53 8.48 5.02
C ASP W 271 74.66 7.54 4.20
N PHE W 272 74.23 6.43 4.82
CA PHE W 272 73.38 5.44 4.17
C PHE W 272 72.00 5.40 4.83
N ALA W 273 71.55 6.53 5.35
CA ALA W 273 70.26 6.64 6.03
C ALA W 273 69.31 7.42 5.13
N ASN W 274 68.20 6.80 4.77
CA ASN W 274 67.20 7.44 3.92
C ASN W 274 66.44 8.49 4.72
N LYS W 275 66.52 9.76 4.31
CA LYS W 275 65.83 10.85 4.96
C LYS W 275 64.94 11.57 3.97
N GLU W 276 63.73 11.92 4.44
CA GLU W 276 62.76 12.67 3.66
C GLU W 276 62.27 13.84 4.50
N GLN W 277 62.23 15.03 3.91
CA GLN W 277 61.93 16.23 4.68
C GLN W 277 61.02 17.15 3.86
N THR W 278 60.02 17.70 4.54
CA THR W 278 59.10 18.69 3.96
C THR W 278 59.16 19.94 4.82
N GLU W 279 59.45 21.08 4.20
CA GLU W 279 59.64 22.34 4.91
C GLU W 279 58.57 23.34 4.47
N GLU W 280 57.93 23.99 5.44
CA GLU W 280 56.93 25.01 5.19
C GLU W 280 57.38 26.31 5.85
N HIS W 281 57.36 27.40 5.10
CA HIS W 281 57.80 28.71 5.59
C HIS W 281 56.72 29.74 5.31
N TYR W 282 56.38 30.53 6.33
CA TYR W 282 55.44 31.63 6.19
C TYR W 282 56.16 32.96 6.38
N SER W 283 55.98 33.87 5.44
CA SER W 283 56.53 35.20 5.60
C SER W 283 55.76 35.97 6.66
N PRO W 284 56.45 36.64 7.58
CA PRO W 284 55.75 37.38 8.64
C PRO W 284 54.96 38.54 8.05
N ASN W 285 53.79 38.80 8.65
CA ASN W 285 52.91 39.88 8.20
C ASN W 285 52.49 40.79 9.35
N GLY W 286 53.27 40.84 10.43
CA GLY W 286 52.95 41.69 11.57
C GLY W 286 53.07 43.17 11.29
N ASP W 287 53.86 43.56 10.29
CA ASP W 287 54.00 44.97 9.93
C ASP W 287 52.92 45.31 8.90
N ALA W 288 52.23 46.43 9.10
CA ALA W 288 51.15 46.82 8.20
C ALA W 288 51.63 47.16 6.81
N SER W 289 52.92 47.43 6.61
CA SER W 289 53.45 47.77 5.31
C SER W 289 53.59 46.57 4.38
N LYS W 290 53.93 45.40 4.91
CA LYS W 290 54.07 44.20 4.11
C LYS W 290 52.89 43.25 4.24
N ALA W 291 51.82 43.68 4.91
CA ALA W 291 50.67 42.81 5.16
C ALA W 291 49.73 42.84 3.96
N THR W 292 49.39 41.66 3.45
CA THR W 292 48.45 41.55 2.34
C THR W 292 47.06 41.21 2.86
N LEU W 293 46.06 41.95 2.41
CA LEU W 293 44.71 41.86 2.94
C LEU W 293 43.72 41.48 1.85
N ARG W 294 42.71 40.70 2.24
CA ARG W 294 41.57 40.39 1.39
C ARG W 294 40.30 41.12 1.80
N SER W 295 40.00 41.20 3.09
CA SER W 295 38.81 41.89 3.57
C SER W 295 39.14 42.55 4.91
N ARG W 296 38.58 43.73 5.12
CA ARG W 296 38.88 44.50 6.31
C ARG W 296 37.64 45.29 6.71
N GLN W 297 37.21 45.12 7.96
CA GLN W 297 36.08 45.84 8.51
C GLN W 297 36.55 46.67 9.69
N LEU W 298 36.36 47.99 9.61
CA LEU W 298 36.85 48.92 10.63
C LEU W 298 35.67 49.78 11.07
N ASN W 299 35.08 49.42 12.20
CA ASN W 299 33.99 50.21 12.79
C ASN W 299 34.57 51.13 13.85
N ILE W 300 34.38 52.44 13.68
CA ILE W 300 34.93 53.44 14.58
C ILE W 300 33.79 54.30 15.11
N SER W 301 33.76 54.49 16.43
CA SER W 301 32.72 55.28 17.08
C SER W 301 33.36 56.16 18.13
N GLU W 302 32.96 57.43 18.15
CA GLU W 302 33.46 58.40 19.14
C GLU W 302 32.30 59.28 19.57
N GLN W 303 31.75 59.01 20.75
CA GLN W 303 30.63 59.77 21.30
C GLN W 303 31.16 60.68 22.40
N VAL W 304 31.60 61.87 22.01
CA VAL W 304 32.12 62.86 22.96
C VAL W 304 30.95 63.58 23.61
N GLY W 305 30.95 63.66 24.94
CA GLY W 305 29.89 64.34 25.66
C GLY W 305 30.28 65.71 26.17
N ALA W 353 38.47 64.62 30.50
CA ALA W 353 38.07 64.14 29.18
C ALA W 353 36.56 64.09 29.04
N GLY W 354 35.86 64.28 30.16
CA GLY W 354 34.42 64.25 30.19
C GLY W 354 33.88 62.85 29.95
N PRO W 355 32.63 62.77 29.49
CA PRO W 355 32.03 61.46 29.23
C PRO W 355 32.34 60.95 27.82
N ARG W 356 33.62 60.85 27.49
CA ARG W 356 34.03 60.34 26.19
C ARG W 356 33.76 58.84 26.08
N SER W 357 33.56 58.39 24.84
CA SER W 357 33.31 56.97 24.59
C SER W 357 33.86 56.56 23.23
N THR W 358 35.07 56.02 23.22
CA THR W 358 35.68 55.56 21.98
C THR W 358 35.53 54.05 21.83
N GLN W 359 35.26 53.62 20.60
CA GLN W 359 35.04 52.21 20.32
C GLN W 359 35.53 51.91 18.92
N ARG W 360 36.46 50.98 18.79
CA ARG W 360 37.04 50.59 17.51
C ARG W 360 37.02 49.07 17.39
N ASN W 361 36.23 48.57 16.44
CA ASN W 361 36.12 47.15 16.16
C ASN W 361 36.77 46.89 14.79
N GLU W 362 37.90 46.20 14.80
CA GLU W 362 38.68 45.97 13.60
C GLU W 362 38.78 44.47 13.33
N THR W 363 38.42 44.06 12.12
CA THR W 363 38.53 42.67 11.69
C THR W 363 39.29 42.65 10.36
N SER W 364 40.34 41.83 10.29
CA SER W 364 41.22 41.79 9.12
C SER W 364 41.47 40.35 8.73
N ASN W 365 41.33 40.05 7.44
CA ASN W 365 41.67 38.75 6.89
C ASN W 365 42.88 38.91 5.97
N TYR W 366 43.93 38.12 6.21
CA TYR W 366 45.19 38.27 5.51
C TYR W 366 45.44 37.09 4.56
N GLU W 367 46.27 37.36 3.56
CA GLU W 367 46.85 36.33 2.69
C GLU W 367 48.35 36.38 2.85
N VAL W 368 48.95 35.21 3.05
CA VAL W 368 50.35 35.12 3.45
C VAL W 368 51.14 34.39 2.38
N ASP W 369 52.42 34.75 2.26
CA ASP W 369 53.34 34.04 1.39
C ASP W 369 53.63 32.65 1.95
N ARG W 370 53.76 31.68 1.05
CA ARG W 370 53.91 30.30 1.46
C ARG W 370 54.92 29.61 0.55
N THR W 371 55.82 28.84 1.16
CA THR W 371 56.89 28.14 0.43
C THR W 371 57.01 26.73 0.99
N ILE W 372 56.62 25.74 0.18
CA ILE W 372 56.78 24.34 0.55
C ILE W 372 57.96 23.77 -0.19
N ARG W 373 58.92 23.22 0.55
CA ARG W 373 60.07 22.56 -0.02
C ARG W 373 60.10 21.10 0.40
N HIS W 374 60.17 20.21 -0.58
CA HIS W 374 60.24 18.78 -0.34
C HIS W 374 61.61 18.27 -0.77
N THR W 375 62.33 17.65 0.15
CA THR W 375 63.71 17.27 -0.08
C THR W 375 63.91 15.80 0.25
N LYS W 376 64.54 15.06 -0.66
CA LYS W 376 64.92 13.68 -0.43
C LYS W 376 66.44 13.59 -0.51
N MET W 377 67.10 13.49 0.63
CA MET W 377 68.55 13.46 0.67
C MET W 377 69.09 12.21 -0.02
N ASN W 378 70.22 12.39 -0.70
CA ASN W 378 70.86 11.29 -1.41
C ASN W 378 71.45 10.30 -0.41
N VAL W 379 71.38 9.02 -0.76
CA VAL W 379 71.95 7.94 0.02
C VAL W 379 73.37 7.69 -0.45
N GLY W 380 74.32 7.74 0.48
CA GLY W 380 75.72 7.60 0.17
C GLY W 380 76.54 8.88 0.24
N ASP W 381 76.01 9.94 0.84
CA ASP W 381 76.76 11.18 0.96
C ASP W 381 77.84 11.05 2.02
N ILE W 382 78.81 11.96 1.98
CA ILE W 382 79.95 11.94 2.88
C ILE W 382 79.62 12.80 4.11
N GLU W 383 79.82 12.26 5.29
CA GLU W 383 79.61 12.97 6.54
C GLU W 383 80.88 13.59 7.10
N ARG W 384 81.97 12.83 7.17
CA ARG W 384 83.21 13.32 7.77
C ARG W 384 84.36 12.56 7.13
N LEU W 385 85.32 13.31 6.58
CA LEU W 385 86.46 12.73 5.89
C LEU W 385 87.74 13.08 6.63
N SER W 386 88.51 12.05 6.99
CA SER W 386 89.81 12.24 7.60
C SER W 386 90.86 11.53 6.77
N VAL W 387 91.98 12.21 6.52
CA VAL W 387 92.97 11.76 5.56
C VAL W 387 94.34 11.81 6.22
N ALA W 388 95.11 10.72 6.06
CA ALA W 388 96.47 10.64 6.58
C ALA W 388 97.44 10.57 5.41
N VAL W 389 98.37 11.53 5.37
CA VAL W 389 99.37 11.61 4.30
C VAL W 389 100.75 11.61 4.93
N VAL W 390 101.66 10.84 4.35
CA VAL W 390 103.05 10.77 4.78
C VAL W 390 103.94 11.04 3.59
N VAL W 391 104.94 11.88 3.77
CA VAL W 391 105.89 12.21 2.72
C VAL W 391 107.27 11.71 3.10
N ASN W 392 108.16 11.59 2.12
CA ASN W 392 109.51 11.12 2.34
C ASN W 392 110.46 12.31 2.57
N TYR W 393 111.71 11.98 2.88
CA TYR W 393 112.75 12.98 3.01
C TYR W 393 113.36 13.24 1.64
N LYS W 394 114.34 14.14 1.56
CA LYS W 394 115.00 14.48 0.30
C LYS W 394 116.44 14.01 0.36
N THR W 395 116.77 13.01 -0.46
CA THR W 395 118.13 12.49 -0.56
C THR W 395 118.81 13.17 -1.75
N LEU W 396 119.81 13.98 -1.46
CA LEU W 396 120.53 14.69 -2.50
C LEU W 396 121.46 13.74 -3.25
N ALA W 397 122.28 14.31 -4.15
CA ALA W 397 123.23 13.51 -4.90
C ALA W 397 124.21 12.78 -3.98
N ASP W 398 124.57 13.41 -2.85
CA ASP W 398 125.40 12.71 -1.87
C ASP W 398 124.65 11.54 -1.26
N GLY W 399 123.35 11.70 -0.99
CA GLY W 399 122.55 10.67 -0.39
C GLY W 399 122.04 10.98 1.00
N LYS W 400 122.31 12.16 1.52
CA LYS W 400 121.85 12.53 2.86
C LYS W 400 120.35 12.80 2.86
N PRO W 401 119.57 12.14 3.70
CA PRO W 401 118.12 12.38 3.72
C PRO W 401 117.77 13.73 4.36
N LEU W 402 117.84 14.80 3.59
CA LEU W 402 117.54 16.13 4.11
C LEU W 402 116.03 16.30 4.26
N PRO W 403 115.54 16.66 5.45
CA PRO W 403 114.10 16.88 5.62
C PRO W 403 113.63 18.11 4.85
N LEU W 404 112.32 18.17 4.63
CA LEU W 404 111.70 19.28 3.92
C LEU W 404 111.64 20.53 4.79
N THR W 405 111.10 21.62 4.25
CA THR W 405 111.01 22.89 4.95
C THR W 405 109.57 23.17 5.36
N ALA W 406 109.40 24.21 6.19
CA ALA W 406 108.06 24.55 6.67
C ALA W 406 107.18 25.05 5.54
N ASP W 407 107.73 25.84 4.62
CA ASP W 407 106.94 26.35 3.51
C ASP W 407 106.44 25.22 2.62
N GLN W 408 107.33 24.27 2.33
CA GLN W 408 106.93 23.12 1.50
C GLN W 408 105.87 22.28 2.21
N MET W 409 106.01 22.11 3.53
CA MET W 409 105.00 21.37 4.29
C MET W 409 103.65 22.08 4.25
N LYS W 410 103.66 23.41 4.37
CA LYS W 410 102.41 24.17 4.27
C LYS W 410 101.79 24.03 2.89
N GLN W 411 102.62 24.04 1.85
CA GLN W 411 102.11 23.86 0.49
C GLN W 411 101.48 22.49 0.33
N ILE W 412 102.12 21.45 0.87
CA ILE W 412 101.55 20.10 0.80
C ILE W 412 100.22 20.04 1.54
N GLU W 413 100.17 20.67 2.72
CA GLU W 413 98.92 20.69 3.48
C GLU W 413 97.80 21.37 2.70
N ASP W 414 98.10 22.51 2.07
CA ASP W 414 97.09 23.21 1.29
C ASP W 414 96.63 22.39 0.10
N LEU W 415 97.58 21.76 -0.60
CA LEU W 415 97.23 20.94 -1.76
C LEU W 415 96.36 19.75 -1.34
N THR W 416 96.70 19.12 -0.22
CA THR W 416 95.91 17.98 0.25
C THR W 416 94.51 18.43 0.68
N ARG W 417 94.42 19.61 1.31
CA ARG W 417 93.12 20.15 1.69
C ARG W 417 92.26 20.40 0.45
N GLU W 418 92.87 20.94 -0.60
CA GLU W 418 92.15 21.19 -1.84
C GLU W 418 91.69 19.87 -2.49
N ALA W 419 92.59 18.88 -2.53
CA ALA W 419 92.26 17.62 -3.18
C ALA W 419 91.16 16.86 -2.42
N MET W 420 91.24 16.85 -1.10
CA MET W 420 90.28 16.09 -0.30
C MET W 420 88.93 16.78 -0.19
N GLY W 421 88.81 18.00 -0.70
CA GLY W 421 87.58 18.76 -0.49
C GLY W 421 87.37 19.14 0.96
N PHE W 422 88.43 19.62 1.62
CA PHE W 422 88.36 19.89 3.05
C PHE W 422 87.28 20.92 3.37
N SER W 423 86.47 20.62 4.38
CA SER W 423 85.43 21.51 4.84
C SER W 423 85.36 21.44 6.36
N ASP W 424 84.91 22.54 6.97
CA ASP W 424 84.77 22.61 8.41
C ASP W 424 83.38 22.24 8.92
N LYS W 425 82.34 22.40 8.09
CA LYS W 425 81.01 21.94 8.48
C LYS W 425 80.96 20.44 8.65
N ARG W 426 81.61 19.70 7.74
CA ARG W 426 81.68 18.25 7.86
C ARG W 426 82.44 17.83 9.11
N GLY W 427 83.53 18.52 9.40
CA GLY W 427 84.39 18.15 10.52
C GLY W 427 85.62 17.39 10.05
N ASP W 428 86.12 17.73 8.87
CA ASP W 428 87.23 17.04 8.26
C ASP W 428 88.52 17.31 9.04
N THR W 429 89.36 16.28 9.15
CA THR W 429 90.65 16.39 9.81
C THR W 429 91.72 15.91 8.84
N LEU W 430 92.83 16.63 8.77
CA LEU W 430 93.95 16.28 7.91
C LEU W 430 95.24 16.32 8.71
N ASN W 431 96.10 15.33 8.48
CA ASN W 431 97.39 15.23 9.15
C ASN W 431 98.45 14.81 8.14
N VAL W 432 99.40 15.69 7.87
CA VAL W 432 100.53 15.40 7.00
C VAL W 432 101.80 15.52 7.81
N VAL W 433 102.59 14.45 7.85
CA VAL W 433 103.84 14.40 8.61
C VAL W 433 104.97 14.05 7.65
N ASN W 434 106.18 14.46 8.01
CA ASN W 434 107.37 14.21 7.20
C ASN W 434 108.27 13.23 7.94
N SER W 435 108.67 12.15 7.27
CA SER W 435 109.54 11.15 7.87
C SER W 435 110.24 10.35 6.77
N PRO W 436 111.47 9.91 6.99
CA PRO W 436 112.18 9.13 5.96
C PRO W 436 111.56 7.75 5.79
N PHE W 437 111.37 7.35 4.54
CA PHE W 437 110.80 6.05 4.24
C PHE W 437 111.81 4.94 4.53
N SER W 438 111.30 3.79 4.93
CA SER W 438 112.14 2.63 5.18
C SER W 438 112.51 1.94 3.87
N ALA W 439 113.58 1.15 3.91
CA ALA W 439 114.05 0.43 2.75
C ALA W 439 113.12 -0.73 2.39
N ASP X 229 72.41 -17.77 11.27
CA ASP X 229 71.89 -17.33 10.00
C ASP X 229 72.23 -15.85 9.76
N LEU X 230 71.34 -14.96 10.19
CA LEU X 230 71.60 -13.53 10.05
C LEU X 230 72.75 -13.09 10.95
N ASN X 231 72.90 -13.74 12.11
CA ASN X 231 73.97 -13.40 13.04
C ASN X 231 75.34 -13.64 12.42
N ASP X 232 75.48 -14.73 11.66
CA ASP X 232 76.75 -15.01 10.98
C ASP X 232 77.04 -13.95 9.93
N ALA X 233 76.03 -13.50 9.20
CA ALA X 233 76.23 -12.44 8.22
C ALA X 233 76.68 -11.14 8.91
N GLN X 234 76.05 -10.81 10.04
CA GLN X 234 76.47 -9.63 10.78
C GLN X 234 77.91 -9.75 11.27
N LEU X 235 78.28 -10.94 11.75
CA LEU X 235 79.64 -11.16 12.24
C LEU X 235 80.66 -11.05 11.12
N LYS X 236 80.35 -11.59 9.94
CA LYS X 236 81.24 -11.45 8.79
C LYS X 236 81.35 -9.99 8.36
N PHE X 237 80.25 -9.25 8.43
CA PHE X 237 80.29 -7.82 8.15
C PHE X 237 81.24 -7.10 9.10
N ALA X 238 81.14 -7.41 10.39
CA ALA X 238 82.05 -6.82 11.37
C ALA X 238 83.50 -7.20 11.10
N ASN X 239 83.75 -8.46 10.76
CA ASN X 239 85.10 -8.91 10.46
C ASN X 239 85.69 -8.18 9.27
N ASP X 240 84.91 -8.01 8.20
CA ASP X 240 85.40 -7.27 7.03
C ASP X 240 85.69 -5.82 7.37
N VAL X 241 84.81 -5.16 8.13
CA VAL X 241 85.07 -3.78 8.51
C VAL X 241 86.36 -3.67 9.33
N GLU X 242 86.53 -4.56 10.30
CA GLU X 242 87.72 -4.53 11.14
C GLU X 242 88.98 -4.79 10.31
N SER X 243 88.91 -5.74 9.39
CA SER X 243 90.08 -6.06 8.56
C SER X 243 90.46 -4.88 7.68
N ARG X 244 89.47 -4.19 7.11
CA ARG X 244 89.78 -3.05 6.26
C ARG X 244 90.34 -1.87 7.05
N ILE X 245 89.83 -1.63 8.26
CA ILE X 245 90.44 -0.61 9.11
C ILE X 245 91.88 -0.98 9.45
N GLN X 246 92.11 -2.25 9.77
CA GLN X 246 93.46 -2.73 10.05
C GLN X 246 94.39 -2.50 8.86
N ARG X 247 93.93 -2.83 7.66
CA ARG X 247 94.76 -2.67 6.48
C ARG X 247 95.04 -1.19 6.20
N ARG X 248 94.05 -0.33 6.41
CA ARG X 248 94.27 1.10 6.20
C ARG X 248 95.32 1.64 7.16
N ILE X 249 95.27 1.20 8.42
CA ILE X 249 96.30 1.62 9.38
C ILE X 249 97.66 1.12 8.95
N GLU X 250 97.75 -0.16 8.59
CA GLU X 250 99.03 -0.77 8.21
C GLU X 250 99.62 -0.09 6.99
N ALA X 251 98.78 0.35 6.06
CA ALA X 251 99.23 0.97 4.82
C ALA X 251 100.06 2.22 5.07
N ILE X 252 99.63 3.07 6.01
CA ILE X 252 100.37 4.29 6.30
C ILE X 252 101.49 4.01 7.29
N LEU X 253 101.31 3.00 8.16
CA LEU X 253 102.33 2.75 9.17
C LEU X 253 103.51 1.97 8.59
N SER X 254 103.35 1.40 7.41
CA SER X 254 104.41 0.61 6.78
C SER X 254 105.58 1.45 6.25
N PRO X 255 105.35 2.51 5.45
CA PRO X 255 106.48 3.21 4.81
C PRO X 255 107.51 3.77 5.79
N ILE X 256 107.06 4.29 6.93
CA ILE X 256 107.98 4.89 7.89
C ILE X 256 108.48 3.83 8.87
N VAL X 257 107.65 3.00 9.48
CA VAL X 257 108.15 2.04 10.53
C VAL X 257 108.79 0.85 9.83
N GLY X 258 108.28 0.45 8.69
CA GLY X 258 108.86 -0.66 7.92
C GLY X 258 107.93 -1.85 7.84
N ASN X 259 108.05 -2.67 6.81
CA ASN X 259 107.23 -3.91 6.73
C ASN X 259 107.49 -4.82 7.93
N GLY X 260 106.42 -5.31 8.57
CA GLY X 260 106.50 -6.22 9.72
C GLY X 260 106.86 -5.53 11.02
N ASN X 261 107.22 -4.27 10.98
CA ASN X 261 107.66 -3.59 12.21
C ASN X 261 106.44 -2.92 12.81
N VAL X 262 105.28 -3.28 12.28
CA VAL X 262 104.04 -2.74 12.83
C VAL X 262 102.94 -3.79 12.72
N HIS X 263 102.19 -3.97 13.81
CA HIS X 263 101.03 -4.86 13.85
C HIS X 263 99.88 -4.13 14.53
N ALA X 264 98.69 -4.22 13.93
CA ALA X 264 97.49 -3.58 14.47
C ALA X 264 96.31 -4.52 14.33
N GLN X 265 95.39 -4.45 15.29
CA GLN X 265 94.15 -5.20 15.27
C GLN X 265 93.00 -4.28 15.68
N VAL X 266 91.85 -4.46 15.04
CA VAL X 266 90.70 -3.57 15.22
C VAL X 266 89.51 -4.41 15.67
N THR X 267 88.77 -3.89 16.64
CA THR X 267 87.47 -4.43 17.02
C THR X 267 86.42 -3.33 16.87
N ALA X 268 85.23 -3.70 16.41
CA ALA X 268 84.19 -2.75 16.07
C ALA X 268 82.89 -3.13 16.78
N GLN X 269 82.32 -2.19 17.51
CA GLN X 269 80.97 -2.33 18.05
C GLN X 269 79.99 -1.72 17.06
N LEU X 270 79.15 -2.55 16.46
CA LEU X 270 78.32 -2.16 15.34
C LEU X 270 76.87 -1.97 15.78
N ASP X 271 76.05 -1.49 14.84
CA ASP X 271 74.65 -1.17 15.08
C ASP X 271 73.78 -1.97 14.11
N PHE X 272 73.16 -3.03 14.61
CA PHE X 272 72.29 -3.88 13.82
C PHE X 272 70.84 -3.78 14.28
N ALA X 273 70.46 -2.62 14.81
CA ALA X 273 69.11 -2.38 15.31
C ALA X 273 68.40 -1.44 14.35
N ASN X 274 67.28 -1.91 13.81
CA ASN X 274 66.48 -1.12 12.88
C ASN X 274 65.74 -0.01 13.62
N LYS X 275 66.04 1.25 13.28
CA LYS X 275 65.39 2.39 13.90
C LYS X 275 64.72 3.26 12.85
N GLU X 276 63.53 3.74 13.17
CA GLU X 276 62.76 4.62 12.31
C GLU X 276 62.31 5.82 13.15
N GLN X 277 62.50 7.02 12.62
CA GLN X 277 62.23 8.23 13.39
C GLN X 277 61.56 9.28 12.52
N THR X 278 60.55 9.93 13.09
CA THR X 278 59.84 11.03 12.45
C THR X 278 59.93 12.24 13.37
N GLU X 279 60.43 13.37 12.86
CA GLU X 279 60.67 14.56 13.65
C GLU X 279 59.80 15.70 13.13
N GLU X 280 59.11 16.38 14.04
CA GLU X 280 58.29 17.54 13.72
C GLU X 280 58.80 18.74 14.50
N HIS X 281 59.00 19.86 13.81
CA HIS X 281 59.52 21.08 14.41
C HIS X 281 58.63 22.25 14.05
N TYR X 282 58.25 23.04 15.05
CA TYR X 282 57.47 24.25 14.85
C TYR X 282 58.31 25.47 15.20
N SER X 283 58.37 26.43 14.29
CA SER X 283 59.06 27.68 14.58
C SER X 283 58.25 28.50 15.58
N PRO X 284 58.88 29.04 16.62
CA PRO X 284 58.14 29.83 17.60
C PRO X 284 57.57 31.11 16.99
N ASN X 285 56.38 31.48 17.44
CA ASN X 285 55.69 32.67 16.94
C ASN X 285 55.24 33.59 18.07
N GLY X 286 55.87 33.50 19.24
CA GLY X 286 55.50 34.34 20.36
C GLY X 286 55.83 35.82 20.19
N ASP X 287 56.78 36.13 19.32
CA ASP X 287 57.15 37.53 19.05
C ASP X 287 56.26 38.03 17.91
N ALA X 288 55.69 39.22 18.08
CA ALA X 288 54.79 39.78 17.08
C ALA X 288 55.49 40.10 15.76
N SER X 289 56.81 40.22 15.76
CA SER X 289 57.55 40.54 14.54
C SER X 289 57.67 39.36 13.58
N LYS X 290 57.80 38.13 14.10
CA LYS X 290 57.90 36.95 13.25
C LYS X 290 56.60 36.16 13.20
N ALA X 291 55.51 36.68 13.73
CA ALA X 291 54.24 35.96 13.79
C ALA X 291 53.49 36.15 12.48
N THR X 292 53.08 35.05 11.87
CA THR X 292 52.29 35.09 10.65
C THR X 292 50.81 34.91 10.98
N LEU X 293 49.98 35.78 10.43
CA LEU X 293 48.57 35.84 10.78
C LEU X 293 47.69 35.63 9.55
N ARG X 294 46.56 34.97 9.77
CA ARG X 294 45.51 34.84 8.78
C ARG X 294 44.29 35.70 9.05
N SER X 295 43.84 35.77 10.30
CA SER X 295 42.69 36.58 10.65
C SER X 295 42.90 37.14 12.05
N ARG X 296 42.47 38.39 12.25
CA ARG X 296 42.69 39.07 13.51
C ARG X 296 41.51 39.99 13.79
N GLN X 297 40.91 39.83 14.96
CA GLN X 297 39.80 40.67 15.39
C GLN X 297 40.21 41.39 16.67
N LEU X 298 40.20 42.71 16.64
CA LEU X 298 40.64 43.56 17.74
C LEU X 298 39.52 44.54 18.08
N ASN X 299 38.75 44.22 19.11
CA ASN X 299 37.70 45.11 19.59
C ASN X 299 38.24 45.91 20.76
N ILE X 300 38.23 47.24 20.64
CA ILE X 300 38.77 48.14 21.65
C ILE X 300 37.67 49.10 22.07
N SER X 301 37.49 49.25 23.38
CA SER X 301 36.48 50.15 23.93
C SER X 301 37.07 50.90 25.11
N GLU X 302 36.83 52.21 25.14
CA GLU X 302 37.30 53.08 26.23
C GLU X 302 36.20 54.08 26.55
N GLN X 303 35.48 53.84 27.64
CA GLN X 303 34.39 54.71 28.08
C GLN X 303 34.88 55.50 29.28
N VAL X 304 35.50 56.65 29.01
CA VAL X 304 35.99 57.53 30.07
C VAL X 304 34.84 58.37 30.59
N GLY X 305 34.69 58.40 31.91
CA GLY X 305 33.63 59.18 32.53
C GLY X 305 34.10 60.47 33.16
N ALA X 353 41.45 58.22 38.44
CA ALA X 353 41.18 57.85 37.06
C ALA X 353 39.70 57.99 36.72
N GLY X 354 38.89 58.22 37.76
CA GLY X 354 37.46 58.36 37.59
C GLY X 354 36.80 57.07 37.21
N PRO X 355 35.61 57.15 36.60
CA PRO X 355 34.91 55.93 36.19
C PRO X 355 35.34 55.43 34.82
N ARG X 356 36.63 55.18 34.65
CA ARG X 356 37.15 54.68 33.39
C ARG X 356 36.73 53.24 33.17
N SER X 357 36.63 52.86 31.90
CA SER X 357 36.26 51.49 31.54
C SER X 357 36.93 51.06 30.24
N THR X 358 38.06 50.36 30.36
CA THR X 358 38.77 49.89 29.18
C THR X 358 38.47 48.41 28.94
N GLN X 359 38.30 48.06 27.66
CA GLN X 359 37.96 46.69 27.29
C GLN X 359 38.60 46.39 25.95
N ARG X 360 39.42 45.35 25.89
CA ARG X 360 40.12 44.94 24.67
C ARG X 360 39.92 43.45 24.47
N ASN X 361 39.21 43.08 23.40
CA ASN X 361 38.98 41.69 23.04
C ASN X 361 39.76 41.41 21.76
N GLU X 362 40.80 40.58 21.87
CA GLU X 362 41.70 40.29 20.77
C GLU X 362 41.66 38.81 20.45
N THR X 363 41.42 38.47 19.18
CA THR X 363 41.42 37.11 18.69
C THR X 363 42.34 37.04 17.48
N SER X 364 43.28 36.10 17.50
CA SER X 364 44.30 35.99 16.45
C SER X 364 44.42 34.54 16.03
N ASN X 365 44.43 34.31 14.71
CA ASN X 365 44.69 32.98 14.14
C ASN X 365 46.01 33.04 13.40
N TYR X 366 46.91 32.12 13.72
CA TYR X 366 48.27 32.14 13.20
C TYR X 366 48.50 30.98 12.24
N GLU X 367 49.49 31.16 11.37
CA GLU X 367 50.04 30.11 10.52
C GLU X 367 51.52 29.95 10.87
N VAL X 368 51.94 28.71 11.10
CA VAL X 368 53.25 28.45 11.66
C VAL X 368 54.09 27.65 10.67
N ASP X 369 55.40 27.85 10.73
CA ASP X 369 56.33 27.06 9.94
C ASP X 369 56.37 25.63 10.47
N ARG X 370 56.51 24.69 9.55
CA ARG X 370 56.45 23.28 9.91
C ARG X 370 57.49 22.51 9.10
N THR X 371 58.20 21.61 9.78
CA THR X 371 59.26 20.82 9.16
C THR X 371 59.13 19.38 9.64
N ILE X 372 58.74 18.47 8.75
CA ILE X 372 58.67 17.06 9.06
C ILE X 372 59.87 16.36 8.45
N ARG X 373 60.65 15.68 9.29
CA ARG X 373 61.79 14.90 8.83
C ARG X 373 61.58 13.43 9.19
N HIS X 374 61.67 12.57 8.17
CA HIS X 374 61.54 11.14 8.33
C HIS X 374 62.89 10.48 8.06
N THR X 375 63.40 9.74 9.04
CA THR X 375 64.75 9.20 8.96
C THR X 375 64.72 7.70 9.25
N LYS X 376 65.37 6.93 8.38
CA LYS X 376 65.55 5.49 8.58
C LYS X 376 67.05 5.23 8.69
N MET X 377 67.53 5.00 9.92
CA MET X 377 68.96 4.80 10.13
C MET X 377 69.43 3.52 9.45
N ASN X 378 70.65 3.58 8.94
CA ASN X 378 71.25 2.42 8.27
C ASN X 378 71.58 1.33 9.27
N VAL X 379 71.41 0.09 8.85
CA VAL X 379 71.73 -1.09 9.65
C VAL X 379 73.17 -1.49 9.35
N GLY X 380 73.98 -1.59 10.39
CA GLY X 380 75.38 -1.89 10.25
C GLY X 380 76.33 -0.73 10.50
N ASP X 381 75.86 0.37 11.08
CA ASP X 381 76.72 1.50 11.36
C ASP X 381 77.63 1.19 12.55
N ILE X 382 78.69 1.98 12.67
CA ILE X 382 79.70 1.79 13.72
C ILE X 382 79.31 2.65 14.92
N GLU X 383 79.28 2.03 16.10
CA GLU X 383 79.00 2.73 17.35
C GLU X 383 80.24 3.17 18.09
N ARG X 384 81.21 2.27 18.26
CA ARG X 384 82.40 2.57 19.05
C ARG X 384 83.54 1.71 18.51
N LEU X 385 84.64 2.35 18.13
CA LEU X 385 85.79 1.66 17.55
C LEU X 385 86.99 1.82 18.48
N SER X 386 87.58 0.69 18.88
CA SER X 386 88.80 0.69 19.67
C SER X 386 89.86 -0.12 18.94
N VAL X 387 91.07 0.44 18.87
CA VAL X 387 92.13 -0.11 18.02
C VAL X 387 93.40 -0.25 18.85
N ALA X 388 94.04 -1.41 18.74
CA ALA X 388 95.30 -1.69 19.43
C ALA X 388 96.40 -1.83 18.39
N VAL X 389 97.44 -1.00 18.51
CA VAL X 389 98.58 -1.00 17.58
C VAL X 389 99.85 -1.19 18.39
N VAL X 390 100.73 -2.06 17.89
CA VAL X 390 102.03 -2.31 18.50
C VAL X 390 103.10 -2.12 17.43
N VAL X 391 104.16 -1.41 17.79
CA VAL X 391 105.27 -1.17 16.88
C VAL X 391 106.53 -1.84 17.42
N ASN X 392 107.51 -2.04 16.55
CA ASN X 392 108.76 -2.68 16.92
C ASN X 392 109.80 -1.63 17.33
N TYR X 393 110.95 -2.13 17.78
CA TYR X 393 112.08 -1.26 18.09
C TYR X 393 112.89 -1.03 16.82
N LYS X 394 113.97 -0.25 16.92
CA LYS X 394 114.82 0.04 15.77
C LYS X 394 116.18 -0.61 15.99
N THR X 395 116.50 -1.61 15.18
CA THR X 395 117.79 -2.30 15.22
C THR X 395 118.69 -1.67 14.17
N LEU X 396 119.74 -0.99 14.62
CA LEU X 396 120.67 -0.35 13.72
C LEU X 396 121.58 -1.38 13.05
N ALA X 397 122.56 -0.87 12.29
CA ALA X 397 123.51 -1.76 11.63
C ALA X 397 124.25 -2.64 12.63
N ASP X 398 124.54 -2.12 13.82
CA ASP X 398 125.13 -2.93 14.87
C ASP X 398 124.19 -4.03 15.32
N GLY X 399 122.90 -3.71 15.42
CA GLY X 399 121.89 -4.67 15.86
C GLY X 399 121.24 -4.34 17.19
N LYS X 400 121.58 -3.21 17.81
CA LYS X 400 121.00 -2.84 19.09
C LYS X 400 119.56 -2.39 18.90
N PRO X 401 118.59 -2.97 19.61
CA PRO X 401 117.20 -2.54 19.46
C PRO X 401 116.92 -1.20 20.11
N LEU X 402 117.22 -0.12 19.41
CA LEU X 402 117.01 1.22 19.96
C LEU X 402 115.53 1.57 19.92
N PRO X 403 114.93 1.95 21.06
CA PRO X 403 113.52 2.35 21.05
C PRO X 403 113.31 3.65 20.29
N LEU X 404 112.05 3.88 19.91
CA LEU X 404 111.67 5.08 19.18
C LEU X 404 111.64 6.29 20.10
N THR X 405 111.30 7.46 19.56
CA THR X 405 111.28 8.71 20.30
C THR X 405 109.84 9.15 20.54
N ALA X 406 109.68 10.17 21.38
CA ALA X 406 108.35 10.67 21.71
C ALA X 406 107.67 11.31 20.50
N ASP X 407 108.44 12.06 19.71
CA ASP X 407 107.88 12.71 18.53
C ASP X 407 107.38 11.67 17.52
N GLN X 408 108.17 10.62 17.29
CA GLN X 408 107.75 9.58 16.38
C GLN X 408 106.51 8.84 16.90
N MET X 409 106.46 8.62 18.21
CA MET X 409 105.28 7.98 18.80
C MET X 409 104.04 8.85 18.62
N LYS X 410 104.18 10.15 18.81
CA LYS X 410 103.06 11.07 18.60
C LYS X 410 102.62 11.06 17.14
N GLN X 411 103.57 11.01 16.21
CA GLN X 411 103.24 10.93 14.79
C GLN X 411 102.47 9.65 14.48
N ILE X 412 102.91 8.53 15.04
CA ILE X 412 102.20 7.27 14.84
C ILE X 412 100.79 7.35 15.40
N GLU X 413 100.64 7.94 16.59
CA GLU X 413 99.32 8.09 17.19
C GLU X 413 98.41 8.92 16.30
N ASP X 414 98.92 10.04 15.77
CA ASP X 414 98.11 10.89 14.92
C ASP X 414 97.72 10.17 13.62
N LEU X 415 98.68 9.45 13.02
CA LEU X 415 98.39 8.72 11.79
C LEU X 415 97.33 7.64 12.03
N THR X 416 97.44 6.92 13.16
CA THR X 416 96.46 5.89 13.46
C THR X 416 95.09 6.49 13.73
N ARG X 417 95.05 7.64 14.39
CA ARG X 417 93.78 8.33 14.63
C ARG X 417 93.14 8.73 13.32
N GLU X 418 93.94 9.23 12.37
CA GLU X 418 93.42 9.60 11.06
C GLU X 418 92.92 8.39 10.30
N ALA X 419 93.67 7.29 10.33
CA ALA X 419 93.29 6.10 9.58
C ALA X 419 92.02 5.47 10.14
N MET X 420 91.92 5.39 11.47
CA MET X 420 90.78 4.72 12.10
C MET X 420 89.52 5.58 12.06
N GLY X 421 89.60 6.81 11.61
CA GLY X 421 88.47 7.72 11.70
C GLY X 421 88.11 8.07 13.12
N PHE X 422 89.11 8.39 13.94
CA PHE X 422 88.89 8.62 15.37
C PHE X 422 87.91 9.76 15.59
N SER X 423 86.94 9.52 16.47
CA SER X 423 85.95 10.53 16.84
C SER X 423 85.68 10.42 18.33
N ASP X 424 85.28 11.54 18.94
CA ASP X 424 84.97 11.58 20.35
C ASP X 424 83.49 11.36 20.65
N LYS X 425 82.60 11.68 19.71
CA LYS X 425 81.18 11.39 19.91
C LYS X 425 80.93 9.89 19.99
N ARG X 426 81.61 9.11 19.13
CA ARG X 426 81.47 7.66 19.18
C ARG X 426 82.01 7.10 20.49
N GLY X 427 83.13 7.63 20.96
CA GLY X 427 83.78 7.12 22.15
C GLY X 427 84.96 6.24 21.81
N ASP X 428 85.65 6.56 20.73
CA ASP X 428 86.76 5.75 20.23
C ASP X 428 87.94 5.83 21.17
N THR X 429 88.63 4.71 21.35
CA THR X 429 89.83 4.63 22.17
C THR X 429 90.95 4.05 21.32
N LEU X 430 92.14 4.63 21.44
CA LEU X 430 93.32 4.18 20.70
C LEU X 430 94.48 4.02 21.67
N ASN X 431 95.24 2.94 21.51
CA ASN X 431 96.41 2.66 22.33
C ASN X 431 97.53 2.15 21.43
N VAL X 432 98.62 2.91 21.34
CA VAL X 432 99.80 2.51 20.60
C VAL X 432 100.97 2.45 21.57
N VAL X 433 101.61 1.28 21.66
CA VAL X 433 102.73 1.06 22.56
C VAL X 433 103.92 0.60 21.75
N ASN X 434 105.12 0.85 22.27
CA ASN X 434 106.36 0.47 21.60
C ASN X 434 107.04 -0.64 22.41
N SER X 435 107.39 -1.73 21.74
CA SER X 435 108.05 -2.85 22.39
C SER X 435 108.79 -3.69 21.36
N PRO X 436 109.92 -4.29 21.72
CA PRO X 436 110.66 -5.11 20.74
C PRO X 436 109.92 -6.40 20.42
N PHE X 437 109.84 -6.73 19.15
CA PHE X 437 109.17 -7.94 18.71
C PHE X 437 109.99 -9.18 19.06
N SER X 438 109.29 -10.28 19.34
CA SER X 438 109.95 -11.53 19.64
C SER X 438 110.41 -12.21 18.34
N ALA X 439 111.36 -13.13 18.50
CA ALA X 439 111.89 -13.87 17.36
C ALA X 439 110.89 -14.88 16.83
N ASP Y 229 67.62 -27.03 19.54
CA ASP Y 229 67.34 -26.47 18.23
C ASP Y 229 67.89 -25.05 18.11
N LEU Y 230 67.06 -24.06 18.47
CA LEU Y 230 67.50 -22.67 18.44
C LEU Y 230 68.56 -22.41 19.50
N ASN Y 231 68.48 -23.13 20.63
CA ASN Y 231 69.45 -22.94 21.70
C ASN Y 231 70.84 -23.33 21.25
N ASP Y 232 70.96 -24.41 20.47
CA ASP Y 232 72.26 -24.81 19.95
C ASP Y 232 72.82 -23.77 18.99
N ALA Y 233 71.97 -23.17 18.16
CA ALA Y 233 72.43 -22.10 17.27
C ALA Y 233 72.93 -20.91 18.07
N GLN Y 234 72.21 -20.53 19.14
CA GLN Y 234 72.65 -19.43 19.98
C GLN Y 234 73.99 -19.76 20.64
N LEU Y 235 74.16 -21.00 21.11
CA LEU Y 235 75.39 -21.40 21.75
C LEU Y 235 76.56 -21.38 20.77
N LYS Y 236 76.35 -21.84 19.54
CA LYS Y 236 77.39 -21.77 18.54
C LYS Y 236 77.74 -20.33 18.20
N PHE Y 237 76.73 -19.46 18.16
CA PHE Y 237 76.98 -18.03 17.96
C PHE Y 237 77.87 -17.46 19.06
N ALA Y 238 77.56 -17.80 20.31
CA ALA Y 238 78.40 -17.37 21.43
C ALA Y 238 79.81 -17.92 21.32
N ASN Y 239 79.96 -19.20 20.95
CA ASN Y 239 81.28 -19.79 20.82
C ASN Y 239 82.10 -19.10 19.74
N ASP Y 240 81.48 -18.79 18.59
CA ASP Y 240 82.22 -18.08 17.54
C ASP Y 240 82.64 -16.69 17.97
N VAL Y 241 81.75 -15.96 18.65
CA VAL Y 241 82.12 -14.62 19.13
C VAL Y 241 83.28 -14.72 20.11
N GLU Y 242 83.22 -15.66 21.05
CA GLU Y 242 84.28 -15.80 22.04
C GLU Y 242 85.60 -16.18 21.38
N SER Y 243 85.55 -17.09 20.40
CA SER Y 243 86.76 -17.51 19.72
C SER Y 243 87.40 -16.37 18.94
N ARG Y 244 86.58 -15.54 18.30
CA ARG Y 244 87.13 -14.41 17.55
C ARG Y 244 87.72 -13.35 18.47
N ILE Y 245 87.08 -13.08 19.61
CA ILE Y 245 87.70 -12.17 20.58
C ILE Y 245 89.03 -12.73 21.08
N GLN Y 246 89.06 -14.04 21.37
CA GLN Y 246 90.30 -14.69 21.79
C GLN Y 246 91.39 -14.53 20.75
N ARG Y 247 91.06 -14.77 19.48
CA ARG Y 247 92.05 -14.67 18.42
C ARG Y 247 92.54 -13.23 18.26
N ARG Y 248 91.63 -12.26 18.38
CA ARG Y 248 92.05 -10.86 18.28
C ARG Y 248 93.01 -10.49 19.40
N ILE Y 249 92.75 -10.97 20.61
CA ILE Y 249 93.69 -10.70 21.72
C ILE Y 249 95.03 -11.36 21.44
N GLU Y 250 95.01 -12.63 21.02
CA GLU Y 250 96.24 -13.36 20.78
C GLU Y 250 97.08 -12.73 19.68
N ALA Y 251 96.42 -12.16 18.68
CA ALA Y 251 97.12 -11.56 17.54
C ALA Y 251 98.04 -10.43 17.96
N ILE Y 252 97.58 -9.57 18.88
CA ILE Y 252 98.42 -8.46 19.32
C ILE Y 252 99.35 -8.91 20.44
N LEU Y 253 98.94 -9.92 21.21
CA LEU Y 253 99.78 -10.32 22.34
C LEU Y 253 100.93 -11.22 21.88
N SER Y 254 100.86 -11.73 20.65
CA SER Y 254 101.90 -12.62 20.12
C SER Y 254 103.22 -11.92 19.79
N PRO Y 255 103.22 -10.80 19.02
CA PRO Y 255 104.50 -10.24 18.57
C PRO Y 255 105.45 -9.84 19.70
N ILE Y 256 104.92 -9.31 20.80
CA ILE Y 256 105.77 -8.87 21.90
C ILE Y 256 106.00 -10.01 22.88
N VAL Y 257 105.01 -10.76 23.34
CA VAL Y 257 105.25 -11.80 24.40
C VAL Y 257 105.83 -13.04 23.72
N GLY Y 258 105.43 -13.34 22.50
CA GLY Y 258 105.97 -14.47 21.76
C GLY Y 258 104.93 -15.54 21.50
N ASN Y 259 105.08 -16.33 20.45
CA ASN Y 259 104.14 -17.45 20.21
C ASN Y 259 104.13 -18.44 21.38
N GLY Y 260 102.93 -18.81 21.86
CA GLY Y 260 102.75 -19.76 22.96
C GLY Y 260 103.01 -19.17 24.32
N ASN Y 261 103.51 -17.96 24.40
CA ASN Y 261 103.87 -17.39 25.70
C ASN Y 261 102.67 -16.58 26.17
N VAL Y 262 101.55 -16.78 25.48
CA VAL Y 262 100.32 -16.12 25.90
C VAL Y 262 99.13 -17.02 25.60
N HIS Y 263 98.22 -17.14 26.57
CA HIS Y 263 96.98 -17.88 26.42
C HIS Y 263 95.84 -17.03 26.97
N ALA Y 264 94.74 -16.96 26.23
CA ALA Y 264 93.57 -16.19 26.64
C ALA Y 264 92.30 -16.98 26.31
N GLN Y 265 91.29 -16.83 27.15
CA GLN Y 265 89.97 -17.40 26.91
C GLN Y 265 88.91 -16.37 27.23
N VAL Y 266 87.83 -16.38 26.44
CA VAL Y 266 86.79 -15.36 26.51
C VAL Y 266 85.46 -16.06 26.76
N THR Y 267 84.66 -15.49 27.66
CA THR Y 267 83.26 -15.88 27.84
C THR Y 267 82.38 -14.65 27.61
N ALA Y 268 81.23 -14.86 26.98
CA ALA Y 268 80.36 -13.76 26.57
C ALA Y 268 78.94 -14.01 27.08
N GLN Y 269 78.39 -13.02 27.79
CA GLN Y 269 76.98 -13.02 28.14
C GLN Y 269 76.22 -12.25 27.06
N LEU Y 270 75.37 -12.96 26.32
CA LEU Y 270 74.75 -12.42 25.12
C LEU Y 270 73.29 -12.08 25.38
N ASP Y 271 72.67 -11.47 24.37
CA ASP Y 271 71.30 -10.97 24.44
C ASP Y 271 70.48 -11.63 23.33
N PHE Y 272 69.67 -12.62 23.69
CA PHE Y 272 68.82 -13.33 22.74
C PHE Y 272 67.35 -13.06 23.02
N ALA Y 273 67.04 -11.89 23.56
CA ALA Y 273 65.67 -11.50 23.90
C ALA Y 273 65.21 -10.45 22.90
N ASN Y 274 64.12 -10.76 22.19
CA ASN Y 274 63.55 -9.83 21.22
C ASN Y 274 62.87 -8.66 21.91
N LYS Y 275 63.35 -7.44 21.68
CA LYS Y 275 62.77 -6.26 22.27
C LYS Y 275 62.35 -5.27 21.18
N GLU Y 276 61.19 -4.67 21.37
CA GLU Y 276 60.65 -3.66 20.48
C GLU Y 276 60.24 -2.45 21.31
N GLN Y 277 60.63 -1.25 20.86
CA GLN Y 277 60.42 -0.05 21.66
C GLN Y 277 59.99 1.09 20.76
N THR Y 278 59.00 1.85 21.23
CA THR Y 278 58.53 3.06 20.57
C THR Y 278 58.64 4.22 21.55
N GLU Y 279 59.32 5.28 21.16
CA GLU Y 279 59.60 6.41 22.03
C GLU Y 279 58.95 7.66 21.47
N GLU Y 280 58.24 8.40 22.31
CA GLU Y 280 57.61 9.66 21.95
C GLU Y 280 58.15 10.76 22.85
N HIS Y 281 58.57 11.87 22.25
CA HIS Y 281 59.15 12.98 22.98
C HIS Y 281 58.45 14.27 22.57
N TYR Y 282 58.05 15.07 23.55
CA TYR Y 282 57.43 16.37 23.31
C TYR Y 282 58.36 17.46 23.83
N SER Y 283 58.66 18.44 22.99
CA SER Y 283 59.44 19.58 23.43
C SER Y 283 58.61 20.46 24.36
N PRO Y 284 59.16 20.89 25.49
CA PRO Y 284 58.38 21.73 26.41
C PRO Y 284 58.07 23.08 25.79
N ASN Y 285 56.88 23.59 26.11
CA ASN Y 285 56.42 24.87 25.59
C ASN Y 285 55.92 25.80 26.70
N GLY Y 286 56.39 25.59 27.93
CA GLY Y 286 55.97 26.43 29.04
C GLY Y 286 56.49 27.85 28.98
N ASP Y 287 57.59 28.09 28.25
CA ASP Y 287 58.13 29.43 28.10
C ASP Y 287 57.48 30.08 26.89
N ALA Y 288 57.03 31.32 27.05
CA ALA Y 288 56.35 32.03 25.97
C ALA Y 288 57.26 32.31 24.77
N SER Y 289 58.58 32.25 24.95
CA SER Y 289 59.50 32.52 23.85
C SER Y 289 59.60 31.37 22.86
N LYS Y 290 59.52 30.13 23.32
CA LYS Y 290 59.58 28.97 22.44
C LYS Y 290 58.22 28.35 22.17
N ALA Y 291 57.14 28.99 22.60
CA ALA Y 291 55.80 28.42 22.45
C ALA Y 291 55.26 28.76 21.06
N THR Y 292 54.80 27.73 20.35
CA THR Y 292 54.19 27.91 19.05
C THR Y 292 52.68 27.91 19.17
N LEU Y 293 52.03 28.90 18.56
CA LEU Y 293 50.60 29.11 18.73
C LEU Y 293 49.88 29.06 17.39
N ARG Y 294 48.65 28.53 17.44
CA ARG Y 294 47.74 28.58 16.30
C ARG Y 294 46.61 29.57 16.47
N SER Y 295 46.00 29.65 17.65
CA SER Y 295 44.93 30.60 17.89
C SER Y 295 45.01 31.07 19.33
N ARG Y 296 44.71 32.35 19.54
CA ARG Y 296 44.84 32.96 20.85
C ARG Y 296 43.75 34.00 21.02
N GLN Y 297 42.98 33.88 22.09
CA GLN Y 297 41.93 34.83 22.42
C GLN Y 297 42.25 35.45 23.78
N LEU Y 298 42.40 36.78 23.80
CA LEU Y 298 42.79 37.51 25.01
C LEU Y 298 41.76 38.62 25.25
N ASN Y 299 40.82 38.36 26.15
CA ASN Y 299 39.83 39.35 26.54
C ASN Y 299 40.30 40.04 27.81
N ILE Y 300 40.47 41.36 27.75
CA ILE Y 300 40.97 42.15 28.87
C ILE Y 300 39.95 43.23 29.19
N SER Y 301 39.62 43.35 30.48
CA SER Y 301 38.65 44.35 30.93
C SER Y 301 39.17 44.99 32.22
N GLU Y 302 39.08 46.31 32.29
CA GLU Y 302 39.51 47.07 33.48
C GLU Y 302 38.50 48.19 33.70
N GLN Y 303 37.61 48.00 34.67
CA GLN Y 303 36.59 48.99 35.01
C GLN Y 303 37.00 49.67 36.31
N VAL Y 304 37.77 50.74 36.18
CA VAL Y 304 38.24 51.51 37.33
C VAL Y 304 37.14 52.47 37.76
N GLY Y 305 36.80 52.48 39.04
CA GLY Y 305 35.77 53.35 39.55
C GLY Y 305 36.31 54.56 40.30
N ALA Y 353 42.57 51.22 46.36
CA ALA Y 353 42.44 50.94 44.93
C ALA Y 353 41.04 51.28 44.43
N GLY Y 354 40.14 51.57 45.36
CA GLY Y 354 38.78 51.90 45.02
C GLY Y 354 38.01 50.70 44.49
N PRO Y 355 36.94 50.95 43.73
CA PRO Y 355 36.16 49.84 43.17
C PRO Y 355 36.71 49.36 41.85
N ARG Y 356 37.97 48.95 41.84
CA ARG Y 356 38.59 48.43 40.62
C ARG Y 356 38.03 47.06 40.28
N SER Y 357 38.06 46.73 38.99
CA SER Y 357 37.57 45.44 38.51
C SER Y 357 38.36 44.97 37.30
N THR Y 358 39.37 44.14 37.52
CA THR Y 358 40.17 43.62 36.42
C THR Y 358 39.73 42.20 36.07
N GLN Y 359 39.69 41.93 34.76
CA GLN Y 359 39.25 40.61 34.28
C GLN Y 359 40.03 40.29 33.01
N ARG Y 360 40.73 39.15 33.01
CA ARG Y 360 41.52 38.71 31.88
C ARG Y 360 41.17 37.25 31.58
N ASN Y 361 40.57 37.02 30.42
CA ASN Y 361 40.22 35.67 29.95
C ASN Y 361 41.14 35.34 28.77
N GLU Y 362 42.04 34.40 28.97
CA GLU Y 362 43.04 34.03 27.98
C GLU Y 362 42.87 32.57 27.57
N THR Y 363 42.75 32.33 26.27
CA THR Y 363 42.67 30.99 25.71
C THR Y 363 43.72 30.85 24.63
N SER Y 364 44.54 29.80 24.71
CA SER Y 364 45.66 29.60 23.81
C SER Y 364 45.67 28.17 23.33
N ASN Y 365 45.82 27.97 22.02
CA ASN Y 365 46.00 26.66 21.42
C ASN Y 365 47.41 26.56 20.85
N TYR Y 366 48.13 25.53 21.24
CA TYR Y 366 49.55 25.40 20.90
C TYR Y 366 49.77 24.25 19.93
N GLU Y 367 50.88 24.35 19.19
CA GLU Y 367 51.41 23.26 18.37
C GLU Y 367 52.78 22.91 18.90
N VAL Y 368 53.03 21.63 19.12
CA VAL Y 368 54.21 21.17 19.83
C VAL Y 368 55.08 20.31 18.91
N ASP Y 369 56.38 20.35 19.15
CA ASP Y 369 57.31 19.48 18.45
C ASP Y 369 57.11 18.03 18.91
N ARG Y 370 57.26 17.11 17.96
CA ARG Y 370 56.97 15.71 18.24
C ARG Y 370 58.01 14.85 17.53
N THR Y 371 58.52 13.84 18.24
CA THR Y 371 59.55 12.95 17.72
C THR Y 371 59.19 11.52 18.12
N ILE Y 372 58.82 10.71 17.14
CA ILE Y 372 58.54 9.29 17.37
C ILE Y 372 59.72 8.48 16.88
N ARG Y 373 60.30 7.67 17.77
CA ARG Y 373 61.38 6.77 17.43
C ARG Y 373 60.95 5.33 17.67
N HIS Y 374 61.07 4.50 16.65
CA HIS Y 374 60.76 3.09 16.71
C HIS Y 374 62.05 2.29 16.57
N THR Y 375 62.33 1.45 17.57
CA THR Y 375 63.60 0.75 17.64
C THR Y 375 63.36 -0.74 17.84
N LYS Y 376 64.02 -1.56 17.03
CA LYS Y 376 64.01 -3.01 17.18
C LYS Y 376 65.43 -3.46 17.47
N MET Y 377 65.71 -3.78 18.73
CA MET Y 377 67.06 -4.19 19.12
C MET Y 377 67.46 -5.48 18.44
N ASN Y 378 68.75 -5.56 18.08
CA ASN Y 378 69.29 -6.75 17.44
C ASN Y 378 69.35 -7.91 18.42
N VAL Y 379 69.09 -9.11 17.91
CA VAL Y 379 69.16 -10.34 18.70
C VAL Y 379 70.56 -10.90 18.55
N GLY Y 380 71.21 -11.15 19.69
CA GLY Y 380 72.57 -11.61 19.71
C GLY Y 380 73.61 -10.59 20.15
N ASP Y 381 73.20 -9.46 20.72
CA ASP Y 381 74.15 -8.45 21.16
C ASP Y 381 74.85 -8.92 22.44
N ILE Y 382 75.97 -8.27 22.73
CA ILE Y 382 76.79 -8.62 23.89
C ILE Y 382 76.36 -7.77 25.07
N GLU Y 383 76.09 -8.42 26.21
CA GLU Y 383 75.73 -7.73 27.44
C GLU Y 383 76.91 -7.48 28.36
N ARG Y 384 77.74 -8.50 28.60
CA ARG Y 384 78.84 -8.38 29.55
C ARG Y 384 79.93 -9.35 29.13
N LEU Y 385 81.14 -8.84 28.91
CA LEU Y 385 82.27 -9.65 28.47
C LEU Y 385 83.34 -9.67 29.54
N SER Y 386 83.73 -10.88 29.96
CA SER Y 386 84.83 -11.05 30.89
C SER Y 386 85.87 -11.96 30.26
N VAL Y 387 87.13 -11.56 30.38
CA VAL Y 387 88.22 -12.20 29.65
C VAL Y 387 89.35 -12.54 30.63
N ALA Y 388 89.86 -13.76 30.53
CA ALA Y 388 90.97 -14.22 31.37
C ALA Y 388 92.18 -14.45 30.47
N VAL Y 389 93.28 -13.77 30.77
CA VAL Y 389 94.52 -13.87 29.99
C VAL Y 389 95.64 -14.26 30.94
N VAL Y 390 96.47 -15.21 30.53
CA VAL Y 390 97.64 -15.64 31.28
C VAL Y 390 98.86 -15.55 30.37
N VAL Y 391 99.94 -14.98 30.90
CA VAL Y 391 101.19 -14.85 30.15
C VAL Y 391 102.26 -15.70 30.81
N ASN Y 392 103.33 -15.98 30.06
CA ASN Y 392 104.43 -16.79 30.55
C ASN Y 392 105.52 -15.90 31.15
N TYR Y 393 106.54 -16.54 31.72
CA TYR Y 393 107.71 -15.83 32.21
C TYR Y 393 108.71 -15.66 31.07
N LYS Y 394 109.85 -15.03 31.36
CA LYS Y 394 110.88 -14.81 30.34
C LYS Y 394 112.11 -15.62 30.70
N THR Y 395 112.40 -16.63 29.88
CA THR Y 395 113.58 -17.47 30.05
C THR Y 395 114.69 -16.92 29.16
N LEU Y 396 115.74 -16.39 29.78
CA LEU Y 396 116.85 -15.84 29.03
C LEU Y 396 117.71 -16.95 28.43
N ALA Y 397 118.83 -16.55 27.84
CA ALA Y 397 119.76 -17.53 27.25
C ALA Y 397 120.26 -18.52 28.29
N ASP Y 398 120.44 -18.08 29.54
CA ASP Y 398 120.78 -19.00 30.62
C ASP Y 398 119.66 -19.99 30.88
N GLY Y 399 118.42 -19.52 30.83
CA GLY Y 399 117.26 -20.35 31.09
C GLY Y 399 116.48 -20.00 32.34
N LYS Y 400 116.86 -18.94 33.05
CA LYS Y 400 116.16 -18.55 34.27
C LYS Y 400 114.83 -17.90 33.92
N PRO Y 401 113.71 -18.39 34.47
CA PRO Y 401 112.40 -17.80 34.16
C PRO Y 401 112.21 -16.45 34.84
N LEU Y 402 112.72 -15.39 34.25
CA LEU Y 402 112.61 -14.05 34.83
C LEU Y 402 111.20 -13.51 34.61
N PRO Y 403 110.51 -13.11 35.68
CA PRO Y 403 109.16 -12.54 35.51
C PRO Y 403 109.21 -11.19 34.80
N LEU Y 404 108.04 -10.79 34.28
CA LEU Y 404 107.92 -9.53 33.56
C LEU Y 404 107.91 -8.35 34.53
N THR Y 405 107.79 -7.14 34.01
CA THR Y 405 107.81 -5.92 34.81
C THR Y 405 106.41 -5.32 34.88
N ALA Y 406 106.27 -4.31 35.75
CA ALA Y 406 104.98 -3.67 35.93
C ALA Y 406 104.55 -2.91 34.69
N ASP Y 407 105.50 -2.23 34.03
CA ASP Y 407 105.17 -1.48 32.83
C ASP Y 407 104.70 -2.40 31.71
N GLN Y 408 105.38 -3.53 31.53
CA GLN Y 408 104.96 -4.49 30.51
C GLN Y 408 103.59 -5.07 30.84
N MET Y 409 103.33 -5.35 32.12
CA MET Y 409 102.02 -5.85 32.52
C MET Y 409 100.93 -4.83 32.23
N LYS Y 410 101.20 -3.55 32.50
CA LYS Y 410 100.23 -2.50 32.18
C LYS Y 410 99.99 -2.41 30.69
N GLN Y 411 101.06 -2.55 29.89
CA GLN Y 411 100.90 -2.52 28.44
C GLN Y 411 100.04 -3.68 27.96
N ILE Y 412 100.25 -4.88 28.53
CA ILE Y 412 99.43 -6.03 28.17
C ILE Y 412 97.98 -5.80 28.55
N GLU Y 413 97.76 -5.23 29.73
CA GLU Y 413 96.39 -4.94 30.16
C GLU Y 413 95.70 -3.97 29.21
N ASP Y 414 96.41 -2.91 28.82
CA ASP Y 414 95.83 -1.93 27.89
C ASP Y 414 95.54 -2.55 26.53
N LEU Y 415 96.47 -3.36 26.02
CA LEU Y 415 96.26 -4.01 24.73
C LEU Y 415 95.07 -4.96 24.78
N THR Y 416 94.94 -5.72 25.87
CA THR Y 416 93.80 -6.64 25.99
C THR Y 416 92.49 -5.87 26.11
N ARG Y 417 92.51 -4.75 26.83
CA ARG Y 417 91.31 -3.92 26.93
C ARG Y 417 90.90 -3.39 25.57
N GLU Y 418 91.87 -2.98 24.77
CA GLU Y 418 91.58 -2.49 23.42
C GLU Y 418 91.04 -3.61 22.53
N ALA Y 419 91.65 -4.78 22.60
CA ALA Y 419 91.23 -5.90 21.75
C ALA Y 419 89.84 -6.39 22.12
N MET Y 420 89.54 -6.50 23.41
CA MET Y 420 88.26 -7.03 23.85
C MET Y 420 87.13 -6.03 23.70
N GLY Y 421 87.42 -4.80 23.33
CA GLY Y 421 86.40 -3.77 23.32
C GLY Y 421 85.90 -3.42 24.70
N PHE Y 422 86.81 -3.25 25.65
CA PHE Y 422 86.43 -3.06 27.05
C PHE Y 422 85.57 -1.81 27.20
N SER Y 423 84.47 -1.95 27.94
CA SER Y 423 83.57 -0.85 28.23
C SER Y 423 83.09 -0.98 29.67
N ASP Y 424 82.76 0.17 30.27
CA ASP Y 424 82.26 0.19 31.64
C ASP Y 424 80.74 0.15 31.74
N LYS Y 425 80.03 0.61 30.70
CA LYS Y 425 78.57 0.49 30.70
C LYS Y 425 78.13 -0.97 30.67
N ARG Y 426 78.82 -1.79 29.88
CA ARG Y 426 78.51 -3.22 29.83
C ARG Y 426 78.80 -3.89 31.17
N GLY Y 427 79.90 -3.52 31.81
CA GLY Y 427 80.32 -4.14 33.04
C GLY Y 427 81.41 -5.16 32.80
N ASP Y 428 82.28 -4.87 31.84
CA ASP Y 428 83.34 -5.80 31.44
C ASP Y 428 84.39 -5.90 32.54
N THR Y 429 84.90 -7.12 32.74
CA THR Y 429 85.97 -7.37 33.70
C THR Y 429 87.12 -8.05 32.98
N LEU Y 430 88.34 -7.63 33.28
CA LEU Y 430 89.54 -8.20 32.68
C LEU Y 430 90.54 -8.53 33.77
N ASN Y 431 91.18 -9.69 33.66
CA ASN Y 431 92.19 -10.14 34.61
C ASN Y 431 93.35 -10.76 33.83
N VAL Y 432 94.52 -10.13 33.92
CA VAL Y 432 95.75 -10.65 33.32
C VAL Y 432 96.75 -10.89 34.43
N VAL Y 433 97.23 -12.13 34.54
CA VAL Y 433 98.18 -12.53 35.57
C VAL Y 433 99.42 -13.10 34.89
N ASN Y 434 100.56 -13.02 35.57
CA ASN Y 434 101.82 -13.53 35.05
C ASN Y 434 102.25 -14.73 35.89
N SER Y 435 102.55 -15.84 35.21
CA SER Y 435 102.98 -17.06 35.89
C SER Y 435 103.75 -17.95 34.91
N PRO Y 436 104.74 -18.71 35.38
CA PRO Y 436 105.50 -19.57 34.47
C PRO Y 436 104.66 -20.74 33.98
N PHE Y 437 104.72 -21.01 32.69
CA PHE Y 437 103.96 -22.11 32.12
C PHE Y 437 104.59 -23.46 32.51
N SER Y 438 103.74 -24.47 32.63
CA SER Y 438 104.20 -25.80 32.95
C SER Y 438 104.73 -26.50 31.70
N ALA Y 439 105.53 -27.53 31.92
CA ALA Y 439 106.13 -28.28 30.81
C ALA Y 439 105.08 -29.14 30.11
N ASP Z 229 60.71 -35.90 26.63
CA ASP Z 229 60.68 -35.27 25.32
C ASP Z 229 61.40 -33.92 25.35
N LEU Z 230 60.65 -32.85 25.66
CA LEU Z 230 61.26 -31.53 25.75
C LEU Z 230 62.20 -31.45 26.95
N ASN Z 231 61.87 -32.18 28.03
CA ASN Z 231 62.70 -32.16 29.22
C ASN Z 231 64.09 -32.69 28.93
N ASP Z 232 64.18 -33.75 28.11
CA ASP Z 232 65.48 -34.30 27.74
C ASP Z 232 66.29 -33.30 26.92
N ALA Z 233 65.63 -32.57 26.02
CA ALA Z 233 66.33 -31.53 25.26
C ALA Z 233 66.85 -30.44 26.17
N GLN Z 234 66.04 -30.02 27.15
CA GLN Z 234 66.51 -29.01 28.10
C GLN Z 234 67.69 -29.52 28.91
N LEU Z 235 67.65 -30.79 29.33
CA LEU Z 235 68.73 -31.37 30.11
C LEU Z 235 70.01 -31.46 29.30
N LYS Z 236 69.91 -31.84 28.03
CA LYS Z 236 71.09 -31.87 27.16
C LYS Z 236 71.64 -30.47 26.95
N PHE Z 237 70.76 -29.48 26.81
CA PHE Z 237 71.20 -28.09 26.72
C PHE Z 237 72.00 -27.68 27.96
N ALA Z 238 71.48 -28.02 29.14
CA ALA Z 238 72.21 -27.73 30.38
C ALA Z 238 73.55 -28.45 30.44
N ASN Z 239 73.59 -29.71 30.01
CA ASN Z 239 74.83 -30.47 30.02
C ASN Z 239 75.87 -29.85 29.10
N ASP Z 240 75.46 -29.43 27.89
CA ASP Z 240 76.41 -28.78 26.98
C ASP Z 240 76.93 -27.46 27.54
N VAL Z 241 76.05 -26.65 28.14
CA VAL Z 241 76.51 -25.40 28.73
C VAL Z 241 77.51 -25.66 29.84
N GLU Z 242 77.20 -26.62 30.72
CA GLU Z 242 78.11 -26.93 31.82
C GLU Z 242 79.45 -27.44 31.31
N SER Z 243 79.42 -28.31 30.29
CA SER Z 243 80.65 -28.86 29.74
C SER Z 243 81.51 -27.77 29.13
N ARG Z 244 80.90 -26.82 28.42
CA ARG Z 244 81.67 -25.75 27.80
C ARG Z 244 82.26 -24.80 28.86
N ILE Z 245 81.51 -24.51 29.92
CA ILE Z 245 82.09 -23.71 31.00
C ILE Z 245 83.26 -24.45 31.63
N GLN Z 246 83.10 -25.76 31.86
CA GLN Z 246 84.19 -26.57 32.41
C GLN Z 246 85.43 -26.51 31.51
N ARG Z 247 85.24 -26.65 30.20
CA ARG Z 247 86.37 -26.65 29.29
C ARG Z 247 87.04 -25.27 29.27
N ARG Z 248 86.25 -24.20 29.32
CA ARG Z 248 86.84 -22.86 29.34
C ARG Z 248 87.69 -22.66 30.59
N ILE Z 249 87.21 -23.14 31.74
CA ILE Z 249 88.00 -23.03 32.96
C ILE Z 249 89.29 -23.84 32.83
N GLU Z 250 89.18 -25.09 32.35
CA GLU Z 250 90.32 -25.96 32.23
C GLU Z 250 91.37 -25.40 31.28
N ALA Z 251 90.93 -24.71 30.23
CA ALA Z 251 91.83 -24.16 29.23
C ALA Z 251 92.82 -23.17 29.82
N ILE Z 252 92.35 -22.29 30.71
CA ILE Z 252 93.25 -21.32 31.31
C ILE Z 252 93.97 -21.91 32.51
N LEU Z 253 93.34 -22.89 33.18
CA LEU Z 253 93.97 -23.44 34.37
C LEU Z 253 95.05 -24.46 34.03
N SER Z 254 95.09 -24.91 32.78
CA SER Z 254 96.07 -25.90 32.33
C SER Z 254 97.49 -25.36 32.22
N PRO Z 255 97.74 -24.23 31.52
CA PRO Z 255 99.13 -23.81 31.27
C PRO Z 255 99.96 -23.57 32.52
N ILE Z 256 99.35 -23.02 33.57
CA ILE Z 256 100.08 -22.72 34.79
C ILE Z 256 100.05 -23.92 35.73
N VAL Z 257 98.92 -24.56 36.03
CA VAL Z 257 98.89 -25.66 37.05
C VAL Z 257 99.42 -26.94 36.39
N GLY Z 258 99.14 -27.13 35.11
CA GLY Z 258 99.64 -28.30 34.39
C GLY Z 258 98.52 -29.22 33.95
N ASN Z 259 98.72 -29.99 32.89
CA ASN Z 259 97.70 -30.98 32.47
C ASN Z 259 97.41 -31.99 33.57
N GLY Z 260 96.12 -32.22 33.88
CA GLY Z 260 95.68 -33.18 34.89
C GLY Z 260 95.83 -32.68 36.31
N ASN Z 261 96.45 -31.55 36.51
CA ASN Z 261 96.70 -31.07 37.89
C ASN Z 261 95.55 -30.14 38.23
N VAL Z 262 94.52 -30.18 37.40
CA VAL Z 262 93.34 -29.38 37.69
C VAL Z 262 92.10 -30.11 37.18
N HIS Z 263 91.06 -30.15 38.02
CA HIS Z 263 89.76 -30.72 37.68
C HIS Z 263 88.67 -29.76 38.12
N ALA Z 264 87.70 -29.53 37.25
CA ALA Z 264 86.58 -28.64 37.54
C ALA Z 264 85.29 -29.24 37.00
N GLN Z 265 84.19 -29.00 37.73
CA GLN Z 265 82.86 -29.40 37.30
C GLN Z 265 81.90 -28.26 37.52
N VAL Z 266 80.94 -28.10 36.60
CA VAL Z 266 80.02 -26.97 36.59
C VAL Z 266 78.60 -27.50 36.64
N THR Z 267 77.76 -26.86 37.45
CA THR Z 267 76.32 -27.08 37.43
C THR Z 267 75.64 -25.75 37.15
N ALA Z 268 74.55 -25.79 36.38
CA ALA Z 268 73.88 -24.58 35.90
C ALA Z 268 72.39 -24.67 36.22
N GLN Z 269 71.88 -23.64 36.90
CA GLN Z 269 70.43 -23.48 37.07
C GLN Z 269 69.92 -22.59 35.94
N LEU Z 270 69.11 -23.15 35.06
CA LEU Z 270 68.72 -22.50 33.83
C LEU Z 270 67.29 -21.99 33.91
N ASP Z 271 66.88 -21.27 32.86
CA ASP Z 271 65.58 -20.62 32.78
C ASP Z 271 64.84 -21.11 31.54
N PHE Z 272 63.88 -22.01 31.75
CA PHE Z 272 63.09 -22.58 30.66
C PHE Z 272 61.63 -22.14 30.76
N ALA Z 273 61.40 -20.95 31.31
CA ALA Z 273 60.06 -20.40 31.50
C ALA Z 273 59.86 -19.28 30.50
N ASN Z 274 58.84 -19.42 29.65
CA ASN Z 274 58.53 -18.40 28.66
C ASN Z 274 57.90 -17.18 29.31
N LYS Z 275 58.55 -16.03 29.21
CA LYS Z 275 58.03 -14.79 29.78
C LYS Z 275 57.90 -13.73 28.70
N GLU Z 276 56.80 -12.99 28.77
CA GLU Z 276 56.50 -11.88 27.86
C GLU Z 276 56.13 -10.67 28.70
N GLN Z 277 56.73 -9.53 28.37
CA GLN Z 277 56.55 -8.34 29.19
C GLN Z 277 56.39 -7.11 28.31
N THR Z 278 55.44 -6.25 28.68
CA THR Z 278 55.20 -4.97 28.02
C THR Z 278 55.31 -3.88 29.07
N GLU Z 279 56.18 -2.89 28.83
CA GLU Z 279 56.46 -1.83 29.79
C GLU Z 279 56.04 -0.49 29.21
N GLU Z 280 55.32 0.29 29.99
CA GLU Z 280 54.90 1.64 29.61
C GLU Z 280 55.43 2.63 30.64
N HIS Z 281 56.07 3.70 30.14
CA HIS Z 281 56.67 4.71 31.00
C HIS Z 281 56.19 6.08 30.56
N TYR Z 282 55.75 6.89 31.53
CA TYR Z 282 55.35 8.27 31.29
C TYR Z 282 56.32 9.22 31.97
N SER Z 283 56.84 10.19 31.22
CA SER Z 283 57.69 11.20 31.82
C SER Z 283 56.84 12.14 32.68
N PRO Z 284 57.28 12.45 33.90
CA PRO Z 284 56.50 13.35 34.75
C PRO Z 284 56.44 14.76 34.17
N ASN Z 285 55.28 15.40 34.35
CA ASN Z 285 55.05 16.75 33.85
C ASN Z 285 54.52 17.69 34.92
N GLY Z 286 54.79 17.39 36.20
CA GLY Z 286 54.33 18.23 37.29
C GLY Z 286 55.02 19.58 37.37
N ASP Z 287 56.21 19.70 36.80
CA ASP Z 287 56.94 20.97 36.79
C ASP Z 287 56.54 21.73 35.53
N ALA Z 288 56.22 23.02 35.70
CA ALA Z 288 55.78 23.84 34.58
C ALA Z 288 56.86 24.04 33.53
N SER Z 289 58.13 23.82 33.87
CA SER Z 289 59.22 24.01 32.91
C SER Z 289 59.31 22.90 31.88
N LYS Z 290 59.02 21.64 32.27
CA LYS Z 290 59.08 20.53 31.34
C LYS Z 290 57.69 20.09 30.86
N ALA Z 291 56.65 20.84 31.18
CA ALA Z 291 55.29 20.45 30.84
C ALA Z 291 54.96 20.90 29.41
N THR Z 292 54.50 19.97 28.60
CA THR Z 292 54.10 20.27 27.24
C THR Z 292 52.58 20.45 27.16
N LEU Z 293 52.15 21.53 26.53
CA LEU Z 293 50.75 21.92 26.52
C LEU Z 293 50.21 22.00 25.11
N ARG Z 294 48.93 21.63 24.96
CA ARG Z 294 48.19 21.82 23.72
C ARG Z 294 47.17 22.95 23.78
N SER Z 295 46.43 23.06 24.89
CA SER Z 295 45.45 24.12 25.04
C SER Z 295 45.40 24.52 26.50
N ARG Z 296 45.22 25.83 26.73
CA ARG Z 296 45.25 26.37 28.08
C ARG Z 296 44.27 27.54 28.16
N GLN Z 297 43.36 27.48 29.12
CA GLN Z 297 42.40 28.53 29.36
C GLN Z 297 42.60 29.07 30.78
N LEU Z 298 42.91 30.35 30.89
CA LEU Z 298 43.22 30.99 32.17
C LEU Z 298 42.31 32.20 32.33
N ASN Z 299 41.23 32.04 33.09
CA ASN Z 299 40.32 33.14 33.40
C ASN Z 299 40.69 33.72 34.76
N ILE Z 300 41.03 35.00 34.78
CA ILE Z 300 41.46 35.68 35.99
C ILE Z 300 40.54 36.87 36.24
N SER Z 301 40.06 36.99 37.48
CA SER Z 301 39.17 38.08 37.86
C SER Z 301 39.57 38.60 39.23
N GLU Z 302 39.64 39.93 39.36
CA GLU Z 302 39.99 40.58 40.63
C GLU Z 302 39.10 41.81 40.77
N GLN Z 303 38.08 41.70 41.61
CA GLN Z 303 37.13 42.79 41.87
C GLN Z 303 37.45 43.38 43.24
N VAL Z 304 38.37 44.34 43.27
CA VAL Z 304 38.75 45.01 44.51
C VAL Z 304 37.72 46.09 44.83
N GLY Z 305 37.23 46.09 46.07
CA GLY Z 305 36.25 47.07 46.48
C GLY Z 305 36.83 48.16 47.36
N ALA Z 353 41.78 43.87 53.98
CA ALA Z 353 41.81 43.64 52.54
C ALA Z 353 40.55 44.17 51.88
N GLY Z 354 39.56 44.55 52.70
CA GLY Z 354 38.31 45.06 52.21
C GLY Z 354 37.48 43.98 51.52
N PRO Z 355 36.57 44.40 50.65
CA PRO Z 355 35.73 43.41 49.94
C PRO Z 355 36.39 42.90 48.67
N ARG Z 356 37.59 42.34 48.81
CA ARG Z 356 38.30 41.80 47.66
C ARG Z 356 37.63 40.51 47.17
N SER Z 357 37.79 40.24 45.88
CA SER Z 357 37.22 39.04 45.29
C SER Z 357 38.10 38.52 44.15
N THR Z 358 38.97 37.55 44.46
CA THR Z 358 39.85 36.98 43.45
C THR Z 358 39.29 35.64 42.97
N GLN Z 359 39.39 35.41 41.66
CA GLN Z 359 38.86 34.19 41.05
C GLN Z 359 39.76 33.81 39.88
N ARG Z 360 40.31 32.60 39.92
CA ARG Z 360 41.19 32.09 38.87
C ARG Z 360 40.72 30.71 38.46
N ASN Z 361 40.25 30.59 37.21
CA ASN Z 361 39.81 29.32 36.63
C ASN Z 361 40.83 28.92 35.58
N GLU Z 362 41.58 27.86 35.83
CA GLU Z 362 42.65 27.42 34.96
C GLU Z 362 42.36 26.00 34.47
N THR Z 363 42.40 25.81 33.15
CA THR Z 363 42.23 24.51 32.52
C THR Z 363 43.40 24.28 31.57
N SER Z 364 44.06 23.14 31.71
CA SER Z 364 45.26 22.83 30.94
C SER Z 364 45.16 21.42 30.40
N ASN Z 365 45.46 21.27 29.11
CA ASN Z 365 45.56 19.96 28.46
C ASN Z 365 47.02 19.71 28.08
N TYR Z 366 47.56 18.58 28.51
CA TYR Z 366 48.97 18.28 28.35
C TYR Z 366 49.19 17.15 27.34
N GLU Z 367 50.38 17.14 26.77
CA GLU Z 367 50.89 16.03 25.98
C GLU Z 367 52.13 15.48 26.66
N VAL Z 368 52.19 14.17 26.83
CA VAL Z 368 53.20 13.55 27.66
C VAL Z 368 54.07 12.63 26.83
N ASP Z 369 55.33 12.49 27.24
CA ASP Z 369 56.24 11.53 26.62
C ASP Z 369 55.81 10.11 26.97
N ARG Z 370 55.97 9.21 26.00
CA ARG Z 370 55.49 7.85 26.17
C ARG Z 370 56.51 6.89 25.56
N THR Z 371 56.79 5.81 26.28
CA THR Z 371 57.77 4.81 25.84
C THR Z 371 57.18 3.42 26.12
N ILE Z 372 56.86 2.70 25.06
CA ILE Z 372 56.38 1.32 25.18
C ILE Z 372 57.52 0.38 24.80
N ARG Z 373 57.86 -0.52 25.72
CA ARG Z 373 58.87 -1.53 25.47
C ARG Z 373 58.25 -2.91 25.58
N HIS Z 374 58.41 -3.71 24.54
CA HIS Z 374 57.92 -5.08 24.50
C HIS Z 374 59.10 -6.03 24.48
N THR Z 375 59.16 -6.93 25.46
CA THR Z 375 60.31 -7.79 25.67
C THR Z 375 59.86 -9.24 25.75
N LYS Z 376 60.52 -10.11 24.99
CA LYS Z 376 60.32 -11.55 25.06
C LYS Z 376 61.63 -12.19 25.51
N MET Z 377 61.69 -12.59 26.78
CA MET Z 377 62.93 -13.16 27.31
C MET Z 377 63.26 -14.48 26.62
N ASN Z 378 64.57 -14.70 26.43
CA ASN Z 378 65.04 -15.93 25.81
C ASN Z 378 64.83 -17.13 26.73
N VAL Z 379 64.49 -18.26 26.13
CA VAL Z 379 64.32 -19.52 26.85
C VAL Z 379 65.65 -20.24 26.87
N GLY Z 380 66.11 -20.60 28.05
CA GLY Z 380 67.39 -21.24 28.23
C GLY Z 380 68.48 -20.36 28.84
N ASP Z 381 68.13 -19.21 29.41
CA ASP Z 381 69.12 -18.35 30.03
C ASP Z 381 69.58 -18.94 31.36
N ILE Z 382 70.73 -18.46 31.83
CA ILE Z 382 71.34 -18.95 33.06
C ILE Z 382 70.85 -18.08 34.22
N GLU Z 383 70.37 -18.74 35.28
CA GLU Z 383 69.93 -18.05 36.48
C GLU Z 383 71.00 -17.98 37.56
N ARG Z 384 71.66 -19.10 37.86
CA ARG Z 384 72.63 -19.15 38.94
C ARG Z 384 73.64 -20.24 38.62
N LEU Z 385 74.92 -19.88 38.58
CA LEU Z 385 75.99 -20.80 38.24
C LEU Z 385 76.90 -21.01 39.44
N SER Z 386 77.10 -22.25 39.85
CA SER Z 386 78.03 -22.61 40.90
C SER Z 386 79.03 -23.61 40.36
N VAL Z 387 80.31 -23.37 40.66
CA VAL Z 387 81.39 -24.12 40.04
C VAL Z 387 82.33 -24.62 41.15
N ALA Z 388 82.70 -25.90 41.05
CA ALA Z 388 83.63 -26.52 41.99
C ALA Z 388 84.90 -26.87 41.25
N VAL Z 389 86.03 -26.34 41.72
CA VAL Z 389 87.34 -26.57 41.12
C VAL Z 389 88.28 -27.12 42.18
N VAL Z 390 89.04 -28.15 41.82
CA VAL Z 390 90.03 -28.76 42.69
C VAL Z 390 91.36 -28.78 41.96
N VAL Z 391 92.43 -28.38 42.64
CA VAL Z 391 93.77 -28.37 42.07
C VAL Z 391 94.64 -29.37 42.81
N ASN Z 392 95.75 -29.77 42.19
CA ASN Z 392 96.68 -30.71 42.78
C ASN Z 392 97.77 -29.99 43.56
N TYR Z 393 98.62 -30.77 44.22
CA TYR Z 393 99.80 -30.23 44.89
C TYR Z 393 100.95 -30.14 43.90
N LYS Z 394 102.10 -29.67 44.36
CA LYS Z 394 103.28 -29.54 43.50
C LYS Z 394 104.35 -30.52 43.97
N THR Z 395 104.63 -31.52 43.14
CA THR Z 395 105.66 -32.51 43.43
C THR Z 395 106.93 -32.08 42.71
N LEU Z 396 107.96 -31.71 43.48
CA LEU Z 396 109.21 -31.26 42.92
C LEU Z 396 110.01 -32.45 42.38
N ALA Z 397 111.24 -32.18 41.96
CA ALA Z 397 112.11 -33.24 41.44
C ALA Z 397 112.34 -34.32 42.49
N ASP Z 398 112.40 -33.95 43.77
CA ASP Z 398 112.50 -34.94 44.82
C ASP Z 398 111.24 -35.80 44.90
N GLY Z 399 110.07 -35.18 44.72
CA GLY Z 399 108.80 -35.87 44.79
C GLY Z 399 107.91 -35.45 45.93
N LYS Z 400 108.32 -34.48 46.74
CA LYS Z 400 107.51 -34.05 47.87
C LYS Z 400 106.32 -33.24 47.39
N PRO Z 401 105.10 -33.60 47.77
CA PRO Z 401 103.92 -32.83 47.32
C PRO Z 401 103.80 -31.50 48.04
N LEU Z 402 104.51 -30.49 47.57
CA LEU Z 402 104.48 -29.18 48.20
C LEU Z 402 103.18 -28.45 47.84
N PRO Z 403 102.40 -28.00 48.83
CA PRO Z 403 101.17 -27.26 48.52
C PRO Z 403 101.47 -25.91 47.88
N LEU Z 404 100.45 -25.36 47.24
CA LEU Z 404 100.56 -24.06 46.58
C LEU Z 404 100.56 -22.92 47.61
N THR Z 405 100.66 -21.69 47.13
CA THR Z 405 100.73 -20.51 47.99
C THR Z 405 99.41 -19.74 47.91
N ALA Z 406 99.27 -18.76 48.80
CA ALA Z 406 98.06 -17.96 48.85
C ALA Z 406 97.89 -17.11 47.60
N ASP Z 407 98.99 -16.53 47.11
CA ASP Z 407 98.93 -15.70 45.91
C ASP Z 407 98.50 -16.52 44.71
N GLN Z 408 99.05 -17.73 44.55
CA GLN Z 408 98.67 -18.58 43.44
C GLN Z 408 97.21 -19.01 43.56
N MET Z 409 96.75 -19.29 44.78
CA MET Z 409 95.35 -19.63 44.98
C MET Z 409 94.43 -18.48 44.60
N LYS Z 410 94.81 -17.25 44.97
CA LYS Z 410 94.03 -16.08 44.60
C LYS Z 410 94.00 -15.91 43.09
N GLN Z 411 95.14 -16.14 42.42
CA GLN Z 411 95.18 -16.06 40.97
C GLN Z 411 94.25 -17.08 40.32
N ILE Z 412 94.25 -18.31 40.85
CA ILE Z 412 93.36 -19.35 40.33
C ILE Z 412 91.90 -18.95 40.53
N GLU Z 413 91.58 -18.39 41.70
CA GLU Z 413 90.21 -17.96 41.97
C GLU Z 413 89.78 -16.87 40.98
N ASP Z 414 90.67 -15.90 40.74
CA ASP Z 414 90.34 -14.82 39.81
C ASP Z 414 90.15 -15.35 38.40
N LEU Z 415 91.05 -16.25 37.97
CA LEU Z 415 90.94 -16.83 36.63
C LEU Z 415 89.64 -17.61 36.47
N THR Z 416 89.28 -18.40 37.49
CA THR Z 416 88.04 -19.16 37.43
C THR Z 416 86.82 -18.26 37.41
N ARG Z 417 86.87 -17.16 38.18
CA ARG Z 417 85.78 -16.20 38.17
C ARG Z 417 85.61 -15.57 36.79
N GLU Z 418 86.73 -15.25 36.15
CA GLU Z 418 86.69 -14.68 34.81
C GLU Z 418 86.14 -15.69 33.80
N ALA Z 419 86.59 -16.95 33.89
CA ALA Z 419 86.15 -17.97 32.93
C ALA Z 419 84.68 -18.29 33.09
N MET Z 420 84.21 -18.41 34.33
CA MET Z 420 82.82 -18.80 34.58
C MET Z 420 81.83 -17.66 34.33
N GLY Z 421 82.33 -16.45 34.06
CA GLY Z 421 81.45 -15.31 33.97
C GLY Z 421 80.81 -14.95 35.29
N PHE Z 422 81.60 -14.93 36.36
CA PHE Z 422 81.07 -14.73 37.70
C PHE Z 422 80.34 -13.39 37.81
N SER Z 423 79.15 -13.43 38.40
CA SER Z 423 78.36 -12.23 38.63
C SER Z 423 77.68 -12.36 39.98
N ASP Z 424 77.40 -11.19 40.60
CA ASP Z 424 76.73 -11.15 41.88
C ASP Z 424 75.22 -11.01 41.78
N LYS Z 425 74.71 -10.43 40.69
CA LYS Z 425 73.27 -10.37 40.49
C LYS Z 425 72.67 -11.76 40.34
N ARG Z 426 73.35 -12.63 39.59
CA ARG Z 426 72.88 -14.01 39.44
C ARG Z 426 72.91 -14.75 40.77
N GLY Z 427 73.95 -14.54 41.56
CA GLY Z 427 74.12 -15.26 42.81
C GLY Z 427 75.11 -16.40 42.67
N ASP Z 428 76.13 -16.20 41.83
CA ASP Z 428 77.11 -17.22 41.52
C ASP Z 428 77.99 -17.50 42.74
N THR Z 429 78.32 -18.77 42.94
CA THR Z 429 79.22 -19.18 44.02
C THR Z 429 80.36 -19.99 43.42
N LEU Z 430 81.57 -19.73 43.89
CA LEU Z 430 82.77 -20.41 43.41
C LEU Z 430 83.57 -20.91 44.61
N ASN Z 431 84.07 -22.14 44.52
CA ASN Z 431 84.88 -22.75 45.56
C ASN Z 431 86.05 -23.48 44.92
N VAL Z 432 87.27 -23.00 45.18
CA VAL Z 432 88.49 -23.65 44.73
C VAL Z 432 89.31 -24.05 45.95
N VAL Z 433 89.62 -25.35 46.05
CA VAL Z 433 90.37 -25.89 47.17
C VAL Z 433 91.61 -26.58 46.62
N ASN Z 434 92.65 -26.68 47.45
CA ASN Z 434 93.90 -27.32 47.08
C ASN Z 434 94.07 -28.60 47.89
N SER Z 435 94.31 -29.71 47.20
CA SER Z 435 94.51 -30.99 47.86
C SER Z 435 95.29 -31.93 46.95
N PRO Z 436 96.11 -32.82 47.51
CA PRO Z 436 96.88 -33.74 46.65
C PRO Z 436 95.97 -34.78 46.01
N PHE Z 437 96.18 -35.01 44.72
CA PHE Z 437 95.38 -36.00 44.00
C PHE Z 437 95.78 -37.42 44.40
N SER Z 438 94.80 -38.32 44.36
CA SER Z 438 95.06 -39.71 44.66
C SER Z 438 95.67 -40.42 43.46
N ALA Z 439 96.30 -41.55 43.72
CA ALA Z 439 96.95 -42.33 42.68
C ALA Z 439 95.91 -43.04 41.80
N ASP AA 229 51.91 -44.10 32.32
CA ASP AA 229 52.13 -43.41 31.05
C ASP AA 229 52.99 -42.17 31.24
N LEU AA 230 52.35 -41.03 31.49
CA LEU AA 230 53.10 -39.79 31.74
C LEU AA 230 53.86 -39.87 33.06
N ASN AA 231 53.30 -40.58 34.04
CA ASN AA 231 53.97 -40.72 35.33
C ASN AA 231 55.32 -41.41 35.20
N ASP AA 232 55.39 -42.44 34.34
CA ASP AA 232 56.65 -43.13 34.12
C ASP AA 232 57.67 -42.21 33.45
N ALA AA 233 57.24 -41.37 32.51
CA ALA AA 233 58.14 -40.41 31.90
C ALA AA 233 58.67 -39.42 32.93
N GLN AA 234 57.79 -38.94 33.82
CA GLN AA 234 58.24 -38.04 34.88
C GLN AA 234 59.24 -38.71 35.81
N LEU AA 235 58.98 -39.98 36.15
CA LEU AA 235 59.87 -40.72 37.03
C LEU AA 235 61.24 -40.93 36.38
N LYS AA 236 61.26 -41.26 35.08
CA LYS AA 236 62.53 -41.40 34.38
C LYS AA 236 63.27 -40.07 34.30
N PHE AA 237 62.54 -38.97 34.12
CA PHE AA 237 63.14 -37.65 34.15
C PHE AA 237 63.82 -37.39 35.49
N ALA AA 238 63.12 -37.71 36.59
CA ALA AA 238 63.70 -37.55 37.92
C ALA AA 238 64.93 -38.43 38.11
N ASN AA 239 64.87 -39.67 37.64
CA ASN AA 239 66.01 -40.58 37.76
C ASN AA 239 67.22 -40.06 37.01
N ASP AA 240 67.03 -39.55 35.78
CA ASP AA 240 68.15 -38.99 35.04
C ASP AA 240 68.74 -37.78 35.73
N VAL AA 241 67.89 -36.88 36.25
CA VAL AA 241 68.42 -35.71 36.95
C VAL AA 241 69.23 -36.14 38.17
N GLU AA 242 68.70 -37.08 38.95
CA GLU AA 242 69.40 -37.54 40.15
C GLU AA 242 70.72 -38.20 39.79
N SER AA 243 70.73 -39.02 38.73
CA SER AA 243 71.95 -39.70 38.32
C SER AA 243 73.02 -38.70 37.87
N ARG AA 244 72.61 -37.66 37.14
CA ARG AA 244 73.58 -36.67 36.69
C ARG AA 244 74.14 -35.84 37.85
N ILE AA 245 73.29 -35.49 38.82
CA ILE AA 245 73.82 -34.81 40.01
C ILE AA 245 74.80 -35.71 40.75
N GLN AA 246 74.45 -37.00 40.88
CA GLN AA 246 75.35 -37.95 41.53
C GLN AA 246 76.69 -38.03 40.81
N ARG AA 247 76.67 -38.10 39.47
CA ARG AA 247 77.90 -38.19 38.71
C ARG AA 247 78.73 -36.92 38.85
N ARG AA 248 78.07 -35.76 38.86
CA ARG AA 248 78.81 -34.51 39.02
C ARG AA 248 79.50 -34.44 40.37
N ILE AA 249 78.82 -34.91 41.43
CA ILE AA 249 79.45 -34.95 42.74
C ILE AA 249 80.64 -35.91 42.74
N GLU AA 250 80.44 -37.10 42.19
CA GLU AA 250 81.48 -38.12 42.16
C GLU AA 250 82.72 -37.65 41.39
N ALA AA 251 82.50 -36.87 40.33
CA ALA AA 251 83.58 -36.42 39.48
C ALA AA 251 84.59 -35.58 40.25
N ILE AA 252 84.12 -34.68 41.11
CA ILE AA 252 85.04 -33.84 41.87
C ILE AA 252 85.51 -34.57 43.12
N LEU AA 253 84.69 -35.47 43.65
CA LEU AA 253 85.08 -36.14 44.89
C LEU AA 253 86.07 -37.28 44.64
N SER AA 254 86.23 -37.68 43.37
CA SER AA 254 87.12 -38.77 43.01
C SER AA 254 88.61 -38.42 43.10
N PRO AA 255 89.08 -37.29 42.50
CA PRO AA 255 90.53 -37.04 42.45
C PRO AA 255 91.20 -36.96 43.81
N ILE AA 256 90.53 -36.36 44.80
CA ILE AA 256 91.13 -36.21 46.13
C ILE AA 256 90.83 -37.43 46.98
N VAL AA 257 89.61 -37.92 47.09
CA VAL AA 257 89.31 -39.05 48.05
C VAL AA 257 89.76 -40.35 47.40
N GLY AA 258 89.64 -40.48 46.10
CA GLY AA 258 90.08 -41.68 45.38
C GLY AA 258 88.93 -42.43 44.75
N ASN AA 259 89.18 -43.17 43.69
CA ASN AA 259 88.11 -44.01 43.09
C ASN AA 259 87.56 -45.02 44.10
N GLY AA 260 86.23 -45.11 44.22
CA GLY AA 260 85.53 -46.04 45.13
C GLY AA 260 85.56 -45.60 46.57
N ASN AA 261 86.28 -44.57 46.91
CA ASN AA 261 86.39 -44.17 48.32
C ASN AA 261 85.33 -43.13 48.56
N VAL AA 262 84.42 -43.00 47.60
CA VAL AA 262 83.31 -42.06 47.78
C VAL AA 262 82.08 -42.62 47.09
N HIS AA 263 80.94 -42.57 47.78
CA HIS AA 263 79.64 -42.96 47.25
C HIS AA 263 78.62 -41.88 47.59
N ALA AA 264 77.81 -41.50 46.62
CA ALA AA 264 76.77 -40.49 46.81
C ALA AA 264 75.50 -40.90 46.09
N GLN AA 265 74.36 -40.56 46.66
CA GLN AA 265 73.06 -40.78 46.05
C GLN AA 265 72.21 -39.52 46.21
N VAL AA 266 71.41 -39.22 45.19
CA VAL AA 266 70.65 -37.98 45.11
C VAL AA 266 69.17 -38.33 44.95
N THR AA 267 68.32 -37.63 45.68
CA THR AA 267 66.87 -37.66 45.47
C THR AA 267 66.40 -36.24 45.16
N ALA AA 268 65.43 -36.13 44.26
CA ALA AA 268 64.98 -34.83 43.77
C ALA AA 268 63.46 -34.74 43.89
N GLN AA 269 62.99 -33.68 44.55
CA GLN AA 269 61.57 -33.34 44.53
C GLN AA 269 61.31 -32.36 43.40
N LEU AA 270 60.57 -32.80 42.39
CA LEU AA 270 60.42 -32.05 41.15
C LEU AA 270 59.07 -31.36 41.08
N ASP AA 271 58.90 -30.57 40.03
CA ASP AA 271 57.70 -29.75 39.82
C ASP AA 271 57.08 -30.12 38.48
N PHE AA 272 56.01 -30.90 38.50
CA PHE AA 272 55.29 -31.32 37.30
C PHE AA 272 53.90 -30.70 37.23
N ALA AA 273 53.74 -29.51 37.81
CA ALA AA 273 52.46 -28.81 37.85
C ALA AA 273 52.53 -27.63 36.89
N ASN AA 274 51.64 -27.62 35.91
CA ASN AA 274 51.57 -26.54 34.93
C ASN AA 274 51.00 -25.27 35.57
N LYS AA 275 51.81 -24.21 35.61
CA LYS AA 275 51.37 -22.93 36.18
C LYS AA 275 51.50 -21.82 35.14
N GLU AA 276 50.50 -20.95 35.11
CA GLU AA 276 50.46 -19.80 34.23
C GLU AA 276 50.13 -18.57 35.07
N GLN AA 277 50.89 -17.49 34.87
CA GLN AA 277 50.75 -16.33 35.73
C GLN AA 277 50.86 -15.06 34.90
N THR AA 278 49.98 -14.10 35.19
CA THR AA 278 49.98 -12.77 34.57
C THR AA 278 50.08 -11.74 35.68
N GLU AA 279 51.08 -10.87 35.60
CA GLU AA 279 51.36 -9.89 36.65
C GLU AA 279 51.18 -8.48 36.08
N GLU AA 280 50.46 -7.64 36.81
CA GLU AA 280 50.25 -6.25 36.45
C GLU AA 280 50.76 -5.36 37.57
N HIS AA 281 51.58 -4.37 37.23
CA HIS AA 281 52.17 -3.46 38.21
C HIS AA 281 51.93 -2.03 37.78
N TYR AA 282 51.46 -1.21 38.72
CA TYR AA 282 51.26 0.21 38.50
C TYR AA 282 52.23 1.01 39.36
N SER AA 283 52.96 1.93 38.72
CA SER AA 283 53.83 2.81 39.48
C SER AA 283 53.01 3.82 40.27
N PRO AA 284 53.31 4.03 41.54
CA PRO AA 284 52.54 4.99 42.34
C PRO AA 284 52.71 6.41 41.83
N ASN AA 285 51.63 7.18 41.89
CA ASN AA 285 51.63 8.57 41.43
C ASN AA 285 51.09 9.53 42.48
N GLY AA 286 51.14 9.15 43.76
CA GLY AA 286 50.64 10.00 44.82
C GLY AA 286 51.47 11.25 45.06
N ASP AA 287 52.74 11.24 44.66
CA ASP AA 287 53.61 12.42 44.81
C ASP AA 287 53.46 13.27 43.55
N ALA AA 288 53.29 14.57 43.74
CA ALA AA 288 53.09 15.48 42.62
C ALA AA 288 54.33 15.59 41.72
N SER AA 289 55.50 15.20 42.21
CA SER AA 289 56.72 15.28 41.41
C SER AA 289 56.82 14.20 40.34
N LYS AA 290 56.33 12.99 40.62
CA LYS AA 290 56.37 11.90 39.66
C LYS AA 290 55.03 11.65 38.99
N ALA AA 291 54.04 12.52 39.21
CA ALA AA 291 52.71 12.33 38.67
C ALA AA 291 52.64 12.85 37.25
N THR AA 292 52.17 12.01 36.33
CA THR AA 292 51.99 12.41 34.94
C THR AA 292 50.54 12.78 34.68
N LEU AA 293 50.32 13.93 34.06
CA LEU AA 293 48.99 14.49 33.89
C LEU AA 293 48.66 14.69 32.42
N ARG AA 294 47.38 14.49 32.09
CA ARG AA 294 46.83 14.81 30.79
C ARG AA 294 45.96 16.05 30.78
N SER AA 295 45.10 16.22 31.78
CA SER AA 295 44.23 17.38 31.85
C SER AA 295 44.04 17.74 33.32
N ARG AA 296 43.99 19.05 33.59
CA ARG AA 296 43.91 19.54 34.96
C ARG AA 296 43.08 20.81 34.97
N GLN AA 297 42.04 20.82 35.80
CA GLN AA 297 41.18 22.00 35.98
C GLN AA 297 41.27 22.43 37.43
N LEU AA 298 41.69 23.68 37.65
CA LEU AA 298 41.91 24.23 38.98
C LEU AA 298 41.13 25.54 39.09
N ASN AA 299 39.95 25.47 39.69
CA ASN AA 299 39.14 26.67 39.94
C ASN AA 299 39.40 27.15 41.36
N ILE AA 300 39.87 28.39 41.49
CA ILE AA 300 40.23 28.96 42.78
C ILE AA 300 39.43 30.25 42.98
N SER AA 301 38.80 30.38 44.14
CA SER AA 301 38.01 31.56 44.47
C SER AA 301 38.29 31.98 45.89
N GLU AA 302 38.49 33.28 46.11
CA GLU AA 302 38.74 33.84 47.43
C GLU AA 302 37.99 35.17 47.53
N GLN AA 303 36.86 35.16 48.23
CA GLN AA 303 36.03 36.35 48.42
C GLN AA 303 36.23 36.84 49.85
N VAL AA 304 37.24 37.68 50.04
CA VAL AA 304 37.53 38.25 51.35
C VAL AA 304 36.60 39.42 51.59
N GLY AA 305 35.96 39.45 52.75
CA GLY AA 305 35.05 40.53 53.09
C GLY AA 305 35.63 41.52 54.09
N ALA AA 353 39.11 36.41 61.06
CA ALA AA 353 39.30 36.23 59.63
C ALA AA 353 38.21 36.94 58.84
N GLY AA 354 37.18 37.40 59.54
CA GLY AA 354 36.07 38.08 58.92
C GLY AA 354 35.22 37.14 58.09
N PRO AA 355 34.49 37.69 57.12
CA PRO AA 355 33.64 36.85 56.26
C PRO AA 355 34.41 36.30 55.06
N ARG AA 356 35.50 35.60 55.32
CA ARG AA 356 36.28 35.00 54.24
C ARG AA 356 35.54 33.83 53.61
N SER AA 357 35.83 33.59 52.34
CA SER AA 357 35.22 32.48 51.61
C SER AA 357 36.17 31.90 50.58
N THR AA 358 36.87 30.82 50.95
CA THR AA 358 37.79 30.18 50.03
C THR AA 358 37.15 28.94 49.41
N GLN AA 359 37.40 28.75 48.12
CA GLN AA 359 36.82 27.63 47.39
C GLN AA 359 37.81 27.19 46.33
N ARG AA 360 38.20 25.91 46.37
CA ARG AA 360 39.15 25.34 45.42
C ARG AA 360 38.57 24.03 44.88
N ASN AA 361 38.27 24.02 43.58
CA ASN AA 361 37.76 22.84 42.89
C ASN AA 361 38.85 22.35 41.94
N GLU AA 362 39.43 21.20 42.25
CA GLU AA 362 40.55 20.65 41.49
C GLU AA 362 40.17 19.31 40.90
N THR AA 363 40.35 19.16 39.58
CA THR AA 363 40.11 17.91 38.87
C THR AA 363 41.36 17.57 38.06
N SER AA 364 41.86 16.35 38.24
CA SER AA 364 43.12 15.93 37.62
C SER AA 364 42.92 14.56 36.99
N ASN AA 365 43.37 14.41 35.74
CA ASN AA 365 43.40 13.13 35.06
C ASN AA 365 44.85 12.71 34.85
N TYR AA 366 45.18 11.50 35.28
CA TYR AA 366 46.56 11.04 35.29
C TYR AA 366 46.78 9.93 34.26
N GLU AA 367 48.04 9.79 33.84
CA GLU AA 367 48.50 8.65 33.06
C GLU AA 367 49.57 7.93 33.87
N VAL AA 368 49.45 6.62 33.99
CA VAL AA 368 50.27 5.84 34.91
C VAL AA 368 51.12 4.85 34.14
N ASP AA 369 52.29 4.55 34.69
CA ASP AA 369 53.15 3.51 34.16
C ASP AA 369 52.51 2.14 34.37
N ARG AA 370 52.70 1.25 33.39
CA ARG AA 370 52.04 -0.04 33.42
C ARG AA 370 53.00 -1.10 32.91
N THR AA 371 53.05 -2.23 33.60
CA THR AA 371 53.96 -3.32 33.24
C THR AA 371 53.19 -4.63 33.38
N ILE AA 372 52.92 -5.28 32.25
CA ILE AA 372 52.26 -6.59 32.23
C ILE AA 372 53.31 -7.65 31.96
N ARG AA 373 53.43 -8.61 32.86
CA ARG AA 373 54.34 -9.75 32.70
C ARG AA 373 53.54 -11.03 32.65
N HIS AA 374 53.74 -11.81 31.59
CA HIS AA 374 53.11 -13.10 31.41
C HIS AA 374 54.16 -14.20 31.51
N THR AA 375 53.97 -15.13 32.44
CA THR AA 375 54.98 -16.13 32.75
C THR AA 375 54.36 -17.52 32.71
N LYS AA 376 55.01 -18.44 31.99
CA LYS AA 376 54.63 -19.84 31.96
C LYS AA 376 55.79 -20.65 32.54
N MET AA 377 55.64 -21.10 33.78
CA MET AA 377 56.70 -21.84 34.44
C MET AA 377 56.98 -23.17 33.73
N ASN AA 378 58.25 -23.54 33.70
CA ASN AA 378 58.66 -24.79 33.07
C ASN AA 378 58.18 -25.99 33.90
N VAL AA 379 57.80 -27.05 33.21
CA VAL AA 379 57.38 -28.30 33.83
C VAL AA 379 58.60 -29.19 33.98
N GLY AA 380 58.85 -29.64 35.21
CA GLY AA 380 60.01 -30.44 35.51
C GLY AA 380 61.10 -29.73 36.30
N ASP AA 381 60.83 -28.56 36.87
CA ASP AA 381 61.82 -27.86 37.66
C ASP AA 381 62.03 -28.54 39.00
N ILE AA 382 63.15 -28.22 39.64
CA ILE AA 382 63.52 -28.82 40.91
C ILE AA 382 63.00 -27.95 42.05
N GLU AA 383 62.31 -28.57 42.99
CA GLU AA 383 61.78 -27.88 44.17
C GLU AA 383 62.70 -27.98 45.38
N ARG AA 384 63.18 -29.19 45.70
CA ARG AA 384 63.99 -29.39 46.89
C ARG AA 384 64.90 -30.59 46.65
N LEU AA 385 66.21 -30.39 46.80
CA LEU AA 385 67.19 -31.42 46.55
C LEU AA 385 67.90 -31.77 47.84
N SER AA 386 67.88 -33.06 48.21
CA SER AA 386 68.62 -33.55 49.35
C SER AA 386 69.57 -34.66 48.89
N VAL AA 387 70.80 -34.59 49.37
CA VAL AA 387 71.87 -35.45 48.86
C VAL AA 387 72.58 -36.10 50.04
N ALA AA 388 72.81 -37.41 49.93
CA ALA AA 388 73.52 -38.17 50.96
C ALA AA 388 74.84 -38.66 50.36
N VAL AA 389 75.95 -38.29 51.00
CA VAL AA 389 77.29 -38.66 50.55
C VAL AA 389 78.00 -39.36 51.70
N VAL AA 390 78.68 -40.46 51.38
CA VAL AA 390 79.47 -41.22 52.34
C VAL AA 390 80.88 -41.39 51.79
N VAL AA 391 81.87 -41.14 52.63
CA VAL AA 391 83.27 -41.28 52.23
C VAL AA 391 83.92 -42.40 53.03
N ASN AA 392 85.04 -42.91 52.54
CA ASN AA 392 85.77 -43.99 53.19
C ASN AA 392 86.82 -43.43 54.14
N TYR AA 393 87.47 -44.34 54.87
CA TYR AA 393 88.60 -43.97 55.71
C TYR AA 393 89.88 -44.00 54.89
N LYS AA 394 91.01 -43.69 55.50
CA LYS AA 394 92.30 -43.67 54.80
C LYS AA 394 93.17 -44.80 55.36
N THR AA 395 93.44 -45.80 54.52
CA THR AA 395 94.31 -46.91 54.88
C THR AA 395 95.70 -46.62 54.36
N LEU AA 396 96.64 -46.40 55.28
CA LEU AA 396 98.02 -46.10 54.90
C LEU AA 396 98.72 -47.37 54.41
N ALA AA 397 100.03 -47.23 54.16
CA ALA AA 397 100.82 -48.37 53.71
C ALA AA 397 100.78 -49.51 54.72
N ASP AA 398 100.72 -49.18 56.02
CA ASP AA 398 100.56 -50.23 57.03
C ASP AA 398 99.20 -50.91 56.89
N GLY AA 399 98.15 -50.14 56.59
CA GLY AA 399 96.81 -50.67 56.45
C GLY AA 399 95.83 -50.20 57.51
N LYS AA 400 96.24 -49.32 58.41
CA LYS AA 400 95.35 -48.82 59.45
C LYS AA 400 94.33 -47.85 58.86
N PRO AA 401 93.03 -48.07 59.06
CA PRO AA 401 92.03 -47.15 58.51
C PRO AA 401 91.97 -45.84 59.27
N LEU AA 402 92.85 -44.91 58.95
CA LEU AA 402 92.90 -43.62 59.64
C LEU AA 402 91.75 -42.73 59.15
N PRO AA 403 90.91 -42.22 60.05
CA PRO AA 403 89.83 -41.33 59.63
C PRO AA 403 90.37 -40.00 59.10
N LEU AA 404 89.51 -39.30 58.37
CA LEU AA 404 89.87 -38.01 57.80
C LEU AA 404 89.87 -36.92 58.86
N THR AA 405 90.18 -35.68 58.47
CA THR AA 405 90.26 -34.56 59.39
C THR AA 405 89.07 -33.63 59.19
N ALA AA 406 88.94 -32.67 60.10
CA ALA AA 406 87.82 -31.73 60.03
C ALA AA 406 87.93 -30.82 58.82
N ASP AA 407 89.15 -30.37 58.50
CA ASP AA 407 89.34 -29.48 57.35
C ASP AA 407 88.98 -30.21 56.05
N GLN AA 408 89.40 -31.47 55.91
CA GLN AA 408 89.07 -32.23 54.72
C GLN AA 408 87.56 -32.47 54.63
N MET AA 409 86.92 -32.74 55.77
CA MET AA 409 85.46 -32.92 55.76
C MET AA 409 84.76 -31.64 55.33
N LYS AA 410 85.23 -30.49 55.81
CA LYS AA 410 84.65 -29.21 55.40
C LYS AA 410 84.84 -28.99 53.91
N GLN AA 411 86.02 -29.34 53.39
CA GLN AA 411 86.27 -29.20 51.95
C GLN AA 411 85.32 -30.09 51.14
N ILE AA 412 85.11 -31.32 51.60
CA ILE AA 412 84.17 -32.21 50.91
C ILE AA 412 82.76 -31.65 50.95
N GLU AA 413 82.36 -31.10 52.10
CA GLU AA 413 81.03 -30.50 52.21
C GLU AA 413 80.87 -29.34 51.24
N ASP AA 414 81.88 -28.48 51.16
CA ASP AA 414 81.81 -27.33 50.24
C ASP AA 414 81.75 -27.79 48.79
N LEU AA 415 82.58 -28.78 48.44
CA LEU AA 415 82.58 -29.29 47.07
C LEU AA 415 81.24 -29.91 46.71
N THR AA 416 80.65 -30.66 47.63
CA THR AA 416 79.35 -31.28 47.36
C THR AA 416 78.26 -30.21 47.25
N ARG AA 417 78.34 -29.16 48.07
CA ARG AA 417 77.37 -28.08 47.96
C ARG AA 417 77.47 -27.39 46.62
N GLU AA 418 78.71 -27.19 46.13
CA GLU AA 418 78.90 -26.57 44.83
C GLU AA 418 78.36 -27.47 43.71
N ALA AA 419 78.66 -28.77 43.79
CA ALA AA 419 78.24 -29.69 42.74
C ALA AA 419 76.72 -29.84 42.69
N MET AA 420 76.08 -29.94 43.85
CA MET AA 420 74.64 -30.15 43.89
C MET AA 420 73.84 -28.89 43.59
N GLY AA 421 74.50 -27.76 43.44
CA GLY AA 421 73.79 -26.50 43.30
C GLY AA 421 73.02 -26.12 44.54
N PHE AA 422 73.66 -26.24 45.71
CA PHE AA 422 72.98 -26.01 46.98
C PHE AA 422 72.41 -24.61 47.06
N SER AA 423 71.16 -24.52 47.48
CA SER AA 423 70.48 -23.24 47.67
C SER AA 423 69.62 -23.32 48.92
N ASP AA 424 69.41 -22.16 49.54
CA ASP AA 424 68.58 -22.08 50.75
C ASP AA 424 67.13 -21.74 50.46
N LYS AA 425 66.83 -21.08 49.34
CA LYS AA 425 65.45 -20.82 48.97
C LYS AA 425 64.71 -22.12 48.66
N ARG AA 426 65.38 -23.04 47.97
CA ARG AA 426 64.78 -24.34 47.68
C ARG AA 426 64.54 -25.13 48.97
N GLY AA 427 65.49 -25.08 49.89
CA GLY AA 427 65.40 -25.86 51.11
C GLY AA 427 66.26 -27.10 51.04
N ASP AA 428 67.39 -27.00 50.36
CA ASP AA 428 68.28 -28.13 50.13
C ASP AA 428 68.95 -28.55 51.42
N THR AA 429 69.10 -29.87 51.62
CA THR AA 429 69.78 -30.43 52.76
C THR AA 429 70.90 -31.34 52.27
N LEU AA 430 72.06 -31.25 52.91
CA LEU AA 430 73.22 -32.06 52.57
C LEU AA 430 73.78 -32.70 53.83
N ASN AA 431 74.14 -33.98 53.74
CA ASN AA 431 74.73 -34.72 54.84
C ASN AA 431 75.88 -35.57 54.31
N VAL AA 432 77.10 -35.25 54.75
CA VAL AA 432 78.29 -36.03 54.42
C VAL AA 432 78.87 -36.57 55.72
N VAL AA 433 79.01 -37.89 55.79
CA VAL AA 433 79.54 -38.57 56.98
C VAL AA 433 80.75 -39.40 56.56
N ASN AA 434 81.65 -39.64 57.51
CA ASN AA 434 82.86 -40.43 57.26
C ASN AA 434 82.76 -41.74 58.02
N SER AA 435 82.97 -42.85 57.32
CA SER AA 435 82.91 -44.17 57.93
C SER AA 435 83.69 -45.17 57.08
N PRO AA 436 84.32 -46.18 57.68
CA PRO AA 436 85.08 -47.15 56.89
C PRO AA 436 84.15 -48.05 56.09
N PHE AA 437 84.50 -48.26 54.82
CA PHE AA 437 83.69 -49.10 53.96
C PHE AA 437 83.86 -50.57 54.33
N SER AA 438 82.80 -51.34 54.12
CA SER AA 438 82.85 -52.78 54.39
C SER AA 438 83.52 -53.51 53.23
N ALA AA 439 83.98 -54.72 53.52
CA ALA AA 439 84.66 -55.54 52.52
C ALA AA 439 83.68 -56.07 51.49
N ASP BA 229 41.53 -51.32 36.41
CA ASP BA 229 41.99 -50.62 35.21
C ASP BA 229 42.96 -49.50 35.57
N LEU BA 230 42.43 -48.31 35.80
CA LEU BA 230 43.27 -47.17 36.20
C LEU BA 230 43.84 -47.40 37.60
N ASN BA 231 43.09 -48.08 38.47
CA ASN BA 231 43.54 -48.33 39.82
C ASN BA 231 44.80 -49.19 39.83
N ASP BA 232 44.87 -50.18 38.93
CA ASP BA 232 46.06 -51.02 38.84
C ASP BA 232 47.26 -50.20 38.36
N ALA BA 233 47.06 -49.29 37.42
CA ALA BA 233 48.14 -48.42 36.97
C ALA BA 233 48.64 -47.55 38.11
N GLN BA 234 47.72 -46.98 38.91
CA GLN BA 234 48.13 -46.19 40.06
C GLN BA 234 48.90 -47.02 41.07
N LEU BA 235 48.46 -48.25 41.31
CA LEU BA 235 49.13 -49.13 42.26
C LEU BA 235 50.54 -49.49 41.78
N LYS BA 236 50.69 -49.76 40.49
CA LYS BA 236 52.02 -50.04 39.94
C LYS BA 236 52.91 -48.82 40.04
N PHE BA 237 52.35 -47.63 39.81
CA PHE BA 237 53.10 -46.39 39.99
C PHE BA 237 53.61 -46.26 41.42
N ALA BA 238 52.74 -46.53 42.40
CA ALA BA 238 53.15 -46.49 43.80
C ALA BA 238 54.23 -47.52 44.10
N ASN BA 239 54.09 -48.73 43.56
CA ASN BA 239 55.08 -49.78 43.78
C ASN BA 239 56.44 -49.39 43.22
N ASP BA 240 56.48 -48.82 42.01
CA ASP BA 240 57.74 -48.38 41.44
C ASP BA 240 58.38 -47.27 42.26
N VAL BA 241 57.58 -46.29 42.72
CA VAL BA 241 58.14 -45.22 43.54
C VAL BA 241 58.73 -45.78 44.83
N GLU BA 242 57.99 -46.68 45.49
CA GLU BA 242 58.47 -47.26 46.74
C GLU BA 242 59.74 -48.08 46.52
N SER BA 243 59.79 -48.85 45.42
CA SER BA 243 60.97 -49.66 45.14
C SER BA 243 62.18 -48.79 44.89
N ARG BA 244 62.02 -47.68 44.16
CA ARG BA 244 63.15 -46.81 43.89
C ARG BA 244 63.63 -46.10 45.15
N ILE BA 245 62.71 -45.68 46.02
CA ILE BA 245 63.15 -45.11 47.30
C ILE BA 245 63.91 -46.15 48.12
N GLN BA 246 63.41 -47.38 48.14
CA GLN BA 246 64.08 -48.47 48.83
C GLN BA 246 65.49 -48.68 48.30
N ARG BA 247 65.64 -48.71 46.96
CA ARG BA 247 66.94 -48.92 46.37
C ARG BA 247 67.89 -47.77 46.67
N ARG BA 248 67.38 -46.54 46.66
CA ARG BA 248 68.23 -45.39 46.97
C ARG BA 248 68.74 -45.47 48.41
N ILE BA 249 67.87 -45.88 49.34
CA ILE BA 249 68.31 -46.04 50.73
C ILE BA 249 69.37 -47.14 50.83
N GLU BA 250 69.11 -48.28 50.19
CA GLU BA 250 70.02 -49.42 50.25
C GLU BA 250 71.39 -49.08 49.67
N ALA BA 251 71.40 -48.24 48.62
CA ALA BA 251 72.64 -47.89 47.94
C ALA BA 251 73.64 -47.22 48.88
N ILE BA 252 73.16 -46.30 49.72
CA ILE BA 252 74.06 -45.61 50.63
C ILE BA 252 74.27 -46.43 51.90
N LEU BA 253 73.28 -47.25 52.27
CA LEU BA 253 73.43 -48.00 53.52
C LEU BA 253 74.29 -49.24 53.33
N SER BA 254 74.57 -49.62 52.09
CA SER BA 254 75.38 -50.79 51.78
C SER BA 254 76.87 -50.63 52.08
N PRO BA 255 77.54 -49.56 51.59
CA PRO BA 255 79.00 -49.49 51.76
C PRO BA 255 79.49 -49.53 53.19
N ILE BA 256 78.77 -48.90 54.11
CA ILE BA 256 79.20 -48.87 55.51
C ILE BA 256 78.65 -50.06 56.26
N VAL BA 257 77.38 -50.41 56.19
CA VAL BA 257 76.81 -51.52 57.04
C VAL BA 257 77.19 -52.85 56.39
N GLY BA 258 77.23 -52.91 55.07
CA GLY BA 258 77.62 -54.13 54.36
C GLY BA 258 76.48 -54.70 53.55
N ASN BA 259 76.78 -55.44 52.49
CA ASN BA 259 75.72 -56.12 51.72
C ASN BA 259 74.92 -57.09 52.59
N GLY BA 260 73.58 -57.00 52.53
CA GLY BA 260 72.67 -57.88 53.29
C GLY BA 260 72.55 -57.51 54.76
N ASN BA 261 73.34 -56.57 55.23
CA ASN BA 261 73.31 -56.25 56.67
C ASN BA 261 72.35 -55.08 56.82
N VAL BA 262 71.60 -54.81 55.77
CA VAL BA 262 70.60 -53.76 55.85
C VAL BA 262 69.40 -54.13 54.98
N HIS BA 263 68.19 -53.96 55.52
CA HIS BA 263 66.94 -54.17 54.81
C HIS BA 263 66.03 -52.99 55.08
N ALA BA 264 65.40 -52.47 54.02
CA ALA BA 264 64.48 -51.35 54.13
C ALA BA 264 63.27 -51.58 53.23
N GLN BA 265 62.11 -51.11 53.67
CA GLN BA 265 60.88 -51.14 52.89
C GLN BA 265 60.18 -49.80 52.99
N VAL BA 266 59.58 -49.36 51.90
CA VAL BA 266 58.98 -48.03 51.78
C VAL BA 266 57.51 -48.19 51.43
N THR BA 267 56.65 -47.41 52.08
CA THR BA 267 55.26 -47.26 51.68
C THR BA 267 55.00 -45.79 51.39
N ALA BA 268 54.18 -45.51 50.37
CA ALA BA 268 53.95 -44.16 49.89
C ALA BA 268 52.45 -43.89 49.81
N GLN BA 269 52.03 -42.80 50.46
CA GLN BA 269 50.67 -42.30 50.29
C GLN BA 269 50.68 -41.24 49.18
N LEU BA 270 50.03 -41.54 48.07
CA LEU BA 270 50.15 -40.75 46.86
C LEU BA 270 48.90 -39.89 46.65
N ASP BA 271 48.97 -39.05 45.63
CA ASP BA 271 47.92 -38.08 45.31
C ASP BA 271 47.45 -38.31 43.87
N PHE BA 272 46.29 -38.96 43.73
CA PHE BA 272 45.70 -39.24 42.43
C PHE BA 272 44.42 -38.46 42.20
N ALA BA 273 44.33 -37.28 42.82
CA ALA BA 273 43.14 -36.43 42.73
C ALA BA 273 43.49 -35.24 41.85
N ASN BA 274 42.72 -35.07 40.77
CA ASN BA 274 42.93 -33.95 39.85
C ASN BA 274 42.44 -32.65 40.48
N LYS BA 275 43.34 -31.70 40.67
CA LYS BA 275 42.99 -30.41 41.24
C LYS BA 275 43.38 -29.29 40.29
N GLU BA 276 42.50 -28.30 40.17
CA GLU BA 276 42.73 -27.11 39.35
C GLU BA 276 42.44 -25.89 40.20
N GLN BA 277 43.34 -24.91 40.17
CA GLN BA 277 43.22 -23.76 41.05
C GLN BA 277 43.59 -22.48 40.30
N THR BA 278 42.79 -21.43 40.54
CA THR BA 278 43.05 -20.11 39.99
C THR BA 278 43.12 -19.13 41.16
N GLU BA 279 44.21 -18.38 41.25
CA GLU BA 279 44.47 -17.48 42.36
C GLU BA 279 44.54 -16.05 41.86
N GLU BA 280 43.82 -15.15 42.53
CA GLU BA 280 43.84 -13.73 42.22
C GLU BA 280 44.29 -12.94 43.44
N HIS BA 281 45.26 -12.06 43.25
CA HIS BA 281 45.83 -11.27 44.35
C HIS BA 281 45.81 -9.80 43.97
N TYR BA 282 45.33 -8.96 44.89
CA TYR BA 282 45.32 -7.52 44.71
C TYR BA 282 46.26 -6.88 45.72
N SER BA 283 47.17 -6.04 45.24
CA SER BA 283 48.03 -5.30 46.15
C SER BA 283 47.23 -4.22 46.87
N PRO BA 284 47.38 -4.09 48.19
CA PRO BA 284 46.64 -3.08 48.92
C PRO BA 284 47.04 -1.67 48.50
N ASN BA 285 46.06 -0.77 48.47
CA ASN BA 285 46.29 0.62 48.09
C ASN BA 285 45.72 1.60 49.10
N GLY BA 286 45.56 1.17 50.36
CA GLY BA 286 45.03 2.05 51.39
C GLY BA 286 45.96 3.17 51.80
N ASP BA 287 47.27 3.02 51.56
CA ASP BA 287 48.24 4.07 51.88
C ASP BA 287 48.37 4.97 50.66
N ALA BA 288 48.32 6.29 50.89
CA ALA BA 288 48.39 7.26 49.80
C ALA BA 288 49.73 7.23 49.07
N SER BA 289 50.78 6.69 49.69
CA SER BA 289 52.09 6.65 49.06
C SER BA 289 52.20 5.60 47.96
N LYS BA 290 51.55 4.44 48.12
CA LYS BA 290 51.59 3.40 47.11
C LYS BA 290 50.32 3.34 46.27
N ALA BA 291 49.43 4.32 46.40
CA ALA BA 291 48.15 4.31 45.68
C ALA BA 291 48.34 4.89 44.29
N THR BA 292 47.91 4.14 43.28
CA THR BA 292 47.97 4.61 41.89
C THR BA 292 46.61 5.16 41.47
N LEU BA 293 46.62 6.36 40.89
CA LEU BA 293 45.40 7.08 40.59
C LEU BA 293 45.28 7.37 39.09
N ARG BA 294 44.05 7.34 38.60
CA ARG BA 294 43.73 7.78 37.25
C ARG BA 294 43.02 9.11 37.20
N SER BA 295 42.05 9.36 38.08
CA SER BA 295 41.33 10.61 38.10
C SER BA 295 40.99 10.94 39.55
N ARG BA 296 41.06 12.24 39.88
CA ARG BA 296 40.85 12.68 41.24
C ARG BA 296 40.19 14.04 41.22
N GLN BA 297 39.06 14.16 41.91
CA GLN BA 297 38.33 15.42 42.03
C GLN BA 297 38.26 15.80 43.50
N LEU BA 298 38.81 16.96 43.84
CA LEU BA 298 38.91 17.44 45.22
C LEU BA 298 38.29 18.83 45.29
N ASN BA 299 37.04 18.89 45.74
CA ASN BA 299 36.35 20.17 45.93
C ASN BA 299 36.47 20.56 47.40
N ILE BA 300 37.07 21.73 47.66
CA ILE BA 300 37.31 22.22 49.01
C ILE BA 300 36.65 23.58 49.17
N SER BA 301 35.89 23.75 50.25
CA SER BA 301 35.20 25.00 50.52
C SER BA 301 35.34 25.34 52.00
N GLU BA 302 35.67 26.59 52.29
CA GLU BA 302 35.80 27.07 53.67
C GLU BA 302 35.21 28.47 53.73
N GLN BA 303 34.00 28.58 54.28
CA GLN BA 303 33.31 29.86 54.42
C GLN BA 303 33.37 30.27 55.89
N VAL BA 304 34.43 30.98 56.26
CA VAL BA 304 34.61 31.45 57.62
C VAL BA 304 33.81 32.74 57.80
N GLY BA 305 33.02 32.79 58.87
CA GLY BA 305 32.21 33.97 59.15
C GLY BA 305 32.76 34.84 60.26
N ALA BA 353 34.64 29.09 67.35
CA ALA BA 353 35.01 28.95 65.95
C ALA BA 353 34.13 29.81 65.06
N GLY BA 354 33.07 30.37 65.65
CA GLY BA 354 32.15 31.20 64.92
C GLY BA 354 31.31 30.41 63.95
N PRO BA 355 30.78 31.08 62.92
CA PRO BA 355 29.97 30.38 61.92
C PRO BA 355 30.80 29.78 60.79
N ARG BA 356 31.77 28.94 61.16
CA ARG BA 356 32.61 28.30 60.17
C ARG BA 356 31.83 27.25 59.38
N SER BA 357 32.26 27.01 58.14
CA SER BA 357 31.62 26.02 57.29
C SER BA 357 32.62 25.35 56.36
N THR BA 358 33.14 24.20 56.76
CA THR BA 358 34.09 23.47 55.94
C THR BA 358 33.39 22.35 55.18
N GLN BA 359 33.79 22.17 53.92
CA GLN BA 359 33.18 21.15 53.07
C GLN BA 359 34.24 20.63 52.12
N ARG BA 360 34.48 19.31 52.14
CA ARG BA 360 35.46 18.66 51.29
C ARG BA 360 34.82 17.46 50.62
N ASN BA 361 34.69 17.53 49.29
CA ASN BA 361 34.14 16.44 48.48
C ASN BA 361 35.29 15.86 47.66
N GLU BA 362 35.68 14.63 47.98
CA GLU BA 362 36.81 13.98 47.34
C GLU BA 362 36.36 12.70 46.64
N THR BA 363 36.69 12.59 45.36
CA THR BA 363 36.40 11.41 44.55
C THR BA 363 37.70 10.94 43.90
N SER BA 364 38.02 9.66 44.07
CA SER BA 364 39.29 9.11 43.59
C SER BA 364 39.03 7.80 42.87
N ASN BA 365 39.61 7.64 41.70
CA ASN BA 365 39.57 6.39 40.94
C ASN BA 365 40.99 5.80 40.91
N TYR BA 366 41.12 4.55 41.33
CA TYR BA 366 42.41 3.92 41.48
C TYR BA 366 42.63 2.82 40.44
N GLU BA 367 43.90 2.54 40.18
CA GLU BA 367 44.33 1.38 39.39
C GLU BA 367 45.20 0.51 40.30
N VAL BA 368 44.90 -0.78 40.34
CA VAL BA 368 45.49 -1.69 41.32
C VAL BA 368 46.32 -2.75 40.61
N ASP BA 369 47.36 -3.21 41.30
CA ASP BA 369 48.14 -4.33 40.82
C ASP BA 369 47.33 -5.62 40.88
N ARG BA 370 47.54 -6.48 39.89
CA ARG BA 370 46.73 -7.69 39.77
C ARG BA 370 47.62 -8.84 39.32
N THR BA 371 47.45 -10.00 39.96
CA THR BA 371 48.26 -11.18 39.67
C THR BA 371 47.32 -12.38 39.63
N ILE BA 372 47.13 -12.95 38.44
CA ILE BA 372 46.34 -14.17 38.28
C ILE BA 372 47.29 -15.34 38.09
N ARG BA 373 47.16 -16.35 38.95
CA ARG BA 373 47.95 -17.57 38.84
C ARG BA 373 47.01 -18.75 38.64
N HIS BA 374 47.26 -19.51 37.57
CA HIS BA 374 46.50 -20.71 37.25
C HIS BA 374 47.40 -21.92 37.42
N THR BA 375 46.98 -22.85 38.27
CA THR BA 375 47.82 -23.99 38.65
C THR BA 375 47.04 -25.29 38.46
N LYS BA 376 47.67 -26.24 37.79
CA LYS BA 376 47.12 -27.59 37.64
C LYS BA 376 48.09 -28.57 38.32
N MET BA 377 47.72 -29.04 39.51
CA MET BA 377 48.60 -29.93 40.26
C MET BA 377 48.80 -31.24 39.52
N ASN BA 378 50.02 -31.77 39.64
CA ASN BA 378 50.35 -33.04 39.01
C ASN BA 378 49.63 -34.20 39.71
N VAL BA 379 49.23 -35.18 38.91
CA VAL BA 379 48.58 -36.38 39.40
C VAL BA 379 49.66 -37.43 39.67
N GLY BA 380 49.68 -37.95 40.89
CA GLY BA 380 50.69 -38.89 41.30
C GLY BA 380 51.75 -38.36 42.26
N ASP BA 381 51.53 -37.19 42.85
CA ASP BA 381 52.49 -36.64 43.79
C ASP BA 381 52.44 -37.39 45.12
N ILE BA 382 53.49 -37.23 45.90
CA ILE BA 382 53.61 -37.92 47.18
C ILE BA 382 53.05 -37.03 48.28
N GLU BA 383 52.16 -37.59 49.10
CA GLU BA 383 51.58 -36.89 50.23
C GLU BA 383 52.31 -37.15 51.55
N ARG BA 384 52.60 -38.41 51.86
CA ARG BA 384 53.21 -38.75 53.14
C ARG BA 384 53.99 -40.04 52.95
N LEU BA 385 55.27 -40.01 53.28
CA LEU BA 385 56.16 -41.15 53.10
C LEU BA 385 56.65 -41.64 54.46
N SER BA 386 56.43 -42.92 54.75
CA SER BA 386 56.94 -43.55 55.95
C SER BA 386 57.80 -44.74 55.56
N VAL BA 387 58.97 -44.85 56.20
CA VAL BA 387 59.98 -45.81 55.79
C VAL BA 387 60.44 -46.59 57.02
N ALA BA 388 60.53 -47.91 56.87
CA ALA BA 388 61.00 -48.80 57.93
C ALA BA 388 62.32 -49.42 57.50
N VAL BA 389 63.37 -49.21 58.28
CA VAL BA 389 64.70 -49.73 57.99
C VAL BA 389 65.17 -50.55 59.19
N VAL BA 390 65.74 -51.72 58.90
CA VAL BA 390 66.30 -52.59 59.92
C VAL BA 390 67.74 -52.92 59.54
N VAL BA 391 68.64 -52.84 60.51
CA VAL BA 391 70.05 -53.13 60.29
C VAL BA 391 70.45 -54.35 61.10
N ASN BA 392 71.56 -54.97 60.74
CA ASN BA 392 72.06 -56.16 61.42
C ASN BA 392 73.04 -55.77 62.52
N TYR BA 393 73.47 -56.77 63.28
CA TYR BA 393 74.51 -56.59 64.28
C TYR BA 393 75.88 -56.74 63.62
N LYS BA 394 76.96 -56.59 64.39
CA LYS BA 394 78.31 -56.72 63.88
C LYS BA 394 78.97 -57.96 64.47
N THR BA 395 79.22 -58.95 63.63
CA THR BA 395 79.89 -60.18 64.04
C THR BA 395 81.37 -60.05 63.73
N LEU BA 396 82.20 -59.97 64.76
CA LEU BA 396 83.63 -59.84 64.58
C LEU BA 396 84.24 -61.16 64.12
N ALA BA 397 85.58 -61.18 64.05
CA ALA BA 397 86.29 -62.39 63.65
C ALA BA 397 85.98 -63.56 64.58
N ASP BA 398 85.78 -63.27 65.87
CA ASP BA 398 85.35 -64.32 66.80
C ASP BA 398 83.96 -64.83 66.45
N GLY BA 399 83.06 -63.93 66.06
CA GLY BA 399 81.70 -64.28 65.73
C GLY BA 399 80.65 -63.72 66.67
N LYS BA 400 81.04 -62.93 67.65
CA LYS BA 400 80.08 -62.37 68.61
C LYS BA 400 79.28 -61.26 67.94
N PRO BA 401 77.95 -61.32 67.96
CA PRO BA 401 77.15 -60.26 67.33
C PRO BA 401 77.13 -58.98 68.15
N LEU BA 402 78.16 -58.16 67.99
CA LEU BA 402 78.26 -56.91 68.74
C LEU BA 402 77.30 -55.87 68.16
N PRO BA 403 76.42 -55.29 68.97
CA PRO BA 403 75.51 -54.25 68.45
C PRO BA 403 76.27 -52.99 68.07
N LEU BA 404 75.61 -52.16 67.27
CA LEU BA 404 76.19 -50.90 66.81
C LEU BA 404 76.18 -49.86 67.92
N THR BA 405 76.69 -48.66 67.64
CA THR BA 405 76.77 -47.58 68.62
C THR BA 405 75.74 -46.50 68.31
N ALA BA 406 75.59 -45.57 69.25
CA ALA BA 406 74.62 -44.49 69.09
C ALA BA 406 75.01 -43.57 67.94
N ASP BA 407 76.30 -43.26 67.81
CA ASP BA 407 76.74 -42.38 66.73
C ASP BA 407 76.47 -42.99 65.37
N GLN BA 408 76.76 -44.29 65.22
CA GLN BA 408 76.50 -44.96 63.96
C GLN BA 408 75.01 -45.01 63.67
N MET BA 409 74.19 -45.24 64.69
CA MET BA 409 72.73 -45.23 64.49
C MET BA 409 72.24 -43.86 64.04
N LYS BA 410 72.79 -42.80 64.63
CA LYS BA 410 72.42 -41.45 64.22
C LYS BA 410 72.84 -41.19 62.78
N GLN BA 411 74.02 -41.67 62.39
CA GLN BA 411 74.47 -41.52 61.01
C GLN BA 411 73.55 -42.24 60.04
N ILE BA 412 73.13 -43.46 60.41
CA ILE BA 412 72.20 -44.21 59.57
C ILE BA 412 70.87 -43.47 59.44
N GLU BA 413 70.38 -42.92 60.57
CA GLU BA 413 69.13 -42.17 60.53
C GLU BA 413 69.24 -40.96 59.61
N ASP BA 414 70.35 -40.21 59.70
CA ASP BA 414 70.54 -39.05 58.84
C ASP BA 414 70.62 -39.44 57.38
N LEU BA 415 71.37 -40.52 57.08
CA LEU BA 415 71.49 -40.97 55.70
C LEU BA 415 70.14 -41.40 55.14
N THR BA 416 69.35 -42.12 55.94
CA THR BA 416 68.04 -42.55 55.48
C THR BA 416 67.10 -41.36 55.27
N ARG BA 417 67.19 -40.36 56.15
CA ARG BA 417 66.40 -39.16 55.99
C ARG BA 417 66.75 -38.43 54.70
N GLU BA 418 68.04 -38.37 54.39
CA GLU BA 418 68.49 -37.74 53.16
C GLU BA 418 68.00 -38.52 51.93
N ALA BA 419 68.12 -39.86 51.98
CA ALA BA 419 67.74 -40.67 50.83
C ALA BA 419 66.24 -40.63 50.58
N MET BA 420 65.44 -40.69 51.65
CA MET BA 420 63.99 -40.74 51.49
C MET BA 420 63.40 -39.38 51.16
N GLY BA 421 64.20 -38.32 51.15
CA GLY BA 421 63.66 -36.98 50.99
C GLY BA 421 62.79 -36.55 52.14
N PHE BA 422 63.25 -36.79 53.36
CA PHE BA 422 62.44 -36.53 54.55
C PHE BA 422 62.04 -35.06 54.63
N SER BA 423 60.76 -34.83 54.89
CA SER BA 423 60.22 -33.48 55.06
C SER BA 423 59.19 -33.50 56.18
N ASP BA 424 59.04 -32.35 56.83
CA ASP BA 424 58.07 -32.21 57.91
C ASP BA 424 56.72 -31.68 57.46
N LYS BA 425 56.67 -30.94 56.35
CA LYS BA 425 55.38 -30.51 55.82
C LYS BA 425 54.55 -31.70 55.36
N ARG BA 426 55.19 -32.68 54.71
CA ARG BA 426 54.48 -33.88 54.28
C ARG BA 426 53.98 -34.67 55.48
N GLY BA 427 54.79 -34.77 56.53
CA GLY BA 427 54.46 -35.58 57.68
C GLY BA 427 55.16 -36.92 57.66
N ASP BA 428 56.38 -36.92 57.13
CA ASP BA 428 57.15 -38.15 56.95
C ASP BA 428 57.58 -38.70 58.31
N THR BA 429 57.55 -40.03 58.44
CA THR BA 429 58.00 -40.71 59.64
C THR BA 429 59.05 -41.73 59.25
N LEU BA 430 60.12 -41.81 60.04
CA LEU BA 430 61.21 -42.75 59.80
C LEU BA 430 61.53 -43.49 61.09
N ASN BA 431 61.74 -44.81 60.98
CA ASN BA 431 62.09 -45.65 62.12
C ASN BA 431 63.19 -46.61 61.70
N VAL BA 432 64.37 -46.47 62.31
CA VAL BA 432 65.48 -47.39 62.09
C VAL BA 432 65.82 -48.04 63.42
N VAL BA 433 65.80 -49.37 63.44
CA VAL BA 433 66.07 -50.15 64.65
C VAL BA 433 67.22 -51.10 64.35
N ASN BA 434 67.95 -51.49 65.39
CA ASN BA 434 69.08 -52.41 65.27
C ASN BA 434 68.72 -53.72 65.93
N SER BA 435 68.89 -54.83 65.21
CA SER BA 435 68.60 -56.15 65.74
C SER BA 435 69.36 -57.21 64.95
N PRO BA 436 69.77 -58.30 65.58
CA PRO BA 436 70.51 -59.34 64.84
C PRO BA 436 69.61 -60.09 63.88
N PHE BA 437 70.08 -60.30 62.66
CA PHE BA 437 69.31 -61.00 61.66
C PHE BA 437 69.25 -62.49 61.97
N SER BA 438 68.14 -63.12 61.59
CA SER BA 438 67.98 -64.55 61.78
C SER BA 438 68.72 -65.32 60.69
N ALA BA 439 68.99 -66.60 60.97
CA ALA BA 439 69.69 -67.46 60.03
C ALA BA 439 68.80 -67.82 58.86
N ASP CA 229 29.90 -57.33 38.75
CA ASP CA 229 30.59 -56.66 37.66
C ASP CA 229 31.64 -55.68 38.21
N LEU CA 230 31.23 -54.43 38.42
CA LEU CA 230 32.13 -53.44 38.99
C LEU CA 230 32.48 -53.77 40.43
N ASN CA 231 31.54 -54.38 41.15
CA ASN CA 231 31.79 -54.74 42.55
C ASN CA 231 32.92 -55.74 42.67
N ASP CA 232 32.99 -56.71 41.75
CA ASP CA 232 34.07 -57.68 41.75
C ASP CA 232 35.42 -57.01 41.48
N ALA CA 233 35.44 -56.04 40.57
CA ALA CA 233 36.68 -55.31 40.31
C ALA CA 233 37.12 -54.54 41.55
N GLN CA 234 36.18 -53.89 42.25
CA GLN CA 234 36.51 -53.19 43.48
C GLN CA 234 37.05 -54.15 44.54
N LEU CA 235 36.44 -55.33 44.65
CA LEU CA 235 36.87 -56.30 45.63
C LEU CA 235 38.27 -56.82 45.32
N LYS CA 236 38.56 -57.07 44.04
CA LYS CA 236 39.90 -57.50 43.67
C LYS CA 236 40.92 -56.39 43.93
N PHE CA 237 40.53 -55.14 43.70
CA PHE CA 237 41.39 -54.01 44.04
C PHE CA 237 41.72 -54.00 45.53
N ALA CA 238 40.70 -54.19 46.37
CA ALA CA 238 40.92 -54.25 47.81
C ALA CA 238 41.82 -55.42 48.19
N ASN CA 239 41.60 -56.58 47.58
CA ASN CA 239 42.43 -57.75 47.87
C ASN CA 239 43.90 -57.52 47.51
N ASP CA 240 44.16 -56.90 46.34
CA ASP CA 240 45.54 -56.61 45.97
C ASP CA 240 46.18 -55.61 46.92
N VAL CA 241 45.45 -54.56 47.32
CA VAL CA 241 46.02 -53.61 48.26
C VAL CA 241 46.36 -54.28 49.58
N GLU CA 242 45.43 -55.10 50.10
CA GLU CA 242 45.67 -55.79 51.36
C GLU CA 242 46.86 -56.74 51.26
N SER CA 243 46.96 -57.47 50.15
CA SER CA 243 48.06 -58.42 49.98
C SER CA 243 49.40 -57.70 49.93
N ARG CA 244 49.46 -56.55 49.24
CA ARG CA 244 50.71 -55.81 49.16
C ARG CA 244 51.11 -55.20 50.51
N ILE CA 245 50.14 -54.71 51.28
CA ILE CA 245 50.47 -54.25 52.63
C ILE CA 245 50.97 -55.40 53.49
N GLN CA 246 50.32 -56.57 53.37
CA GLN CA 246 50.78 -57.75 54.10
C GLN CA 246 52.21 -58.12 53.74
N ARG CA 247 52.52 -58.11 52.44
CA ARG CA 247 53.87 -58.47 51.99
C ARG CA 247 54.90 -57.46 52.48
N ARG CA 248 54.54 -56.17 52.46
CA ARG CA 248 55.47 -55.16 52.95
C ARG CA 248 55.77 -55.34 54.42
N ILE CA 249 54.75 -55.67 55.22
CA ILE CA 249 54.98 -55.93 56.64
C ILE CA 249 55.88 -57.16 56.82
N GLU CA 250 55.56 -58.23 56.09
CA GLU CA 250 56.31 -59.48 56.22
C GLU CA 250 57.77 -59.29 55.83
N ALA CA 251 58.03 -58.43 54.85
CA ALA CA 251 59.38 -58.21 54.34
C ALA CA 251 60.31 -57.70 55.43
N ILE CA 252 59.84 -56.75 56.25
CA ILE CA 252 60.69 -56.22 57.31
C ILE CA 252 60.64 -57.10 58.55
N LEU CA 253 59.52 -57.81 58.75
CA LEU CA 253 59.40 -58.61 59.95
C LEU CA 253 60.13 -59.94 59.82
N SER CA 254 60.52 -60.31 58.60
CA SER CA 254 61.21 -61.57 58.35
C SER CA 254 62.67 -61.60 58.84
N PRO CA 255 63.52 -60.60 58.50
CA PRO CA 255 64.94 -60.72 58.85
C PRO CA 255 65.23 -60.87 60.33
N ILE CA 256 64.47 -60.20 61.19
CA ILE CA 256 64.71 -60.25 62.62
C ILE CA 256 63.93 -61.41 63.24
N VAL CA 257 62.64 -61.59 62.98
CA VAL CA 257 61.85 -62.65 63.70
C VAL CA 257 62.14 -63.99 63.03
N GLY CA 258 62.35 -64.00 61.73
CA GLY CA 258 62.68 -65.23 61.01
C GLY CA 258 61.61 -65.64 60.04
N ASN CA 259 61.96 -66.38 58.99
CA ASN CA 259 60.92 -66.88 58.05
C ASN CA 259 59.91 -67.78 58.77
N GLY CA 260 58.61 -67.53 58.55
CA GLY CA 260 57.51 -68.31 59.14
C GLY CA 260 57.24 -67.97 60.58
N ASN CA 261 58.06 -67.16 61.21
CA ASN CA 261 57.88 -66.89 62.64
C ASN CA 261 57.05 -65.62 62.73
N VAL CA 262 56.50 -65.22 61.60
CA VAL CA 262 55.62 -64.06 61.61
C VAL CA 262 54.52 -64.24 60.58
N HIS CA 263 53.28 -63.94 60.97
CA HIS CA 263 52.12 -63.96 60.09
C HIS CA 263 51.32 -62.69 60.30
N ALA CA 264 50.91 -62.06 59.20
CA ALA CA 264 50.11 -60.84 59.25
C ALA CA 264 49.03 -60.89 58.19
N GLN CA 265 47.88 -60.28 58.50
CA GLN CA 265 46.77 -60.14 57.56
C GLN CA 265 46.23 -58.73 57.65
N VAL CA 266 45.82 -58.18 56.50
CA VAL CA 266 45.41 -56.78 56.39
C VAL CA 266 43.99 -56.76 55.84
N THR CA 267 43.15 -55.89 56.41
CA THR CA 267 41.85 -55.56 55.85
C THR CA 267 41.81 -54.05 55.60
N ALA CA 268 41.18 -53.64 54.50
CA ALA CA 268 41.17 -52.25 54.07
C ALA CA 268 39.74 -51.79 53.81
N GLN CA 269 39.37 -50.69 54.45
CA GLN CA 269 38.12 -50.01 54.14
C GLN CA 269 38.40 -48.92 53.10
N LEU CA 270 37.88 -49.10 51.90
CA LEU CA 270 38.25 -48.29 50.75
C LEU CA 270 37.15 -47.28 50.43
N ASP CA 271 37.45 -46.41 49.46
CA ASP CA 271 36.58 -45.32 49.06
C ASP CA 271 36.28 -45.44 47.58
N PHE CA 272 35.08 -45.92 47.25
CA PHE CA 272 34.64 -46.09 45.87
C PHE CA 272 33.50 -45.14 45.53
N ALA CA 273 33.46 -43.99 46.19
CA ALA CA 273 32.41 -42.99 45.99
C ALA CA 273 33.01 -41.82 45.21
N ASN CA 274 32.43 -41.53 44.06
CA ASN CA 274 32.88 -40.41 43.23
C ASN CA 274 32.47 -39.08 43.85
N LYS CA 275 33.44 -38.25 44.21
CA LYS CA 275 33.18 -36.94 44.79
C LYS CA 275 33.83 -35.85 43.96
N GLU CA 276 33.10 -34.75 43.78
CA GLU CA 276 33.57 -33.58 43.07
C GLU CA 276 33.31 -32.36 43.92
N GLN CA 277 34.32 -31.49 44.05
CA GLN CA 277 34.22 -30.38 44.98
C GLN CA 277 34.83 -29.13 44.35
N THR CA 278 34.15 -28.00 44.53
CA THR CA 278 34.63 -26.70 44.09
C THR CA 278 34.65 -25.78 45.31
N GLU CA 279 35.80 -25.17 45.58
CA GLU CA 279 36.02 -24.35 46.77
C GLU CA 279 36.33 -22.93 46.34
N GLU CA 280 35.64 -21.97 46.95
CA GLU CA 280 35.86 -20.55 46.72
C GLU CA 280 36.24 -19.87 48.03
N HIS CA 281 37.32 -19.10 48.02
CA HIS CA 281 37.83 -18.43 49.21
C HIS CA 281 38.04 -16.96 48.92
N TYR CA 282 37.53 -16.10 49.80
CA TYR CA 282 37.73 -14.65 49.70
C TYR CA 282 38.59 -14.18 50.85
N SER CA 283 39.65 -13.44 50.54
CA SER CA 283 40.46 -12.84 51.59
C SER CA 283 39.71 -11.71 52.25
N PRO CA 284 39.70 -11.65 53.59
CA PRO CA 284 38.99 -10.57 54.27
C PRO CA 284 39.61 -9.21 53.98
N ASN CA 285 38.75 -8.20 53.87
CA ASN CA 285 39.19 -6.84 53.59
C ASN CA 285 38.62 -5.82 54.58
N GLY CA 286 38.24 -6.27 55.77
CA GLY CA 286 37.68 -5.38 56.77
C GLY CA 286 38.68 -4.39 57.35
N ASP CA 287 39.98 -4.69 57.28
CA ASP CA 287 41.01 -3.79 57.77
C ASP CA 287 41.41 -2.87 56.63
N ALA CA 288 41.49 -1.56 56.91
CA ALA CA 288 41.82 -0.58 55.89
C ALA CA 288 43.24 -0.74 55.35
N SER CA 289 44.12 -1.43 56.06
CA SER CA 289 45.49 -1.61 55.61
C SER CA 289 45.62 -2.63 54.48
N LYS CA 290 44.82 -3.69 54.49
CA LYS CA 290 44.87 -4.70 53.44
C LYS CA 290 43.72 -4.57 52.44
N ALA CA 291 42.95 -3.49 52.50
CA ALA CA 291 41.79 -3.32 51.64
C ALA CA 291 42.23 -2.73 50.31
N THR CA 292 41.85 -3.37 49.21
CA THR CA 292 42.15 -2.86 47.88
C THR CA 292 40.93 -2.14 47.32
N LEU CA 293 41.16 -0.94 46.80
CA LEU CA 293 40.09 -0.05 46.37
C LEU CA 293 40.22 0.30 44.90
N ARG CA 294 39.06 0.44 44.25
CA ARG CA 294 38.97 0.96 42.89
C ARG CA 294 38.44 2.38 42.82
N SER CA 295 37.41 2.71 43.58
CA SER CA 295 36.84 4.05 43.58
C SER CA 295 36.35 4.37 44.98
N ARG CA 296 36.53 5.62 45.38
CA ARG CA 296 36.19 6.05 46.73
C ARG CA 296 35.70 7.48 46.69
N GLN CA 297 34.52 7.71 47.23
CA GLN CA 297 33.93 9.05 47.33
C GLN CA 297 33.72 9.39 48.80
N LEU CA 298 34.35 10.45 49.26
CA LEU CA 298 34.32 10.87 50.66
C LEU CA 298 33.86 12.32 50.72
N ASN CA 299 32.58 12.53 51.01
CA ASN CA 299 32.03 13.87 51.18
C ASN CA 299 32.00 14.20 52.67
N ILE CA 300 32.69 15.26 53.06
CA ILE CA 300 32.80 15.67 54.46
C ILE CA 300 32.30 17.10 54.60
N SER CA 301 31.42 17.31 55.58
CA SER CA 301 30.86 18.64 55.82
C SER CA 301 30.84 18.90 57.32
N GLU CA 302 31.27 20.09 57.72
CA GLU CA 302 31.28 20.50 59.13
C GLU CA 302 30.86 21.97 59.19
N GLN CA 303 29.60 22.21 59.58
CA GLN CA 303 29.05 23.56 59.69
C GLN CA 303 28.96 23.91 61.18
N VAL CA 304 30.05 24.45 61.71
CA VAL CA 304 30.10 24.87 63.11
C VAL CA 304 29.44 26.23 63.25
N GLY CA 305 28.52 26.34 64.21
CA GLY CA 305 27.83 27.60 64.44
C GLY CA 305 28.33 28.36 65.65
N ALA CA 353 28.56 22.17 72.63
CA ALA CA 353 29.08 22.03 71.28
C ALA CA 353 28.43 23.03 70.33
N GLY CA 354 27.38 23.70 70.81
CA GLY CA 354 26.67 24.66 70.02
C GLY CA 354 25.88 24.02 68.90
N PRO CA 355 25.57 24.79 67.85
CA PRO CA 355 24.82 24.22 66.72
C PRO CA 355 25.73 23.57 65.69
N ARG CA 356 26.53 22.60 66.12
CA ARG CA 356 27.42 21.89 65.21
C ARG CA 356 26.63 20.98 64.28
N SER CA 357 27.19 20.73 63.10
CA SER CA 357 26.55 19.85 62.12
C SER CA 357 27.59 19.11 61.31
N THR CA 358 27.90 17.87 61.70
CA THR CA 358 28.87 17.07 60.97
C THR CA 358 28.15 16.06 60.07
N GLN CA 359 28.68 15.89 58.86
CA GLN CA 359 28.07 14.98 57.89
C GLN CA 359 29.19 14.37 57.06
N ARG CA 360 29.25 13.03 57.05
CA ARG CA 360 30.26 12.30 56.30
C ARG CA 360 29.57 11.21 55.49
N ASN CA 361 29.63 11.34 54.16
CA ASN CA 361 29.07 10.35 53.23
C ASN CA 361 30.24 9.67 52.53
N GLU CA 362 30.43 8.38 52.84
CA GLU CA 362 31.56 7.61 52.32
C GLU CA 362 31.06 6.44 51.49
N THR CA 363 31.55 6.33 50.26
CA THR CA 363 31.23 5.22 49.37
C THR CA 363 32.53 4.63 48.87
N SER CA 364 32.67 3.30 49.01
CA SER CA 364 33.91 2.62 48.68
C SER CA 364 33.60 1.37 47.86
N ASN CA 365 34.31 1.18 46.77
CA ASN CA 365 34.22 -0.03 45.95
C ASN CA 365 35.55 -0.78 46.06
N TYR CA 366 35.48 -2.06 46.43
CA TYR CA 366 36.66 -2.84 46.72
C TYR CA 366 36.88 -3.93 45.66
N GLU CA 367 38.14 -4.36 45.54
CA GLU CA 367 38.53 -5.53 44.78
C GLU CA 367 39.14 -6.53 45.73
N VAL CA 368 38.70 -7.78 45.66
CA VAL CA 368 39.04 -8.78 46.66
C VAL CA 368 39.83 -9.91 46.02
N ASP CA 369 40.69 -10.53 46.81
CA ASP CA 369 41.41 -11.72 46.37
C ASP CA 369 40.44 -12.89 46.26
N ARG CA 370 40.68 -13.74 45.27
CA ARG CA 370 39.76 -14.83 44.98
C ARG CA 370 40.56 -16.07 44.59
N THR CA 371 40.16 -17.21 45.15
CA THR CA 371 40.85 -18.48 44.90
C THR CA 371 39.79 -19.56 44.68
N ILE CA 372 39.70 -20.06 43.45
CA ILE CA 372 38.80 -21.16 43.12
C ILE CA 372 39.62 -22.43 43.00
N ARG CA 373 39.25 -23.45 43.78
CA ARG CA 373 39.90 -24.76 43.71
C ARG CA 373 38.87 -25.80 43.33
N HIS CA 374 39.16 -26.55 42.27
CA HIS CA 374 38.32 -27.63 41.79
C HIS CA 374 39.04 -28.95 42.02
N THR CA 375 38.40 -29.85 42.76
CA THR CA 375 39.04 -31.09 43.18
C THR CA 375 38.15 -32.27 42.82
N LYS CA 376 38.73 -33.28 42.19
CA LYS CA 376 38.06 -34.54 41.91
C LYS CA 376 38.81 -35.65 42.65
N MET CA 377 38.23 -36.12 43.76
CA MET CA 377 38.89 -37.13 44.57
C MET CA 377 39.02 -38.44 43.80
N ASN CA 378 40.14 -39.12 44.04
CA ASN CA 378 40.40 -40.40 43.39
C ASN CA 378 39.47 -41.48 43.94
N VAL CA 379 39.06 -42.37 43.04
CA VAL CA 379 38.21 -43.51 43.40
C VAL CA 379 39.12 -44.68 43.74
N GLY CA 380 38.92 -45.25 44.92
CA GLY CA 380 39.74 -46.33 45.42
C GLY CA 380 40.72 -45.95 46.52
N ASP CA 381 40.56 -44.79 47.14
CA ASP CA 381 41.45 -44.40 48.22
C ASP CA 381 41.13 -45.18 49.49
N ILE CA 382 42.08 -45.19 50.42
CA ILE CA 382 41.96 -45.93 51.66
C ILE CA 382 41.34 -45.01 52.72
N GLU CA 383 40.31 -45.49 53.39
CA GLU CA 383 39.66 -44.76 54.49
C GLU CA 383 40.18 -45.15 55.86
N ARG CA 384 40.26 -46.45 56.14
CA ARG CA 384 40.65 -46.92 57.47
C ARG CA 384 41.29 -48.28 57.31
N LEU CA 385 42.52 -48.43 57.80
CA LEU CA 385 43.28 -49.66 57.69
C LEU CA 385 43.53 -50.25 59.06
N SER CA 386 43.12 -51.50 59.26
CA SER CA 386 43.39 -52.23 60.49
C SER CA 386 44.14 -53.51 60.15
N VAL CA 387 45.19 -53.78 60.92
CA VAL CA 387 46.12 -54.85 60.59
C VAL CA 387 46.32 -55.72 61.83
N ALA CA 388 46.27 -57.03 61.63
CA ALA CA 388 46.49 -58.01 62.70
C ALA CA 388 47.78 -58.77 62.40
N VAL CA 389 48.72 -58.73 63.33
CA VAL CA 389 50.01 -59.39 63.19
C VAL CA 389 50.22 -60.31 64.38
N VAL CA 390 50.68 -61.53 64.12
CA VAL CA 390 50.99 -62.51 65.15
C VAL CA 390 52.42 -63.00 64.94
N VAL CA 391 53.19 -63.05 66.03
CA VAL CA 391 54.56 -63.51 65.97
C VAL CA 391 54.70 -64.81 66.76
N ASN CA 392 55.77 -65.56 66.51
CA ASN CA 392 56.02 -66.82 67.20
C ASN CA 392 56.90 -66.58 68.43
N TYR CA 393 57.10 -67.67 69.18
CA TYR CA 393 58.01 -67.64 70.32
C TYR CA 393 59.43 -67.94 69.83
N LYS CA 394 60.40 -67.96 70.74
CA LYS CA 394 61.79 -68.23 70.39
C LYS CA 394 62.20 -69.56 71.01
N THR CA 395 62.45 -70.55 70.15
CA THR CA 395 62.90 -71.86 70.60
C THR CA 395 64.42 -71.90 70.47
N LEU CA 396 65.11 -71.98 71.61
CA LEU CA 396 66.56 -72.01 71.62
C LEU CA 396 67.07 -73.38 71.16
N ALA CA 397 68.38 -73.57 71.28
CA ALA CA 397 68.99 -74.84 70.90
C ALA CA 397 68.42 -75.99 71.74
N ASP CA 398 68.09 -75.73 73.00
CA ASP CA 398 67.43 -76.75 73.80
C ASP CA 398 66.04 -77.06 73.26
N GLY CA 399 65.32 -76.04 72.80
CA GLY CA 399 63.97 -76.21 72.28
C GLY CA 399 62.89 -75.56 73.11
N LYS CA 400 63.22 -74.86 74.18
CA LYS CA 400 62.23 -74.22 75.02
C LYS CA 400 61.65 -73.00 74.32
N PRO CA 401 60.33 -72.89 74.16
CA PRO CA 401 59.75 -71.71 73.49
C PRO CA 401 59.79 -70.47 74.36
N LEU CA 402 60.92 -69.78 74.38
CA LEU CA 402 61.06 -68.58 75.19
C LEU CA 402 60.33 -67.41 74.55
N PRO CA 403 59.41 -66.76 75.27
CA PRO CA 403 58.72 -65.60 74.70
C PRO CA 403 59.67 -64.42 74.49
N LEU CA 404 59.22 -63.49 73.65
CA LEU CA 404 60.00 -62.30 73.33
C LEU CA 404 59.97 -61.30 74.48
N THR CA 405 60.64 -60.17 74.33
CA THR CA 405 60.73 -59.15 75.37
C THR CA 405 59.88 -57.94 74.98
N ALA CA 406 59.72 -57.02 75.94
CA ALA CA 406 58.91 -55.84 75.72
C ALA CA 406 59.55 -54.92 74.67
N ASP CA 407 60.88 -54.77 74.73
CA ASP CA 407 61.57 -53.91 73.76
C ASP CA 407 61.41 -54.44 72.34
N GLN CA 408 61.56 -55.76 72.18
CA GLN CA 408 61.40 -56.35 70.85
C GLN CA 408 59.96 -56.21 70.36
N MET CA 409 58.98 -56.36 71.26
CA MET CA 409 57.59 -56.17 70.89
C MET CA 409 57.33 -54.73 70.44
N LYS CA 410 57.91 -53.76 71.15
CA LYS CA 410 57.76 -52.36 70.77
C LYS CA 410 58.39 -52.12 69.40
N GLN CA 411 59.56 -52.72 69.15
CA GLN CA 411 60.20 -52.58 67.85
C GLN CA 411 59.33 -53.15 66.74
N ILE CA 412 58.73 -54.31 66.98
CA ILE CA 412 57.83 -54.91 65.98
C ILE CA 412 56.63 -54.00 65.73
N GLU CA 413 56.07 -53.45 66.81
CA GLU CA 413 54.93 -52.54 66.65
C GLU CA 413 55.31 -51.32 65.81
N ASP CA 414 56.47 -50.73 66.08
CA ASP CA 414 56.90 -49.56 65.32
C ASP CA 414 57.14 -49.91 63.86
N LEU CA 415 57.79 -51.06 63.61
CA LEU CA 415 58.04 -51.47 62.23
C LEU CA 415 56.73 -51.71 61.48
N THR CA 416 55.76 -52.36 62.14
CA THR CA 416 54.48 -52.61 61.49
C THR CA 416 53.73 -51.31 61.23
N ARG CA 417 53.82 -50.35 62.17
CA ARG CA 417 53.20 -49.05 61.96
C ARG CA 417 53.81 -48.34 60.76
N GLU CA 418 55.13 -48.43 60.62
CA GLU CA 418 55.81 -47.81 59.48
C GLU CA 418 55.40 -48.48 58.18
N ALA CA 419 55.36 -49.82 58.17
CA ALA CA 419 55.04 -50.55 56.94
C ALA CA 419 53.60 -50.31 56.51
N MET CA 420 52.66 -50.31 57.46
CA MET CA 420 51.25 -50.16 57.12
C MET CA 420 50.88 -48.73 56.77
N GLY CA 421 51.80 -47.78 56.92
CA GLY CA 421 51.45 -46.39 56.76
C GLY CA 421 50.49 -45.88 57.81
N PHE CA 422 50.74 -46.22 59.08
CA PHE CA 422 49.82 -45.91 60.16
C PHE CA 422 49.58 -44.41 60.26
N SER CA 423 48.31 -44.02 60.37
CA SER CA 423 47.92 -42.63 60.54
C SER CA 423 46.76 -42.55 61.51
N ASP CA 424 46.66 -41.42 62.20
CA ASP CA 424 45.59 -41.19 63.15
C ASP CA 424 44.37 -40.49 62.56
N LYS CA 425 44.56 -39.71 61.49
CA LYS CA 425 43.41 -39.10 60.82
C LYS CA 425 42.52 -40.16 60.20
N ARG CA 426 43.11 -41.19 59.59
CA ARG CA 426 42.33 -42.28 59.01
C ARG CA 426 41.58 -43.04 60.09
N GLY CA 427 42.24 -43.28 61.23
CA GLY CA 427 41.66 -44.07 62.29
C GLY CA 427 42.19 -45.49 62.28
N ASP CA 428 43.46 -45.63 61.91
CA ASP CA 428 44.09 -46.94 61.78
C ASP CA 428 44.27 -47.58 63.15
N THR CA 429 44.07 -48.90 63.20
CA THR CA 429 44.27 -49.67 64.42
C THR CA 429 45.24 -50.81 64.12
N LEU CA 430 46.18 -51.05 65.03
CA LEU CA 430 47.16 -52.11 64.89
C LEU CA 430 47.21 -52.93 66.16
N ASN CA 431 47.29 -54.25 66.01
CA ASN CA 431 47.37 -55.17 67.14
C ASN CA 431 48.40 -56.25 66.81
N VAL CA 432 49.49 -56.28 67.58
CA VAL CA 432 50.51 -57.31 67.47
C VAL CA 432 50.59 -58.06 68.79
N VAL CA 433 50.40 -59.37 68.75
CA VAL CA 433 50.43 -60.22 69.93
C VAL CA 433 51.48 -61.29 69.73
N ASN CA 434 52.01 -61.81 70.83
CA ASN CA 434 53.03 -62.85 70.80
C ASN CA 434 52.43 -64.14 71.36
N SER CA 435 52.57 -65.23 70.61
CA SER CA 435 52.05 -66.53 71.02
C SER CA 435 52.78 -67.63 70.28
N PRO CA 436 52.98 -68.80 70.90
CA PRO CA 436 53.68 -69.89 70.21
C PRO CA 436 52.82 -70.49 69.11
N PHE CA 437 53.44 -70.71 67.95
CA PHE CA 437 52.72 -71.28 66.83
C PHE CA 437 52.44 -72.77 67.05
N SER CA 438 51.33 -73.23 66.50
CA SER CA 438 50.98 -74.63 66.60
C SER CA 438 51.75 -75.46 65.57
N ALA CA 439 51.82 -76.75 65.82
CA ALA CA 439 52.54 -77.67 64.93
C ALA CA 439 51.78 -77.88 63.63
N ASP DA 229 17.44 -61.93 39.28
CA ASP DA 229 18.35 -61.31 38.32
C ASP DA 229 19.42 -60.49 39.04
N LEU DA 230 19.12 -59.21 39.27
CA LEU DA 230 20.07 -58.36 39.99
C LEU DA 230 20.18 -58.79 41.46
N ASN DA 231 19.08 -59.30 42.02
CA ASN DA 231 19.09 -59.73 43.42
C ASN DA 231 20.07 -60.87 43.63
N ASP DA 232 20.14 -61.80 42.67
CA ASP DA 232 21.10 -62.90 42.77
C ASP DA 232 22.54 -62.39 42.71
N ALA DA 233 22.80 -61.40 41.85
CA ALA DA 233 24.14 -60.82 41.80
C ALA DA 233 24.50 -60.16 43.12
N GLN DA 234 23.56 -59.43 43.72
CA GLN DA 234 23.80 -58.81 45.02
C GLN DA 234 24.08 -59.87 46.09
N LEU DA 235 23.31 -60.96 46.06
CA LEU DA 235 23.49 -62.03 47.04
C LEU DA 235 24.84 -62.70 46.89
N LYS DA 236 25.27 -62.94 45.65
CA LYS DA 236 26.60 -63.51 45.42
C LYS DA 236 27.70 -62.55 45.87
N PHE DA 237 27.49 -61.25 45.66
CA PHE DA 237 28.43 -60.26 46.15
C PHE DA 237 28.56 -60.33 47.68
N ALA DA 238 27.42 -60.42 48.37
CA ALA DA 238 27.44 -60.57 49.82
C ALA DA 238 28.13 -61.85 50.26
N ASN DA 239 27.87 -62.95 49.56
CA ASN DA 239 28.51 -64.22 49.90
C ASN DA 239 30.02 -64.15 49.74
N ASP DA 240 30.50 -63.55 48.65
CA ASP DA 240 31.94 -63.42 48.47
C ASP DA 240 32.57 -62.54 49.54
N VAL DA 241 31.92 -61.42 49.89
CA VAL DA 241 32.47 -60.57 50.95
C VAL DA 241 32.54 -61.34 52.27
N GLU DA 242 31.47 -62.06 52.61
CA GLU DA 242 31.46 -62.80 53.86
C GLU DA 242 32.52 -63.88 53.87
N SER DA 243 32.68 -64.60 52.74
CA SER DA 243 33.68 -65.66 52.67
C SER DA 243 35.09 -65.11 52.83
N ARG DA 244 35.37 -63.96 52.22
CA ARG DA 244 36.70 -63.38 52.34
C ARG DA 244 36.98 -62.88 53.75
N ILE DA 245 35.99 -62.29 54.42
CA ILE DA 245 36.18 -61.92 55.81
C ILE DA 245 36.43 -63.16 56.67
N GLN DA 246 35.68 -64.23 56.42
CA GLN DA 246 35.88 -65.48 57.14
C GLN DA 246 37.29 -66.01 56.93
N ARG DA 247 37.77 -66.00 55.69
CA ARG DA 247 39.11 -66.51 55.41
C ARG DA 247 40.18 -65.65 56.07
N ARG DA 248 39.99 -64.33 56.07
CA ARG DA 248 40.96 -63.45 56.73
C ARG DA 248 41.03 -63.72 58.23
N ILE DA 249 39.87 -63.95 58.86
CA ILE DA 249 39.88 -64.30 60.28
C ILE DA 249 40.59 -65.62 60.51
N GLU DA 250 40.26 -66.63 59.69
CA GLU DA 250 40.84 -67.97 59.85
C GLU DA 250 42.35 -67.94 59.66
N ALA DA 251 42.84 -67.09 58.77
CA ALA DA 251 44.26 -67.02 58.45
C ALA DA 251 45.09 -66.66 59.67
N ILE DA 252 44.64 -65.70 60.48
CA ILE DA 252 45.39 -65.31 61.66
C ILE DA 252 45.05 -66.22 62.83
N LEU DA 253 43.85 -66.79 62.85
CA LEU DA 253 43.48 -67.62 63.99
C LEU DA 253 44.06 -69.02 63.89
N SER DA 254 44.56 -69.40 62.71
CA SER DA 254 45.13 -70.71 62.48
C SER DA 254 46.48 -70.94 63.16
N PRO DA 255 47.49 -70.05 62.98
CA PRO DA 255 48.83 -70.36 63.50
C PRO DA 255 48.90 -70.60 65.00
N ILE DA 256 48.12 -69.86 65.78
CA ILE DA 256 48.15 -70.00 67.24
C ILE DA 256 47.16 -71.07 67.69
N VAL DA 257 45.91 -71.07 67.25
CA VAL DA 257 44.91 -72.05 67.81
C VAL DA 257 45.12 -73.40 67.12
N GLY DA 258 45.50 -73.39 65.85
CA GLY DA 258 45.78 -74.63 65.12
C GLY DA 258 44.81 -74.86 64.00
N ASN DA 259 45.21 -75.60 62.96
CA ASN DA 259 44.25 -75.94 61.88
C ASN DA 259 43.05 -76.72 62.41
N GLY DA 260 41.83 -76.31 62.03
CA GLY DA 260 40.57 -76.97 62.45
C GLY DA 260 40.15 -76.65 63.87
N ASN DA 261 40.98 -75.97 64.62
CA ASN DA 261 40.64 -75.73 66.04
C ASN DA 261 39.96 -74.37 66.09
N VAL DA 262 39.61 -73.87 64.91
CA VAL DA 262 38.89 -72.59 64.87
C VAL DA 262 37.92 -72.61 63.69
N HIS DA 263 36.69 -72.18 63.94
CA HIS DA 263 35.66 -72.02 62.92
C HIS DA 263 35.00 -70.67 63.09
N ALA DA 264 34.82 -69.95 61.97
CA ALA DA 264 34.18 -68.64 61.99
C ALA DA 264 33.23 -68.51 60.80
N GLN DA 265 32.14 -67.79 60.99
CA GLN DA 265 31.19 -67.48 59.93
C GLN DA 265 30.81 -66.02 60.02
N VAL DA 266 30.63 -65.38 58.86
CA VAL DA 266 30.41 -63.94 58.76
C VAL DA 266 29.08 -63.71 58.03
N THR DA 267 28.29 -62.77 58.54
CA THR DA 267 27.13 -62.26 57.82
C THR DA 267 27.29 -60.75 57.65
N ALA DA 268 26.86 -60.24 56.51
CA ALA DA 268 27.09 -58.83 56.15
C ALA DA 268 25.77 -58.19 55.74
N GLN DA 269 25.45 -57.07 56.38
CA GLN DA 269 24.33 -56.23 55.94
C GLN DA 269 24.88 -55.16 55.01
N LEU DA 270 24.51 -55.22 53.74
CA LEU DA 270 25.12 -54.43 52.70
C LEU DA 270 24.20 -53.27 52.28
N ASP DA 271 24.74 -52.42 51.42
CA ASP DA 271 24.06 -51.21 50.96
C ASP DA 271 23.95 -51.24 49.44
N PHE DA 272 22.76 -51.56 48.94
CA PHE DA 272 22.49 -51.62 47.51
C PHE DA 272 21.52 -50.53 47.07
N ALA DA 273 21.53 -49.40 47.77
CA ALA DA 273 20.64 -48.28 47.50
C ALA DA 273 21.48 -47.16 46.87
N ASN DA 274 21.09 -46.76 45.66
CA ASN DA 274 21.78 -45.69 44.96
C ASN DA 274 21.45 -44.33 45.59
N LYS DA 275 22.46 -43.65 46.12
CA LYS DA 275 22.28 -42.33 46.73
C LYS DA 275 23.16 -41.30 46.03
N GLU DA 276 22.59 -40.12 45.83
CA GLU DA 276 23.29 -38.99 45.24
C GLU DA 276 23.07 -37.77 46.12
N GLN DA 277 24.14 -37.05 46.42
CA GLN DA 277 24.07 -35.96 47.38
C GLN DA 277 24.89 -34.78 46.91
N THR DA 278 24.33 -33.58 47.05
CA THR DA 278 25.02 -32.33 46.74
C THR DA 278 24.99 -31.46 48.00
N GLU DA 279 26.16 -31.02 48.44
CA GLU DA 279 26.30 -30.28 49.69
C GLU DA 279 26.82 -28.88 49.38
N GLU DA 280 26.19 -27.87 49.95
CA GLU DA 280 26.61 -26.47 49.82
C GLU DA 280 26.88 -25.91 51.20
N HIS DA 281 28.04 -25.27 51.37
CA HIS DA 281 28.46 -24.71 52.65
C HIS DA 281 28.88 -23.27 52.45
N TYR DA 282 28.37 -22.38 53.31
CA TYR DA 282 28.74 -20.98 53.31
C TYR DA 282 29.50 -20.65 54.59
N SER DA 283 30.67 -20.04 54.45
CA SER DA 283 31.41 -19.59 55.61
C SER DA 283 30.71 -18.38 56.25
N PRO DA 284 30.53 -18.37 57.57
CA PRO DA 284 29.86 -17.24 58.20
C PRO DA 284 30.67 -15.96 58.08
N ASN DA 285 29.96 -14.84 57.90
CA ASN DA 285 30.60 -13.53 57.74
C ASN DA 285 30.02 -12.49 58.70
N GLY DA 286 29.44 -12.94 59.82
CA GLY DA 286 28.86 -12.01 60.78
C GLY DA 286 29.88 -11.18 61.53
N ASP DA 287 31.13 -11.64 61.61
CA ASP DA 287 32.19 -10.88 62.27
C ASP DA 287 32.84 -9.98 61.25
N ALA DA 288 33.04 -8.71 61.61
CA ALA DA 288 33.63 -7.74 60.69
C ALA DA 288 35.06 -8.06 60.32
N SER DA 289 35.76 -8.88 61.10
CA SER DA 289 37.14 -9.21 60.83
C SER DA 289 37.30 -10.20 59.67
N LYS DA 290 36.38 -11.15 59.52
CA LYS DA 290 36.45 -12.12 58.43
C LYS DA 290 35.48 -11.81 57.31
N ALA DA 291 34.84 -10.65 57.33
CA ALA DA 291 33.83 -10.31 56.33
C ALA DA 291 34.52 -9.72 55.10
N THR DA 292 34.20 -10.28 53.93
CA THR DA 292 34.74 -9.76 52.67
C THR DA 292 33.71 -8.88 52.00
N LEU DA 293 34.14 -7.69 51.58
CA LEU DA 293 33.24 -6.66 51.06
C LEU DA 293 33.61 -6.28 49.63
N ARG DA 294 32.58 -5.97 48.85
CA ARG DA 294 32.73 -5.40 47.52
C ARG DA 294 32.39 -3.92 47.45
N SER DA 295 31.30 -3.50 48.10
CA SER DA 295 30.91 -2.10 48.09
C SER DA 295 30.28 -1.78 49.43
N ARG DA 296 30.55 -0.56 49.91
CA ARG DA 296 30.09 -0.15 51.23
C ARG DA 296 29.79 1.34 51.20
N GLN DA 297 28.57 1.70 51.60
CA GLN DA 297 28.14 3.09 51.69
C GLN DA 297 27.77 3.40 53.13
N LEU DA 298 28.46 4.37 53.72
CA LEU DA 298 28.29 4.73 55.13
C LEU DA 298 28.00 6.22 55.21
N ASN DA 299 26.73 6.58 55.33
CA ASN DA 299 26.32 7.98 55.50
C ASN DA 299 26.14 8.25 56.99
N ILE DA 300 26.89 9.20 57.52
CA ILE DA 300 26.86 9.55 58.94
C ILE DA 300 26.51 11.02 59.09
N SER DA 301 25.56 11.31 59.96
CA SER DA 301 25.13 12.68 60.20
C SER DA 301 24.94 12.90 61.69
N GLU DA 302 25.45 14.01 62.20
CA GLU DA 302 25.31 14.36 63.62
C GLU DA 302 25.06 15.87 63.70
N GLN DA 303 23.81 16.25 63.94
CA GLN DA 303 23.41 17.65 64.05
C GLN DA 303 23.17 17.95 65.52
N VAL DA 304 24.23 18.35 66.22
CA VAL DA 304 24.14 18.70 67.64
C VAL DA 304 23.64 20.12 67.76
N GLY DA 305 22.62 20.32 68.60
CA GLY DA 305 22.06 21.65 68.80
C GLY DA 305 22.48 22.29 70.10
N ALA DA 353 21.03 15.88 76.73
CA ALA DA 353 21.71 15.72 75.46
C ALA DA 353 21.32 16.83 74.48
N GLY DA 354 20.30 17.60 74.85
CA GLY DA 354 19.82 18.68 74.02
C GLY DA 354 19.12 18.17 72.78
N PRO DA 355 19.05 19.01 71.75
CA PRO DA 355 18.40 18.59 70.49
C PRO DA 355 19.35 17.87 69.56
N ARG DA 356 19.96 16.79 70.04
CA ARG DA 356 20.87 16.00 69.22
C ARG DA 356 20.11 15.23 68.15
N SER DA 357 20.79 14.96 67.04
CA SER DA 357 20.19 14.21 65.94
C SER DA 357 21.23 13.37 65.23
N THR DA 358 21.33 12.09 65.59
CA THR DA 358 22.28 11.19 64.96
C THR DA 358 21.58 10.32 63.92
N GLN DA 359 22.24 10.12 62.78
CA GLN DA 359 21.67 9.34 61.70
C GLN DA 359 22.80 8.61 60.99
N ARG DA 360 22.71 7.28 60.91
CA ARG DA 360 23.72 6.44 60.27
C ARG DA 360 23.02 5.48 59.31
N ASN DA 361 23.27 5.66 58.01
CA ASN DA 361 22.72 4.78 56.98
C ASN DA 361 23.89 3.97 56.40
N GLU DA 362 23.89 2.68 56.66
CA GLU DA 362 24.97 1.79 56.26
C GLU DA 362 24.44 0.72 55.31
N THR DA 363 25.08 0.58 54.15
CA THR DA 363 24.75 -0.44 53.16
C THR DA 363 26.04 -1.18 52.80
N SER DA 364 26.00 -2.51 52.90
CA SER DA 364 27.18 -3.34 52.68
C SER DA 364 26.83 -4.51 51.78
N ASN DA 365 27.66 -4.73 50.77
CA ASN DA 365 27.54 -5.90 49.89
C ASN DA 365 28.73 -6.81 50.14
N TYR DA 366 28.46 -8.09 50.42
CA TYR DA 366 29.49 -9.03 50.82
C TYR DA 366 29.73 -10.09 49.74
N GLU DA 367 30.93 -10.66 49.77
CA GLU DA 367 31.27 -11.86 49.00
C GLU DA 367 31.63 -12.95 49.97
N VAL DA 368 31.05 -14.13 49.78
CA VAL DA 368 31.14 -15.20 50.76
C VAL DA 368 31.86 -16.40 50.18
N ASP DA 369 32.55 -17.14 51.04
CA ASP DA 369 33.16 -18.40 50.63
C ASP DA 369 32.08 -19.44 50.34
N ARG DA 370 32.35 -20.28 49.34
CA ARG DA 370 31.35 -21.23 48.89
C ARG DA 370 32.04 -22.54 48.55
N THR DA 371 31.44 -23.65 48.97
CA THR DA 371 32.00 -24.99 48.75
C THR DA 371 30.87 -25.92 48.35
N ILE DA 372 30.88 -26.35 47.09
CA ILE DA 372 29.91 -27.32 46.60
C ILE DA 372 30.58 -28.68 46.51
N ARG DA 373 30.00 -29.67 47.20
CA ARG DA 373 30.49 -31.04 47.14
C ARG DA 373 29.40 -31.95 46.58
N HIS DA 374 29.74 -32.68 45.52
CA HIS DA 374 28.84 -33.63 44.89
C HIS DA 374 29.35 -35.04 45.14
N THR DA 375 28.52 -35.88 45.74
CA THR DA 375 28.95 -37.20 46.18
C THR DA 375 27.98 -38.25 45.65
N LYS DA 376 28.52 -39.31 45.04
CA LYS DA 376 27.75 -40.47 44.61
C LYS DA 376 28.25 -41.68 45.39
N MET DA 377 27.48 -42.11 46.39
CA MET DA 377 27.90 -43.22 47.22
C MET DA 377 27.98 -44.50 46.41
N ASN DA 378 28.97 -45.33 46.76
CA ASN DA 378 29.16 -46.61 46.09
C ASN DA 378 28.05 -47.58 46.45
N VAL DA 379 27.65 -48.38 45.47
CA VAL DA 379 26.64 -49.42 45.65
C VAL DA 379 27.34 -50.71 46.04
N GLY DA 380 26.91 -51.29 47.16
CA GLY DA 380 27.54 -52.48 47.70
C GLY DA 380 28.39 -52.27 48.94
N ASP DA 381 28.30 -51.11 49.60
CA ASP DA 381 29.07 -50.87 50.80
C ASP DA 381 28.49 -51.66 51.97
N ILE DA 382 29.30 -51.81 53.01
CA ILE DA 382 28.92 -52.58 54.19
C ILE DA 382 28.29 -51.63 55.21
N GLU DA 383 27.13 -52.00 55.72
CA GLU DA 383 26.43 -51.23 56.75
C GLU DA 383 26.71 -51.73 58.16
N ARG DA 384 26.60 -53.04 58.38
CA ARG DA 384 26.75 -53.60 59.72
C ARG DA 384 27.25 -55.03 59.58
N LEU DA 385 28.37 -55.35 60.22
CA LEU DA 385 28.99 -56.66 60.13
C LEU DA 385 28.96 -57.32 61.50
N SER DA 386 28.40 -58.52 61.57
CA SER DA 386 28.41 -59.31 62.79
C SER DA 386 29.04 -60.66 62.49
N VAL DA 387 29.94 -61.09 63.38
CA VAL DA 387 30.78 -62.25 63.12
C VAL DA 387 30.71 -63.19 64.33
N ALA DA 388 30.52 -64.48 64.05
CA ALA DA 388 30.49 -65.51 65.08
C ALA DA 388 31.69 -66.41 64.92
N VAL DA 389 32.51 -66.52 65.96
CA VAL DA 389 33.72 -67.34 65.95
C VAL DA 389 33.65 -68.32 67.11
N VAL DA 390 33.99 -69.57 66.85
CA VAL DA 390 34.04 -70.61 67.86
C VAL DA 390 35.43 -71.27 67.81
N VAL DA 391 36.03 -71.46 68.99
CA VAL DA 391 37.34 -72.09 69.09
C VAL DA 391 37.21 -73.41 69.82
N ASN DA 392 38.21 -74.27 69.67
CA ASN DA 392 38.22 -75.58 70.31
C ASN DA 392 38.93 -75.50 71.66
N TYR DA 393 38.91 -76.63 72.37
CA TYR DA 393 39.66 -76.76 73.62
C TYR DA 393 41.08 -77.21 73.30
N LYS DA 394 41.90 -77.38 74.33
CA LYS DA 394 43.29 -77.81 74.15
C LYS DA 394 43.46 -79.21 74.74
N THR DA 395 43.69 -80.19 73.87
CA THR DA 395 43.94 -81.57 74.30
C THR DA 395 45.44 -81.79 74.37
N LEU DA 396 45.95 -81.99 75.58
CA LEU DA 396 47.38 -82.20 75.77
C LEU DA 396 47.78 -83.61 75.33
N ALA DA 397 49.04 -83.96 75.59
CA ALA DA 397 49.52 -85.28 75.24
C ALA DA 397 48.73 -86.39 75.92
N ASP DA 398 48.26 -86.13 77.15
CA ASP DA 398 47.37 -87.08 77.81
C ASP DA 398 46.05 -87.21 77.08
N GLY DA 399 45.51 -86.09 76.59
CA GLY DA 399 44.24 -86.07 75.89
C GLY DA 399 43.13 -85.32 76.59
N LYS DA 400 43.41 -84.70 77.74
CA LYS DA 400 42.39 -83.97 78.48
C LYS DA 400 42.08 -82.66 77.78
N PRO DA 401 40.80 -82.39 77.45
CA PRO DA 401 40.47 -81.12 76.78
C PRO DA 401 40.53 -79.93 77.71
N LEU DA 402 41.72 -79.38 77.90
CA LEU DA 402 41.89 -78.24 78.79
C LEU DA 402 41.39 -76.97 78.12
N PRO DA 403 40.48 -76.23 78.75
CA PRO DA 403 40.01 -74.98 78.15
C PRO DA 403 41.10 -73.92 78.11
N LEU DA 404 40.90 -72.91 77.28
CA LEU DA 404 41.85 -71.82 77.13
C LEU DA 404 41.77 -70.87 78.32
N THR DA 405 42.59 -69.82 78.31
CA THR DA 405 42.66 -68.86 79.40
C THR DA 405 42.03 -67.54 78.97
N ALA DA 406 41.85 -66.64 79.96
CA ALA DA 406 41.22 -65.36 79.68
C ALA DA 406 42.11 -64.49 78.78
N ASP DA 407 43.41 -64.51 79.01
CA ASP DA 407 44.32 -63.71 78.18
C ASP DA 407 44.29 -64.17 76.73
N GLN DA 408 44.31 -65.49 76.52
CA GLN DA 408 44.25 -66.01 75.15
C GLN DA 408 42.92 -65.66 74.50
N MET DA 409 41.82 -65.73 75.26
CA MET DA 409 40.53 -65.35 74.71
C MET DA 409 40.49 -63.88 74.31
N LYS DA 410 41.08 -63.02 75.14
CA LYS DA 410 41.17 -61.59 74.81
C LYS DA 410 42.00 -61.38 73.55
N GLN DA 411 43.11 -62.12 73.43
CA GLN DA 411 43.93 -62.01 72.22
C GLN DA 411 43.15 -62.43 70.98
N ILE DA 412 42.38 -63.52 71.08
CA ILE DA 412 41.57 -63.97 69.95
C ILE DA 412 40.53 -62.90 69.60
N GLU DA 413 39.90 -62.32 70.61
CA GLU DA 413 38.91 -61.27 70.36
C GLU DA 413 39.53 -60.08 69.64
N ASP DA 414 40.71 -59.65 70.09
CA ASP DA 414 41.39 -58.52 69.45
C ASP DA 414 41.77 -58.85 68.02
N LEU DA 415 42.30 -60.05 67.79
CA LEU DA 415 42.68 -60.44 66.44
C LEU DA 415 41.47 -60.50 65.52
N THR DA 416 40.35 -61.03 66.01
CA THR DA 416 39.14 -61.10 65.19
C THR DA 416 38.60 -59.71 64.90
N ARG DA 417 38.68 -58.81 65.88
CA ARG DA 417 38.24 -57.43 65.68
C ARG DA 417 39.09 -56.76 64.60
N GLU DA 418 40.40 -57.01 64.63
CA GLU DA 418 41.28 -56.44 63.62
C GLU DA 418 41.00 -57.02 62.24
N ALA DA 419 40.78 -58.33 62.16
CA ALA DA 419 40.55 -58.97 60.86
C ALA DA 419 39.22 -58.54 60.26
N MET DA 420 38.17 -58.45 61.08
CA MET DA 420 36.85 -58.12 60.57
C MET DA 420 36.69 -56.64 60.25
N GLY DA 421 37.68 -55.82 60.58
CA GLY DA 421 37.53 -54.39 60.44
C GLY DA 421 36.50 -53.81 61.38
N PHE DA 422 36.55 -54.23 62.65
CA PHE DA 422 35.53 -53.84 63.62
C PHE DA 422 35.46 -52.32 63.77
N SER DA 423 34.24 -51.78 63.73
CA SER DA 423 34.01 -50.36 63.92
C SER DA 423 32.74 -50.18 64.74
N ASP DA 424 32.69 -49.06 65.46
CA ASP DA 424 31.53 -48.74 66.28
C ASP DA 424 30.50 -47.87 65.57
N LYS DA 425 30.92 -47.08 64.58
CA LYS DA 425 29.95 -46.31 63.80
C LYS DA 425 29.02 -47.23 63.01
N ARG DA 426 29.57 -48.29 62.43
CA ARG DA 426 28.75 -49.26 61.70
C ARG DA 426 27.78 -49.97 62.64
N GLY DA 427 28.24 -50.32 63.84
CA GLY DA 427 27.43 -51.07 64.77
C GLY DA 427 27.79 -52.54 64.76
N ASP DA 428 29.08 -52.83 64.55
CA ASP DA 428 29.56 -54.20 64.43
C ASP DA 428 29.48 -54.91 65.78
N THR DA 429 29.11 -56.19 65.75
CA THR DA 429 29.05 -57.03 66.93
C THR DA 429 29.92 -58.26 66.70
N LEU DA 430 30.68 -58.65 67.71
CA LEU DA 430 31.55 -59.82 67.64
C LEU DA 430 31.34 -60.69 68.87
N ASN DA 431 31.26 -62.00 68.66
CA ASN DA 431 31.09 -62.96 69.75
C ASN DA 431 32.02 -64.15 69.50
N VAL DA 432 32.99 -64.33 70.40
CA VAL DA 432 33.88 -65.48 70.36
C VAL DA 432 33.70 -66.28 71.64
N VAL DA 433 33.36 -67.55 71.50
CA VAL DA 433 33.12 -68.44 72.63
C VAL DA 433 34.06 -69.63 72.52
N ASN DA 434 34.38 -70.25 73.66
CA ASN DA 434 35.25 -71.41 73.71
C ASN DA 434 34.44 -72.63 74.11
N SER DA 435 34.55 -73.70 73.33
CA SER DA 435 33.83 -74.94 73.62
C SER DA 435 34.52 -76.10 72.91
N PRO DA 436 34.49 -77.30 73.50
CA PRO DA 436 35.14 -78.45 72.84
C PRO DA 436 34.37 -78.89 71.62
N PHE DA 437 35.10 -79.15 70.53
CA PHE DA 437 34.48 -79.59 69.30
C PHE DA 437 34.00 -81.02 69.41
N SER DA 438 32.93 -81.34 68.69
CA SER DA 438 32.40 -82.69 68.68
C SER DA 438 33.20 -83.57 67.71
N ALA DA 439 33.09 -84.88 67.90
CA ALA DA 439 33.80 -85.83 67.07
C ALA DA 439 33.19 -85.90 65.67
N ASP EA 229 4.55 -64.96 37.96
CA ASP EA 229 5.65 -64.42 37.17
C ASP EA 229 6.71 -63.77 38.06
N LEU EA 230 6.55 -62.47 38.32
CA LEU EA 230 7.48 -61.77 39.19
C LEU EA 230 7.34 -62.25 40.63
N ASN EA 231 6.13 -62.64 41.03
CA ASN EA 231 5.89 -63.12 42.39
C ASN EA 231 6.70 -64.39 42.67
N ASP EA 232 6.79 -65.28 41.68
CA ASP EA 232 7.59 -66.50 41.85
C ASP EA 232 9.06 -66.17 41.99
N ALA EA 233 9.56 -65.19 41.23
CA ALA EA 233 10.95 -64.78 41.38
C ALA EA 233 11.20 -64.21 42.77
N GLN EA 234 10.28 -63.40 43.27
CA GLN EA 234 10.43 -62.86 44.63
C GLN EA 234 10.42 -63.98 45.66
N LEU EA 235 9.54 -64.97 45.49
CA LEU EA 235 9.46 -66.07 46.43
C LEU EA 235 10.74 -66.91 46.41
N LYS EA 236 11.31 -67.16 45.22
CA LYS EA 236 12.57 -67.88 45.14
C LYS EA 236 13.70 -67.08 45.77
N PHE EA 237 13.69 -65.76 45.61
CA PHE EA 237 14.66 -64.90 46.27
C PHE EA 237 14.57 -65.05 47.79
N ALA EA 238 13.34 -65.03 48.32
CA ALA EA 238 13.15 -65.22 49.76
C ALA EA 238 13.62 -66.59 50.21
N ASN EA 239 13.32 -67.63 49.43
CA ASN EA 239 13.76 -68.98 49.78
C ASN EA 239 15.28 -69.10 49.82
N ASP EA 240 15.97 -68.52 48.84
CA ASP EA 240 17.43 -68.55 48.85
C ASP EA 240 18.00 -67.81 50.04
N VAL EA 241 17.45 -66.63 50.36
CA VAL EA 241 17.95 -65.89 51.53
C VAL EA 241 17.76 -66.70 52.80
N GLU EA 242 16.56 -67.29 52.97
CA GLU EA 242 16.30 -68.08 54.17
C GLU EA 242 17.21 -69.29 54.25
N SER EA 243 17.44 -69.96 53.12
CA SER EA 243 18.30 -71.14 53.12
C SER EA 243 19.73 -70.78 53.49
N ARG EA 244 20.23 -69.65 52.98
CA ARG EA 244 21.60 -69.25 53.29
C ARG EA 244 21.75 -68.83 54.75
N ILE EA 245 20.74 -68.16 55.32
CA ILE EA 245 20.80 -67.86 56.74
C ILE EA 245 20.78 -69.16 57.57
N GLN EA 246 19.94 -70.11 57.16
CA GLN EA 246 19.90 -71.40 57.83
C GLN EA 246 21.25 -72.10 57.79
N ARG EA 247 21.89 -72.10 56.62
CA ARG EA 247 23.19 -72.76 56.49
C ARG EA 247 24.25 -72.07 57.32
N ARG EA 248 24.22 -70.73 57.37
CA ARG EA 248 25.18 -70.00 58.18
C ARG EA 248 25.02 -70.34 59.66
N ILE EA 249 23.78 -70.44 60.13
CA ILE EA 249 23.56 -70.83 61.52
C ILE EA 249 24.07 -72.25 61.77
N GLU EA 250 23.73 -73.18 60.87
CA GLU EA 250 24.12 -74.57 61.04
C GLU EA 250 25.64 -74.73 61.05
N ALA EA 251 26.33 -73.92 60.25
CA ALA EA 251 27.78 -74.01 60.13
C ALA EA 251 28.47 -73.81 61.47
N ILE EA 252 28.04 -72.83 62.25
CA ILE EA 252 28.67 -72.58 63.54
C ILE EA 252 28.08 -73.48 64.61
N LEU EA 253 26.82 -73.89 64.45
CA LEU EA 253 26.20 -74.71 65.49
C LEU EA 253 26.62 -76.17 65.39
N SER EA 254 27.23 -76.55 64.27
CA SER EA 254 27.66 -77.93 64.05
C SER EA 254 28.87 -78.35 64.88
N PRO EA 255 29.99 -77.58 64.88
CA PRO EA 255 31.21 -78.08 65.55
C PRO EA 255 31.05 -78.37 67.03
N ILE EA 256 30.26 -77.56 67.75
CA ILE EA 256 30.08 -77.76 69.18
C ILE EA 256 28.93 -78.71 69.44
N VAL EA 257 27.75 -78.55 68.86
CA VAL EA 257 26.58 -79.42 69.22
C VAL EA 257 26.73 -80.75 68.50
N GLY EA 258 27.26 -80.75 67.30
CA GLY EA 258 27.49 -81.99 66.54
C GLY EA 258 26.65 -82.06 65.29
N ASN EA 259 27.08 -82.79 64.28
CA ASN EA 259 26.26 -82.99 63.07
C ASN EA 259 24.90 -83.63 63.40
N GLY EA 260 23.81 -83.05 62.89
CA GLY EA 260 22.44 -83.56 63.10
C GLY EA 260 21.88 -83.25 64.48
N ASN EA 261 22.67 -82.70 65.36
CA ASN EA 261 22.18 -82.46 66.74
C ASN EA 261 21.67 -81.05 66.77
N VAL EA 262 21.54 -80.45 65.58
CA VAL EA 262 20.98 -79.11 65.51
C VAL EA 262 20.19 -78.96 64.22
N HIS EA 263 18.99 -78.38 64.34
CA HIS EA 263 18.13 -78.06 63.20
C HIS EA 263 17.62 -76.64 63.35
N ALA EA 264 17.67 -75.87 62.27
CA ALA EA 264 17.19 -74.49 62.26
C ALA EA 264 16.45 -74.21 60.97
N GLN EA 265 15.42 -73.36 61.06
CA GLN EA 265 14.68 -72.90 59.90
C GLN EA 265 14.46 -71.40 60.01
N VAL EA 266 14.51 -70.71 58.87
CA VAL EA 266 14.48 -69.25 58.82
C VAL EA 266 13.31 -68.83 57.94
N THR EA 267 12.57 -67.82 58.38
CA THR EA 267 11.58 -67.13 57.56
C THR EA 267 11.94 -65.65 57.49
N ALA EA 268 11.74 -65.05 56.33
CA ALA EA 268 12.18 -63.68 56.08
C ALA EA 268 11.00 -62.87 55.53
N GLN EA 269 10.73 -61.74 56.18
CA GLN EA 269 9.80 -60.75 55.65
C GLN EA 269 10.59 -59.73 54.84
N LEU EA 270 10.38 -59.70 53.53
CA LEU EA 270 11.21 -58.94 52.62
C LEU EA 270 10.51 -57.68 52.16
N ASP EA 271 11.25 -56.85 51.41
CA ASP EA 271 10.79 -55.55 50.94
C ASP EA 271 10.88 -55.52 49.41
N PHE EA 272 9.73 -55.68 48.75
CA PHE EA 272 9.65 -55.66 47.29
C PHE EA 272 8.88 -54.44 46.79
N ALA EA 273 8.94 -53.34 47.55
CA ALA EA 273 8.23 -52.10 47.22
C ALA EA 273 9.26 -51.08 46.76
N ASN EA 274 9.10 -50.59 45.53
CA ASN EA 274 10.00 -49.58 44.99
C ASN EA 274 9.75 -48.23 45.63
N LYS EA 275 10.76 -47.69 46.32
CA LYS EA 275 10.66 -46.39 46.97
C LYS EA 275 11.73 -45.45 46.46
N GLU EA 276 11.35 -44.20 46.23
CA GLU EA 276 12.25 -43.14 45.79
C GLU EA 276 12.05 -41.94 46.70
N GLN EA 277 13.16 -41.37 47.17
CA GLN EA 277 13.08 -40.32 48.17
C GLN EA 277 14.10 -39.23 47.86
N THR EA 278 13.67 -37.98 47.99
CA THR EA 278 14.53 -36.81 47.84
C THR EA 278 14.44 -35.99 49.12
N GLU EA 279 15.59 -35.71 49.74
CA GLU EA 279 15.65 -35.03 51.03
C GLU EA 279 16.38 -33.71 50.87
N GLU EA 280 15.79 -32.64 51.40
CA GLU EA 280 16.38 -31.31 51.40
C GLU EA 280 16.53 -30.83 52.83
N HIS EA 281 17.73 -30.35 53.18
CA HIS EA 281 18.04 -29.89 54.53
C HIS EA 281 18.65 -28.50 54.45
N TYR EA 282 18.14 -27.60 55.28
CA TYR EA 282 18.67 -26.25 55.41
C TYR EA 282 19.29 -26.06 56.79
N SER EA 283 20.53 -25.59 56.82
CA SER EA 283 21.14 -25.28 58.10
C SER EA 283 20.52 -24.02 58.70
N PRO EA 284 20.17 -24.03 59.99
CA PRO EA 284 19.56 -22.84 60.58
C PRO EA 284 20.53 -21.68 60.62
N ASN EA 285 19.99 -20.47 60.42
CA ASN EA 285 20.79 -19.25 60.42
C ASN EA 285 20.22 -18.18 61.34
N GLY EA 286 19.44 -18.59 62.36
CA GLY EA 286 18.85 -17.64 63.28
C GLY EA 286 19.86 -16.96 64.20
N ASP EA 287 21.02 -17.58 64.41
CA ASP EA 287 22.06 -16.99 65.25
C ASP EA 287 22.96 -16.14 64.36
N ALA EA 288 23.25 -14.91 64.80
CA ALA EA 288 24.06 -13.99 64.02
C ALA EA 288 25.49 -14.46 63.82
N SER EA 289 25.97 -15.40 64.65
CA SER EA 289 27.33 -15.90 64.53
C SER EA 289 27.53 -16.85 63.35
N LYS EA 290 26.53 -17.68 63.04
CA LYS EA 290 26.63 -18.61 61.93
C LYS EA 290 25.85 -18.14 60.69
N ALA EA 291 25.35 -16.91 60.69
CA ALA EA 291 24.54 -16.41 59.59
C ALA EA 291 25.45 -15.87 58.49
N THR EA 292 25.24 -16.34 57.27
CA THR EA 292 25.99 -15.85 56.12
C THR EA 292 25.17 -14.81 55.37
N LEU EA 293 25.79 -13.68 55.06
CA LEU EA 293 25.10 -12.54 54.49
C LEU EA 293 25.69 -12.15 53.14
N ARG EA 294 24.82 -11.69 52.25
CA ARG EA 294 25.22 -11.10 50.98
C ARG EA 294 25.07 -9.59 50.94
N SER EA 295 23.97 -9.05 51.46
CA SER EA 295 23.74 -7.62 51.48
C SER EA 295 22.98 -7.26 52.75
N ARG EA 296 23.32 -6.11 53.32
CA ARG EA 296 22.74 -5.69 54.58
C ARG EA 296 22.63 -4.18 54.59
N GLN EA 297 21.42 -3.68 54.85
CA GLN EA 297 21.15 -2.25 54.95
C GLN EA 297 20.63 -1.96 56.35
N LEU EA 298 21.35 -1.09 57.07
CA LEU EA 298 21.03 -0.76 58.46
C LEU EA 298 20.92 0.75 58.58
N ASN EA 299 19.69 1.25 58.56
CA ASN EA 299 19.44 2.68 58.75
C ASN EA 299 19.08 2.92 60.22
N ILE EA 300 19.87 3.76 60.88
CA ILE EA 300 19.69 4.05 62.30
C ILE EA 300 19.51 5.56 62.48
N SER EA 301 18.48 5.94 63.23
CA SER EA 301 18.19 7.34 63.48
C SER EA 301 17.82 7.52 64.95
N GLU EA 302 18.40 8.55 65.58
CA GLU EA 302 18.13 8.86 66.98
C GLU EA 302 18.04 10.38 67.11
N GLN EA 303 16.82 10.91 67.21
CA GLN EA 303 16.58 12.34 67.33
C GLN EA 303 16.18 12.62 68.79
N VAL EA 304 17.18 12.86 69.63
CA VAL EA 304 16.94 13.16 71.04
C VAL EA 304 16.60 14.64 71.17
N GLY EA 305 15.51 14.93 71.88
CA GLY EA 305 15.09 16.30 72.07
C GLY EA 305 15.40 16.84 73.46
N ALA EA 353 12.34 10.44 79.50
CA ALA EA 353 13.16 10.24 78.31
C ALA EA 353 13.04 11.43 77.36
N GLY EA 354 12.08 12.31 77.64
CA GLY EA 354 11.84 13.47 76.81
C GLY EA 354 11.25 13.09 75.46
N PRO EA 355 11.42 13.97 74.47
CA PRO EA 355 10.89 13.67 73.13
C PRO EA 355 11.87 12.86 72.28
N ARG EA 356 12.29 11.70 72.78
CA ARG EA 356 13.19 10.85 72.04
C ARG EA 356 12.49 10.21 70.85
N SER EA 357 13.28 9.89 69.83
CA SER EA 357 12.74 9.26 68.63
C SER EA 357 13.77 8.32 68.00
N THR EA 358 13.67 7.03 68.32
CA THR EA 358 14.59 6.05 67.76
C THR EA 358 13.92 5.30 66.61
N GLN EA 359 14.71 5.06 65.55
CA GLN EA 359 14.20 4.39 64.36
C GLN EA 359 15.32 3.56 63.76
N ARG EA 360 15.08 2.25 63.61
CA ARG EA 360 16.05 1.33 63.06
C ARG EA 360 15.38 0.49 61.97
N ASN EA 361 15.82 0.67 60.73
CA ASN EA 361 15.33 -0.09 59.59
C ASN EA 361 16.45 -1.01 59.12
N GLU EA 362 16.25 -2.31 59.31
CA GLU EA 362 17.27 -3.31 59.01
C GLU EA 362 16.74 -4.27 57.95
N THR EA 363 17.51 -4.44 56.88
CA THR EA 363 17.21 -5.38 55.81
C THR EA 363 18.42 -6.27 55.57
N SER EA 364 18.22 -7.58 55.59
CA SER EA 364 19.31 -8.54 55.50
C SER EA 364 18.95 -9.62 54.49
N ASN EA 365 19.87 -9.92 53.58
CA ASN EA 365 19.73 -11.03 52.64
C ASN EA 365 20.76 -12.10 52.99
N TYR EA 366 20.31 -13.33 53.17
CA TYR EA 366 21.16 -14.40 53.64
C TYR EA 366 21.41 -15.44 52.56
N GLU EA 367 22.52 -16.17 52.71
CA GLU EA 367 22.82 -17.35 51.92
C GLU EA 367 22.92 -18.54 52.88
N VAL EA 368 22.23 -19.62 52.56
CA VAL EA 368 22.06 -20.73 53.49
C VAL EA 368 22.70 -21.99 52.93
N ASP EA 369 23.17 -22.84 53.84
CA ASP EA 369 23.67 -24.15 53.46
C ASP EA 369 22.54 -25.04 52.98
N ARG EA 370 22.83 -25.86 51.98
CA ARG EA 370 21.80 -26.67 51.35
C ARG EA 370 22.37 -28.04 51.03
N THR EA 371 21.59 -29.09 51.32
CA THR EA 371 22.02 -30.47 51.11
C THR EA 371 20.84 -31.23 50.52
N ILE EA 372 20.96 -31.63 49.25
CA ILE EA 372 19.96 -32.45 48.59
C ILE EA 372 20.46 -33.89 48.52
N ARG EA 373 19.69 -34.81 49.06
CA ARG EA 373 20.01 -36.22 49.00
C ARG EA 373 18.91 -36.97 48.26
N HIS EA 374 19.30 -37.71 47.23
CA HIS EA 374 18.39 -38.51 46.43
C HIS EA 374 18.70 -39.98 46.67
N THR EA 375 17.70 -40.73 47.12
CA THR EA 375 17.90 -42.12 47.54
C THR EA 375 16.89 -43.02 46.84
N LYS EA 376 17.38 -44.10 46.26
CA LYS EA 376 16.54 -45.14 45.67
C LYS EA 376 16.78 -46.44 46.44
N MET EA 377 15.84 -46.79 47.31
CA MET EA 377 16.01 -47.98 48.13
C MET EA 377 16.05 -49.25 47.28
N ASN EA 378 16.88 -50.20 47.70
CA ASN EA 378 17.00 -51.47 47.00
C ASN EA 378 15.74 -52.30 47.17
N VAL EA 379 15.38 -53.01 46.09
CA VAL EA 379 14.25 -53.92 46.10
C VAL EA 379 14.72 -55.30 46.52
N GLY EA 380 14.10 -55.87 47.53
CA GLY EA 380 14.49 -57.14 48.08
C GLY EA 380 15.19 -57.07 49.43
N ASP EA 381 15.15 -55.94 50.13
CA ASP EA 381 15.78 -55.85 51.44
C ASP EA 381 14.96 -56.60 52.48
N ILE EA 382 15.60 -56.88 53.61
CA ILE EA 382 14.98 -57.63 54.69
C ILE EA 382 14.34 -56.66 55.66
N GLU EA 383 13.08 -56.90 56.00
CA GLU EA 383 12.35 -56.08 56.97
C GLU EA 383 12.38 -56.66 58.37
N ARG EA 384 12.08 -57.96 58.52
CA ARG EA 384 11.98 -58.57 59.84
C ARG EA 384 12.32 -60.05 59.69
N LEU EA 385 13.30 -60.52 60.45
CA LEU EA 385 13.76 -61.90 60.37
C LEU EA 385 13.48 -62.60 61.69
N SER EA 386 12.77 -63.72 61.63
CA SER EA 386 12.53 -64.56 62.80
C SER EA 386 13.03 -65.96 62.51
N VAL EA 387 13.75 -66.53 63.48
CA VAL EA 387 14.46 -67.78 63.27
C VAL EA 387 14.12 -68.74 64.41
N ALA EA 388 13.82 -69.99 64.05
CA ALA EA 388 13.52 -71.04 65.02
C ALA EA 388 14.62 -72.07 64.96
N VAL EA 389 15.28 -72.32 66.10
CA VAL EA 389 16.38 -73.28 66.19
C VAL EA 389 16.04 -74.29 67.28
N VAL EA 390 16.27 -75.57 67.01
CA VAL EA 390 16.06 -76.64 67.96
C VAL EA 390 17.34 -77.45 68.06
N VAL EA 391 17.75 -77.77 69.29
CA VAL EA 391 18.96 -78.55 69.52
C VAL EA 391 18.57 -79.88 70.16
N ASN EA 392 19.47 -80.86 70.10
CA ASN EA 392 19.24 -82.16 70.67
C ASN EA 392 19.77 -82.24 72.09
N TYR EA 393 19.52 -83.37 72.74
CA TYR EA 393 20.07 -83.63 74.06
C TYR EA 393 21.46 -84.25 73.91
N LYS EA 394 22.12 -84.56 75.03
CA LYS EA 394 23.46 -85.15 75.01
C LYS EA 394 23.38 -86.57 75.54
N THR EA 395 23.60 -87.55 74.66
CA THR EA 395 23.62 -88.96 75.04
C THR EA 395 25.07 -89.36 75.30
N LEU EA 396 25.38 -89.67 76.56
CA LEU EA 396 26.74 -90.06 76.92
C LEU EA 396 27.01 -91.49 76.44
N ALA EA 397 28.18 -92.01 76.85
CA ALA EA 397 28.56 -93.37 76.50
C ALA EA 397 27.55 -94.38 77.02
N ASP EA 398 26.95 -94.12 78.18
CA ASP EA 398 25.88 -94.98 78.68
C ASP EA 398 24.66 -94.91 77.77
N GLY EA 399 24.32 -93.72 77.28
CA GLY EA 399 23.18 -93.51 76.42
C GLY EA 399 22.08 -92.66 77.03
N LYS EA 400 22.27 -92.12 78.22
CA LYS EA 400 21.26 -91.30 78.87
C LYS EA 400 21.19 -89.93 78.19
N PRO EA 401 20.02 -89.50 77.72
CA PRO EA 401 19.94 -88.18 77.07
C PRO EA 401 20.01 -87.03 78.06
N LEU EA 402 21.22 -86.64 78.44
CA LEU EA 402 21.42 -85.57 79.40
C LEU EA 402 21.16 -84.21 78.73
N PRO EA 403 20.27 -83.40 79.28
CA PRO EA 403 20.03 -82.06 78.69
C PRO EA 403 21.24 -81.16 78.85
N LEU EA 404 21.26 -80.10 78.04
CA LEU EA 404 22.35 -79.13 78.08
C LEU EA 404 22.23 -78.22 79.30
N THR EA 405 23.16 -77.28 79.45
CA THR EA 405 23.20 -76.37 80.59
C THR EA 405 22.79 -74.97 80.15
N ALA EA 406 22.59 -74.09 81.14
CA ALA EA 406 22.16 -72.73 80.86
C ALA EA 406 23.25 -71.95 80.12
N ASP EA 407 24.51 -72.14 80.51
CA ASP EA 407 25.60 -71.43 79.85
C ASP EA 407 25.72 -71.84 78.39
N GLN EA 408 25.61 -73.14 78.11
CA GLN EA 408 25.66 -73.59 76.73
C GLN EA 408 24.48 -73.07 75.93
N MET EA 409 23.30 -73.02 76.53
CA MET EA 409 22.14 -72.47 75.85
C MET EA 409 22.34 -70.99 75.52
N LYS EA 410 22.92 -70.23 76.46
CA LYS EA 410 23.20 -68.83 76.21
C LYS EA 410 24.22 -68.67 75.09
N GLN EA 411 25.24 -69.54 75.06
CA GLN EA 411 26.22 -69.49 73.99
C GLN EA 411 25.57 -69.76 72.63
N ILE EA 412 24.67 -70.75 72.58
CA ILE EA 412 23.97 -71.05 71.34
C ILE EA 412 23.11 -69.86 70.90
N GLU EA 413 22.43 -69.23 71.87
CA GLU EA 413 21.61 -68.07 71.54
C GLU EA 413 22.46 -66.94 70.97
N ASP EA 414 23.62 -66.68 71.59
CA ASP EA 414 24.49 -65.61 71.10
C ASP EA 414 25.03 -65.93 69.71
N LEU EA 415 25.44 -67.19 69.49
CA LEU EA 415 25.95 -67.59 68.18
C LEU EA 415 24.87 -67.45 67.11
N THR EA 416 23.65 -67.86 67.42
CA THR EA 416 22.55 -67.74 66.45
C THR EA 416 22.22 -66.29 66.18
N ARG EA 417 22.27 -65.44 67.20
CA ARG EA 417 22.04 -64.01 67.00
C ARG EA 417 23.10 -63.41 66.08
N GLU EA 418 24.35 -63.82 66.27
CA GLU EA 418 25.42 -63.34 65.41
C GLU EA 418 25.25 -63.82 63.97
N ALA EA 419 24.90 -65.10 63.81
CA ALA EA 419 24.76 -65.65 62.46
C ALA EA 419 23.59 -65.03 61.71
N MET EA 420 22.46 -64.85 62.39
CA MET EA 420 21.26 -64.35 61.74
C MET EA 420 21.33 -62.85 61.48
N GLY EA 421 22.36 -62.17 61.97
CA GLY EA 421 22.39 -60.72 61.88
C GLY EA 421 21.34 -60.06 62.72
N PHE EA 422 21.15 -60.51 63.96
CA PHE EA 422 20.07 -60.04 64.80
C PHE EA 422 20.17 -58.53 65.03
N SER EA 423 19.04 -57.85 64.86
CA SER EA 423 18.94 -56.41 65.08
C SER EA 423 17.62 -56.10 65.74
N ASP EA 424 17.59 -55.01 66.51
CA ASP EA 424 16.38 -54.58 67.19
C ASP EA 424 15.58 -53.56 66.40
N LYS EA 425 16.20 -52.79 65.51
CA LYS EA 425 15.46 -51.89 64.66
C LYS EA 425 14.54 -52.65 63.70
N ARG EA 426 15.03 -53.76 63.15
CA ARG EA 426 14.20 -54.59 62.28
C ARG EA 426 13.03 -55.20 63.04
N GLY EA 427 13.29 -55.65 64.27
CA GLY EA 427 12.28 -56.33 65.05
C GLY EA 427 12.46 -57.83 65.02
N ASP EA 428 13.71 -58.27 64.95
CA ASP EA 428 14.04 -59.68 64.84
C ASP EA 428 13.70 -60.42 66.12
N THR EA 429 13.20 -61.65 65.97
CA THR EA 429 12.88 -62.52 67.10
C THR EA 429 13.61 -63.83 66.91
N LEU EA 430 14.19 -64.35 68.00
CA LEU EA 430 14.91 -65.62 67.97
C LEU EA 430 14.43 -66.49 69.12
N ASN EA 431 14.23 -67.78 68.84
CA ASN EA 431 13.81 -68.75 69.84
C ASN EA 431 14.61 -70.03 69.66
N VAL EA 432 15.41 -70.37 70.66
CA VAL EA 432 16.17 -71.62 70.67
C VAL EA 432 15.72 -72.43 71.89
N VAL EA 433 15.25 -73.65 71.64
CA VAL EA 433 14.76 -74.54 72.69
C VAL EA 433 15.56 -75.83 72.63
N ASN EA 434 15.65 -76.52 73.76
CA ASN EA 434 16.37 -77.78 73.87
C ASN EA 434 15.37 -78.91 74.10
N SER EA 435 15.45 -79.95 73.28
CA SER EA 435 14.56 -81.10 73.41
C SER EA 435 15.19 -82.32 72.74
N PRO EA 436 14.95 -83.53 73.25
CA PRO EA 436 15.53 -84.71 72.64
C PRO EA 436 14.88 -85.02 71.29
N PHE EA 437 15.72 -85.33 70.31
CA PHE EA 437 15.22 -85.64 68.97
C PHE EA 437 14.56 -87.02 68.96
N SER EA 438 13.57 -87.17 68.09
CA SER EA 438 12.89 -88.44 67.93
C SER EA 438 13.70 -89.38 67.04
N ALA EA 439 13.41 -90.66 67.15
CA ALA EA 439 14.12 -91.67 66.37
C ALA EA 439 13.69 -91.62 64.90
N ASP FA 229 -8.30 -66.31 34.86
CA ASP FA 229 -7.05 -65.89 34.24
C ASP FA 229 -6.06 -65.40 35.29
N LEU FA 230 -6.10 -64.10 35.59
CA LEU FA 230 -5.22 -63.56 36.62
C LEU FA 230 -5.60 -64.07 38.00
N ASN FA 231 -6.90 -64.32 38.22
CA ASN FA 231 -7.36 -64.81 39.51
C ASN FA 231 -6.75 -66.18 39.82
N ASP FA 232 -6.64 -67.04 38.81
CA ASP FA 232 -6.02 -68.35 39.01
C ASP FA 232 -4.55 -68.21 39.36
N ALA FA 233 -3.84 -67.28 38.72
CA ALA FA 233 -2.45 -67.05 39.06
C ALA FA 233 -2.31 -66.57 40.51
N GLN FA 234 -3.19 -65.66 40.93
CA GLN FA 234 -3.16 -65.20 42.32
C GLN FA 234 -3.44 -66.34 43.29
N LEU FA 235 -4.39 -67.21 42.95
CA LEU FA 235 -4.73 -68.33 43.81
C LEU FA 235 -3.57 -69.31 43.92
N LYS FA 236 -2.89 -69.58 42.80
CA LYS FA 236 -1.73 -70.46 42.85
C LYS FA 236 -0.60 -69.83 43.66
N PHE FA 237 -0.43 -68.51 43.56
CA PHE FA 237 0.53 -67.81 44.38
C PHE FA 237 0.23 -67.99 45.87
N ALA FA 238 -1.04 -67.84 46.25
CA ALA FA 238 -1.45 -68.06 47.63
C ALA FA 238 -1.21 -69.49 48.07
N ASN FA 239 -1.52 -70.46 47.20
CA ASN FA 239 -1.31 -71.87 47.54
C ASN FA 239 0.17 -72.17 47.76
N ASP FA 240 1.05 -71.64 46.91
CA ASP FA 240 2.48 -71.87 47.10
C ASP FA 240 2.98 -71.23 48.40
N VAL FA 241 2.54 -70.01 48.71
CA VAL FA 241 2.96 -69.38 49.96
C VAL FA 241 2.50 -70.20 51.16
N GLU FA 242 1.24 -70.65 51.14
CA GLU FA 242 0.72 -71.43 52.25
C GLU FA 242 1.47 -72.76 52.39
N SER FA 243 1.76 -73.41 51.27
CA SER FA 243 2.46 -74.69 51.31
C SER FA 243 3.87 -74.52 51.88
N ARG FA 244 4.55 -73.44 51.50
CA ARG FA 244 5.90 -73.22 52.01
C ARG FA 244 5.90 -72.88 53.50
N ILE FA 245 4.93 -72.10 53.96
CA ILE FA 245 4.82 -71.87 55.40
C ILE FA 245 4.55 -73.18 56.14
N GLN FA 246 3.66 -74.01 55.58
CA GLN FA 246 3.37 -75.31 56.17
C GLN FA 246 4.63 -76.16 56.28
N ARG FA 247 5.41 -76.21 55.19
CA ARG FA 247 6.63 -77.02 55.19
C ARG FA 247 7.64 -76.48 56.19
N ARG FA 248 7.77 -75.16 56.31
CA ARG FA 248 8.70 -74.59 57.27
C ARG FA 248 8.30 -74.95 58.70
N ILE FA 249 7.01 -74.92 59.00
CA ILE FA 249 6.55 -75.33 60.32
C ILE FA 249 6.86 -76.80 60.56
N GLU FA 250 6.53 -77.65 59.58
CA GLU FA 250 6.72 -79.09 59.72
C GLU FA 250 8.19 -79.45 59.92
N ALA FA 251 9.08 -78.69 59.27
CA ALA FA 251 10.52 -78.96 59.34
C ALA FA 251 11.05 -78.89 60.76
N ILE FA 252 10.62 -77.89 61.52
CA ILE FA 252 11.11 -77.77 62.89
C ILE FA 252 10.28 -78.62 63.83
N LEU FA 253 9.00 -78.87 63.48
CA LEU FA 253 8.16 -79.64 64.39
C LEU FA 253 8.41 -81.14 64.27
N SER FA 254 9.12 -81.56 63.23
CA SER FA 254 9.41 -82.97 62.99
C SER FA 254 10.44 -83.56 63.95
N PRO FA 255 11.64 -82.94 64.13
CA PRO FA 255 12.69 -83.60 64.92
C PRO FA 255 12.29 -83.93 66.36
N ILE FA 256 11.52 -83.06 67.00
CA ILE FA 256 11.13 -83.28 68.40
C ILE FA 256 9.84 -84.09 68.46
N VAL FA 257 8.78 -83.75 67.73
CA VAL FA 257 7.47 -84.48 67.90
C VAL FA 257 7.56 -85.80 67.14
N GLY FA 258 8.25 -85.83 66.02
CA GLY FA 258 8.43 -87.06 65.24
C GLY FA 258 7.75 -86.98 63.88
N ASN FA 259 8.23 -87.73 62.90
CA ASN FA 259 7.56 -87.76 61.58
C ASN FA 259 6.11 -88.25 61.71
N GLY FA 260 5.17 -87.52 61.09
CA GLY FA 260 3.73 -87.86 61.10
C GLY FA 260 3.03 -87.53 62.40
N ASN FA 261 3.75 -87.12 63.42
CA ASN FA 261 3.12 -86.88 64.72
C ASN FA 261 2.78 -85.39 64.76
N VAL FA 262 2.88 -84.75 63.60
CA VAL FA 262 2.51 -83.35 63.53
C VAL FA 262 1.91 -83.06 62.16
N HIS FA 263 0.79 -82.34 62.15
CA HIS FA 263 0.13 -81.88 60.93
C HIS FA 263 -0.22 -80.41 61.08
N ALA FA 264 0.06 -79.61 60.05
CA ALA FA 264 -0.24 -78.19 60.06
C ALA FA 264 -0.77 -77.77 58.69
N GLN FA 265 -1.69 -76.81 58.69
CA GLN FA 265 -2.22 -76.21 57.48
C GLN FA 265 -2.27 -74.70 57.64
N VAL FA 266 -1.98 -73.98 56.55
CA VAL FA 266 -1.83 -72.53 56.57
C VAL FA 266 -2.82 -71.95 55.57
N THR FA 267 -3.49 -70.86 55.97
CA THR FA 267 -4.27 -70.03 55.06
C THR FA 267 -3.73 -68.61 55.11
N ALA FA 268 -3.70 -67.95 53.96
CA ALA FA 268 -3.08 -66.63 53.83
C ALA FA 268 -4.05 -65.65 53.20
N GLN FA 269 -4.28 -64.52 53.86
CA GLN FA 269 -5.01 -63.41 53.26
C GLN FA 269 -4.00 -62.47 52.62
N LEU FA 270 -4.03 -62.37 51.30
CA LEU FA 270 -2.98 -61.69 50.54
C LEU FA 270 -3.47 -60.33 50.05
N ASP FA 271 -2.55 -59.58 49.45
CA ASP FA 271 -2.78 -58.22 48.98
C ASP FA 271 -2.49 -58.14 47.49
N PHE FA 272 -3.55 -58.12 46.68
CA PHE FA 272 -3.42 -58.05 45.22
C PHE FA 272 -3.97 -56.72 44.69
N ALA FA 273 -3.89 -55.68 45.51
CA ALA FA 273 -4.39 -54.35 45.15
C ALA FA 273 -3.19 -53.44 44.89
N ASN FA 274 -3.13 -52.90 43.68
CA ASN FA 274 -2.05 -51.99 43.29
C ASN FA 274 -2.22 -50.64 43.97
N LYS FA 275 -1.26 -50.25 44.81
CA LYS FA 275 -1.30 -48.97 45.50
C LYS FA 275 -0.06 -48.16 45.18
N GLU FA 276 -0.26 -46.86 44.97
CA GLU FA 276 0.81 -45.91 44.70
C GLU FA 276 0.65 -44.73 45.65
N GLN FA 277 1.74 -44.32 46.29
CA GLN FA 277 1.65 -43.29 47.32
C GLN FA 277 2.83 -42.33 47.20
N THR FA 278 2.53 -41.04 47.34
CA THR FA 278 3.53 -39.98 47.36
C THR FA 278 3.37 -39.21 48.66
N GLU FA 279 4.45 -39.10 49.43
CA GLU FA 279 4.42 -38.47 50.75
C GLU FA 279 5.32 -37.25 50.75
N GLU FA 280 4.79 -36.14 51.26
CA GLU FA 280 5.54 -34.90 51.40
C GLU FA 280 5.55 -34.48 52.87
N HIS FA 281 6.74 -34.16 53.38
CA HIS FA 281 6.91 -33.80 54.78
C HIS FA 281 7.69 -32.50 54.86
N TYR FA 282 7.19 -31.56 55.67
CA TYR FA 282 7.86 -30.29 55.93
C TYR FA 282 8.29 -30.24 57.38
N SER FA 283 9.57 -29.92 57.61
CA SER FA 283 10.05 -29.73 58.96
C SER FA 283 9.50 -28.43 59.54
N PRO FA 284 8.98 -28.45 60.76
CA PRO FA 284 8.44 -27.21 61.34
C PRO FA 284 9.54 -26.17 61.57
N ASN FA 285 9.17 -24.91 61.36
CA ASN FA 285 10.10 -23.79 61.52
C ASN FA 285 9.54 -22.71 62.42
N GLY FA 286 8.59 -23.04 63.29
CA GLY FA 286 8.01 -22.06 64.19
C GLY FA 286 8.96 -21.54 65.26
N ASP FA 287 10.00 -22.30 65.59
CA ASP FA 287 10.98 -21.88 66.58
C ASP FA 287 12.08 -21.11 65.85
N ALA FA 288 12.46 -19.95 66.39
CA ALA FA 288 13.47 -19.10 65.77
C ALA FA 288 14.85 -19.76 65.73
N SER FA 289 15.10 -20.77 66.57
CA SER FA 289 16.39 -21.42 66.59
C SER FA 289 16.62 -22.35 65.41
N LYS FA 290 15.59 -23.05 64.93
CA LYS FA 290 15.72 -23.93 63.79
C LYS FA 290 15.18 -23.34 62.50
N ALA FA 291 14.83 -22.06 62.50
CA ALA FA 291 14.24 -21.42 61.33
C ALA FA 291 15.35 -20.95 60.38
N THR FA 292 15.24 -21.35 59.12
CA THR FA 292 16.19 -20.92 58.10
C THR FA 292 15.62 -19.77 57.30
N LEU FA 293 16.41 -18.71 57.14
CA LEU FA 293 15.94 -17.47 56.54
C LEU FA 293 16.74 -17.11 55.31
N ARG FA 294 16.05 -16.51 54.33
CA ARG FA 294 16.70 -15.93 53.16
C ARG FA 294 16.72 -14.41 53.17
N SER FA 295 15.63 -13.76 53.58
CA SER FA 295 15.59 -12.31 53.64
C SER FA 295 14.70 -11.91 54.81
N ARG FA 296 15.10 -10.83 55.48
CA ARG FA 296 14.42 -10.39 56.68
C ARG FA 296 14.47 -8.87 56.75
N GLN FA 297 13.32 -8.24 56.88
CA GLN FA 297 13.22 -6.79 57.02
C GLN FA 297 12.55 -6.48 58.35
N LEU FA 298 13.25 -5.74 59.20
CA LEU FA 298 12.80 -5.42 60.55
C LEU FA 298 12.85 -3.91 60.74
N ASN FA 299 11.70 -3.26 60.59
CA ASN FA 299 11.59 -1.82 60.81
C ASN FA 299 11.09 -1.58 62.23
N ILE FA 300 11.86 -0.88 63.03
CA ILE FA 300 11.54 -0.62 64.44
C ILE FA 300 11.51 0.89 64.66
N SER FA 301 10.45 1.36 65.30
CA SER FA 301 10.29 2.79 65.58
C SER FA 301 9.76 2.96 66.99
N GLU FA 302 10.37 3.89 67.74
CA GLU FA 302 9.94 4.18 69.12
C GLU FA 302 10.02 5.70 69.31
N GLN FA 303 8.87 6.36 69.27
CA GLN FA 303 8.79 7.81 69.44
C GLN FA 303 8.24 8.08 70.84
N VAL FA 304 9.13 8.16 71.82
CA VAL FA 304 8.75 8.45 73.20
C VAL FA 304 8.56 9.95 73.36
N GLY FA 305 7.44 10.35 73.94
CA GLY FA 305 7.15 11.76 74.14
C GLY FA 305 7.35 12.21 75.59
N ALA FA 353 2.77 6.03 80.85
CA ALA FA 353 3.71 5.77 79.77
C ALA FA 353 3.85 7.00 78.87
N GLY FA 354 2.98 7.97 79.07
CA GLY FA 354 2.99 9.18 78.27
C GLY FA 354 2.56 8.93 76.84
N PRO FA 355 2.96 9.82 75.93
CA PRO FA 355 2.59 9.64 74.52
C PRO FA 355 3.56 8.74 73.77
N ARG FA 356 3.76 7.53 74.26
CA ARG FA 356 4.66 6.58 73.60
C ARG FA 356 4.05 6.08 72.30
N SER FA 357 4.91 5.71 71.36
CA SER FA 357 4.48 5.19 70.07
C SER FA 357 5.46 4.15 69.54
N THR FA 358 5.17 2.88 69.78
CA THR FA 358 6.02 1.81 69.29
C THR FA 358 5.43 1.19 68.01
N GLN FA 359 6.32 0.89 67.07
CA GLN FA 359 5.90 0.33 65.79
C GLN FA 359 6.98 -0.61 65.29
N ARG FA 360 6.61 -1.87 65.04
CA ARG FA 360 7.54 -2.89 64.57
C ARG FA 360 6.92 -3.60 63.37
N ASN FA 361 7.54 -3.43 62.21
CA ASN FA 361 7.11 -4.08 60.98
C ASN FA 361 8.17 -5.12 60.61
N GLU FA 362 7.81 -6.39 60.71
CA GLU FA 362 8.72 -7.50 60.49
C GLU FA 362 8.23 -8.36 59.32
N THR FA 363 9.12 -8.58 58.34
CA THR FA 363 8.84 -9.44 57.20
C THR FA 363 9.96 -10.45 57.08
N SER FA 364 9.60 -11.73 57.00
CA SER FA 364 10.58 -12.81 56.99
C SER FA 364 10.22 -13.81 55.91
N ASN FA 365 11.22 -14.19 55.10
CA ASN FA 365 11.08 -15.24 54.10
C ASN FA 365 11.92 -16.43 54.52
N TYR FA 366 11.30 -17.60 54.58
CA TYR FA 366 11.95 -18.80 55.11
C TYR FA 366 12.21 -19.82 54.01
N GLU FA 367 13.20 -20.68 54.26
CA GLU FA 367 13.45 -21.87 53.46
C GLU FA 367 13.29 -23.08 54.36
N VAL FA 368 12.52 -24.07 53.91
CA VAL FA 368 12.09 -25.18 54.74
C VAL FA 368 12.65 -26.49 54.20
N ASP FA 369 12.90 -27.42 55.12
CA ASP FA 369 13.29 -28.77 54.74
C ASP FA 369 12.12 -29.49 54.08
N ARG FA 370 12.45 -30.31 53.08
CA ARG FA 370 11.42 -30.96 52.29
C ARG FA 370 11.87 -32.38 51.97
N THR FA 371 10.93 -33.33 52.11
CA THR FA 371 11.21 -34.74 51.88
C THR FA 371 10.04 -35.34 51.10
N ILE FA 372 10.29 -35.69 49.84
CA ILE FA 372 9.29 -36.37 49.01
C ILE FA 372 9.63 -37.84 48.94
N ARG FA 373 8.69 -38.69 49.34
CA ARG FA 373 8.84 -40.14 49.25
C ARG FA 373 7.77 -40.71 48.33
N HIS FA 374 8.21 -41.44 47.32
CA HIS FA 374 7.32 -42.11 46.37
C HIS FA 374 7.42 -43.61 46.57
N THR FA 375 6.29 -44.24 46.85
CA THR FA 375 6.26 -45.65 47.22
C THR FA 375 5.26 -46.40 46.35
N LYS FA 376 5.69 -47.52 45.79
CA LYS FA 376 4.82 -48.42 45.04
C LYS FA 376 4.81 -49.76 45.77
N MET FA 377 3.72 -50.04 46.49
CA MET FA 377 3.63 -51.27 47.27
C MET FA 377 3.63 -52.48 46.36
N ASN FA 378 4.27 -53.55 46.84
CA ASN FA 378 4.34 -54.79 46.09
C ASN FA 378 2.98 -55.48 46.05
N VAL FA 379 2.69 -56.10 44.91
CA VAL FA 379 1.46 -56.86 44.71
C VAL FA 379 1.71 -58.30 45.12
N GLY FA 380 0.88 -58.81 46.02
CA GLY FA 380 1.06 -60.15 46.56
C GLY FA 380 1.57 -60.22 47.98
N ASP FA 381 1.57 -59.12 48.73
CA ASP FA 381 2.02 -59.14 50.10
C ASP FA 381 0.99 -59.82 51.00
N ILE FA 382 1.43 -60.22 52.19
CA ILE FA 382 0.59 -60.93 53.13
C ILE FA 382 -0.05 -59.92 54.07
N GLU FA 383 -1.37 -60.01 54.22
CA GLU FA 383 -2.12 -59.14 55.14
C GLU FA 383 -2.35 -59.77 56.50
N ARG FA 384 -2.81 -61.02 56.54
CA ARG FA 384 -3.15 -61.68 57.80
C ARG FA 384 -2.98 -63.17 57.62
N LEU FA 385 -2.17 -63.78 58.48
CA LEU FA 385 -1.87 -65.20 58.39
C LEU FA 385 -2.41 -65.92 59.62
N SER FA 386 -3.23 -66.93 59.41
CA SER FA 386 -3.72 -67.78 60.50
C SER FA 386 -3.36 -69.22 60.20
N VAL FA 387 -2.85 -69.91 61.23
CA VAL FA 387 -2.26 -71.24 61.05
C VAL FA 387 -2.87 -72.18 62.09
N ALA FA 388 -3.26 -73.36 61.63
CA ALA FA 388 -3.81 -74.40 62.49
C ALA FA 388 -2.84 -75.57 62.53
N VAL FA 389 -2.37 -75.93 63.72
CA VAL FA 389 -1.44 -77.03 63.90
C VAL FA 389 -2.02 -78.02 64.90
N VAL FA 390 -1.92 -79.31 64.58
CA VAL FA 390 -2.38 -80.38 65.45
C VAL FA 390 -1.22 -81.35 65.66
N VAL FA 391 -1.01 -81.75 66.92
CA VAL FA 391 0.04 -82.69 67.25
C VAL FA 391 -0.58 -83.98 67.78
N ASN FA 392 0.20 -85.05 67.78
CA ASN FA 392 -0.26 -86.36 68.25
C ASN FA 392 0.06 -86.54 69.73
N TYR FA 393 -0.40 -87.65 70.28
CA TYR FA 393 -0.06 -88.03 71.64
C TYR FA 393 1.24 -88.81 71.64
N LYS FA 394 1.71 -89.24 72.82
CA LYS FA 394 2.95 -89.99 72.94
C LYS FA 394 2.63 -91.41 73.39
N THR FA 395 2.87 -92.37 72.49
CA THR FA 395 2.66 -93.78 72.80
C THR FA 395 4.00 -94.37 73.22
N LEU FA 396 4.10 -94.76 74.48
CA LEU FA 396 5.34 -95.33 75.00
C LEU FA 396 5.51 -96.77 74.49
N ALA FA 397 6.54 -97.44 75.02
CA ALA FA 397 6.79 -98.83 74.65
C ALA FA 397 5.61 -99.72 74.99
N ASP FA 398 4.91 -99.42 76.08
CA ASP FA 398 3.68 -100.16 76.39
C ASP FA 398 2.61 -99.91 75.34
N GLY FA 399 2.49 -98.67 74.86
CA GLY FA 399 1.49 -98.29 73.88
C GLY FA 399 0.44 -97.33 74.38
N LYS FA 400 0.54 -96.86 75.61
CA LYS FA 400 -0.45 -95.94 76.16
C LYS FA 400 -0.26 -94.56 75.55
N PRO FA 401 -1.30 -93.96 74.96
CA PRO FA 401 -1.15 -92.62 74.37
C PRO FA 401 -1.07 -91.53 75.43
N LEU FA 402 0.12 -91.31 75.97
CA LEU FA 402 0.30 -90.30 77.01
C LEU FA 402 0.30 -88.91 76.38
N PRO FA 403 -0.55 -87.99 76.85
CA PRO FA 403 -0.54 -86.63 76.31
C PRO FA 403 0.73 -85.89 76.67
N LEU FA 404 0.99 -84.81 75.93
CA LEU FA 404 2.17 -83.98 76.15
C LEU FA 404 1.99 -83.11 77.38
N THR FA 405 3.01 -82.30 77.70
CA THR FA 405 3.00 -81.45 78.88
C THR FA 405 2.81 -79.99 78.47
N ALA FA 406 2.60 -79.14 79.46
CA ALA FA 406 2.38 -77.71 79.20
C ALA FA 406 3.63 -77.05 78.65
N ASP FA 407 4.80 -77.41 79.19
CA ASP FA 407 6.05 -76.82 78.72
C ASP FA 407 6.31 -77.18 77.26
N GLN FA 408 6.08 -78.45 76.90
CA GLN FA 408 6.27 -78.86 75.52
C GLN FA 408 5.28 -78.16 74.60
N MET FA 409 4.03 -77.99 75.05
CA MET FA 409 3.05 -77.27 74.24
C MET FA 409 3.46 -75.83 74.03
N LYS FA 410 4.00 -75.17 75.07
CA LYS FA 410 4.47 -73.81 74.93
C LYS FA 410 5.65 -73.74 73.96
N GLN FA 411 6.55 -74.73 74.02
CA GLN FA 411 7.66 -74.77 73.09
C GLN FA 411 7.18 -74.91 71.64
N ILE FA 412 6.18 -75.78 71.42
CA ILE FA 412 5.62 -75.94 70.08
C ILE FA 412 4.98 -74.64 69.61
N GLU FA 413 4.25 -73.96 70.50
CA GLU FA 413 3.63 -72.70 70.14
C GLU FA 413 4.67 -71.66 69.74
N ASP FA 414 5.76 -71.57 70.51
CA ASP FA 414 6.81 -70.61 70.20
C ASP FA 414 7.48 -70.95 68.88
N LEU FA 415 7.77 -72.23 68.64
CA LEU FA 415 8.40 -72.64 67.39
C LEU FA 415 7.50 -72.34 66.20
N THR FA 416 6.20 -72.60 66.33
CA THR FA 416 5.28 -72.32 65.24
C THR FA 416 5.15 -70.82 64.99
N ARG FA 417 5.17 -70.02 66.06
CA ARG FA 417 5.14 -68.57 65.91
C ARG FA 417 6.37 -68.07 65.17
N GLU FA 418 7.53 -68.64 65.49
CA GLU FA 418 8.76 -68.27 64.80
C GLU FA 418 8.73 -68.67 63.32
N ALA FA 419 8.25 -69.89 63.05
CA ALA FA 419 8.23 -70.38 61.68
C ALA FA 419 7.25 -69.59 60.81
N MET FA 420 6.06 -69.30 61.35
CA MET FA 420 5.03 -68.62 60.58
C MET FA 420 5.32 -67.13 60.41
N GLY FA 421 6.34 -66.60 61.06
CA GLY FA 421 6.56 -65.17 61.05
C GLY FA 421 5.48 -64.41 61.78
N PHE FA 422 5.09 -64.88 62.96
CA PHE FA 422 3.96 -64.30 63.68
C PHE FA 422 4.21 -62.83 63.99
N SER FA 423 3.20 -62.00 63.71
CA SER FA 423 3.25 -60.58 64.00
C SER FA 423 1.89 -60.13 64.50
N ASP FA 424 1.89 -59.07 65.31
CA ASP FA 424 0.67 -58.51 65.85
C ASP FA 424 0.10 -57.38 65.02
N LYS FA 425 0.92 -56.67 64.26
CA LYS FA 425 0.41 -55.65 63.36
C LYS FA 425 -0.46 -56.25 62.27
N ARG FA 426 -0.03 -57.40 61.72
CA ARG FA 426 -0.83 -58.08 60.71
C ARG FA 426 -2.14 -58.57 61.28
N GLY FA 427 -2.12 -59.09 62.51
CA GLY FA 427 -3.30 -59.67 63.13
C GLY FA 427 -3.29 -61.18 63.03
N ASP FA 428 -2.10 -61.76 63.11
CA ASP FA 428 -1.93 -63.20 62.95
C ASP FA 428 -2.53 -63.94 64.15
N THR FA 429 -3.15 -65.09 63.88
CA THR FA 429 -3.72 -65.95 64.90
C THR FA 429 -3.13 -67.34 64.75
N LEU FA 430 -2.76 -67.97 65.86
CA LEU FA 430 -2.19 -69.31 65.87
C LEU FA 430 -2.92 -70.15 66.90
N ASN FA 431 -3.23 -71.40 66.54
CA ASN FA 431 -3.90 -72.34 67.43
C ASN FA 431 -3.25 -73.70 67.28
N VAL FA 432 -2.63 -74.17 68.35
CA VAL FA 432 -2.04 -75.51 68.40
C VAL FA 432 -2.73 -76.30 69.50
N VAL FA 433 -3.30 -77.44 69.13
CA VAL FA 433 -4.02 -78.30 70.07
C VAL FA 433 -3.39 -79.68 70.05
N ASN FA 434 -3.54 -80.42 71.14
CA ASN FA 434 -2.99 -81.75 71.27
C ASN FA 434 -4.14 -82.76 71.32
N SER FA 435 -4.08 -83.78 70.46
CA SER FA 435 -5.10 -84.81 70.42
C SER FA 435 -4.54 -86.07 69.78
N PRO FA 436 -5.00 -87.25 70.19
CA PRO FA 436 -4.48 -88.49 69.60
C PRO FA 436 -4.97 -88.66 68.16
N PHE FA 437 -4.06 -89.03 67.28
CA PHE FA 437 -4.40 -89.24 65.88
C PHE FA 437 -5.20 -90.52 65.71
N SER FA 438 -6.09 -90.51 64.72
CA SER FA 438 -6.89 -91.68 64.42
C SER FA 438 -6.08 -92.68 63.58
N ALA FA 439 -6.54 -93.92 63.59
CA ALA FA 439 -5.87 -94.99 62.84
C ALA FA 439 -6.07 -94.83 61.35
N ASP GA 229 -20.70 -65.94 30.07
CA ASP GA 229 -19.34 -65.65 29.63
C ASP GA 229 -18.44 -65.33 30.83
N LEU GA 230 -18.36 -64.05 31.19
CA LEU GA 230 -17.57 -63.66 32.34
C LEU GA 230 -18.20 -64.16 33.64
N ASN GA 231 -19.53 -64.26 33.67
CA ASN GA 231 -20.21 -64.74 34.86
C ASN GA 231 -19.81 -66.18 35.18
N ASP GA 232 -19.68 -67.01 34.15
CA ASP GA 232 -19.26 -68.40 34.36
C ASP GA 232 -17.84 -68.46 34.91
N ALA GA 233 -16.95 -67.59 34.41
CA ALA GA 233 -15.59 -67.55 34.95
C ALA GA 233 -15.59 -67.14 36.42
N GLN GA 234 -16.40 -66.15 36.77
CA GLN GA 234 -16.51 -65.74 38.17
C GLN GA 234 -17.04 -66.88 39.04
N LEU GA 235 -18.04 -67.60 38.53
CA LEU GA 235 -18.63 -68.70 39.29
C LEU GA 235 -17.61 -69.83 39.49
N LYS GA 236 -16.83 -70.14 38.46
CA LYS GA 236 -15.79 -71.16 38.61
C LYS GA 236 -14.72 -70.70 39.59
N PHE GA 237 -14.39 -69.40 39.57
CA PHE GA 237 -13.46 -68.86 40.55
C PHE GA 237 -13.98 -69.06 41.98
N ALA GA 238 -15.27 -68.75 42.20
CA ALA GA 238 -15.87 -68.97 43.51
C ALA GA 238 -15.86 -70.44 43.90
N ASN GA 239 -16.16 -71.33 42.95
CA ASN GA 239 -16.17 -72.76 43.24
C ASN GA 239 -14.79 -73.26 43.64
N ASP GA 240 -13.74 -72.81 42.93
CA ASP GA 240 -12.38 -73.22 43.29
C ASP GA 240 -11.99 -72.70 44.67
N VAL GA 241 -12.33 -71.44 44.99
CA VAL GA 241 -12.00 -70.92 46.31
C VAL GA 241 -12.71 -71.72 47.39
N GLU GA 242 -14.00 -72.00 47.19
CA GLU GA 242 -14.75 -72.76 48.19
C GLU GA 242 -14.20 -74.16 48.35
N SER GA 243 -13.83 -74.81 47.24
CA SER GA 243 -13.30 -76.17 47.31
C SER GA 243 -11.97 -76.20 48.06
N ARG GA 244 -11.11 -75.20 47.82
CA ARG GA 244 -9.83 -75.17 48.52
C ARG GA 244 -9.99 -74.88 50.01
N ILE GA 245 -10.92 -74.00 50.38
CA ILE GA 245 -11.19 -73.81 51.81
C ILE GA 245 -11.71 -75.09 52.44
N GLN GA 246 -12.61 -75.79 51.73
CA GLN GA 246 -13.12 -77.07 52.21
C GLN GA 246 -12.00 -78.07 52.43
N ARG GA 247 -11.09 -78.17 51.45
CA ARG GA 247 -10.00 -79.13 51.58
C ARG GA 247 -9.06 -78.77 52.72
N ARG GA 248 -8.81 -77.47 52.91
CA ARG GA 248 -7.95 -77.06 54.01
C ARG GA 248 -8.57 -77.42 55.36
N ILE GA 249 -9.88 -77.24 55.49
CA ILE GA 249 -10.55 -77.63 56.73
C ILE GA 249 -10.47 -79.14 56.94
N GLU GA 250 -10.76 -79.90 55.88
CA GLU GA 250 -10.75 -81.36 55.96
C GLU GA 250 -9.37 -81.90 56.34
N ALA GA 251 -8.32 -81.23 55.84
CA ALA GA 251 -6.96 -81.69 56.06
C ALA GA 251 -6.61 -81.73 57.55
N ILE GA 252 -7.01 -80.71 58.31
CA ILE GA 252 -6.71 -80.69 59.73
C ILE GA 252 -7.75 -81.48 60.51
N LEU GA 253 -8.98 -81.56 60.00
CA LEU GA 253 -10.02 -82.25 60.75
C LEU GA 253 -9.94 -83.76 60.58
N SER GA 254 -9.15 -84.22 59.61
CA SER GA 254 -9.01 -85.65 59.34
C SER GA 254 -8.18 -86.40 60.39
N PRO GA 255 -6.97 -85.94 60.76
CA PRO GA 255 -6.11 -86.76 61.65
C PRO GA 255 -6.73 -87.08 63.00
N ILE GA 256 -7.48 -86.14 63.58
CA ILE GA 256 -8.07 -86.37 64.90
C ILE GA 256 -9.44 -87.01 64.76
N VAL GA 257 -10.35 -86.52 63.93
CA VAL GA 257 -11.75 -87.10 63.89
C VAL GA 257 -11.72 -88.38 63.07
N GLY GA 258 -10.90 -88.45 62.05
CA GLY GA 258 -10.76 -89.66 61.24
C GLY GA 258 -11.23 -89.46 59.82
N ASN GA 259 -10.72 -90.22 58.87
CA ASN GA 259 -11.21 -90.13 57.47
C ASN GA 259 -12.71 -90.43 57.38
N GLY GA 260 -13.47 -89.57 56.70
CA GLY GA 260 -14.92 -89.74 56.49
C GLY GA 260 -15.75 -89.36 57.71
N ASN GA 261 -15.12 -89.08 58.83
CA ASN GA 261 -15.89 -88.80 60.05
C ASN GA 261 -16.05 -87.30 60.13
N VAL GA 262 -15.73 -86.64 59.02
CA VAL GA 262 -15.92 -85.19 58.98
C VAL GA 262 -16.28 -84.78 57.56
N HIS GA 263 -17.30 -83.92 57.43
CA HIS GA 263 -17.73 -83.34 56.16
C HIS GA 263 -17.93 -81.86 56.35
N ALA GA 264 -17.41 -81.06 55.41
CA ALA GA 264 -17.55 -79.62 55.45
C ALA GA 264 -17.84 -79.08 54.05
N GLN GA 265 -18.62 -78.01 53.98
CA GLN GA 265 -18.90 -77.31 52.74
C GLN GA 265 -18.80 -75.81 52.97
N VAL GA 266 -18.28 -75.11 51.97
CA VAL GA 266 -17.97 -73.68 52.08
C VAL GA 266 -18.73 -72.94 51.00
N THR GA 267 -19.32 -71.80 51.36
CA THR GA 267 -19.87 -70.85 50.40
C THR GA 267 -19.17 -69.50 50.59
N ALA GA 268 -18.92 -68.80 49.49
CA ALA GA 268 -18.13 -67.58 49.51
C ALA GA 268 -18.89 -66.46 48.80
N GLN GA 269 -19.06 -65.33 49.50
CA GLN GA 269 -19.56 -64.12 48.86
C GLN GA 269 -18.38 -63.29 48.40
N LEU GA 270 -18.22 -63.14 47.10
CA LEU GA 270 -17.02 -62.57 46.51
C LEU GA 270 -17.27 -61.14 46.03
N ASP GA 271 -16.19 -60.50 45.60
CA ASP GA 271 -16.19 -59.10 45.17
C ASP GA 271 -15.70 -59.01 43.74
N PHE GA 272 -16.63 -58.83 42.80
CA PHE GA 272 -16.30 -58.72 41.39
C PHE GA 272 -16.61 -57.32 40.86
N ALA GA 273 -16.51 -56.32 41.72
CA ALA GA 273 -16.80 -54.93 41.37
C ALA GA 273 -15.48 -54.17 41.31
N ASN GA 274 -15.19 -53.59 40.15
CA ASN GA 274 -13.98 -52.82 39.96
C ASN GA 274 -14.08 -51.48 40.68
N LYS GA 275 -13.19 -51.24 41.65
CA LYS GA 275 -13.18 -49.99 42.39
C LYS GA 275 -11.80 -49.33 42.28
N GLU GA 276 -11.82 -48.01 42.11
CA GLU GA 276 -10.62 -47.19 42.03
C GLU GA 276 -10.78 -46.03 43.00
N GLN GA 277 -9.74 -45.79 43.79
CA GLN GA 277 -9.84 -44.79 44.86
C GLN GA 277 -8.55 -43.98 44.94
N THR GA 278 -8.71 -42.67 45.11
CA THR GA 278 -7.59 -41.75 45.31
C THR GA 278 -7.84 -41.00 46.62
N GLU GA 279 -6.86 -41.06 47.53
CA GLU GA 279 -7.00 -40.48 48.86
C GLU GA 279 -5.98 -39.37 49.04
N GLU GA 280 -6.42 -38.23 49.53
CA GLU GA 280 -5.56 -37.09 49.83
C GLU GA 280 -5.69 -36.73 51.30
N HIS GA 281 -4.56 -36.59 51.98
CA HIS GA 281 -4.52 -36.30 53.42
C HIS GA 281 -3.61 -35.11 53.66
N TYR GA 282 -4.11 -34.14 54.44
CA TYR GA 282 -3.34 -32.98 54.84
C TYR GA 282 -3.09 -33.03 56.34
N SER GA 283 -1.83 -32.88 56.74
CA SER GA 283 -1.51 -32.81 58.16
C SER GA 283 -1.97 -31.47 58.73
N PRO GA 284 -2.65 -31.46 59.88
CA PRO GA 284 -3.11 -30.18 60.45
C PRO GA 284 -1.95 -29.30 60.85
N ASN GA 285 -2.13 -27.99 60.67
CA ASN GA 285 -1.10 -27.01 61.01
C ASN GA 285 -1.64 -25.88 61.88
N GLY GA 286 -2.73 -26.13 62.61
CA GLY GA 286 -3.31 -25.11 63.47
C GLY GA 286 -2.46 -24.76 64.68
N ASP GA 287 -1.57 -25.66 65.10
CA ASP GA 287 -0.69 -25.40 66.22
C ASP GA 287 0.59 -24.75 65.69
N ALA GA 288 1.02 -23.67 66.33
CA ALA GA 288 2.20 -22.93 65.89
C ALA GA 288 3.48 -23.74 65.99
N SER GA 289 3.50 -24.80 66.80
CA SER GA 289 4.69 -25.62 66.95
C SER GA 289 4.97 -26.53 65.77
N LYS GA 290 3.93 -27.06 65.13
CA LYS GA 290 4.11 -27.93 63.97
C LYS GA 290 3.82 -27.22 62.65
N ALA GA 291 3.63 -25.91 62.67
CA ALA GA 291 3.28 -25.16 61.46
C ALA GA 291 4.55 -24.80 60.69
N THR GA 292 4.57 -25.14 59.41
CA THR GA 292 5.69 -24.80 58.54
C THR GA 292 5.36 -23.55 57.74
N LEU GA 293 6.28 -22.60 57.73
CA LEU GA 293 6.06 -21.28 57.15
C LEU GA 293 7.06 -20.99 56.04
N ARG GA 294 6.59 -20.28 55.01
CA ARG GA 294 7.43 -19.73 53.97
C ARG GA 294 7.64 -18.24 54.07
N SER GA 295 6.60 -17.48 54.36
CA SER GA 295 6.70 -16.03 54.49
C SER GA 295 5.73 -15.56 55.56
N ARG GA 296 6.17 -14.57 56.32
CA ARG GA 296 5.38 -14.08 57.45
C ARG GA 296 5.62 -12.59 57.61
N GLN GA 297 4.53 -11.82 57.61
CA GLN GA 297 4.58 -10.38 57.81
C GLN GA 297 3.79 -10.03 59.06
N LEU GA 298 4.45 -9.42 60.05
CA LEU GA 298 3.86 -9.10 61.34
C LEU GA 298 4.07 -7.61 61.60
N ASN GA 299 3.04 -6.81 61.33
CA ASN GA 299 3.07 -5.38 61.62
C ASN GA 299 2.42 -5.14 62.97
N ILE GA 300 3.16 -4.56 63.91
CA ILE GA 300 2.68 -4.31 65.26
C ILE GA 300 2.80 -2.82 65.56
N SER GA 301 1.73 -2.24 66.07
CA SER GA 301 1.71 -0.81 66.42
C SER GA 301 1.01 -0.63 67.75
N GLU GA 302 1.61 0.19 68.63
CA GLU GA 302 1.05 0.48 69.94
C GLU GA 302 1.28 1.96 70.22
N GLN GA 303 0.24 2.77 70.07
CA GLN GA 303 0.30 4.22 70.30
C GLN GA 303 -0.40 4.51 71.63
N VAL GA 304 0.37 4.44 72.72
CA VAL GA 304 -0.16 4.71 74.05
C VAL GA 304 -0.18 6.23 74.26
N GLY GA 305 -1.32 6.74 74.72
CA GLY GA 305 -1.46 8.17 74.95
C GLY GA 305 -1.41 8.54 76.42
N ALA GA 353 -7.36 2.80 80.74
CA ALA GA 353 -6.31 2.46 79.77
C ALA GA 353 -5.91 3.69 78.96
N GLY GA 354 -6.67 4.77 79.10
CA GLY GA 354 -6.42 5.99 78.38
C GLY GA 354 -6.68 5.84 76.89
N PRO GA 355 -6.06 6.70 76.08
CA PRO GA 355 -6.26 6.62 74.63
C PRO GA 355 -5.30 5.64 73.96
N ARG GA 356 -5.32 4.39 74.41
CA ARG GA 356 -4.46 3.37 73.82
C ARG GA 356 -4.94 2.99 72.43
N SER GA 357 -4.00 2.54 71.60
CA SER GA 357 -4.33 2.13 70.24
C SER GA 357 -3.42 1.00 69.78
N THR GA 358 -3.89 -0.23 69.91
CA THR GA 358 -3.11 -1.38 69.49
C THR GA 358 -3.59 -1.88 68.12
N GLN GA 359 -2.63 -2.26 67.28
CA GLN GA 359 -2.94 -2.71 65.93
C GLN GA 359 -1.92 -3.77 65.52
N ARG GA 360 -2.40 -4.96 65.17
CA ARG GA 360 -1.55 -6.07 64.77
C ARG GA 360 -2.08 -6.65 63.47
N ASN GA 361 -1.30 -6.52 62.40
CA ASN GA 361 -1.63 -7.07 61.09
C ASN GA 361 -0.66 -8.22 60.81
N GLU GA 362 -1.18 -9.44 60.79
CA GLU GA 362 -0.39 -10.64 60.63
C GLU GA 362 -0.81 -11.39 59.37
N THR GA 363 0.16 -11.68 58.51
CA THR GA 363 -0.06 -12.46 57.30
C THR GA 363 0.93 -13.60 57.28
N SER GA 364 0.45 -14.82 57.09
CA SER GA 364 1.27 -16.03 57.15
C SER GA 364 0.96 -16.93 55.97
N ASN GA 365 2.00 -17.40 55.29
CA ASN GA 365 1.86 -18.38 54.22
C ASN GA 365 2.50 -19.69 54.68
N TYR GA 366 1.74 -20.77 54.60
CA TYR GA 366 2.17 -22.06 55.15
C TYR GA 366 2.45 -23.07 54.03
N GLU GA 367 3.29 -24.06 54.37
CA GLU GA 367 3.50 -25.24 53.55
C GLU GA 367 3.07 -26.45 54.37
N VAL GA 368 2.27 -27.31 53.75
CA VAL GA 368 1.60 -28.39 54.48
C VAL GA 368 2.07 -29.74 53.95
N ASP GA 369 2.07 -30.73 54.84
CA ASP GA 369 2.36 -32.10 54.45
C ASP GA 369 1.21 -32.65 53.60
N ARG GA 370 1.57 -33.46 52.61
CA ARG GA 370 0.58 -33.96 51.66
C ARG GA 370 0.89 -35.41 51.33
N THR GA 371 -0.16 -36.23 51.31
CA THR GA 371 -0.02 -37.67 51.04
C THR GA 371 -1.13 -38.09 50.08
N ILE GA 372 -0.76 -38.43 48.86
CA ILE GA 372 -1.72 -38.94 47.87
C ILE GA 372 -1.55 -40.44 47.77
N ARG GA 373 -2.64 -41.17 48.00
CA ARG GA 373 -2.64 -42.62 47.85
C ARG GA 373 -3.64 -43.02 46.78
N HIS GA 374 -3.16 -43.77 45.79
CA HIS GA 374 -3.99 -44.29 44.71
C HIS GA 374 -4.10 -45.80 44.85
N THR GA 375 -5.33 -46.30 44.94
CA THR GA 375 -5.57 -47.71 45.24
C THR GA 375 -6.53 -48.29 44.21
N LYS GA 376 -6.15 -49.43 43.64
CA LYS GA 376 -7.02 -50.19 42.75
C LYS GA 376 -7.29 -51.55 43.40
N MET GA 377 -8.49 -51.71 43.96
CA MET GA 377 -8.83 -52.95 44.65
C MET GA 377 -8.85 -54.12 43.69
N ASN GA 378 -8.41 -55.27 44.20
CA ASN GA 378 -8.39 -56.49 43.40
C ASN GA 378 -9.81 -57.00 43.15
N VAL GA 379 -10.01 -57.53 41.96
CA VAL GA 379 -11.29 -58.13 41.56
C VAL GA 379 -11.26 -59.60 41.93
N GLY GA 380 -12.25 -60.05 42.69
CA GLY GA 380 -12.32 -61.40 43.16
C GLY GA 380 -12.01 -61.60 44.64
N ASP GA 381 -11.99 -60.52 45.43
CA ASP GA 381 -11.72 -60.66 46.85
C ASP GA 381 -12.94 -61.23 47.57
N ILE GA 382 -12.71 -61.73 48.78
CA ILE GA 382 -13.76 -62.36 49.58
C ILE GA 382 -14.38 -61.30 50.48
N GLU GA 383 -15.71 -61.24 50.46
CA GLU GA 383 -16.47 -60.32 51.31
C GLU GA 383 -16.95 -60.97 52.60
N ARG GA 384 -17.56 -62.14 52.51
CA ARG GA 384 -18.15 -62.79 53.69
C ARG GA 384 -18.12 -64.29 53.45
N LEU GA 385 -17.52 -65.03 54.37
CA LEU GA 385 -17.39 -66.48 54.25
C LEU GA 385 -18.16 -67.15 55.37
N SER GA 386 -19.06 -68.06 55.01
CA SER GA 386 -19.79 -68.87 55.97
C SER GA 386 -19.57 -70.34 55.65
N VAL GA 387 -19.29 -71.11 56.69
CA VAL GA 387 -18.83 -72.49 56.53
C VAL GA 387 -19.68 -73.39 57.43
N ALA GA 388 -20.15 -74.50 56.86
CA ALA GA 388 -20.93 -75.49 57.59
C ALA GA 388 -20.12 -76.78 57.68
N VAL GA 389 -19.86 -77.23 58.91
CA VAL GA 389 -19.09 -78.45 59.17
C VAL GA 389 -19.92 -79.39 60.02
N VAL GA 390 -19.93 -80.67 59.65
CA VAL GA 390 -20.63 -81.71 60.39
C VAL GA 390 -19.63 -82.82 60.71
N VAL GA 391 -19.65 -83.28 61.96
CA VAL GA 391 -18.76 -84.36 62.39
C VAL GA 391 -19.59 -85.58 62.75
N ASN GA 392 -18.95 -86.74 62.80
CA ASN GA 392 -19.63 -87.99 63.15
C ASN GA 392 -19.52 -88.26 64.64
N TYR GA 393 -20.19 -89.33 65.08
CA TYR GA 393 -20.09 -89.79 66.45
C TYR GA 393 -18.88 -90.73 66.57
N LYS GA 394 -18.64 -91.25 67.78
CA LYS GA 394 -17.52 -92.16 68.01
C LYS GA 394 -18.07 -93.54 68.34
N THR GA 395 -17.83 -94.49 67.44
CA THR GA 395 -18.25 -95.88 67.64
C THR GA 395 -17.04 -96.65 68.20
N LEU GA 396 -17.15 -97.09 69.45
CA LEU GA 396 -16.08 -97.83 70.08
C LEU GA 396 -16.02 -99.26 69.54
N ALA GA 397 -15.15 -100.07 70.15
CA ALA GA 397 -15.02 -101.46 69.74
C ALA GA 397 -16.33 -102.21 69.88
N ASP GA 398 -17.14 -101.87 70.88
CA ASP GA 398 -18.48 -102.46 71.00
C ASP GA 398 -19.36 -102.04 69.84
N GLY GA 399 -19.26 -100.78 69.42
CA GLY GA 399 -20.07 -100.24 68.33
C GLY GA 399 -21.06 -99.18 68.73
N LYS GA 400 -21.06 -98.77 70.00
CA LYS GA 400 -22.00 -97.75 70.46
C LYS GA 400 -21.58 -96.38 69.95
N PRO GA 401 -22.45 -95.64 69.27
CA PRO GA 401 -22.06 -94.31 68.77
C PRO GA 401 -21.99 -93.27 69.88
N LEU GA 402 -20.87 -93.23 70.58
CA LEU GA 402 -20.71 -92.27 71.69
C LEU GA 402 -20.46 -90.88 71.15
N PRO GA 403 -21.25 -89.88 71.54
CA PRO GA 403 -21.01 -88.51 71.07
C PRO GA 403 -19.71 -87.94 71.63
N LEU GA 404 -19.24 -86.88 70.98
CA LEU GA 404 -18.00 -86.21 71.39
C LEU GA 404 -18.24 -85.38 72.64
N THR GA 405 -17.20 -84.71 73.12
CA THR GA 405 -17.25 -83.91 74.33
C THR GA 405 -17.20 -82.42 73.98
N ALA GA 406 -17.45 -81.58 74.99
CA ALA GA 406 -17.46 -80.13 74.77
C ALA GA 406 -16.08 -79.62 74.42
N ASP GA 407 -15.04 -80.13 75.08
CA ASP GA 407 -13.68 -79.69 74.81
C ASP GA 407 -13.28 -80.03 73.38
N GLN GA 408 -13.59 -81.24 72.93
CA GLN GA 408 -13.28 -81.64 71.56
C GLN GA 408 -14.05 -80.79 70.56
N MET GA 409 -15.32 -80.47 70.85
CA MET GA 409 -16.09 -79.61 69.98
C MET GA 409 -15.47 -78.22 69.88
N LYS GA 410 -15.02 -77.68 71.02
CA LYS GA 410 -14.36 -76.38 71.01
C LYS GA 410 -13.07 -76.41 70.20
N GLN GA 411 -12.32 -77.51 70.32
CA GLN GA 411 -11.09 -77.65 69.53
C GLN GA 411 -11.40 -77.69 68.04
N ILE GA 412 -12.45 -78.41 67.65
CA ILE GA 412 -12.85 -78.46 66.25
C ILE GA 412 -13.26 -77.08 65.77
N GLU GA 413 -14.01 -76.35 66.59
CA GLU GA 413 -14.43 -75.00 66.21
C GLU GA 413 -13.22 -74.09 66.00
N ASP GA 414 -12.24 -74.15 66.92
CA ASP GA 414 -11.05 -73.33 66.79
C ASP GA 414 -10.25 -73.70 65.54
N LEU GA 415 -10.09 -75.00 65.29
CA LEU GA 415 -9.36 -75.44 64.11
C LEU GA 415 -10.05 -74.98 62.83
N THR GA 416 -11.38 -75.09 62.77
CA THR GA 416 -12.11 -74.65 61.59
C THR GA 416 -12.01 -73.15 61.41
N ARG GA 417 -12.05 -72.39 62.51
CA ARG GA 417 -11.89 -70.95 62.43
C ARG GA 417 -10.52 -70.58 61.87
N GLU GA 418 -9.49 -71.30 62.31
CA GLU GA 418 -8.14 -71.06 61.81
C GLU GA 418 -8.03 -71.40 60.33
N ALA GA 419 -8.60 -72.54 59.93
CA ALA GA 419 -8.50 -72.97 58.54
C ALA GA 419 -9.25 -72.05 57.60
N MET GA 420 -10.46 -71.62 58.00
CA MET GA 420 -11.28 -70.79 57.13
C MET GA 420 -10.81 -69.35 57.07
N GLY GA 421 -9.81 -68.97 57.88
CA GLY GA 421 -9.43 -67.58 57.97
C GLY GA 421 -10.50 -66.72 58.59
N PHE GA 422 -11.10 -67.18 59.69
CA PHE GA 422 -12.24 -66.49 60.29
C PHE GA 422 -11.86 -65.07 60.70
N SER GA 423 -12.72 -64.12 60.34
CA SER GA 423 -12.54 -62.72 60.70
C SER GA 423 -13.89 -62.12 61.05
N ASP GA 424 -13.87 -61.11 61.90
CA ASP GA 424 -15.09 -60.42 62.32
C ASP GA 424 -15.41 -59.19 61.47
N LYS GA 425 -14.40 -58.56 60.86
CA LYS GA 425 -14.67 -57.45 59.96
C LYS GA 425 -15.44 -57.91 58.73
N ARG GA 426 -15.09 -59.08 58.18
CA ARG GA 426 -15.81 -59.62 57.05
C ARG GA 426 -17.25 -59.96 57.42
N GLY GA 427 -17.44 -60.52 58.61
CA GLY GA 427 -18.76 -60.97 59.04
C GLY GA 427 -18.92 -62.47 58.87
N ASP GA 428 -17.83 -63.20 59.07
CA ASP GA 428 -17.81 -64.64 58.87
C ASP GA 428 -18.64 -65.34 59.93
N THR GA 429 -19.36 -66.39 59.53
CA THR GA 429 -20.15 -67.21 60.44
C THR GA 429 -19.72 -68.66 60.27
N LEU GA 430 -19.58 -69.36 61.40
CA LEU GA 430 -19.19 -70.76 61.42
C LEU GA 430 -20.15 -71.54 62.30
N ASN GA 431 -20.55 -72.73 61.83
CA ASN GA 431 -21.44 -73.61 62.57
C ASN GA 431 -20.93 -75.04 62.44
N VAL GA 432 -20.52 -75.63 63.56
CA VAL GA 432 -20.10 -77.02 63.63
C VAL GA 432 -21.03 -77.76 64.58
N VAL GA 433 -21.67 -78.80 64.09
CA VAL GA 433 -22.62 -79.60 64.87
C VAL GA 433 -22.15 -81.05 64.86
N ASN GA 434 -22.53 -81.79 65.89
CA ASN GA 434 -22.17 -83.20 66.02
C ASN GA 434 -23.42 -84.05 65.87
N SER GA 435 -23.37 -85.04 64.99
CA SER GA 435 -24.50 -85.92 64.75
C SER GA 435 -24.01 -87.23 64.12
N PRO GA 436 -24.66 -88.36 64.41
CA PRO GA 436 -24.21 -89.63 63.83
C PRO GA 436 -24.52 -89.69 62.34
N PHE GA 437 -23.55 -90.14 61.56
CA PHE GA 437 -23.72 -90.25 60.12
C PHE GA 437 -24.65 -91.42 59.78
N SER GA 438 -25.39 -91.26 58.68
CA SER GA 438 -26.27 -92.32 58.22
C SER GA 438 -25.48 -93.37 57.45
N ALA GA 439 -26.07 -94.55 57.33
CA ALA GA 439 -25.44 -95.66 56.64
C ALA GA 439 -25.43 -95.43 55.13
N ASP HA 229 -32.22 -63.87 23.75
CA ASP HA 229 -30.78 -63.73 23.51
C ASP HA 229 -30.02 -63.58 24.83
N LEU HA 230 -29.84 -62.32 25.25
CA LEU HA 230 -29.17 -62.06 26.53
C LEU HA 230 -30.01 -62.55 27.70
N ASN HA 231 -31.33 -62.47 27.56
CA ASN HA 231 -32.23 -62.91 28.63
C ASN HA 231 -32.06 -64.39 28.91
N ASP HA 232 -31.89 -65.20 27.87
CA ASP HA 232 -31.66 -66.63 28.06
C ASP HA 232 -30.34 -66.88 28.79
N ALA HA 233 -29.30 -66.13 28.45
CA ALA HA 233 -28.03 -66.26 29.15
C ALA HA 233 -28.18 -65.92 30.63
N GLN HA 234 -28.90 -64.83 30.93
CA GLN HA 234 -29.15 -64.47 32.32
C GLN HA 234 -29.92 -65.56 33.06
N LEU HA 235 -30.93 -66.14 32.39
CA LEU HA 235 -31.73 -67.19 33.01
C LEU HA 235 -30.89 -68.43 33.28
N LYS HA 236 -30.02 -68.81 32.35
CA LYS HA 236 -29.14 -69.94 32.57
C LYS HA 236 -28.16 -69.66 33.70
N PHE HA 237 -27.68 -68.42 33.79
CA PHE HA 237 -26.83 -68.03 34.92
C PHE HA 237 -27.56 -68.21 36.24
N ALA HA 238 -28.82 -67.76 36.32
CA ALA HA 238 -29.61 -67.94 37.52
C ALA HA 238 -29.83 -69.42 37.83
N ASN HA 239 -30.11 -70.23 36.81
CA ASN HA 239 -30.32 -71.66 37.02
C ASN HA 239 -29.07 -72.34 37.57
N ASP HA 240 -27.89 -72.00 37.03
CA ASP HA 240 -26.67 -72.58 37.54
C ASP HA 240 -26.40 -72.17 38.98
N VAL HA 241 -26.62 -70.89 39.31
CA VAL HA 241 -26.41 -70.46 40.70
C VAL HA 241 -27.35 -71.20 41.63
N GLU HA 242 -28.63 -71.32 41.26
CA GLU HA 242 -29.59 -72.00 42.11
C GLU HA 242 -29.23 -73.47 42.27
N SER HA 243 -28.80 -74.12 41.18
CA SER HA 243 -28.45 -75.53 41.26
C SER HA 243 -27.25 -75.75 42.17
N ARG HA 244 -26.25 -74.86 42.10
CA ARG HA 244 -25.08 -75.02 42.95
C ARG HA 244 -25.39 -74.77 44.42
N ILE HA 245 -26.25 -73.79 44.71
CA ILE HA 245 -26.69 -73.61 46.09
C ILE HA 245 -27.44 -74.85 46.59
N GLN HA 246 -28.32 -75.40 45.74
CA GLN HA 246 -29.04 -76.62 46.09
C GLN HA 246 -28.08 -77.76 46.39
N ARG HA 247 -27.07 -77.94 45.55
CA ARG HA 247 -26.12 -79.04 45.74
C ARG HA 247 -25.31 -78.82 47.02
N ARG HA 248 -24.92 -77.58 47.31
CA ARG HA 248 -24.18 -77.31 48.54
C ARG HA 248 -25.01 -77.65 49.77
N ILE HA 249 -26.30 -77.30 49.74
CA ILE HA 249 -27.18 -77.65 50.86
C ILE HA 249 -27.29 -79.17 50.99
N GLU HA 250 -27.53 -79.85 49.88
CA GLU HA 250 -27.71 -81.30 49.89
C GLU HA 250 -26.47 -82.01 50.40
N ALA HA 251 -25.29 -81.47 50.09
CA ALA HA 251 -24.03 -82.11 50.46
C ALA HA 251 -23.90 -82.25 51.97
N ILE HA 252 -24.27 -81.20 52.72
CA ILE HA 252 -24.16 -81.27 54.17
C ILE HA 252 -25.38 -81.96 54.77
N LEU HA 253 -26.53 -81.86 54.10
CA LEU HA 253 -27.74 -82.44 54.67
C LEU HA 253 -27.81 -83.94 54.45
N SER HA 254 -26.97 -84.46 53.55
CA SER HA 254 -26.95 -85.89 53.24
C SER HA 254 -26.38 -86.77 54.34
N PRO HA 255 -25.16 -86.48 54.88
CA PRO HA 255 -24.55 -87.43 55.83
C PRO HA 255 -25.38 -87.73 57.08
N ILE HA 256 -26.08 -86.72 57.61
CA ILE HA 256 -26.86 -86.92 58.82
C ILE HA 256 -28.27 -87.38 58.47
N VAL HA 257 -29.00 -86.75 57.56
CA VAL HA 257 -30.43 -87.13 57.31
C VAL HA 257 -30.45 -88.39 56.44
N GLY HA 258 -29.50 -88.53 55.53
CA GLY HA 258 -29.41 -89.72 54.68
C GLY HA 258 -29.66 -89.40 53.23
N ASN HA 259 -29.11 -90.19 52.31
CA ASN HA 259 -29.41 -89.99 50.88
C ASN HA 259 -30.91 -90.10 50.58
N GLY HA 260 -31.46 -89.14 49.84
CA GLY HA 260 -32.88 -89.11 49.45
C GLY HA 260 -33.81 -88.67 50.57
N ASN HA 261 -33.31 -88.52 51.77
CA ASN HA 261 -34.20 -88.19 52.89
C ASN HA 261 -34.19 -86.67 53.03
N VAL HA 262 -33.64 -86.02 52.01
CA VAL HA 262 -33.65 -84.56 52.01
C VAL HA 262 -33.78 -84.06 50.57
N HIS HA 263 -34.66 -83.08 50.37
CA HIS HA 263 -34.84 -82.41 49.10
C HIS HA 263 -34.88 -80.91 49.32
N ALA HA 264 -34.16 -80.16 48.50
CA ALA HA 264 -34.13 -78.70 48.59
C ALA HA 264 -34.15 -78.09 47.20
N GLN HA 265 -34.80 -76.93 47.09
CA GLN HA 265 -34.83 -76.16 45.85
C GLN HA 265 -34.57 -74.70 46.17
N VAL HA 266 -33.85 -74.02 45.28
CA VAL HA 266 -33.39 -72.65 45.50
C VAL HA 266 -33.90 -71.78 44.37
N THR HA 267 -34.39 -70.59 44.72
CA THR HA 267 -34.69 -69.54 43.75
C THR HA 267 -33.87 -68.31 44.09
N ALA HA 268 -33.39 -67.61 43.07
CA ALA HA 268 -32.47 -66.48 43.26
C ALA HA 268 -33.00 -65.26 42.51
N GLN HA 269 -33.13 -64.15 43.23
CA GLN HA 269 -33.39 -62.86 42.60
C GLN HA 269 -32.07 -62.17 42.35
N LEU HA 270 -31.71 -61.99 41.07
CA LEU HA 270 -30.39 -61.56 40.69
C LEU HA 270 -30.40 -60.09 40.25
N ASP HA 271 -29.20 -59.57 39.98
CA ASP HA 271 -28.98 -58.17 39.64
C ASP HA 271 -28.30 -58.10 38.29
N PHE HA 272 -29.06 -57.77 37.24
CA PHE HA 272 -28.55 -57.65 35.89
C PHE HA 272 -28.61 -56.20 35.40
N ALA HA 273 -28.50 -55.26 36.32
CA ALA HA 273 -28.58 -53.83 36.01
C ALA HA 273 -27.18 -53.24 36.16
N ASN HA 274 -26.68 -52.66 35.07
CA ASN HA 274 -25.36 -52.03 35.07
C ASN HA 274 -25.39 -50.72 35.84
N LYS HA 275 -24.63 -50.63 36.93
CA LYS HA 275 -24.56 -49.43 37.74
C LYS HA 275 -23.12 -48.93 37.83
N GLU HA 276 -22.96 -47.61 37.73
CA GLU HA 276 -21.67 -46.95 37.85
C GLU HA 276 -21.81 -45.81 38.85
N GLN HA 277 -20.87 -45.72 39.78
CA GLN HA 277 -20.99 -44.76 40.87
C GLN HA 277 -19.64 -44.12 41.16
N THR HA 278 -19.66 -42.81 41.37
CA THR HA 278 -18.48 -42.04 41.76
C THR HA 278 -18.80 -41.33 43.07
N GLU HA 279 -17.97 -41.52 44.09
CA GLU HA 279 -18.22 -40.99 45.42
C GLU HA 279 -17.10 -40.02 45.79
N GLU HA 280 -17.47 -38.85 46.28
CA GLU HA 280 -16.53 -37.83 46.74
C GLU HA 280 -16.81 -37.52 48.20
N HIS HA 281 -15.77 -37.54 49.03
CA HIS HA 281 -15.89 -37.30 50.46
C HIS HA 281 -14.89 -36.24 50.89
N TYR HA 282 -15.36 -35.25 51.64
CA TYR HA 282 -14.52 -34.20 52.20
C TYR HA 282 -14.48 -34.34 53.72
N SER HA 283 -13.28 -34.37 54.29
CA SER HA 283 -13.16 -34.39 55.73
C SER HA 283 -13.53 -33.01 56.30
N PRO HA 284 -14.34 -32.96 57.35
CA PRO HA 284 -14.72 -31.67 57.92
C PRO HA 284 -13.53 -30.95 58.52
N ASN HA 285 -13.51 -29.62 58.39
CA ASN HA 285 -12.43 -28.79 58.90
C ASN HA 285 -12.95 -27.63 59.75
N GLY HA 286 -14.15 -27.77 60.32
CA GLY HA 286 -14.71 -26.72 61.15
C GLY HA 286 -14.00 -26.52 62.47
N ASP HA 287 -13.28 -27.54 62.95
CA ASP HA 287 -12.53 -27.43 64.20
C ASP HA 287 -11.14 -26.92 63.86
N ALA HA 288 -10.66 -25.92 64.61
CA ALA HA 288 -9.36 -25.33 64.36
C ALA HA 288 -8.20 -26.29 64.59
N SER HA 289 -8.42 -27.38 65.34
CA SER HA 289 -7.36 -28.34 65.60
C SER HA 289 -7.05 -29.23 64.42
N LYS HA 290 -8.04 -29.61 63.62
CA LYS HA 290 -7.81 -30.45 62.45
C LYS HA 290 -7.84 -29.66 61.15
N ALA HA 291 -7.87 -28.34 61.21
CA ALA HA 291 -7.96 -27.51 60.01
C ALA HA 291 -6.58 -27.29 59.43
N THR HA 292 -6.43 -27.58 58.13
CA THR HA 292 -5.16 -27.36 57.44
C THR HA 292 -5.23 -26.04 56.66
N LEU HA 293 -4.20 -25.22 56.83
CA LEU HA 293 -4.20 -23.87 56.29
C LEU HA 293 -3.03 -23.66 55.34
N ARG HA 294 -3.28 -22.86 54.29
CA ARG HA 294 -2.24 -22.39 53.39
C ARG HA 294 -1.86 -20.93 53.59
N SER HA 295 -2.85 -20.05 53.79
CA SER HA 295 -2.58 -18.64 54.00
C SER HA 295 -3.62 -18.09 54.96
N ARG HA 296 -3.18 -17.19 55.83
CA ARG HA 296 -4.04 -16.65 56.87
C ARG HA 296 -3.66 -15.20 57.13
N GLN HA 297 -4.64 -14.31 57.04
CA GLN HA 297 -4.45 -12.89 57.31
C GLN HA 297 -5.36 -12.49 58.47
N LEU HA 298 -4.75 -12.00 59.56
CA LEU HA 298 -5.46 -11.65 60.77
C LEU HA 298 -5.12 -10.21 61.14
N ASN HA 299 -6.01 -9.28 60.79
CA ASN HA 299 -5.84 -7.88 61.15
C ASN HA 299 -6.64 -7.60 62.41
N ILE HA 300 -5.97 -7.15 63.47
CA ILE HA 300 -6.59 -6.90 64.75
C ILE HA 300 -6.33 -5.45 65.15
N SER HA 301 -7.39 -4.74 65.55
CA SER HA 301 -7.29 -3.35 65.95
C SER HA 301 -8.12 -3.13 67.20
N GLU HA 302 -7.55 -2.42 68.18
CA GLU HA 302 -8.25 -2.11 69.43
C GLU HA 302 -7.88 -0.67 69.81
N GLN HA 303 -8.79 0.27 69.57
CA GLN HA 303 -8.58 1.67 69.88
C GLN HA 303 -9.41 2.01 71.11
N VAL HA 304 -8.82 1.80 72.30
CA VAL HA 304 -9.48 2.10 73.56
C VAL HA 304 -9.36 3.59 73.84
N GLY HA 305 -10.47 4.23 74.17
CA GLY HA 305 -10.48 5.65 74.46
C GLY HA 305 -10.58 5.96 75.94
N ALA HA 353 -17.68 0.87 79.16
CA ALA HA 353 -16.56 0.43 78.33
C ALA HA 353 -15.92 1.62 77.63
N GLY HA 354 -16.57 2.78 77.73
CA GLY HA 354 -16.06 3.99 77.11
C GLY HA 354 -16.15 3.92 75.60
N PRO HA 355 -15.33 4.73 74.92
CA PRO HA 355 -15.33 4.72 73.45
C PRO HA 355 -14.42 3.67 72.86
N ARG HA 356 -14.65 2.40 73.24
CA ARG HA 356 -13.85 1.30 72.72
C ARG HA 356 -14.18 1.04 71.26
N SER HA 357 -13.20 0.51 70.53
CA SER HA 357 -13.38 0.19 69.11
C SER HA 357 -12.57 -1.03 68.72
N THR HA 358 -13.19 -2.20 68.73
CA THR HA 358 -12.50 -3.43 68.34
C THR HA 358 -12.85 -3.81 66.91
N GLN HA 359 -11.84 -4.27 66.18
CA GLN HA 359 -12.02 -4.63 64.78
C GLN HA 359 -11.08 -5.79 64.46
N ARG HA 360 -11.66 -6.90 63.99
CA ARG HA 360 -10.89 -8.10 63.65
C ARG HA 360 -11.31 -8.56 62.24
N ASN HA 361 -10.38 -8.49 61.30
CA ASN HA 361 -10.60 -8.95 59.92
C ASN HA 361 -9.74 -10.20 59.72
N GLU HA 362 -10.40 -11.34 59.57
CA GLU HA 362 -9.74 -12.63 59.45
C GLU HA 362 -10.08 -13.27 58.12
N THR HA 363 -9.05 -13.65 57.37
CA THR HA 363 -9.19 -14.36 56.10
C THR HA 363 -8.34 -15.62 56.14
N SER HA 364 -8.94 -16.76 55.84
CA SER HA 364 -8.28 -18.05 55.95
C SER HA 364 -8.53 -18.87 54.68
N ASN HA 365 -7.48 -19.45 54.12
CA ASN HA 365 -7.59 -20.36 52.99
C ASN HA 365 -7.18 -21.76 53.47
N TYR HA 366 -8.04 -22.73 53.24
CA TYR HA 366 -7.85 -24.08 53.77
C TYR HA 366 -7.54 -25.08 52.65
N GLU HA 367 -6.88 -26.17 53.04
CA GLU HA 367 -6.70 -27.34 52.19
C GLU HA 367 -7.38 -28.52 52.88
N VAL HA 368 -8.20 -29.25 52.13
CA VAL HA 368 -9.07 -30.26 52.71
C VAL HA 368 -8.70 -31.64 52.18
N ASP HA 369 -8.93 -32.65 53.00
CA ASP HA 369 -8.77 -34.03 52.58
C ASP HA 369 -9.85 -34.40 51.57
N ARG HA 370 -9.46 -35.22 50.60
CA ARG HA 370 -10.35 -35.56 49.50
C ARG HA 370 -10.19 -37.03 49.14
N THR HA 371 -11.31 -37.71 48.94
CA THR HA 371 -11.30 -39.14 48.62
C THR HA 371 -12.33 -39.38 47.51
N ILE HA 372 -11.84 -39.73 46.32
CA ILE HA 372 -12.71 -40.07 45.20
C ILE HA 372 -12.71 -41.59 45.03
N ARG HA 373 -13.89 -42.18 45.09
CA ARG HA 373 -14.05 -43.61 44.87
C ARG HA 373 -14.94 -43.85 43.66
N HIS HA 374 -14.42 -44.62 42.71
CA HIS HA 374 -15.15 -44.99 41.50
C HIS HA 374 -15.46 -46.47 41.54
N THR HA 375 -16.74 -46.83 41.46
CA THR HA 375 -17.18 -48.20 41.64
C THR HA 375 -18.05 -48.62 40.47
N LYS HA 376 -17.76 -49.78 39.90
CA LYS HA 376 -18.58 -50.40 38.87
C LYS HA 376 -19.10 -51.73 39.41
N MET HA 377 -20.37 -51.76 39.80
CA MET HA 377 -20.94 -52.96 40.38
C MET HA 377 -20.97 -54.10 39.37
N ASN HA 378 -20.74 -55.32 39.86
CA ASN HA 378 -20.76 -56.49 39.02
C ASN HA 378 -22.18 -56.81 38.56
N VAL HA 379 -22.29 -57.28 37.33
CA VAL HA 379 -23.57 -57.69 36.75
C VAL HA 379 -23.76 -59.17 37.03
N GLY HA 380 -24.89 -59.51 37.63
CA GLY HA 380 -25.18 -60.87 38.03
C GLY HA 380 -25.10 -61.15 39.52
N ASP HA 381 -25.05 -60.12 40.36
CA ASP HA 381 -25.00 -60.32 41.80
C ASP HA 381 -26.36 -60.77 42.32
N ILE HA 382 -26.35 -61.34 43.52
CA ILE HA 382 -27.56 -61.87 44.15
C ILE HA 382 -28.18 -60.77 45.01
N GLU HA 383 -29.47 -60.53 44.83
CA GLU HA 383 -30.22 -59.56 45.62
C GLU HA 383 -30.94 -60.18 46.80
N ARG HA 384 -31.67 -61.28 46.58
CA ARG HA 384 -32.48 -61.89 47.63
C ARG HA 384 -32.61 -63.37 47.32
N LEU HA 385 -32.22 -64.22 48.28
CA LEU HA 385 -32.24 -65.65 48.10
C LEU HA 385 -33.23 -66.27 49.08
N SER HA 386 -34.19 -67.04 48.55
CA SER HA 386 -35.13 -67.79 49.37
C SER HA 386 -35.04 -69.26 49.01
N VAL HA 387 -34.99 -70.10 50.04
CA VAL HA 387 -34.69 -71.52 49.86
C VAL HA 387 -35.75 -72.34 50.59
N ALA HA 388 -36.26 -73.37 49.92
CA ALA HA 388 -37.25 -74.27 50.50
C ALA HA 388 -36.62 -75.65 50.62
N VAL HA 389 -36.58 -76.19 51.85
CA VAL HA 389 -35.99 -77.48 52.14
C VAL HA 389 -37.05 -78.34 52.83
N VAL HA 390 -37.15 -79.60 52.40
CA VAL HA 390 -38.06 -80.56 52.99
C VAL HA 390 -37.26 -81.81 53.37
N VAL HA 391 -37.50 -82.31 54.58
CA VAL HA 391 -36.81 -83.50 55.07
C VAL HA 391 -37.82 -84.62 55.27
N ASN HA 392 -37.34 -85.86 55.34
CA ASN HA 392 -38.19 -87.02 55.52
C ASN HA 392 -38.32 -87.35 57.00
N TYR HA 393 -39.16 -88.35 57.29
CA TYR HA 393 -39.30 -88.87 58.65
C TYR HA 393 -38.24 -89.95 58.87
N LYS HA 394 -38.23 -90.54 60.06
CA LYS HA 394 -37.27 -91.59 60.40
C LYS HA 394 -38.01 -92.90 60.58
N THR HA 395 -37.77 -93.84 59.67
CA THR HA 395 -38.37 -95.18 59.75
C THR HA 395 -37.35 -96.10 60.41
N LEU HA 396 -37.69 -96.58 61.61
CA LEU HA 396 -36.80 -97.47 62.34
C LEU HA 396 -36.83 -98.87 61.74
N ALA HA 397 -36.16 -99.80 62.42
CA ALA HA 397 -36.13 -101.19 61.96
C ALA HA 397 -37.54 -101.77 61.88
N ASP HA 398 -38.43 -101.37 62.80
CA ASP HA 398 -39.82 -101.79 62.71
C ASP HA 398 -40.49 -101.22 61.46
N GLY HA 399 -40.19 -99.97 61.12
CA GLY HA 399 -40.77 -99.30 59.97
C GLY HA 399 -41.68 -98.14 60.30
N LYS HA 400 -41.81 -97.78 61.58
CA LYS HA 400 -42.67 -96.66 61.96
C LYS HA 400 -42.02 -95.34 61.59
N PRO HA 401 -42.70 -94.47 60.83
CA PRO HA 401 -42.09 -93.18 60.46
C PRO HA 401 -42.05 -92.20 61.62
N LEU HA 402 -41.03 -92.31 62.46
CA LEU HA 402 -40.90 -91.44 63.62
C LEU HA 402 -40.42 -90.06 63.19
N PRO HA 403 -41.13 -89.00 63.53
CA PRO HA 403 -40.67 -87.65 63.17
C PRO HA 403 -39.41 -87.27 63.92
N LEU HA 404 -38.72 -86.25 63.39
CA LEU HA 404 -37.49 -85.76 63.99
C LEU HA 404 -37.78 -84.94 65.24
N THR HA 405 -36.74 -84.42 65.89
CA THR HA 405 -36.87 -83.65 67.12
C THR HA 405 -36.59 -82.18 66.84
N ALA HA 406 -36.88 -81.35 67.86
CA ALA HA 406 -36.68 -79.91 67.71
C ALA HA 406 -35.21 -79.55 67.57
N ASP HA 407 -34.34 -80.22 68.34
CA ASP HA 407 -32.91 -79.95 68.25
C ASP HA 407 -32.36 -80.29 66.88
N GLN HA 408 -32.76 -81.43 66.33
CA GLN HA 408 -32.31 -81.81 65.00
C GLN HA 408 -32.83 -80.83 63.95
N MET HA 409 -34.08 -80.37 64.09
CA MET HA 409 -34.63 -79.40 63.17
C MET HA 409 -33.85 -78.09 63.22
N LYS HA 410 -33.49 -77.64 64.43
CA LYS HA 410 -32.69 -76.44 64.58
C LYS HA 410 -31.32 -76.61 63.94
N GLN HA 411 -30.71 -77.79 64.10
CA GLN HA 411 -29.42 -78.07 63.47
C GLN HA 411 -29.53 -78.01 61.95
N ILE HA 412 -30.59 -78.58 61.40
CA ILE HA 412 -30.81 -78.53 59.95
C ILE HA 412 -30.98 -77.08 59.49
N GLU HA 413 -31.75 -76.30 60.25
CA GLU HA 413 -31.95 -74.90 59.89
C GLU HA 413 -30.62 -74.14 59.88
N ASP HA 414 -29.80 -74.36 60.91
CA ASP HA 414 -28.50 -73.68 60.98
C ASP HA 414 -27.59 -74.10 59.82
N LEU HA 415 -27.56 -75.40 59.52
CA LEU HA 415 -26.72 -75.89 58.43
C LEU HA 415 -27.18 -75.31 57.10
N THR HA 416 -28.49 -75.24 56.88
CA THR HA 416 -29.01 -74.68 55.63
C THR HA 416 -28.71 -73.19 55.53
N ARG HA 417 -28.80 -72.47 56.66
CA ARG HA 417 -28.45 -71.06 56.67
C ARG HA 417 -27.00 -70.85 56.32
N GLU HA 418 -26.12 -71.71 56.85
CA GLU HA 418 -24.70 -71.62 56.54
C GLU HA 418 -24.43 -71.92 55.07
N ALA HA 419 -25.08 -72.96 54.54
CA ALA HA 419 -24.85 -73.36 53.15
C ALA HA 419 -25.35 -72.31 52.17
N MET HA 420 -26.54 -71.74 52.44
CA MET HA 420 -27.14 -70.80 51.51
C MET HA 420 -26.49 -69.42 51.59
N GLY HA 421 -25.58 -69.20 52.53
CA GLY HA 421 -25.05 -67.87 52.75
C GLY HA 421 -26.08 -66.90 53.27
N PHE HA 422 -26.87 -67.32 54.25
CA PHE HA 422 -27.98 -66.52 54.74
C PHE HA 422 -27.50 -65.18 55.26
N SER HA 423 -28.19 -64.12 54.85
CA SER HA 423 -27.89 -62.76 55.30
C SER HA 423 -29.20 -62.02 55.50
N ASP HA 424 -29.17 -61.04 56.41
CA ASP HA 424 -30.34 -60.21 56.69
C ASP HA 424 -30.39 -58.93 55.88
N LYS HA 425 -29.25 -58.42 55.43
CA LYS HA 425 -29.26 -57.24 54.56
C LYS HA 425 -29.91 -57.56 53.22
N ARG HA 426 -29.63 -58.74 52.67
CA ARG HA 426 -30.25 -59.15 51.41
C ARG HA 426 -31.76 -59.32 51.60
N GLY HA 427 -32.17 -59.90 52.71
CA GLY HA 427 -33.58 -60.20 52.95
C GLY HA 427 -33.89 -61.65 52.68
N ASP HA 428 -32.94 -62.53 52.99
CA ASP HA 428 -33.06 -63.95 52.71
C ASP HA 428 -34.11 -64.57 53.63
N THR HA 429 -34.88 -65.51 53.08
CA THR HA 429 -35.88 -66.25 53.83
C THR HA 429 -35.61 -67.74 53.66
N LEU HA 430 -35.71 -68.49 54.75
CA LEU HA 430 -35.48 -69.93 54.74
C LEU HA 430 -36.63 -70.62 55.46
N ASN HA 431 -37.11 -71.73 54.88
CA ASN HA 431 -38.19 -72.52 55.45
C ASN HA 431 -37.83 -74.00 55.32
N VAL HA 432 -37.65 -74.66 56.46
CA VAL HA 432 -37.42 -76.11 56.49
C VAL HA 432 -38.54 -76.75 57.29
N VAL HA 433 -39.25 -77.70 56.66
CA VAL HA 433 -40.37 -78.39 57.28
C VAL HA 433 -40.08 -79.88 57.25
N ASN HA 434 -40.68 -80.61 58.18
CA ASN HA 434 -40.51 -82.05 58.29
C ASN HA 434 -41.83 -82.74 57.94
N SER HA 435 -41.77 -83.70 57.01
CA SER HA 435 -42.96 -84.43 56.59
C SER HA 435 -42.55 -85.75 55.97
N PRO HA 436 -43.35 -86.81 56.11
CA PRO HA 436 -42.98 -88.11 55.53
C PRO HA 436 -43.10 -88.07 54.01
N PHE HA 437 -42.09 -88.61 53.34
CA PHE HA 437 -42.09 -88.65 51.89
C PHE HA 437 -43.09 -89.68 51.37
N SER HA 438 -43.65 -89.39 50.19
CA SER HA 438 -44.59 -90.31 49.57
C SER HA 438 -43.83 -91.43 48.85
N ALA HA 439 -44.54 -92.52 48.60
CA ALA HA 439 -43.95 -93.68 47.93
C ALA HA 439 -43.72 -93.40 46.45
N ASP IA 229 -42.46 -60.15 16.12
CA ASP IA 229 -41.00 -60.19 16.08
C ASP IA 229 -40.41 -60.17 17.48
N LEU IA 230 -40.14 -58.97 18.00
CA LEU IA 230 -39.62 -58.84 19.35
C LEU IA 230 -40.66 -59.25 20.39
N ASN IA 231 -41.93 -59.01 20.07
CA ASN IA 231 -43.01 -59.37 21.00
C ASN IA 231 -43.05 -60.87 21.24
N ASP IA 232 -42.83 -61.67 20.18
CA ASP IA 232 -42.82 -63.11 20.33
C ASP IA 232 -41.64 -63.55 21.19
N ALA IA 233 -40.48 -62.92 21.04
CA ALA IA 233 -39.34 -63.25 21.89
C ALA IA 233 -39.65 -62.93 23.35
N GLN IA 234 -40.27 -61.77 23.61
CA GLN IA 234 -40.65 -61.43 24.98
C GLN IA 234 -41.65 -62.44 25.55
N LEU IA 235 -42.60 -62.86 24.73
CA LEU IA 235 -43.60 -63.83 25.18
C LEU IA 235 -42.98 -65.17 25.50
N LYS IA 236 -42.03 -65.62 24.66
CA LYS IA 236 -41.33 -66.86 24.94
C LYS IA 236 -40.48 -66.76 26.21
N PHE IA 237 -39.87 -65.59 26.42
CA PHE IA 237 -39.14 -65.34 27.66
C PHE IA 237 -40.06 -65.48 28.88
N ALA IA 238 -41.25 -64.88 28.80
CA ALA IA 238 -42.22 -65.00 29.89
C ALA IA 238 -42.64 -66.45 30.10
N ASN IA 239 -42.89 -67.18 29.01
CA ASN IA 239 -43.28 -68.58 29.12
C ASN IA 239 -42.21 -69.42 29.78
N ASP IA 240 -40.94 -69.22 29.41
CA ASP IA 240 -39.86 -69.97 30.06
C ASP IA 240 -39.75 -69.64 31.53
N VAL IA 241 -39.86 -68.36 31.90
CA VAL IA 241 -39.79 -68.00 33.31
C VAL IA 241 -40.93 -68.66 34.09
N GLU IA 242 -42.14 -68.59 33.55
CA GLU IA 242 -43.29 -69.19 34.23
C GLU IA 242 -43.13 -70.69 34.36
N SER IA 243 -42.65 -71.36 33.31
CA SER IA 243 -42.47 -72.81 33.35
C SER IA 243 -41.44 -73.20 34.39
N ARG IA 244 -40.34 -72.45 34.50
CA ARG IA 244 -39.31 -72.77 35.48
C ARG IA 244 -39.80 -72.53 36.91
N ILE IA 245 -40.57 -71.47 37.14
CA ILE IA 245 -41.15 -71.29 38.47
C ILE IA 245 -42.11 -72.44 38.79
N GLN IA 246 -42.92 -72.84 37.81
CA GLN IA 246 -43.83 -73.97 38.00
C GLN IA 246 -43.06 -75.24 38.37
N ARG IA 247 -41.97 -75.52 37.65
CA ARG IA 247 -41.19 -76.72 37.91
C ARG IA 247 -40.55 -76.66 39.29
N ARG IA 248 -40.05 -75.49 39.69
CA ARG IA 248 -39.46 -75.36 41.02
C ARG IA 248 -40.48 -75.62 42.11
N ILE IA 249 -41.70 -75.12 41.94
CA ILE IA 249 -42.76 -75.40 42.91
C ILE IA 249 -43.06 -76.89 42.96
N GLU IA 250 -43.24 -77.50 41.78
CA GLU IA 250 -43.58 -78.92 41.69
C GLU IA 250 -42.51 -79.80 42.32
N ALA IA 251 -41.25 -79.40 42.19
CA ALA IA 251 -40.13 -80.19 42.69
C ALA IA 251 -40.22 -80.40 44.20
N ILE IA 252 -40.56 -79.35 44.95
CA ILE IA 252 -40.65 -79.49 46.40
C ILE IA 252 -42.02 -80.03 46.79
N LEU IA 253 -43.05 -79.76 45.98
CA LEU IA 253 -44.39 -80.21 46.38
C LEU IA 253 -44.61 -81.69 46.06
N SER IA 254 -43.71 -82.27 45.26
CA SER IA 254 -43.83 -83.69 44.87
C SER IA 254 -43.51 -84.66 46.00
N PRO IA 255 -42.36 -84.55 46.71
CA PRO IA 255 -41.99 -85.60 47.68
C PRO IA 255 -43.01 -85.83 48.78
N ILE IA 256 -43.65 -84.77 49.27
CA ILE IA 256 -44.61 -84.91 50.37
C ILE IA 256 -46.00 -85.17 49.81
N VAL IA 257 -46.52 -84.43 48.84
CA VAL IA 257 -47.94 -84.63 48.40
C VAL IA 257 -47.99 -85.84 47.48
N GLY IA 258 -46.96 -86.06 46.68
CA GLY IA 258 -46.89 -87.22 45.79
C GLY IA 258 -46.91 -86.83 44.34
N ASN IA 259 -46.34 -87.65 43.46
CA ASN IA 259 -46.41 -87.36 42.01
C ASN IA 259 -47.86 -87.28 41.52
N GLY IA 260 -48.19 -86.22 40.77
CA GLY IA 260 -49.54 -86.00 40.20
C GLY IA 260 -50.55 -85.50 41.21
N ASN IA 261 -50.20 -85.44 42.47
CA ASN IA 261 -51.18 -85.04 43.49
C ASN IA 261 -51.01 -83.56 43.70
N VAL IA 262 -50.27 -82.93 42.79
CA VAL IA 262 -50.09 -81.48 42.87
C VAL IA 262 -49.97 -80.93 41.46
N HIS IA 263 -50.70 -79.83 41.19
CA HIS IA 263 -50.63 -79.10 39.93
C HIS IA 263 -50.52 -77.62 40.24
N ALA IA 264 -49.61 -76.93 39.55
CA ALA IA 264 -49.40 -75.50 39.72
C ALA IA 264 -49.19 -74.84 38.37
N GLN IA 265 -49.66 -73.61 38.24
CA GLN IA 265 -49.43 -72.80 37.05
C GLN IA 265 -49.05 -71.39 37.48
N VAL IA 266 -48.14 -70.77 36.72
CA VAL IA 266 -47.56 -69.48 37.07
C VAL IA 266 -47.81 -68.51 35.92
N THR IA 267 -48.20 -67.29 36.27
CA THR IA 267 -48.23 -66.18 35.31
C THR IA 267 -47.33 -65.07 35.84
N ALA IA 268 -46.63 -64.39 34.92
CA ALA IA 268 -45.62 -63.41 35.28
C ALA IA 268 -45.90 -62.10 34.53
N GLN IA 269 -45.98 -61.01 35.29
CA GLN IA 269 -46.01 -59.67 34.70
C GLN IA 269 -44.58 -59.14 34.64
N LEU IA 270 -44.05 -58.97 33.44
CA LEU IA 270 -42.64 -58.69 33.25
C LEU IA 270 -42.42 -57.22 32.90
N ASP IA 271 -41.15 -56.84 32.81
CA ASP IA 271 -40.72 -55.46 32.57
C ASP IA 271 -39.85 -55.43 31.32
N PHE IA 272 -40.43 -54.98 30.20
CA PHE IA 272 -39.72 -54.87 28.93
C PHE IA 272 -39.55 -53.42 28.52
N ALA IA 273 -39.46 -52.51 29.49
CA ALA IA 273 -39.32 -51.08 29.25
C ALA IA 273 -37.90 -50.67 29.60
N ASN IA 274 -37.19 -50.13 28.62
CA ASN IA 274 -35.81 -49.67 28.82
C ASN IA 274 -35.80 -48.39 29.65
N LYS IA 275 -35.18 -48.43 30.83
CA LYS IA 275 -35.07 -47.27 31.70
C LYS IA 275 -33.61 -46.97 32.00
N GLU IA 276 -33.29 -45.68 31.99
CA GLU IA 276 -31.96 -45.18 32.30
C GLU IA 276 -32.09 -44.08 33.34
N GLN IA 277 -31.28 -44.14 34.39
CA GLN IA 277 -31.43 -43.21 35.50
C GLN IA 277 -30.06 -42.75 36.00
N THR IA 278 -29.95 -41.46 36.26
CA THR IA 278 -28.75 -40.85 36.85
C THR IA 278 -29.16 -40.14 38.12
N GLU IA 279 -28.51 -40.48 39.23
CA GLU IA 279 -28.86 -39.97 40.55
C GLU IA 279 -27.69 -39.16 41.11
N GLU IA 280 -27.98 -37.97 41.60
CA GLU IA 280 -26.99 -37.10 42.24
C GLU IA 280 -27.43 -36.80 43.66
N HIS IA 281 -26.51 -36.98 44.61
CA HIS IA 281 -26.81 -36.78 46.03
C HIS IA 281 -25.75 -35.87 46.63
N TYR IA 282 -26.20 -34.85 47.37
CA TYR IA 282 -25.31 -33.94 48.08
C TYR IA 282 -25.50 -34.14 49.59
N SER IA 283 -24.40 -34.33 50.29
CA SER IA 283 -24.46 -34.41 51.75
C SER IA 283 -24.74 -33.03 52.33
N PRO IA 284 -25.67 -32.92 53.27
CA PRO IA 284 -25.97 -31.60 53.86
C PRO IA 284 -24.79 -31.06 54.64
N ASN IA 285 -24.61 -29.74 54.57
CA ASN IA 285 -23.52 -29.06 55.26
C ASN IA 285 -24.00 -27.89 56.10
N GLY IA 286 -25.27 -27.90 56.50
CA GLY IA 286 -25.81 -26.81 57.31
C GLY IA 286 -25.26 -26.75 58.72
N ASP IA 287 -24.74 -27.86 59.25
CA ASP IA 287 -24.16 -27.88 60.57
C ASP IA 287 -22.68 -27.55 60.45
N ALA IA 288 -22.20 -26.64 61.30
CA ALA IA 288 -20.81 -26.20 61.24
C ALA IA 288 -19.82 -27.32 61.57
N SER IA 289 -20.26 -28.39 62.22
CA SER IA 289 -19.37 -29.49 62.59
C SER IA 289 -19.00 -30.37 61.40
N LYS IA 290 -19.92 -30.59 60.46
CA LYS IA 290 -19.64 -31.41 59.29
C LYS IA 290 -19.40 -30.59 58.03
N ALA IA 291 -19.28 -29.27 58.16
CA ALA IA 291 -19.12 -28.39 57.01
C ALA IA 291 -17.64 -28.33 56.62
N THR IA 292 -17.36 -28.59 55.35
CA THR IA 292 -16.00 -28.50 54.83
C THR IA 292 -15.81 -27.16 54.12
N LEU IA 293 -14.72 -26.47 54.45
CA LEU IA 293 -14.48 -25.11 53.99
C LEU IA 293 -13.18 -25.02 53.20
N ARG IA 294 -13.19 -24.17 52.18
CA ARG IA 294 -11.98 -23.79 51.45
C ARG IA 294 -11.48 -22.40 51.77
N SER IA 295 -12.37 -21.42 51.88
CA SER IA 295 -11.96 -20.05 52.20
C SER IA 295 -13.05 -19.42 53.04
N ARG IA 296 -12.62 -18.60 54.00
CA ARG IA 296 -13.56 -18.00 54.95
C ARG IA 296 -13.04 -16.62 55.33
N GLN IA 297 -13.87 -15.61 55.16
CA GLN IA 297 -13.56 -14.24 55.54
C GLN IA 297 -14.56 -13.77 56.58
N LEU IA 298 -14.06 -13.40 57.76
CA LEU IA 298 -14.88 -13.00 58.90
C LEU IA 298 -14.41 -11.63 59.37
N ASN IA 299 -15.13 -10.60 58.96
CA ASN IA 299 -14.85 -9.23 59.41
C ASN IA 299 -15.77 -8.90 60.57
N ILE IA 300 -15.19 -8.57 61.72
CA ILE IA 300 -15.94 -8.29 62.94
C ILE IA 300 -15.58 -6.90 63.43
N SER IA 301 -16.59 -6.09 63.73
CA SER IA 301 -16.37 -4.73 64.21
C SER IA 301 -17.34 -4.45 65.35
N GLU IA 302 -16.82 -3.86 66.42
CA GLU IA 302 -17.63 -3.50 67.59
C GLU IA 302 -17.15 -2.13 68.09
N GLN IA 303 -17.91 -1.08 67.78
CA GLN IA 303 -17.58 0.28 68.20
C GLN IA 303 -18.52 0.67 69.33
N VAL IA 304 -18.11 0.35 70.56
CA VAL IA 304 -18.90 0.69 71.74
C VAL IA 304 -18.63 2.13 72.12
N GLY IA 305 -19.70 2.90 72.33
CA GLY IA 305 -19.57 4.30 72.70
C GLY IA 305 -19.83 4.56 74.16
N ALA IA 353 -27.86 0.28 76.18
CA ALA IA 353 -26.71 -0.26 75.48
C ALA IA 353 -25.83 0.87 74.93
N GLY IA 354 -26.35 2.09 75.00
CA GLY IA 354 -25.62 3.25 74.51
C GLY IA 354 -25.51 3.25 73.01
N PRO IA 355 -24.52 3.97 72.48
CA PRO IA 355 -24.33 4.01 71.02
C PRO IA 355 -23.48 2.87 70.50
N ARG IA 356 -23.91 1.63 70.78
CA ARG IA 356 -23.18 0.47 70.31
C ARG IA 356 -23.34 0.30 68.81
N SER IA 357 -22.34 -0.32 68.18
CA SER IA 357 -22.38 -0.57 66.75
C SER IA 357 -21.66 -1.87 66.40
N THR IA 358 -22.42 -2.95 66.26
CA THR IA 358 -21.83 -4.24 65.91
C THR IA 358 -22.03 -4.52 64.42
N GLN IA 359 -20.99 -5.09 63.81
CA GLN IA 359 -21.03 -5.37 62.37
C GLN IA 359 -20.20 -6.63 62.12
N ARG IA 360 -20.83 -7.64 61.52
CA ARG IA 360 -20.17 -8.91 61.22
C ARG IA 360 -20.45 -9.27 59.76
N ASN IA 361 -19.41 -9.28 58.94
CA ASN IA 361 -19.49 -9.66 57.54
C ASN IA 361 -18.77 -11.00 57.37
N GLU IA 362 -19.54 -12.04 57.08
CA GLU IA 362 -19.02 -13.40 56.99
C GLU IA 362 -19.25 -13.95 55.58
N THR IA 363 -18.18 -14.43 54.96
CA THR IA 363 -18.24 -15.06 53.65
C THR IA 363 -17.56 -16.41 53.74
N SER IA 364 -18.24 -17.47 53.29
CA SER IA 364 -17.76 -18.83 53.42
C SER IA 364 -17.94 -19.56 52.10
N ASN IA 365 -16.90 -20.25 51.65
CA ASN IA 365 -16.96 -21.11 50.47
C ASN IA 365 -16.79 -22.56 50.92
N TYR IA 366 -17.73 -23.41 50.53
CA TYR IA 366 -17.76 -24.79 51.01
C TYR IA 366 -17.43 -25.77 49.89
N GLU IA 367 -16.96 -26.95 50.31
CA GLU IA 367 -16.81 -28.11 49.44
C GLU IA 367 -17.71 -29.21 49.97
N VAL IA 368 -18.49 -29.81 49.09
CA VAL IA 368 -19.56 -30.72 49.49
C VAL IA 368 -19.29 -32.12 48.94
N ASP IA 369 -19.74 -33.12 49.67
CA ASP IA 369 -19.68 -34.50 49.21
C ASP IA 369 -20.66 -34.70 48.05
N ARG IA 370 -20.24 -35.52 47.09
CA ARG IA 370 -21.02 -35.70 45.87
C ARG IA 370 -20.98 -37.17 45.47
N THR IA 371 -22.14 -37.70 45.08
CA THR IA 371 -22.26 -39.10 44.70
C THR IA 371 -23.15 -39.18 43.46
N ILE IA 372 -22.55 -39.54 42.33
CA ILE IA 372 -23.29 -39.74 41.08
C ILE IA 372 -23.45 -41.23 40.85
N ARG IA 373 -24.70 -41.68 40.72
CA ARG IA 373 -24.99 -43.07 40.41
C ARG IA 373 -25.74 -43.15 39.08
N HIS IA 374 -25.20 -43.95 38.16
CA HIS IA 374 -25.80 -44.18 36.86
C HIS IA 374 -26.28 -45.62 36.78
N THR IA 375 -27.57 -45.80 36.52
CA THR IA 375 -28.19 -47.12 36.57
C THR IA 375 -28.95 -47.38 35.28
N LYS IA 376 -28.71 -48.56 34.70
CA LYS IA 376 -29.45 -49.02 33.53
C LYS IA 376 -30.20 -50.30 33.93
N MET IA 377 -31.51 -50.18 34.16
CA MET IA 377 -32.29 -51.33 34.60
C MET IA 377 -32.31 -52.42 33.54
N ASN IA 378 -32.30 -53.67 33.99
CA ASN IA 378 -32.34 -54.81 33.09
C ASN IA 378 -33.71 -54.92 32.44
N VAL IA 379 -33.72 -55.33 31.17
CA VAL IA 379 -34.94 -55.56 30.42
C VAL IA 379 -35.35 -57.02 30.59
N GLY IA 380 -36.58 -57.24 31.03
CA GLY IA 380 -37.08 -58.55 31.33
C GLY IA 380 -37.24 -58.89 32.79
N ASP IA 381 -37.18 -57.91 33.69
CA ASP IA 381 -37.34 -58.18 35.10
C ASP IA 381 -38.80 -58.46 35.44
N ILE IA 382 -39.03 -59.07 36.59
CA ILE IA 382 -40.35 -59.47 37.03
C ILE IA 382 -40.96 -58.33 37.86
N GLU IA 383 -42.17 -57.93 37.52
CA GLU IA 383 -42.90 -56.90 38.25
C GLU IA 383 -43.84 -57.47 39.31
N ARG IA 384 -44.66 -58.45 38.94
CA ARG IA 384 -45.67 -58.99 39.85
C ARG IA 384 -45.93 -60.44 39.44
N LEU IA 385 -45.77 -61.35 40.39
CA LEU IA 385 -45.95 -62.78 40.15
C LEU IA 385 -47.12 -63.30 40.95
N SER IA 386 -48.08 -63.93 40.28
CA SER IA 386 -49.21 -64.58 40.93
C SER IA 386 -49.24 -66.04 40.51
N VAL IA 387 -49.43 -66.92 41.49
CA VAL IA 387 -49.29 -68.35 41.28
C VAL IA 387 -50.52 -69.06 41.83
N ALA IA 388 -51.06 -69.99 41.04
CA ALA IA 388 -52.21 -70.79 41.44
C ALA IA 388 -51.77 -72.24 41.58
N VAL IA 389 -51.96 -72.81 42.77
CA VAL IA 389 -51.59 -74.19 43.06
C VAL IA 389 -52.81 -74.93 43.56
N VAL IA 390 -53.00 -76.15 43.06
CA VAL IA 390 -54.09 -77.02 43.48
C VAL IA 390 -53.51 -78.36 43.90
N VAL IA 391 -53.95 -78.87 45.05
CA VAL IA 391 -53.48 -80.15 45.54
C VAL IA 391 -54.64 -81.15 45.55
N ASN IA 392 -54.32 -82.43 45.63
CA ASN IA 392 -55.32 -83.49 45.64
C ASN IA 392 -55.70 -83.85 47.07
N TYR IA 393 -56.68 -84.74 47.20
CA TYR IA 393 -57.05 -85.29 48.49
C TYR IA 393 -56.17 -86.50 48.79
N LYS IA 394 -56.38 -87.13 49.95
CA LYS IA 394 -55.60 -88.30 50.36
C LYS IA 394 -56.52 -89.52 50.37
N THR IA 395 -56.28 -90.45 49.46
CA THR IA 395 -57.04 -91.70 49.39
C THR IA 395 -56.24 -92.77 50.12
N LEU IA 396 -56.77 -93.24 51.25
CA LEU IA 396 -56.10 -94.25 52.04
C LEU IA 396 -56.23 -95.62 51.36
N ALA IA 397 -55.76 -96.65 52.08
CA ALA IA 397 -55.85 -98.01 51.55
C ALA IA 397 -57.29 -98.42 51.27
N ASP IA 398 -58.23 -97.94 52.08
CA ASP IA 398 -59.64 -98.18 51.79
C ASP IA 398 -60.07 -97.49 50.50
N GLY IA 399 -59.58 -96.27 50.27
CA GLY IA 399 -59.92 -95.51 49.09
C GLY IA 399 -60.71 -94.24 49.36
N LYS IA 400 -60.97 -93.92 50.62
CA LYS IA 400 -61.74 -92.72 50.95
C LYS IA 400 -60.89 -91.47 50.74
N PRO IA 401 -61.35 -90.50 49.94
CA PRO IA 401 -60.55 -89.28 49.72
C PRO IA 401 -60.55 -88.36 50.92
N LEU IA 402 -59.67 -88.63 51.88
CA LEU IA 402 -59.60 -87.82 53.09
C LEU IA 402 -58.90 -86.49 52.79
N PRO IA 403 -59.53 -85.36 53.09
CA PRO IA 403 -58.86 -84.06 52.87
C PRO IA 403 -57.67 -83.87 53.79
N LEU IA 404 -56.81 -82.93 53.40
CA LEU IA 404 -55.62 -82.61 54.18
C LEU IA 404 -55.97 -81.81 55.43
N THR IA 405 -54.97 -81.46 56.22
CA THR IA 405 -55.17 -80.72 57.47
C THR IA 405 -54.69 -79.28 57.30
N ALA IA 406 -55.00 -78.46 58.31
CA ALA IA 406 -54.63 -77.05 58.27
C ALA IA 406 -53.11 -76.88 58.34
N ASP IA 407 -52.44 -77.68 59.18
CA ASP IA 407 -50.99 -77.57 59.29
C ASP IA 407 -50.31 -77.92 57.98
N GLN IA 408 -50.77 -78.99 57.33
CA GLN IA 408 -50.19 -79.37 56.05
C GLN IA 408 -50.44 -78.31 54.99
N MET IA 409 -51.63 -77.71 55.00
CA MET IA 409 -51.93 -76.63 54.06
C MET IA 409 -51.02 -75.43 54.28
N LYS IA 410 -50.77 -75.09 55.55
CA LYS IA 410 -49.86 -73.99 55.86
C LYS IA 410 -48.44 -74.31 55.39
N GLN IA 411 -48.02 -75.56 55.56
CA GLN IA 411 -46.70 -75.97 55.10
C GLN IA 411 -46.59 -75.84 53.58
N ILE IA 412 -47.64 -76.27 52.87
CA ILE IA 412 -47.64 -76.14 51.41
C ILE IA 412 -47.58 -74.67 51.00
N GLU IA 413 -48.34 -73.82 51.70
CA GLU IA 413 -48.32 -72.39 51.39
C GLU IA 413 -46.92 -71.81 51.59
N ASP IA 414 -46.28 -72.16 52.70
CA ASP IA 414 -44.93 -71.65 52.97
C ASP IA 414 -43.93 -72.15 51.92
N LEU IA 415 -44.01 -73.42 51.57
CA LEU IA 415 -43.11 -73.97 50.56
C LEU IA 415 -43.31 -73.30 49.21
N THR IA 416 -44.57 -73.06 48.83
CA THR IA 416 -44.84 -72.40 47.56
C THR IA 416 -44.35 -70.95 47.58
N ARG IA 417 -44.50 -70.28 48.72
CA ARG IA 417 -44.01 -68.91 48.85
C ARG IA 417 -42.49 -68.87 48.69
N GLU IA 418 -41.81 -69.85 49.29
CA GLU IA 418 -40.35 -69.93 49.16
C GLU IA 418 -39.93 -70.21 47.72
N ALA IA 419 -40.62 -71.14 47.07
CA ALA IA 419 -40.25 -71.51 45.70
C ALA IA 419 -40.50 -70.37 44.72
N MET IA 420 -41.63 -69.68 44.86
CA MET IA 420 -41.98 -68.63 43.92
C MET IA 420 -41.20 -67.35 44.14
N GLY IA 421 -40.40 -67.28 45.21
CA GLY IA 421 -39.75 -66.03 45.55
C GLY IA 421 -40.72 -64.96 45.99
N PHE IA 422 -41.68 -65.32 46.84
CA PHE IA 422 -42.75 -64.40 47.23
C PHE IA 422 -42.18 -63.15 47.87
N SER IA 423 -42.67 -61.99 47.43
CA SER IA 423 -42.27 -60.71 47.98
C SER IA 423 -43.50 -59.81 48.05
N ASP IA 424 -43.48 -58.87 49.00
CA ASP IA 424 -44.57 -57.93 49.17
C ASP IA 424 -44.37 -56.61 48.43
N LYS IA 425 -43.12 -56.22 48.17
CA LYS IA 425 -42.87 -55.04 47.35
C LYS IA 425 -43.37 -55.22 45.93
N ARG IA 426 -43.16 -56.40 45.36
CA ARG IA 426 -43.66 -56.69 44.02
C ARG IA 426 -45.18 -56.68 43.99
N GLY IA 427 -45.81 -57.24 45.02
CA GLY IA 427 -47.25 -57.37 45.05
C GLY IA 427 -47.70 -58.77 44.68
N ASP IA 428 -46.90 -59.76 45.06
CA ASP IA 428 -47.16 -61.15 44.70
C ASP IA 428 -48.38 -61.66 45.44
N THR IA 429 -49.18 -62.48 44.74
CA THR IA 429 -50.36 -63.12 45.33
C THR IA 429 -50.23 -64.62 45.11
N LEU IA 430 -50.57 -65.40 46.15
CA LEU IA 430 -50.53 -66.85 46.10
C LEU IA 430 -51.83 -67.41 46.62
N ASN IA 431 -52.35 -68.44 45.93
CA ASN IA 431 -53.59 -69.10 46.32
C ASN IA 431 -53.41 -70.61 46.15
N VAL IA 432 -53.46 -71.34 47.26
CA VAL IA 432 -53.40 -72.79 47.26
C VAL IA 432 -54.68 -73.32 47.87
N VAL IA 433 -55.40 -74.15 47.11
CA VAL IA 433 -56.67 -74.72 47.54
C VAL IA 433 -56.57 -76.23 47.48
N ASN IA 434 -57.37 -76.91 48.29
CA ASN IA 434 -57.38 -78.37 48.34
C ASN IA 434 -58.72 -78.87 47.79
N SER IA 435 -58.64 -79.79 46.83
CA SER IA 435 -59.84 -80.36 46.22
C SER IA 435 -59.52 -81.71 45.59
N PRO IA 436 -60.46 -82.66 45.57
CA PRO IA 436 -60.17 -83.96 44.98
C PRO IA 436 -60.08 -83.86 43.46
N PHE IA 437 -59.06 -84.50 42.90
CA PHE IA 437 -58.87 -84.48 41.45
C PHE IA 437 -59.91 -85.36 40.76
N SER IA 438 -60.27 -84.97 39.55
CA SER IA 438 -61.21 -85.75 38.76
C SER IA 438 -60.51 -86.92 38.09
N ALA IA 439 -61.31 -87.91 37.69
CA ALA IA 439 -60.77 -89.10 37.05
C ALA IA 439 -60.31 -88.80 35.62
N ASP JA 229 -51.07 -54.93 7.44
CA ASP JA 229 -49.63 -55.14 7.58
C ASP JA 229 -49.24 -55.26 9.06
N LEU JA 230 -48.90 -54.10 9.66
CA LEU JA 230 -48.55 -54.10 11.07
C LEU JA 230 -49.76 -54.41 11.95
N ASN JA 231 -50.95 -54.00 11.49
CA ASN JA 231 -52.17 -54.25 12.25
C ASN JA 231 -52.43 -55.75 12.40
N ASP JA 232 -52.17 -56.52 11.34
CA ASP JA 232 -52.33 -57.96 11.42
C ASP JA 232 -51.35 -58.58 12.40
N ALA JA 233 -50.11 -58.09 12.43
CA ALA JA 233 -49.15 -58.58 13.40
C ALA JA 233 -49.60 -58.28 14.82
N GLN JA 234 -50.11 -57.07 15.05
CA GLN JA 234 -50.63 -56.73 16.38
C GLN JA 234 -51.80 -57.63 16.77
N LEU JA 235 -52.70 -57.90 15.82
CA LEU JA 235 -53.85 -58.75 16.09
C LEU JA 235 -53.43 -60.18 16.41
N LYS JA 236 -52.44 -60.71 15.68
CA LYS JA 236 -51.94 -62.04 15.98
C LYS JA 236 -51.26 -62.07 17.34
N PHE JA 237 -50.55 -61.00 17.70
CA PHE JA 237 -49.97 -60.89 19.03
C PHE JA 237 -51.04 -60.96 20.11
N ALA JA 238 -52.14 -60.21 19.92
CA ALA JA 238 -53.25 -60.26 20.86
C ALA JA 238 -53.87 -61.64 20.94
N ASN JA 239 -54.05 -62.29 19.79
CA ASN JA 239 -54.63 -63.63 19.77
C ASN JA 239 -53.75 -64.63 20.53
N ASP JA 240 -52.44 -64.58 20.34
CA ASP JA 240 -51.55 -65.47 21.07
C ASP JA 240 -51.59 -65.22 22.57
N VAL JA 241 -51.60 -63.95 22.98
CA VAL JA 241 -51.68 -63.65 24.41
C VAL JA 241 -52.98 -64.18 25.00
N GLU JA 242 -54.10 -63.95 24.31
CA GLU JA 242 -55.38 -64.42 24.81
C GLU JA 242 -55.42 -65.94 24.89
N SER JA 243 -54.88 -66.62 23.87
CA SER JA 243 -54.89 -68.08 23.86
C SER JA 243 -54.05 -68.64 25.01
N ARG JA 244 -52.90 -68.03 25.28
CA ARG JA 244 -52.06 -68.51 26.38
C ARG JA 244 -52.70 -68.27 27.75
N ILE JA 245 -53.37 -67.12 27.92
CA ILE JA 245 -54.10 -66.91 29.17
C ILE JA 245 -55.22 -67.94 29.31
N GLN JA 246 -55.93 -68.22 28.22
CA GLN JA 246 -56.98 -69.23 28.23
C GLN JA 246 -56.43 -70.59 28.63
N ARG JA 247 -55.29 -70.98 28.04
CA ARG JA 247 -54.71 -72.28 28.34
C ARG JA 247 -54.24 -72.35 29.79
N ARG JA 248 -53.68 -71.26 30.31
CA ARG JA 248 -53.25 -71.25 31.71
C ARG JA 248 -54.44 -71.42 32.65
N ILE JA 249 -55.56 -70.78 32.34
CA ILE JA 249 -56.75 -70.95 33.17
C ILE JA 249 -57.24 -72.39 33.09
N GLU JA 250 -57.32 -72.93 31.87
CA GLU JA 250 -57.82 -74.29 31.67
C GLU JA 250 -56.95 -75.33 32.38
N ALA JA 251 -55.65 -75.08 32.44
CA ALA JA 251 -54.71 -76.02 33.03
C ALA JA 251 -55.02 -76.27 34.51
N ILE JA 252 -55.33 -75.22 35.25
CA ILE JA 252 -55.64 -75.39 36.67
C ILE JA 252 -57.10 -75.76 36.86
N LEU JA 253 -57.97 -75.35 35.95
CA LEU JA 253 -59.39 -75.64 36.13
C LEU JA 253 -59.74 -77.06 35.72
N SER JA 254 -58.83 -77.73 35.01
CA SER JA 254 -59.06 -79.09 34.55
C SER JA 254 -59.02 -80.16 35.65
N PRO JA 255 -57.96 -80.20 36.51
CA PRO JA 255 -57.85 -81.32 37.46
C PRO JA 255 -59.02 -81.47 38.42
N ILE JA 256 -59.59 -80.35 38.87
CA ILE JA 256 -60.70 -80.41 39.82
C ILE JA 256 -62.02 -80.48 39.08
N VAL JA 257 -62.32 -79.65 38.10
CA VAL JA 257 -63.68 -79.65 37.46
C VAL JA 257 -63.75 -80.81 36.48
N GLY JA 258 -62.66 -81.13 35.81
CA GLY JA 258 -62.61 -82.26 34.88
C GLY JA 258 -62.38 -81.81 33.46
N ASN JA 259 -61.81 -82.66 32.62
CA ASN JA 259 -61.65 -82.32 31.18
C ASN JA 259 -63.00 -82.05 30.52
N GLY JA 260 -63.10 -80.92 29.78
CA GLY JA 260 -64.32 -80.52 29.07
C GLY JA 260 -65.39 -79.93 29.96
N ASN JA 261 -65.21 -79.97 31.25
CA ASN JA 261 -66.27 -79.49 32.16
C ASN JA 261 -65.95 -78.04 32.46
N VAL JA 262 -65.01 -77.48 31.69
CA VAL JA 262 -64.69 -76.07 31.87
C VAL JA 262 -64.31 -75.48 30.52
N HIS JA 263 -64.86 -74.30 30.21
CA HIS JA 263 -64.54 -73.54 29.01
C HIS JA 263 -64.30 -72.09 29.40
N ALA JA 264 -63.22 -71.50 28.88
CA ALA JA 264 -62.88 -70.11 29.15
C ALA JA 264 -62.41 -69.44 27.87
N GLN JA 265 -62.71 -68.15 27.74
CA GLN JA 265 -62.23 -67.33 26.63
C GLN JA 265 -61.75 -66.00 27.17
N VAL JA 266 -60.68 -65.47 26.58
CA VAL JA 266 -59.99 -64.28 27.07
C VAL JA 266 -59.97 -63.25 25.95
N THR JA 267 -60.25 -61.99 26.29
CA THR JA 267 -60.03 -60.86 25.41
C THR JA 267 -59.08 -59.88 26.09
N ALA JA 268 -58.20 -59.27 25.31
CA ALA JA 268 -57.13 -58.42 25.85
C ALA JA 268 -57.14 -57.07 25.14
N GLN JA 269 -57.20 -56.00 25.92
CA GLN JA 269 -56.98 -54.66 25.42
C GLN JA 269 -55.52 -54.31 25.57
N LEU JA 270 -54.81 -54.16 24.46
CA LEU JA 270 -53.36 -54.05 24.46
C LEU JA 270 -52.92 -52.61 24.21
N ASP JA 271 -51.61 -52.39 24.31
CA ASP JA 271 -51.01 -51.07 24.20
C ASP JA 271 -49.98 -51.10 23.07
N PHE JA 272 -50.34 -50.54 21.92
CA PHE JA 272 -49.46 -50.48 20.76
C PHE JA 272 -49.07 -49.04 20.44
N ALA JA 273 -49.00 -48.20 21.46
CA ALA JA 273 -48.66 -46.78 21.31
C ALA JA 273 -47.26 -46.57 21.87
N ASN JA 274 -46.36 -46.09 21.01
CA ASN JA 274 -44.99 -45.81 21.41
C ASN JA 274 -44.92 -44.57 22.30
N LYS JA 275 -44.48 -44.73 23.55
CA LYS JA 275 -44.35 -43.62 24.47
C LYS JA 275 -42.92 -43.51 24.98
N GLU JA 276 -42.44 -42.27 25.08
CA GLU JA 276 -41.12 -41.96 25.59
C GLU JA 276 -41.26 -40.88 26.65
N GLN JA 277 -40.60 -41.07 27.79
CA GLN JA 277 -40.79 -40.18 28.92
C GLN JA 277 -39.46 -39.91 29.60
N THR JA 278 -39.23 -38.65 29.96
CA THR JA 278 -38.06 -38.23 30.71
C THR JA 278 -38.55 -37.51 31.97
N GLU JA 279 -38.09 -37.97 33.13
CA GLU JA 279 -38.55 -37.46 34.42
C GLU JA 279 -37.39 -36.83 35.16
N GLU JA 280 -37.59 -35.62 35.67
CA GLU JA 280 -36.60 -34.91 36.47
C GLU JA 280 -37.19 -34.61 37.84
N HIS JA 281 -36.43 -34.93 38.90
CA HIS JA 281 -36.89 -34.75 40.27
C HIS JA 281 -35.83 -34.00 41.05
N TYR JA 282 -36.24 -32.97 41.77
CA TYR JA 282 -35.37 -32.20 42.64
C TYR JA 282 -35.77 -32.41 44.10
N SER JA 283 -34.80 -32.77 44.93
CA SER JA 283 -35.07 -32.89 46.36
C SER JA 283 -35.26 -31.51 46.97
N PRO JA 284 -36.29 -31.31 47.78
CA PRO JA 284 -36.50 -29.99 48.39
C PRO JA 284 -35.38 -29.63 49.35
N ASN JA 285 -35.04 -28.34 49.37
CA ASN JA 285 -33.97 -27.83 50.23
C ASN JA 285 -34.42 -26.63 51.06
N GLY JA 286 -35.72 -26.50 51.29
CA GLY JA 286 -36.23 -25.38 52.08
C GLY JA 286 -35.87 -25.44 53.54
N ASP JA 287 -35.57 -26.62 54.08
CA ASP JA 287 -35.17 -26.77 55.47
C ASP JA 287 -33.65 -26.62 55.55
N ALA JA 288 -33.19 -25.80 56.50
CA ALA JA 288 -31.76 -25.54 56.65
C ALA JA 288 -30.96 -26.78 57.04
N SER JA 289 -31.61 -27.81 57.58
CA SER JA 289 -30.92 -29.02 57.98
C SER JA 289 -30.50 -29.91 56.82
N LYS JA 290 -31.31 -29.98 55.77
CA LYS JA 290 -30.97 -30.78 54.59
C LYS JA 290 -30.46 -29.95 53.43
N ALA JA 291 -30.21 -28.66 53.63
CA ALA JA 291 -29.79 -27.78 52.55
C ALA JA 291 -28.28 -27.88 52.36
N THR JA 292 -27.86 -28.13 51.12
CA THR JA 292 -26.45 -28.19 50.79
C THR JA 292 -26.01 -26.87 50.18
N LEU JA 293 -24.90 -26.33 50.68
CA LEU JA 293 -24.44 -25.00 50.32
C LEU JA 293 -23.05 -25.04 49.73
N ARG JA 294 -22.81 -24.14 48.75
CA ARG JA 294 -21.49 -23.91 48.20
C ARG JA 294 -20.86 -22.60 48.65
N SER JA 295 -21.64 -21.52 48.71
CA SER JA 295 -21.12 -20.23 49.14
C SER JA 295 -22.22 -19.49 49.87
N ARG JA 296 -21.84 -18.77 50.92
CA ARG JA 296 -22.81 -18.09 51.76
C ARG JA 296 -22.19 -16.80 52.28
N GLN JA 297 -22.88 -15.69 52.05
CA GLN JA 297 -22.45 -14.38 52.53
C GLN JA 297 -23.51 -13.83 53.47
N LEU JA 298 -23.12 -13.56 54.71
CA LEU JA 298 -24.05 -13.12 55.76
C LEU JA 298 -23.49 -11.83 56.36
N ASN JA 299 -24.01 -10.69 55.91
CA ASN JA 299 -23.64 -9.39 56.46
C ASN JA 299 -24.66 -8.99 57.51
N ILE JA 300 -24.21 -8.78 58.74
CA ILE JA 300 -25.08 -8.44 59.87
C ILE JA 300 -24.61 -7.13 60.47
N SER JA 301 -25.55 -6.21 60.68
CA SER JA 301 -25.24 -4.91 61.26
C SER JA 301 -26.31 -4.55 62.28
N GLU JA 302 -25.88 -4.06 63.44
CA GLU JA 302 -26.79 -3.64 64.50
C GLU JA 302 -26.21 -2.37 65.13
N GLN JA 303 -26.80 -1.22 64.78
CA GLN JA 303 -26.37 0.07 65.31
C GLN JA 303 -27.40 0.53 66.33
N VAL JA 304 -27.20 0.13 67.58
CA VAL JA 304 -28.09 0.51 68.66
C VAL JA 304 -27.71 1.90 69.15
N GLY JA 305 -28.70 2.79 69.27
CA GLY JA 305 -28.45 4.15 69.71
C GLY JA 305 -28.87 4.39 71.15
N ALA JA 353 -37.55 1.07 71.89
CA ALA JA 353 -36.38 0.42 71.32
C ALA JA 353 -35.31 1.45 70.94
N GLY JA 354 -35.68 2.72 71.01
CA GLY JA 354 -34.77 3.79 70.68
C GLY JA 354 -34.47 3.84 69.19
N PRO JA 355 -33.33 4.44 68.84
CA PRO JA 355 -32.95 4.52 67.42
C PRO JA 355 -32.17 3.30 66.95
N ARG JA 356 -32.77 2.12 67.12
CA ARG JA 356 -32.13 0.89 66.68
C ARG JA 356 -32.11 0.79 65.16
N SER JA 357 -31.13 0.06 64.64
CA SER JA 357 -31.00 -0.12 63.21
C SER JA 357 -30.40 -1.50 62.89
N THR JA 358 -31.25 -2.47 62.60
CA THR JA 358 -30.78 -3.80 62.27
C THR JA 358 -30.81 -4.00 60.75
N GLN JA 359 -29.77 -4.67 60.24
CA GLN JA 359 -29.65 -4.90 58.81
C GLN JA 359 -28.95 -6.24 58.59
N ARG JA 360 -29.61 -7.14 57.87
CA ARG JA 360 -29.08 -8.48 57.59
C ARG JA 360 -29.21 -8.74 56.10
N ASN JA 361 -28.07 -8.85 55.42
CA ASN JA 361 -28.01 -9.17 53.99
C ASN JA 361 -27.44 -10.58 53.85
N GLU JA 362 -28.28 -11.51 53.42
CA GLU JA 362 -27.91 -12.92 53.32
C GLU JA 362 -28.02 -13.38 51.88
N THR JA 363 -26.94 -13.97 51.36
CA THR JA 363 -26.89 -14.55 50.02
C THR JA 363 -26.40 -15.98 50.13
N SER JA 364 -27.14 -16.92 49.54
CA SER JA 364 -26.84 -18.33 49.67
C SER JA 364 -26.93 -18.99 48.30
N ASN JA 365 -25.93 -19.78 47.95
CA ASN JA 365 -25.93 -20.59 46.73
C ASN JA 365 -25.99 -22.06 47.13
N TYR JA 366 -26.97 -22.79 46.58
CA TYR JA 366 -27.24 -24.16 46.97
C TYR JA 366 -26.87 -25.13 45.86
N GLU JA 367 -26.61 -26.38 46.27
CA GLU JA 367 -26.48 -27.52 45.37
C GLU JA 367 -27.56 -28.52 45.72
N VAL JA 368 -28.29 -28.98 44.72
CA VAL JA 368 -29.50 -29.77 44.94
C VAL JA 368 -29.32 -31.17 44.36
N ASP JA 369 -30.00 -32.13 44.97
CA ASP JA 369 -30.04 -33.48 44.45
C ASP JA 369 -30.86 -33.52 43.17
N ARG JA 370 -30.43 -34.36 42.22
CA ARG JA 370 -31.05 -34.39 40.91
C ARG JA 370 -31.12 -35.83 40.44
N THR JA 371 -32.28 -36.21 39.89
CA THR JA 371 -32.52 -37.58 39.41
C THR JA 371 -33.23 -37.50 38.07
N ILE JA 372 -32.54 -37.89 37.01
CA ILE JA 372 -33.12 -37.94 35.67
C ILE JA 372 -33.43 -39.40 35.34
N ARG JA 373 -34.68 -39.68 35.03
CA ARG JA 373 -35.10 -41.02 34.61
C ARG JA 373 -35.66 -40.95 33.19
N HIS JA 374 -35.11 -41.78 32.32
CA HIS JA 374 -35.55 -41.89 30.93
C HIS JA 374 -36.19 -43.25 30.73
N THR JA 375 -37.44 -43.26 30.29
CA THR JA 375 -38.21 -44.49 30.20
C THR JA 375 -38.82 -44.62 28.80
N LYS JA 376 -38.65 -45.79 28.20
CA LYS JA 376 -39.28 -46.13 26.92
C LYS JA 376 -40.22 -47.31 27.17
N MET JA 377 -41.52 -47.04 27.22
CA MET JA 377 -42.48 -48.09 27.50
C MET JA 377 -42.50 -49.13 26.39
N ASN JA 378 -42.70 -50.39 26.77
CA ASN JA 378 -42.75 -51.48 25.82
C ASN JA 378 -44.03 -51.40 24.99
N VAL JA 379 -43.92 -51.76 23.72
CA VAL JA 379 -45.04 -51.81 22.80
C VAL JA 379 -45.64 -53.22 22.85
N GLY JA 380 -46.93 -53.29 23.11
CA GLY JA 380 -47.63 -54.54 23.27
C GLY JA 380 -48.01 -54.91 24.69
N ASP JA 381 -47.96 -53.98 25.63
CA ASP JA 381 -48.34 -54.27 27.01
C ASP JA 381 -49.86 -54.39 27.13
N ILE JA 382 -50.29 -55.00 28.22
CA ILE JA 382 -51.71 -55.24 28.45
C ILE JA 382 -52.28 -54.07 29.26
N GLU JA 383 -53.39 -53.51 28.79
CA GLU JA 383 -54.07 -52.42 29.47
C GLU JA 383 -55.21 -52.91 30.37
N ARG JA 384 -56.08 -53.77 29.84
CA ARG JA 384 -57.26 -54.21 30.59
C ARG JA 384 -57.63 -55.60 30.09
N LEU JA 385 -57.71 -56.56 31.00
CA LEU JA 385 -58.02 -57.94 30.65
C LEU JA 385 -59.35 -58.34 31.29
N SER JA 386 -60.27 -58.81 30.45
CA SER JA 386 -61.55 -59.35 30.92
C SER JA 386 -61.70 -60.77 30.43
N VAL JA 387 -62.12 -61.66 31.32
CA VAL JA 387 -62.12 -63.09 31.07
C VAL JA 387 -63.49 -63.65 31.41
N ALA JA 388 -64.03 -64.48 30.52
CA ALA JA 388 -65.31 -65.14 30.73
C ALA JA 388 -65.07 -66.65 30.85
N VAL JA 389 -65.49 -67.23 31.97
CA VAL JA 389 -65.32 -68.65 32.24
C VAL JA 389 -66.68 -69.25 32.54
N VAL JA 390 -66.95 -70.41 31.96
CA VAL JA 390 -68.18 -71.16 32.19
C VAL JA 390 -67.81 -72.58 32.61
N VAL JA 391 -68.47 -73.07 33.65
CA VAL JA 391 -68.22 -74.42 34.15
C VAL JA 391 -69.48 -75.26 33.96
N ASN JA 392 -69.33 -76.58 34.00
CA ASN JA 392 -70.44 -77.50 33.84
C ASN JA 392 -71.04 -77.87 35.19
N TYR JA 393 -72.13 -78.63 35.13
CA TYR JA 393 -72.73 -79.18 36.35
C TYR JA 393 -72.06 -80.50 36.70
N LYS JA 394 -72.50 -81.13 37.79
CA LYS JA 394 -71.92 -82.40 38.22
C LYS JA 394 -72.96 -83.49 38.06
N THR JA 395 -72.72 -84.42 37.14
CA THR JA 395 -73.60 -85.57 36.91
C THR JA 395 -73.04 -86.75 37.69
N LEU JA 396 -73.77 -87.18 38.71
CA LEU JA 396 -73.34 -88.31 39.53
C LEU JA 396 -73.54 -89.62 38.77
N ALA JA 397 -73.30 -90.72 39.48
CA ALA JA 397 -73.48 -92.05 38.88
C ALA JA 397 -74.90 -92.26 38.40
N ASP JA 398 -75.88 -91.69 39.11
CA ASP JA 398 -77.26 -91.75 38.63
C ASP JA 398 -77.42 -90.97 37.33
N GLY JA 399 -76.76 -89.81 37.23
CA GLY JA 399 -76.86 -88.96 36.06
C GLY JA 399 -77.52 -87.63 36.29
N LYS JA 400 -77.90 -87.31 37.52
CA LYS JA 400 -78.55 -86.04 37.81
C LYS JA 400 -77.55 -84.91 37.76
N PRO JA 401 -77.78 -83.86 36.97
CA PRO JA 401 -76.82 -82.75 36.91
C PRO JA 401 -76.86 -81.87 38.15
N LEU JA 402 -76.16 -82.28 39.20
CA LEU JA 402 -76.16 -81.52 40.45
C LEU JA 402 -75.28 -80.29 40.31
N PRO JA 403 -75.79 -79.09 40.59
CA PRO JA 403 -74.96 -77.88 40.51
C PRO JA 403 -73.89 -77.88 41.59
N LEU JA 404 -72.87 -77.04 41.37
CA LEU JA 404 -71.77 -76.90 42.30
C LEU JA 404 -72.19 -76.10 43.53
N THR JA 405 -71.27 -75.90 44.47
CA THR JA 405 -71.53 -75.20 45.71
C THR JA 405 -70.88 -73.82 45.69
N ALA JA 406 -71.22 -73.00 46.69
CA ALA JA 406 -70.68 -71.65 46.77
C ALA JA 406 -69.17 -71.67 47.03
N ASP JA 407 -68.73 -72.57 47.90
CA ASP JA 407 -67.30 -72.66 48.22
C ASP JA 407 -66.49 -73.04 46.99
N GLN JA 408 -66.98 -74.02 46.22
CA GLN JA 408 -66.29 -74.43 45.01
C GLN JA 408 -66.27 -73.30 43.98
N MET JA 409 -67.38 -72.56 43.88
CA MET JA 409 -67.41 -71.42 42.96
C MET JA 409 -66.41 -70.36 43.37
N LYS JA 410 -66.30 -70.08 44.67
CA LYS JA 410 -65.31 -69.13 45.15
C LYS JA 410 -63.89 -69.61 44.85
N GLN JA 411 -63.64 -70.90 45.02
CA GLN JA 411 -62.33 -71.46 44.69
C GLN JA 411 -62.00 -71.29 43.22
N ILE JA 412 -62.98 -71.55 42.35
CA ILE JA 412 -62.78 -71.37 40.91
C ILE JA 412 -62.50 -69.91 40.59
N GLU JA 413 -63.23 -69.00 41.22
CA GLU JA 413 -63.01 -67.57 41.00
C GLU JA 413 -61.59 -67.17 41.40
N ASP JA 414 -61.13 -67.65 42.57
CA ASP JA 414 -59.79 -67.32 43.03
C ASP JA 414 -58.73 -67.89 42.10
N LEU JA 415 -58.91 -69.14 41.67
CA LEU JA 415 -57.95 -69.76 40.76
C LEU JA 415 -57.89 -69.02 39.44
N THR JA 416 -59.04 -68.61 38.91
CA THR JA 416 -59.06 -67.87 37.64
C THR JA 416 -58.42 -66.50 37.80
N ARG JA 417 -58.65 -65.85 38.95
CA ARG JA 417 -58.00 -64.57 39.21
C ARG JA 417 -56.49 -64.71 39.25
N GLU JA 418 -56.01 -65.78 39.88
CA GLU JA 418 -54.58 -66.04 39.94
C GLU JA 418 -54.00 -66.32 38.55
N ALA JA 419 -54.70 -67.14 37.77
CA ALA JA 419 -54.20 -67.50 36.45
C ALA JA 419 -54.18 -66.31 35.50
N MET JA 420 -55.22 -65.49 35.52
CA MET JA 420 -55.32 -64.37 34.60
C MET JA 420 -54.43 -63.20 34.99
N GLY JA 421 -53.78 -63.27 36.15
CA GLY JA 421 -53.03 -62.13 36.65
C GLY JA 421 -53.93 -60.96 37.00
N PHE JA 422 -55.03 -61.22 37.71
CA PHE JA 422 -56.01 -60.19 37.99
C PHE JA 422 -55.39 -59.04 38.78
N SER JA 423 -55.68 -57.82 38.33
CA SER JA 423 -55.22 -56.62 39.00
C SER JA 423 -56.32 -55.58 38.95
N ASP JA 424 -56.31 -54.69 39.95
CA ASP JA 424 -57.29 -53.61 40.02
C ASP JA 424 -56.84 -52.32 39.38
N LYS JA 425 -55.53 -52.07 39.30
CA LYS JA 425 -55.04 -50.90 38.60
C LYS JA 425 -55.37 -50.97 37.11
N ARG JA 426 -55.22 -52.15 36.50
CA ARG JA 426 -55.57 -52.33 35.10
C ARG JA 426 -57.07 -52.13 34.88
N GLY JA 427 -57.89 -52.63 35.79
CA GLY JA 427 -59.32 -52.58 35.63
C GLY JA 427 -59.88 -53.90 35.13
N ASP JA 428 -59.27 -55.00 35.55
CA ASP JA 428 -59.63 -56.33 35.10
C ASP JA 428 -61.00 -56.72 35.63
N THR JA 429 -61.79 -57.40 34.81
CA THR JA 429 -63.10 -57.92 35.20
C THR JA 429 -63.13 -59.40 34.93
N LEU JA 430 -63.69 -60.17 35.88
CA LEU JA 430 -63.81 -61.62 35.75
C LEU JA 430 -65.23 -62.04 36.07
N ASN JA 431 -65.77 -62.95 35.27
CA ASN JA 431 -67.12 -63.47 35.47
C ASN JA 431 -67.09 -64.99 35.26
N VAL JA 432 -67.38 -65.74 36.31
CA VAL JA 432 -67.49 -67.19 36.24
C VAL JA 432 -68.91 -67.57 36.64
N VAL JA 433 -69.61 -68.28 35.76
CA VAL JA 433 -70.99 -68.70 36.00
C VAL JA 433 -71.05 -70.22 35.86
N ASN JA 434 -72.03 -70.82 36.54
CA ASN JA 434 -72.22 -72.27 36.51
C ASN JA 434 -73.52 -72.57 35.77
N SER JA 435 -73.44 -73.47 34.78
CA SER JA 435 -74.60 -73.86 34.00
C SER JA 435 -74.35 -75.21 33.34
N PRO JA 436 -75.39 -76.04 33.16
CA PRO JA 436 -75.18 -77.34 32.54
C PRO JA 436 -74.88 -77.20 31.05
N PHE JA 437 -73.88 -77.95 30.59
CA PHE JA 437 -73.49 -77.90 29.19
C PHE JA 437 -74.52 -78.61 28.32
N SER JA 438 -74.68 -78.14 27.10
CA SER JA 438 -75.58 -78.77 26.16
C SER JA 438 -74.94 -80.00 25.53
N ALA JA 439 -75.79 -80.87 24.97
CA ALA JA 439 -75.32 -82.09 24.34
C ALA JA 439 -74.63 -81.80 23.01
N ASP KA 229 -57.77 -48.37 -1.98
CA ASP KA 229 -56.40 -48.77 -1.67
C ASP KA 229 -56.23 -48.97 -0.17
N LEU KA 230 -55.83 -47.91 0.53
CA LEU KA 230 -55.67 -47.99 1.97
C LEU KA 230 -57.02 -48.17 2.66
N ASN KA 231 -58.08 -47.60 2.08
CA ASN KA 231 -59.41 -47.73 2.66
C ASN KA 231 -59.86 -49.19 2.70
N ASP KA 232 -59.55 -49.95 1.65
CA ASP KA 232 -59.90 -51.36 1.62
C ASP KA 232 -59.14 -52.13 2.70
N ALA KA 233 -57.86 -51.80 2.90
CA ALA KA 233 -57.10 -52.44 3.97
C ALA KA 233 -57.70 -52.14 5.34
N GLN KA 234 -58.10 -50.88 5.57
CA GLN KA 234 -58.74 -50.53 6.83
C GLN KA 234 -60.05 -51.28 7.02
N LEU KA 235 -60.84 -51.41 5.95
CA LEU KA 235 -62.11 -52.11 6.02
C LEU KA 235 -61.91 -53.59 6.33
N LYS KA 236 -60.90 -54.22 5.69
CA LYS KA 236 -60.60 -55.61 6.00
C LYS KA 236 -60.12 -55.78 7.43
N PHE KA 237 -59.34 -54.82 7.93
CA PHE KA 237 -58.94 -54.82 9.33
C PHE KA 237 -60.15 -54.80 10.26
N ALA KA 238 -61.11 -53.91 9.96
CA ALA KA 238 -62.34 -53.85 10.75
C ALA KA 238 -63.12 -55.15 10.68
N ASN KA 239 -63.22 -55.73 9.49
CA ASN KA 239 -63.95 -56.99 9.33
C ASN KA 239 -63.31 -58.11 10.13
N ASP KA 240 -61.98 -58.22 10.11
CA ASP KA 240 -61.31 -59.25 10.91
C ASP KA 240 -61.52 -59.04 12.41
N VAL KA 241 -61.43 -57.79 12.88
CA VAL KA 241 -61.66 -57.54 14.29
C VAL KA 241 -63.09 -57.93 14.69
N GLU KA 242 -64.06 -57.53 13.87
CA GLU KA 242 -65.46 -57.86 14.17
C GLU KA 242 -65.69 -59.36 14.17
N SER KA 243 -65.10 -60.07 13.20
CA SER KA 243 -65.28 -61.51 13.11
C SER KA 243 -64.68 -62.20 14.32
N ARG KA 244 -63.51 -61.76 14.78
CA ARG KA 244 -62.89 -62.38 15.94
C ARG KA 244 -63.67 -62.11 17.23
N ILE KA 245 -64.20 -60.89 17.38
CA ILE KA 245 -65.07 -60.64 18.54
C ILE KA 245 -66.31 -61.53 18.48
N GLN KA 246 -66.90 -61.67 17.29
CA GLN KA 246 -68.05 -62.54 17.12
C GLN KA 246 -67.73 -63.98 17.51
N ARG KA 247 -66.58 -64.49 17.05
CA ARG KA 247 -66.20 -65.86 17.36
C ARG KA 247 -65.94 -66.04 18.85
N ARG KA 248 -65.33 -65.04 19.49
CA ARG KA 248 -65.09 -65.14 20.93
C ARG KA 248 -66.40 -65.20 21.70
N ILE KA 249 -67.39 -64.39 21.29
CA ILE KA 249 -68.70 -64.45 21.94
C ILE KA 249 -69.34 -65.82 21.73
N GLU KA 250 -69.32 -66.30 20.49
CA GLU KA 250 -69.94 -67.58 20.15
C GLU KA 250 -69.31 -68.74 20.92
N ALA KA 251 -68.00 -68.66 21.15
CA ALA KA 251 -67.27 -69.74 21.81
C ALA KA 251 -67.80 -69.99 23.21
N ILE KA 252 -68.08 -68.93 23.97
CA ILE KA 252 -68.59 -69.12 25.33
C ILE KA 252 -70.11 -69.32 25.31
N LEU KA 253 -70.79 -68.76 24.32
CA LEU KA 253 -72.24 -68.88 24.31
C LEU KA 253 -72.70 -70.23 23.77
N SER KA 254 -71.78 -70.99 23.16
CA SER KA 254 -72.12 -72.29 22.60
C SER KA 254 -72.34 -73.39 23.64
N PRO KA 255 -71.43 -73.60 24.62
CA PRO KA 255 -71.57 -74.76 25.52
C PRO KA 255 -72.88 -74.79 26.31
N ILE KA 256 -73.37 -73.63 26.75
CA ILE KA 256 -74.58 -73.58 27.55
C ILE KA 256 -75.80 -73.46 26.64
N VAL KA 257 -75.87 -72.56 25.67
CA VAL KA 257 -77.12 -72.37 24.86
C VAL KA 257 -77.20 -73.48 23.81
N GLY KA 258 -76.07 -73.91 23.29
CA GLY KA 258 -76.03 -75.00 22.30
C GLY KA 258 -75.56 -74.54 20.95
N ASN KA 259 -74.99 -75.42 20.15
CA ASN KA 259 -74.60 -75.05 18.77
C ASN KA 259 -75.81 -74.58 17.95
N GLY KA 260 -75.68 -73.44 17.27
CA GLY KA 260 -76.73 -72.86 16.43
C GLY KA 260 -77.83 -72.17 17.20
N ASN KA 261 -77.83 -72.28 18.50
CA ASN KA 261 -78.93 -71.70 19.29
C ASN KA 261 -78.50 -70.31 19.71
N VAL KA 262 -77.41 -69.85 19.09
CA VAL KA 262 -76.94 -68.49 19.38
C VAL KA 262 -76.32 -67.91 18.12
N HIS KA 263 -76.67 -66.66 17.81
CA HIS KA 263 -76.11 -65.91 16.70
C HIS KA 263 -75.75 -64.51 17.19
N ALA KA 264 -74.55 -64.04 16.83
CA ALA KA 264 -74.09 -62.71 17.22
C ALA KA 264 -73.37 -62.06 16.05
N GLN KA 265 -73.50 -60.74 15.94
CA GLN KA 265 -72.78 -59.95 14.95
C GLN KA 265 -72.21 -58.71 15.62
N VAL KA 266 -71.03 -58.31 15.20
CA VAL KA 266 -70.28 -57.22 15.82
C VAL KA 266 -69.99 -56.16 14.77
N THR KA 267 -70.16 -54.89 15.14
CA THR KA 267 -69.69 -53.76 14.35
C THR KA 267 -68.73 -52.94 15.20
N ALA KA 268 -67.68 -52.42 14.57
CA ALA KA 268 -66.60 -51.73 15.28
C ALA KA 268 -66.36 -50.37 14.66
N GLN KA 269 -66.40 -49.33 15.48
CA GLN KA 269 -65.96 -48.00 15.07
C GLN KA 269 -64.49 -47.84 15.44
N LEU KA 270 -63.63 -47.74 14.44
CA LEU KA 270 -62.19 -47.81 14.61
C LEU KA 270 -61.56 -46.43 14.50
N ASP KA 271 -60.26 -46.38 14.78
CA ASP KA 271 -59.48 -45.15 14.81
C ASP KA 271 -58.33 -45.26 13.82
N PHE KA 272 -58.47 -44.62 12.67
CA PHE KA 272 -57.43 -44.63 11.63
C PHE KA 272 -56.83 -43.24 11.44
N ALA KA 273 -56.81 -42.44 12.51
CA ALA KA 273 -56.28 -41.08 12.48
C ALA KA 273 -54.96 -41.06 13.22
N ASN KA 274 -53.90 -40.66 12.51
CA ASN KA 274 -52.57 -40.57 13.10
C ASN KA 274 -52.48 -39.38 14.05
N LYS KA 275 -52.23 -39.65 15.32
CA LYS KA 275 -52.10 -38.59 16.33
C LYS KA 275 -50.74 -38.68 17.01
N GLU KA 276 -50.14 -37.51 17.23
CA GLU KA 276 -48.86 -37.39 17.92
C GLU KA 276 -49.01 -36.33 19.01
N GLN KA 277 -48.54 -36.65 20.21
CA GLN KA 277 -48.77 -35.78 21.35
C GLN KA 277 -47.52 -35.70 22.21
N THR KA 278 -47.19 -34.48 22.66
CA THR KA 278 -46.09 -34.24 23.58
C THR KA 278 -46.65 -33.52 24.79
N GLU KA 279 -46.41 -34.07 25.98
CA GLU KA 279 -46.98 -33.55 27.22
C GLU KA 279 -45.85 -33.10 28.14
N GLU KA 280 -45.98 -31.89 28.69
CA GLU KA 280 -45.03 -31.33 29.65
C GLU KA 280 -45.76 -31.02 30.94
N HIS KA 281 -45.19 -31.47 32.06
CA HIS KA 281 -45.80 -31.28 33.37
C HIS KA 281 -44.77 -30.69 34.32
N TYR KA 282 -45.15 -29.64 35.04
CA TYR KA 282 -44.32 -29.02 36.05
C TYR KA 282 -44.93 -29.23 37.43
N SER KA 283 -44.14 -29.75 38.36
CA SER KA 283 -44.60 -29.88 39.73
C SER KA 283 -44.70 -28.50 40.39
N PRO KA 284 -45.80 -28.20 41.07
CA PRO KA 284 -45.94 -26.89 41.71
C PRO KA 284 -44.92 -26.71 42.82
N ASN KA 285 -44.43 -25.47 42.96
CA ASN KA 285 -43.43 -25.14 43.96
C ASN KA 285 -43.84 -23.91 44.79
N GLY KA 286 -45.14 -23.62 44.87
CA GLY KA 286 -45.61 -22.49 45.63
C GLY KA 286 -45.47 -22.65 47.13
N ASP KA 287 -45.38 -23.86 47.63
CA ASP KA 287 -45.18 -24.12 49.06
C ASP KA 287 -43.69 -24.15 49.35
N ALA KA 288 -43.26 -23.44 50.38
CA ALA KA 288 -41.85 -23.36 50.72
C ALA KA 288 -41.27 -24.70 51.16
N SER KA 289 -42.09 -25.67 51.55
CA SER KA 289 -41.61 -26.97 51.99
C SER KA 289 -41.15 -27.86 50.83
N LYS KA 290 -41.81 -27.79 49.68
CA LYS KA 290 -41.42 -28.58 48.52
C LYS KA 290 -40.66 -27.78 47.47
N ALA KA 291 -40.28 -26.54 47.77
CA ALA KA 291 -39.63 -25.68 46.80
C ALA KA 291 -38.13 -25.96 46.80
N THR KA 292 -37.59 -26.22 45.62
CA THR KA 292 -36.15 -26.44 45.47
C THR KA 292 -35.47 -25.17 44.99
N LEU KA 293 -34.39 -24.79 45.66
CA LEU KA 293 -33.74 -23.51 45.43
C LEU KA 293 -32.28 -23.70 45.01
N ARG KA 294 -31.82 -22.82 44.12
CA ARG KA 294 -30.41 -22.72 43.76
C ARG KA 294 -29.71 -21.52 44.36
N SER KA 295 -30.35 -20.36 44.36
CA SER KA 295 -29.74 -19.15 44.92
C SER KA 295 -30.84 -18.31 45.54
N ARG KA 296 -30.52 -17.68 46.66
CA ARG KA 296 -31.50 -16.92 47.41
C ARG KA 296 -30.81 -15.73 48.07
N GLN KA 297 -31.31 -14.53 47.82
CA GLN KA 297 -30.81 -13.30 48.41
C GLN KA 297 -31.92 -12.66 49.23
N LEU KA 298 -31.68 -12.49 50.53
CA LEU KA 298 -32.66 -11.96 51.47
C LEU KA 298 -32.04 -10.78 52.20
N ASN KA 299 -32.36 -9.57 51.75
CA ASN KA 299 -31.91 -8.36 52.41
C ASN KA 299 -33.01 -7.86 53.33
N ILE KA 300 -32.70 -7.75 54.63
CA ILE KA 300 -33.67 -7.35 55.65
C ILE KA 300 -33.13 -6.13 56.36
N SER KA 301 -33.98 -5.10 56.50
CA SER KA 301 -33.60 -3.88 57.18
C SER KA 301 -34.74 -3.42 58.07
N GLU KA 302 -34.41 -3.03 59.30
CA GLU KA 302 -35.40 -2.54 60.27
C GLU KA 302 -34.77 -1.37 61.02
N GLN KA 303 -35.17 -0.15 60.66
CA GLN KA 303 -34.65 1.06 61.29
C GLN KA 303 -35.75 1.61 62.20
N VAL KA 304 -35.77 1.14 63.44
CA VAL KA 304 -36.74 1.60 64.43
C VAL KA 304 -36.27 2.92 65.03
N GLY KA 305 -37.15 3.91 65.06
CA GLY KA 305 -36.81 5.21 65.60
C GLY KA 305 -37.39 5.45 66.99
N ALA KA 353 -46.42 3.21 66.45
CA ALA KA 353 -45.27 2.44 65.98
C ALA KA 353 -44.05 3.34 65.81
N GLY KA 354 -44.27 4.65 65.89
CA GLY KA 354 -43.20 5.61 65.73
C GLY KA 354 -42.69 5.67 64.31
N PRO KA 355 -41.45 6.14 64.13
CA PRO KA 355 -40.88 6.22 62.79
C PRO KA 355 -40.21 4.92 62.36
N ARG KA 356 -40.95 3.82 62.38
CA ARG KA 356 -40.42 2.54 61.97
C ARG KA 356 -40.21 2.49 60.46
N SER KA 357 -39.25 1.67 60.04
CA SER KA 357 -38.94 1.52 58.62
C SER KA 357 -38.49 0.10 58.31
N THR KA 358 -39.41 -0.75 57.87
CA THR KA 358 -39.05 -2.12 57.52
C THR KA 358 -38.90 -2.26 56.01
N GLN KA 359 -37.89 -3.04 55.61
CA GLN KA 359 -37.61 -3.23 54.19
C GLN KA 359 -37.06 -4.64 54.00
N ARG KA 360 -37.71 -5.43 53.15
CA ARG KA 360 -37.31 -6.81 52.87
C ARG KA 360 -37.26 -7.00 51.36
N ASN KA 361 -36.06 -7.23 50.84
CA ASN KA 361 -35.85 -7.51 49.41
C ASN KA 361 -35.44 -8.96 49.28
N GLU KA 362 -36.32 -9.77 48.68
CA GLU KA 362 -36.12 -11.21 48.56
C GLU KA 362 -36.08 -11.61 47.09
N THR KA 363 -35.02 -12.30 46.70
CA THR KA 363 -34.87 -12.84 45.35
C THR KA 363 -34.56 -14.32 45.45
N SER KA 364 -35.33 -15.14 44.73
CA SER KA 364 -35.22 -16.59 44.81
C SER KA 364 -35.20 -17.17 43.41
N ASN KA 365 -34.26 -18.07 43.15
CA ASN KA 365 -34.20 -18.82 41.91
C ASN KA 365 -34.49 -20.29 42.21
N TYR KA 366 -35.46 -20.87 41.51
CA TYR KA 366 -35.94 -22.21 41.80
C TYR KA 366 -35.54 -23.18 40.69
N GLU KA 367 -35.49 -24.47 41.07
CA GLU KA 367 -35.37 -25.57 40.13
C GLU KA 367 -36.61 -26.45 40.28
N VAL KA 368 -37.25 -26.79 39.17
CA VAL KA 368 -38.56 -27.42 39.20
C VAL KA 368 -38.47 -28.81 38.57
N ASP KA 369 -39.34 -29.71 39.06
CA ASP KA 369 -39.46 -31.03 38.45
C ASP KA 369 -40.11 -30.91 37.08
N ARG KA 370 -39.66 -31.76 36.16
CA ARG KA 370 -40.10 -31.67 34.78
C ARG KA 370 -40.28 -33.08 34.23
N THR KA 371 -41.39 -33.29 33.52
CA THR KA 371 -41.72 -34.60 32.94
C THR KA 371 -42.23 -34.38 31.52
N ILE KA 372 -41.45 -34.82 30.54
CA ILE KA 372 -41.86 -34.75 29.14
C ILE KA 372 -42.29 -36.15 28.70
N ARG KA 373 -43.52 -36.26 28.22
CA ARG KA 373 -44.03 -37.52 27.68
C ARG KA 373 -44.39 -37.34 26.21
N HIS KA 374 -43.82 -38.20 25.36
CA HIS KA 374 -44.08 -38.20 23.94
C HIS KA 374 -44.85 -39.47 23.57
N THR KA 375 -46.02 -39.30 22.98
CA THR KA 375 -46.92 -40.42 22.74
C THR KA 375 -47.34 -40.42 21.27
N LYS KA 376 -47.23 -41.58 20.62
CA LYS KA 376 -47.72 -41.79 19.27
C LYS KA 376 -48.81 -42.86 19.32
N MET KA 377 -50.07 -42.43 19.23
CA MET KA 377 -51.18 -43.37 19.33
C MET KA 377 -51.18 -44.36 18.16
N ASN KA 378 -51.57 -45.59 18.47
CA ASN KA 378 -51.63 -46.63 17.45
C ASN KA 378 -52.77 -46.37 16.48
N VAL KA 379 -52.52 -46.70 15.22
CA VAL KA 379 -53.51 -46.57 14.15
C VAL KA 379 -54.28 -47.88 14.06
N GLY KA 380 -55.60 -47.80 14.15
CA GLY KA 380 -56.44 -48.97 14.15
C GLY KA 380 -57.06 -49.35 15.49
N ASP KA 381 -57.02 -48.45 16.48
CA ASP KA 381 -57.61 -48.75 17.77
C ASP KA 381 -59.13 -48.68 17.69
N ILE KA 382 -59.79 -49.27 18.68
CA ILE KA 382 -61.24 -49.33 18.72
C ILE KA 382 -61.76 -48.13 19.51
N GLU KA 383 -62.72 -47.42 18.93
CA GLU KA 383 -63.37 -46.28 19.58
C GLU KA 383 -64.66 -46.66 20.29
N ARG KA 384 -65.55 -47.39 19.62
CA ARG KA 384 -66.86 -47.70 20.18
C ARG KA 384 -67.33 -49.01 19.57
N LEU KA 385 -67.65 -49.98 20.41
CA LEU KA 385 -68.06 -51.31 19.96
C LEU KA 385 -69.51 -51.56 20.39
N SER KA 386 -70.36 -51.89 19.43
CA SER KA 386 -71.73 -52.27 19.70
C SER KA 386 -71.99 -53.65 19.12
N VAL KA 387 -72.63 -54.50 19.91
CA VAL KA 387 -72.77 -55.92 19.58
C VAL KA 387 -74.23 -56.32 19.72
N ALA KA 388 -74.73 -57.04 18.72
CA ALA KA 388 -76.10 -57.55 18.73
C ALA KA 388 -76.05 -59.07 18.80
N VAL KA 389 -76.69 -59.64 19.82
CA VAL KA 389 -76.72 -61.08 20.04
C VAL KA 389 -78.18 -61.52 20.13
N VAL KA 390 -78.50 -62.61 19.47
CA VAL KA 390 -79.83 -63.21 19.50
C VAL KA 390 -79.69 -64.68 19.89
N VAL KA 391 -80.55 -65.12 20.82
CA VAL KA 391 -80.53 -66.50 21.27
C VAL KA 391 -81.84 -67.17 20.88
N ASN KA 392 -81.85 -68.50 20.87
CA ASN KA 392 -83.03 -69.27 20.52
C ASN KA 392 -83.85 -69.60 21.76
N TYR KA 393 -85.00 -70.22 21.53
CA TYR KA 393 -85.83 -70.73 22.63
C TYR KA 393 -85.36 -72.14 23.00
N LYS KA 394 -86.01 -72.75 23.98
CA LYS KA 394 -85.65 -74.10 24.42
C LYS KA 394 -86.79 -75.05 24.08
N THR KA 395 -86.53 -75.96 23.15
CA THR KA 395 -87.51 -76.98 22.75
C THR KA 395 -87.20 -78.25 23.52
N LEU KA 396 -88.11 -78.62 24.42
CA LEU KA 396 -87.93 -79.82 25.22
C LEU KA 396 -88.18 -81.07 24.39
N ALA KA 397 -88.16 -82.22 25.07
CA ALA KA 397 -88.41 -83.49 24.39
C ALA KA 397 -89.78 -83.50 23.71
N ASP KA 398 -90.78 -82.86 24.31
CA ASP KA 398 -92.07 -82.71 23.66
C ASP KA 398 -91.97 -81.88 22.39
N GLY KA 399 -91.16 -80.81 22.43
CA GLY KA 399 -91.00 -79.92 21.31
C GLY KA 399 -91.52 -78.51 21.52
N LYS KA 400 -92.03 -78.19 22.70
CA LYS KA 400 -92.56 -76.86 22.97
C LYS KA 400 -91.42 -75.86 23.11
N PRO KA 401 -91.42 -74.77 22.35
CA PRO KA 401 -90.34 -73.78 22.48
C PRO KA 401 -90.44 -72.95 23.74
N LEU KA 402 -89.95 -73.49 24.85
CA LEU KA 402 -90.02 -72.78 26.12
C LEU KA 402 -88.98 -71.66 26.17
N PRO KA 403 -89.39 -70.42 26.44
CA PRO KA 403 -88.42 -69.32 26.53
C PRO KA 403 -87.50 -69.48 27.73
N LEU KA 404 -86.37 -68.77 27.69
CA LEU KA 404 -85.39 -68.80 28.76
C LEU KA 404 -85.88 -68.01 29.97
N THR KA 405 -85.07 -67.95 31.03
CA THR KA 405 -85.42 -67.26 32.25
C THR KA 405 -84.61 -65.98 32.39
N ALA KA 406 -84.98 -65.17 33.38
CA ALA KA 406 -84.29 -63.89 33.60
C ALA KA 406 -82.86 -64.11 34.05
N ASP KA 407 -82.64 -65.08 34.93
CA ASP KA 407 -81.28 -65.35 35.41
C ASP KA 407 -80.37 -65.81 34.28
N GLN KA 408 -80.87 -66.68 33.41
CA GLN KA 408 -80.07 -67.13 32.28
C GLN KA 408 -79.79 -65.98 31.32
N MET KA 409 -80.77 -65.10 31.10
CA MET KA 409 -80.55 -63.93 30.25
C MET KA 409 -79.48 -63.02 30.84
N LYS KA 410 -79.51 -62.82 32.16
CA LYS KA 410 -78.49 -62.00 32.81
C LYS KA 410 -77.11 -62.64 32.66
N GLN KA 411 -77.05 -63.97 32.79
CA GLN KA 411 -75.78 -64.67 32.62
C GLN KA 411 -75.24 -64.49 31.20
N ILE KA 412 -76.12 -64.60 30.21
CA ILE KA 412 -75.71 -64.40 28.82
C ILE KA 412 -75.21 -62.97 28.61
N GLU KA 413 -75.91 -61.99 29.20
CA GLU KA 413 -75.48 -60.60 29.07
C GLU KA 413 -74.11 -60.40 29.68
N ASP KA 414 -73.87 -60.96 30.86
CA ASP KA 414 -72.57 -60.82 31.51
C ASP KA 414 -71.47 -61.49 30.69
N LEU KA 415 -71.74 -62.69 30.18
CA LEU KA 415 -70.74 -63.39 29.37
C LEU KA 415 -70.42 -62.61 28.11
N THR KA 416 -71.44 -62.05 27.45
CA THR KA 416 -71.20 -61.27 26.24
C THR KA 416 -70.42 -60.00 26.55
N ARG KA 417 -70.72 -59.36 27.68
CA ARG KA 417 -69.98 -58.17 28.09
C ARG KA 417 -68.51 -58.52 28.33
N GLU KA 418 -68.25 -59.66 28.95
CA GLU KA 418 -66.87 -60.10 29.19
C GLU KA 418 -66.15 -60.39 27.87
N ALA KA 419 -66.84 -61.09 26.95
CA ALA KA 419 -66.21 -61.48 25.69
C ALA KA 419 -65.92 -60.25 24.82
N MET KA 420 -66.86 -59.31 24.75
CA MET KA 420 -66.70 -58.16 23.88
C MET KA 420 -65.74 -57.12 24.45
N GLY KA 421 -65.26 -57.32 25.67
CA GLY KA 421 -64.46 -56.29 26.32
C GLY KA 421 -65.23 -55.03 26.61
N PHE KA 422 -66.45 -55.18 27.16
CA PHE KA 422 -67.33 -54.05 27.37
C PHE KA 422 -66.69 -53.01 28.28
N SER KA 423 -66.77 -51.75 27.87
CA SER KA 423 -66.26 -50.63 28.65
C SER KA 423 -67.21 -49.46 28.52
N ASP KA 424 -67.24 -48.62 29.55
CA ASP KA 424 -68.09 -47.44 29.56
C ASP KA 424 -67.39 -46.18 29.04
N LYS KA 425 -66.07 -46.10 29.14
CA LYS KA 425 -65.35 -44.97 28.56
C LYS KA 425 -65.48 -44.95 27.04
N ARG KA 426 -65.40 -46.12 26.41
CA ARG KA 426 -65.58 -46.20 24.96
C ARG KA 426 -66.99 -45.81 24.56
N GLY KA 427 -67.98 -46.25 25.33
CA GLY KA 427 -69.37 -46.01 24.99
C GLY KA 427 -70.01 -47.22 24.36
N ASP KA 428 -69.59 -48.40 24.80
CA ASP KA 428 -70.05 -49.66 24.23
C ASP KA 428 -71.51 -49.90 24.58
N THR KA 429 -72.26 -50.45 23.62
CA THR KA 429 -73.66 -50.81 23.82
C THR KA 429 -73.84 -52.28 23.46
N LEU KA 430 -74.60 -53.00 24.29
CA LEU KA 430 -74.87 -54.41 24.07
C LEU KA 430 -76.37 -54.66 24.18
N ASN KA 431 -76.90 -55.47 23.28
CA ASN KA 431 -78.32 -55.83 23.28
C ASN KA 431 -78.44 -57.32 22.99
N VAL KA 432 -78.95 -58.07 23.96
CA VAL KA 432 -79.22 -59.50 23.80
C VAL KA 432 -80.72 -59.72 24.00
N VAL KA 433 -81.38 -60.30 23.00
CA VAL KA 433 -82.81 -60.55 23.03
C VAL KA 433 -83.03 -62.04 22.82
N ASN KA 434 -84.15 -62.54 23.33
CA ASN KA 434 -84.52 -63.94 23.20
C ASN KA 434 -85.73 -64.07 22.29
N SER KA 435 -85.62 -64.92 21.27
CA SER KA 435 -86.71 -65.14 20.33
C SER KA 435 -86.54 -66.49 19.65
N PRO KA 436 -87.63 -67.17 19.29
CA PRO KA 436 -87.50 -68.48 18.63
C PRO KA 436 -86.98 -68.32 17.20
N PHE KA 437 -86.03 -69.17 16.84
CA PHE KA 437 -85.45 -69.13 15.50
C PHE KA 437 -86.44 -69.67 14.47
N SER KA 438 -86.37 -69.14 13.26
CA SER KA 438 -87.22 -69.61 12.18
C SER KA 438 -86.65 -70.89 11.58
N ALA KA 439 -87.51 -71.62 10.88
CA ALA KA 439 -87.12 -72.88 10.25
C ALA KA 439 -86.22 -72.62 9.03
N ASP LA 229 -62.32 -40.70 -11.85
CA ASP LA 229 -61.07 -41.28 -11.39
C ASP LA 229 -61.11 -41.56 -9.89
N LEU LA 230 -60.70 -40.57 -9.09
CA LEU LA 230 -60.74 -40.72 -7.64
C LEU LA 230 -62.19 -40.77 -7.14
N ASN LA 231 -63.08 -40.05 -7.82
CA ASN LA 231 -64.49 -40.03 -7.43
C ASN LA 231 -65.10 -41.41 -7.51
N ASP LA 232 -64.75 -42.17 -8.55
CA ASP LA 232 -65.26 -43.53 -8.69
C ASP LA 232 -64.75 -44.43 -7.57
N ALA LA 233 -63.48 -44.25 -7.19
CA ALA LA 233 -62.94 -45.03 -6.07
C ALA LA 233 -63.68 -44.71 -4.78
N GLN LA 234 -63.95 -43.42 -4.54
CA GLN LA 234 -64.71 -43.03 -3.35
C GLN LA 234 -66.12 -43.63 -3.38
N LEU LA 235 -66.76 -43.61 -4.54
CA LEU LA 235 -68.10 -44.16 -4.66
C LEU LA 235 -68.12 -45.66 -4.42
N LYS LA 236 -67.13 -46.38 -4.94
CA LYS LA 236 -67.03 -47.81 -4.68
C LYS LA 236 -66.78 -48.09 -3.20
N PHE LA 237 -65.96 -47.24 -2.56
CA PHE LA 237 -65.75 -47.36 -1.12
C PHE LA 237 -67.06 -47.20 -0.36
N ALA LA 238 -67.86 -46.19 -0.72
CA ALA LA 238 -69.17 -46.01 -0.10
C ALA LA 238 -70.08 -47.20 -0.34
N ASN LA 239 -70.09 -47.72 -1.56
CA ASN LA 239 -70.93 -48.88 -1.87
C ASN LA 239 -70.55 -50.09 -1.05
N ASP LA 240 -69.24 -50.37 -0.91
CA ASP LA 240 -68.82 -51.49 -0.09
C ASP LA 240 -69.21 -51.32 1.37
N VAL LA 241 -69.02 -50.11 1.92
CA VAL LA 241 -69.42 -49.88 3.31
C VAL LA 241 -70.91 -50.10 3.49
N GLU LA 242 -71.72 -49.56 2.58
CA GLU LA 242 -73.17 -49.72 2.69
C GLU LA 242 -73.57 -51.18 2.57
N SER LA 243 -72.95 -51.92 1.64
CA SER LA 243 -73.28 -53.33 1.47
C SER LA 243 -72.94 -54.14 2.71
N ARG LA 244 -71.80 -53.85 3.34
CA ARG LA 244 -71.41 -54.59 4.54
C ARG LA 244 -72.32 -54.27 5.72
N ILE LA 245 -72.73 -53.00 5.87
CA ILE LA 245 -73.71 -52.68 6.92
C ILE LA 245 -75.03 -53.40 6.65
N GLN LA 246 -75.46 -53.43 5.39
CA GLN LA 246 -76.68 -54.15 5.03
C GLN LA 246 -76.58 -55.62 5.38
N ARG LA 247 -75.45 -56.25 5.05
CA ARG LA 247 -75.27 -57.67 5.34
C ARG LA 247 -75.24 -57.93 6.84
N ARG LA 248 -74.60 -57.05 7.61
CA ARG LA 248 -74.57 -57.23 9.05
C ARG LA 248 -75.98 -57.15 9.65
N ILE LA 249 -76.80 -56.21 9.15
CA ILE LA 249 -78.18 -56.13 9.63
C ILE LA 249 -78.95 -57.40 9.26
N GLU LA 250 -78.81 -57.84 8.01
CA GLU LA 250 -79.54 -59.02 7.54
C GLU LA 250 -79.15 -60.26 8.32
N ALA LA 251 -77.88 -60.36 8.71
CA ALA LA 251 -77.39 -61.54 9.41
C ALA LA 251 -78.12 -61.78 10.72
N ILE LA 252 -78.38 -60.72 11.49
CA ILE LA 252 -79.08 -60.89 12.76
C ILE LA 252 -80.59 -60.90 12.54
N LEU LA 253 -81.06 -60.22 11.49
CA LEU LA 253 -82.51 -60.16 11.29
C LEU LA 253 -83.04 -61.42 10.63
N SER LA 254 -82.15 -62.27 10.10
CA SER LA 254 -82.56 -63.51 9.43
C SER LA 254 -83.06 -64.59 10.39
N PRO LA 255 -82.31 -64.95 11.46
CA PRO LA 255 -82.71 -66.11 12.28
C PRO LA 255 -84.10 -66.00 12.90
N ILE LA 256 -84.51 -64.81 13.32
CA ILE LA 256 -85.81 -64.64 13.96
C ILE LA 256 -86.87 -64.33 12.90
N VAL LA 257 -86.68 -63.41 11.99
CA VAL LA 257 -87.80 -63.03 11.04
C VAL LA 257 -87.87 -64.08 9.93
N GLY LA 258 -86.73 -64.63 9.53
CA GLY LA 258 -86.70 -65.68 8.52
C GLY LA 258 -86.00 -65.25 7.25
N ASN LA 259 -85.43 -66.16 6.48
CA ASN LA 259 -84.83 -65.79 5.19
C ASN LA 259 -85.84 -65.15 4.25
N GLY LA 260 -85.49 -64.01 3.65
CA GLY LA 260 -86.34 -63.27 2.70
C GLY LA 260 -87.46 -62.48 3.36
N ASN LA 261 -87.64 -62.63 4.66
CA ASN LA 261 -88.75 -61.95 5.32
C ASN LA 261 -88.21 -60.64 5.86
N VAL LA 262 -87.01 -60.29 5.41
CA VAL LA 262 -86.43 -59.02 5.82
C VAL LA 262 -85.58 -58.47 4.68
N HIS LA 263 -85.74 -57.18 4.40
CA HIS LA 263 -84.94 -56.46 3.41
C HIS LA 263 -84.49 -55.14 4.02
N ALA LA 264 -83.21 -54.82 3.84
CA ALA LA 264 -82.65 -53.57 4.35
C ALA LA 264 -81.71 -52.98 3.31
N GLN LA 265 -81.66 -51.64 3.26
CA GLN LA 265 -80.73 -50.92 2.42
C GLN LA 265 -80.12 -49.77 3.21
N VAL LA 266 -78.84 -49.50 2.96
CA VAL LA 266 -78.06 -48.54 3.74
C VAL LA 266 -77.50 -47.50 2.79
N THR LA 267 -77.58 -46.23 3.20
CA THR LA 267 -76.88 -45.14 2.53
C THR LA 267 -75.94 -44.47 3.53
N ALA LA 268 -74.76 -44.06 3.08
CA ALA LA 268 -73.72 -43.54 3.95
C ALA LA 268 -73.23 -42.20 3.43
N GLN LA 269 -73.25 -41.19 4.29
CA GLN LA 269 -72.61 -39.91 4.00
C GLN LA 269 -71.19 -39.95 4.57
N LEU LA 270 -70.21 -39.93 3.69
CA LEU LA 270 -68.82 -40.19 4.05
C LEU LA 270 -68.02 -38.89 4.10
N ASP LA 271 -66.77 -39.01 4.54
CA ASP LA 271 -65.87 -37.88 4.73
C ASP LA 271 -64.61 -38.10 3.90
N PHE LA 272 -64.52 -37.41 2.77
CA PHE LA 272 -63.37 -37.51 1.87
C PHE LA 272 -62.59 -36.20 1.84
N ALA LA 273 -62.61 -35.46 2.93
CA ALA LA 273 -61.92 -34.16 3.04
C ALA LA 273 -60.71 -34.34 3.94
N ASN LA 274 -59.53 -34.05 3.39
CA ASN LA 274 -58.29 -34.14 4.16
C ASN LA 274 -58.19 -33.01 5.17
N LYS LA 275 -58.14 -33.35 6.45
CA LYS LA 275 -58.02 -32.36 7.51
C LYS LA 275 -56.78 -32.63 8.37
N GLU LA 276 -56.08 -31.56 8.72
CA GLU LA 276 -54.92 -31.62 9.57
C GLU LA 276 -55.08 -30.60 10.69
N GLN LA 277 -54.81 -31.01 11.92
CA GLN LA 277 -55.09 -30.16 13.06
C GLN LA 277 -53.96 -30.27 14.09
N THR LA 278 -53.57 -29.12 14.63
CA THR LA 278 -52.56 -29.04 15.69
C THR LA 278 -53.20 -28.31 16.86
N GLU LA 279 -53.19 -28.92 18.04
CA GLU LA 279 -53.84 -28.38 19.23
C GLU LA 279 -52.80 -28.10 20.30
N GLU LA 280 -52.86 -26.91 20.89
CA GLU LA 280 -51.99 -26.51 21.98
C GLU LA 280 -52.83 -26.15 23.19
N HIS LA 281 -52.49 -26.71 24.35
CA HIS LA 281 -53.24 -26.48 25.58
C HIS LA 281 -52.27 -26.06 26.68
N TYR LA 282 -52.63 -25.00 27.40
CA TYR LA 282 -51.86 -24.53 28.54
C TYR LA 282 -52.67 -24.70 29.81
N SER LA 283 -52.07 -25.34 30.81
CA SER LA 283 -52.74 -25.47 32.10
C SER LA 283 -52.76 -24.11 32.81
N PRO LA 284 -53.90 -23.71 33.36
CA PRO LA 284 -53.96 -22.41 34.04
C PRO LA 284 -53.08 -22.39 35.28
N ASN LA 285 -52.47 -21.23 35.54
CA ASN LA 285 -51.59 -21.06 36.69
C ASN LA 285 -51.96 -19.83 37.52
N GLY LA 286 -53.21 -19.38 37.44
CA GLY LA 286 -53.65 -18.22 38.20
C GLY LA 286 -53.72 -18.45 39.69
N ASP LA 287 -53.84 -19.70 40.13
CA ASP LA 287 -53.88 -20.01 41.57
C ASP LA 287 -52.44 -20.24 42.03
N ALA LA 288 -52.08 -19.62 43.16
CA ALA LA 288 -50.73 -19.74 43.68
C ALA LA 288 -50.36 -21.15 44.11
N SER LA 289 -51.35 -22.02 44.34
CA SER LA 289 -51.09 -23.38 44.77
C SER LA 289 -50.58 -24.28 43.65
N LYS LA 290 -51.07 -24.10 42.42
CA LYS LA 290 -50.63 -24.89 41.28
C LYS LA 290 -49.65 -24.16 40.38
N ALA LA 291 -49.17 -22.98 40.79
CA ALA LA 291 -48.29 -22.17 39.96
C ALA LA 291 -46.85 -22.64 40.14
N THR LA 292 -46.18 -22.92 39.02
CA THR LA 292 -44.78 -23.32 39.04
C THR LA 292 -43.90 -22.11 38.72
N LEU LA 293 -42.87 -21.90 39.54
CA LEU LA 293 -42.05 -20.71 39.47
C LEU LA 293 -40.59 -21.06 39.23
N ARG LA 294 -39.92 -20.21 38.45
CA ARG LA 294 -38.47 -20.28 38.27
C ARG LA 294 -37.71 -19.20 39.02
N SER LA 295 -38.20 -17.96 39.00
CA SER LA 295 -37.53 -16.87 39.70
C SER LA 295 -38.60 -15.91 40.21
N ARG LA 296 -38.36 -15.37 41.40
CA ARG LA 296 -39.34 -14.52 42.06
C ARG LA 296 -38.60 -13.45 42.86
N GLN LA 297 -38.93 -12.19 42.60
CA GLN LA 297 -38.35 -11.06 43.32
C GLN LA 297 -39.48 -10.31 44.02
N LEU LA 298 -39.39 -10.22 45.34
CA LEU LA 298 -40.42 -9.61 46.17
C LEU LA 298 -39.78 -8.52 47.04
N ASN LA 299 -39.89 -7.28 46.61
CA ASN LA 299 -39.39 -6.15 47.39
C ASN LA 299 -40.53 -5.55 48.19
N ILE LA 300 -40.39 -5.53 49.51
CA ILE LA 300 -41.42 -5.05 50.42
C ILE LA 300 -40.85 -3.93 51.27
N SER LA 301 -41.58 -2.82 51.34
CA SER LA 301 -41.15 -1.67 52.12
C SER LA 301 -42.34 -1.10 52.89
N GLU LA 302 -42.14 -0.81 54.17
CA GLU LA 302 -43.18 -0.23 55.01
C GLU LA 302 -42.52 0.83 55.91
N GLN LA 303 -42.71 2.10 55.56
CA GLN LA 303 -42.15 3.21 56.32
C GLN LA 303 -43.29 3.87 57.11
N VAL LA 304 -43.53 3.35 58.31
CA VAL LA 304 -44.57 3.89 59.19
C VAL LA 304 -44.03 5.12 59.90
N GLY LA 305 -44.78 6.22 59.87
CA GLY LA 305 -44.36 7.45 60.52
C GLY LA 305 -45.08 7.71 61.83
N ALA LA 353 -54.16 6.63 60.02
CA ALA LA 353 -53.06 5.74 59.68
C ALA LA 353 -51.73 6.49 59.70
N GLY LA 354 -51.80 7.81 59.82
CA GLY LA 354 -50.62 8.63 59.85
C GLY LA 354 -49.92 8.68 58.51
N PRO LA 355 -48.62 9.00 58.51
CA PRO LA 355 -47.87 9.05 57.26
C PRO LA 355 -47.30 7.70 56.85
N ARG LA 356 -48.17 6.70 56.73
CA ARG LA 356 -47.74 5.37 56.33
C ARG LA 356 -47.33 5.36 54.86
N SER LA 357 -46.43 4.44 54.51
CA SER LA 357 -45.97 4.30 53.14
C SER LA 357 -45.63 2.84 52.82
N THR LA 358 -46.58 2.13 52.22
CA THR LA 358 -46.35 0.74 51.86
C THR LA 358 -46.02 0.63 50.37
N GLN LA 359 -45.07 -0.25 50.06
CA GLN LA 359 -44.62 -0.42 48.67
C GLN LA 359 -44.22 -1.88 48.49
N ARG LA 360 -44.85 -2.55 47.53
CA ARG LA 360 -44.57 -3.95 47.24
C ARG LA 360 -44.35 -4.10 45.73
N ASN LA 361 -43.13 -4.46 45.35
CA ASN LA 361 -42.76 -4.71 43.96
C ASN LA 361 -42.52 -6.21 43.80
N GLU LA 362 -43.40 -6.87 43.06
CA GLU LA 362 -43.35 -8.32 42.89
C GLU LA 362 -43.16 -8.67 41.42
N THR LA 363 -42.16 -9.49 41.13
CA THR LA 363 -41.89 -9.97 39.78
C THR LA 363 -41.78 -11.49 39.85
N SER LA 364 -42.53 -12.18 38.99
CA SER LA 364 -42.60 -13.63 39.01
C SER LA 364 -42.47 -14.17 37.59
N ASN LA 365 -41.62 -15.17 37.42
CA ASN LA 365 -41.48 -15.88 36.16
C ASN LA 365 -41.98 -17.31 36.35
N TYR LA 366 -42.90 -17.74 35.49
CA TYR LA 366 -43.58 -19.01 35.65
C TYR LA 366 -43.16 -19.99 34.56
N GLU LA 367 -43.30 -21.28 34.87
CA GLU LA 367 -43.21 -22.37 33.90
C GLU LA 367 -44.55 -23.09 33.86
N VAL LA 368 -45.06 -23.30 32.65
CA VAL LA 368 -46.42 -23.77 32.47
C VAL LA 368 -46.43 -25.13 31.80
N ASP LA 369 -47.44 -25.93 32.11
CA ASP LA 369 -47.65 -27.20 31.43
C ASP LA 369 -48.08 -26.96 30.00
N ARG LA 370 -47.62 -27.82 29.10
CA ARG LA 370 -47.86 -27.64 27.68
C ARG LA 370 -48.14 -28.98 27.04
N THR LA 371 -49.15 -29.04 26.18
CA THR LA 371 -49.56 -30.27 25.51
C THR LA 371 -49.85 -29.93 24.04
N ILE LA 372 -49.00 -30.44 23.15
CA ILE LA 372 -49.21 -30.27 21.72
C ILE LA 372 -49.73 -31.58 21.15
N ARG LA 373 -50.90 -31.53 20.51
CA ARG LA 373 -51.47 -32.69 19.84
C ARG LA 373 -51.61 -32.42 18.36
N HIS LA 374 -51.03 -33.31 17.55
CA HIS LA 374 -51.11 -33.23 16.10
C HIS LA 374 -51.96 -34.38 15.58
N THR LA 375 -53.02 -34.05 14.84
CA THR LA 375 -54.00 -35.04 14.42
C THR LA 375 -54.23 -34.94 12.93
N LYS LA 376 -54.17 -36.08 12.24
CA LYS LA 376 -54.50 -36.17 10.83
C LYS LA 376 -55.70 -37.10 10.69
N MET LA 377 -56.88 -36.51 10.45
CA MET LA 377 -58.09 -37.32 10.37
C MET LA 377 -58.05 -38.25 9.17
N ASN LA 378 -58.61 -39.43 9.34
CA ASN LA 378 -58.67 -40.42 8.28
C ASN LA 378 -59.62 -39.99 7.18
N VAL LA 379 -59.26 -40.30 5.94
CA VAL LA 379 -60.08 -40.01 4.78
C VAL LA 379 -60.97 -41.22 4.52
N GLY LA 380 -62.27 -40.98 4.44
CA GLY LA 380 -63.25 -42.03 4.27
C GLY LA 380 -64.07 -42.37 5.50
N ASP LA 381 -64.06 -41.53 6.53
CA ASP LA 381 -64.84 -41.79 7.72
C ASP LA 381 -66.32 -41.53 7.44
N ILE LA 382 -67.17 -42.06 8.31
CA ILE LA 382 -68.62 -41.96 8.17
C ILE LA 382 -69.09 -40.72 8.94
N GLU LA 383 -69.88 -39.88 8.28
CA GLU LA 383 -70.46 -38.69 8.91
C GLU LA 383 -71.87 -38.92 9.42
N ARG LA 384 -72.74 -39.51 8.60
CA ARG LA 384 -74.14 -39.68 8.97
C ARG LA 384 -74.67 -40.90 8.24
N LEU LA 385 -75.22 -41.86 8.98
CA LEU LA 385 -75.73 -43.10 8.42
C LEU LA 385 -77.23 -43.19 8.64
N SER LA 386 -77.98 -43.38 7.56
CA SER LA 386 -79.43 -43.59 7.64
C SER LA 386 -79.76 -44.91 6.95
N VAL LA 387 -80.60 -45.70 7.61
CA VAL LA 387 -80.86 -47.08 7.20
C VAL LA 387 -82.36 -47.29 7.13
N ALA LA 388 -82.81 -47.92 6.04
CA ALA LA 388 -84.22 -48.25 5.85
C ALA LA 388 -84.35 -49.77 5.84
N VAL LA 389 -85.18 -50.28 6.75
CA VAL LA 389 -85.42 -51.71 6.89
C VAL LA 389 -86.92 -51.98 6.77
N VAL LA 390 -87.27 -53.00 6.01
CA VAL LA 390 -88.66 -53.43 5.85
C VAL LA 390 -88.75 -54.91 6.17
N VAL LA 391 -89.75 -55.28 6.96
CA VAL LA 391 -89.97 -56.67 7.33
C VAL LA 391 -91.29 -57.14 6.75
N ASN LA 392 -91.46 -58.46 6.67
CA ASN LA 392 -92.66 -59.07 6.13
C ASN LA 392 -93.67 -59.35 7.25
N TYR LA 393 -94.85 -59.81 6.84
CA TYR LA 393 -95.87 -60.25 7.79
C TYR LA 393 -95.63 -61.71 8.14
N LYS LA 394 -96.47 -62.28 9.00
CA LYS LA 394 -96.34 -63.67 9.42
C LYS LA 394 -97.53 -64.46 8.88
N THR LA 395 -97.25 -65.37 7.94
CA THR LA 395 -98.28 -66.24 7.37
C THR LA 395 -98.24 -67.57 8.12
N LEU LA 396 -99.30 -67.85 8.87
CA LEU LA 396 -99.37 -69.09 9.63
C LEU LA 396 -99.64 -70.27 8.70
N ALA LA 397 -99.86 -71.44 9.32
CA ALA LA 397 -100.17 -72.64 8.55
C ALA LA 397 -101.42 -72.47 7.70
N ASP LA 398 -102.39 -71.71 8.20
CA ASP LA 398 -103.57 -71.39 7.40
C ASP LA 398 -103.20 -70.52 6.20
N GLY LA 399 -102.29 -69.57 6.40
CA GLY LA 399 -101.86 -68.66 5.35
C GLY LA 399 -102.25 -67.22 5.57
N LYS LA 400 -102.86 -66.88 6.69
CA LYS LA 400 -103.26 -65.51 6.95
C LYS LA 400 -102.05 -64.66 7.29
N PRO LA 401 -101.82 -63.54 6.59
CA PRO LA 401 -100.65 -62.70 6.91
C PRO LA 401 -100.83 -61.91 8.18
N LEU LA 402 -100.54 -62.54 9.32
CA LEU LA 402 -100.70 -61.88 10.61
C LEU LA 402 -99.56 -60.90 10.84
N PRO LA 403 -99.84 -59.62 11.12
CA PRO LA 403 -98.77 -58.67 11.39
C PRO LA 403 -98.05 -58.98 12.70
N LEU LA 404 -96.85 -58.41 12.83
CA LEU LA 404 -96.03 -58.61 14.02
C LEU LA 404 -96.58 -57.79 15.19
N THR LA 405 -95.92 -57.88 16.35
CA THR LA 405 -96.35 -57.20 17.56
C THR LA 405 -95.41 -56.03 17.86
N ALA LA 406 -95.80 -55.21 18.82
CA ALA LA 406 -95.01 -54.04 19.19
C ALA LA 406 -93.68 -54.44 19.82
N ASP LA 407 -93.70 -55.48 20.67
CA ASP LA 407 -92.46 -55.94 21.31
C ASP LA 407 -91.47 -56.45 20.27
N GLN LA 408 -91.95 -57.24 19.31
CA GLN LA 408 -91.07 -57.74 18.27
C GLN LA 408 -90.52 -56.60 17.42
N MET LA 409 -91.36 -55.59 17.12
CA MET LA 409 -90.88 -54.44 16.37
C MET LA 409 -89.80 -53.68 17.13
N LYS LA 410 -89.98 -53.52 18.44
CA LYS LA 410 -88.97 -52.86 19.26
C LYS LA 410 -87.67 -53.65 19.26
N GLN LA 411 -87.78 -54.99 19.34
CA GLN LA 411 -86.60 -55.83 19.29
C GLN LA 411 -85.86 -55.67 17.96
N ILE LA 412 -86.60 -55.64 16.85
CA ILE LA 412 -85.99 -55.44 15.54
C ILE LA 412 -85.30 -54.08 15.48
N GLU LA 413 -85.95 -53.05 16.01
CA GLU LA 413 -85.36 -51.72 16.01
C GLU LA 413 -84.05 -51.70 16.80
N ASP LA 414 -84.05 -52.33 17.98
CA ASP LA 414 -82.84 -52.38 18.80
C ASP LA 414 -81.72 -53.14 18.09
N LEU LA 415 -82.06 -54.29 17.49
CA LEU LA 415 -81.06 -55.09 16.78
C LEU LA 415 -80.47 -54.30 15.60
N THR LA 416 -81.32 -53.60 14.85
CA THR LA 416 -80.84 -52.81 13.72
C THR LA 416 -79.96 -51.66 14.20
N ARG LA 417 -80.33 -51.03 15.32
CA ARG LA 417 -79.51 -49.96 15.88
C ARG LA 417 -78.14 -50.49 16.28
N GLU LA 418 -78.10 -51.69 16.87
CA GLU LA 418 -76.83 -52.29 17.25
C GLU LA 418 -75.99 -52.63 16.03
N ALA LA 419 -76.62 -53.20 15.00
CA ALA LA 419 -75.88 -53.62 13.81
C ALA LA 419 -75.33 -52.41 13.05
N MET LA 420 -76.13 -51.35 12.91
CA MET LA 420 -75.73 -50.20 12.13
C MET LA 420 -74.73 -49.32 12.86
N GLY LA 421 -74.44 -49.61 14.13
CA GLY LA 421 -73.62 -48.72 14.92
C GLY LA 421 -74.28 -47.39 15.18
N PHE LA 422 -75.56 -47.40 15.56
CA PHE LA 422 -76.32 -46.17 15.71
C PHE LA 422 -75.69 -45.26 16.75
N SER LA 423 -75.57 -43.99 16.39
CA SER LA 423 -75.03 -42.97 17.29
C SER LA 423 -75.82 -41.69 17.09
N ASP LA 424 -75.88 -40.87 18.16
CA ASP LA 424 -76.57 -39.60 18.11
C ASP LA 424 -75.68 -38.43 17.75
N LYS LA 425 -74.37 -38.51 18.02
CA LYS LA 425 -73.46 -37.47 17.61
C LYS LA 425 -73.39 -37.37 16.09
N ARG LA 426 -73.35 -38.52 15.41
CA ARG LA 426 -73.34 -38.52 13.95
C ARG LA 426 -74.64 -37.95 13.39
N GLY LA 427 -75.76 -38.28 14.00
CA GLY LA 427 -77.06 -37.86 13.50
C GLY LA 427 -77.75 -38.97 12.73
N ASP LA 428 -77.54 -40.21 13.16
CA ASP LA 428 -78.05 -41.38 12.48
C ASP LA 428 -79.57 -41.44 12.62
N THR LA 429 -80.24 -41.87 11.55
CA THR LA 429 -81.69 -42.05 11.54
C THR LA 429 -81.99 -43.47 11.10
N LEU LA 430 -82.94 -44.12 11.78
CA LEU LA 430 -83.35 -45.48 11.46
C LEU LA 430 -84.87 -45.54 11.37
N ASN LA 431 -85.36 -46.25 10.36
CA ASN LA 431 -86.80 -46.43 10.15
C ASN LA 431 -87.06 -47.88 9.78
N VAL LA 432 -87.78 -48.60 10.64
CA VAL LA 432 -88.20 -49.97 10.37
C VAL LA 432 -89.71 -50.01 10.37
N VAL LA 433 -90.30 -50.46 9.27
CA VAL LA 433 -91.75 -50.54 9.10
C VAL LA 433 -92.12 -51.99 8.78
N ASN LA 434 -93.35 -52.36 9.12
CA ASN LA 434 -93.85 -53.70 8.87
C ASN LA 434 -94.94 -53.64 7.80
N SER LA 435 -94.80 -54.47 6.77
CA SER LA 435 -95.77 -54.51 5.68
C SER LA 435 -95.67 -55.85 4.96
N PRO LA 436 -96.78 -56.38 4.43
CA PRO LA 436 -96.71 -57.66 3.73
C PRO LA 436 -96.00 -57.52 2.39
N PHE LA 437 -95.10 -58.47 2.11
CA PHE LA 437 -94.36 -58.45 0.86
C PHE LA 437 -95.27 -58.84 -0.30
N SER LA 438 -94.97 -58.27 -1.47
CA SER LA 438 -95.71 -58.60 -2.68
C SER LA 438 -95.22 -59.92 -3.28
N ALA LA 439 -96.07 -60.51 -4.11
CA ALA LA 439 -95.74 -61.78 -4.75
C ALA LA 439 -94.67 -61.61 -5.82
N ASP MA 229 -64.58 -32.18 -21.80
CA ASP MA 229 -63.47 -32.93 -21.21
C ASP MA 229 -63.75 -33.25 -19.75
N LEU MA 230 -63.33 -32.35 -18.86
CA LEU MA 230 -63.59 -32.55 -17.43
C LEU MA 230 -65.07 -32.43 -17.13
N ASN MA 231 -65.78 -31.59 -17.88
CA ASN MA 231 -67.21 -31.41 -17.66
C ASN MA 231 -67.97 -32.70 -17.91
N ASP MA 232 -67.58 -33.46 -18.93
CA ASP MA 232 -68.22 -34.73 -19.20
C ASP MA 232 -67.98 -35.73 -18.07
N ALA MA 233 -66.76 -35.73 -17.52
CA ALA MA 233 -66.48 -36.61 -16.38
C ALA MA 233 -67.33 -36.23 -15.18
N GLN MA 234 -67.48 -34.93 -14.92
CA GLN MA 234 -68.34 -34.49 -13.82
C GLN MA 234 -69.79 -34.92 -14.05
N LEU MA 235 -70.26 -34.78 -15.29
CA LEU MA 235 -71.63 -35.15 -15.62
C LEU MA 235 -71.86 -36.64 -15.44
N LYS MA 236 -70.90 -37.46 -15.87
CA LYS MA 236 -71.01 -38.90 -15.67
C LYS MA 236 -70.99 -39.26 -14.20
N PHE MA 237 -70.17 -38.54 -13.41
CA PHE MA 237 -70.17 -38.74 -11.96
C PHE MA 237 -71.54 -38.44 -11.37
N ALA MA 238 -72.17 -37.34 -11.78
CA ALA MA 238 -73.51 -37.01 -11.31
C ALA MA 238 -74.52 -38.07 -11.74
N ASN MA 239 -74.43 -38.55 -12.98
CA ASN MA 239 -75.35 -39.58 -13.45
C ASN MA 239 -75.23 -40.86 -12.65
N ASP MA 240 -74.00 -41.29 -12.35
CA ASP MA 240 -73.82 -42.49 -11.55
C ASP MA 240 -74.37 -42.31 -10.14
N VAL MA 241 -74.13 -41.16 -9.52
CA VAL MA 241 -74.66 -40.93 -8.17
C VAL MA 241 -76.20 -40.97 -8.20
N GLU MA 242 -76.80 -40.31 -9.18
CA GLU MA 242 -78.26 -40.29 -9.27
C GLU MA 242 -78.81 -41.68 -9.50
N SER MA 243 -78.16 -42.46 -10.38
CA SER MA 243 -78.64 -43.81 -10.67
C SER MA 243 -78.57 -44.70 -9.44
N ARG MA 244 -77.48 -44.57 -8.66
CA ARG MA 244 -77.36 -45.40 -7.45
C ARG MA 244 -78.37 -45.01 -6.38
N ILE MA 245 -78.64 -43.70 -6.23
CA ILE MA 245 -79.70 -43.30 -5.30
C ILE MA 245 -81.05 -43.85 -5.76
N GLN MA 246 -81.31 -43.78 -7.07
CA GLN MA 246 -82.55 -44.33 -7.62
C GLN MA 246 -82.67 -45.81 -7.34
N ARG MA 247 -81.59 -46.57 -7.54
CA ARG MA 247 -81.63 -48.00 -7.31
C ARG MA 247 -81.83 -48.32 -5.84
N ARG MA 248 -81.19 -47.55 -4.96
CA ARG MA 248 -81.38 -47.77 -3.53
C ARG MA 248 -82.83 -47.54 -3.11
N ILE MA 249 -83.46 -46.51 -3.66
CA ILE MA 249 -84.88 -46.27 -3.36
C ILE MA 249 -85.72 -47.42 -3.88
N GLU MA 250 -85.49 -47.82 -5.13
CA GLU MA 250 -86.27 -48.88 -5.75
C GLU MA 250 -86.15 -50.20 -5.00
N ALA MA 251 -84.97 -50.46 -4.45
CA ALA MA 251 -84.71 -51.71 -3.75
C ALA MA 251 -85.64 -51.92 -2.56
N ILE MA 252 -85.87 -50.85 -1.78
CA ILE MA 252 -86.75 -50.98 -0.62
C ILE MA 252 -88.20 -50.79 -1.03
N LEU MA 253 -88.45 -50.03 -2.10
CA LEU MA 253 -89.84 -49.78 -2.48
C LEU MA 253 -90.43 -50.95 -3.25
N SER MA 254 -89.58 -51.87 -3.71
CA SER MA 254 -90.04 -53.02 -4.49
C SER MA 254 -90.78 -54.08 -3.66
N PRO MA 255 -90.23 -54.56 -2.52
CA PRO MA 255 -90.88 -55.68 -1.83
C PRO MA 255 -92.31 -55.44 -1.39
N ILE MA 256 -92.63 -54.22 -0.95
CA ILE MA 256 -93.97 -53.90 -0.48
C ILE MA 256 -94.83 -53.44 -1.65
N VAL MA 257 -94.43 -52.51 -2.49
CA VAL MA 257 -95.34 -51.96 -3.55
C VAL MA 257 -95.39 -52.96 -4.70
N GLY MA 258 -94.29 -53.63 -4.99
CA GLY MA 258 -94.24 -54.64 -6.05
C GLY MA 258 -93.33 -54.24 -7.18
N ASN MA 259 -92.79 -55.20 -7.91
CA ASN MA 259 -91.97 -54.86 -9.10
C ASN MA 259 -92.77 -54.06 -10.13
N GLY MA 260 -92.21 -52.95 -10.62
CA GLY MA 260 -92.83 -52.09 -11.64
C GLY MA 260 -93.92 -51.19 -11.07
N ASN MA 261 -94.29 -51.36 -9.83
CA ASN MA 261 -95.40 -50.56 -9.29
C ASN MA 261 -94.78 -49.35 -8.61
N VAL MA 262 -93.50 -49.16 -8.87
CA VAL MA 262 -92.83 -47.97 -8.34
C VAL MA 262 -91.77 -47.50 -9.33
N HIS MA 263 -91.74 -46.18 -9.57
CA HIS MA 263 -90.74 -45.53 -10.41
C HIS MA 263 -90.22 -44.30 -9.68
N ALA MA 264 -88.90 -44.14 -9.67
CA ALA MA 264 -88.26 -42.99 -9.03
C ALA MA 264 -87.13 -42.48 -9.91
N GLN MA 265 -86.92 -41.16 -9.88
CA GLN MA 265 -85.80 -40.52 -10.57
C GLN MA 265 -85.17 -39.50 -9.64
N VAL MA 266 -83.84 -39.38 -9.71
CA VAL MA 266 -83.07 -38.55 -8.80
C VAL MA 266 -82.27 -37.54 -9.61
N THR MA 267 -82.25 -36.30 -9.14
CA THR MA 267 -81.33 -35.28 -9.66
C THR MA 267 -80.47 -34.77 -8.50
N ALA MA 268 -79.21 -34.50 -8.79
CA ALA MA 268 -78.23 -34.14 -7.76
C ALA MA 268 -77.53 -32.85 -8.15
N GLN MA 269 -77.54 -31.87 -7.24
CA GLN MA 269 -76.72 -30.68 -7.38
C GLN MA 269 -75.41 -30.92 -6.65
N LEU MA 270 -74.32 -30.98 -7.39
CA LEU MA 270 -73.03 -31.42 -6.86
C LEU MA 270 -72.09 -30.24 -6.65
N ASP MA 271 -70.94 -30.53 -6.06
CA ASP MA 271 -69.94 -29.52 -5.70
C ASP MA 271 -68.62 -29.87 -6.37
N PHE MA 272 -68.29 -29.17 -7.44
CA PHE MA 272 -67.06 -29.37 -8.19
C PHE MA 272 -66.12 -28.17 -8.06
N ALA MA 273 -66.20 -27.47 -6.94
CA ALA MA 273 -65.40 -26.27 -6.68
C ALA MA 273 -64.34 -26.63 -5.64
N ASN MA 274 -63.07 -26.48 -6.01
CA ASN MA 274 -61.97 -26.75 -5.10
C ASN MA 274 -61.86 -25.67 -4.03
N LYS MA 275 -62.03 -26.05 -2.77
CA LYS MA 275 -61.94 -25.13 -1.65
C LYS MA 275 -60.87 -25.58 -0.67
N GLU MA 276 -60.10 -24.62 -0.17
CA GLU MA 276 -59.06 -24.85 0.83
C GLU MA 276 -59.26 -23.86 1.95
N GLN MA 277 -59.20 -24.35 3.19
CA GLN MA 277 -59.52 -23.51 4.33
C GLN MA 277 -58.57 -23.79 5.47
N THR MA 278 -58.11 -22.72 6.13
CA THR MA 278 -57.27 -22.81 7.32
C THR MA 278 -57.96 -22.04 8.43
N GLU MA 279 -58.17 -22.69 9.58
CA GLU MA 279 -58.92 -22.11 10.69
C GLU MA 279 -58.01 -22.00 11.90
N GLU MA 280 -58.00 -20.84 12.53
CA GLU MA 280 -57.24 -20.59 13.75
C GLU MA 280 -58.19 -20.16 14.85
N HIS MA 281 -58.07 -20.80 16.02
CA HIS MA 281 -58.94 -20.54 17.15
C HIS MA 281 -58.09 -20.27 18.39
N TYR MA 282 -58.41 -19.20 19.10
CA TYR MA 282 -57.75 -18.86 20.37
C TYR MA 282 -58.74 -19.00 21.51
N SER MA 283 -58.37 -19.73 22.55
CA SER MA 283 -59.20 -19.81 23.73
C SER MA 283 -59.16 -18.49 24.49
N PRO MA 284 -60.30 -17.97 24.92
CA PRO MA 284 -60.30 -16.70 25.65
C PRO MA 284 -59.61 -16.83 26.99
N ASN MA 285 -58.90 -15.77 27.38
CA ASN MA 285 -58.16 -15.74 28.64
C ASN MA 285 -58.49 -14.51 29.48
N GLY MA 286 -59.66 -13.91 29.26
CA GLY MA 286 -60.05 -12.73 30.02
C GLY MA 286 -60.35 -13.00 31.48
N ASP MA 287 -60.67 -14.23 31.84
CA ASP MA 287 -60.93 -14.60 33.23
C ASP MA 287 -59.61 -15.02 33.86
N ALA MA 288 -59.33 -14.49 35.06
CA ALA MA 288 -58.08 -14.79 35.74
C ALA MA 288 -57.95 -16.25 36.15
N SER MA 289 -59.06 -17.00 36.20
CA SER MA 289 -59.02 -18.39 36.59
C SER MA 289 -58.47 -19.31 35.50
N LYS MA 290 -58.77 -19.02 34.23
CA LYS MA 290 -58.28 -19.82 33.13
C LYS MA 290 -57.12 -19.19 32.39
N ALA MA 291 -56.55 -18.10 32.92
CA ALA MA 291 -55.48 -17.37 32.26
C ALA MA 291 -54.14 -18.02 32.58
N THR MA 292 -53.37 -18.35 31.55
CA THR MA 292 -52.04 -18.91 31.74
C THR MA 292 -50.99 -17.83 31.58
N LEU MA 293 -50.07 -17.77 32.55
CA LEU MA 293 -49.10 -16.68 32.63
C LEU MA 293 -47.68 -17.22 32.57
N ARG MA 294 -46.81 -16.42 31.93
CA ARG MA 294 -45.37 -16.67 31.94
C ARG MA 294 -44.60 -15.71 32.83
N SER MA 295 -44.93 -14.43 32.81
CA SER MA 295 -44.24 -13.44 33.63
C SER MA 295 -45.24 -12.39 34.06
N ARG MA 296 -45.09 -11.91 35.30
CA ARG MA 296 -46.04 -10.97 35.87
C ARG MA 296 -45.30 -10.04 36.81
N GLN MA 297 -45.43 -8.74 36.57
CA GLN MA 297 -44.83 -7.71 37.42
C GLN MA 297 -45.95 -6.86 38.01
N LEU MA 298 -46.03 -6.82 39.34
CA LEU MA 298 -47.08 -6.12 40.05
C LEU MA 298 -46.43 -5.16 41.06
N ASN MA 299 -46.33 -3.88 40.68
CA ASN MA 299 -45.81 -2.86 41.57
C ASN MA 299 -46.97 -2.15 42.25
N ILE MA 300 -47.01 -2.20 43.58
CA ILE MA 300 -48.09 -1.62 44.36
C ILE MA 300 -47.51 -0.61 45.33
N SER MA 301 -48.11 0.58 45.37
CA SER MA 301 -47.64 1.65 46.27
C SER MA 301 -48.85 2.33 46.89
N GLU MA 302 -48.79 2.55 48.20
CA GLU MA 302 -49.86 3.22 48.94
C GLU MA 302 -49.20 4.15 49.96
N GLN MA 303 -49.20 5.44 49.66
CA GLN MA 303 -48.61 6.46 50.54
C GLN MA 303 -49.75 7.22 51.20
N VAL MA 304 -50.22 6.71 52.34
CA VAL MA 304 -51.29 7.33 53.10
C VAL MA 304 -50.71 8.46 53.94
N GLY MA 305 -51.31 9.63 53.88
CA GLY MA 305 -50.84 10.78 54.63
C GLY MA 305 -51.69 11.08 55.85
N ALA MA 353 -60.52 11.21 52.83
CA ALA MA 353 -59.49 10.20 52.60
C ALA MA 353 -58.10 10.78 52.83
N GLY MA 354 -58.02 12.10 53.01
CA GLY MA 354 -56.76 12.76 53.23
C GLY MA 354 -55.89 12.76 51.99
N PRO MA 355 -54.58 12.92 52.18
CA PRO MA 355 -53.67 12.93 51.03
C PRO MA 355 -53.22 11.53 50.64
N ARG MA 356 -54.18 10.66 50.35
CA ARG MA 356 -53.86 9.29 49.94
C ARG MA 356 -53.26 9.28 48.53
N SER MA 357 -52.44 8.26 48.27
CA SER MA 357 -51.81 8.12 46.96
C SER MA 357 -51.62 6.65 46.61
N THR MA 358 -52.55 6.08 45.86
CA THR MA 358 -52.44 4.69 45.45
C THR MA 358 -51.93 4.59 44.02
N GLN MA 359 -51.06 3.61 43.79
CA GLN MA 359 -50.46 3.43 42.47
C GLN MA 359 -50.21 1.94 42.26
N ARG MA 360 -50.77 1.39 41.20
CA ARG MA 360 -50.64 -0.03 40.86
C ARG MA 360 -50.23 -0.15 39.40
N ASN MA 361 -49.02 -0.65 39.16
CA ASN MA 361 -48.51 -0.89 37.81
C ASN MA 361 -48.42 -2.40 37.61
N GLU MA 362 -49.27 -2.93 36.74
CA GLU MA 362 -49.37 -4.36 36.50
C GLU MA 362 -49.03 -4.68 35.05
N THR MA 363 -48.10 -5.59 34.85
CA THR MA 363 -47.71 -6.07 33.52
C THR MA 363 -47.79 -7.59 33.52
N SER MA 364 -48.50 -8.15 32.54
CA SER MA 364 -48.75 -9.59 32.48
C SER MA 364 -48.50 -10.09 31.06
N ASN MA 365 -47.75 -11.18 30.95
CA ASN MA 365 -47.53 -11.85 29.68
C ASN MA 365 -48.21 -13.21 29.73
N TYR MA 366 -49.06 -13.49 28.75
CA TYR MA 366 -49.89 -14.69 28.75
C TYR MA 366 -49.45 -15.67 27.67
N GLU MA 367 -49.80 -16.93 27.89
CA GLU MA 367 -49.69 -17.99 26.88
C GLU MA 367 -51.09 -18.53 26.64
N VAL MA 368 -51.46 -18.64 25.37
CA VAL MA 368 -52.84 -18.93 24.99
C VAL MA 368 -52.91 -20.26 24.26
N ASP MA 369 -54.05 -20.94 24.39
CA ASP MA 369 -54.31 -22.14 23.64
C ASP MA 369 -54.52 -21.80 22.17
N ARG MA 370 -54.05 -22.69 21.29
CA ARG MA 370 -54.07 -22.42 19.87
C ARG MA 370 -54.41 -23.70 19.13
N THR MA 371 -55.31 -23.59 18.14
CA THR MA 371 -55.76 -24.74 17.36
C THR MA 371 -55.81 -24.32 15.89
N ILE MA 372 -54.92 -24.89 15.08
CA ILE MA 372 -54.92 -24.66 13.64
C ILE MA 372 -55.51 -25.87 12.95
N ARG MA 373 -56.55 -25.65 12.17
CA ARG MA 373 -57.18 -26.70 11.38
C ARG MA 373 -57.08 -26.36 9.91
N HIS MA 374 -56.52 -27.29 9.14
CA HIS MA 374 -56.39 -27.15 7.69
C HIS MA 374 -57.28 -28.17 7.02
N THR MA 375 -58.19 -27.68 6.17
CA THR MA 375 -59.22 -28.53 5.57
C THR MA 375 -59.23 -28.35 4.06
N LYS MA 376 -59.22 -29.46 3.34
CA LYS MA 376 -59.36 -29.47 1.89
C LYS MA 376 -60.64 -30.22 1.55
N MET MA 377 -61.70 -29.50 1.19
CA MET MA 377 -62.98 -30.13 0.91
C MET MA 377 -62.88 -31.02 -0.32
N ASN MA 378 -63.61 -32.13 -0.27
CA ASN MA 378 -63.64 -33.08 -1.39
C ASN MA 378 -64.38 -32.48 -2.58
N VAL MA 379 -63.89 -32.79 -3.77
CA VAL MA 379 -64.50 -32.37 -5.02
C VAL MA 379 -65.49 -33.43 -5.46
N GLY MA 380 -66.73 -33.04 -5.69
CA GLY MA 380 -67.79 -33.96 -6.03
C GLY MA 380 -68.80 -34.23 -4.93
N ASP MA 381 -68.84 -33.44 -3.87
CA ASP MA 381 -69.80 -33.64 -2.81
C ASP MA 381 -71.19 -33.18 -3.25
N ILE MA 382 -72.20 -33.64 -2.52
CA ILE MA 382 -73.59 -33.34 -2.85
C ILE MA 382 -74.02 -32.10 -2.09
N GLU MA 383 -74.60 -31.14 -2.80
CA GLU MA 383 -75.11 -29.91 -2.20
C GLU MA 383 -76.59 -29.99 -1.88
N ARG MA 384 -77.41 -30.43 -2.83
CA ARG MA 384 -78.87 -30.44 -2.65
C ARG MA 384 -79.44 -31.55 -3.51
N LEU MA 385 -80.18 -32.46 -2.89
CA LEU MA 385 -80.76 -33.61 -3.58
C LEU MA 385 -82.28 -33.51 -3.55
N SER MA 386 -82.89 -33.57 -4.73
CA SER MA 386 -84.35 -33.61 -4.85
C SER MA 386 -84.74 -34.85 -5.63
N VAL MA 387 -85.75 -35.55 -5.13
CA VAL MA 387 -86.11 -36.87 -5.64
C VAL MA 387 -87.60 -36.90 -5.92
N ALA MA 388 -87.98 -37.41 -7.09
CA ALA MA 388 -89.38 -37.56 -7.48
C ALA MA 388 -89.69 -39.05 -7.57
N VAL MA 389 -90.69 -39.50 -6.80
CA VAL MA 389 -91.11 -40.89 -6.78
C VAL MA 389 -92.59 -40.96 -7.09
N VAL MA 390 -92.97 -41.90 -7.95
CA VAL MA 390 -94.36 -42.14 -8.31
C VAL MA 390 -94.67 -43.61 -8.07
N VAL MA 391 -95.81 -43.88 -7.44
CA VAL MA 391 -96.24 -45.25 -7.16
C VAL MA 391 -97.51 -45.55 -7.94
N ASN MA 392 -97.82 -46.83 -8.10
CA ASN MA 392 -99.01 -47.25 -8.82
C ASN MA 392 -100.19 -47.44 -7.87
N TYR MA 393 -101.35 -47.74 -8.45
CA TYR MA 393 -102.52 -48.08 -7.66
C TYR MA 393 -102.51 -49.58 -7.35
N LYS MA 394 -103.52 -50.07 -6.64
CA LYS MA 394 -103.61 -51.48 -6.28
C LYS MA 394 -104.80 -52.09 -7.01
N THR MA 395 -104.52 -52.99 -7.95
CA THR MA 395 -105.55 -53.70 -8.69
C THR MA 395 -105.77 -55.05 -8.01
N LEU MA 396 -106.94 -55.24 -7.42
CA LEU MA 396 -107.26 -56.48 -6.74
C LEU MA 396 -107.55 -57.59 -7.75
N ALA MA 397 -107.99 -58.74 -7.23
CA ALA MA 397 -108.33 -59.86 -8.09
C ALA MA 397 -109.42 -59.50 -9.08
N ASP MA 398 -110.37 -58.64 -8.67
CA ASP MA 398 -111.37 -58.16 -9.60
C ASP MA 398 -110.75 -57.30 -10.70
N GLY MA 399 -109.77 -56.48 -10.34
CA GLY MA 399 -109.10 -55.60 -11.28
C GLY MA 399 -109.33 -54.12 -11.04
N LYS MA 400 -110.05 -53.75 -9.99
CA LYS MA 400 -110.31 -52.35 -9.71
C LYS MA 400 -109.06 -51.66 -9.17
N PRO MA 401 -108.61 -50.57 -9.77
CA PRO MA 401 -107.40 -49.89 -9.27
C PRO MA 401 -107.65 -49.13 -7.98
N LEU MA 402 -107.60 -49.82 -6.86
CA LEU MA 402 -107.85 -49.20 -5.56
C LEU MA 402 -106.64 -48.37 -5.14
N PRO MA 403 -106.80 -47.08 -4.84
CA PRO MA 403 -105.67 -46.28 -4.38
C PRO MA 403 -105.17 -46.73 -3.02
N LEU MA 404 -103.94 -46.32 -2.70
CA LEU MA 404 -103.32 -46.66 -1.42
C LEU MA 404 -103.92 -45.82 -0.29
N THR MA 405 -103.43 -46.03 0.93
CA THR MA 405 -103.94 -45.34 2.11
C THR MA 405 -102.91 -44.31 2.59
N ALA MA 406 -103.34 -43.48 3.54
CA ALA MA 406 -102.46 -42.44 4.07
C ALA MA 406 -101.30 -43.02 4.84
N ASP MA 407 -101.55 -44.08 5.62
CA ASP MA 407 -100.46 -44.70 6.39
C ASP MA 407 -99.41 -45.30 5.47
N GLN MA 408 -99.85 -45.99 4.40
CA GLN MA 408 -98.90 -46.55 3.46
C GLN MA 408 -98.11 -45.47 2.75
N MET MA 409 -98.77 -44.36 2.40
CA MET MA 409 -98.07 -43.24 1.77
C MET MA 409 -97.03 -42.65 2.71
N LYS MA 410 -97.35 -42.51 3.99
CA LYS MA 410 -96.39 -42.02 4.96
C LYS MA 410 -95.21 -42.97 5.09
N GLN MA 411 -95.48 -44.28 5.09
CA GLN MA 411 -94.40 -45.26 5.15
C GLN MA 411 -93.49 -45.15 3.93
N ILE MA 412 -94.07 -44.98 2.74
CA ILE MA 412 -93.27 -44.81 1.53
C ILE MA 412 -92.42 -43.55 1.62
N GLU MA 413 -93.01 -42.46 2.12
CA GLU MA 413 -92.26 -41.22 2.27
C GLU MA 413 -91.08 -41.40 3.22
N ASP MA 414 -91.31 -42.06 4.35
CA ASP MA 414 -90.23 -42.29 5.31
C ASP MA 414 -89.14 -43.17 4.72
N LEU MA 415 -89.53 -44.24 4.02
CA LEU MA 415 -88.54 -45.11 3.40
C LEU MA 415 -87.72 -44.38 2.35
N THR MA 416 -88.37 -43.55 1.54
CA THR MA 416 -87.65 -42.79 0.53
C THR MA 416 -86.71 -41.77 1.16
N ARG MA 417 -87.14 -41.15 2.26
CA ARG MA 417 -86.29 -40.20 2.97
C ARG MA 417 -85.05 -40.91 3.52
N GLU MA 418 -85.24 -42.12 4.05
CA GLU MA 418 -84.11 -42.89 4.57
C GLU MA 418 -83.16 -43.28 3.44
N ALA MA 419 -83.71 -43.75 2.31
CA ALA MA 419 -82.87 -44.21 1.21
C ALA MA 419 -82.09 -43.05 0.58
N MET MA 420 -82.73 -41.91 0.40
CA MET MA 420 -82.09 -40.78 -0.27
C MET MA 420 -81.11 -40.06 0.63
N GLY MA 421 -81.02 -40.42 1.91
CA GLY MA 421 -80.21 -39.67 2.85
C GLY MA 421 -80.74 -38.27 3.09
N PHE MA 422 -82.05 -38.15 3.30
CA PHE MA 422 -82.68 -36.83 3.41
C PHE MA 422 -82.08 -36.04 4.57
N SER MA 423 -81.77 -34.78 4.29
CA SER MA 423 -81.24 -33.88 5.30
C SER MA 423 -81.83 -32.50 5.07
N ASP MA 424 -81.93 -31.72 6.17
CA ASP MA 424 -82.46 -30.37 6.09
C ASP MA 424 -81.39 -29.30 5.91
N LYS MA 425 -80.16 -29.57 6.35
CA LYS MA 425 -79.07 -28.62 6.10
C LYS MA 425 -78.79 -28.49 4.62
N ARG MA 426 -78.81 -29.61 3.88
CA ARG MA 426 -78.60 -29.55 2.44
C ARG MA 426 -79.73 -28.81 1.75
N GLY MA 427 -80.97 -29.01 2.20
CA GLY MA 427 -82.12 -28.43 1.56
C GLY MA 427 -82.83 -29.41 0.64
N ASP MA 428 -82.82 -30.67 1.04
CA ASP MA 428 -83.39 -31.76 0.23
C ASP MA 428 -84.90 -31.64 0.18
N THR MA 429 -85.47 -31.92 -0.99
CA THR MA 429 -86.92 -31.93 -1.19
C THR MA 429 -87.32 -33.28 -1.74
N LEU MA 430 -88.42 -33.83 -1.23
CA LEU MA 430 -88.94 -35.12 -1.66
C LEU MA 430 -90.42 -34.99 -1.95
N ASN MA 431 -90.87 -35.60 -3.05
CA ASN MA 431 -92.27 -35.60 -3.44
C ASN MA 431 -92.65 -36.99 -3.93
N VAL MA 432 -93.56 -37.64 -3.21
CA VAL MA 432 -94.10 -38.94 -3.59
C VAL MA 432 -95.60 -38.78 -3.79
N VAL MA 433 -96.08 -39.13 -4.98
CA VAL MA 433 -97.49 -39.02 -5.33
C VAL MA 433 -97.98 -40.39 -5.77
N ASN MA 434 -99.29 -40.62 -5.63
CA ASN MA 434 -99.91 -41.88 -5.99
C ASN MA 434 -100.83 -41.65 -7.18
N SER MA 435 -100.64 -42.45 -8.23
CA SER MA 435 -101.46 -42.33 -9.44
C SER MA 435 -101.42 -43.64 -10.21
N PRO MA 436 -102.50 -44.01 -10.90
CA PRO MA 436 -102.51 -45.28 -11.65
C PRO MA 436 -101.60 -45.17 -12.88
N PHE MA 437 -100.80 -46.22 -13.09
CA PHE MA 437 -99.91 -46.24 -14.24
C PHE MA 437 -100.68 -46.47 -15.53
N SER MA 438 -100.16 -45.91 -16.62
CA SER MA 438 -100.77 -46.10 -17.92
C SER MA 438 -100.37 -47.44 -18.52
N ALA MA 439 -101.16 -47.90 -19.48
CA ALA MA 439 -100.90 -49.18 -20.13
C ALA MA 439 -99.69 -49.09 -21.05
N ASP NA 229 -64.45 -23.11 -31.52
CA ASP NA 229 -63.52 -24.01 -30.84
C ASP NA 229 -64.04 -24.34 -29.44
N LEU NA 230 -63.64 -23.54 -28.46
CA LEU NA 230 -64.10 -23.75 -27.09
C LEU NA 230 -65.59 -23.45 -26.97
N ASN NA 231 -66.09 -22.51 -27.76
CA ASN NA 231 -67.50 -22.15 -27.72
C ASN NA 231 -68.38 -23.33 -28.13
N ASP NA 232 -67.94 -24.09 -29.13
CA ASP NA 232 -68.69 -25.27 -29.54
C ASP NA 232 -68.72 -26.33 -28.44
N ALA NA 233 -67.59 -26.51 -27.75
CA ALA NA 233 -67.56 -27.45 -26.62
C ALA NA 233 -68.53 -27.02 -25.53
N GLN NA 234 -68.55 -25.71 -25.21
CA GLN NA 234 -69.49 -25.22 -24.21
C GLN NA 234 -70.93 -25.43 -24.65
N LEU NA 235 -71.23 -25.20 -25.93
CA LEU NA 235 -72.58 -25.38 -26.45
C LEU NA 235 -73.00 -26.84 -26.39
N LYS NA 236 -72.09 -27.76 -26.72
CA LYS NA 236 -72.41 -29.18 -26.62
C LYS NA 236 -72.61 -29.59 -25.17
N PHE NA 237 -71.84 -29.01 -24.25
CA PHE NA 237 -72.05 -29.25 -22.83
C PHE NA 237 -73.45 -28.82 -22.40
N ALA NA 238 -73.87 -27.62 -22.83
CA ALA NA 238 -75.21 -27.15 -22.53
C ALA NA 238 -76.28 -28.05 -23.13
N ASN NA 239 -76.08 -28.50 -24.37
CA ASN NA 239 -77.05 -29.39 -25.02
C ASN NA 239 -77.19 -30.71 -24.26
N ASP NA 240 -76.07 -31.30 -23.83
CA ASP NA 240 -76.15 -32.55 -23.08
C ASP NA 240 -76.85 -32.36 -21.74
N VAL NA 241 -76.56 -31.26 -21.03
CA VAL NA 241 -77.23 -31.01 -19.77
C VAL NA 241 -78.74 -30.85 -19.98
N GLU NA 242 -79.13 -30.09 -21.00
CA GLU NA 242 -80.54 -29.88 -21.27
C GLU NA 242 -81.23 -31.19 -21.65
N SER NA 243 -80.57 -32.00 -22.47
CA SER NA 243 -81.15 -33.28 -22.89
C SER NA 243 -81.35 -34.21 -21.71
N ARG NA 244 -80.37 -34.25 -20.79
CA ARG NA 244 -80.51 -35.13 -19.62
C ARG NA 244 -81.60 -34.65 -18.68
N ILE NA 245 -81.73 -33.33 -18.49
CA ILE NA 245 -82.86 -32.83 -17.68
C ILE NA 245 -84.19 -33.19 -18.34
N GLN NA 246 -84.26 -33.03 -19.67
CA GLN NA 246 -85.47 -33.41 -20.41
C GLN NA 246 -85.80 -34.88 -20.20
N ARG NA 247 -84.80 -35.75 -20.31
CA ARG NA 247 -85.05 -37.19 -20.17
C ARG NA 247 -85.48 -37.53 -18.75
N ARG NA 248 -84.88 -36.87 -17.75
CA ARG NA 248 -85.28 -37.12 -16.36
C ARG NA 248 -86.73 -36.73 -16.13
N ILE NA 249 -87.15 -35.60 -16.70
CA ILE NA 249 -88.55 -35.20 -16.58
C ILE NA 249 -89.47 -36.21 -17.26
N GLU NA 250 -89.11 -36.60 -18.49
CA GLU NA 250 -89.93 -37.53 -19.26
C GLU NA 250 -90.06 -38.88 -18.57
N ALA NA 251 -89.00 -39.31 -17.88
CA ALA NA 251 -88.99 -40.61 -17.22
C ALA NA 251 -90.09 -40.73 -16.17
N ILE NA 252 -90.28 -39.68 -15.37
CA ILE NA 252 -91.32 -39.73 -14.34
C ILE NA 252 -92.68 -39.35 -14.92
N LEU NA 253 -92.69 -38.53 -15.97
CA LEU NA 253 -93.97 -38.09 -16.52
C LEU NA 253 -94.59 -39.15 -17.43
N SER NA 254 -93.81 -40.15 -17.82
CA SER NA 254 -94.29 -41.22 -18.70
C SER NA 254 -95.25 -42.19 -18.03
N PRO NA 255 -94.92 -42.78 -16.86
CA PRO NA 255 -95.79 -43.85 -16.31
C PRO NA 255 -97.23 -43.43 -16.05
N ILE NA 256 -97.45 -42.20 -15.60
CA ILE NA 256 -98.80 -41.74 -15.28
C ILE NA 256 -99.44 -41.13 -16.52
N VAL NA 257 -98.81 -40.22 -17.25
CA VAL NA 257 -99.51 -39.53 -18.40
C VAL NA 257 -99.52 -40.47 -19.60
N GLY NA 258 -98.48 -41.26 -19.77
CA GLY NA 258 -98.41 -42.24 -20.87
C GLY NA 258 -97.32 -41.91 -21.85
N ASN NA 259 -96.80 -42.91 -22.56
CA ASN NA 259 -95.79 -42.64 -23.62
C ASN NA 259 -96.35 -41.70 -24.70
N GLY NA 260 -95.59 -40.65 -25.05
CA GLY NA 260 -95.97 -39.68 -26.09
C GLY NA 260 -97.01 -38.68 -25.62
N ASN NA 261 -97.56 -38.84 -24.45
CA ASN NA 261 -98.64 -37.94 -24.02
C ASN NA 261 -97.97 -36.84 -23.20
N VAL NA 262 -96.64 -36.79 -23.29
CA VAL NA 262 -95.92 -35.72 -22.61
C VAL NA 262 -94.70 -35.35 -23.43
N HIS NA 263 -94.48 -34.04 -23.60
CA HIS NA 263 -93.30 -33.49 -24.26
C HIS NA 263 -92.74 -32.36 -23.41
N ALA NA 264 -91.43 -32.35 -23.23
CA ALA NA 264 -90.75 -31.32 -22.46
C ALA NA 264 -89.45 -30.93 -23.15
N GLN NA 265 -89.09 -29.65 -23.04
CA GLN NA 265 -87.83 -29.13 -23.54
C GLN NA 265 -87.20 -28.22 -22.49
N VAL NA 266 -85.88 -28.27 -22.38
CA VAL NA 266 -85.14 -27.58 -21.33
C VAL NA 266 -84.13 -26.65 -21.98
N THR NA 267 -84.01 -25.44 -21.46
CA THR NA 267 -82.93 -24.52 -21.80
C THR NA 267 -82.18 -24.16 -20.52
N ALA NA 268 -80.86 -24.04 -20.63
CA ALA NA 268 -80.00 -23.85 -19.47
C ALA NA 268 -79.10 -22.64 -19.70
N GLN NA 269 -79.11 -21.70 -18.75
CA GLN NA 269 -78.15 -20.62 -18.72
C GLN NA 269 -76.98 -21.03 -17.83
N LEU NA 270 -75.81 -21.21 -18.43
CA LEU NA 270 -74.67 -21.82 -17.76
C LEU NA 270 -73.63 -20.77 -17.38
N ASP NA 271 -72.61 -21.23 -16.66
CA ASP NA 271 -71.57 -20.37 -16.11
C ASP NA 271 -70.21 -20.86 -16.64
N PHE NA 272 -69.67 -20.15 -17.62
CA PHE NA 272 -68.38 -20.49 -18.21
C PHE NA 272 -67.33 -19.42 -17.90
N ALA NA 273 -67.47 -18.76 -16.76
CA ALA NA 273 -66.58 -17.68 -16.34
C ALA NA 273 -65.72 -18.20 -15.20
N ASN NA 274 -64.40 -18.18 -15.40
CA ASN NA 274 -63.46 -18.63 -14.37
C ASN NA 274 -63.38 -17.61 -13.24
N LYS NA 275 -63.76 -18.02 -12.03
CA LYS NA 275 -63.71 -17.15 -10.86
C LYS NA 275 -62.84 -17.77 -9.77
N GLU NA 276 -62.04 -16.93 -9.13
CA GLU NA 276 -61.18 -17.32 -8.03
C GLU NA 276 -61.40 -16.35 -6.88
N GLN NA 277 -61.58 -16.89 -5.68
CA GLN NA 277 -61.95 -16.05 -4.55
C GLN NA 277 -61.19 -16.49 -3.30
N THR NA 278 -60.70 -15.51 -2.54
CA THR NA 278 -60.03 -15.74 -1.26
C THR NA 278 -60.77 -14.94 -0.21
N GLU NA 279 -61.22 -15.59 0.85
CA GLU NA 279 -62.02 -14.97 1.90
C GLU NA 279 -61.27 -15.01 3.22
N GLU NA 280 -61.22 -13.88 3.90
CA GLU NA 280 -60.59 -13.77 5.23
C GLU NA 280 -61.63 -13.27 6.22
N HIS NA 281 -61.74 -13.96 7.35
CA HIS NA 281 -62.72 -13.62 8.38
C HIS NA 281 -62.02 -13.52 9.73
N TYR NA 282 -62.30 -12.44 10.45
CA TYR NA 282 -61.78 -12.23 11.80
C TYR NA 282 -62.93 -12.28 12.80
N SER NA 283 -62.78 -13.09 13.84
CA SER NA 283 -63.78 -13.11 14.90
C SER NA 283 -63.68 -11.83 15.73
N PRO NA 284 -64.80 -11.18 16.03
CA PRO NA 284 -64.74 -9.95 16.82
C PRO NA 284 -64.25 -10.22 18.23
N ASN NA 285 -63.48 -9.26 18.77
CA ASN NA 285 -62.92 -9.37 20.11
C ASN NA 285 -63.21 -8.14 20.95
N GLY NA 286 -64.26 -7.39 20.63
CA GLY NA 286 -64.60 -6.20 21.39
C GLY NA 286 -65.12 -6.48 22.78
N ASP NA 287 -65.64 -7.67 23.03
CA ASP NA 287 -66.13 -8.05 24.36
C ASP NA 287 -64.96 -8.65 25.13
N ALA NA 288 -64.78 -8.21 26.38
CA ALA NA 288 -63.68 -8.69 27.20
C ALA NA 288 -63.78 -10.17 27.54
N SER NA 289 -64.96 -10.77 27.42
CA SER NA 289 -65.14 -12.18 27.73
C SER NA 289 -64.57 -13.11 26.67
N LYS NA 290 -64.66 -12.74 25.40
CA LYS NA 290 -64.12 -13.57 24.32
C LYS NA 290 -62.80 -13.05 23.78
N ALA NA 291 -62.19 -12.06 24.43
CA ALA NA 291 -60.96 -11.45 23.94
C ALA NA 291 -59.76 -12.28 24.41
N THR NA 292 -58.91 -12.66 23.47
CA THR NA 292 -57.69 -13.39 23.79
C THR NA 292 -56.51 -12.43 23.84
N LEU NA 293 -55.72 -12.53 24.91
CA LEU NA 293 -54.65 -11.57 25.17
C LEU NA 293 -53.30 -12.28 25.26
N ARG NA 294 -52.27 -11.58 24.79
CA ARG NA 294 -50.88 -11.99 24.96
C ARG NA 294 -50.12 -11.18 25.99
N SER NA 295 -50.29 -9.86 26.00
CA SER NA 295 -49.62 -9.00 26.96
C SER NA 295 -50.53 -7.85 27.30
N ARG NA 296 -50.50 -7.44 28.56
CA ARG NA 296 -51.40 -6.40 29.06
C ARG NA 296 -50.68 -5.61 30.13
N GLN NA 297 -50.62 -4.29 29.95
CA GLN NA 297 -50.03 -3.38 30.92
C GLN NA 297 -51.10 -2.42 31.40
N LEU NA 298 -51.35 -2.42 32.71
CA LEU NA 298 -52.40 -1.60 33.32
C LEU NA 298 -51.78 -0.77 34.44
N ASN NA 299 -51.48 0.48 34.15
CA ASN NA 299 -50.96 1.41 35.15
C ASN NA 299 -52.12 2.23 35.71
N ILE NA 300 -52.33 2.15 37.02
CA ILE NA 300 -53.43 2.82 37.69
C ILE NA 300 -52.87 3.72 38.78
N SER NA 301 -53.32 4.97 38.80
CA SER NA 301 -52.86 5.94 39.79
C SER NA 301 -54.05 6.74 40.29
N GLU NA 302 -54.14 6.91 41.62
CA GLU NA 302 -55.21 7.68 42.25
C GLU NA 302 -54.59 8.49 43.39
N GLN NA 303 -54.38 9.78 43.15
CA GLN NA 303 -53.81 10.68 44.16
C GLN NA 303 -54.93 11.56 44.70
N VAL NA 304 -55.60 11.06 45.75
CA VAL NA 304 -56.69 11.79 46.39
C VAL NA 304 -56.09 12.80 47.36
N GLY NA 305 -56.53 14.05 47.27
CA GLY NA 305 -56.04 15.10 48.15
C GLY NA 305 -57.00 15.47 49.26
N ALA NA 353 -65.26 16.80 45.14
CA ALA NA 353 -64.35 15.68 44.99
C ALA NA 353 -62.93 16.07 45.42
N GLY NA 354 -62.73 17.35 45.68
CA GLY NA 354 -61.45 17.85 46.09
C GLY NA 354 -60.42 17.79 44.98
N PRO NA 355 -59.14 17.78 45.35
CA PRO NA 355 -58.08 17.70 44.32
C PRO NA 355 -57.75 16.28 43.92
N ARG NA 356 -58.76 15.54 43.47
CA ARG NA 356 -58.55 14.16 43.03
C ARG NA 356 -57.78 14.13 41.72
N SER NA 357 -57.06 13.03 41.51
CA SER NA 357 -56.28 12.85 40.27
C SER NA 357 -56.22 11.38 39.88
N THR NA 358 -57.11 10.96 38.99
CA THR NA 358 -57.11 9.58 38.53
C THR NA 358 -56.44 9.47 37.17
N GLN NA 359 -55.65 8.40 37.01
CA GLN NA 359 -54.91 8.19 35.77
C GLN NA 359 -54.81 6.68 35.52
N ARG NA 360 -55.30 6.25 34.36
CA ARG NA 360 -55.27 4.84 33.98
C ARG NA 360 -54.70 4.72 32.57
N ASN NA 361 -53.54 4.08 32.46
CA ASN NA 361 -52.88 3.83 31.18
C ASN NA 361 -52.95 2.33 30.92
N GLU NA 362 -53.73 1.94 29.92
CA GLU NA 362 -53.96 0.54 29.59
C GLU NA 362 -53.48 0.24 28.18
N THR NA 363 -52.64 -0.78 28.05
CA THR NA 363 -52.14 -1.26 26.77
C THR NA 363 -52.40 -2.75 26.68
N SER NA 364 -53.04 -3.18 25.59
CA SER NA 364 -53.44 -4.57 25.43
C SER NA 364 -53.06 -5.05 24.03
N ASN NA 365 -52.44 -6.22 23.96
CA ASN NA 365 -52.13 -6.88 22.69
C ASN NA 365 -52.98 -8.14 22.58
N TYR NA 366 -53.71 -8.28 21.48
CA TYR NA 366 -54.67 -9.36 21.32
C TYR NA 366 -54.21 -10.35 20.26
N GLU NA 367 -54.73 -11.57 20.37
CA GLU NA 367 -54.62 -12.59 19.34
C GLU NA 367 -56.03 -12.95 18.88
N VAL NA 368 -56.24 -12.96 17.57
CA VAL NA 368 -57.57 -13.07 17.01
C VAL NA 368 -57.70 -14.35 16.20
N ASP NA 369 -58.93 -14.89 16.16
CA ASP NA 369 -59.23 -16.02 15.32
C ASP NA 369 -59.19 -15.61 13.84
N ARG NA 370 -58.71 -16.51 13.00
CA ARG NA 370 -58.52 -16.19 11.59
C ARG NA 370 -58.90 -17.40 10.75
N THR NA 371 -59.64 -17.15 9.67
CA THR NA 371 -60.12 -18.20 8.78
C THR NA 371 -59.93 -17.72 7.34
N ILE NA 372 -59.01 -18.38 6.62
CA ILE NA 372 -58.79 -18.09 5.21
C ILE NA 372 -59.42 -19.20 4.39
N ARG NA 373 -60.32 -18.82 3.49
CA ARG NA 373 -60.96 -19.76 2.58
C ARG NA 373 -60.62 -19.39 1.15
N HIS NA 374 -60.07 -20.34 0.41
CA HIS NA 374 -59.73 -20.17 -1.00
C HIS NA 374 -60.65 -21.05 -1.85
N THR NA 375 -61.37 -20.42 -2.78
CA THR NA 375 -62.41 -21.11 -3.54
C THR NA 375 -62.18 -20.88 -5.03
N LYS NA 376 -62.21 -21.95 -5.79
CA LYS NA 376 -62.16 -21.90 -7.26
C LYS NA 376 -63.46 -22.47 -7.79
N MET NA 377 -64.37 -21.61 -8.23
CA MET NA 377 -65.66 -22.07 -8.71
C MET NA 377 -65.51 -22.92 -9.97
N ASN NA 378 -66.37 -23.94 -10.08
CA ASN NA 378 -66.35 -24.82 -11.23
C ASN NA 378 -66.86 -24.10 -12.47
N VAL NA 379 -66.25 -24.43 -13.60
CA VAL NA 379 -66.64 -23.89 -14.90
C VAL NA 379 -67.69 -24.81 -15.51
N GLY NA 380 -68.83 -24.25 -15.88
CA GLY NA 380 -69.93 -25.02 -16.40
C GLY NA 380 -71.11 -25.21 -15.46
N ASP NA 381 -71.18 -24.45 -14.37
CA ASP NA 381 -72.30 -24.56 -13.45
C ASP NA 381 -73.55 -23.92 -14.05
N ILE NA 382 -74.70 -24.28 -13.49
CA ILE NA 382 -75.99 -23.80 -13.97
C ILE NA 382 -76.36 -22.54 -13.20
N GLU NA 383 -76.73 -21.49 -13.93
CA GLU NA 383 -77.17 -20.23 -13.34
C GLU NA 383 -78.68 -20.13 -13.21
N ARG NA 384 -79.42 -20.44 -14.29
CA ARG NA 384 -80.86 -20.28 -14.29
C ARG NA 384 -81.44 -21.28 -15.28
N LEU NA 385 -82.36 -22.10 -14.80
CA LEU NA 385 -82.97 -23.15 -15.62
C LEU NA 385 -84.46 -22.87 -15.77
N SER NA 386 -84.92 -22.80 -17.03
CA SER NA 386 -86.33 -22.65 -17.33
C SER NA 386 -86.76 -23.81 -18.23
N VAL NA 387 -87.91 -24.40 -17.89
CA VAL NA 387 -88.35 -25.64 -18.52
C VAL NA 387 -89.79 -25.48 -18.97
N ALA NA 388 -90.06 -25.90 -20.21
CA ALA NA 388 -91.40 -25.86 -20.78
C ALA NA 388 -91.88 -27.29 -20.99
N VAL NA 389 -93.02 -27.64 -20.39
CA VAL NA 389 -93.59 -28.97 -20.48
C VAL NA 389 -95.02 -28.83 -20.99
N VAL NA 390 -95.40 -29.70 -21.94
CA VAL NA 390 -96.74 -29.76 -22.48
C VAL NA 390 -97.25 -31.18 -22.37
N VAL NA 391 -98.49 -31.32 -21.90
CA VAL NA 391 -99.11 -32.64 -21.75
C VAL NA 391 -100.29 -32.75 -22.70
N ASN NA 392 -100.74 -33.96 -22.97
CA ASN NA 392 -101.86 -34.22 -23.85
C ASN NA 392 -103.16 -34.29 -23.06
N TYR NA 393 -104.26 -34.44 -23.80
CA TYR NA 393 -105.57 -34.65 -23.19
C TYR NA 393 -105.77 -36.15 -22.96
N LYS NA 394 -106.92 -36.52 -22.41
CA LYS NA 394 -107.22 -37.92 -22.14
C LYS NA 394 -108.37 -38.36 -23.05
N THR NA 395 -108.07 -39.26 -23.98
CA THR NA 395 -109.07 -39.80 -24.88
C THR NA 395 -109.54 -41.15 -24.31
N LEU NA 396 -110.79 -41.20 -23.89
CA LEU NA 396 -111.34 -42.41 -23.32
C LEU NA 396 -111.62 -43.44 -24.41
N ALA NA 397 -112.26 -44.55 -24.01
CA ALA NA 397 -112.61 -45.59 -24.96
C ALA NA 397 -113.52 -45.06 -26.07
N ASP NA 398 -114.40 -44.11 -25.74
CA ASP NA 398 -115.21 -43.47 -26.77
C ASP NA 398 -114.34 -42.66 -27.73
N GLY NA 399 -113.33 -41.97 -27.20
CA GLY NA 399 -112.45 -41.15 -28.00
C GLY NA 399 -112.53 -39.67 -27.72
N LYS NA 400 -113.33 -39.25 -26.76
CA LYS NA 400 -113.47 -37.83 -26.43
C LYS NA 400 -112.22 -37.33 -25.70
N PRO NA 401 -111.57 -36.28 -26.19
CA PRO NA 401 -110.37 -35.78 -25.50
C PRO NA 401 -110.70 -35.03 -24.22
N LEU NA 402 -110.88 -35.77 -23.13
CA LEU NA 402 -111.22 -35.17 -21.85
C LEU NA 402 -109.98 -34.51 -21.24
N PRO NA 403 -110.04 -33.23 -20.89
CA PRO NA 403 -108.88 -32.58 -20.25
C PRO NA 403 -108.63 -33.14 -18.86
N LEU NA 404 -107.42 -32.90 -18.37
CA LEU NA 404 -107.01 -33.35 -17.04
C LEU NA 404 -107.65 -32.50 -15.95
N THR NA 405 -107.37 -32.79 -14.69
CA THR NA 405 -107.93 -32.09 -13.55
C THR NA 405 -106.86 -31.22 -12.89
N ALA NA 406 -107.32 -30.38 -11.97
CA ALA NA 406 -106.40 -29.47 -11.28
C ALA NA 406 -105.42 -30.22 -10.40
N ASP NA 407 -105.89 -31.26 -9.71
CA ASP NA 407 -105.01 -32.04 -8.84
C ASP NA 407 -103.92 -32.73 -9.65
N GLN NA 408 -104.29 -33.33 -10.79
CA GLN NA 408 -103.30 -33.97 -11.64
C GLN NA 408 -102.30 -32.96 -12.18
N MET NA 409 -102.77 -31.77 -12.56
CA MET NA 409 -101.87 -30.73 -13.04
C MET NA 409 -100.89 -30.30 -11.95
N LYS NA 410 -101.38 -30.18 -10.71
CA LYS NA 410 -100.50 -29.84 -9.59
C LYS NA 410 -99.47 -30.93 -9.36
N GLN NA 411 -99.88 -32.20 -9.47
CA GLN NA 411 -98.95 -33.31 -9.32
C GLN NA 411 -97.88 -33.27 -10.40
N ILE NA 412 -98.27 -32.99 -11.65
CA ILE NA 412 -97.29 -32.88 -12.73
C ILE NA 412 -96.33 -31.74 -12.47
N GLU NA 413 -96.84 -30.61 -11.99
CA GLU NA 413 -95.98 -29.47 -11.69
C GLU NA 413 -94.97 -29.83 -10.61
N ASP NA 414 -95.42 -30.49 -9.54
CA ASP NA 414 -94.52 -30.88 -8.46
C ASP NA 414 -93.46 -31.87 -8.96
N LEU NA 415 -93.88 -32.85 -9.76
CA LEU NA 415 -92.93 -33.83 -10.29
C LEU NA 415 -91.90 -33.17 -11.18
N THR NA 416 -92.32 -32.24 -12.03
CA THR NA 416 -91.38 -31.54 -12.90
C THR NA 416 -90.43 -30.67 -12.10
N ARG NA 417 -90.93 -30.03 -11.04
CA ARG NA 417 -90.07 -29.23 -10.17
C ARG NA 417 -89.02 -30.10 -9.51
N GLU NA 418 -89.42 -31.29 -9.07
CA GLU NA 418 -88.46 -32.22 -8.46
C GLU NA 418 -87.42 -32.69 -9.47
N ALA NA 419 -87.87 -33.04 -10.68
CA ALA NA 419 -86.96 -33.56 -11.69
C ALA NA 419 -85.96 -32.49 -12.15
N MET NA 420 -86.44 -31.27 -12.36
CA MET NA 420 -85.57 -30.21 -12.87
C MET NA 420 -84.64 -29.65 -11.81
N GLY NA 421 -84.77 -30.07 -10.56
CA GLY NA 421 -84.01 -29.45 -9.49
C GLY NA 421 -84.40 -28.01 -9.25
N PHE NA 422 -85.70 -27.73 -9.21
CA PHE NA 422 -86.18 -26.35 -9.11
C PHE NA 422 -85.66 -25.69 -7.84
N SER NA 423 -85.15 -24.47 -8.01
CA SER NA 423 -84.67 -23.66 -6.89
C SER NA 423 -85.06 -22.21 -7.12
N ASP NA 424 -85.21 -21.47 -6.02
CA ASP NA 424 -85.56 -20.07 -6.09
C ASP NA 424 -84.35 -19.13 -6.07
N LYS NA 425 -83.23 -19.56 -5.50
CA LYS NA 425 -82.02 -18.75 -5.56
C LYS NA 425 -81.53 -18.60 -6.99
N ARG NA 426 -81.58 -19.68 -7.77
CA ARG NA 426 -81.17 -19.61 -9.18
C ARG NA 426 -82.10 -18.70 -9.97
N GLY NA 427 -83.41 -18.77 -9.69
CA GLY NA 427 -84.39 -18.02 -10.44
C GLY NA 427 -85.08 -18.88 -11.48
N ASP NA 428 -85.27 -20.15 -11.16
CA ASP NA 428 -85.85 -21.11 -12.08
C ASP NA 428 -87.32 -20.80 -12.33
N THR NA 429 -87.76 -20.98 -13.57
CA THR NA 429 -89.15 -20.80 -13.95
C THR NA 429 -89.64 -22.08 -14.63
N LEU NA 430 -90.86 -22.50 -14.28
CA LEU NA 430 -91.46 -23.70 -14.84
C LEU NA 430 -92.87 -23.37 -15.31
N ASN NA 431 -93.23 -23.88 -16.49
CA ASN NA 431 -94.56 -23.68 -17.06
C ASN NA 431 -95.03 -25.01 -17.66
N VAL NA 432 -96.10 -25.56 -17.10
CA VAL NA 432 -96.74 -26.77 -17.61
C VAL NA 432 -98.17 -26.43 -17.99
N VAL NA 433 -98.52 -26.66 -19.25
CA VAL NA 433 -99.85 -26.37 -19.77
C VAL NA 433 -100.44 -27.65 -20.35
N ASN NA 434 -101.76 -27.73 -20.37
CA ASN NA 434 -102.48 -28.88 -20.88
C ASN NA 434 -103.19 -28.50 -22.17
N SER NA 435 -102.98 -29.28 -23.23
CA SER NA 435 -103.61 -29.02 -24.52
C SER NA 435 -103.62 -30.30 -25.35
N PRO NA 436 -104.64 -30.51 -26.19
CA PRO NA 436 -104.68 -31.73 -27.00
C PRO NA 436 -103.62 -31.69 -28.09
N PHE NA 437 -102.92 -32.82 -28.26
CA PHE NA 437 -101.89 -32.92 -29.27
C PHE NA 437 -102.51 -33.00 -30.66
N SER NA 438 -101.79 -32.48 -31.65
CA SER NA 438 -102.23 -32.54 -33.03
C SER NA 438 -101.92 -33.91 -33.63
N ALA NA 439 -102.62 -34.22 -34.72
CA ALA NA 439 -102.44 -35.50 -35.39
C ALA NA 439 -101.11 -35.53 -36.14
N ASP OA 229 -61.95 -13.79 -40.67
CA ASP OA 229 -61.24 -14.81 -39.92
C ASP OA 229 -61.97 -15.13 -38.61
N LEU OA 230 -61.62 -14.42 -37.54
CA LEU OA 230 -62.29 -14.62 -36.26
C LEU OA 230 -63.72 -14.14 -36.32
N ASN OA 231 -64.00 -13.11 -37.12
CA ASN OA 231 -65.35 -12.59 -37.24
C ASN OA 231 -66.30 -13.64 -37.82
N ASP OA 232 -65.83 -14.41 -38.79
CA ASP OA 232 -66.64 -15.48 -39.36
C ASP OA 232 -66.94 -16.56 -38.33
N ALA OA 233 -65.95 -16.90 -37.50
CA ALA OA 233 -66.19 -17.87 -36.44
C ALA OA 233 -67.22 -17.36 -35.45
N GLN OA 234 -67.14 -16.08 -35.08
CA GLN OA 234 -68.14 -15.50 -34.19
C GLN OA 234 -69.53 -15.52 -34.82
N LEU OA 235 -69.61 -15.22 -36.11
CA LEU OA 235 -70.89 -15.20 -36.80
C LEU OA 235 -71.49 -16.60 -36.87
N LYS OA 236 -70.67 -17.62 -37.13
CA LYS OA 236 -71.16 -18.99 -37.14
C LYS OA 236 -71.61 -19.43 -35.75
N PHE OA 237 -70.89 -18.98 -34.72
CA PHE OA 237 -71.32 -19.23 -33.35
C PHE OA 237 -72.70 -18.65 -33.08
N ALA OA 238 -72.91 -17.39 -33.50
CA ALA OA 238 -74.23 -16.77 -33.35
C ALA OA 238 -75.30 -17.52 -34.12
N ASN OA 239 -74.99 -17.94 -35.35
CA ASN OA 239 -75.96 -18.68 -36.16
C ASN OA 239 -76.36 -19.99 -35.50
N ASP OA 240 -75.39 -20.73 -34.96
CA ASP OA 240 -75.71 -21.98 -34.28
C ASP OA 240 -76.56 -21.75 -33.04
N VAL OA 241 -76.23 -20.72 -32.24
CA VAL OA 241 -77.04 -20.44 -31.07
C VAL OA 241 -78.48 -20.10 -31.47
N GLU OA 242 -78.63 -19.24 -32.48
CA GLU OA 242 -79.97 -18.85 -32.93
C GLU OA 242 -80.74 -20.06 -33.45
N SER OA 243 -80.08 -20.93 -34.22
CA SER OA 243 -80.76 -22.09 -34.78
C SER OA 243 -81.21 -23.04 -33.68
N ARG OA 244 -80.38 -23.23 -32.65
CA ARG OA 244 -80.77 -24.12 -31.55
C ARG OA 244 -81.91 -23.54 -30.73
N ILE OA 245 -81.91 -22.22 -30.49
CA ILE OA 245 -83.06 -21.62 -29.81
C ILE OA 245 -84.33 -21.79 -30.66
N GLN OA 246 -84.21 -21.58 -31.97
CA GLN OA 246 -85.34 -21.78 -32.88
C GLN OA 246 -85.87 -23.20 -32.80
N ARG OA 247 -84.97 -24.18 -32.82
CA ARG OA 247 -85.40 -25.58 -32.78
C ARG OA 247 -86.05 -25.91 -31.45
N ARG OA 248 -85.53 -25.37 -30.34
CA ARG OA 248 -86.13 -25.62 -29.04
C ARG OA 248 -87.55 -25.06 -28.98
N ILE OA 249 -87.75 -23.86 -29.54
CA ILE OA 249 -89.10 -23.29 -29.57
C ILE OA 249 -90.02 -24.16 -30.42
N GLU OA 250 -89.56 -24.55 -31.61
CA GLU OA 250 -90.37 -25.34 -32.53
C GLU OA 250 -90.75 -26.69 -31.92
N ALA OA 251 -89.85 -27.27 -31.13
CA ALA OA 251 -90.09 -28.58 -30.54
C ALA OA 251 -91.32 -28.60 -29.64
N ILE OA 252 -91.50 -27.56 -28.83
CA ILE OA 252 -92.66 -27.53 -27.95
C ILE OA 252 -93.87 -26.97 -28.67
N LEU OA 253 -93.64 -26.10 -29.68
CA LEU OA 253 -94.78 -25.50 -30.36
C LEU OA 253 -95.40 -26.44 -31.39
N SER OA 254 -94.69 -27.51 -31.73
CA SER OA 254 -95.18 -28.47 -32.72
C SER OA 254 -96.33 -29.35 -32.23
N PRO OA 255 -96.23 -30.01 -31.06
CA PRO OA 255 -97.28 -30.98 -30.68
C PRO OA 255 -98.68 -30.40 -30.58
N ILE OA 256 -98.81 -29.16 -30.10
CA ILE OA 256 -100.13 -28.55 -29.95
C ILE OA 256 -100.52 -27.82 -31.21
N VAL OA 257 -99.70 -26.98 -31.82
CA VAL OA 257 -100.15 -26.17 -33.00
C VAL OA 257 -100.11 -27.06 -34.24
N GLY OA 258 -99.15 -27.97 -34.32
CA GLY OA 258 -99.06 -28.90 -35.44
C GLY OA 258 -97.82 -28.68 -36.27
N ASN OA 259 -97.33 -29.71 -36.95
CA ASN OA 259 -96.16 -29.52 -37.86
C ASN OA 259 -96.46 -28.49 -38.95
N GLY OA 260 -95.55 -27.53 -39.15
CA GLY OA 260 -95.67 -26.49 -40.18
C GLY OA 260 -96.62 -25.38 -39.80
N ASN OA 261 -97.34 -25.51 -38.71
CA ASN OA 261 -98.35 -24.49 -38.37
C ASN OA 261 -97.67 -23.52 -37.43
N VAL OA 262 -96.35 -23.63 -37.34
CA VAL OA 262 -95.61 -22.69 -36.52
C VAL OA 262 -94.25 -22.44 -37.16
N HIS OA 263 -93.85 -21.16 -37.23
CA HIS OA 263 -92.55 -20.75 -37.71
C HIS OA 263 -91.97 -19.73 -36.74
N ALA OA 264 -90.70 -19.89 -36.39
CA ALA OA 264 -90.01 -18.97 -35.49
C ALA OA 264 -88.60 -18.72 -35.98
N GLN OA 265 -88.11 -17.50 -35.76
CA GLN OA 265 -86.73 -17.12 -36.06
C GLN OA 265 -86.15 -16.34 -34.90
N VAL OA 266 -84.87 -16.55 -34.63
CA VAL OA 266 -84.20 -16.00 -33.45
C VAL OA 266 -83.00 -15.18 -33.93
N THR OA 267 -82.82 -14.01 -33.33
CA THR OA 267 -81.60 -13.22 -33.48
C THR OA 267 -80.99 -13.01 -32.10
N ALA OA 268 -79.67 -13.04 -32.03
CA ALA OA 268 -78.94 -13.00 -30.76
C ALA OA 268 -77.89 -11.91 -30.81
N GLN OA 269 -77.92 -11.01 -29.82
CA GLN OA 269 -76.84 -10.05 -29.61
C GLN OA 269 -75.86 -10.64 -28.60
N LEU OA 270 -74.66 -10.95 -29.06
CA LEU OA 270 -73.70 -11.72 -28.29
C LEU OA 270 -72.60 -10.82 -27.72
N ASP OA 271 -71.75 -11.42 -26.90
CA ASP OA 271 -70.69 -10.73 -26.18
C ASP OA 271 -69.35 -11.36 -26.54
N PHE OA 272 -68.59 -10.70 -27.42
CA PHE OA 272 -67.28 -11.16 -27.85
C PHE OA 272 -66.16 -10.25 -27.36
N ALA OA 273 -66.38 -9.61 -26.22
CA ALA OA 273 -65.42 -8.67 -25.63
C ALA OA 273 -64.80 -9.34 -24.41
N ASN OA 274 -63.47 -9.47 -24.43
CA ASN OA 274 -62.74 -10.07 -23.32
C ASN OA 274 -62.69 -9.11 -22.14
N LYS OA 275 -63.27 -9.51 -21.00
CA LYS OA 275 -63.27 -8.69 -19.80
C LYS OA 275 -62.64 -9.46 -18.65
N GLU OA 276 -61.83 -8.74 -17.87
CA GLU OA 276 -61.18 -9.28 -16.68
C GLU OA 276 -61.43 -8.32 -15.52
N GLN OA 277 -61.83 -8.88 -14.38
CA GLN OA 277 -62.25 -8.04 -13.27
C GLN OA 277 -61.73 -8.62 -11.96
N THR OA 278 -61.22 -7.73 -11.10
CA THR OA 278 -60.77 -8.09 -9.76
C THR OA 278 -61.53 -7.23 -8.76
N GLU OA 279 -62.20 -7.87 -7.80
CA GLU OA 279 -63.06 -7.19 -6.84
C GLU OA 279 -62.50 -7.37 -5.44
N GLU OA 280 -62.40 -6.28 -4.68
CA GLU OA 280 -61.95 -6.29 -3.30
C GLU OA 280 -63.05 -5.71 -2.42
N HIS OA 281 -63.39 -6.41 -1.35
CA HIS OA 281 -64.45 -6.00 -0.44
C HIS OA 281 -63.93 -6.02 0.99
N TYR OA 282 -64.18 -4.94 1.73
CA TYR OA 282 -63.82 -4.85 3.14
C TYR OA 282 -65.08 -4.78 3.97
N SER OA 283 -65.17 -5.64 4.98
CA SER OA 283 -66.29 -5.58 5.90
C SER OA 283 -66.16 -4.36 6.81
N PRO OA 284 -67.22 -3.59 6.99
CA PRO OA 284 -67.13 -2.40 7.85
C PRO OA 284 -66.87 -2.78 9.30
N ASN OA 285 -66.07 -1.95 9.97
CA ASN OA 285 -65.70 -2.17 11.36
C ASN OA 285 -65.96 -0.94 12.23
N GLY OA 286 -66.85 -0.05 11.81
CA GLY OA 286 -67.16 1.14 12.58
C GLY OA 286 -67.89 0.88 13.88
N ASP OA 287 -68.57 -0.25 13.99
CA ASP OA 287 -69.26 -0.61 15.23
C ASP OA 287 -68.30 -1.38 16.11
N ALA OA 288 -68.24 -1.01 17.40
CA ALA OA 288 -67.32 -1.64 18.33
C ALA OA 288 -67.64 -3.11 18.58
N SER OA 289 -68.86 -3.55 18.27
CA SER OA 289 -69.24 -4.95 18.50
C SER OA 289 -68.64 -5.90 17.47
N LYS OA 290 -68.53 -5.48 16.21
CA LYS OA 290 -67.95 -6.32 15.17
C LYS OA 290 -66.52 -5.96 14.83
N ALA OA 291 -65.88 -5.08 15.60
CA ALA OA 291 -64.54 -4.61 15.31
C ALA OA 291 -63.52 -5.59 15.89
N THR OA 292 -62.59 -6.04 15.04
CA THR OA 292 -61.53 -6.93 15.49
C THR OA 292 -60.25 -6.13 15.72
N LEU OA 293 -59.64 -6.35 16.88
CA LEU OA 293 -58.51 -5.56 17.33
C LEU OA 293 -57.27 -6.43 17.56
N ARG OA 294 -56.12 -5.84 17.25
CA ARG OA 294 -54.82 -6.44 17.58
C ARG OA 294 -54.12 -5.76 18.74
N SER OA 295 -54.12 -4.43 18.79
CA SER OA 295 -53.49 -3.70 19.88
C SER OA 295 -54.29 -2.45 20.15
N ARG OA 296 -54.39 -2.09 21.44
CA ARG OA 296 -55.21 -0.97 21.86
C ARG OA 296 -54.55 -0.31 23.06
N GLN OA 297 -54.32 0.99 22.95
CA GLN OA 297 -53.75 1.79 24.03
C GLN OA 297 -54.75 2.87 24.42
N LEU OA 298 -55.17 2.85 25.69
CA LEU OA 298 -56.19 3.76 26.20
C LEU OA 298 -55.64 4.47 27.43
N ASN OA 299 -55.16 5.69 27.25
CA ASN OA 299 -54.67 6.51 28.35
C ASN OA 299 -55.79 7.45 28.80
N ILE OA 300 -56.18 7.35 30.06
CA ILE OA 300 -57.27 8.13 30.62
C ILE OA 300 -56.75 8.91 31.81
N SER OA 301 -57.05 10.21 31.84
CA SER OA 301 -56.62 11.07 32.94
C SER OA 301 -57.76 11.99 33.33
N GLU OA 302 -58.00 12.13 34.63
CA GLU OA 302 -59.04 13.01 35.15
C GLU OA 302 -58.50 13.69 36.41
N GLN OA 303 -58.12 14.95 36.27
CA GLN OA 303 -57.57 15.74 37.38
C GLN OA 303 -58.65 16.73 37.82
N VAL OA 304 -59.50 16.29 38.75
CA VAL OA 304 -60.56 17.13 39.29
C VAL OA 304 -59.98 18.02 40.37
N GLY OA 305 -60.27 19.32 40.29
CA GLY OA 305 -59.77 20.26 41.27
C GLY OA 305 -60.82 20.71 42.26
N ALA OA 353 -68.25 23.19 37.20
CA ALA OA 353 -67.45 21.97 37.10
C ALA OA 353 -66.08 22.17 37.74
N GLY OA 354 -65.76 23.41 38.08
CA GLY OA 354 -64.49 23.73 38.68
C GLY OA 354 -63.34 23.58 37.71
N PRO OA 355 -62.13 23.39 38.24
CA PRO OA 355 -60.96 23.23 37.36
C PRO OA 355 -60.75 21.79 36.93
N ARG OA 356 -61.77 21.20 36.31
CA ARG OA 356 -61.67 19.82 35.83
C ARG OA 356 -60.75 19.74 34.63
N SER OA 357 -60.13 18.56 34.45
CA SER OA 357 -59.23 18.34 33.33
C SER OA 357 -59.29 16.89 32.87
N THR OA 358 -60.09 16.61 31.85
CA THR OA 358 -60.21 15.26 31.33
C THR OA 358 -59.36 15.11 30.06
N GLN OA 359 -58.70 13.96 29.94
CA GLN OA 359 -57.82 13.70 28.81
C GLN OA 359 -57.88 12.20 28.49
N ARG OA 360 -58.25 11.88 27.26
CA ARG OA 360 -58.35 10.49 26.82
C ARG OA 360 -57.61 10.34 25.49
N ASN OA 361 -56.53 9.58 25.50
CA ASN OA 361 -55.74 9.29 24.30
C ASN OA 361 -55.95 7.82 23.95
N GLU OA 362 -56.63 7.56 22.84
CA GLU OA 362 -56.98 6.22 22.42
C GLU OA 362 -56.36 5.90 21.07
N THR OA 363 -55.63 4.79 21.00
CA THR OA 363 -55.02 4.30 19.76
C THR OA 363 -55.45 2.86 19.56
N SER OA 364 -55.98 2.55 18.39
CA SER OA 364 -56.52 1.22 18.10
C SER OA 364 -56.02 0.76 16.75
N ASN OA 365 -55.53 -0.48 16.68
CA ASN OA 365 -55.15 -1.13 15.43
C ASN OA 365 -56.10 -2.27 15.16
N TYR OA 366 -56.70 -2.27 13.97
CA TYR OA 366 -57.75 -3.22 13.63
C TYR OA 366 -57.28 -4.22 12.58
N GLU OA 367 -57.95 -5.38 12.57
CA GLU OA 367 -57.82 -6.37 11.50
C GLU OA 367 -59.18 -6.53 10.85
N VAL OA 368 -59.22 -6.47 9.53
CA VAL OA 368 -60.48 -6.39 8.80
C VAL OA 368 -60.65 -7.61 7.91
N ASP OA 369 -61.91 -7.99 7.69
CA ASP OA 369 -62.22 -9.05 6.75
C ASP OA 369 -61.94 -8.59 5.33
N ARG OA 370 -61.47 -9.52 4.50
CA ARG OA 370 -61.06 -9.18 3.15
C ARG OA 370 -61.47 -10.30 2.20
N THR OA 371 -62.01 -9.91 1.05
CA THR OA 371 -62.49 -10.87 0.06
C THR OA 371 -62.05 -10.38 -1.32
N ILE OA 372 -61.13 -11.10 -1.94
CA ILE OA 372 -60.69 -10.81 -3.30
C ILE OA 372 -61.33 -11.79 -4.26
N ARG OA 373 -62.06 -11.28 -5.25
CA ARG OA 373 -62.67 -12.09 -6.28
C ARG OA 373 -62.10 -11.72 -7.64
N HIS OA 374 -61.57 -12.71 -8.35
CA HIS OA 374 -61.04 -12.53 -9.68
C HIS OA 374 -61.93 -13.25 -10.68
N THR OA 375 -62.44 -12.51 -11.66
CA THR OA 375 -63.44 -13.04 -12.59
C THR OA 375 -62.99 -12.78 -14.02
N LYS OA 376 -63.05 -13.82 -14.84
CA LYS OA 376 -62.80 -13.71 -16.27
C LYS OA 376 -64.07 -14.12 -17.00
N MET OA 377 -64.80 -13.12 -17.52
CA MET OA 377 -66.07 -13.40 -18.18
C MET OA 377 -65.85 -14.22 -19.44
N ASN OA 378 -66.80 -15.12 -19.71
CA ASN OA 378 -66.74 -15.96 -20.89
C ASN OA 378 -66.99 -15.14 -22.15
N VAL OA 379 -66.27 -15.51 -23.22
CA VAL OA 379 -66.42 -14.86 -24.53
C VAL OA 379 -67.47 -15.63 -25.31
N GLY OA 380 -68.48 -14.92 -25.79
CA GLY OA 380 -69.59 -15.53 -26.49
C GLY OA 380 -70.90 -15.60 -25.73
N ASP OA 381 -71.03 -14.88 -24.61
CA ASP OA 381 -72.26 -14.89 -23.85
C ASP OA 381 -73.34 -14.08 -24.57
N ILE OA 382 -74.58 -14.31 -24.17
CA ILE OA 382 -75.73 -13.65 -24.80
C ILE OA 382 -76.05 -12.38 -24.01
N GLU OA 383 -76.19 -11.27 -24.73
CA GLU OA 383 -76.55 -10.00 -24.14
C GLU OA 383 -78.04 -9.71 -24.21
N ARG OA 384 -78.66 -9.88 -25.38
CA ARG OA 384 -80.06 -9.53 -25.56
C ARG OA 384 -80.62 -10.42 -26.66
N LEU OA 385 -81.70 -11.15 -26.35
CA LEU OA 385 -82.31 -12.08 -27.29
C LEU OA 385 -83.72 -11.61 -27.62
N SER OA 386 -83.99 -11.44 -28.92
CA SER OA 386 -85.33 -11.11 -29.40
C SER OA 386 -85.77 -12.17 -30.40
N VAL OA 387 -87.01 -12.62 -30.25
CA VAL OA 387 -87.50 -13.78 -30.98
C VAL OA 387 -88.84 -13.42 -31.61
N ALA OA 388 -88.99 -13.76 -32.89
CA ALA OA 388 -90.23 -13.54 -33.63
C ALA OA 388 -90.84 -14.89 -33.98
N VAL OA 389 -92.08 -15.11 -33.54
CA VAL OA 389 -92.80 -16.35 -33.76
C VAL OA 389 -94.12 -16.04 -34.45
N VAL OA 390 -94.46 -16.81 -35.48
CA VAL OA 390 -95.72 -16.67 -36.19
C VAL OA 390 -96.41 -18.03 -36.22
N VAL OA 391 -97.71 -18.03 -35.92
CA VAL OA 391 -98.49 -19.26 -35.92
C VAL OA 391 -99.55 -19.19 -37.01
N ASN OA 392 -100.09 -20.34 -37.40
CA ASN OA 392 -101.10 -20.42 -38.43
C ASN OA 392 -102.49 -20.36 -37.82
N TYR OA 393 -103.50 -20.32 -38.70
CA TYR OA 393 -104.89 -20.41 -38.27
C TYR OA 393 -105.29 -21.87 -38.15
N LYS OA 394 -106.55 -22.12 -37.76
CA LYS OA 394 -107.05 -23.48 -37.62
C LYS OA 394 -108.11 -23.74 -38.67
N THR OA 395 -107.80 -24.63 -39.61
CA THR OA 395 -108.73 -25.02 -40.67
C THR OA 395 -109.42 -26.31 -40.23
N LEU OA 396 -110.73 -26.22 -39.96
CA LEU OA 396 -111.48 -27.38 -39.53
C LEU OA 396 -111.74 -28.32 -40.71
N ALA OA 397 -112.54 -29.36 -40.45
CA ALA OA 397 -112.89 -30.31 -41.50
C ALA OA 397 -113.57 -29.64 -42.68
N ASP OA 398 -114.36 -28.60 -42.42
CA ASP OA 398 -114.95 -27.82 -43.51
C ASP OA 398 -113.88 -27.09 -44.30
N GLY OA 399 -112.86 -26.56 -43.62
CA GLY OA 399 -111.79 -25.83 -44.25
C GLY OA 399 -111.74 -24.36 -43.91
N LYS OA 400 -112.60 -23.87 -43.03
CA LYS OA 400 -112.61 -22.46 -42.66
C LYS OA 400 -111.42 -22.15 -41.76
N PRO OA 401 -110.58 -21.17 -42.10
CA PRO OA 401 -109.44 -20.84 -41.24
C PRO OA 401 -109.85 -20.11 -39.98
N LEU OA 402 -110.25 -20.86 -38.96
CA LEU OA 402 -110.69 -20.26 -37.70
C LEU OA 402 -109.48 -19.79 -36.90
N PRO OA 403 -109.43 -18.52 -36.50
CA PRO OA 403 -108.30 -18.04 -35.69
C PRO OA 403 -108.30 -18.68 -34.30
N LEU OA 404 -107.14 -18.60 -33.65
CA LEU OA 404 -106.98 -19.15 -32.30
C LEU OA 404 -107.65 -18.26 -31.27
N THR OA 405 -107.57 -18.64 -29.99
CA THR OA 405 -108.20 -17.91 -28.90
C THR OA 405 -107.13 -17.20 -28.07
N ALA OA 406 -107.61 -16.34 -27.16
CA ALA OA 406 -106.69 -15.58 -26.32
C ALA OA 406 -105.93 -16.49 -25.36
N ASP OA 407 -106.61 -17.48 -24.80
CA ASP OA 407 -105.96 -18.39 -23.86
C ASP OA 407 -104.86 -19.19 -24.55
N GLN OA 408 -105.14 -19.68 -25.76
CA GLN OA 408 -104.13 -20.42 -26.50
C GLN OA 408 -102.95 -19.52 -26.87
N MET OA 409 -103.23 -18.27 -27.24
CA MET OA 409 -102.14 -17.34 -27.54
C MET OA 409 -101.28 -17.08 -26.32
N LYS OA 410 -101.91 -16.92 -25.14
CA LYS OA 410 -101.14 -16.74 -23.91
C LYS OA 410 -100.29 -17.97 -23.61
N GLN OA 411 -100.85 -19.16 -23.84
CA GLN OA 411 -100.07 -20.38 -23.63
C GLN OA 411 -98.87 -20.45 -24.55
N ILE OA 412 -99.06 -20.07 -25.82
CA ILE OA 412 -97.93 -20.05 -26.77
C ILE OA 412 -96.88 -19.05 -26.32
N GLU OA 413 -97.33 -17.87 -25.86
CA GLU OA 413 -96.38 -16.86 -25.39
C GLU OA 413 -95.57 -17.38 -24.20
N ASP OA 414 -96.24 -18.03 -23.24
CA ASP OA 414 -95.54 -18.56 -22.09
C ASP OA 414 -94.54 -19.65 -22.48
N LEU OA 415 -94.97 -20.55 -23.39
CA LEU OA 415 -94.09 -21.62 -23.83
C LEU OA 415 -92.87 -21.07 -24.55
N THR OA 416 -93.07 -20.05 -25.40
CA THR OA 416 -91.95 -19.45 -26.11
C THR OA 416 -91.01 -18.73 -25.14
N ARG OA 417 -91.57 -18.07 -24.13
CA ARG OA 417 -90.74 -17.42 -23.12
C ARG OA 417 -89.89 -18.43 -22.37
N GLU OA 418 -90.49 -19.58 -22.05
CA GLU OA 418 -89.74 -20.64 -21.37
C GLU OA 418 -88.64 -21.20 -22.26
N ALA OA 419 -88.96 -21.44 -23.53
CA ALA OA 419 -87.98 -22.04 -24.44
C ALA OA 419 -86.82 -21.09 -24.72
N MET OA 420 -87.11 -19.81 -24.92
CA MET OA 420 -86.08 -18.85 -25.27
C MET OA 420 -85.22 -18.44 -24.07
N GLY OA 421 -85.58 -18.89 -22.87
CA GLY OA 421 -84.89 -18.41 -21.69
C GLY OA 421 -85.13 -16.94 -21.41
N PHE OA 422 -86.39 -16.51 -21.53
CA PHE OA 422 -86.71 -15.08 -21.42
C PHE OA 422 -86.29 -14.53 -20.07
N SER OA 423 -85.62 -13.37 -20.10
CA SER OA 423 -85.20 -12.69 -18.90
C SER OA 423 -85.37 -11.18 -19.10
N ASP OA 424 -85.58 -10.47 -17.99
CA ASP OA 424 -85.76 -9.03 -18.03
C ASP OA 424 -84.47 -8.27 -17.81
N LYS OA 425 -83.48 -8.85 -17.12
CA LYS OA 425 -82.19 -8.19 -16.98
C LYS OA 425 -81.49 -8.05 -18.32
N ARG OA 426 -81.57 -9.09 -19.16
CA ARG OA 426 -80.98 -9.01 -20.50
C ARG OA 426 -81.68 -7.97 -21.35
N GLY OA 427 -83.00 -7.90 -21.25
CA GLY OA 427 -83.78 -6.99 -22.08
C GLY OA 427 -84.42 -7.73 -23.24
N ASP OA 428 -84.81 -8.97 -23.02
CA ASP OA 428 -85.36 -9.83 -24.06
C ASP OA 428 -86.74 -9.33 -24.47
N THR OA 429 -87.03 -9.41 -25.76
CA THR OA 429 -88.33 -9.04 -26.32
C THR OA 429 -88.87 -10.22 -27.10
N LEU OA 430 -90.15 -10.50 -26.94
CA LEU OA 430 -90.83 -11.59 -27.64
C LEU OA 430 -92.11 -11.08 -28.27
N ASN OA 431 -92.37 -11.50 -29.51
CA ASN OA 431 -93.57 -11.12 -30.23
C ASN OA 431 -94.12 -12.34 -30.96
N VAL OA 432 -95.31 -12.79 -30.56
CA VAL OA 432 -96.01 -13.88 -31.21
C VAL OA 432 -97.33 -13.35 -31.76
N VAL OA 433 -97.53 -13.50 -33.06
CA VAL OA 433 -98.74 -13.03 -33.73
C VAL OA 433 -99.40 -14.21 -34.44
N ASN OA 434 -100.71 -14.11 -34.64
CA ASN OA 434 -101.48 -15.15 -35.31
C ASN OA 434 -101.96 -14.63 -36.66
N SER OA 435 -101.70 -15.39 -37.71
CA SER OA 435 -102.11 -15.02 -39.05
C SER OA 435 -102.17 -16.25 -39.95
N PRO OA 436 -103.08 -16.30 -40.91
CA PRO OA 436 -103.16 -17.48 -41.79
C PRO OA 436 -101.97 -17.54 -42.73
N PHE OA 437 -101.40 -18.73 -42.86
CA PHE OA 437 -100.26 -18.93 -43.74
C PHE OA 437 -100.69 -18.89 -45.21
N SER OA 438 -99.78 -18.42 -46.05
CA SER OA 438 -100.06 -18.38 -47.48
C SER OA 438 -99.82 -19.75 -48.11
N ALA OA 439 -100.41 -19.94 -49.29
CA ALA OA 439 -100.28 -21.20 -50.01
C ALA OA 439 -98.89 -21.38 -50.58
N ASP PA 229 -57.17 -4.53 -48.93
CA ASP PA 229 -56.69 -5.67 -48.15
C ASP PA 229 -57.62 -5.94 -46.96
N LEU PA 230 -57.33 -5.31 -45.82
CA LEU PA 230 -58.18 -5.47 -44.65
C LEU PA 230 -59.54 -4.82 -44.87
N ASN PA 231 -59.57 -3.73 -45.64
CA ASN PA 231 -60.82 -3.04 -45.91
C ASN PA 231 -61.80 -3.94 -46.65
N ASP PA 232 -61.30 -4.73 -47.60
CA ASP PA 232 -62.16 -5.67 -48.33
C ASP PA 232 -62.71 -6.74 -47.40
N ALA PA 233 -61.89 -7.23 -46.46
CA ALA PA 233 -62.38 -8.20 -45.49
C ALA PA 233 -63.48 -7.60 -44.63
N GLN PA 234 -63.29 -6.35 -44.17
CA GLN PA 234 -64.33 -5.69 -43.38
C GLN PA 234 -65.61 -5.52 -44.18
N LEU PA 235 -65.48 -5.15 -45.47
CA LEU PA 235 -66.65 -4.97 -46.31
C LEU PA 235 -67.40 -6.26 -46.53
N LYS PA 236 -66.67 -7.37 -46.74
CA LYS PA 236 -67.31 -8.67 -46.89
C LYS PA 236 -68.00 -9.08 -45.58
N PHE PA 237 -67.38 -8.77 -44.44
CA PHE PA 237 -68.00 -9.03 -43.15
C PHE PA 237 -69.33 -8.28 -43.04
N ALA PA 238 -69.34 -7.00 -43.41
CA ALA PA 238 -70.58 -6.22 -43.40
C ALA PA 238 -71.62 -6.80 -44.35
N ASN PA 239 -71.20 -7.21 -45.54
CA ASN PA 239 -72.14 -7.79 -46.51
C ASN PA 239 -72.76 -9.07 -45.97
N ASP PA 240 -71.96 -9.95 -45.35
CA ASP PA 240 -72.52 -11.17 -44.78
C ASP PA 240 -73.50 -10.88 -43.65
N VAL PA 241 -73.17 -9.93 -42.77
CA VAL PA 241 -74.09 -9.58 -41.69
C VAL PA 241 -75.40 -9.05 -42.26
N GLU PA 242 -75.32 -8.15 -43.24
CA GLU PA 242 -76.53 -7.59 -43.83
C GLU PA 242 -77.36 -8.67 -44.51
N SER PA 243 -76.71 -9.57 -45.23
CA SER PA 243 -77.43 -10.63 -45.93
C SER PA 243 -78.14 -11.55 -44.95
N ARG PA 244 -77.49 -11.89 -43.83
CA ARG PA 244 -78.12 -12.75 -42.85
C ARG PA 244 -79.30 -12.07 -42.14
N ILE PA 245 -79.16 -10.77 -41.84
CA ILE PA 245 -80.32 -10.06 -41.29
C ILE PA 245 -81.47 -10.03 -42.29
N GLN PA 246 -81.15 -9.80 -43.57
CA GLN PA 246 -82.18 -9.81 -44.61
C GLN PA 246 -82.87 -11.16 -44.68
N ARG PA 247 -82.10 -12.25 -44.64
CA ARG PA 247 -82.69 -13.58 -44.72
C ARG PA 247 -83.55 -13.87 -43.51
N ARG PA 248 -83.12 -13.44 -42.31
CA ARG PA 248 -83.92 -13.66 -41.12
C ARG PA 248 -85.25 -12.93 -41.21
N ILE PA 249 -85.24 -11.70 -41.73
CA ILE PA 249 -86.49 -10.96 -41.90
C ILE PA 249 -87.39 -11.68 -42.91
N GLU PA 250 -86.81 -12.09 -44.04
CA GLU PA 250 -87.59 -12.74 -45.10
C GLU PA 250 -88.21 -14.04 -44.61
N ALA PA 251 -87.50 -14.76 -43.75
CA ALA PA 251 -87.96 -16.06 -43.26
C ALA PA 251 -89.29 -15.95 -42.54
N ILE PA 252 -89.46 -14.93 -41.69
CA ILE PA 252 -90.71 -14.78 -40.97
C ILE PA 252 -91.74 -14.04 -41.82
N LEU PA 253 -91.28 -13.19 -42.74
CA LEU PA 253 -92.24 -12.42 -43.52
C LEU PA 253 -92.82 -13.24 -44.67
N SER PA 254 -92.20 -14.38 -44.97
CA SER PA 254 -92.66 -15.24 -46.07
C SER PA 254 -93.97 -15.98 -45.77
N PRO PA 255 -94.11 -16.69 -44.63
CA PRO PA 255 -95.30 -17.53 -44.44
C PRO PA 255 -96.63 -16.79 -44.50
N ILE PA 256 -96.67 -15.56 -43.98
CA ILE PA 256 -97.91 -14.80 -43.95
C ILE PA 256 -98.05 -13.98 -45.23
N VAL PA 257 -97.05 -13.22 -45.68
CA VAL PA 257 -97.24 -12.32 -46.86
C VAL PA 257 -97.15 -13.16 -48.13
N GLY PA 258 -96.31 -14.18 -48.13
CA GLY PA 258 -96.17 -15.08 -49.28
C GLY PA 258 -94.81 -14.99 -49.92
N ASN PA 259 -94.37 -16.04 -50.59
CA ASN PA 259 -93.07 -15.98 -51.33
C ASN PA 259 -93.10 -14.88 -52.40
N GLY PA 260 -92.05 -14.04 -52.43
CA GLY PA 260 -91.92 -12.95 -53.41
C GLY PA 260 -92.78 -11.74 -53.11
N ASN PA 261 -93.64 -11.82 -52.13
CA ASN PA 261 -94.57 -10.70 -51.87
C ASN PA 261 -93.90 -9.85 -50.80
N VAL PA 262 -92.63 -10.13 -50.55
CA VAL PA 262 -91.89 -9.32 -49.59
C VAL PA 262 -90.44 -9.21 -50.03
N HIS PA 263 -89.89 -8.00 -49.98
CA HIS PA 263 -88.49 -7.72 -50.28
C HIS PA 263 -87.93 -6.81 -49.19
N ALA PA 264 -86.74 -7.15 -48.68
CA ALA PA 264 -86.08 -6.36 -47.66
C ALA PA 264 -84.59 -6.27 -47.95
N GLN PA 265 -84.00 -5.13 -47.60
CA GLN PA 265 -82.57 -4.92 -47.71
C GLN PA 265 -82.06 -4.25 -46.45
N VAL PA 266 -80.86 -4.63 -46.02
CA VAL PA 266 -80.28 -4.21 -44.74
C VAL PA 266 -78.95 -3.52 -45.02
N THR PA 267 -78.71 -2.41 -44.34
CA THR PA 267 -77.39 -1.78 -44.30
C THR PA 267 -76.96 -1.69 -42.84
N ALA PA 268 -75.66 -1.90 -42.61
CA ALA PA 268 -75.12 -1.98 -41.25
C ALA PA 268 -73.93 -1.03 -41.11
N GLN PA 269 -74.00 -0.17 -40.09
CA GLN PA 269 -72.85 0.64 -39.70
C GLN PA 269 -72.09 -0.11 -38.61
N LEU PA 270 -70.88 -0.54 -38.92
CA LEU PA 270 -70.13 -1.46 -38.06
C LEU PA 270 -69.02 -0.72 -37.31
N ASP PA 271 -68.36 -1.45 -36.43
CA ASP PA 271 -67.33 -0.92 -35.54
C ASP PA 271 -66.04 -1.70 -35.76
N PHE PA 272 -65.10 -1.10 -36.49
CA PHE PA 272 -63.81 -1.71 -36.78
C PHE PA 272 -62.67 -0.96 -36.11
N ALA PA 273 -62.96 -0.34 -34.96
CA ALA PA 273 -61.99 0.45 -34.22
C ALA PA 273 -61.61 -0.34 -32.96
N ASN PA 274 -60.31 -0.64 -32.83
CA ASN PA 274 -59.81 -1.36 -31.66
C ASN PA 274 -59.81 -0.45 -30.43
N LYS PA 275 -60.58 -0.82 -29.41
CA LYS PA 275 -60.64 -0.04 -28.17
C LYS PA 275 -60.27 -0.92 -26.98
N GLU PA 276 -59.49 -0.35 -26.07
CA GLU PA 276 -59.07 -1.00 -24.85
C GLU PA 276 -59.37 -0.06 -23.68
N GLN PA 277 -59.98 -0.60 -22.63
CA GLN PA 277 -60.43 0.24 -21.53
C GLN PA 277 -60.17 -0.44 -20.20
N THR PA 278 -59.68 0.34 -19.23
CA THR PA 278 -59.46 -0.11 -17.87
C THR PA 278 -60.24 0.80 -16.94
N GLU PA 279 -61.09 0.22 -16.10
CA GLU PA 279 -61.99 0.96 -15.23
C GLU PA 279 -61.65 0.66 -13.77
N GLU PA 280 -61.52 1.71 -12.96
CA GLU PA 280 -61.27 1.59 -11.54
C GLU PA 280 -62.40 2.28 -10.78
N HIS PA 281 -62.96 1.58 -9.79
CA HIS PA 281 -64.08 2.10 -9.00
C HIS PA 281 -63.75 1.95 -7.53
N TYR PA 282 -63.96 3.02 -6.77
CA TYR PA 282 -63.79 3.03 -5.32
C TYR PA 282 -65.14 3.22 -4.65
N SER PA 283 -65.46 2.34 -3.71
CA SER PA 283 -66.68 2.50 -2.93
C SER PA 283 -66.53 3.68 -1.96
N PRO PA 284 -67.50 4.57 -1.88
CA PRO PA 284 -67.38 5.70 -0.95
C PRO PA 284 -67.36 5.24 0.50
N ASN PA 285 -66.57 5.95 1.31
CA ASN PA 285 -66.43 5.63 2.73
C ASN PA 285 -66.64 6.85 3.61
N GLY PA 286 -67.37 7.85 3.12
CA GLY PA 286 -67.62 9.05 3.90
C GLY PA 286 -68.54 8.84 5.08
N ASP PA 287 -69.36 7.80 5.06
CA ASP PA 287 -70.26 7.49 6.17
C ASP PA 287 -69.52 6.57 7.13
N ALA PA 288 -69.58 6.89 8.43
CA ALA PA 288 -68.88 6.11 9.44
C ALA PA 288 -69.41 4.68 9.57
N SER PA 289 -70.62 4.40 9.09
CA SER PA 289 -71.18 3.06 9.19
C SER PA 289 -70.59 2.08 8.20
N LYS PA 290 -70.24 2.53 6.99
CA LYS PA 290 -69.64 1.66 6.00
C LYS PA 290 -68.13 1.85 5.86
N ALA PA 291 -67.51 2.63 6.74
CA ALA PA 291 -66.09 2.93 6.66
C ALA PA 291 -65.29 1.81 7.30
N THR PA 292 -64.32 1.27 6.57
CA THR PA 292 -63.43 0.24 7.09
C THR PA 292 -62.11 0.87 7.54
N LEU PA 293 -61.69 0.53 8.75
CA LEU PA 293 -60.55 1.16 9.37
C LEU PA 293 -59.47 0.14 9.72
N ARG PA 294 -58.21 0.59 9.59
CA ARG PA 294 -57.05 -0.18 10.05
C ARG PA 294 -56.44 0.37 11.33
N SER PA 295 -56.30 1.69 11.45
CA SER PA 295 -55.72 2.30 12.64
C SER PA 295 -56.41 3.62 12.88
N ARG PA 296 -56.63 3.94 14.15
CA ARG PA 296 -57.36 5.14 14.53
C ARG PA 296 -56.79 5.67 15.82
N GLN PA 297 -56.40 6.95 15.82
CA GLN PA 297 -55.88 7.63 17.00
C GLN PA 297 -56.79 8.80 17.32
N LEU PA 298 -57.38 8.80 18.51
CA LEU PA 298 -58.35 9.81 18.94
C LEU PA 298 -57.88 10.39 20.26
N ASN PA 299 -57.24 11.56 20.20
CA ASN PA 299 -56.80 12.26 21.40
C ASN PA 299 -57.84 13.32 21.75
N ILE PA 300 -58.42 13.22 22.94
CA ILE PA 300 -59.47 14.11 23.40
C ILE PA 300 -59.03 14.78 24.69
N SER PA 301 -59.17 16.11 24.75
CA SER PA 301 -58.79 16.87 25.93
C SER PA 301 -59.85 17.92 26.22
N GLU PA 302 -60.25 18.03 27.49
CA GLU PA 302 -61.24 19.02 27.91
C GLU PA 302 -60.79 19.58 29.26
N GLN PA 303 -60.24 20.79 29.24
CA GLN PA 303 -59.76 21.46 30.45
C GLN PA 303 -60.77 22.56 30.80
N VAL PA 304 -61.79 22.19 31.58
CA VAL PA 304 -62.80 23.14 32.01
C VAL PA 304 -62.28 23.92 33.21
N GLY PA 305 -62.39 25.24 33.16
CA GLY PA 305 -61.91 26.08 34.25
C GLY PA 305 -63.03 26.62 35.12
N ALA PA 353 -69.36 30.19 29.28
CA ALA PA 353 -68.71 28.89 29.22
C ALA PA 353 -67.42 28.88 30.04
N GLY PA 354 -67.01 30.07 30.49
CA GLY PA 354 -65.80 30.21 31.27
C GLY PA 354 -64.56 29.94 30.43
N PRO PA 355 -63.46 29.59 31.10
CA PRO PA 355 -62.21 29.32 30.37
C PRO PA 355 -62.13 27.87 29.90
N ARG PA 356 -63.11 27.43 29.12
CA ARG PA 356 -63.11 26.08 28.60
C ARG PA 356 -62.05 25.92 27.51
N SER PA 357 -61.56 24.69 27.36
CA SER PA 357 -60.55 24.38 26.36
C SER PA 357 -60.72 22.97 25.82
N THR PA 358 -61.41 22.83 24.70
CA THR PA 358 -61.60 21.52 24.09
C THR PA 358 -60.62 21.32 22.93
N GLN PA 359 -60.10 20.10 22.85
CA GLN PA 359 -59.12 19.77 21.81
C GLN PA 359 -59.31 18.32 21.42
N ARG PA 360 -59.54 18.07 20.14
CA ARG PA 360 -59.75 16.73 19.61
C ARG PA 360 -58.85 16.53 18.39
N ASN PA 361 -57.89 15.64 18.49
CA ASN PA 361 -56.98 15.30 17.39
C ASN PA 361 -57.32 13.88 16.94
N GLU PA 362 -57.87 13.75 15.74
CA GLU PA 362 -58.33 12.46 15.22
C GLU PA 362 -57.56 12.14 13.95
N THR PA 363 -56.98 10.94 13.91
CA THR PA 363 -56.27 10.43 12.73
C THR PA 363 -56.83 9.05 12.42
N SER PA 364 -57.23 8.84 11.16
CA SER PA 364 -57.88 7.62 10.74
C SER PA 364 -57.26 7.14 9.44
N ASN PA 365 -56.92 5.85 9.38
CA ASN PA 365 -56.45 5.21 8.16
C ASN PA 365 -57.50 4.20 7.70
N TYR PA 366 -57.93 4.31 6.45
CA TYR PA 366 -59.03 3.52 5.92
C TYR PA 366 -58.54 2.50 4.90
N GLU PA 367 -59.33 1.44 4.74
CA GLU PA 367 -59.19 0.48 3.65
C GLU PA 367 -60.46 0.51 2.83
N VAL PA 368 -60.31 0.61 1.51
CA VAL PA 368 -61.44 0.89 0.63
C VAL PA 368 -61.64 -0.28 -0.33
N ASP PA 369 -62.89 -0.49 -0.73
CA ASP PA 369 -63.20 -1.47 -1.76
C ASP PA 369 -62.68 -0.99 -3.11
N ARG PA 370 -62.22 -1.95 -3.91
CA ARG PA 370 -61.58 -1.62 -5.17
C ARG PA 370 -61.99 -2.64 -6.22
N THR PA 371 -62.33 -2.15 -7.41
CA THR PA 371 -62.79 -3.00 -8.51
C THR PA 371 -62.11 -2.52 -9.80
N ILE PA 372 -61.21 -3.33 -10.33
CA ILE PA 372 -60.55 -3.04 -11.60
C ILE PA 372 -61.18 -3.91 -12.68
N ARG PA 373 -61.70 -3.27 -13.73
CA ARG PA 373 -62.26 -3.98 -14.86
C ARG PA 373 -61.47 -3.61 -16.12
N HIS PA 374 -60.99 -4.64 -16.81
CA HIS PA 374 -60.26 -4.49 -18.06
C HIS PA 374 -61.09 -5.06 -19.19
N THR PA 375 -61.37 -4.23 -20.19
CA THR PA 375 -62.29 -4.59 -21.27
C THR PA 375 -61.63 -4.34 -22.62
N LYS PA 376 -61.70 -5.34 -23.49
CA LYS PA 376 -61.25 -5.21 -24.87
C LYS PA 376 -62.45 -5.42 -25.78
N MET PA 377 -62.98 -4.33 -26.33
CA MET PA 377 -64.17 -4.43 -27.17
C MET PA 377 -63.90 -5.22 -28.43
N ASN PA 378 -64.90 -5.99 -28.86
CA ASN PA 378 -64.77 -6.78 -30.07
C ASN PA 378 -64.75 -5.90 -31.30
N VAL PA 379 -63.96 -6.30 -32.29
CA VAL PA 379 -63.85 -5.62 -33.57
C VAL PA 379 -64.87 -6.21 -34.52
N GLY PA 380 -65.72 -5.37 -35.08
CA GLY PA 380 -66.78 -5.80 -35.96
C GLY PA 380 -68.18 -5.74 -35.36
N ASP PA 381 -68.36 -5.05 -34.24
CA ASP PA 381 -69.68 -4.93 -33.65
C ASP PA 381 -70.55 -3.96 -34.46
N ILE PA 382 -71.86 -4.05 -34.24
CA ILE PA 382 -72.83 -3.24 -34.97
C ILE PA 382 -73.10 -1.97 -34.17
N GLU PA 383 -73.00 -0.82 -34.85
CA GLU PA 383 -73.29 0.47 -34.23
C GLU PA 383 -74.71 0.95 -34.48
N ARG PA 384 -75.18 0.89 -35.72
CA ARG PA 384 -76.50 1.41 -36.06
C ARG PA 384 -77.00 0.64 -37.27
N LEU PA 385 -78.19 0.04 -37.15
CA LEU PA 385 -78.78 -0.78 -38.20
C LEU PA 385 -80.06 -0.12 -38.69
N SER PA 386 -80.14 0.12 -39.99
CA SER PA 386 -81.35 0.64 -40.62
C SER PA 386 -81.78 -0.32 -41.73
N VAL PA 387 -83.07 -0.62 -41.75
CA VAL PA 387 -83.60 -1.68 -42.61
C VAL PA 387 -84.79 -1.14 -43.39
N ALA PA 388 -84.81 -1.41 -44.69
CA ALA PA 388 -85.90 -1.01 -45.57
C ALA PA 388 -86.62 -2.26 -46.05
N VAL PA 389 -87.92 -2.34 -45.79
CA VAL PA 389 -88.75 -3.48 -46.18
C VAL PA 389 -89.92 -2.97 -47.00
N VAL PA 390 -90.20 -3.66 -48.11
CA VAL PA 390 -91.33 -3.34 -48.98
C VAL PA 390 -92.17 -4.61 -49.15
N VAL PA 391 -93.49 -4.46 -49.02
CA VAL PA 391 -94.40 -5.58 -49.18
C VAL PA 391 -95.28 -5.34 -50.40
N ASN PA 392 -95.90 -6.39 -50.91
CA ASN PA 392 -96.77 -6.31 -52.08
C ASN PA 392 -98.22 -6.10 -51.65
N TYR PA 393 -99.09 -5.92 -52.64
CA TYR PA 393 -100.52 -5.83 -52.40
C TYR PA 393 -101.11 -7.23 -52.40
N LYS PA 394 -102.42 -7.34 -52.19
CA LYS PA 394 -103.10 -8.64 -52.18
C LYS PA 394 -104.03 -8.73 -53.38
N THR PA 395 -103.71 -9.61 -54.32
CA THR PA 395 -104.53 -9.86 -55.50
C THR PA 395 -105.42 -11.06 -55.21
N LEU PA 396 -106.72 -10.81 -55.12
CA LEU PA 396 -107.66 -11.89 -54.85
C LEU PA 396 -107.87 -12.75 -56.09
N ALA PA 397 -108.82 -13.68 -55.99
CA ALA PA 397 -109.13 -14.55 -57.13
C ALA PA 397 -109.57 -13.75 -58.35
N ASP PA 398 -110.26 -12.64 -58.13
CA ASP PA 398 -110.60 -11.75 -59.25
C ASP PA 398 -109.35 -11.14 -59.86
N GLY PA 399 -108.38 -10.75 -59.03
CA GLY PA 399 -107.16 -10.14 -59.49
C GLY PA 399 -106.97 -8.70 -59.06
N LYS PA 400 -107.89 -8.15 -58.28
CA LYS PA 400 -107.78 -6.76 -57.84
C LYS PA 400 -106.69 -6.63 -56.78
N PRO PA 401 -105.71 -5.74 -56.96
CA PRO PA 401 -104.65 -5.60 -55.94
C PRO PA 401 -105.13 -4.87 -54.70
N LEU PA 402 -105.76 -5.59 -53.79
CA LEU PA 402 -106.28 -4.98 -52.57
C LEU PA 402 -105.15 -4.70 -51.59
N PRO PA 403 -104.99 -3.46 -51.12
CA PRO PA 403 -103.94 -3.16 -50.15
C PRO PA 403 -104.20 -3.83 -48.81
N LEU PA 404 -103.14 -3.93 -48.01
CA LEU PA 404 -103.23 -4.54 -46.69
C LEU PA 404 -103.92 -3.61 -45.70
N THR PA 405 -104.05 -4.05 -44.46
CA THR PA 405 -104.73 -3.28 -43.41
C THR PA 405 -103.71 -2.74 -42.42
N ALA PA 406 -104.19 -1.86 -41.53
CA ALA PA 406 -103.31 -1.24 -40.54
C ALA PA 406 -102.80 -2.27 -39.54
N ASP PA 407 -103.67 -3.19 -39.12
CA ASP PA 407 -103.25 -4.21 -38.16
C ASP PA 407 -102.18 -5.12 -38.74
N GLN PA 408 -102.34 -5.52 -40.00
CA GLN PA 408 -101.34 -6.35 -40.64
C GLN PA 408 -100.03 -5.60 -40.80
N MET PA 409 -100.10 -4.31 -41.14
CA MET PA 409 -98.89 -3.50 -41.26
C MET PA 409 -98.17 -3.40 -39.93
N LYS PA 410 -98.92 -3.22 -38.84
CA LYS PA 410 -98.31 -3.17 -37.51
C LYS PA 410 -97.66 -4.50 -37.16
N GLN PA 411 -98.32 -5.61 -37.51
CA GLN PA 411 -97.74 -6.92 -37.27
C GLN PA 411 -96.43 -7.10 -38.04
N ILE PA 412 -96.40 -6.66 -39.30
CA ILE PA 412 -95.17 -6.75 -40.09
C ILE PA 412 -94.08 -5.90 -39.47
N GLU PA 413 -94.43 -4.70 -39.00
CA GLU PA 413 -93.44 -3.83 -38.36
C GLU PA 413 -92.86 -4.48 -37.11
N ASP PA 414 -93.73 -5.08 -36.29
CA ASP PA 414 -93.26 -5.74 -35.08
C ASP PA 414 -92.36 -6.93 -35.40
N LEU PA 415 -92.77 -7.74 -36.39
CA LEU PA 415 -91.96 -8.89 -36.78
C LEU PA 415 -90.60 -8.46 -37.31
N THR PA 416 -90.57 -7.40 -38.11
CA THR PA 416 -89.29 -6.92 -38.65
C THR PA 416 -88.42 -6.36 -37.53
N ARG PA 417 -89.02 -5.67 -36.56
CA ARG PA 417 -88.26 -5.16 -35.42
C ARG PA 417 -87.65 -6.31 -34.63
N GLU PA 418 -88.42 -7.38 -34.44
CA GLU PA 418 -87.90 -8.55 -33.72
C GLU PA 418 -86.77 -9.21 -34.49
N ALA PA 419 -86.94 -9.37 -35.81
CA ALA PA 419 -85.92 -10.05 -36.62
C ALA PA 419 -84.63 -9.24 -36.69
N MET PA 420 -84.74 -7.92 -36.86
CA MET PA 420 -83.56 -7.09 -37.03
C MET PA 420 -82.83 -6.84 -35.71
N GLY PA 421 -83.40 -7.27 -34.59
CA GLY PA 421 -82.82 -6.92 -33.30
C GLY PA 421 -82.92 -5.45 -33.00
N PHE PA 422 -84.09 -4.85 -33.24
CA PHE PA 422 -84.25 -3.41 -33.11
C PHE PA 422 -83.96 -2.96 -31.68
N SER PA 423 -83.15 -1.90 -31.57
CA SER PA 423 -82.81 -1.31 -30.29
C SER PA 423 -82.79 0.21 -30.43
N ASP PA 424 -83.06 0.90 -29.32
CA ASP PA 424 -83.05 2.35 -29.31
C ASP PA 424 -81.71 2.95 -28.89
N LYS PA 425 -80.91 2.22 -28.11
CA LYS PA 425 -79.58 2.71 -27.77
C LYS PA 425 -78.70 2.80 -29.01
N ARG PA 426 -78.78 1.82 -29.90
CA ARG PA 426 -78.02 1.85 -31.14
C ARG PA 426 -78.46 3.02 -32.03
N GLY PA 427 -79.77 3.25 -32.09
CA GLY PA 427 -80.32 4.27 -32.97
C GLY PA 427 -80.88 3.67 -34.24
N ASP PA 428 -81.44 2.47 -34.13
CA ASP PA 428 -81.95 1.73 -35.27
C ASP PA 428 -83.19 2.41 -35.83
N THR PA 429 -83.30 2.41 -37.16
CA THR PA 429 -84.47 2.96 -37.85
C THR PA 429 -85.04 1.88 -38.76
N LEU PA 430 -86.37 1.76 -38.78
CA LEU PA 430 -87.06 0.77 -39.61
C LEU PA 430 -88.17 1.47 -40.37
N ASN PA 431 -88.32 1.13 -41.66
CA ASN PA 431 -89.36 1.68 -42.52
C ASN PA 431 -89.95 0.56 -43.35
N VAL PA 432 -91.22 0.26 -43.14
CA VAL PA 432 -91.95 -0.72 -43.94
C VAL PA 432 -93.11 -0.01 -44.62
N VAL PA 433 -93.16 -0.09 -45.94
CA VAL PA 433 -94.20 0.56 -46.74
C VAL PA 433 -94.89 -0.50 -47.58
N ASN PA 434 -96.14 -0.23 -47.94
CA ASN PA 434 -96.94 -1.15 -48.75
C ASN PA 434 -97.17 -0.53 -50.12
N SER PA 435 -96.86 -1.29 -51.17
CA SER PA 435 -97.04 -0.81 -52.54
C SER PA 435 -97.13 -1.99 -53.50
N PRO PA 436 -97.90 -1.90 -54.58
CA PRO PA 436 -98.00 -3.02 -55.51
C PRO PA 436 -96.71 -3.20 -56.29
N PHE PA 437 -96.27 -4.45 -56.41
CA PHE PA 437 -95.06 -4.76 -57.15
C PHE PA 437 -95.28 -4.61 -58.65
N SER PA 438 -94.22 -4.23 -59.35
CA SER PA 438 -94.29 -4.10 -60.79
C SER PA 438 -94.14 -5.47 -61.46
N ALA PA 439 -94.58 -5.54 -62.70
CA ALA PA 439 -94.52 -6.79 -63.47
C ALA PA 439 -93.08 -7.11 -63.86
N ASP QA 229 -50.26 4.35 -56.02
CA ASP QA 229 -50.03 3.13 -55.24
C ASP QA 229 -51.14 2.93 -54.21
N LEU QA 230 -50.92 3.48 -53.01
CA LEU QA 230 -51.94 3.39 -51.96
C LEU QA 230 -53.16 4.22 -52.32
N ASN QA 231 -52.97 5.32 -53.03
CA ASN QA 231 -54.09 6.17 -53.43
C ASN QA 231 -55.05 5.43 -54.34
N ASP QA 232 -54.52 4.60 -55.25
CA ASP QA 232 -55.39 3.82 -56.12
C ASP QA 232 -56.18 2.79 -55.33
N ALA QA 233 -55.55 2.16 -54.33
CA ALA QA 233 -56.29 1.23 -53.47
C ALA QA 233 -57.41 1.93 -52.71
N GLN QA 234 -57.14 3.13 -52.19
CA GLN QA 234 -58.18 3.89 -51.51
C GLN QA 234 -59.32 4.25 -52.46
N LEU QA 235 -58.97 4.64 -53.69
CA LEU QA 235 -59.99 5.00 -54.67
C LEU QA 235 -60.85 3.81 -55.04
N LYS QA 236 -60.23 2.63 -55.22
CA LYS QA 236 -61.01 1.43 -55.51
C LYS QA 236 -61.89 1.06 -54.33
N PHE QA 237 -61.40 1.24 -53.11
CA PHE QA 237 -62.22 1.03 -51.92
C PHE QA 237 -63.46 1.93 -51.94
N ALA QA 238 -63.26 3.21 -52.25
CA ALA QA 238 -64.39 4.14 -52.35
C ALA QA 238 -65.35 3.73 -53.45
N ASN QA 239 -64.83 3.31 -54.60
CA ASN QA 239 -65.70 2.89 -55.70
C ASN QA 239 -66.53 1.68 -55.33
N ASP QA 240 -65.94 0.69 -54.65
CA ASP QA 240 -66.72 -0.47 -54.23
C ASP QA 240 -67.78 -0.10 -53.22
N VAL QA 241 -67.46 0.77 -52.25
CA VAL QA 241 -68.48 1.19 -51.28
C VAL QA 241 -69.63 1.89 -51.98
N GLU QA 242 -69.31 2.81 -52.90
CA GLU QA 242 -70.35 3.54 -53.61
C GLU QA 242 -71.21 2.61 -54.44
N SER QA 243 -70.58 1.64 -55.13
CA SER QA 243 -71.32 0.71 -55.96
C SER QA 243 -72.26 -0.15 -55.12
N ARG QA 244 -71.81 -0.60 -53.95
CA ARG QA 244 -72.67 -1.42 -53.11
C ARG QA 244 -73.84 -0.62 -52.52
N ILE QA 245 -73.59 0.64 -52.14
CA ILE QA 245 -74.71 1.48 -51.71
C ILE QA 245 -75.71 1.67 -52.85
N GLN QA 246 -75.20 1.93 -54.06
CA GLN QA 246 -76.06 2.07 -55.22
C GLN QA 246 -76.91 0.81 -55.45
N ARG QA 247 -76.28 -0.36 -55.37
CA ARG QA 247 -77.01 -1.60 -55.59
C ARG QA 247 -78.06 -1.83 -54.52
N ARG QA 248 -77.73 -1.49 -53.26
CA ARG QA 248 -78.71 -1.66 -52.19
C ARG QA 248 -79.92 -0.76 -52.40
N ILE QA 249 -79.69 0.47 -52.86
CA ILE QA 249 -80.81 1.37 -53.15
C ILE QA 249 -81.65 0.80 -54.29
N GLU QA 250 -80.98 0.37 -55.37
CA GLU QA 250 -81.68 -0.15 -56.55
C GLU QA 250 -82.50 -1.38 -56.22
N ALA QA 251 -82.01 -2.21 -55.30
CA ALA QA 251 -82.68 -3.45 -54.95
C ALA QA 251 -84.08 -3.21 -54.39
N ILE QA 252 -84.23 -2.20 -53.53
CA ILE QA 252 -85.54 -1.92 -52.96
C ILE QA 252 -86.36 -1.04 -53.89
N LEU QA 253 -85.68 -0.21 -54.70
CA LEU QA 253 -86.42 0.70 -55.57
C LEU QA 253 -86.94 0.00 -56.82
N SER QA 254 -86.43 -1.21 -57.10
CA SER QA 254 -86.83 -1.96 -58.28
C SER QA 254 -88.25 -2.54 -58.20
N PRO QA 255 -88.63 -3.27 -57.13
CA PRO QA 255 -89.92 -3.96 -57.13
C PRO QA 255 -91.13 -3.06 -57.32
N ILE QA 256 -91.09 -1.85 -56.74
CA ILE QA 256 -92.23 -0.94 -56.85
C ILE QA 256 -92.09 -0.06 -58.08
N VAL QA 257 -90.97 0.58 -58.36
CA VAL QA 257 -90.89 1.53 -59.52
C VAL QA 257 -90.73 0.72 -60.80
N GLY QA 258 -90.02 -0.39 -60.74
CA GLY QA 258 -89.84 -1.25 -61.91
C GLY QA 258 -88.41 -1.31 -62.37
N ASN QA 259 -88.00 -2.39 -63.03
CA ASN QA 259 -86.63 -2.45 -63.59
C ASN QA 259 -86.37 -1.32 -64.60
N GLY QA 260 -85.24 -0.62 -64.45
CA GLY QA 260 -84.85 0.48 -65.35
C GLY QA 260 -85.59 1.77 -65.10
N ASN QA 261 -86.59 1.76 -64.24
CA ASN QA 261 -87.39 2.98 -64.03
C ASN QA 261 -86.79 3.70 -62.86
N VAL QA 262 -85.60 3.26 -62.45
CA VAL QA 262 -84.90 3.95 -61.37
C VAL QA 262 -83.40 3.88 -61.62
N HIS QA 263 -82.73 5.01 -61.44
CA HIS QA 263 -81.28 5.11 -61.53
C HIS QA 263 -80.77 5.91 -60.34
N ALA QA 264 -79.71 5.42 -59.71
CA ALA QA 264 -79.10 6.08 -58.56
C ALA QA 264 -77.58 5.99 -58.66
N GLN QA 265 -76.90 7.04 -58.18
CA GLN QA 265 -75.45 7.08 -58.09
C GLN QA 265 -75.05 7.63 -56.74
N VAL QA 266 -73.96 7.08 -56.18
CA VAL QA 266 -73.52 7.39 -54.82
C VAL QA 266 -72.10 7.91 -54.89
N THR QA 267 -71.81 8.97 -54.13
CA THR QA 267 -70.45 9.43 -53.89
C THR QA 267 -70.20 9.40 -52.38
N ALA QA 268 -68.98 9.04 -51.99
CA ALA QA 268 -68.64 8.83 -50.58
C ALA QA 268 -67.39 9.62 -50.25
N GLN QA 269 -67.48 10.45 -49.20
CA GLN QA 269 -66.31 11.09 -48.62
C GLN QA 269 -65.79 10.22 -47.49
N LEU QA 270 -64.61 9.65 -47.66
CA LEU QA 270 -64.10 8.62 -46.77
C LEU QA 270 -63.02 9.19 -45.85
N ASP QA 271 -62.58 8.35 -44.92
CA ASP QA 271 -61.61 8.72 -43.89
C ASP QA 271 -60.41 7.79 -43.97
N PHE QA 272 -59.31 8.30 -44.55
CA PHE QA 272 -58.08 7.53 -44.70
C PHE QA 272 -56.96 8.12 -43.84
N ALA QA 273 -57.32 8.73 -42.72
CA ALA QA 273 -56.37 9.37 -41.82
C ALA QA 273 -56.26 8.50 -40.56
N ASN QA 274 -55.04 8.03 -40.27
CA ASN QA 274 -54.79 7.22 -39.10
C ASN QA 274 -54.84 8.07 -37.83
N LYS QA 275 -55.78 7.78 -36.94
CA LYS QA 275 -55.91 8.49 -35.69
C LYS QA 275 -55.81 7.54 -34.50
N GLU QA 276 -55.10 7.99 -33.47
CA GLU QA 276 -54.92 7.24 -32.23
C GLU QA 276 -55.26 8.16 -31.07
N GLN QA 277 -56.07 7.67 -30.13
CA GLN QA 277 -56.56 8.52 -29.06
C GLN QA 277 -56.56 7.76 -27.75
N THR QA 278 -56.11 8.44 -26.68
CA THR QA 278 -56.13 7.91 -25.32
C THR QA 278 -56.92 8.88 -24.46
N GLU QA 279 -57.94 8.38 -23.77
CA GLU QA 279 -58.84 9.21 -22.98
C GLU QA 279 -58.75 8.81 -21.51
N GLU QA 280 -58.60 9.81 -20.65
CA GLU QA 280 -58.56 9.61 -19.20
C GLU QA 280 -59.68 10.41 -18.55
N HIS QA 281 -60.45 9.75 -17.68
CA HIS QA 281 -61.59 10.37 -17.02
C HIS QA 281 -61.49 10.14 -15.53
N TYR QA 282 -61.67 11.20 -14.76
CA TYR QA 282 -61.70 11.13 -13.30
C TYR QA 282 -63.09 11.46 -12.79
N SER QA 283 -63.64 10.60 -11.95
CA SER QA 283 -64.92 10.89 -11.33
C SER QA 283 -64.75 11.99 -10.28
N PRO QA 284 -65.63 13.00 -10.28
CA PRO QA 284 -65.50 14.07 -9.29
C PRO QA 284 -65.73 13.57 -7.88
N ASN QA 285 -64.97 14.13 -6.94
CA ASN QA 285 -65.06 13.76 -5.53
C ASN QA 285 -65.25 14.96 -4.62
N GLY QA 286 -65.77 16.07 -5.15
CA GLY QA 286 -65.98 17.26 -4.34
C GLY QA 286 -67.07 17.12 -3.30
N ASP QA 287 -68.00 16.19 -3.48
CA ASP QA 287 -69.06 15.96 -2.51
C ASP QA 287 -68.57 14.92 -1.51
N ALA QA 288 -68.77 15.19 -0.22
CA ALA QA 288 -68.31 14.30 0.83
C ALA QA 288 -69.01 12.95 0.82
N SER QA 289 -70.17 12.84 0.17
CA SER QA 289 -70.90 11.58 0.13
C SER QA 289 -70.29 10.56 -0.83
N LYS QA 290 -69.74 11.00 -1.96
CA LYS QA 290 -69.12 10.10 -2.91
C LYS QA 290 -67.60 10.11 -2.84
N ALA QA 291 -67.02 10.76 -1.85
CA ALA QA 291 -65.57 10.90 -1.73
C ALA QA 291 -65.00 9.66 -1.05
N THR QA 292 -64.01 9.04 -1.68
CA THR QA 292 -63.33 7.89 -1.10
C THR QA 292 -62.02 8.33 -0.46
N LEU QA 293 -61.80 7.89 0.78
CA LEU QA 293 -60.69 8.36 1.58
C LEU QA 293 -59.79 7.20 2.01
N ARG QA 294 -58.49 7.49 2.07
CA ARG QA 294 -57.50 6.58 2.63
C ARG QA 294 -57.00 7.00 4.00
N SER QA 295 -56.72 8.28 4.20
CA SER QA 295 -56.24 8.77 5.48
C SER QA 295 -56.80 10.17 5.71
N ARG QA 296 -57.13 10.46 6.96
CA ARG QA 296 -57.77 11.73 7.29
C ARG QA 296 -57.32 12.15 8.68
N GLN QA 297 -56.78 13.36 8.79
CA GLN QA 297 -56.35 13.92 10.06
C GLN QA 297 -57.15 15.19 10.31
N LEU QA 298 -57.89 15.22 11.42
CA LEU QA 298 -58.78 16.33 11.77
C LEU QA 298 -58.42 16.80 13.18
N ASN QA 299 -57.64 17.88 13.26
CA ASN QA 299 -57.29 18.49 14.54
C ASN QA 299 -58.24 19.64 14.81
N ILE QA 300 -58.98 19.58 15.91
CA ILE QA 300 -59.97 20.58 16.27
C ILE QA 300 -59.62 21.14 17.64
N SER QA 301 -59.62 22.47 17.75
CA SER QA 301 -59.30 23.14 19.00
C SER QA 301 -60.27 24.30 19.20
N GLU QA 302 -60.81 24.41 20.42
CA GLU QA 302 -61.73 25.50 20.77
C GLU QA 302 -61.40 25.95 22.18
N GLN QA 303 -60.71 27.09 22.30
CA GLN QA 303 -60.32 27.65 23.59
C GLN QA 303 -61.22 28.85 23.86
N VAL QA 304 -62.37 28.59 24.49
CA VAL QA 304 -63.31 29.64 24.84
C VAL QA 304 -62.86 30.30 26.13
N GLY QA 305 -62.81 31.62 26.14
CA GLY QA 305 -62.39 32.36 27.31
C GLY QA 305 -63.54 33.01 28.07
N ALA QA 353 -68.57 37.54 21.66
CA ALA QA 353 -68.08 36.18 21.62
C ALA QA 353 -66.92 35.98 22.59
N GLY QA 354 -66.44 37.09 23.14
CA GLY QA 354 -65.33 37.05 24.07
C GLY QA 354 -64.02 36.67 23.40
N PRO QA 355 -63.07 36.15 24.18
CA PRO QA 355 -61.79 35.75 23.61
C PRO QA 355 -61.80 34.32 23.07
N ARG QA 356 -62.73 34.03 22.16
CA ARG QA 356 -62.81 32.71 21.57
C ARG QA 356 -61.64 32.46 20.63
N SER QA 357 -61.30 31.18 20.47
CA SER QA 357 -60.20 30.79 19.59
C SER QA 357 -60.46 29.43 18.96
N THR QA 358 -61.01 29.41 17.75
CA THR QA 358 -61.27 28.17 17.06
C THR QA 358 -60.18 27.88 16.04
N GLN QA 359 -59.80 26.61 15.95
CA GLN QA 359 -58.73 26.20 15.04
C GLN QA 359 -59.04 24.79 14.55
N ARG QA 360 -59.13 24.62 13.24
CA ARG QA 360 -59.42 23.34 12.62
C ARG QA 360 -58.40 23.08 11.51
N ASN QA 361 -57.57 22.06 11.69
CA ASN QA 361 -56.58 21.65 10.70
C ASN QA 361 -57.01 20.30 10.15
N GLU QA 362 -57.41 20.29 8.88
CA GLU QA 362 -57.94 19.10 8.24
C GLU QA 362 -57.06 18.71 7.05
N THR QA 363 -56.61 17.46 7.03
CA THR QA 363 -55.83 16.89 5.94
C THR QA 363 -56.50 15.62 5.47
N SER QA 364 -56.75 15.51 4.16
CA SER QA 364 -57.48 14.38 3.60
C SER QA 364 -56.76 13.87 2.37
N ASN QA 365 -56.57 12.56 2.29
CA ASN QA 365 -56.02 11.91 1.10
C ASN QA 365 -57.11 11.05 0.47
N TYR QA 366 -57.34 11.26 -0.82
CA TYR QA 366 -58.45 10.63 -1.52
C TYR QA 366 -57.96 9.59 -2.53
N GLU QA 367 -58.85 8.65 -2.84
CA GLU QA 367 -58.67 7.72 -3.95
C GLU QA 367 -59.81 7.94 -4.93
N VAL QA 368 -59.47 8.07 -6.20
CA VAL QA 368 -60.43 8.51 -7.21
C VAL QA 368 -60.63 7.41 -8.25
N ASP QA 369 -61.84 7.37 -8.81
CA ASP QA 369 -62.13 6.47 -9.92
C ASP QA 369 -61.38 6.93 -11.17
N ARG QA 370 -60.93 5.95 -11.95
CA ARG QA 370 -60.09 6.25 -13.11
C ARG QA 370 -60.49 5.32 -14.25
N THR QA 371 -60.60 5.90 -15.44
CA THR QA 371 -61.00 5.15 -16.64
C THR QA 371 -60.10 5.58 -17.80
N ILE QA 372 -59.24 4.68 -18.25
CA ILE QA 372 -58.39 4.92 -19.41
C ILE QA 372 -58.97 4.19 -20.61
N ARG QA 373 -59.27 4.92 -21.67
CA ARG QA 373 -59.75 4.33 -22.91
C ARG QA 373 -58.76 4.63 -24.03
N HIS QA 374 -58.31 3.58 -24.71
CA HIS QA 374 -57.41 3.69 -25.84
C HIS QA 374 -58.14 3.26 -27.10
N THR QA 375 -58.19 4.16 -28.09
CA THR QA 375 -59.00 3.95 -29.28
C THR QA 375 -58.15 4.16 -30.52
N LYS QA 376 -58.20 3.22 -31.45
CA LYS QA 376 -57.56 3.33 -32.75
C LYS QA 376 -58.66 3.30 -33.82
N MET QA 377 -58.98 4.47 -34.37
CA MET QA 377 -60.05 4.56 -35.36
C MET QA 377 -59.69 3.77 -36.62
N ASN QA 378 -60.71 3.16 -37.21
CA ASN QA 378 -60.53 2.39 -38.43
C ASN QA 378 -60.23 3.31 -39.61
N VAL QA 379 -59.37 2.85 -40.50
CA VAL QA 379 -59.01 3.56 -41.72
C VAL QA 379 -59.96 3.13 -42.82
N GLY QA 380 -60.61 4.09 -43.45
CA GLY QA 380 -61.60 3.82 -44.47
C GLY QA 380 -63.05 4.04 -44.06
N ASP QA 381 -63.30 4.71 -42.94
CA ASP QA 381 -64.66 4.97 -42.51
C ASP QA 381 -65.29 6.06 -43.37
N ILE QA 382 -66.62 6.13 -43.32
CA ILE QA 382 -67.38 7.08 -44.14
C ILE QA 382 -67.60 8.35 -43.31
N GLU QA 383 -67.28 9.49 -43.91
CA GLU QA 383 -67.49 10.79 -43.28
C GLU QA 383 -68.80 11.45 -43.68
N ARG QA 384 -69.10 11.49 -44.98
CA ARG QA 384 -70.29 12.19 -45.46
C ARG QA 384 -70.72 11.53 -46.76
N LEU QA 385 -71.97 11.08 -46.81
CA LEU QA 385 -72.51 10.39 -47.98
C LEU QA 385 -73.63 11.21 -48.59
N SER QA 386 -73.51 11.50 -49.88
CA SER QA 386 -74.54 12.18 -50.63
C SER QA 386 -74.94 11.33 -51.83
N VAL QA 387 -76.24 11.19 -52.03
CA VAL QA 387 -76.78 10.23 -53.00
C VAL QA 387 -77.77 10.95 -53.90
N ALA QA 388 -77.65 10.73 -55.21
CA ALA QA 388 -78.56 11.30 -56.20
C ALA QA 388 -79.35 10.16 -56.83
N VAL QA 389 -80.68 10.23 -56.74
CA VAL QA 389 -81.57 9.22 -57.29
C VAL QA 389 -82.55 9.89 -58.24
N VAL QA 390 -82.77 9.29 -59.40
CA VAL QA 390 -83.73 9.77 -60.39
C VAL QA 390 -84.67 8.64 -60.74
N VAL QA 391 -85.97 8.94 -60.77
CA VAL QA 391 -86.99 7.95 -61.10
C VAL QA 391 -87.66 8.34 -62.41
N ASN QA 392 -88.33 7.38 -63.05
CA ASN QA 392 -89.01 7.61 -64.31
C ASN QA 392 -90.47 7.99 -64.06
N TYR QA 393 -91.17 8.32 -65.14
CA TYR QA 393 -92.61 8.57 -65.08
C TYR QA 393 -93.35 7.26 -65.23
N LYS QA 394 -94.68 7.30 -65.21
CA LYS QA 394 -95.50 6.10 -65.33
C LYS QA 394 -96.27 6.17 -66.66
N THR QA 395 -95.93 5.28 -67.58
CA THR QA 395 -96.61 5.19 -68.87
C THR QA 395 -97.66 4.10 -68.77
N LEU QA 396 -98.94 4.49 -68.83
CA LEU QA 396 -100.03 3.54 -68.74
C LEU QA 396 -100.16 2.76 -70.04
N ALA QA 397 -101.23 1.95 -70.10
CA ALA QA 397 -101.48 1.17 -71.31
C ALA QA 397 -101.66 2.05 -72.54
N ASP QA 398 -102.24 3.25 -72.36
CA ASP QA 398 -102.32 4.19 -73.46
C ASP QA 398 -100.93 4.66 -73.87
N GLY QA 399 -100.04 4.90 -72.91
CA GLY QA 399 -98.70 5.38 -73.17
C GLY QA 399 -98.40 6.76 -72.66
N LYS QA 400 -99.34 7.40 -71.97
CA LYS QA 400 -99.13 8.75 -71.44
C LYS QA 400 -98.19 8.70 -70.25
N PRO QA 401 -97.09 9.46 -70.26
CA PRO QA 401 -96.16 9.44 -69.12
C PRO QA 401 -96.72 10.19 -67.91
N LEU QA 402 -97.55 9.51 -67.12
CA LEU QA 402 -98.16 10.14 -65.95
C LEU QA 402 -97.13 10.24 -64.82
N PRO QA 403 -96.90 11.43 -64.27
CA PRO QA 403 -95.95 11.57 -63.16
C PRO QA 403 -96.47 10.89 -61.90
N LEU QA 404 -95.54 10.63 -60.97
CA LEU QA 404 -95.88 9.99 -59.71
C LEU QA 404 -96.57 10.96 -58.78
N THR QA 405 -96.93 10.50 -57.57
CA THR QA 405 -97.64 11.30 -56.59
C THR QA 405 -96.71 11.69 -55.45
N ALA QA 406 -97.19 12.59 -54.58
CA ALA QA 406 -96.39 13.05 -53.46
C ALA QA 406 -96.14 11.93 -52.45
N ASP QA 407 -97.16 11.12 -52.20
CA ASP QA 407 -97.00 10.01 -51.24
C ASP QA 407 -95.97 9.01 -51.73
N GLN QA 408 -96.02 8.67 -53.02
CA GLN QA 408 -95.04 7.74 -53.57
C GLN QA 408 -93.64 8.33 -53.53
N MET QA 409 -93.51 9.63 -53.80
CA MET QA 409 -92.21 10.28 -53.73
C MET QA 409 -91.67 10.25 -52.30
N LYS QA 410 -92.53 10.48 -51.31
CA LYS QA 410 -92.11 10.41 -49.91
C LYS QA 410 -91.67 8.99 -49.55
N GLN QA 411 -92.40 7.99 -50.05
CA GLN QA 411 -92.02 6.60 -49.80
C GLN QA 411 -90.65 6.30 -50.40
N ILE QA 412 -90.40 6.77 -51.62
CA ILE QA 412 -89.10 6.56 -52.26
C ILE QA 412 -87.99 7.25 -51.45
N GLU QA 413 -88.27 8.47 -50.98
CA GLU QA 413 -87.28 9.18 -50.17
C GLU QA 413 -86.95 8.42 -48.89
N ASP QA 414 -87.99 7.90 -48.22
CA ASP QA 414 -87.76 7.15 -46.99
C ASP QA 414 -86.98 5.87 -47.26
N LEU QA 415 -87.34 5.15 -48.33
CA LEU QA 415 -86.63 3.92 -48.67
C LEU QA 415 -85.17 4.20 -49.00
N THR QA 416 -84.90 5.28 -49.74
CA THR QA 416 -83.52 5.61 -50.07
C THR QA 416 -82.74 6.02 -48.83
N ARG QA 417 -83.39 6.74 -47.91
CA ARG QA 417 -82.74 7.11 -46.67
C ARG QA 417 -82.37 5.88 -45.85
N GLU QA 418 -83.28 4.90 -45.82
CA GLU QA 418 -83.00 3.65 -45.11
C GLU QA 418 -81.86 2.88 -45.76
N ALA QA 419 -81.87 2.79 -47.10
CA ALA QA 419 -80.85 2.02 -47.79
C ALA QA 419 -79.47 2.66 -47.66
N MET QA 420 -79.40 3.99 -47.78
CA MET QA 420 -78.11 4.68 -47.75
C MET QA 420 -77.55 4.79 -46.34
N GLY QA 421 -78.30 4.38 -45.32
CA GLY QA 421 -77.87 4.61 -43.95
C GLY QA 421 -77.84 6.08 -43.59
N PHE QA 422 -78.88 6.83 -43.95
CA PHE QA 422 -78.89 8.26 -43.76
C PHE QA 422 -78.73 8.63 -42.29
N SER QA 423 -77.83 9.57 -42.02
CA SER QA 423 -77.60 10.08 -40.68
C SER QA 423 -77.37 11.58 -40.75
N ASP QA 424 -77.70 12.26 -39.65
CA ASP QA 424 -77.52 13.71 -39.56
C ASP QA 424 -76.20 14.11 -38.94
N LYS QA 425 -75.60 13.26 -38.10
CA LYS QA 425 -74.27 13.56 -37.57
C LYS QA 425 -73.23 13.60 -38.68
N ARG QA 426 -73.31 12.65 -39.62
CA ARG QA 426 -72.38 12.65 -40.75
C ARG QA 426 -72.57 13.88 -41.63
N GLY QA 427 -73.82 14.28 -41.85
CA GLY QA 427 -74.12 15.38 -42.73
C GLY QA 427 -74.57 14.91 -44.09
N ASP QA 428 -75.29 13.78 -44.12
CA ASP QA 428 -75.72 13.16 -45.35
C ASP QA 428 -76.79 14.00 -46.03
N THR QA 429 -76.72 14.07 -47.37
CA THR QA 429 -77.71 14.77 -48.16
C THR QA 429 -78.28 13.81 -49.19
N LEU QA 430 -79.59 13.86 -49.39
CA LEU QA 430 -80.28 13.01 -50.35
C LEU QA 430 -81.19 13.86 -51.21
N ASN QA 431 -81.20 13.58 -52.52
CA ASN QA 431 -82.05 14.29 -53.47
C ASN QA 431 -82.64 13.27 -54.44
N VAL QA 432 -83.97 13.13 -54.41
CA VAL QA 432 -84.70 12.27 -55.34
C VAL QA 432 -85.66 13.15 -56.13
N VAL QA 433 -85.54 13.13 -57.45
CA VAL QA 433 -86.37 13.92 -58.34
C VAL QA 433 -87.07 12.99 -59.31
N ASN QA 434 -88.23 13.42 -59.82
CA ASN QA 434 -89.01 12.64 -60.77
C ASN QA 434 -88.98 13.33 -62.13
N SER QA 435 -88.63 12.59 -63.17
CA SER QA 435 -88.57 13.12 -64.52
C SER QA 435 -88.66 11.99 -65.53
N PRO QA 436 -89.27 12.22 -66.69
CA PRO QA 436 -89.39 11.15 -67.70
C PRO QA 436 -88.02 10.84 -68.32
N PHE QA 437 -87.73 9.55 -68.45
CA PHE QA 437 -86.47 9.13 -69.03
C PHE QA 437 -86.48 9.35 -70.54
N SER QA 438 -85.30 9.63 -71.08
CA SER QA 438 -85.15 9.80 -72.51
C SER QA 438 -85.08 8.45 -73.22
N ALA QA 439 -85.36 8.48 -74.52
CA ALA QA 439 -85.34 7.27 -75.33
C ALA QA 439 -83.91 6.77 -75.56
N ASP RA 229 -41.46 12.53 -61.71
CA ASP RA 229 -41.48 11.28 -60.97
C ASP RA 229 -42.73 11.18 -60.10
N LEU RA 230 -42.62 11.66 -58.85
CA LEU RA 230 -43.77 11.65 -57.95
C LEU RA 230 -44.83 12.63 -58.42
N ASN RA 231 -44.41 13.73 -59.05
CA ASN RA 231 -45.35 14.73 -59.54
C ASN RA 231 -46.28 14.14 -60.59
N ASP RA 232 -45.73 13.30 -61.48
CA ASP RA 232 -46.55 12.65 -62.49
C ASP RA 232 -47.57 11.70 -61.86
N ALA RA 233 -47.16 10.97 -60.82
CA ALA RA 233 -48.10 10.10 -60.12
C ALA RA 233 -49.22 10.92 -59.48
N GLN RA 234 -48.88 12.04 -58.86
CA GLN RA 234 -49.91 12.92 -58.28
C GLN RA 234 -50.86 13.44 -59.34
N LEU RA 235 -50.32 13.82 -60.50
CA LEU RA 235 -51.14 14.35 -61.59
C LEU RA 235 -52.08 13.28 -62.12
N LYS RA 236 -51.58 12.05 -62.28
CA LYS RA 236 -52.45 10.96 -62.72
C LYS RA 236 -53.52 10.66 -61.69
N PHE RA 237 -53.18 10.74 -60.41
CA PHE RA 237 -54.17 10.59 -59.36
C PHE RA 237 -55.28 11.64 -59.48
N ALA RA 238 -54.90 12.90 -59.70
CA ALA RA 238 -55.87 13.97 -59.89
C ALA RA 238 -56.73 13.72 -61.13
N ASN RA 239 -56.11 13.27 -62.23
CA ASN RA 239 -56.86 13.00 -63.45
C ASN RA 239 -57.89 11.89 -63.25
N ASP RA 240 -57.51 10.81 -62.55
CA ASP RA 240 -58.46 9.74 -62.29
C ASP RA 240 -59.61 10.20 -61.41
N VAL RA 241 -59.32 10.99 -60.36
CA VAL RA 241 -60.39 11.50 -59.51
C VAL RA 241 -61.35 12.37 -60.32
N GLU RA 242 -60.80 13.27 -61.14
CA GLU RA 242 -61.64 14.15 -61.93
C GLU RA 242 -62.49 13.36 -62.92
N SER RA 243 -61.90 12.35 -63.56
CA SER RA 243 -62.63 11.55 -64.53
C SER RA 243 -63.77 10.79 -63.87
N ARG RA 244 -63.53 10.25 -62.68
CA ARG RA 244 -64.59 9.50 -61.99
C ARG RA 244 -65.71 10.43 -61.52
N ILE RA 245 -65.38 11.63 -61.05
CA ILE RA 245 -66.44 12.58 -60.72
C ILE RA 245 -67.24 12.94 -61.96
N GLN RA 246 -66.55 13.16 -63.08
CA GLN RA 246 -67.23 13.46 -64.34
C GLN RA 246 -68.17 12.34 -64.74
N ARG RA 247 -67.71 11.08 -64.63
CA ARG RA 247 -68.54 9.94 -65.02
C ARG RA 247 -69.74 9.81 -64.09
N ARG RA 248 -69.55 10.06 -62.79
CA ARG RA 248 -70.68 9.99 -61.86
C ARG RA 248 -71.73 11.04 -62.19
N ILE RA 249 -71.30 12.25 -62.54
CA ILE RA 249 -72.25 13.28 -62.94
C ILE RA 249 -73.00 12.86 -64.21
N GLU RA 250 -72.24 12.38 -65.21
CA GLU RA 250 -72.84 12.01 -66.49
C GLU RA 250 -73.84 10.88 -66.33
N ALA RA 251 -73.58 9.96 -65.40
CA ALA RA 251 -74.43 8.79 -65.20
C ALA RA 251 -75.85 9.19 -64.81
N ILE RA 252 -75.99 10.18 -63.93
CA ILE RA 252 -77.33 10.60 -63.52
C ILE RA 252 -77.90 11.62 -64.50
N LEU RA 253 -77.02 12.38 -65.17
CA LEU RA 253 -77.54 13.40 -66.08
C LEU RA 253 -77.95 12.82 -67.43
N SER RA 254 -77.56 11.57 -67.70
CA SER RA 254 -77.89 10.92 -68.96
C SER RA 254 -79.37 10.51 -69.09
N PRO RA 255 -79.97 9.79 -68.11
CA PRO RA 255 -81.32 9.27 -68.31
C PRO RA 255 -82.37 10.33 -68.61
N ILE RA 256 -82.28 11.50 -67.98
CA ILE RA 256 -83.28 12.55 -68.17
C ILE RA 256 -82.87 13.44 -69.34
N VAL RA 257 -81.65 13.94 -69.43
CA VAL RA 257 -81.30 14.93 -70.51
C VAL RA 257 -81.07 14.16 -71.81
N GLY RA 258 -80.51 12.96 -71.73
CA GLY RA 258 -80.28 12.12 -72.90
C GLY RA 258 -78.82 11.90 -73.17
N ASN RA 259 -78.46 10.80 -73.83
CA ASN RA 259 -77.04 10.58 -74.21
C ASN RA 259 -76.52 11.71 -75.11
N GLY RA 260 -75.35 12.26 -74.79
CA GLY RA 260 -74.70 13.33 -75.58
C GLY RA 260 -75.33 14.70 -75.35
N ASN RA 261 -76.41 14.78 -74.63
CA ASN RA 261 -77.09 16.08 -74.47
C ASN RA 261 -76.56 16.69 -73.19
N VAL RA 262 -75.51 16.08 -72.67
CA VAL RA 262 -74.88 16.64 -71.46
C VAL RA 262 -73.38 16.39 -71.52
N HIS RA 263 -72.60 17.43 -71.20
CA HIS RA 263 -71.15 17.35 -71.10
C HIS RA 263 -70.71 18.03 -69.82
N ALA RA 264 -69.81 17.39 -69.08
CA ALA RA 264 -69.29 17.93 -67.83
C ALA RA 264 -67.79 17.66 -67.74
N GLN RA 265 -67.07 18.60 -67.13
CA GLN RA 265 -65.65 18.45 -66.85
C GLN RA 265 -65.36 18.90 -65.43
N VAL RA 266 -64.44 18.20 -64.76
CA VAL RA 266 -64.15 18.41 -63.35
C VAL RA 266 -62.67 18.75 -63.21
N THR RA 267 -62.37 19.74 -62.37
CA THR RA 267 -61.01 20.01 -61.92
C THR RA 267 -60.96 19.90 -60.41
N ALA RA 268 -59.86 19.37 -59.88
CA ALA RA 268 -59.74 19.08 -58.45
C ALA RA 268 -58.45 19.70 -57.91
N GLN RA 269 -58.59 20.49 -56.85
CA GLN RA 269 -57.44 20.96 -56.09
C GLN RA 269 -57.19 20.00 -54.94
N LEU RA 270 -56.07 19.28 -54.99
CA LEU RA 270 -55.80 18.17 -54.10
C LEU RA 270 -54.79 18.57 -53.02
N ASP RA 271 -54.59 17.65 -52.08
CA ASP RA 271 -53.73 17.86 -50.92
C ASP RA 271 -52.64 16.79 -50.91
N PHE RA 272 -51.44 17.17 -51.30
CA PHE RA 272 -50.29 16.27 -51.33
C PHE RA 272 -49.23 16.68 -50.31
N ALA RA 273 -49.66 17.29 -49.22
CA ALA RA 273 -48.77 17.77 -48.17
C ALA RA 273 -48.94 16.85 -46.96
N ASN RA 274 -47.83 16.23 -46.54
CA ASN RA 274 -47.84 15.35 -45.38
C ASN RA 274 -47.96 16.16 -44.09
N LYS RA 275 -49.03 15.94 -43.34
CA LYS RA 275 -49.25 16.63 -42.08
C LYS RA 275 -49.42 15.64 -40.94
N GLU RA 276 -48.80 15.95 -39.80
CA GLU RA 276 -48.88 15.15 -38.59
C GLU RA 276 -49.26 16.06 -37.44
N GLN RA 277 -50.23 15.64 -36.64
CA GLN RA 277 -50.76 16.51 -35.60
C GLN RA 277 -51.02 15.71 -34.33
N THR RA 278 -50.65 16.30 -33.20
CA THR RA 278 -50.91 15.72 -31.87
C THR RA 278 -51.68 16.76 -31.07
N GLU RA 279 -52.84 16.36 -30.54
CA GLU RA 279 -53.74 17.27 -29.83
C GLU RA 279 -53.88 16.81 -28.40
N GLU RA 280 -53.74 17.75 -27.46
CA GLU RA 280 -53.91 17.50 -26.04
C GLU RA 280 -55.01 18.40 -25.50
N HIS RA 281 -55.96 17.82 -24.77
CA HIS RA 281 -57.10 18.55 -24.23
C HIS RA 281 -57.23 18.25 -22.75
N TYR RA 282 -57.39 19.30 -21.95
CA TYR RA 282 -57.61 19.18 -20.51
C TYR RA 282 -59.01 19.67 -20.17
N SER RA 283 -59.76 18.85 -19.45
CA SER RA 283 -61.08 19.28 -18.99
C SER RA 283 -60.91 20.32 -17.88
N PRO RA 284 -61.66 21.42 -17.94
CA PRO RA 284 -61.53 22.45 -16.88
C PRO RA 284 -62.01 21.91 -15.54
N ASN RA 285 -61.33 22.35 -14.48
CA ASN RA 285 -61.64 21.93 -13.12
C ASN RA 285 -61.80 23.12 -12.18
N GLY RA 286 -62.12 24.30 -12.71
CA GLY RA 286 -62.29 25.48 -11.88
C GLY RA 286 -63.52 25.44 -10.99
N ASP RA 287 -64.53 24.64 -11.34
CA ASP RA 287 -65.73 24.51 -10.52
C ASP RA 287 -65.50 23.39 -9.53
N ALA RA 288 -65.84 23.64 -8.26
CA ALA RA 288 -65.62 22.66 -7.20
C ALA RA 288 -66.48 21.40 -7.38
N SER RA 289 -67.54 21.46 -8.17
CA SER RA 289 -68.41 20.31 -8.37
C SER RA 289 -67.80 19.25 -9.29
N LYS RA 290 -67.06 19.67 -10.31
CA LYS RA 290 -66.42 18.72 -11.23
C LYS RA 290 -64.94 18.54 -10.96
N ALA RA 291 -64.42 19.08 -9.87
CA ALA RA 291 -63.00 19.03 -9.57
C ALA RA 291 -62.67 17.71 -8.87
N THR RA 292 -61.69 16.99 -9.41
CA THR RA 292 -61.23 15.75 -8.81
C THR RA 292 -59.98 15.99 -7.98
N LEU RA 293 -59.98 15.50 -6.75
CA LEU RA 293 -58.93 15.79 -5.78
C LEU RA 293 -58.24 14.52 -5.31
N ARG RA 294 -56.94 14.64 -5.07
CA ARG RA 294 -56.15 13.59 -4.43
C ARG RA 294 -55.79 13.89 -2.99
N SER RA 295 -55.39 15.13 -2.68
CA SER RA 295 -55.03 15.50 -1.33
C SER RA 295 -55.43 16.95 -1.11
N ARG RA 296 -55.91 17.24 0.10
CA ARG RA 296 -56.42 18.57 0.41
C ARG RA 296 -56.12 18.87 1.87
N GLN RA 297 -55.46 20.00 2.11
CA GLN RA 297 -55.13 20.47 3.46
C GLN RA 297 -55.81 21.82 3.67
N LEU RA 298 -56.68 21.89 4.68
CA LEU RA 298 -57.46 23.09 4.96
C LEU RA 298 -57.24 23.46 6.43
N ASN RA 299 -56.36 24.44 6.66
CA ASN RA 299 -56.12 24.95 8.00
C ASN RA 299 -56.95 26.21 8.20
N ILE RA 300 -57.82 26.19 9.20
CA ILE RA 300 -58.73 27.31 9.48
C ILE RA 300 -58.51 27.77 10.91
N SER RA 301 -58.36 29.08 11.08
CA SER RA 301 -58.14 29.66 12.40
C SER RA 301 -58.98 30.92 12.53
N GLU RA 302 -59.66 31.07 13.68
CA GLU RA 302 -60.48 32.25 13.96
C GLU RA 302 -60.29 32.61 15.43
N GLN RA 303 -59.50 33.64 15.68
CA GLN RA 303 -59.21 34.11 17.04
C GLN RA 303 -59.99 35.39 17.26
N VAL RA 304 -61.24 35.25 17.72
CA VAL RA 304 -62.10 36.40 18.00
C VAL RA 304 -61.74 36.96 19.37
N GLY RA 305 -61.54 38.27 19.46
CA GLY RA 305 -61.19 38.90 20.71
C GLY RA 305 -62.35 39.66 21.34
N ALA RA 353 -65.91 45.01 14.58
CA ALA RA 353 -65.57 43.58 14.53
C ALA RA 353 -64.59 43.22 15.64
N GLY RA 354 -64.05 44.23 16.30
CA GLY RA 354 -63.09 44.02 17.36
C GLY RA 354 -61.76 43.51 16.84
N PRO RA 355 -60.99 42.86 17.71
CA PRO RA 355 -59.70 42.31 17.28
C PRO RA 355 -59.82 40.92 16.68
N ARG RA 356 -60.63 40.78 15.65
CA ARG RA 356 -60.81 39.50 14.98
C ARG RA 356 -59.55 39.14 14.18
N SER RA 357 -59.34 37.84 14.01
CA SER RA 357 -58.19 37.34 13.26
C SER RA 357 -58.53 36.04 12.54
N THR RA 358 -58.91 36.14 11.26
CA THR RA 358 -59.23 34.96 10.49
C THR RA 358 -58.05 34.58 9.59
N GLN RA 359 -57.80 33.27 9.49
CA GLN RA 359 -56.69 32.76 8.71
C GLN RA 359 -57.09 31.43 8.11
N ARG RA 360 -57.02 31.31 6.79
CA ARG RA 360 -57.38 30.09 6.07
C ARG RA 360 -56.26 29.75 5.09
N ASN RA 361 -55.58 28.63 5.33
CA ASN RA 361 -54.52 28.13 4.45
C ASN RA 361 -55.04 26.87 3.78
N GLU RA 362 -55.26 26.95 2.47
CA GLU RA 362 -55.84 25.86 1.70
C GLU RA 362 -54.86 25.40 0.63
N THR RA 363 -54.58 24.10 0.60
CA THR RA 363 -53.72 23.50 -0.41
C THR RA 363 -54.47 22.33 -1.03
N SER RA 364 -54.56 22.30 -2.36
CA SER RA 364 -55.34 21.29 -3.06
C SER RA 364 -54.51 20.74 -4.22
N ASN RA 365 -54.47 19.42 -4.34
CA ASN RA 365 -53.85 18.74 -5.48
C ASN RA 365 -54.94 18.06 -6.29
N TYR RA 366 -54.98 18.33 -7.59
CA TYR RA 366 -56.05 17.87 -8.46
C TYR RA 366 -55.55 16.81 -9.44
N GLU RA 367 -56.49 16.01 -9.91
CA GLU RA 367 -56.28 15.09 -11.04
C GLU RA 367 -57.25 15.49 -12.15
N VAL RA 368 -56.73 15.62 -13.36
CA VAL RA 368 -57.49 16.21 -14.46
C VAL RA 368 -57.68 15.18 -15.56
N ASP RA 369 -58.79 15.32 -16.28
CA ASP RA 369 -59.04 14.50 -17.46
C ASP RA 369 -58.08 14.90 -18.58
N ARG RA 370 -57.64 13.91 -19.34
CA ARG RA 370 -56.64 14.13 -20.37
C ARG RA 370 -56.98 13.31 -21.59
N THR RA 371 -56.87 13.93 -22.77
CA THR RA 371 -57.19 13.28 -24.04
C THR RA 371 -56.11 13.64 -25.05
N ILE RA 372 -55.30 12.65 -25.44
CA ILE RA 372 -54.27 12.84 -26.46
C ILE RA 372 -54.78 12.22 -27.76
N ARG RA 373 -54.84 13.02 -28.82
CA ARG RA 373 -55.22 12.54 -30.13
C ARG RA 373 -54.07 12.75 -31.11
N HIS RA 374 -53.66 11.68 -31.76
CA HIS RA 374 -52.60 11.70 -32.77
C HIS RA 374 -53.20 11.43 -34.13
N THR RA 375 -53.01 12.36 -35.06
CA THR RA 375 -53.67 12.28 -36.37
C THR RA 375 -52.64 12.44 -37.47
N LYS RA 376 -52.69 11.54 -38.44
CA LYS RA 376 -51.87 11.61 -39.65
C LYS RA 376 -52.81 11.77 -40.85
N MET RA 377 -52.91 12.99 -41.38
CA MET RA 377 -53.82 13.24 -42.49
C MET RA 377 -53.40 12.46 -43.73
N ASN RA 378 -54.39 11.99 -44.48
CA ASN RA 378 -54.14 11.26 -45.71
C ASN RA 378 -53.58 12.17 -46.79
N VAL RA 379 -52.66 11.63 -47.58
CA VAL RA 379 -52.07 12.35 -48.70
C VAL RA 379 -52.92 12.07 -49.95
N GLY RA 380 -53.35 13.13 -50.60
CA GLY RA 380 -54.22 13.02 -51.75
C GLY RA 380 -55.68 13.41 -51.52
N ASP RA 381 -55.99 14.05 -50.40
CA ASP RA 381 -57.37 14.47 -50.15
C ASP RA 381 -57.73 15.67 -51.02
N ILE RA 382 -59.04 15.89 -51.14
CA ILE RA 382 -59.57 16.95 -51.99
C ILE RA 382 -59.74 18.21 -51.15
N GLU RA 383 -59.20 19.33 -51.63
CA GLU RA 383 -59.35 20.63 -50.96
C GLU RA 383 -60.51 21.45 -51.50
N ARG RA 384 -60.62 21.58 -52.82
CA ARG RA 384 -61.65 22.43 -53.41
C ARG RA 384 -61.97 21.87 -54.79
N LEU RA 385 -63.26 21.59 -55.03
CA LEU RA 385 -63.70 21.00 -56.28
C LEU RA 385 -64.63 21.98 -56.99
N SER RA 386 -64.29 22.31 -58.24
CA SER RA 386 -65.14 23.14 -59.09
C SER RA 386 -65.47 22.38 -60.36
N VAL RA 387 -66.75 22.41 -60.74
CA VAL RA 387 -67.25 21.56 -61.81
C VAL RA 387 -68.02 22.43 -62.79
N ALA RA 388 -67.76 22.23 -64.09
CA ALA RA 388 -68.46 22.95 -65.15
C ALA RA 388 -69.28 21.95 -65.95
N VAL RA 389 -70.59 22.18 -66.02
CA VAL RA 389 -71.52 21.31 -66.73
C VAL RA 389 -72.28 22.14 -67.76
N VAL RA 390 -72.40 21.60 -68.97
CA VAL RA 390 -73.17 22.23 -70.04
C VAL RA 390 -74.18 21.24 -70.56
N VAL RA 391 -75.42 21.70 -70.76
CA VAL RA 391 -76.49 20.85 -71.27
C VAL RA 391 -76.93 21.38 -72.63
N ASN RA 392 -77.62 20.53 -73.39
CA ASN RA 392 -78.10 20.89 -74.71
C ASN RA 392 -79.52 21.43 -74.64
N TYR RA 393 -80.02 21.89 -75.78
CA TYR RA 393 -81.41 22.32 -75.90
C TYR RA 393 -82.28 21.10 -76.21
N LYS RA 394 -83.59 21.31 -76.34
CA LYS RA 394 -84.52 20.23 -76.65
C LYS RA 394 -85.10 20.44 -78.04
N THR RA 395 -84.74 19.55 -78.96
CA THR RA 395 -85.25 19.59 -80.34
C THR RA 395 -86.43 18.63 -80.42
N LEU RA 396 -87.63 19.19 -80.62
CA LEU RA 396 -88.82 18.38 -80.73
C LEU RA 396 -88.88 17.66 -82.07
N ALA RA 397 -90.01 16.99 -82.31
CA ALA RA 397 -90.20 16.28 -83.58
C ALA RA 397 -90.10 17.24 -84.77
N ASP RA 398 -90.55 18.48 -84.61
CA ASP RA 398 -90.36 19.48 -85.67
C ASP RA 398 -88.90 19.79 -85.87
N GLY RA 399 -88.13 19.87 -84.79
CA GLY RA 399 -86.71 20.18 -84.85
C GLY RA 399 -86.33 21.51 -84.23
N LYS RA 400 -87.26 22.24 -83.64
CA LYS RA 400 -86.96 23.52 -83.03
C LYS RA 400 -86.21 23.32 -81.72
N PRO RA 401 -85.03 23.93 -81.55
CA PRO RA 401 -84.28 23.75 -80.30
C PRO RA 401 -84.89 24.52 -79.13
N LEU RA 402 -85.89 23.93 -78.49
CA LEU RA 402 -86.58 24.58 -77.38
C LEU RA 402 -85.70 24.52 -76.13
N PRO RA 403 -85.40 25.65 -75.50
CA PRO RA 403 -84.60 25.63 -74.27
C PRO RA 403 -85.37 24.98 -73.12
N LEU RA 404 -84.61 24.58 -72.09
CA LEU RA 404 -85.18 23.94 -70.92
C LEU RA 404 -85.88 24.96 -70.03
N THR RA 405 -86.44 24.50 -68.91
CA THR RA 405 -87.18 25.35 -67.99
C THR RA 405 -86.37 25.58 -66.72
N ALA RA 406 -86.85 26.50 -65.88
CA ALA RA 406 -86.16 26.81 -64.64
C ALA RA 406 -86.18 25.64 -63.67
N ASP RA 407 -87.31 24.95 -63.58
CA ASP RA 407 -87.42 23.81 -62.67
C ASP RA 407 -86.46 22.70 -63.08
N GLN RA 408 -86.38 22.41 -64.38
CA GLN RA 408 -85.45 21.39 -64.85
C GLN RA 408 -84.00 21.80 -64.60
N MET RA 409 -83.69 23.07 -64.79
CA MET RA 409 -82.34 23.56 -64.51
C MET RA 409 -82.00 23.41 -63.02
N LYS RA 410 -82.95 23.72 -62.14
CA LYS RA 410 -82.73 23.54 -60.72
C LYS RA 410 -82.52 22.07 -60.37
N GLN RA 411 -83.29 21.19 -61.01
CA GLN RA 411 -83.10 19.76 -60.78
C GLN RA 411 -81.72 19.30 -61.22
N ILE RA 412 -81.26 19.78 -62.38
CA ILE RA 412 -79.91 19.43 -62.84
C ILE RA 412 -78.85 19.94 -61.87
N GLU RA 413 -79.03 21.18 -61.37
CA GLU RA 413 -78.09 21.73 -60.41
C GLU RA 413 -78.03 20.88 -59.14
N ASP RA 414 -79.19 20.49 -58.63
CA ASP RA 414 -79.24 19.67 -57.42
C ASP RA 414 -78.58 18.30 -57.65
N LEU RA 415 -78.87 17.67 -58.80
CA LEU RA 415 -78.28 16.38 -59.11
C LEU RA 415 -76.77 16.48 -59.23
N THR RA 416 -76.27 17.55 -59.88
CA THR RA 416 -74.83 17.72 -60.02
C THR RA 416 -74.18 17.98 -58.67
N ARG RA 417 -74.86 18.75 -57.80
CA ARG RA 417 -74.33 18.99 -56.46
C ARG RA 417 -74.23 17.69 -55.68
N GLU RA 418 -75.24 16.83 -55.81
CA GLU RA 418 -75.22 15.53 -55.13
C GLU RA 418 -74.10 14.66 -55.67
N ALA RA 419 -73.94 14.61 -57.00
CA ALA RA 419 -72.93 13.75 -57.60
C ALA RA 419 -71.52 14.20 -57.26
N MET RA 420 -71.27 15.52 -57.30
CA MET RA 420 -69.94 16.04 -57.07
C MET RA 420 -69.55 16.03 -55.59
N GLY RA 421 -70.48 15.69 -54.71
CA GLY RA 421 -70.21 15.81 -53.28
C GLY RA 421 -70.05 17.25 -52.84
N PHE RA 422 -70.94 18.13 -53.30
CA PHE RA 422 -70.80 19.55 -53.03
C PHE RA 422 -70.79 19.84 -51.54
N SER RA 423 -69.84 20.66 -51.11
CA SER RA 423 -69.72 21.08 -49.73
C SER RA 423 -69.31 22.54 -49.68
N ASP RA 424 -69.71 23.22 -48.61
CA ASP RA 424 -69.37 24.63 -48.42
C ASP RA 424 -68.10 24.85 -47.62
N LYS RA 425 -67.73 23.90 -46.76
CA LYS RA 425 -66.46 24.02 -46.04
C LYS RA 425 -65.28 23.96 -47.00
N ARG RA 426 -65.35 23.06 -48.00
CA ARG RA 426 -64.28 22.98 -48.99
C ARG RA 426 -64.21 24.26 -49.83
N GLY RA 427 -65.36 24.82 -50.19
CA GLY RA 427 -65.39 25.99 -51.04
C GLY RA 427 -65.72 25.61 -52.47
N ASP RA 428 -66.55 24.59 -52.64
CA ASP RA 428 -66.89 24.06 -53.95
C ASP RA 428 -67.75 25.06 -54.72
N THR RA 429 -67.50 25.17 -56.02
CA THR RA 429 -68.28 26.02 -56.92
C THR RA 429 -68.81 25.17 -58.06
N LEU RA 430 -70.07 25.38 -58.42
CA LEU RA 430 -70.72 24.65 -59.50
C LEU RA 430 -71.41 25.64 -60.43
N ASN RA 431 -71.27 25.42 -61.74
CA ASN RA 431 -71.90 26.26 -62.75
C ASN RA 431 -72.47 25.37 -63.85
N VAL RA 432 -73.80 25.38 -63.98
CA VAL RA 432 -74.49 24.66 -65.04
C VAL RA 432 -75.23 25.67 -65.90
N VAL RA 433 -74.94 25.68 -67.20
CA VAL RA 433 -75.55 26.61 -68.14
C VAL RA 433 -76.22 25.79 -69.25
N ASN RA 434 -77.23 26.39 -69.88
CA ASN RA 434 -77.97 25.74 -70.96
C ASN RA 434 -77.69 26.48 -72.26
N SER RA 435 -77.27 25.73 -73.28
CA SER RA 435 -76.98 26.30 -74.59
C SER RA 435 -77.07 25.23 -75.66
N PRO RA 436 -77.49 25.57 -76.88
CA PRO RA 436 -77.59 24.56 -77.94
C PRO RA 436 -76.21 24.11 -78.40
N PHE RA 437 -76.06 22.80 -78.55
CA PHE RA 437 -74.78 22.23 -78.99
C PHE RA 437 -74.56 22.51 -80.47
N SER RA 438 -73.30 22.65 -80.84
CA SER RA 438 -72.94 22.87 -82.24
C SER RA 438 -72.94 21.55 -83.00
N ALA RA 439 -73.02 21.65 -84.32
CA ALA RA 439 -73.05 20.47 -85.18
C ALA RA 439 -71.68 19.82 -85.24
N ASP SA 229 -31.07 19.75 -65.80
CA ASP SA 229 -31.34 18.48 -65.13
C ASP SA 229 -32.70 18.51 -64.43
N LEU SA 230 -32.70 18.93 -63.16
CA LEU SA 230 -33.94 19.03 -62.41
C LEU SA 230 -34.81 20.16 -62.96
N ASN SA 231 -34.18 21.22 -63.47
CA ASN SA 231 -34.93 22.34 -64.02
C ASN SA 231 -35.77 21.91 -65.23
N ASP SA 232 -35.21 21.04 -66.07
CA ASP SA 232 -35.97 20.54 -67.22
C ASP SA 232 -37.16 19.69 -66.77
N ALA SA 233 -36.98 18.89 -65.72
CA ALA SA 233 -38.10 18.12 -65.20
C ALA SA 233 -39.20 19.04 -64.66
N GLN SA 234 -38.81 20.10 -63.94
CA GLN SA 234 -39.80 21.07 -63.46
C GLN SA 234 -40.52 21.74 -64.62
N LEU SA 235 -39.79 22.10 -65.66
CA LEU SA 235 -40.40 22.76 -66.81
C LEU SA 235 -41.37 21.84 -67.53
N LYS SA 236 -41.01 20.56 -67.69
CA LYS SA 236 -41.93 19.60 -68.29
C LYS SA 236 -43.17 19.40 -67.42
N PHE SA 237 -43.00 19.40 -66.10
CA PHE SA 237 -44.13 19.33 -65.19
C PHE SA 237 -45.07 20.51 -65.40
N ALA SA 238 -44.52 21.72 -65.51
CA ALA SA 238 -45.33 22.91 -65.77
C ALA SA 238 -46.04 22.80 -67.12
N ASN SA 239 -45.33 22.33 -68.15
CA ASN SA 239 -45.94 22.19 -69.47
C ASN SA 239 -47.10 21.22 -69.45
N ASP SA 240 -46.95 20.08 -68.78
CA ASP SA 240 -48.05 19.12 -68.69
C ASP SA 240 -49.24 19.70 -67.94
N VAL SA 241 -49.00 20.40 -66.83
CA VAL SA 241 -50.11 21.01 -66.09
C VAL SA 241 -50.85 22.02 -66.97
N GLU SA 242 -50.09 22.88 -67.66
CA GLU SA 242 -50.71 23.89 -68.53
C GLU SA 242 -51.50 23.23 -69.64
N SER SA 243 -50.95 22.18 -70.26
CA SER SA 243 -51.64 21.51 -71.36
C SER SA 243 -52.93 20.88 -70.88
N ARG SA 244 -52.93 20.26 -69.70
CA ARG SA 244 -54.14 19.64 -69.19
C ARG SA 244 -55.21 20.67 -68.82
N ILE SA 245 -54.80 21.81 -68.25
CA ILE SA 245 -55.77 22.88 -68.01
C ILE SA 245 -56.36 23.38 -69.33
N GLN SA 246 -55.50 23.55 -70.34
CA GLN SA 246 -55.96 23.97 -71.66
C GLN SA 246 -56.98 22.98 -72.23
N ARG SA 247 -56.68 21.69 -72.14
CA ARG SA 247 -57.59 20.68 -72.67
C ARG SA 247 -58.90 20.67 -71.92
N ARG SA 248 -58.86 20.84 -70.60
CA ARG SA 248 -60.10 20.87 -69.81
C ARG SA 248 -60.97 22.06 -70.22
N ILE SA 249 -60.35 23.21 -70.46
CA ILE SA 249 -61.13 24.37 -70.92
C ILE SA 249 -61.72 24.10 -72.29
N GLU SA 250 -60.92 23.57 -73.21
CA GLU SA 250 -61.36 23.31 -74.57
C GLU SA 250 -62.51 22.31 -74.60
N ALA SA 251 -62.48 21.33 -73.69
CA ALA SA 251 -63.49 20.28 -73.67
C ALA SA 251 -64.89 20.83 -73.46
N ILE SA 252 -65.04 21.80 -72.54
CA ILE SA 252 -66.36 22.37 -72.28
C ILE SA 252 -66.66 23.48 -73.28
N LEU SA 253 -65.62 24.14 -73.80
CA LEU SA 253 -65.88 25.26 -74.71
C LEU SA 253 -66.18 24.78 -76.12
N SER SA 254 -65.91 23.50 -76.40
CA SER SA 254 -66.14 22.94 -77.73
C SER SA 254 -67.62 22.72 -78.07
N PRO SA 255 -68.43 22.06 -77.21
CA PRO SA 255 -69.80 21.71 -77.61
C PRO SA 255 -70.67 22.90 -77.99
N ILE SA 256 -70.52 24.03 -77.28
CA ILE SA 256 -71.35 25.20 -77.56
C ILE SA 256 -70.69 26.07 -78.61
N VAL SA 257 -69.42 26.43 -78.52
CA VAL SA 257 -68.82 27.39 -79.51
C VAL SA 257 -68.51 26.65 -80.80
N GLY SA 258 -68.11 25.39 -80.70
CA GLY SA 258 -67.83 24.57 -81.87
C GLY SA 258 -66.37 24.18 -81.98
N ASN SA 259 -66.06 23.07 -82.63
CA ASN SA 259 -64.64 22.69 -82.84
C ASN SA 259 -63.88 23.78 -83.61
N GLY SA 260 -62.70 24.16 -83.11
CA GLY SA 260 -61.84 25.17 -83.74
C GLY SA 260 -62.31 26.60 -83.54
N ASN SA 261 -63.46 26.79 -82.96
CA ASN SA 261 -63.99 28.16 -82.82
C ASN SA 261 -63.59 28.64 -81.45
N VAL SA 262 -62.69 27.90 -80.83
CA VAL SA 262 -62.17 28.33 -79.53
C VAL SA 262 -60.71 27.90 -79.41
N HIS SA 263 -59.86 28.82 -78.93
CA HIS SA 263 -58.46 28.56 -78.65
C HIS SA 263 -58.12 29.13 -77.29
N ALA SA 264 -57.40 28.36 -76.48
CA ALA SA 264 -56.99 28.79 -75.15
C ALA SA 264 -55.56 28.34 -74.89
N GLN SA 265 -54.83 29.15 -74.13
CA GLN SA 265 -53.48 28.82 -73.68
C GLN SA 265 -53.33 29.18 -72.21
N VAL SA 266 -52.60 28.35 -71.48
CA VAL SA 266 -52.48 28.47 -70.03
C VAL SA 266 -51.00 28.61 -69.68
N THR SA 267 -50.70 29.52 -68.76
CA THR SA 267 -49.39 29.61 -68.13
C THR SA 267 -49.56 29.45 -66.63
N ALA SA 268 -48.61 28.76 -65.98
CA ALA SA 268 -48.71 28.41 -64.58
C ALA SA 268 -47.45 28.85 -63.84
N GLN SA 269 -47.63 29.61 -62.77
CA GLN SA 269 -46.53 29.91 -61.85
C GLN SA 269 -46.56 28.87 -60.73
N LEU SA 270 -45.54 28.03 -60.67
CA LEU SA 270 -45.53 26.87 -59.81
C LEU SA 270 -44.64 27.10 -58.59
N ASP SA 271 -44.66 26.12 -57.68
CA ASP SA 271 -43.96 26.19 -56.40
C ASP SA 271 -43.02 24.99 -56.30
N PHE SA 272 -41.72 25.24 -56.53
CA PHE SA 272 -40.70 24.20 -56.46
C PHE SA 272 -39.74 24.43 -55.29
N ALA SA 273 -40.25 25.05 -54.23
CA ALA SA 273 -39.45 25.39 -53.05
C ALA SA 273 -39.88 24.45 -51.92
N ASN SA 274 -38.93 23.69 -51.40
CA ASN SA 274 -39.20 22.77 -50.30
C ASN SA 274 -39.39 23.54 -49.00
N LYS SA 275 -40.57 23.44 -48.39
CA LYS SA 275 -40.86 24.11 -47.14
C LYS SA 275 -41.30 23.09 -46.08
N GLU SA 276 -40.81 23.29 -44.86
CA GLU SA 276 -41.15 22.46 -43.72
C GLU SA 276 -41.57 23.38 -42.57
N GLN SA 277 -42.68 23.05 -41.93
CA GLN SA 277 -43.24 23.94 -40.93
C GLN SA 277 -43.76 23.14 -39.74
N THR SA 278 -43.47 23.63 -38.53
CA THR SA 278 -43.97 23.05 -37.30
C THR SA 278 -44.72 24.14 -36.55
N GLU SA 279 -45.98 23.87 -36.19
CA GLU SA 279 -46.84 24.85 -35.55
C GLU SA 279 -47.23 24.37 -34.16
N GLU SA 280 -47.10 25.26 -33.18
CA GLU SA 280 -47.50 24.97 -31.81
C GLU SA 280 -48.55 25.99 -31.36
N HIS SA 281 -49.64 25.50 -30.80
CA HIS SA 281 -50.75 26.35 -30.37
C HIS SA 281 -51.11 26.02 -28.93
N TYR SA 282 -51.24 27.05 -28.10
CA TYR SA 282 -51.67 26.92 -26.72
C TYR SA 282 -53.03 27.56 -26.54
N SER SA 283 -53.98 26.82 -25.97
CA SER SA 283 -55.27 27.39 -25.65
C SER SA 283 -55.14 28.35 -24.48
N PRO SA 284 -55.73 29.55 -24.58
CA PRO SA 284 -55.63 30.50 -23.47
C PRO SA 284 -56.33 30.00 -22.22
N ASN SA 285 -55.75 30.30 -21.06
CA ASN SA 285 -56.29 29.88 -19.77
C ASN SA 285 -56.44 31.05 -18.80
N GLY SA 286 -56.54 32.27 -19.31
CA GLY SA 286 -56.69 33.44 -18.45
C GLY SA 286 -58.01 33.53 -17.73
N ASP SA 287 -59.05 32.87 -18.25
CA ASP SA 287 -60.36 32.85 -17.61
C ASP SA 287 -60.41 31.67 -16.64
N ALA SA 288 -60.87 31.92 -15.41
CA ALA SA 288 -60.92 30.89 -14.39
C ALA SA 288 -61.88 29.76 -14.74
N SER SA 289 -62.82 29.97 -15.66
CA SER SA 289 -63.78 28.95 -16.02
C SER SA 289 -63.19 27.86 -16.91
N LYS SA 290 -62.26 28.21 -17.81
CA LYS SA 290 -61.63 27.23 -18.68
C LYS SA 290 -60.23 26.86 -18.24
N ALA SA 291 -59.80 27.29 -17.06
CA ALA SA 291 -58.45 27.05 -16.58
C ALA SA 291 -58.38 25.67 -15.92
N THR SA 292 -57.43 24.85 -16.36
CA THR SA 292 -57.20 23.55 -15.77
C THR SA 292 -56.06 23.61 -14.77
N LEU SA 293 -56.28 23.07 -13.58
CA LEU SA 293 -55.33 23.20 -12.48
C LEU SA 293 -54.87 21.83 -11.99
N ARG SA 294 -53.61 21.78 -11.57
CA ARG SA 294 -53.04 20.62 -10.89
C ARG SA 294 -52.84 20.83 -9.40
N SER SA 295 -52.34 21.99 -8.99
CA SER SA 295 -52.13 22.27 -7.58
C SER SA 295 -52.39 23.75 -7.34
N ARG SA 296 -52.97 24.06 -6.19
CA ARG SA 296 -53.36 25.42 -5.87
C ARG SA 296 -53.23 25.64 -4.38
N GLN SA 297 -52.47 26.67 -4.00
CA GLN SA 297 -52.28 27.04 -2.61
C GLN SA 297 -52.81 28.46 -2.41
N LEU SA 298 -53.79 28.60 -1.52
CA LEU SA 298 -54.46 29.88 -1.27
C LEU SA 298 -54.39 30.18 0.23
N ASN SA 299 -53.45 31.01 0.62
CA ASN SA 299 -53.32 31.44 2.01
C ASN SA 299 -54.02 32.79 2.16
N ILE SA 300 -55.02 32.85 3.04
CA ILE SA 300 -55.81 34.05 3.25
C ILE SA 300 -55.72 34.44 4.73
N SER SA 301 -55.45 35.71 4.98
CA SER SA 301 -55.34 36.22 6.35
C SER SA 301 -56.03 37.56 6.43
N GLU SA 302 -56.84 37.75 7.48
CA GLU SA 302 -57.54 39.01 7.71
C GLU SA 302 -57.50 39.29 9.22
N GLN SA 303 -56.64 40.21 9.63
CA GLN SA 303 -56.49 40.59 11.03
C GLN SA 303 -57.13 41.96 11.22
N VAL SA 304 -58.43 41.96 11.50
CA VAL SA 304 -59.18 43.19 11.73
C VAL SA 304 -58.95 43.65 13.16
N GLY SA 305 -58.59 44.92 13.34
CA GLY SA 305 -58.35 45.46 14.66
C GLY SA 305 -59.48 46.34 15.17
N ALA SA 353 -61.45 52.32 8.30
CA ALA SA 353 -61.28 50.87 8.21
C ALA SA 353 -60.50 50.35 9.41
N GLY SA 354 -59.94 51.27 10.19
CA GLY SA 354 -59.17 50.90 11.36
C GLY SA 354 -57.85 50.23 10.98
N PRO SA 355 -57.29 49.46 11.91
CA PRO SA 355 -56.02 48.78 11.63
C PRO SA 355 -56.23 47.44 10.94
N ARG SA 356 -56.91 47.44 9.81
CA ARG SA 356 -57.13 46.22 9.06
C ARG SA 356 -55.84 45.73 8.41
N SER SA 357 -55.76 44.41 8.21
CA SER SA 357 -54.60 43.81 7.58
C SER SA 357 -54.98 42.59 6.75
N THR SA 358 -55.17 42.78 5.45
CA THR SA 358 -55.52 41.67 4.58
C THR SA 358 -54.28 41.17 3.82
N GLN SA 359 -54.19 39.85 3.69
CA GLN SA 359 -53.05 39.24 3.02
C GLN SA 359 -53.52 37.98 2.32
N ARG SA 360 -53.30 37.91 1.01
CA ARG SA 360 -53.70 36.77 0.19
C ARG SA 360 -52.51 36.33 -0.65
N ASN SA 361 -52.00 35.13 -0.38
CA ASN SA 361 -50.90 34.52 -1.14
C ASN SA 361 -51.48 33.37 -1.94
N GLU SA 362 -51.51 33.52 -3.26
CA GLU SA 362 -52.10 32.53 -4.16
C GLU SA 362 -51.05 32.00 -5.12
N THR SA 363 -50.91 30.68 -5.18
CA THR SA 363 -50.01 30.00 -6.10
C THR SA 363 -50.81 28.95 -6.86
N SER SA 364 -50.72 28.99 -8.19
CA SER SA 364 -51.51 28.11 -9.04
C SER SA 364 -50.61 27.50 -10.11
N ASN SA 365 -50.72 26.19 -10.30
CA ASN SA 365 -50.03 25.48 -11.37
C ASN SA 365 -51.08 24.96 -12.36
N TYR SA 366 -50.91 25.29 -13.62
CA TYR SA 366 -51.90 25.00 -14.64
C TYR SA 366 -51.40 23.93 -15.62
N GLU SA 367 -52.36 23.25 -16.25
CA GLU SA 367 -52.11 22.36 -17.37
C GLU SA 367 -52.87 22.91 -18.57
N VAL SA 368 -52.18 23.02 -19.70
CA VAL SA 368 -52.71 23.74 -20.86
C VAL SA 368 -52.87 22.78 -22.03
N ASP SA 369 -53.86 23.08 -22.88
CA ASP SA 369 -54.03 22.34 -24.12
C ASP SA 369 -52.90 22.66 -25.08
N ARG SA 370 -52.49 21.65 -25.84
CA ARG SA 370 -51.33 21.78 -26.71
C ARG SA 370 -51.60 21.05 -28.02
N THR SA 371 -51.26 21.70 -29.13
CA THR SA 371 -51.49 21.12 -30.46
C THR SA 371 -50.24 21.39 -31.30
N ILE SA 372 -49.51 20.33 -31.64
CA ILE SA 372 -48.36 20.42 -32.51
C ILE SA 372 -48.75 19.91 -33.89
N ARG SA 373 -48.57 20.75 -34.91
CA ARG SA 373 -48.82 20.37 -36.28
C ARG SA 373 -47.53 20.47 -37.09
N HIS SA 374 -47.18 19.38 -37.74
CA HIS SA 374 -45.99 19.31 -38.60
C HIS SA 374 -46.44 19.15 -40.05
N THR SA 375 -46.01 20.09 -40.90
CA THR SA 375 -46.50 20.15 -42.27
C THR SA 375 -45.32 20.20 -43.23
N LYS SA 376 -45.34 19.35 -44.25
CA LYS SA 376 -44.37 19.37 -45.33
C LYS SA 376 -45.11 19.67 -46.63
N MET SA 377 -44.99 20.91 -47.10
CA MET SA 377 -45.71 21.31 -48.31
C MET SA 377 -45.22 20.54 -49.52
N ASN SA 378 -46.17 20.23 -50.41
CA ASN SA 378 -45.84 19.51 -51.63
C ASN SA 378 -45.04 20.39 -52.58
N VAL SA 379 -44.09 19.76 -53.28
CA VAL SA 379 -43.27 20.43 -54.28
C VAL SA 379 -43.96 20.31 -55.63
N GLY SA 380 -44.19 21.43 -56.29
CA GLY SA 380 -44.90 21.48 -57.54
C GLY SA 380 -46.32 22.03 -57.48
N ASP SA 381 -46.71 22.68 -56.38
CA ASP SA 381 -48.03 23.25 -56.28
C ASP SA 381 -48.14 24.51 -57.13
N ILE SA 382 -49.38 24.91 -57.41
CA ILE SA 382 -49.66 26.05 -58.26
C ILE SA 382 -49.79 27.29 -57.37
N GLU SA 383 -49.07 28.36 -57.74
CA GLU SA 383 -49.14 29.63 -57.03
C GLU SA 383 -50.11 30.61 -57.67
N ARG SA 384 -50.04 30.80 -58.98
CA ARG SA 384 -50.87 31.79 -59.66
C ARG SA 384 -51.07 31.33 -61.09
N LEU SA 385 -52.33 31.21 -61.51
CA LEU SA 385 -52.68 30.74 -62.84
C LEU SA 385 -53.37 31.85 -63.61
N SER SA 386 -52.84 32.17 -64.78
CA SER SA 386 -53.46 33.13 -65.69
C SER SA 386 -53.71 32.46 -67.03
N VAL SA 387 -54.90 32.66 -67.57
CA VAL SA 387 -55.36 31.93 -68.75
C VAL SA 387 -55.89 32.91 -69.77
N ALA SA 388 -55.48 32.74 -71.02
CA ALA SA 388 -55.94 33.57 -72.13
C ALA SA 388 -56.76 32.70 -73.08
N VAL SA 389 -58.01 33.09 -73.31
CA VAL SA 389 -58.93 32.38 -74.18
C VAL SA 389 -59.44 33.33 -75.25
N VAL SA 390 -59.48 32.86 -76.49
CA VAL SA 390 -60.00 33.61 -77.61
C VAL SA 390 -61.05 32.77 -78.32
N VAL SA 391 -62.19 33.39 -78.63
CA VAL SA 391 -63.28 32.70 -79.33
C VAL SA 391 -63.46 33.32 -80.70
N ASN SA 392 -64.13 32.60 -81.59
CA ASN SA 392 -64.40 33.06 -82.95
C ASN SA 392 -65.74 33.77 -83.02
N TYR SA 393 -66.02 34.32 -84.19
CA TYR SA 393 -67.33 34.92 -84.46
C TYR SA 393 -68.29 33.84 -84.94
N LYS SA 394 -69.53 34.22 -85.25
CA LYS SA 394 -70.54 33.28 -85.71
C LYS SA 394 -70.88 33.61 -87.16
N THR SA 395 -70.52 32.71 -88.08
CA THR SA 395 -70.84 32.86 -89.49
C THR SA 395 -72.10 32.07 -89.78
N LEU SA 396 -73.18 32.76 -90.10
CA LEU SA 396 -74.44 32.11 -90.40
C LEU SA 396 -74.40 31.46 -91.78
N ALA SA 397 -75.56 30.95 -92.20
CA ALA SA 397 -75.66 30.32 -93.52
C ALA SA 397 -75.29 31.28 -94.63
N ASP SA 398 -75.60 32.57 -94.46
CA ASP SA 398 -75.17 33.56 -95.43
C ASP SA 398 -73.65 33.70 -95.44
N GLY SA 399 -73.03 33.65 -94.25
CA GLY SA 399 -71.60 33.79 -94.12
C GLY SA 399 -71.14 35.03 -93.39
N LYS SA 400 -72.06 35.84 -92.89
CA LYS SA 400 -71.69 37.06 -92.18
C LYS SA 400 -71.14 36.72 -90.80
N PRO SA 401 -69.94 37.18 -90.44
CA PRO SA 401 -69.39 36.87 -89.12
C PRO SA 401 -70.06 37.67 -88.00
N LEU SA 402 -71.20 37.18 -87.54
CA LEU SA 402 -71.94 37.88 -86.48
C LEU SA 402 -71.25 37.66 -85.13
N PRO SA 403 -70.91 38.72 -84.41
CA PRO SA 403 -70.29 38.55 -83.09
C PRO SA 403 -71.27 37.96 -82.08
N LEU SA 404 -70.71 37.43 -81.00
CA LEU SA 404 -71.51 36.82 -79.93
C LEU SA 404 -72.19 37.90 -79.10
N THR SA 405 -72.95 37.48 -78.08
CA THR SA 405 -73.69 38.38 -77.22
C THR SA 405 -73.04 38.45 -75.84
N ALA SA 406 -73.52 39.40 -75.04
CA ALA SA 406 -72.96 39.59 -73.69
C ALA SA 406 -73.25 38.39 -72.80
N ASP SA 407 -74.46 37.84 -72.89
CA ASP SA 407 -74.82 36.69 -72.06
C ASP SA 407 -73.95 35.48 -72.40
N GLN SA 408 -73.73 35.23 -73.69
CA GLN SA 408 -72.88 34.12 -74.09
C GLN SA 408 -71.45 34.34 -73.63
N MET SA 409 -70.96 35.58 -73.72
CA MET SA 409 -69.61 35.87 -73.24
C MET SA 409 -69.48 35.63 -71.74
N LYS SA 410 -70.51 36.03 -70.97
CA LYS SA 410 -70.50 35.78 -69.54
C LYS SA 410 -70.51 34.28 -69.24
N GLN SA 411 -71.29 33.52 -70.02
CA GLN SA 411 -71.31 32.06 -69.85
C GLN SA 411 -69.94 31.46 -70.13
N ILE SA 412 -69.28 31.92 -71.18
CA ILE SA 412 -67.94 31.42 -71.49
C ILE SA 412 -66.96 31.77 -70.37
N GLU SA 413 -67.07 32.99 -69.83
CA GLU SA 413 -66.19 33.39 -68.74
C GLU SA 413 -66.40 32.50 -67.52
N ASP SA 414 -67.67 32.24 -67.18
CA ASP SA 414 -67.96 31.38 -66.03
C ASP SA 414 -67.45 29.96 -66.24
N LEU SA 415 -67.66 29.41 -67.44
CA LEU SA 415 -67.19 28.06 -67.74
C LEU SA 415 -65.67 27.98 -67.66
N THR SA 416 -64.98 28.99 -68.18
CA THR SA 416 -63.52 29.00 -68.14
C THR SA 416 -63.03 29.13 -66.70
N ARG SA 417 -63.71 29.94 -65.89
CA ARG SA 417 -63.35 30.07 -64.49
C ARG SA 417 -63.51 28.74 -63.76
N GLU SA 418 -64.58 28.01 -64.06
CA GLU SA 418 -64.80 26.71 -63.45
C GLU SA 418 -63.74 25.71 -63.89
N ALA SA 419 -63.42 25.70 -65.18
CA ALA SA 419 -62.44 24.73 -65.70
C ALA SA 419 -61.05 25.00 -65.16
N MET SA 420 -60.64 26.27 -65.10
CA MET SA 420 -59.30 26.61 -64.67
C MET SA 420 -59.12 26.50 -63.16
N GLY SA 421 -60.18 26.25 -62.42
CA GLY SA 421 -60.10 26.29 -60.97
C GLY SA 421 -59.82 27.67 -60.43
N PHE SA 422 -60.54 28.68 -60.95
CA PHE SA 422 -60.26 30.07 -60.61
C PHE SA 422 -60.42 30.30 -59.11
N SER SA 423 -59.45 30.98 -58.52
CA SER SA 423 -59.46 31.33 -57.11
C SER SA 423 -58.89 32.73 -56.94
N ASP SA 424 -59.34 33.41 -55.89
CA ASP SA 424 -58.87 34.76 -55.59
C ASP SA 424 -57.70 34.79 -54.62
N LYS SA 425 -57.55 33.76 -53.76
CA LYS SA 425 -56.39 33.70 -52.89
C LYS SA 425 -55.11 33.54 -53.70
N ARG SA 426 -55.14 32.69 -54.73
CA ARG SA 426 -53.98 32.51 -55.59
C ARG SA 426 -53.64 33.79 -56.34
N GLY SA 427 -54.66 34.51 -56.81
CA GLY SA 427 -54.45 35.69 -57.61
C GLY SA 427 -54.62 35.43 -59.09
N ASP SA 428 -55.54 34.51 -59.41
CA ASP SA 428 -55.75 34.08 -60.79
C ASP SA 428 -56.38 35.20 -61.60
N THR SA 429 -55.95 35.32 -62.86
CA THR SA 429 -56.50 36.30 -63.80
C THR SA 429 -56.97 35.56 -65.04
N LEU SA 430 -58.15 35.94 -65.55
CA LEU SA 430 -58.71 35.34 -66.74
C LEU SA 430 -59.16 36.44 -67.69
N ASN SA 431 -58.87 36.24 -68.98
CA ASN SA 431 -59.26 37.19 -70.03
C ASN SA 431 -59.78 36.42 -71.23
N VAL SA 432 -61.06 36.60 -71.54
CA VAL SA 432 -61.69 36.01 -72.70
C VAL SA 432 -62.19 37.14 -73.60
N VAL SA 433 -61.72 37.15 -74.85
CA VAL SA 433 -62.08 38.18 -75.82
C VAL SA 433 -62.69 37.50 -77.03
N ASN SA 434 -63.53 38.23 -77.76
CA ASN SA 434 -64.19 37.72 -78.96
C ASN SA 434 -63.65 38.46 -80.17
N SER SA 435 -63.20 37.71 -81.18
CA SER SA 435 -62.66 38.28 -82.40
C SER SA 435 -62.74 37.27 -83.53
N PRO SA 436 -62.94 37.70 -84.77
CA PRO SA 436 -63.02 36.75 -85.89
C PRO SA 436 -61.66 36.14 -86.19
N PHE SA 437 -61.64 34.82 -86.38
CA PHE SA 437 -60.40 34.13 -86.68
C PHE SA 437 -59.95 34.43 -88.11
N SER SA 438 -58.63 34.43 -88.31
CA SER SA 438 -58.08 34.64 -89.63
C SER SA 438 -58.13 33.35 -90.45
N ALA SA 439 -58.03 33.52 -91.77
CA ALA SA 439 -58.08 32.38 -92.68
C ALA SA 439 -56.79 31.56 -92.60
#